data_6SCJ
#
_entry.id   6SCJ
#
_cell.length_a   1.00
_cell.length_b   1.00
_cell.length_c   1.00
_cell.angle_alpha   90.00
_cell.angle_beta   90.00
_cell.angle_gamma   90.00
#
_symmetry.space_group_name_H-M   'P 1'
#
loop_
_entity.id
_entity.type
_entity.pdbx_description
1 polymer Thyroglobulin
2 branched beta-D-mannopyranose-(1-4)-2-acetamido-2-deoxy-beta-D-glucopyranose-(1-4)-2-acetamido-2-deoxy-beta-D-glucopyranose
3 non-polymer 2-acetamido-2-deoxy-beta-D-glucopyranose
#
_entity_poly.entity_id   1
_entity_poly.type   'polypeptide(L)'
_entity_poly.pdbx_seq_one_letter_code
;MALVLEIFTLLASICWVSANIFEYQVDAQPLRPCELQRETAFLKQADYVPQCAEDGSFQTVQCQNDGRSCWCVGANGSEV
LGSRQPGRPVACLSFCQLQKQQILLSGYINSTDTSYLPQCQDSGDYAPVQCDVQQVQCWCVDAEGMEVYGTRQLGRPKRC
PRSCEIRNRRLLHGVGDKSPPQCSAEGEFMPVQCKFVNTTDMMIFDLVHSYNRFPDAFVTFSSFQRRFPEVSGYCHCADS
QGRELAETGLELLLDEIYDTIFAGLDLPSTFTETTLYRILQRRFLAVQSVISGRFRCPTKCEVERFTATSFGHPYVPSCR
RNGDYQAVQCQTEGPCWCVDAQGKEMHGTRQQGEPPSCAEGQSCASERQQALSRLYFGTSGYFSQHDLFSSPEKRWASPR
VARFATSCPPTIKELFVDSGLLRPMVEGQSQQFSVSENLLKEAIRAIFPSRGLARLALQFTTNPKRLQQNLFGGKFLVNV
GQFNLSGALGTRGTFNFSQFFQQLGLASFLNGGRQEDLAKPLSVGLDSNSSTGTPEAAKKDGTMNKPTVGSFGFEINLQE
NQNALKFLASLLELPEFLLFLQHAISVPEDVARDLGDVMETVLSSQTCEQTPERLFVPSCTTEGSYEDVQCFSGECWCVN
SWGKELPGSRVRGGQPRCPTDCEKQRARMQSLMGSQPAGSTLFVPACTSEGHFLPVQCFNSECYCVDAEGQAIPGTRSAI
GKPKKCPTPCQLQSEQAFLRTVQALLSNSSMLPTLSDTYIPQCSTDGQWRQVQCNGPPEQVFELYQRWEAQNKGQDLTPA
KLLVKIMSYREAASGNFSLFIQSLYEAGQQDVFPVLSQYPSLQDVPLAALEGKRPQPRENILLEPYLFWQILNGQLSQYP
GSYSDFSTPLAHFDLRNCWCVDEAGQELEGMRSEPSKLPTCPGSCEEAKLRVLQFIRETEEIVSASNSSRFPLGESFLVA
KGIRLRNEDLGLPPLFPPREAFAEQFLRGSDYAIRLAAQSTLSFYQRRRFSPDDSAGASALLRSGPYMPQCDAFGSWEPV
QCHAGTGHCWCVDEKGGFIPGSLTARSLQIPQCPTTCEKSRTSGLLSSWKQARSQENPSPKDLFVPACLETGEYARLQAS
GAGTWCVDPASGEELRPGSSSSAQCPSLCNVLKSGVLSRRVSPGYVPACRAEDGGFSPVQCDQAQGSCWCVMDSGEEVPG
TRVTGGQPACESPRCPLPFNASEVVGGTILCETISGPTGSAMQQCQLLCRQGSWSVFPPGPLICSLESGRWESQLPQPRA
CQRPQLWQTIQTQGHFQLQLPPGKMCSADYADLLQTFQVFILDELTARGFCQIQVKTFGTLVSIPVCNNSSVQVGCLTRE
RLGVNVTWKSRLEDIPVASLPDLHDIERALVGKDLLGRFTDLIQSGSFQLHLDSKTFPAETIRFLQGDHFGTSPRTWFGC
SEGFYQVLTSEASQDGLGCVKCPEGSYSQDEECIPCPVGFYQEQAGSLACVPCPVGRTTISAGAFSQTHCVTDCQRNEAG
LQCDQNGQYRASQKDRGSGKAFCVDGEGRRLPWWETEAPLEDSQCLMMQKFEKVPESKVIFDANAPVAVRSKVPDSEFPV
MQCLTDCTEDEACSFFTVSTTEPEISCDFYAWTSDNVACMTSDQKRDALGNSKATSFGSLRCQVKVRSHGQDSPAVYLKK
GQGSTTTLQKRFEPTGFQNMLSGLYNPIVFSASGANLTDAHLFCLLACDRDLCCDGFVLTQVQGGAIICGLLSSPSVLLC
NVKDWMDPSEAWANATCPGVTYDQESHQVILRLGDQEFIKSLTPLEGTQDTFTNFQQVYLWKDSDMGSRPESMGCRKDTV
PRPASPTEAGLTTELFSPVDLNQVIVNGNQSLSSQKHWLFKHLFSAQQANLWCLSRCVQEHSFCQLAEITESASLYFTCT
LYPEAQVCDDIMESNAQGCRLILPQMPKALFRKKVILEDKVKNFYTRLPFQKLMGISIRNKVPMSEKSISNGFFECERRC
DADPCCTGFGFLNVSQLKGGEVTCLTLNSLGIQMCSEENGGAWRILDCGSPDIEVHTYPFGWYQKPIAQNNAPSFCPLVV
LPSLTEKVSLDSWQSLALSSVVVDPSIRHFDVAHVSTAATSNFSAVRDLCLSECSQHEACLITTLQTQPGAVRCMFYADT
QSCTHSLQGQNCRLLLREEATHIYRKPGISLLSYEASVPSVPISTHGRLLGRSQAIQVGTSWKQVDQFLGVPYAAPPLAE
RRFQAPEPLNWTGSWDASKPRASCWQPGTRTSTSPGVSEDCLYLNVFIPQNVAPNASVLVFFHNTMDREESEGWPAIDGS
FLAAVGNLIVVTASYRVGVFGFLSSGSGEVSGNWGLLDQVAALTWVQTHIRGFGGDPRRVSLAADRGGADVASIHLLTAR
ATNSQLFRRAVLMGGSALSPAAVISHERAQQQAIALAKEVSCPMSSSQEVVSCLRQKPANVLNDAQTKLLAVSGPFHYWG
PVIDGHFLREPPARALKRSLWVEVDLLIGSSQDDGLINRAKAVKQFEESRGRTSSKTAFYQALQNSLGGEDSDARVEAAA
TWYYSLEHSTDDYASFSRALENATRDYFIICPIIDMASAWAKRARGNVFMYHAPENYGHGSLELLADVQFALGLPFYPAY
EGQFSLEEKSLSLKIMQYFSHFIRSGNPNYPYEFSRKVPTFATPWPDFVPRAGGENYKEFSELLPNRQGLKKADCSFWSK
YISSLKTSADGAKGGQSAESEEEELTAGSGLREDLLSLQEPGSKTYSK
;
_entity_poly.pdbx_strand_id   A,B
#
loop_
_chem_comp.id
_chem_comp.type
_chem_comp.name
_chem_comp.formula
BMA D-saccharide, beta linking beta-D-mannopyranose 'C6 H12 O6'
NAG D-saccharide, beta linking 2-acetamido-2-deoxy-beta-D-glucopyranose 'C8 H15 N O6'
#
# COMPACT_ATOMS: atom_id res chain seq x y z
N TYR A 24 15.73 35.20 -58.12
CA TYR A 24 15.71 36.37 -58.98
C TYR A 24 14.52 36.33 -59.93
N GLN A 25 14.79 35.96 -61.18
CA GLN A 25 13.77 35.85 -62.21
C GLN A 25 13.64 34.45 -62.80
N VAL A 26 14.51 33.51 -62.41
CA VAL A 26 14.40 32.13 -62.89
C VAL A 26 13.23 31.39 -62.27
N ASP A 27 12.67 31.90 -61.18
CA ASP A 27 11.39 31.44 -60.65
C ASP A 27 10.29 32.48 -60.74
N ALA A 28 10.66 33.75 -60.97
CA ALA A 28 9.66 34.81 -61.11
C ALA A 28 9.08 34.89 -62.51
N GLN A 29 9.81 34.43 -63.52
CA GLN A 29 9.21 34.35 -64.86
C GLN A 29 8.34 33.09 -64.98
N PRO A 30 8.75 31.89 -64.45
CA PRO A 30 7.68 30.89 -64.26
C PRO A 30 7.03 31.02 -62.88
N LEU A 31 6.27 32.10 -62.68
CA LEU A 31 5.68 32.37 -61.38
C LEU A 31 4.40 31.58 -61.13
N ARG A 32 3.98 30.73 -62.10
CA ARG A 32 2.82 29.84 -62.04
C ARG A 32 1.56 30.65 -61.79
N PRO A 33 0.97 31.29 -62.82
CA PRO A 33 0.22 32.55 -62.62
C PRO A 33 -1.05 32.51 -61.77
N CYS A 34 -0.91 31.97 -60.56
CA CYS A 34 -1.69 32.38 -59.41
C CYS A 34 -1.06 33.60 -58.77
N GLU A 35 0.26 33.55 -58.57
CA GLU A 35 0.99 34.62 -57.89
C GLU A 35 1.10 35.86 -58.76
N LEU A 36 1.07 35.70 -60.08
CA LEU A 36 0.93 36.87 -60.95
C LEU A 36 -0.42 37.54 -60.76
N GLN A 37 -1.48 36.74 -60.60
CA GLN A 37 -2.81 37.31 -60.47
C GLN A 37 -3.09 37.85 -59.07
N ARG A 38 -2.24 37.56 -58.09
CA ARG A 38 -2.33 38.24 -56.80
C ARG A 38 -1.89 39.69 -56.91
N GLU A 39 -0.67 39.90 -57.41
CA GLU A 39 -0.05 41.21 -57.40
C GLU A 39 -0.74 42.18 -58.35
N THR A 40 -1.26 41.68 -59.47
CA THR A 40 -2.05 42.52 -60.36
C THR A 40 -3.40 42.89 -59.76
N ALA A 41 -3.92 42.10 -58.83
CA ALA A 41 -5.16 42.43 -58.13
C ALA A 41 -4.93 43.11 -56.80
N PHE A 42 -3.77 42.94 -56.17
CA PHE A 42 -3.50 43.58 -54.89
C PHE A 42 -3.16 45.05 -55.06
N LEU A 43 -2.47 45.40 -56.14
CA LEU A 43 -2.11 46.80 -56.39
C LEU A 43 -3.29 47.65 -56.82
N LYS A 44 -4.35 47.04 -57.35
CA LYS A 44 -5.53 47.78 -57.75
C LYS A 44 -6.40 48.21 -56.58
N GLN A 45 -6.10 47.72 -55.36
CA GLN A 45 -6.92 47.90 -54.17
C GLN A 45 -8.35 47.41 -54.41
N ALA A 46 -8.44 46.10 -54.64
CA ALA A 46 -9.72 45.44 -54.88
C ALA A 46 -10.12 44.63 -53.66
N ASP A 47 -11.42 44.36 -53.56
CA ASP A 47 -11.94 43.62 -52.42
C ASP A 47 -11.64 42.12 -52.52
N TYR A 48 -11.30 41.63 -53.71
CA TYR A 48 -10.92 40.24 -53.90
C TYR A 48 -9.47 40.12 -54.35
N VAL A 49 -8.78 39.14 -53.80
CA VAL A 49 -7.47 38.70 -54.29
C VAL A 49 -7.47 37.17 -54.25
N PRO A 50 -6.95 36.49 -55.28
CA PRO A 50 -6.80 35.04 -55.19
C PRO A 50 -5.75 34.66 -54.17
N GLN A 51 -5.90 33.45 -53.62
CA GLN A 51 -5.00 32.95 -52.60
C GLN A 51 -4.28 31.71 -53.13
N CYS A 52 -2.96 31.72 -53.06
CA CYS A 52 -2.13 30.65 -53.58
C CYS A 52 -1.65 29.75 -52.45
N ALA A 53 -1.03 28.64 -52.84
CA ALA A 53 -0.28 27.81 -51.91
C ALA A 53 1.17 28.28 -51.90
N GLU A 54 2.06 27.49 -51.30
CA GLU A 54 3.47 27.85 -51.28
C GLU A 54 4.17 27.59 -52.60
N ASP A 55 3.68 26.63 -53.39
CA ASP A 55 4.34 26.28 -54.63
C ASP A 55 4.07 27.29 -55.73
N GLY A 56 2.87 27.84 -55.78
CA GLY A 56 2.49 28.76 -56.83
C GLY A 56 1.18 28.37 -57.47
N SER A 57 0.56 27.31 -56.95
CA SER A 57 -0.73 26.87 -57.44
C SER A 57 -1.84 27.50 -56.61
N PHE A 58 -3.04 27.48 -57.16
CA PHE A 58 -4.22 27.95 -56.44
C PHE A 58 -4.56 27.00 -55.31
N GLN A 59 -5.00 27.56 -54.19
CA GLN A 59 -5.55 26.72 -53.14
C GLN A 59 -6.91 26.19 -53.56
N THR A 60 -7.36 25.15 -52.86
CA THR A 60 -8.64 24.52 -53.19
C THR A 60 -9.80 25.45 -52.88
N VAL A 61 -9.77 26.10 -51.71
CA VAL A 61 -10.83 27.01 -51.29
C VAL A 61 -10.31 28.43 -51.41
N GLN A 62 -11.00 29.25 -52.19
CA GLN A 62 -10.70 30.67 -52.31
C GLN A 62 -11.74 31.48 -51.54
N CYS A 63 -11.30 32.60 -50.95
CA CYS A 63 -12.17 33.42 -50.14
C CYS A 63 -12.03 34.89 -50.54
N GLN A 64 -12.88 35.70 -49.93
CA GLN A 64 -12.90 37.14 -50.12
C GLN A 64 -12.31 37.79 -48.87
N ASN A 65 -11.91 39.06 -48.99
CA ASN A 65 -11.18 39.73 -47.91
C ASN A 65 -12.06 39.95 -46.67
N ASP A 66 -13.36 40.16 -46.86
CA ASP A 66 -14.26 40.29 -45.71
C ASP A 66 -14.65 38.94 -45.10
N GLY A 67 -14.35 37.84 -45.78
CA GLY A 67 -14.72 36.53 -45.26
C GLY A 67 -16.19 36.22 -45.30
N ARG A 68 -16.95 36.91 -46.15
CA ARG A 68 -18.39 36.72 -46.24
C ARG A 68 -18.81 35.93 -47.47
N SER A 69 -17.87 35.50 -48.31
CA SER A 69 -18.19 34.68 -49.46
C SER A 69 -16.95 33.87 -49.81
N CYS A 70 -17.00 32.57 -49.60
CA CYS A 70 -15.92 31.67 -49.98
C CYS A 70 -16.44 30.63 -50.95
N TRP A 71 -15.65 30.35 -51.98
CA TRP A 71 -16.01 29.38 -52.99
C TRP A 71 -14.76 28.65 -53.45
N CYS A 72 -14.93 27.38 -53.78
CA CYS A 72 -13.81 26.61 -54.28
C CYS A 72 -13.65 26.79 -55.78
N VAL A 73 -12.41 26.58 -56.24
CA VAL A 73 -11.97 27.03 -57.55
C VAL A 73 -11.49 25.81 -58.32
N GLY A 74 -11.40 25.96 -59.65
CA GLY A 74 -10.84 24.94 -60.51
C GLY A 74 -9.33 24.98 -60.53
N ALA A 75 -8.75 24.48 -61.61
CA ALA A 75 -7.30 24.45 -61.72
C ALA A 75 -6.72 25.84 -61.95
N ASN A 76 -7.03 26.45 -63.08
CA ASN A 76 -6.41 27.70 -63.51
C ASN A 76 -7.24 28.94 -63.16
N GLY A 77 -7.58 29.13 -61.88
CA GLY A 77 -8.21 30.34 -61.43
C GLY A 77 -9.70 30.48 -61.69
N SER A 78 -10.27 29.70 -62.61
CA SER A 78 -11.69 29.77 -62.88
C SER A 78 -12.45 28.98 -61.82
N GLU A 79 -13.46 29.60 -61.23
CA GLU A 79 -14.23 28.96 -60.16
C GLU A 79 -15.10 27.84 -60.73
N VAL A 80 -15.51 26.94 -59.84
CA VAL A 80 -16.48 25.93 -60.24
C VAL A 80 -17.86 26.58 -60.42
N LEU A 81 -18.69 25.94 -61.23
CA LEU A 81 -19.97 26.53 -61.63
C LEU A 81 -21.01 26.29 -60.54
N GLY A 82 -20.81 27.01 -59.43
CA GLY A 82 -21.73 27.05 -58.31
C GLY A 82 -21.30 26.21 -57.13
N SER A 83 -20.59 26.85 -56.20
CA SER A 83 -20.40 26.31 -54.86
C SER A 83 -20.38 27.42 -53.83
N ARG A 84 -20.84 28.63 -54.19
CA ARG A 84 -20.55 29.87 -53.46
C ARG A 84 -21.33 29.90 -52.16
N GLN A 85 -20.81 29.22 -51.17
CA GLN A 85 -21.36 29.25 -49.82
C GLN A 85 -21.04 30.57 -49.15
N PRO A 86 -22.00 31.18 -48.45
CA PRO A 86 -21.68 32.35 -47.62
C PRO A 86 -20.88 31.93 -46.39
N GLY A 87 -19.59 31.72 -46.57
CA GLY A 87 -18.75 31.10 -45.56
C GLY A 87 -17.86 30.06 -46.20
N ARG A 88 -16.88 29.56 -45.46
CA ARG A 88 -15.96 28.57 -46.01
C ARG A 88 -16.66 27.24 -46.17
N PRO A 89 -16.53 26.58 -47.32
CA PRO A 89 -17.25 25.32 -47.53
C PRO A 89 -16.73 24.18 -46.66
N VAL A 90 -17.60 23.21 -46.42
CA VAL A 90 -17.24 22.07 -45.58
C VAL A 90 -16.24 21.17 -46.30
N ALA A 91 -16.36 21.05 -47.62
CA ALA A 91 -15.48 20.22 -48.43
C ALA A 91 -15.64 20.62 -49.88
N CYS A 92 -14.51 20.77 -50.58
CA CYS A 92 -14.53 20.93 -52.01
C CYS A 92 -13.46 20.04 -52.64
N LEU A 93 -13.45 20.04 -53.96
CA LEU A 93 -12.90 18.95 -54.74
C LEU A 93 -11.46 19.26 -55.12
N SER A 94 -10.60 18.24 -55.03
CA SER A 94 -9.20 18.41 -55.32
C SER A 94 -8.96 18.52 -56.83
N PHE A 95 -7.74 18.93 -57.19
CA PHE A 95 -7.39 19.16 -58.59
C PHE A 95 -7.38 17.86 -59.40
N CYS A 96 -7.11 16.73 -58.74
CA CYS A 96 -7.30 15.43 -59.36
C CYS A 96 -8.75 15.20 -59.75
N GLN A 97 -9.63 15.22 -58.75
CA GLN A 97 -11.02 14.88 -58.95
C GLN A 97 -11.78 15.97 -59.70
N LEU A 98 -11.21 17.18 -59.84
CA LEU A 98 -11.67 18.09 -60.88
C LEU A 98 -11.41 17.51 -62.27
N GLN A 99 -10.20 17.00 -62.50
CA GLN A 99 -9.86 16.53 -63.84
C GLN A 99 -10.50 15.17 -64.12
N LYS A 100 -10.68 14.34 -63.10
CA LYS A 100 -11.25 13.01 -63.33
C LYS A 100 -12.75 13.09 -63.64
N GLN A 101 -13.43 14.12 -63.15
CA GLN A 101 -14.81 14.34 -63.61
C GLN A 101 -14.83 15.03 -64.96
N GLN A 102 -13.88 15.93 -65.24
CA GLN A 102 -13.91 16.71 -66.47
C GLN A 102 -13.57 15.86 -67.69
N ILE A 103 -12.70 14.86 -67.53
CA ILE A 103 -12.42 13.94 -68.63
C ILE A 103 -13.62 13.02 -68.86
N LEU A 104 -14.25 12.57 -67.77
CA LEU A 104 -15.23 11.49 -67.87
C LEU A 104 -16.58 11.99 -68.41
N LEU A 105 -17.00 13.20 -68.06
CA LEU A 105 -18.20 13.73 -68.69
C LEU A 105 -17.94 14.23 -70.10
N SER A 106 -16.69 14.57 -70.44
CA SER A 106 -16.36 14.85 -71.83
C SER A 106 -16.40 13.59 -72.67
N GLY A 107 -16.20 12.42 -72.05
CA GLY A 107 -16.48 11.15 -72.65
C GLY A 107 -17.91 10.69 -72.49
N TYR A 108 -18.78 11.57 -72.01
CA TYR A 108 -20.20 11.31 -71.83
C TYR A 108 -21.07 12.35 -72.54
N ILE A 109 -20.67 13.62 -72.54
CA ILE A 109 -21.37 14.62 -73.32
C ILE A 109 -21.06 14.45 -74.80
N ASN A 110 -19.77 14.47 -75.15
CA ASN A 110 -19.35 14.19 -76.51
C ASN A 110 -19.42 12.71 -76.83
N SER A 111 -19.46 11.85 -75.79
CA SER A 111 -19.57 10.39 -75.85
C SER A 111 -18.39 9.74 -76.56
N THR A 112 -17.26 10.43 -76.69
CA THR A 112 -16.04 9.88 -77.25
C THR A 112 -15.08 9.58 -76.12
N ASP A 113 -14.70 8.32 -75.97
CA ASP A 113 -13.90 7.90 -74.83
C ASP A 113 -12.45 8.34 -74.94
N THR A 114 -11.87 8.72 -73.81
CA THR A 114 -10.46 9.03 -73.70
C THR A 114 -9.82 7.98 -72.79
N SER A 115 -8.71 7.40 -73.25
CA SER A 115 -8.07 6.30 -72.52
C SER A 115 -7.02 6.83 -71.54
N TYR A 116 -7.48 7.70 -70.64
CA TYR A 116 -6.71 8.15 -69.48
C TYR A 116 -7.66 8.75 -68.47
N LEU A 117 -7.48 8.38 -67.19
CA LEU A 117 -8.16 9.00 -66.07
C LEU A 117 -7.20 8.88 -64.90
N PRO A 118 -7.05 9.91 -64.08
CA PRO A 118 -6.06 9.86 -63.00
C PRO A 118 -6.48 8.92 -61.88
N GLN A 119 -5.49 8.58 -61.05
CA GLN A 119 -5.64 7.62 -59.96
C GLN A 119 -5.04 8.17 -58.67
N CYS A 120 -5.44 9.39 -58.33
CA CYS A 120 -4.95 10.06 -57.12
C CYS A 120 -5.39 9.35 -55.85
N GLN A 121 -4.64 9.57 -54.79
CA GLN A 121 -4.85 8.93 -53.50
C GLN A 121 -5.82 9.76 -52.65
N ASP A 122 -5.89 9.43 -51.36
CA ASP A 122 -6.77 10.13 -50.43
C ASP A 122 -6.35 11.57 -50.18
N SER A 123 -5.06 11.88 -50.36
CA SER A 123 -4.56 13.22 -50.04
C SER A 123 -5.00 14.28 -51.03
N GLY A 124 -5.45 13.88 -52.22
CA GLY A 124 -5.93 14.84 -53.18
C GLY A 124 -4.97 15.09 -54.33
N ASP A 125 -3.68 15.17 -54.03
CA ASP A 125 -2.67 15.31 -55.07
C ASP A 125 -2.51 13.99 -55.83
N TYR A 126 -1.81 14.07 -56.97
CA TYR A 126 -1.66 12.90 -57.84
C TYR A 126 -0.79 11.84 -57.20
N ALA A 127 -1.14 10.58 -57.47
CA ALA A 127 -0.18 9.51 -57.26
C ALA A 127 0.96 9.67 -58.26
N PRO A 128 2.17 9.26 -57.91
CA PRO A 128 3.30 9.38 -58.86
C PRO A 128 3.11 8.54 -60.11
N VAL A 129 2.73 7.28 -59.97
CA VAL A 129 2.45 6.45 -61.13
C VAL A 129 1.04 6.75 -61.64
N GLN A 130 0.91 6.88 -62.97
CA GLN A 130 -0.35 7.24 -63.61
C GLN A 130 -0.48 6.50 -64.94
N CYS A 131 -1.67 5.93 -65.17
CA CYS A 131 -2.03 5.28 -66.43
C CYS A 131 -3.55 5.12 -66.50
N ASP A 132 -3.99 4.31 -67.46
CA ASP A 132 -5.40 4.10 -67.75
C ASP A 132 -5.87 2.75 -67.20
N VAL A 133 -7.08 2.34 -67.60
CA VAL A 133 -7.68 1.13 -67.03
C VAL A 133 -6.99 -0.13 -67.55
N GLN A 134 -6.44 -0.10 -68.77
CA GLN A 134 -5.79 -1.27 -69.32
C GLN A 134 -4.41 -1.50 -68.74
N GLN A 135 -3.77 -0.44 -68.21
CA GLN A 135 -2.52 -0.50 -67.43
C GLN A 135 -1.37 -1.10 -68.25
N VAL A 136 -1.14 -0.54 -69.43
CA VAL A 136 -0.08 -1.01 -70.30
C VAL A 136 1.12 -0.06 -70.31
N GLN A 137 0.91 1.25 -70.11
CA GLN A 137 1.99 2.24 -70.09
C GLN A 137 1.75 3.14 -68.88
N CYS A 138 2.39 2.83 -67.76
CA CYS A 138 2.25 3.62 -66.54
C CYS A 138 3.53 4.41 -66.32
N TRP A 139 3.39 5.73 -66.25
CA TRP A 139 4.51 6.65 -66.16
C TRP A 139 4.50 7.39 -64.84
N CYS A 140 5.65 7.99 -64.51
CA CYS A 140 5.74 8.86 -63.36
C CYS A 140 5.34 10.27 -63.77
N VAL A 141 4.71 10.99 -62.84
CA VAL A 141 4.16 12.31 -63.11
C VAL A 141 4.67 13.27 -62.03
N ASP A 142 4.72 14.55 -62.37
CA ASP A 142 5.02 15.58 -61.38
C ASP A 142 3.83 15.74 -60.44
N ALA A 143 4.11 16.24 -59.23
CA ALA A 143 3.05 16.47 -58.25
C ALA A 143 2.13 17.62 -58.64
N GLU A 144 2.61 18.55 -59.48
CA GLU A 144 1.74 19.60 -59.98
C GLU A 144 0.77 19.05 -61.03
N GLY A 145 1.23 18.12 -61.86
CA GLY A 145 0.35 17.54 -62.84
C GLY A 145 0.94 17.22 -64.20
N MET A 146 2.00 17.90 -64.59
CA MET A 146 2.59 17.70 -65.90
C MET A 146 3.38 16.39 -65.94
N GLU A 147 3.35 15.74 -67.11
CA GLU A 147 4.00 14.45 -67.26
C GLU A 147 5.51 14.62 -67.33
N VAL A 148 6.22 13.83 -66.51
CA VAL A 148 7.68 13.87 -66.53
C VAL A 148 8.16 13.19 -67.81
N TYR A 149 8.86 13.94 -68.64
CA TYR A 149 9.21 13.51 -69.98
C TYR A 149 10.38 12.54 -69.94
N GLY A 150 10.15 11.30 -70.37
CA GLY A 150 11.21 10.31 -70.41
C GLY A 150 10.85 9.01 -69.71
N THR A 151 10.11 9.11 -68.61
CA THR A 151 9.81 7.92 -67.80
C THR A 151 8.48 7.26 -68.19
N ARG A 152 8.30 7.01 -69.48
CA ARG A 152 7.12 6.29 -69.95
C ARG A 152 7.49 4.82 -70.09
N GLN A 153 7.37 4.09 -68.98
CA GLN A 153 7.70 2.68 -69.00
C GLN A 153 6.54 1.87 -69.59
N LEU A 154 6.78 0.58 -69.73
CA LEU A 154 5.77 -0.35 -70.23
C LEU A 154 5.10 -1.11 -69.08
N GLY A 155 4.55 -0.36 -68.14
CA GLY A 155 3.63 -0.96 -67.19
C GLY A 155 3.77 -0.66 -65.71
N ARG A 156 5.00 -0.63 -65.17
CA ARG A 156 5.13 -0.35 -63.74
C ARG A 156 6.49 0.25 -63.39
N PRO A 157 6.55 1.53 -63.01
CA PRO A 157 7.80 2.10 -62.50
C PRO A 157 8.12 1.56 -61.12
N LYS A 158 9.36 1.09 -60.95
CA LYS A 158 9.79 0.63 -59.63
C LYS A 158 10.00 1.81 -58.68
N ARG A 159 10.54 2.91 -59.19
CA ARG A 159 10.66 4.14 -58.41
C ARG A 159 10.36 5.32 -59.32
N CYS A 160 9.82 6.38 -58.73
CA CYS A 160 9.61 7.59 -59.48
C CYS A 160 10.63 8.66 -59.10
N PRO A 161 11.06 9.47 -60.06
CA PRO A 161 11.96 10.59 -59.72
C PRO A 161 11.22 11.64 -58.91
N ARG A 162 11.93 12.24 -57.97
CA ARG A 162 11.36 13.30 -57.15
C ARG A 162 11.84 14.64 -57.68
N SER A 163 11.53 15.72 -56.95
CA SER A 163 11.66 17.06 -57.50
C SER A 163 13.11 17.52 -57.68
N CYS A 164 14.05 16.97 -56.92
CA CYS A 164 15.46 17.30 -57.14
C CYS A 164 15.99 16.63 -58.40
N GLU A 165 15.84 15.30 -58.50
CA GLU A 165 16.48 14.53 -59.55
C GLU A 165 15.92 14.85 -60.93
N ILE A 166 14.68 15.34 -61.00
CA ILE A 166 14.18 15.88 -62.26
C ILE A 166 14.89 17.19 -62.57
N ARG A 167 14.95 18.10 -61.59
CA ARG A 167 15.61 19.38 -61.79
C ARG A 167 17.12 19.21 -61.93
N ASN A 168 17.69 18.18 -61.31
CA ASN A 168 19.13 17.97 -61.41
C ASN A 168 19.52 17.39 -62.77
N ARG A 169 18.60 16.69 -63.43
CA ARG A 169 18.90 16.09 -64.73
C ARG A 169 18.55 17.00 -65.90
N ARG A 170 17.43 17.74 -65.79
CA ARG A 170 17.10 18.73 -66.81
C ARG A 170 18.14 19.86 -66.85
N LEU A 171 18.74 20.16 -65.70
CA LEU A 171 19.93 21.02 -65.66
C LEU A 171 21.05 20.46 -66.51
N LEU A 172 21.31 19.17 -66.39
CA LEU A 172 22.39 18.52 -67.10
C LEU A 172 22.09 18.37 -68.59
N HIS A 173 20.82 18.50 -68.98
CA HIS A 173 20.47 18.68 -70.38
C HIS A 173 20.67 20.13 -70.83
N GLY A 174 20.49 21.09 -69.92
CA GLY A 174 20.93 22.45 -70.20
C GLY A 174 19.93 23.58 -70.20
N VAL A 175 18.86 23.50 -69.41
CA VAL A 175 17.91 24.63 -69.30
C VAL A 175 18.41 25.49 -68.15
N GLY A 176 19.42 26.31 -68.45
CA GLY A 176 19.94 27.33 -67.56
C GLY A 176 20.55 26.89 -66.24
N ASP A 177 21.16 27.85 -65.54
CA ASP A 177 21.50 27.78 -64.11
C ASP A 177 22.44 26.61 -63.80
N LYS A 178 23.67 26.71 -64.32
CA LYS A 178 24.62 25.60 -64.20
C LYS A 178 25.16 25.43 -62.79
N SER A 179 24.29 25.03 -61.86
CA SER A 179 24.65 24.73 -60.47
C SER A 179 23.57 23.83 -59.90
N PRO A 180 23.92 22.62 -59.45
CA PRO A 180 22.89 21.61 -59.16
C PRO A 180 22.14 21.91 -57.88
N PRO A 181 20.81 21.90 -57.92
CA PRO A 181 20.03 22.08 -56.69
C PRO A 181 20.08 20.82 -55.86
N GLN A 182 21.13 20.72 -55.03
CA GLN A 182 21.50 19.53 -54.28
C GLN A 182 20.38 19.06 -53.35
N CYS A 183 20.45 17.79 -52.98
CA CYS A 183 19.35 17.13 -52.29
C CYS A 183 19.90 15.90 -51.55
N SER A 184 19.03 15.26 -50.77
CA SER A 184 19.45 14.23 -49.83
C SER A 184 18.53 13.02 -49.91
N ALA A 185 19.04 11.95 -50.53
CA ALA A 185 18.68 10.55 -50.29
C ALA A 185 17.30 10.11 -50.80
N GLU A 186 16.44 11.03 -51.24
CA GLU A 186 15.24 10.61 -51.95
C GLU A 186 14.84 11.54 -53.09
N GLY A 187 15.62 12.57 -53.38
CA GLY A 187 15.23 13.52 -54.39
C GLY A 187 14.37 14.66 -53.91
N GLU A 188 14.27 14.87 -52.61
CA GLU A 188 13.60 16.05 -52.07
C GLU A 188 14.65 17.08 -51.70
N PHE A 189 14.35 18.35 -52.00
CA PHE A 189 15.29 19.43 -51.79
C PHE A 189 15.57 19.63 -50.31
N MET A 190 16.85 19.73 -49.97
CA MET A 190 17.21 20.17 -48.63
C MET A 190 16.81 21.63 -48.47
N PRO A 191 16.40 22.03 -47.25
CA PRO A 191 15.83 23.39 -47.08
C PRO A 191 16.81 24.52 -47.29
N VAL A 192 18.11 24.27 -47.13
CA VAL A 192 19.14 25.26 -47.40
C VAL A 192 19.86 24.88 -48.69
N GLN A 193 19.89 25.83 -49.64
CA GLN A 193 20.51 25.62 -50.94
C GLN A 193 21.64 26.61 -51.13
N CYS A 194 22.85 26.11 -51.31
CA CYS A 194 24.05 26.92 -51.47
C CYS A 194 24.52 26.82 -52.92
N LYS A 195 24.42 27.92 -53.65
CA LYS A 195 25.02 28.04 -54.98
C LYS A 195 26.13 29.07 -54.93
N PHE A 196 27.08 28.98 -55.84
CA PHE A 196 28.22 29.87 -55.88
C PHE A 196 28.03 30.94 -56.94
N VAL A 197 28.77 32.05 -56.80
CA VAL A 197 28.63 33.20 -57.69
C VAL A 197 29.91 34.02 -57.68
N ASN A 198 30.38 34.43 -58.86
CA ASN A 198 31.41 35.45 -58.99
C ASN A 198 30.77 36.83 -58.83
N THR A 199 31.31 37.62 -57.90
CA THR A 199 30.75 38.93 -57.59
C THR A 199 30.95 39.93 -58.72
N THR A 200 31.94 39.71 -59.58
CA THR A 200 32.31 40.63 -60.64
C THR A 200 31.41 40.54 -61.87
N ASP A 201 30.50 39.56 -61.94
CA ASP A 201 29.61 39.46 -63.08
C ASP A 201 28.17 39.21 -62.62
N MET A 202 28.04 38.76 -61.37
CA MET A 202 26.76 38.36 -60.75
C MET A 202 26.02 37.32 -61.59
N MET A 203 26.78 36.37 -62.15
CA MET A 203 26.24 35.22 -62.84
C MET A 203 26.52 33.97 -62.01
N ILE A 204 25.74 32.92 -62.25
CA ILE A 204 25.85 31.73 -61.42
C ILE A 204 27.10 30.95 -61.81
N PHE A 205 27.91 30.64 -60.80
CA PHE A 205 29.16 29.90 -60.98
C PHE A 205 28.86 28.48 -61.47
N ASP A 206 29.59 28.06 -62.50
CA ASP A 206 29.40 26.71 -63.02
C ASP A 206 29.96 25.71 -62.04
N LEU A 207 29.11 24.78 -61.59
CA LEU A 207 29.48 23.84 -60.55
C LEU A 207 29.47 22.38 -60.99
N VAL A 208 28.63 22.02 -61.96
CA VAL A 208 28.67 20.65 -62.49
C VAL A 208 29.91 20.41 -63.33
N HIS A 209 30.59 21.47 -63.77
CA HIS A 209 31.87 21.35 -64.45
C HIS A 209 33.05 21.58 -63.51
N SER A 210 32.98 22.57 -62.62
CA SER A 210 34.13 22.88 -61.77
C SER A 210 34.33 21.87 -60.65
N TYR A 211 33.25 21.21 -60.20
CA TYR A 211 33.44 20.05 -59.33
C TYR A 211 34.01 18.87 -60.11
N ASN A 212 33.73 18.83 -61.42
CA ASN A 212 34.23 17.75 -62.24
C ASN A 212 35.66 18.03 -62.71
N ARG A 213 35.86 19.16 -63.39
CA ARG A 213 37.14 19.43 -64.04
C ARG A 213 38.26 19.71 -63.04
N PHE A 214 37.93 20.12 -61.82
CA PHE A 214 38.93 20.35 -60.78
C PHE A 214 38.44 19.75 -59.47
N PRO A 215 38.58 18.42 -59.29
CA PRO A 215 38.16 17.79 -58.04
C PRO A 215 39.05 18.18 -56.87
N ASP A 216 40.37 18.05 -57.06
CA ASP A 216 41.35 18.30 -56.02
C ASP A 216 41.40 19.75 -55.55
N ALA A 217 40.77 20.67 -56.29
CA ALA A 217 40.62 22.04 -55.84
C ALA A 217 39.60 22.19 -54.72
N PHE A 218 38.77 21.17 -54.47
CA PHE A 218 37.68 21.28 -53.50
C PHE A 218 37.99 20.50 -52.23
N VAL A 219 39.24 20.54 -51.78
CA VAL A 219 39.60 19.88 -50.53
C VAL A 219 39.15 20.73 -49.35
N THR A 220 39.64 21.97 -49.28
CA THR A 220 39.21 22.95 -48.30
C THR A 220 38.89 24.25 -49.01
N PHE A 221 38.33 25.20 -48.25
CA PHE A 221 38.06 26.53 -48.79
C PHE A 221 39.35 27.28 -49.11
N SER A 222 40.40 27.06 -48.33
CA SER A 222 41.70 27.66 -48.64
C SER A 222 42.28 27.09 -49.92
N SER A 223 42.00 25.82 -50.22
CA SER A 223 42.35 25.24 -51.51
C SER A 223 41.33 25.56 -52.59
N PHE A 224 40.17 26.09 -52.23
CA PHE A 224 39.12 26.48 -53.18
C PHE A 224 39.18 27.95 -53.53
N GLN A 225 39.49 28.82 -52.56
CA GLN A 225 39.52 30.24 -52.84
C GLN A 225 40.77 30.62 -53.62
N ARG A 226 41.85 29.84 -53.48
CA ARG A 226 43.05 30.11 -54.26
C ARG A 226 42.89 29.70 -55.72
N ARG A 227 41.90 28.86 -56.03
CA ARG A 227 41.62 28.49 -57.41
C ARG A 227 40.55 29.37 -58.04
N PHE A 228 39.73 30.03 -57.23
CA PHE A 228 38.72 30.97 -57.71
C PHE A 228 38.69 32.15 -56.74
N PRO A 229 39.55 33.15 -56.95
CA PRO A 229 39.63 34.27 -56.01
C PRO A 229 38.50 35.27 -56.10
N GLU A 230 37.56 35.11 -57.04
CA GLU A 230 36.47 36.06 -57.20
C GLU A 230 35.12 35.53 -56.76
N VAL A 231 35.02 34.25 -56.44
CA VAL A 231 33.74 33.60 -56.15
C VAL A 231 33.37 33.85 -54.69
N SER A 232 32.08 33.84 -54.41
CA SER A 232 31.56 33.99 -53.07
C SER A 232 30.37 33.06 -52.88
N GLY A 233 30.25 32.48 -51.69
CA GLY A 233 29.15 31.56 -51.44
C GLY A 233 27.83 32.30 -51.28
N TYR A 234 26.77 31.72 -51.83
CA TYR A 234 25.44 32.32 -51.82
C TYR A 234 24.44 31.24 -51.41
N CYS A 235 24.17 31.15 -50.12
CA CYS A 235 23.24 30.18 -49.57
C CYS A 235 21.90 30.85 -49.32
N HIS A 236 20.81 30.11 -49.54
CA HIS A 236 19.48 30.66 -49.33
C HIS A 236 18.51 29.52 -49.02
N CYS A 237 17.46 29.85 -48.27
CA CYS A 237 16.39 28.90 -48.05
C CYS A 237 15.57 28.70 -49.32
N ALA A 238 14.88 27.56 -49.38
CA ALA A 238 14.04 27.22 -50.52
C ALA A 238 12.99 26.23 -50.05
N ASP A 239 11.87 26.21 -50.76
CA ASP A 239 10.75 25.34 -50.42
C ASP A 239 11.01 23.93 -50.98
N SER A 240 9.97 23.10 -50.98
CA SER A 240 10.06 21.75 -51.52
C SER A 240 9.98 21.70 -53.04
N GLN A 241 9.80 22.84 -53.70
CA GLN A 241 9.79 22.89 -55.17
C GLN A 241 11.10 23.38 -55.75
N GLY A 242 12.06 23.78 -54.93
CA GLY A 242 13.35 24.25 -55.40
C GLY A 242 13.45 25.73 -55.66
N ARG A 243 12.33 26.44 -55.70
CA ARG A 243 12.36 27.88 -55.96
C ARG A 243 12.73 28.63 -54.69
N GLU A 244 13.33 29.81 -54.89
CA GLU A 244 13.86 30.58 -53.77
C GLU A 244 12.74 31.27 -53.00
N LEU A 245 12.83 31.21 -51.67
CA LEU A 245 11.92 31.98 -50.83
C LEU A 245 12.26 33.47 -50.94
N ALA A 246 11.23 34.30 -50.80
CA ALA A 246 11.37 35.73 -51.04
C ALA A 246 12.07 36.41 -49.88
N GLU A 247 13.16 37.13 -50.20
CA GLU A 247 13.98 37.89 -49.26
C GLU A 247 14.53 37.02 -48.13
N THR A 248 15.35 36.04 -48.51
CA THR A 248 16.07 35.24 -47.53
C THR A 248 17.49 34.92 -47.95
N GLY A 249 17.97 35.44 -49.09
CA GLY A 249 19.27 35.04 -49.61
C GLY A 249 20.41 35.75 -48.90
N LEU A 250 21.41 34.97 -48.50
CA LEU A 250 22.63 35.50 -47.91
C LEU A 250 23.81 35.24 -48.85
N GLU A 251 24.76 36.16 -48.83
CA GLU A 251 26.00 36.04 -49.61
C GLU A 251 27.13 35.79 -48.62
N LEU A 252 27.39 34.52 -48.34
CA LEU A 252 28.40 34.11 -47.38
C LEU A 252 29.78 34.28 -48.00
N LEU A 253 30.58 35.20 -47.46
CA LEU A 253 31.97 35.28 -47.85
C LEU A 253 32.73 34.08 -47.27
N LEU A 254 33.79 33.68 -47.97
CA LEU A 254 34.51 32.47 -47.62
C LEU A 254 36.02 32.69 -47.56
N ASP A 255 36.45 33.93 -47.34
CA ASP A 255 37.88 34.23 -47.28
C ASP A 255 38.49 33.75 -45.97
N GLU A 256 37.92 34.17 -44.84
CA GLU A 256 38.50 33.87 -43.53
C GLU A 256 38.04 32.52 -42.97
N ILE A 257 37.47 31.65 -43.80
CA ILE A 257 37.18 30.29 -43.35
C ILE A 257 38.48 29.50 -43.38
N TYR A 258 38.85 28.92 -42.24
CA TYR A 258 40.10 28.18 -42.14
C TYR A 258 39.87 26.70 -42.41
N ASP A 259 40.94 25.92 -42.33
CA ASP A 259 40.87 24.51 -42.67
C ASP A 259 40.28 23.70 -41.52
N THR A 260 39.93 22.45 -41.82
CA THR A 260 39.39 21.51 -40.84
C THR A 260 40.31 20.31 -40.76
N ILE A 261 39.88 19.30 -39.99
CA ILE A 261 40.60 18.02 -39.95
C ILE A 261 40.03 17.05 -40.98
N PHE A 262 38.91 17.39 -41.61
CA PHE A 262 38.25 16.55 -42.59
C PHE A 262 38.84 16.67 -43.99
N ALA A 263 40.01 17.30 -44.13
CA ALA A 263 40.63 17.46 -45.44
C ALA A 263 41.25 16.17 -45.95
N GLY A 264 41.70 15.30 -45.04
CA GLY A 264 42.42 14.11 -45.44
C GLY A 264 41.55 13.03 -46.04
N LEU A 265 40.23 13.11 -45.86
CA LEU A 265 39.34 12.13 -46.43
C LEU A 265 39.21 12.32 -47.94
N ASP A 266 38.69 11.30 -48.61
CA ASP A 266 38.51 11.40 -50.06
C ASP A 266 37.33 12.30 -50.40
N LEU A 267 37.31 12.74 -51.64
CA LEU A 267 36.21 13.55 -52.12
C LEU A 267 34.96 12.68 -52.30
N PRO A 268 33.79 13.17 -51.91
CA PRO A 268 32.57 12.38 -52.13
C PRO A 268 32.09 12.36 -53.57
N SER A 269 30.90 11.79 -53.80
CA SER A 269 30.41 11.57 -55.15
C SER A 269 30.00 12.88 -55.81
N THR A 270 29.07 13.60 -55.21
CA THR A 270 28.61 14.89 -55.69
C THR A 270 29.06 15.99 -54.73
N PHE A 271 28.60 17.21 -55.01
CA PHE A 271 28.94 18.36 -54.17
C PHE A 271 28.28 18.31 -52.79
N THR A 272 27.23 17.48 -52.64
CA THR A 272 26.42 17.48 -51.42
C THR A 272 27.22 17.04 -50.19
N GLU A 273 27.81 15.85 -50.26
CA GLU A 273 28.46 15.27 -49.09
C GLU A 273 29.86 15.82 -48.86
N THR A 274 30.32 16.75 -49.68
CA THR A 274 31.62 17.39 -49.47
C THR A 274 31.57 18.25 -48.21
N THR A 275 32.71 18.36 -47.53
CA THR A 275 32.80 19.17 -46.33
C THR A 275 32.74 20.66 -46.64
N LEU A 276 32.99 21.05 -47.90
CA LEU A 276 32.75 22.44 -48.32
C LEU A 276 31.27 22.79 -48.29
N TYR A 277 30.38 21.81 -48.46
CA TYR A 277 28.96 22.16 -48.46
C TYR A 277 28.42 22.28 -47.05
N ARG A 278 28.75 21.34 -46.17
CA ARG A 278 28.10 21.26 -44.87
C ARG A 278 28.59 22.35 -43.92
N ILE A 279 29.76 22.95 -44.18
CA ILE A 279 30.17 24.12 -43.42
C ILE A 279 29.32 25.33 -43.82
N LEU A 280 28.94 25.43 -45.09
CA LEU A 280 28.18 26.57 -45.57
C LEU A 280 26.76 26.58 -45.02
N GLN A 281 26.14 25.41 -44.90
CA GLN A 281 24.80 25.36 -44.33
C GLN A 281 24.81 25.58 -42.83
N ARG A 282 25.91 25.24 -42.17
CA ARG A 282 26.03 25.53 -40.74
C ARG A 282 26.29 27.00 -40.50
N ARG A 283 27.10 27.63 -41.36
CA ARG A 283 27.28 29.08 -41.29
C ARG A 283 26.03 29.83 -41.74
N PHE A 284 25.15 29.19 -42.52
CA PHE A 284 23.92 29.84 -42.92
C PHE A 284 22.89 29.81 -41.79
N LEU A 285 22.68 28.64 -41.20
CA LEU A 285 21.63 28.48 -40.20
C LEU A 285 22.02 29.05 -38.84
N ALA A 286 23.32 29.20 -38.56
CA ALA A 286 23.71 29.87 -37.33
C ALA A 286 23.44 31.36 -37.40
N VAL A 287 23.55 31.95 -38.59
CA VAL A 287 23.11 33.33 -38.79
C VAL A 287 21.59 33.42 -38.71
N GLN A 288 20.90 32.40 -39.24
CA GLN A 288 19.43 32.37 -39.19
C GLN A 288 18.88 32.17 -37.78
N SER A 289 19.71 31.76 -36.81
CA SER A 289 19.24 31.66 -35.45
C SER A 289 19.10 33.04 -34.81
N VAL A 290 20.10 33.91 -34.97
CA VAL A 290 20.01 35.25 -34.41
C VAL A 290 19.15 36.18 -35.27
N ILE A 291 18.78 35.76 -36.47
CA ILE A 291 17.90 36.56 -37.33
C ILE A 291 16.44 36.15 -37.17
N SER A 292 16.15 34.85 -37.20
CA SER A 292 14.78 34.37 -37.23
C SER A 292 14.34 33.68 -35.94
N GLY A 293 15.25 33.40 -35.01
CA GLY A 293 14.91 32.62 -33.85
C GLY A 293 14.81 31.12 -34.09
N ARG A 294 15.10 30.67 -35.31
CA ARG A 294 15.06 29.27 -35.69
C ARG A 294 16.43 28.84 -36.18
N PHE A 295 16.89 27.67 -35.75
CA PHE A 295 18.10 27.08 -36.30
C PHE A 295 17.76 26.14 -37.46
N ARG A 296 17.01 26.68 -38.42
CA ARG A 296 16.46 25.95 -39.56
C ARG A 296 15.89 26.98 -40.52
N CYS A 297 15.62 26.53 -41.75
CA CYS A 297 14.80 27.32 -42.64
C CYS A 297 13.33 27.23 -42.22
N PRO A 298 12.51 28.23 -42.56
CA PRO A 298 11.08 28.15 -42.22
C PRO A 298 10.37 27.03 -42.98
N THR A 299 9.47 26.36 -42.28
CA THR A 299 8.73 25.23 -42.85
C THR A 299 7.50 25.73 -43.60
N LYS A 300 6.61 24.80 -43.94
CA LYS A 300 5.44 25.13 -44.77
C LYS A 300 4.43 25.99 -44.00
N CYS A 301 4.36 25.80 -42.68
CA CYS A 301 3.42 26.58 -41.86
C CYS A 301 3.82 28.05 -41.83
N GLU A 302 5.11 28.32 -41.63
CA GLU A 302 5.56 29.69 -41.42
C GLU A 302 5.56 30.50 -42.72
N VAL A 303 5.71 29.82 -43.86
CA VAL A 303 5.61 30.51 -45.14
C VAL A 303 4.16 30.90 -45.43
N GLU A 304 3.22 30.01 -45.12
CA GLU A 304 1.80 30.31 -45.35
C GLU A 304 1.29 31.37 -44.38
N ARG A 305 1.89 31.48 -43.18
CA ARG A 305 1.49 32.52 -42.26
C ARG A 305 1.96 33.89 -42.72
N PHE A 306 3.14 33.96 -43.34
CA PHE A 306 3.67 35.24 -43.78
C PHE A 306 2.96 35.75 -45.03
N THR A 307 2.65 34.86 -45.97
CA THR A 307 1.98 35.30 -47.20
C THR A 307 0.50 35.59 -46.96
N ALA A 308 -0.08 35.11 -45.85
CA ALA A 308 -1.44 35.48 -45.50
C ALA A 308 -1.48 36.81 -44.78
N THR A 309 -0.44 37.10 -43.97
CA THR A 309 -0.38 38.37 -43.27
C THR A 309 0.02 39.50 -44.23
N SER A 310 0.75 39.18 -45.29
CA SER A 310 1.22 40.20 -46.22
C SER A 310 0.08 40.77 -47.05
N PHE A 311 -0.65 39.91 -47.76
CA PHE A 311 -1.74 40.38 -48.60
C PHE A 311 -3.03 40.66 -47.83
N GLY A 312 -3.08 40.31 -46.55
CA GLY A 312 -4.21 40.68 -45.70
C GLY A 312 -5.47 39.85 -45.90
N HIS A 313 -5.41 38.80 -46.70
CA HIS A 313 -6.58 37.95 -46.89
C HIS A 313 -6.81 37.07 -45.65
N PRO A 314 -8.05 36.58 -45.44
CA PRO A 314 -8.30 35.70 -44.27
C PRO A 314 -7.64 34.33 -44.36
N TYR A 315 -7.90 33.53 -43.32
CA TYR A 315 -7.25 32.23 -43.08
C TYR A 315 -5.73 32.38 -43.01
N VAL A 316 -5.30 33.04 -41.95
CA VAL A 316 -3.90 32.99 -41.55
C VAL A 316 -3.71 31.75 -40.68
N PRO A 317 -2.70 30.94 -40.92
CA PRO A 317 -2.50 29.73 -40.13
C PRO A 317 -1.88 30.05 -38.78
N SER A 318 -1.61 28.99 -38.01
CA SER A 318 -1.02 29.10 -36.70
C SER A 318 0.07 28.05 -36.54
N CYS A 319 1.23 28.46 -36.05
CA CYS A 319 2.40 27.60 -35.94
C CYS A 319 2.88 27.64 -34.49
N ARG A 320 2.96 26.47 -33.86
CA ARG A 320 3.28 26.41 -32.43
C ARG A 320 4.78 26.24 -32.15
N ARG A 321 5.61 27.07 -32.81
CA ARG A 321 7.04 27.29 -32.55
C ARG A 321 7.90 26.08 -32.97
N ASN A 322 7.26 24.97 -33.36
CA ASN A 322 7.97 23.77 -33.75
C ASN A 322 8.11 23.66 -35.26
N GLY A 323 7.51 24.59 -36.01
CA GLY A 323 7.45 24.51 -37.45
C GLY A 323 6.21 23.81 -37.98
N ASP A 324 5.65 22.88 -37.21
CA ASP A 324 4.43 22.21 -37.60
C ASP A 324 3.24 23.14 -37.40
N TYR A 325 2.09 22.71 -37.93
CA TYR A 325 0.85 23.43 -37.73
C TYR A 325 0.37 23.25 -36.30
N GLN A 326 -0.07 24.34 -35.67
CA GLN A 326 -0.86 24.21 -34.46
C GLN A 326 -2.18 23.55 -34.83
N ALA A 327 -2.68 22.70 -33.93
CA ALA A 327 -3.72 21.74 -34.29
C ALA A 327 -5.04 22.42 -34.62
N VAL A 328 -5.65 23.08 -33.64
CA VAL A 328 -6.90 23.78 -33.87
C VAL A 328 -6.60 25.12 -34.53
N GLN A 329 -7.17 25.35 -35.71
CA GLN A 329 -6.96 26.57 -36.48
C GLN A 329 -8.30 27.18 -36.84
N CYS A 330 -8.50 28.43 -36.45
CA CYS A 330 -9.71 29.19 -36.76
C CYS A 330 -9.36 30.25 -37.79
N GLN A 331 -10.34 30.63 -38.61
CA GLN A 331 -10.16 31.79 -39.46
C GLN A 331 -10.78 33.02 -38.81
N THR A 332 -10.74 34.15 -39.51
CA THR A 332 -11.17 35.41 -38.94
C THR A 332 -12.70 35.46 -38.84
N GLU A 333 -13.19 35.55 -37.59
CA GLU A 333 -14.61 35.71 -37.19
C GLU A 333 -15.56 34.77 -37.93
N GLY A 334 -15.12 33.52 -38.14
CA GLY A 334 -15.92 32.54 -38.84
C GLY A 334 -15.81 31.15 -38.23
N PRO A 335 -15.97 30.13 -39.07
CA PRO A 335 -15.91 28.74 -38.58
C PRO A 335 -14.50 28.36 -38.16
N CYS A 336 -14.42 27.25 -37.42
CA CYS A 336 -13.14 26.80 -36.90
C CYS A 336 -13.11 25.27 -36.88
N TRP A 337 -11.91 24.73 -37.03
CA TRP A 337 -11.70 23.29 -37.14
C TRP A 337 -10.29 22.98 -36.66
N CYS A 338 -9.84 21.74 -36.87
CA CYS A 338 -8.47 21.39 -36.54
C CYS A 338 -7.79 20.71 -37.72
N VAL A 339 -6.45 20.81 -37.72
CA VAL A 339 -5.60 20.46 -38.84
C VAL A 339 -4.52 19.51 -38.32
N ASP A 340 -4.11 18.56 -39.17
CA ASP A 340 -2.98 17.69 -38.88
C ASP A 340 -1.66 18.43 -39.14
N ALA A 341 -0.56 17.68 -39.19
CA ALA A 341 0.76 18.24 -39.41
C ALA A 341 1.09 18.43 -40.89
N GLN A 342 0.09 18.48 -41.78
CA GLN A 342 0.32 18.60 -43.21
C GLN A 342 -0.38 19.79 -43.85
N GLY A 343 -1.34 20.40 -43.18
CA GLY A 343 -2.07 21.52 -43.74
C GLY A 343 -3.45 21.20 -44.25
N LYS A 344 -4.04 20.08 -43.86
CA LYS A 344 -5.32 19.64 -44.40
C LYS A 344 -6.34 19.47 -43.28
N GLU A 345 -7.61 19.65 -43.64
CA GLU A 345 -8.69 19.75 -42.67
C GLU A 345 -9.10 18.37 -42.14
N MET A 346 -9.36 18.31 -40.84
CA MET A 346 -9.96 17.13 -40.24
C MET A 346 -11.46 17.19 -40.44
N HIS A 347 -12.01 16.15 -41.07
CA HIS A 347 -13.37 16.21 -41.59
C HIS A 347 -14.44 16.05 -40.51
N GLY A 348 -14.09 15.47 -39.37
CA GLY A 348 -15.07 15.26 -38.31
C GLY A 348 -15.26 16.43 -37.37
N THR A 349 -14.88 17.63 -37.82
CA THR A 349 -14.92 18.82 -36.96
C THR A 349 -15.02 20.08 -37.80
N ARG A 350 -16.09 20.84 -37.58
CA ARG A 350 -16.19 22.24 -37.99
C ARG A 350 -17.18 22.87 -37.02
N GLN A 351 -16.66 23.52 -35.99
CA GLN A 351 -17.46 24.01 -34.87
C GLN A 351 -17.44 25.53 -34.87
N GLN A 352 -18.60 26.12 -35.16
CA GLN A 352 -18.73 27.57 -35.11
C GLN A 352 -18.78 28.06 -33.67
N GLY A 353 -17.93 29.02 -33.33
CA GLY A 353 -17.88 29.52 -31.97
C GLY A 353 -16.61 29.16 -31.23
N GLU A 354 -16.72 28.24 -30.27
CA GLU A 354 -15.55 27.83 -29.50
C GLU A 354 -14.62 26.96 -30.34
N PRO A 355 -13.32 27.05 -30.11
CA PRO A 355 -12.39 26.13 -30.77
C PRO A 355 -12.54 24.72 -30.24
N PRO A 356 -12.37 23.70 -31.10
CA PRO A 356 -12.49 22.32 -30.63
C PRO A 356 -11.29 21.83 -29.81
N SER A 357 -11.30 20.55 -29.45
CA SER A 357 -10.24 19.93 -28.67
C SER A 357 -9.79 18.68 -29.41
N CYS A 358 -8.83 18.85 -30.33
CA CYS A 358 -8.34 17.76 -31.16
C CYS A 358 -7.00 17.26 -30.62
N ALA A 359 -7.05 16.15 -29.88
CA ALA A 359 -5.88 15.35 -29.47
C ALA A 359 -4.86 16.15 -28.66
N GLU A 360 -5.33 17.14 -27.91
CA GLU A 360 -4.45 18.04 -27.18
C GLU A 360 -4.02 17.38 -25.87
N GLY A 361 -3.11 16.41 -26.00
CA GLY A 361 -2.69 15.62 -24.85
C GLY A 361 -3.76 14.72 -24.31
N GLN A 362 -4.61 14.18 -25.18
CA GLN A 362 -5.74 13.33 -24.79
C GLN A 362 -5.46 11.86 -25.03
N SER A 363 -4.24 11.42 -24.73
CA SER A 363 -3.79 10.07 -25.05
C SER A 363 -4.21 9.03 -24.01
N CYS A 364 -5.15 9.33 -23.11
CA CYS A 364 -5.56 8.33 -22.14
C CYS A 364 -6.49 7.30 -22.76
N ALA A 365 -7.44 7.76 -23.58
CA ALA A 365 -8.46 6.88 -24.14
C ALA A 365 -7.86 5.87 -25.11
N SER A 366 -6.80 6.24 -25.81
CA SER A 366 -6.05 5.25 -26.59
C SER A 366 -5.31 4.29 -25.67
N GLU A 367 -4.75 4.81 -24.57
CA GLU A 367 -4.02 3.99 -23.62
C GLU A 367 -4.94 3.18 -22.73
N ARG A 368 -6.20 3.63 -22.56
CA ARG A 368 -7.19 2.83 -21.85
C ARG A 368 -7.50 1.54 -22.61
N GLN A 369 -7.52 1.61 -23.95
CA GLN A 369 -7.80 0.43 -24.76
C GLN A 369 -6.70 -0.62 -24.67
N GLN A 370 -5.44 -0.18 -24.50
CA GLN A 370 -4.35 -1.14 -24.36
C GLN A 370 -4.42 -1.87 -23.02
N ALA A 371 -4.94 -1.22 -21.98
CA ALA A 371 -5.06 -1.88 -20.69
C ALA A 371 -6.23 -2.84 -20.66
N LEU A 372 -7.33 -2.52 -21.36
CA LEU A 372 -8.48 -3.41 -21.39
C LEU A 372 -8.19 -4.66 -22.22
N SER A 373 -7.45 -4.51 -23.31
CA SER A 373 -7.05 -5.67 -24.10
C SER A 373 -6.00 -6.51 -23.39
N ARG A 374 -5.24 -5.91 -22.48
CA ARG A 374 -4.35 -6.68 -21.62
C ARG A 374 -5.11 -7.31 -20.47
N LEU A 375 -6.24 -6.71 -20.09
CA LEU A 375 -7.10 -7.28 -19.05
C LEU A 375 -7.78 -8.56 -19.52
N TYR A 376 -8.18 -8.60 -20.79
CA TYR A 376 -8.97 -9.69 -21.35
C TYR A 376 -8.12 -10.70 -22.09
N PHE A 377 -6.90 -10.94 -21.63
CA PHE A 377 -5.94 -11.79 -22.33
C PHE A 377 -5.69 -13.05 -21.51
N GLY A 378 -6.58 -14.03 -21.66
CA GLY A 378 -6.37 -15.34 -21.07
C GLY A 378 -6.37 -15.35 -19.56
N THR A 379 -5.31 -15.91 -19.00
CA THR A 379 -5.10 -15.98 -17.56
C THR A 379 -3.63 -16.28 -17.31
N SER A 380 -3.25 -16.38 -16.05
CA SER A 380 -2.05 -17.04 -15.53
C SER A 380 -0.71 -16.41 -15.90
N GLY A 381 -0.67 -15.36 -16.72
CA GLY A 381 0.58 -14.70 -17.04
C GLY A 381 1.57 -15.51 -17.86
N TYR A 382 1.07 -16.39 -18.74
CA TYR A 382 1.93 -17.15 -19.64
C TYR A 382 2.70 -16.25 -20.60
N PHE A 383 2.07 -15.17 -21.08
CA PHE A 383 2.68 -14.25 -22.03
C PHE A 383 2.47 -12.80 -21.60
N SER A 384 1.41 -12.54 -20.82
CA SER A 384 0.90 -11.19 -20.60
C SER A 384 1.90 -10.24 -19.94
N GLN A 385 2.96 -10.77 -19.32
CA GLN A 385 4.12 -9.95 -18.99
C GLN A 385 4.80 -9.42 -20.25
N HIS A 386 5.01 -10.28 -21.24
CA HIS A 386 5.82 -9.95 -22.41
C HIS A 386 5.08 -9.14 -23.47
N ASP A 387 3.86 -8.67 -23.20
CA ASP A 387 3.11 -7.91 -24.20
C ASP A 387 3.62 -6.48 -24.23
N CYS A 408 8.16 6.28 -22.83
CA CYS A 408 9.58 6.10 -23.11
C CYS A 408 9.92 4.75 -23.75
N PRO A 409 10.78 4.78 -24.77
CA PRO A 409 11.20 3.55 -25.44
C PRO A 409 12.17 2.76 -24.57
N PRO A 410 12.49 1.52 -24.94
CA PRO A 410 13.55 0.80 -24.23
C PRO A 410 14.92 1.45 -24.39
N THR A 411 15.81 1.08 -23.46
CA THR A 411 17.25 1.44 -23.38
C THR A 411 17.54 2.94 -23.56
N ILE A 412 16.58 3.79 -23.23
CA ILE A 412 16.77 5.24 -23.26
C ILE A 412 16.65 5.85 -21.87
N LYS A 413 15.69 5.37 -21.06
CA LYS A 413 15.49 5.85 -19.70
C LYS A 413 16.71 5.56 -18.82
N GLU A 414 17.44 4.48 -19.10
CA GLU A 414 18.57 4.05 -18.29
C GLU A 414 19.90 4.25 -19.00
N LEU A 415 19.94 5.05 -20.06
CA LEU A 415 21.23 5.43 -20.64
C LEU A 415 21.39 6.93 -20.79
N PHE A 416 20.33 7.66 -21.14
CA PHE A 416 20.42 9.08 -21.44
C PHE A 416 19.95 9.97 -20.30
N VAL A 417 18.69 9.82 -19.88
CA VAL A 417 18.09 10.76 -18.94
C VAL A 417 18.47 10.49 -17.49
N ASP A 418 19.08 9.34 -17.22
CA ASP A 418 19.51 8.99 -15.88
C ASP A 418 21.02 9.06 -15.73
N SER A 419 21.76 8.71 -16.77
CA SER A 419 23.20 8.54 -16.66
C SER A 419 23.98 9.80 -17.05
N GLY A 420 23.61 10.94 -16.48
CA GLY A 420 24.39 12.17 -16.59
C GLY A 420 24.62 12.76 -17.97
N LEU A 421 23.93 12.23 -18.99
CA LEU A 421 24.17 12.67 -20.37
C LEU A 421 23.21 13.76 -20.80
N LEU A 422 21.98 13.76 -20.30
CA LEU A 422 21.05 14.84 -20.62
C LEU A 422 21.23 16.04 -19.70
N ARG A 423 21.73 15.81 -18.48
CA ARG A 423 22.00 16.84 -17.49
C ARG A 423 22.93 17.99 -17.89
N PRO A 424 23.84 17.87 -18.88
CA PRO A 424 24.44 19.10 -19.41
C PRO A 424 23.48 19.97 -20.21
N MET A 425 22.41 19.40 -20.77
CA MET A 425 21.56 20.19 -21.67
C MET A 425 20.52 21.01 -20.90
N VAL A 426 19.57 20.35 -20.23
CA VAL A 426 18.51 21.07 -19.50
C VAL A 426 18.98 21.21 -18.06
N GLU A 427 19.91 22.14 -17.86
CA GLU A 427 20.50 22.55 -16.58
C GLU A 427 21.50 23.65 -16.94
N GLY A 428 21.93 24.40 -15.93
CA GLY A 428 22.98 25.38 -16.14
C GLY A 428 23.43 26.05 -14.86
N GLN A 429 23.69 27.36 -14.94
CA GLN A 429 24.12 28.12 -13.77
C GLN A 429 23.00 28.94 -13.15
N SER A 430 22.07 29.45 -13.95
CA SER A 430 20.98 30.30 -13.46
C SER A 430 19.86 30.30 -14.49
N GLN A 431 18.94 31.25 -14.36
CA GLN A 431 17.75 31.37 -15.20
C GLN A 431 18.05 31.93 -16.58
N GLN A 432 19.23 32.52 -16.81
CA GLN A 432 19.48 33.29 -18.02
C GLN A 432 19.76 32.45 -19.27
N PHE A 433 18.91 31.46 -19.53
CA PHE A 433 18.95 30.72 -20.77
C PHE A 433 17.71 30.98 -21.62
N SER A 434 16.53 30.67 -21.08
CA SER A 434 15.29 30.45 -21.80
C SER A 434 15.54 29.56 -23.03
N VAL A 435 16.32 28.49 -22.84
CA VAL A 435 16.74 27.65 -23.95
C VAL A 435 15.56 26.80 -24.41
N SER A 436 15.05 27.11 -25.59
CA SER A 436 13.90 26.41 -26.11
C SER A 436 14.32 25.02 -26.57
N GLU A 437 13.53 24.01 -26.22
CA GLU A 437 13.89 22.65 -26.55
C GLU A 437 13.27 22.19 -27.86
N ASN A 438 12.61 23.10 -28.58
CA ASN A 438 12.49 23.00 -30.03
C ASN A 438 13.47 23.93 -30.72
N LEU A 439 14.60 24.21 -30.07
CA LEU A 439 15.79 24.79 -30.68
C LEU A 439 17.01 23.91 -30.49
N LEU A 440 17.12 23.21 -29.36
CA LEU A 440 18.23 22.28 -29.15
C LEU A 440 18.05 21.02 -29.98
N LYS A 441 16.82 20.53 -30.11
CA LYS A 441 16.57 19.44 -31.04
C LYS A 441 16.60 19.91 -32.49
N GLU A 442 16.57 21.21 -32.73
CA GLU A 442 16.94 21.76 -34.02
C GLU A 442 18.43 22.04 -34.12
N ALA A 443 19.12 22.18 -32.98
CA ALA A 443 20.55 22.41 -33.01
C ALA A 443 21.31 21.14 -33.35
N ILE A 444 20.90 20.00 -32.79
CA ILE A 444 21.58 18.75 -33.08
C ILE A 444 21.18 18.24 -34.47
N ARG A 445 20.00 18.62 -34.95
CA ARG A 445 19.52 18.16 -36.25
C ARG A 445 20.30 18.79 -37.40
N ALA A 446 20.44 20.12 -37.37
CA ALA A 446 21.07 20.83 -38.48
C ALA A 446 22.59 20.69 -38.45
N ILE A 447 23.20 20.64 -37.26
CA ILE A 447 24.64 20.49 -37.16
C ILE A 447 25.06 19.08 -37.57
N PHE A 448 24.37 18.07 -37.05
CA PHE A 448 24.60 16.69 -37.47
C PHE A 448 23.39 16.18 -38.23
N PRO A 449 23.39 16.25 -39.57
CA PRO A 449 22.20 15.86 -40.34
C PRO A 449 21.94 14.37 -40.39
N SER A 450 22.95 13.53 -40.17
CA SER A 450 22.75 12.09 -40.25
C SER A 450 23.77 11.39 -39.37
N ARG A 451 23.63 10.06 -39.28
CA ARG A 451 24.54 9.27 -38.47
C ARG A 451 25.90 9.11 -39.12
N GLY A 452 26.01 9.39 -40.42
CA GLY A 452 27.30 9.32 -41.10
C GLY A 452 28.25 10.44 -40.74
N LEU A 453 27.75 11.51 -40.12
CA LEU A 453 28.60 12.59 -39.66
C LEU A 453 29.02 12.42 -38.21
N ALA A 454 28.10 11.92 -37.37
CA ALA A 454 28.38 11.77 -35.95
C ALA A 454 29.44 10.70 -35.68
N ARG A 455 29.57 9.72 -36.57
CA ARG A 455 30.69 8.77 -36.45
C ARG A 455 32.00 9.42 -36.87
N LEU A 456 31.97 10.22 -37.94
CA LEU A 456 33.20 10.82 -38.46
C LEU A 456 33.65 12.01 -37.63
N ALA A 457 32.72 12.77 -37.05
CA ALA A 457 33.13 13.89 -36.20
C ALA A 457 33.68 13.42 -34.87
N LEU A 458 33.26 12.25 -34.41
CA LEU A 458 33.75 11.70 -33.15
C LEU A 458 35.03 10.91 -33.31
N GLN A 459 35.25 10.29 -34.48
CA GLN A 459 36.45 9.51 -34.71
C GLN A 459 37.67 10.40 -34.89
N PHE A 460 37.49 11.58 -35.50
CA PHE A 460 38.58 12.49 -35.79
C PHE A 460 38.71 13.60 -34.74
N THR A 461 38.36 13.30 -33.49
CA THR A 461 38.38 14.29 -32.42
C THR A 461 39.09 13.72 -31.20
N THR A 462 40.17 14.36 -30.80
CA THR A 462 40.89 14.00 -29.58
C THR A 462 40.63 15.00 -28.46
N ASN A 463 40.77 16.29 -28.73
CA ASN A 463 40.39 17.32 -27.77
C ASN A 463 38.97 17.79 -28.04
N PRO A 464 38.08 17.76 -27.04
CA PRO A 464 36.72 18.29 -27.26
C PRO A 464 36.67 19.79 -27.46
N LYS A 465 37.69 20.52 -27.02
CA LYS A 465 37.74 21.96 -27.23
C LYS A 465 38.00 22.31 -28.69
N ARG A 466 38.57 21.38 -29.46
CA ARG A 466 38.83 21.59 -30.88
C ARG A 466 37.62 21.26 -31.75
N LEU A 467 36.48 20.92 -31.16
CA LEU A 467 35.36 20.43 -31.96
C LEU A 467 34.66 21.54 -32.72
N GLN A 468 34.59 22.75 -32.16
CA GLN A 468 33.99 23.86 -32.88
C GLN A 468 34.85 24.32 -34.06
N GLN A 469 36.15 24.06 -34.00
CA GLN A 469 37.06 24.45 -35.08
C GLN A 469 36.82 23.63 -36.34
N ASN A 470 36.74 22.30 -36.21
CA ASN A 470 36.54 21.42 -37.35
C ASN A 470 35.08 21.05 -37.58
N LEU A 471 34.15 21.93 -37.20
CA LEU A 471 32.73 21.75 -37.49
C LEU A 471 32.12 22.95 -38.20
N PHE A 472 32.53 24.17 -37.83
CA PHE A 472 32.08 25.38 -38.49
C PHE A 472 33.19 26.08 -39.26
N GLY A 473 34.42 25.63 -39.13
CA GLY A 473 35.55 26.33 -39.73
C GLY A 473 35.95 27.58 -38.98
N GLY A 474 36.08 27.48 -37.67
CA GLY A 474 36.49 28.61 -36.86
C GLY A 474 35.88 28.52 -35.47
N LYS A 475 35.56 29.69 -34.92
CA LYS A 475 34.95 29.83 -33.61
C LYS A 475 33.66 30.63 -33.77
N PHE A 476 32.83 30.19 -34.71
CA PHE A 476 31.82 31.01 -35.37
C PHE A 476 30.68 31.43 -34.44
N LEU A 477 30.40 30.67 -33.38
CA LEU A 477 29.25 31.00 -32.53
C LEU A 477 29.49 32.26 -31.70
N VAL A 478 30.68 32.41 -31.14
CA VAL A 478 30.99 33.68 -30.47
C VAL A 478 31.29 34.78 -31.49
N ASN A 479 31.61 34.43 -32.74
CA ASN A 479 31.74 35.46 -33.77
C ASN A 479 30.38 35.96 -34.22
N VAL A 480 29.32 35.17 -34.07
CA VAL A 480 27.98 35.62 -34.40
C VAL A 480 27.19 35.96 -33.14
N GLY A 481 27.63 35.51 -31.97
CA GLY A 481 27.08 35.97 -30.72
C GLY A 481 27.57 37.36 -30.38
N GLN A 482 28.89 37.52 -30.28
CA GLN A 482 29.50 38.81 -29.99
C GLN A 482 29.80 39.63 -31.25
N PHE A 483 29.25 39.22 -32.41
CA PHE A 483 29.16 40.03 -33.63
C PHE A 483 30.53 40.36 -34.25
N ASN A 484 31.41 39.37 -34.37
CA ASN A 484 32.47 39.48 -35.37
C ASN A 484 32.11 38.65 -36.62
N LEU A 485 30.99 39.03 -37.24
CA LEU A 485 30.55 38.40 -38.47
C LEU A 485 30.57 39.32 -39.68
N SER A 486 30.84 40.60 -39.48
CA SER A 486 31.06 41.53 -40.59
C SER A 486 32.43 41.22 -41.20
N GLY A 487 32.42 40.46 -42.30
CA GLY A 487 33.64 39.94 -42.86
C GLY A 487 33.44 38.50 -43.30
N ALA A 488 32.56 37.81 -42.59
CA ALA A 488 32.10 36.49 -43.02
C ALA A 488 30.86 36.58 -43.90
N LEU A 489 30.03 37.61 -43.72
CA LEU A 489 28.93 37.89 -44.60
C LEU A 489 29.30 39.06 -45.51
N GLY A 490 28.34 39.55 -46.28
CA GLY A 490 28.57 40.68 -47.15
C GLY A 490 27.26 41.22 -47.68
N THR A 491 27.37 42.33 -48.41
CA THR A 491 26.21 42.97 -49.02
C THR A 491 25.82 42.23 -50.30
N ARG A 492 24.83 42.77 -51.01
CA ARG A 492 24.27 42.23 -52.26
C ARG A 492 23.74 40.82 -52.09
N GLY A 493 23.24 40.50 -50.89
CA GLY A 493 22.46 39.32 -50.67
C GLY A 493 21.08 39.75 -50.23
N THR A 494 20.03 39.15 -50.79
CA THR A 494 18.66 39.67 -50.65
C THR A 494 18.10 39.40 -49.26
N PHE A 495 18.56 40.20 -48.30
CA PHE A 495 17.86 40.26 -47.02
C PHE A 495 17.68 41.72 -46.59
N ASN A 496 18.56 42.60 -47.07
CA ASN A 496 18.60 44.03 -46.73
C ASN A 496 18.77 44.22 -45.22
N PHE A 497 20.01 43.92 -44.78
CA PHE A 497 20.46 44.13 -43.41
C PHE A 497 20.18 45.54 -42.89
N SER A 498 20.28 46.55 -43.77
CA SER A 498 20.17 47.95 -43.35
C SER A 498 18.76 48.29 -42.89
N GLN A 499 17.74 47.74 -43.55
CA GLN A 499 16.36 47.94 -43.10
C GLN A 499 15.95 46.95 -42.01
N PHE A 500 16.88 46.13 -41.52
CA PHE A 500 16.64 45.26 -40.37
C PHE A 500 17.22 45.83 -39.09
N PHE A 501 18.33 46.55 -39.18
CA PHE A 501 19.02 47.09 -38.01
C PHE A 501 18.45 48.43 -37.54
N GLN A 502 17.61 49.08 -38.34
CA GLN A 502 17.12 50.40 -37.97
C GLN A 502 16.05 50.32 -36.88
N GLN A 503 15.33 49.19 -36.81
CA GLN A 503 14.34 49.00 -35.76
C GLN A 503 14.95 48.45 -34.48
N LEU A 504 16.25 48.12 -34.49
CA LEU A 504 17.00 47.77 -33.30
C LEU A 504 18.02 48.83 -32.91
N GLY A 505 18.72 49.40 -33.89
CA GLY A 505 19.67 50.46 -33.62
C GLY A 505 20.90 50.03 -32.86
N LEU A 506 21.28 48.76 -32.93
CA LEU A 506 22.41 48.25 -32.15
C LEU A 506 23.74 48.49 -32.86
N ALA A 507 23.88 47.98 -34.07
CA ALA A 507 25.12 48.12 -34.83
C ALA A 507 24.80 47.98 -36.32
N SER A 508 25.85 47.90 -37.13
CA SER A 508 25.72 47.68 -38.56
C SER A 508 26.97 46.93 -39.03
N PHE A 509 27.08 46.73 -40.34
CA PHE A 509 28.23 46.06 -40.92
C PHE A 509 29.11 46.97 -41.76
N LEU A 510 28.68 48.21 -42.00
CA LEU A 510 29.39 49.12 -42.88
C LEU A 510 29.11 50.57 -42.51
N PRO A 547 7.07 45.31 -31.05
CA PRO A 547 8.35 44.64 -30.83
C PRO A 547 9.14 44.43 -32.12
N THR A 548 9.91 43.34 -32.17
CA THR A 548 10.84 43.08 -33.26
C THR A 548 10.23 42.14 -34.30
N VAL A 549 10.65 42.34 -35.55
CA VAL A 549 10.24 41.51 -36.68
C VAL A 549 11.51 41.02 -37.37
N GLY A 550 11.65 39.69 -37.47
CA GLY A 550 12.86 39.11 -38.03
C GLY A 550 12.83 38.93 -39.54
N SER A 551 13.20 37.73 -40.00
CA SER A 551 13.16 37.42 -41.43
C SER A 551 11.74 37.28 -41.93
N PHE A 552 10.82 36.93 -41.04
CA PHE A 552 9.40 36.80 -41.34
C PHE A 552 8.67 37.38 -40.14
N GLY A 553 7.38 37.06 -39.99
CA GLY A 553 6.65 37.52 -38.82
C GLY A 553 7.06 36.80 -37.55
N PHE A 554 8.28 37.06 -37.09
CA PHE A 554 8.89 36.37 -35.97
C PHE A 554 9.18 37.38 -34.86
N GLU A 555 9.17 36.90 -33.62
CA GLU A 555 9.53 37.72 -32.47
C GLU A 555 10.98 37.40 -32.09
N ILE A 556 11.81 38.44 -32.02
CA ILE A 556 13.23 38.28 -31.75
C ILE A 556 13.53 38.98 -30.44
N ASN A 557 13.61 38.20 -29.37
CA ASN A 557 14.36 38.61 -28.18
C ASN A 557 15.80 38.26 -28.49
N LEU A 558 16.55 39.24 -29.01
CA LEU A 558 17.91 38.99 -29.44
C LEU A 558 18.83 38.70 -28.27
N GLN A 559 18.50 39.23 -27.09
CA GLN A 559 19.21 38.86 -25.86
C GLN A 559 18.97 37.39 -25.52
N GLU A 560 17.78 36.87 -25.81
CA GLU A 560 17.53 35.45 -25.61
C GLU A 560 18.27 34.60 -26.63
N ASN A 561 18.37 35.07 -27.88
CA ASN A 561 18.99 34.28 -28.93
C ASN A 561 20.50 34.24 -28.78
N GLN A 562 21.12 35.36 -28.38
CA GLN A 562 22.56 35.40 -28.20
C GLN A 562 23.01 34.54 -27.02
N ASN A 563 22.17 34.42 -25.99
CA ASN A 563 22.52 33.61 -24.83
C ASN A 563 22.44 32.12 -25.14
N ALA A 564 21.61 31.73 -26.13
CA ALA A 564 21.53 30.32 -26.50
C ALA A 564 22.77 29.87 -27.24
N LEU A 565 23.30 30.72 -28.13
CA LEU A 565 24.47 30.35 -28.92
C LEU A 565 25.75 30.42 -28.10
N LYS A 566 25.77 31.25 -27.05
CA LYS A 566 26.86 31.17 -26.09
C LYS A 566 26.81 29.86 -25.32
N PHE A 567 25.62 29.38 -25.00
CA PHE A 567 25.46 28.07 -24.39
C PHE A 567 25.76 26.94 -25.38
N LEU A 568 25.45 27.14 -26.66
CA LEU A 568 25.65 26.09 -27.65
C LEU A 568 27.14 25.87 -27.93
N ALA A 569 27.94 26.94 -27.89
CA ALA A 569 29.39 26.77 -28.04
C ALA A 569 29.99 26.09 -26.82
N SER A 570 29.47 26.37 -25.64
CA SER A 570 29.93 25.70 -24.43
C SER A 570 29.42 24.27 -24.35
N LEU A 571 28.36 23.93 -25.08
CA LEU A 571 27.88 22.55 -25.14
C LEU A 571 28.85 21.66 -25.89
N LEU A 572 29.42 22.17 -26.99
CA LEU A 572 30.33 21.38 -27.80
C LEU A 572 31.71 21.26 -27.17
N GLU A 573 32.06 22.15 -26.25
CA GLU A 573 33.36 22.11 -25.57
C GLU A 573 33.27 21.33 -24.26
N LEU A 574 32.75 20.10 -24.34
CA LEU A 574 32.56 19.25 -23.18
C LEU A 574 33.04 17.84 -23.52
N PRO A 575 33.70 17.16 -22.58
CA PRO A 575 33.97 15.73 -22.78
C PRO A 575 32.72 14.88 -22.73
N GLU A 576 31.68 15.34 -22.02
CA GLU A 576 30.47 14.57 -21.82
C GLU A 576 29.39 14.84 -22.87
N PHE A 577 29.66 15.71 -23.84
CA PHE A 577 28.80 15.76 -25.02
C PHE A 577 29.25 14.77 -26.08
N LEU A 578 30.56 14.54 -26.18
CA LEU A 578 31.08 13.51 -27.08
C LEU A 578 30.64 12.13 -26.64
N LEU A 579 30.46 11.94 -25.34
CA LEU A 579 29.96 10.68 -24.81
C LEU A 579 28.44 10.61 -24.88
N PHE A 580 27.76 11.76 -24.95
CA PHE A 580 26.35 11.77 -25.32
C PHE A 580 26.17 11.45 -26.80
N LEU A 581 27.07 11.97 -27.64
CA LEU A 581 26.95 11.77 -29.08
C LEU A 581 27.29 10.34 -29.48
N GLN A 582 28.12 9.67 -28.68
CA GLN A 582 28.46 8.28 -28.95
C GLN A 582 27.26 7.36 -28.76
N HIS A 583 26.48 7.60 -27.70
CA HIS A 583 25.29 6.79 -27.45
C HIS A 583 24.12 7.22 -28.33
N ALA A 584 24.15 8.42 -28.90
CA ALA A 584 23.12 8.83 -29.85
C ALA A 584 23.26 8.14 -31.19
N ILE A 585 24.47 7.64 -31.51
CA ILE A 585 24.66 6.85 -32.73
C ILE A 585 24.03 5.48 -32.57
N SER A 586 24.11 4.90 -31.36
CA SER A 586 23.66 3.54 -31.10
C SER A 586 22.15 3.43 -30.89
N VAL A 587 21.38 4.45 -31.27
CA VAL A 587 19.92 4.42 -31.20
C VAL A 587 19.43 3.80 -32.51
N PRO A 588 18.47 2.87 -32.47
CA PRO A 588 17.98 2.25 -33.70
C PRO A 588 17.21 3.23 -34.58
N GLU A 589 17.00 2.82 -35.83
CA GLU A 589 16.45 3.69 -36.85
C GLU A 589 14.95 3.88 -36.70
N ASP A 590 14.23 2.84 -36.28
CA ASP A 590 12.78 2.92 -36.21
C ASP A 590 12.33 3.81 -35.06
N VAL A 591 13.03 3.79 -33.94
CA VAL A 591 12.66 4.61 -32.80
C VAL A 591 13.12 6.06 -33.02
N ALA A 592 14.17 6.27 -33.81
CA ALA A 592 14.66 7.61 -34.09
C ALA A 592 15.30 7.62 -35.47
N ARG A 593 14.75 8.42 -36.38
CA ARG A 593 15.27 8.49 -37.74
C ARG A 593 16.51 9.37 -37.80
N ASP A 594 16.38 10.61 -37.36
CA ASP A 594 17.46 11.58 -37.37
C ASP A 594 17.98 11.76 -35.94
N LEU A 595 19.13 12.43 -35.80
CA LEU A 595 19.65 12.72 -34.48
C LEU A 595 18.83 13.79 -33.77
N GLY A 596 18.05 14.57 -34.50
CA GLY A 596 17.03 15.40 -33.86
C GLY A 596 15.91 14.56 -33.27
N ASP A 597 15.58 13.44 -33.90
CA ASP A 597 14.61 12.52 -33.32
C ASP A 597 15.19 11.78 -32.12
N VAL A 598 16.51 11.63 -32.07
CA VAL A 598 17.16 11.19 -30.83
C VAL A 598 16.95 12.23 -29.74
N MET A 599 17.10 13.52 -30.09
CA MET A 599 16.81 14.59 -29.15
C MET A 599 15.32 14.75 -28.89
N GLU A 600 14.46 14.22 -29.77
CA GLU A 600 13.03 14.24 -29.50
C GLU A 600 12.68 13.22 -28.42
N THR A 601 13.25 12.02 -28.52
CA THR A 601 12.90 10.95 -27.58
C THR A 601 13.54 11.17 -26.21
N VAL A 602 14.81 11.61 -26.19
CA VAL A 602 15.53 11.77 -24.93
C VAL A 602 14.94 12.92 -24.11
N LEU A 603 14.62 14.04 -24.75
CA LEU A 603 13.95 15.13 -24.05
C LEU A 603 12.53 14.78 -23.63
N SER A 604 11.91 13.77 -24.25
CA SER A 604 10.61 13.28 -23.83
C SER A 604 10.71 12.16 -22.80
N SER A 605 11.77 11.36 -22.84
CA SER A 605 11.91 10.24 -21.92
C SER A 605 12.29 10.66 -20.50
N GLN A 606 12.66 11.92 -20.28
CA GLN A 606 12.98 12.38 -18.94
C GLN A 606 11.74 12.46 -18.04
N THR A 607 10.55 12.51 -18.63
CA THR A 607 9.31 12.52 -17.86
C THR A 607 8.65 11.16 -17.77
N CYS A 608 9.10 10.19 -18.58
CA CYS A 608 8.49 8.87 -18.58
C CYS A 608 8.91 8.10 -17.33
N GLU A 609 8.04 8.09 -16.34
CA GLU A 609 8.17 7.16 -15.23
C GLU A 609 7.88 5.75 -15.72
N GLN A 610 8.45 4.77 -15.02
CA GLN A 610 8.32 3.36 -15.41
C GLN A 610 6.86 2.94 -15.34
N THR A 611 6.48 2.04 -16.26
CA THR A 611 5.07 1.69 -16.46
C THR A 611 4.49 1.02 -15.22
N PRO A 612 3.22 1.28 -14.90
CA PRO A 612 2.63 0.68 -13.69
C PRO A 612 2.38 -0.82 -13.82
N GLU A 613 1.67 -1.38 -12.84
CA GLU A 613 1.30 -2.78 -12.88
C GLU A 613 0.36 -3.02 -14.06
N ARG A 614 0.54 -4.18 -14.72
CA ARG A 614 -0.04 -4.44 -16.02
C ARG A 614 -1.57 -4.48 -16.01
N LEU A 615 -2.19 -4.77 -14.87
CA LEU A 615 -3.63 -4.86 -14.78
C LEU A 615 -4.28 -3.53 -14.41
N PHE A 616 -3.50 -2.46 -14.29
CA PHE A 616 -4.04 -1.14 -14.04
C PHE A 616 -4.67 -0.57 -15.32
N VAL A 617 -5.84 0.04 -15.16
CA VAL A 617 -6.51 0.72 -16.26
C VAL A 617 -6.92 2.12 -15.82
N PRO A 618 -6.52 3.17 -16.54
CA PRO A 618 -6.91 4.52 -16.16
C PRO A 618 -8.37 4.79 -16.47
N SER A 619 -8.85 5.91 -15.94
CA SER A 619 -10.21 6.36 -16.10
C SER A 619 -10.20 7.70 -16.83
N CYS A 620 -10.90 7.76 -17.97
CA CYS A 620 -10.99 8.98 -18.76
C CYS A 620 -12.35 9.63 -18.58
N THR A 621 -12.47 10.84 -19.10
CA THR A 621 -13.70 11.62 -19.01
C THR A 621 -14.68 11.21 -20.11
N THR A 622 -15.69 12.04 -20.33
CA THR A 622 -16.64 11.82 -21.42
C THR A 622 -15.96 11.92 -22.77
N GLU A 623 -15.35 13.07 -23.06
CA GLU A 623 -14.57 13.23 -24.28
C GLU A 623 -13.23 12.50 -24.19
N GLY A 624 -12.75 12.21 -22.99
CA GLY A 624 -11.47 11.60 -22.77
C GLY A 624 -10.46 12.66 -22.39
N SER A 625 -10.26 12.87 -21.09
CA SER A 625 -9.33 13.91 -20.65
C SER A 625 -8.54 13.50 -19.41
N TYR A 626 -8.48 12.19 -19.11
CA TYR A 626 -7.61 11.61 -18.09
C TYR A 626 -7.90 12.20 -16.70
N GLU A 627 -9.07 11.83 -16.18
CA GLU A 627 -9.72 12.52 -15.08
C GLU A 627 -8.91 12.40 -13.78
N ASP A 628 -9.41 13.10 -12.76
CA ASP A 628 -8.57 13.53 -11.64
C ASP A 628 -8.23 12.40 -10.68
N VAL A 629 -9.24 11.83 -10.03
CA VAL A 629 -9.00 10.78 -9.05
C VAL A 629 -8.74 9.48 -9.79
N GLN A 630 -7.60 8.84 -9.49
CA GLN A 630 -7.13 7.71 -10.27
C GLN A 630 -6.84 6.54 -9.35
N CYS A 631 -7.72 5.54 -9.38
CA CYS A 631 -7.76 4.47 -8.39
C CYS A 631 -7.09 3.18 -8.87
N PHE A 632 -6.65 2.40 -7.90
CA PHE A 632 -6.12 1.05 -8.08
C PHE A 632 -6.42 0.29 -6.78
N SER A 633 -5.74 -0.84 -6.56
CA SER A 633 -6.10 -1.81 -5.54
C SER A 633 -5.82 -1.30 -4.13
N GLY A 634 -6.79 -0.60 -3.56
CA GLY A 634 -6.62 0.02 -2.27
C GLY A 634 -6.26 1.49 -2.33
N GLU A 635 -5.16 1.85 -2.98
CA GLU A 635 -4.86 3.28 -3.07
C GLU A 635 -5.57 3.89 -4.26
N CYS A 636 -5.96 5.15 -4.10
CA CYS A 636 -6.25 6.04 -5.21
C CYS A 636 -5.28 7.20 -5.10
N TRP A 637 -5.16 7.97 -6.16
CA TRP A 637 -4.28 9.14 -6.13
C TRP A 637 -4.87 10.21 -7.04
N CYS A 638 -4.10 11.27 -7.27
CA CYS A 638 -4.52 12.34 -8.15
C CYS A 638 -3.41 12.61 -9.16
N VAL A 639 -3.81 13.00 -10.36
CA VAL A 639 -2.91 13.12 -11.50
C VAL A 639 -3.03 14.51 -12.10
N ASN A 640 -2.07 14.83 -12.94
CA ASN A 640 -2.15 16.02 -13.77
C ASN A 640 -2.94 15.69 -15.04
N SER A 641 -2.92 16.60 -16.00
CA SER A 641 -3.50 16.30 -17.31
C SER A 641 -2.58 15.44 -18.16
N TRP A 642 -1.31 15.32 -17.80
CA TRP A 642 -0.31 14.76 -18.72
C TRP A 642 -0.13 13.25 -18.61
N GLY A 643 -0.29 12.67 -17.42
CA GLY A 643 0.00 11.26 -17.28
C GLY A 643 0.67 10.85 -15.99
N LYS A 644 1.45 11.75 -15.40
CA LYS A 644 2.07 11.44 -14.13
C LYS A 644 1.12 11.73 -12.98
N GLU A 645 1.50 11.30 -11.78
CA GLU A 645 0.72 11.54 -10.58
C GLU A 645 1.39 12.59 -9.71
N LEU A 646 0.58 13.27 -8.91
CA LEU A 646 1.12 14.22 -7.95
C LEU A 646 1.70 13.45 -6.76
N PRO A 647 2.97 13.64 -6.43
CA PRO A 647 3.58 12.86 -5.34
C PRO A 647 3.08 13.30 -3.98
N GLY A 648 2.94 12.33 -3.09
CA GLY A 648 2.37 12.56 -1.79
C GLY A 648 0.86 12.49 -1.72
N SER A 649 0.18 12.51 -2.88
CA SER A 649 -1.28 12.44 -2.93
C SER A 649 -1.80 11.02 -2.95
N ARG A 650 -0.92 10.02 -2.91
CA ARG A 650 -1.33 8.61 -2.89
C ARG A 650 -1.86 8.29 -1.51
N VAL A 651 -3.15 8.53 -1.31
CA VAL A 651 -3.79 8.17 -0.05
C VAL A 651 -4.17 6.71 -0.13
N ARG A 652 -4.55 6.12 0.99
CA ARG A 652 -4.90 4.72 1.06
C ARG A 652 -6.37 4.58 1.42
N GLY A 653 -7.15 3.99 0.51
CA GLY A 653 -8.56 3.80 0.74
C GLY A 653 -9.39 5.03 0.44
N GLY A 654 -10.60 4.81 -0.05
CA GLY A 654 -11.47 5.94 -0.36
C GLY A 654 -11.01 6.62 -1.61
N GLN A 655 -10.85 7.94 -1.54
CA GLN A 655 -10.35 8.72 -2.67
C GLN A 655 -9.73 9.99 -2.13
N PRO A 656 -8.65 10.48 -2.73
CA PRO A 656 -8.05 11.72 -2.23
C PRO A 656 -8.79 12.93 -2.78
N ARG A 657 -8.53 14.06 -2.16
CA ARG A 657 -8.92 15.33 -2.74
C ARG A 657 -7.74 15.83 -3.57
N CYS A 658 -8.01 16.12 -4.83
CA CYS A 658 -6.99 16.74 -5.65
C CYS A 658 -6.70 18.14 -5.14
N PRO A 659 -5.43 18.57 -5.14
CA PRO A 659 -5.07 19.84 -4.51
C PRO A 659 -5.67 21.04 -5.24
N THR A 660 -6.04 22.04 -4.45
CA THR A 660 -6.70 23.23 -4.98
C THR A 660 -5.69 24.19 -5.60
N ASP A 661 -6.11 25.43 -5.80
CA ASP A 661 -5.18 26.44 -6.31
C ASP A 661 -4.14 26.84 -5.27
N CYS A 662 -4.38 26.54 -3.98
CA CYS A 662 -3.42 26.87 -2.94
C CYS A 662 -2.18 26.01 -3.01
N GLU A 663 -2.35 24.68 -2.96
CA GLU A 663 -1.23 23.77 -2.74
C GLU A 663 -0.26 23.77 -3.91
N LYS A 664 -0.78 23.77 -5.14
CA LYS A 664 0.10 23.85 -6.29
C LYS A 664 0.68 25.25 -6.52
N GLN A 665 0.22 26.25 -5.78
CA GLN A 665 0.90 27.54 -5.75
C GLN A 665 1.92 27.62 -4.63
N ARG A 666 1.61 27.08 -3.44
CA ARG A 666 2.55 27.22 -2.35
C ARG A 666 3.66 26.17 -2.38
N ALA A 667 3.39 24.95 -2.86
CA ALA A 667 4.45 23.95 -2.94
C ALA A 667 5.44 24.26 -4.04
N ARG A 668 5.03 25.04 -5.04
CA ARG A 668 6.01 25.66 -5.94
C ARG A 668 6.91 26.62 -5.17
N MET A 669 6.30 27.54 -4.43
CA MET A 669 7.04 28.58 -3.72
C MET A 669 7.55 28.12 -2.36
N GLN A 670 7.18 26.92 -1.90
CA GLN A 670 7.99 26.27 -0.87
C GLN A 670 9.23 25.65 -1.49
N SER A 671 9.11 25.09 -2.69
CA SER A 671 10.27 24.56 -3.40
C SER A 671 11.17 25.68 -3.90
N LEU A 672 10.57 26.79 -4.34
CA LEU A 672 11.36 27.96 -4.70
C LEU A 672 11.97 28.63 -3.48
N MET A 673 11.38 28.46 -2.30
CA MET A 673 12.00 28.93 -1.07
C MET A 673 13.29 28.18 -0.78
N GLY A 674 13.36 26.91 -1.15
CA GLY A 674 14.55 26.11 -1.01
C GLY A 674 15.68 26.45 -1.97
N SER A 675 15.46 27.37 -2.89
CA SER A 675 16.50 27.87 -3.79
C SER A 675 16.72 29.37 -3.59
N GLN A 676 16.65 29.82 -2.35
CA GLN A 676 16.82 31.21 -1.98
C GLN A 676 18.01 31.37 -1.04
N PRO A 677 18.56 32.58 -0.91
CA PRO A 677 19.48 32.85 0.20
C PRO A 677 18.75 32.77 1.54
N ALA A 678 19.55 32.68 2.60
CA ALA A 678 18.99 32.59 3.95
C ALA A 678 18.34 33.89 4.35
N GLY A 679 17.16 33.80 4.96
CA GLY A 679 16.37 34.96 5.30
C GLY A 679 15.59 35.57 4.16
N SER A 680 15.98 35.32 2.91
CA SER A 680 15.33 35.91 1.73
C SER A 680 14.02 35.17 1.49
N THR A 681 12.99 35.59 2.21
CA THR A 681 11.67 34.99 2.05
C THR A 681 10.99 35.51 0.80
N LEU A 682 9.94 34.80 0.40
CA LEU A 682 9.03 35.25 -0.64
C LEU A 682 7.66 34.70 -0.30
N PHE A 683 6.65 35.16 -1.04
CA PHE A 683 5.26 34.95 -0.64
C PHE A 683 4.84 33.51 -0.84
N VAL A 684 4.47 32.85 0.25
CA VAL A 684 3.90 31.50 0.23
C VAL A 684 2.45 31.61 0.67
N PRO A 685 1.49 31.28 -0.20
CA PRO A 685 0.08 31.38 0.19
C PRO A 685 -0.32 30.28 1.17
N ALA A 686 -0.43 30.64 2.45
CA ALA A 686 -0.86 29.69 3.46
C ALA A 686 -2.38 29.53 3.40
N CYS A 687 -2.84 28.30 3.60
CA CYS A 687 -4.26 28.02 3.44
C CYS A 687 -4.69 26.91 4.40
N THR A 688 -6.00 26.71 4.47
CA THR A 688 -6.62 25.81 5.42
C THR A 688 -6.39 24.35 5.03
N SER A 689 -6.88 23.45 5.90
CA SER A 689 -6.84 22.03 5.59
C SER A 689 -7.83 21.66 4.49
N GLU A 690 -8.88 22.45 4.28
CA GLU A 690 -9.82 22.19 3.20
C GLU A 690 -9.35 22.71 1.85
N GLY A 691 -8.17 23.31 1.78
CA GLY A 691 -7.64 23.82 0.53
C GLY A 691 -8.01 25.26 0.23
N HIS A 692 -9.05 25.78 0.85
CA HIS A 692 -9.41 27.18 0.67
C HIS A 692 -8.40 28.07 1.36
N PHE A 693 -8.20 29.26 0.79
CA PHE A 693 -7.22 30.22 1.28
C PHE A 693 -7.53 30.67 2.70
N LEU A 694 -6.46 30.95 3.45
CA LEU A 694 -6.62 31.73 4.66
C LEU A 694 -7.08 33.13 4.29
N PRO A 695 -8.04 33.70 5.02
CA PRO A 695 -8.69 34.94 4.57
C PRO A 695 -7.78 36.15 4.57
N VAL A 696 -6.67 36.15 5.31
CA VAL A 696 -5.72 37.26 5.34
C VAL A 696 -4.35 36.67 5.03
N GLN A 697 -3.88 36.86 3.80
CA GLN A 697 -2.51 36.53 3.45
C GLN A 697 -1.58 37.67 3.82
N CYS A 698 -0.29 37.36 3.95
CA CYS A 698 0.71 38.33 4.41
C CYS A 698 1.99 38.20 3.60
N PHE A 699 2.64 39.33 3.38
CA PHE A 699 3.94 39.40 2.72
C PHE A 699 4.57 40.75 2.96
N ASN A 700 5.89 40.74 3.22
CA ASN A 700 6.73 41.95 3.33
C ASN A 700 6.23 42.88 4.44
N SER A 701 5.84 42.27 5.57
CA SER A 701 5.23 42.93 6.73
C SER A 701 3.98 43.72 6.33
N GLU A 702 3.21 43.16 5.39
CA GLU A 702 1.93 43.72 4.97
C GLU A 702 0.94 42.57 4.85
N CYS A 703 -0.16 42.65 5.59
CA CYS A 703 -1.19 41.61 5.57
C CYS A 703 -2.44 42.16 4.91
N TYR A 704 -2.89 41.50 3.86
CA TYR A 704 -4.08 41.90 3.13
C TYR A 704 -5.09 40.77 3.09
N CYS A 705 -6.37 41.13 3.02
CA CYS A 705 -7.44 40.16 2.87
C CYS A 705 -7.59 39.73 1.41
N VAL A 706 -8.06 38.48 1.22
CA VAL A 706 -8.17 37.87 -0.10
C VAL A 706 -9.59 37.37 -0.32
N ASP A 707 -9.87 37.01 -1.56
CA ASP A 707 -11.08 36.29 -1.93
C ASP A 707 -10.81 34.78 -1.90
N ALA A 708 -11.72 34.00 -2.47
CA ALA A 708 -11.52 32.57 -2.64
C ALA A 708 -10.75 32.23 -3.92
N GLU A 709 -10.18 33.22 -4.60
CA GLU A 709 -9.50 32.98 -5.87
C GLU A 709 -8.02 33.33 -5.84
N GLY A 710 -7.64 34.48 -5.29
CA GLY A 710 -6.23 34.84 -5.25
C GLY A 710 -5.93 36.30 -5.41
N GLN A 711 -6.83 37.04 -6.04
CA GLN A 711 -6.62 38.48 -6.21
C GLN A 711 -6.90 39.21 -4.91
N ALA A 712 -6.07 40.19 -4.61
CA ALA A 712 -6.28 41.02 -3.44
C ALA A 712 -7.45 41.96 -3.67
N ILE A 713 -8.47 41.87 -2.83
CA ILE A 713 -9.55 42.85 -2.93
C ILE A 713 -9.06 44.19 -2.37
N PRO A 714 -9.29 45.31 -3.05
CA PRO A 714 -8.66 46.57 -2.66
C PRO A 714 -9.25 47.14 -1.37
N GLY A 715 -8.51 48.10 -0.82
CA GLY A 715 -8.88 48.71 0.44
C GLY A 715 -8.21 48.06 1.64
N THR A 716 -8.47 46.77 1.84
CA THR A 716 -7.90 46.01 2.96
C THR A 716 -6.45 45.67 2.67
N ARG A 717 -5.55 46.55 3.11
CA ARG A 717 -4.12 46.33 3.00
C ARG A 717 -3.45 47.16 4.09
N SER A 718 -2.95 46.49 5.13
CA SER A 718 -2.43 47.17 6.31
C SER A 718 -1.10 46.58 6.71
N ALA A 719 -0.43 47.27 7.64
CA ALA A 719 0.76 46.74 8.27
C ALA A 719 0.39 45.63 9.26
N ILE A 720 1.41 44.88 9.67
CA ILE A 720 1.19 43.77 10.58
C ILE A 720 0.90 44.28 11.99
N GLY A 721 0.25 43.43 12.78
CA GLY A 721 -0.17 43.78 14.12
C GLY A 721 -1.45 44.56 14.21
N LYS A 722 -2.13 44.82 13.09
CA LYS A 722 -3.38 45.55 13.22
C LYS A 722 -4.57 44.60 13.10
N PRO A 723 -5.57 44.76 13.97
CA PRO A 723 -6.80 43.97 13.83
C PRO A 723 -7.57 44.39 12.58
N LYS A 724 -7.70 43.46 11.64
CA LYS A 724 -8.35 43.72 10.37
C LYS A 724 -9.67 42.96 10.27
N LYS A 725 -10.71 43.65 9.82
CA LYS A 725 -11.98 43.00 9.52
C LYS A 725 -11.99 42.72 8.02
N CYS A 726 -11.26 41.68 7.64
CA CYS A 726 -11.45 41.07 6.35
C CYS A 726 -12.88 40.56 6.24
N PRO A 727 -13.55 40.76 5.10
CA PRO A 727 -14.94 40.32 4.95
C PRO A 727 -15.09 38.81 5.06
N THR A 728 -16.28 38.40 5.49
CA THR A 728 -16.62 36.99 5.66
C THR A 728 -16.63 36.28 4.30
N PRO A 729 -16.44 34.95 4.30
CA PRO A 729 -16.58 34.20 3.03
C PRO A 729 -17.96 34.29 2.38
N CYS A 730 -19.00 34.69 3.12
CA CYS A 730 -20.30 34.93 2.52
C CYS A 730 -20.30 36.18 1.65
N GLN A 731 -19.87 37.32 2.22
CA GLN A 731 -19.97 38.60 1.54
C GLN A 731 -18.98 38.72 0.38
N LEU A 732 -17.87 37.99 0.43
CA LEU A 732 -17.00 37.96 -0.75
C LEU A 732 -17.48 36.96 -1.79
N GLN A 733 -18.48 36.15 -1.47
CA GLN A 733 -19.25 35.43 -2.48
C GLN A 733 -20.47 36.25 -2.92
N SER A 734 -20.97 37.11 -2.03
CA SER A 734 -22.12 37.96 -2.36
C SER A 734 -21.76 38.97 -3.43
N GLU A 735 -20.64 39.67 -3.29
CA GLU A 735 -20.17 40.55 -4.35
C GLU A 735 -19.71 39.76 -5.56
N GLN A 736 -19.26 38.52 -5.36
CA GLN A 736 -18.84 37.68 -6.48
C GLN A 736 -20.02 37.20 -7.31
N ALA A 737 -21.22 37.17 -6.72
CA ALA A 737 -22.44 36.91 -7.45
C ALA A 737 -23.19 38.17 -7.85
N PHE A 738 -22.99 39.28 -7.12
CA PHE A 738 -23.62 40.54 -7.50
C PHE A 738 -23.04 41.09 -8.79
N LEU A 739 -21.73 40.91 -9.00
CA LEU A 739 -21.10 41.34 -10.23
C LEU A 739 -21.51 40.45 -11.41
N ARG A 740 -21.78 39.17 -11.16
CA ARG A 740 -22.19 38.25 -12.20
C ARG A 740 -23.70 38.21 -12.42
N THR A 741 -24.41 39.21 -11.91
CA THR A 741 -25.83 39.40 -12.18
C THR A 741 -26.10 40.74 -12.85
N VAL A 742 -25.43 41.80 -12.41
CA VAL A 742 -25.59 43.11 -13.03
C VAL A 742 -24.89 43.17 -14.38
N GLN A 743 -23.99 42.23 -14.69
CA GLN A 743 -23.40 42.17 -16.02
C GLN A 743 -24.38 41.64 -17.06
N ALA A 744 -25.41 40.91 -16.64
CA ALA A 744 -26.43 40.43 -17.57
C ALA A 744 -27.36 41.54 -18.02
N LEU A 745 -27.35 42.69 -17.33
CA LEU A 745 -28.06 43.87 -17.80
C LEU A 745 -27.43 44.44 -19.06
N LEU A 746 -26.14 44.19 -19.30
CA LEU A 746 -25.42 44.76 -20.42
C LEU A 746 -24.94 43.71 -21.41
N SER A 747 -25.54 42.52 -21.39
CA SER A 747 -25.20 41.45 -22.32
C SER A 747 -26.32 41.18 -23.32
N ASN A 748 -27.53 40.88 -22.83
CA ASN A 748 -28.67 40.66 -23.68
C ASN A 748 -29.68 41.79 -23.62
N SER A 749 -29.64 42.60 -22.54
CA SER A 749 -30.64 43.62 -22.20
C SER A 749 -32.06 43.03 -22.14
N SER A 750 -32.16 41.76 -21.73
CA SER A 750 -33.43 41.07 -21.51
C SER A 750 -33.22 40.26 -20.24
N MET A 751 -33.57 40.86 -19.11
CA MET A 751 -33.22 40.34 -17.79
C MET A 751 -34.36 40.73 -16.85
N LEU A 752 -34.11 40.67 -15.54
CA LEU A 752 -35.04 40.73 -14.43
C LEU A 752 -36.15 39.67 -14.63
N PRO A 753 -35.86 38.38 -14.43
CA PRO A 753 -36.96 37.40 -14.41
C PRO A 753 -37.73 37.47 -13.11
N THR A 754 -36.96 37.66 -12.02
CA THR A 754 -37.36 37.74 -10.60
C THR A 754 -38.36 36.65 -10.18
N LEU A 755 -38.30 35.48 -10.84
CA LEU A 755 -39.12 34.33 -10.49
C LEU A 755 -38.34 33.34 -9.63
N SER A 756 -37.22 32.83 -10.16
CA SER A 756 -36.32 31.96 -9.42
C SER A 756 -34.87 32.28 -9.74
N ASP A 757 -34.57 33.54 -10.06
CA ASP A 757 -33.24 33.90 -10.53
C ASP A 757 -32.66 35.05 -9.73
N THR A 758 -31.49 35.54 -10.16
CA THR A 758 -30.71 36.63 -9.53
C THR A 758 -30.41 36.31 -8.06
N TYR A 759 -29.73 35.18 -7.84
CA TYR A 759 -29.44 34.73 -6.48
C TYR A 759 -28.39 35.62 -5.84
N ILE A 760 -28.73 36.17 -4.68
CA ILE A 760 -27.81 36.95 -3.86
C ILE A 760 -27.78 36.30 -2.48
N PRO A 761 -26.62 36.04 -1.89
CA PRO A 761 -26.57 35.44 -0.56
C PRO A 761 -27.09 36.38 0.52
N GLN A 762 -27.46 35.79 1.66
CA GLN A 762 -28.03 36.51 2.79
C GLN A 762 -27.29 36.11 4.06
N CYS A 763 -26.55 37.06 4.64
CA CYS A 763 -25.81 36.81 5.87
C CYS A 763 -26.01 37.98 6.83
N SER A 764 -26.34 37.67 8.08
CA SER A 764 -27.07 38.64 8.91
C SER A 764 -26.18 39.67 9.60
N THR A 765 -25.45 39.26 10.64
CA THR A 765 -24.74 40.22 11.48
C THR A 765 -23.25 39.98 11.54
N ASP A 766 -22.81 38.78 11.94
CA ASP A 766 -21.40 38.47 12.08
C ASP A 766 -20.82 37.86 10.82
N GLY A 767 -21.56 37.90 9.72
CA GLY A 767 -21.11 37.36 8.46
C GLY A 767 -21.26 35.88 8.29
N GLN A 768 -21.77 35.16 9.29
CA GLN A 768 -22.04 33.75 9.13
C GLN A 768 -23.28 33.54 8.26
N TRP A 769 -23.39 32.34 7.72
CA TRP A 769 -24.49 32.03 6.80
C TRP A 769 -25.80 31.93 7.55
N ARG A 770 -26.76 32.78 7.18
CA ARG A 770 -28.13 32.59 7.63
C ARG A 770 -28.68 31.29 7.05
N GLN A 771 -29.57 30.64 7.82
CA GLN A 771 -30.08 29.32 7.46
C GLN A 771 -30.83 29.36 6.13
N VAL A 772 -31.94 30.11 6.08
CA VAL A 772 -32.82 30.09 4.91
C VAL A 772 -32.28 31.10 3.90
N GLN A 773 -31.33 30.64 3.09
CA GLN A 773 -30.79 31.45 2.00
C GLN A 773 -31.78 31.51 0.85
N CYS A 774 -32.09 32.71 0.40
CA CYS A 774 -33.21 32.92 -0.51
C CYS A 774 -32.73 33.67 -1.75
N ASN A 775 -33.64 33.90 -2.69
CA ASN A 775 -33.29 34.54 -3.96
C ASN A 775 -34.36 35.57 -4.31
N GLY A 776 -34.34 36.01 -5.57
CA GLY A 776 -35.21 37.06 -6.02
C GLY A 776 -34.43 38.37 -6.14
N PRO A 777 -35.06 39.48 -5.76
CA PRO A 777 -34.33 40.74 -5.72
C PRO A 777 -33.70 40.96 -4.36
N PRO A 778 -32.61 41.72 -4.29
CA PRO A 778 -32.10 42.15 -2.97
C PRO A 778 -32.99 43.21 -2.33
N GLU A 779 -32.64 43.64 -1.13
CA GLU A 779 -33.50 44.51 -0.35
C GLU A 779 -33.30 45.98 -0.67
N GLN A 780 -32.52 46.29 -1.69
CA GLN A 780 -32.50 47.61 -2.30
C GLN A 780 -33.32 47.68 -3.57
N VAL A 781 -33.57 46.53 -4.21
CA VAL A 781 -34.17 46.52 -5.54
C VAL A 781 -35.69 46.72 -5.46
N PHE A 782 -36.38 45.94 -4.63
CA PHE A 782 -37.84 46.08 -4.60
C PHE A 782 -38.30 47.33 -3.87
N GLU A 783 -37.45 47.98 -3.09
CA GLU A 783 -37.79 49.30 -2.56
C GLU A 783 -37.44 50.42 -3.53
N LEU A 784 -36.60 50.14 -4.53
CA LEU A 784 -36.37 51.07 -5.62
C LEU A 784 -37.38 50.89 -6.74
N TYR A 785 -37.82 49.64 -6.97
CA TYR A 785 -38.83 49.38 -7.99
C TYR A 785 -40.23 49.82 -7.54
N GLN A 786 -40.47 49.95 -6.23
CA GLN A 786 -41.81 50.30 -5.77
C GLN A 786 -41.95 51.78 -5.43
N ARG A 787 -41.11 52.29 -4.53
CA ARG A 787 -41.37 53.60 -3.94
C ARG A 787 -40.70 54.76 -4.70
N TRP A 788 -39.92 54.49 -5.74
CA TRP A 788 -39.39 55.55 -6.58
C TRP A 788 -39.54 55.24 -8.07
N GLU A 789 -40.32 54.22 -8.41
CA GLU A 789 -40.97 54.12 -9.70
C GLU A 789 -42.42 54.58 -9.63
N ALA A 790 -42.95 54.78 -8.42
CA ALA A 790 -44.29 55.30 -8.20
C ALA A 790 -44.34 56.81 -8.40
N GLN A 791 -45.42 57.43 -7.90
CA GLN A 791 -45.75 58.86 -8.01
C GLN A 791 -45.68 59.35 -9.46
N ASN A 792 -46.60 58.78 -10.25
CA ASN A 792 -46.89 59.12 -11.64
C ASN A 792 -45.72 58.81 -12.58
N LYS A 793 -44.86 57.87 -12.21
CA LYS A 793 -43.90 57.31 -13.14
C LYS A 793 -44.17 55.87 -13.50
N GLY A 794 -44.67 55.06 -12.57
CA GLY A 794 -45.11 53.71 -12.87
C GLY A 794 -46.49 53.38 -12.35
N GLN A 795 -46.99 54.18 -11.40
CA GLN A 795 -48.30 53.89 -10.81
C GLN A 795 -49.43 54.23 -11.77
N ASP A 796 -49.29 55.33 -12.52
CA ASP A 796 -50.33 55.71 -13.46
C ASP A 796 -50.27 54.85 -14.73
N LEU A 797 -49.14 54.89 -15.42
CA LEU A 797 -49.08 54.31 -16.76
C LEU A 797 -48.55 52.87 -16.77
N THR A 798 -47.30 52.68 -16.38
CA THR A 798 -46.57 51.44 -16.64
C THR A 798 -45.87 50.91 -15.40
N PRO A 799 -46.49 49.96 -14.67
CA PRO A 799 -45.76 49.25 -13.61
C PRO A 799 -44.61 48.43 -14.19
N ALA A 800 -44.95 47.50 -15.09
CA ALA A 800 -44.17 47.09 -16.27
C ALA A 800 -42.67 46.87 -15.99
N LYS A 801 -42.40 45.81 -15.22
CA LYS A 801 -41.03 45.51 -14.81
C LYS A 801 -40.09 45.20 -15.97
N LEU A 802 -40.63 44.77 -17.12
CA LEU A 802 -39.82 44.66 -18.32
C LEU A 802 -39.48 46.05 -18.88
N LEU A 803 -40.42 47.00 -18.79
CA LEU A 803 -40.20 48.33 -19.31
C LEU A 803 -39.39 49.20 -18.34
N VAL A 804 -39.52 48.96 -17.03
CA VAL A 804 -38.70 49.65 -16.05
C VAL A 804 -37.23 49.28 -16.21
N LYS A 805 -36.96 48.04 -16.66
CA LYS A 805 -35.62 47.64 -17.03
C LYS A 805 -35.09 48.46 -18.22
N ILE A 806 -35.95 48.75 -19.19
CA ILE A 806 -35.54 49.45 -20.40
C ILE A 806 -36.04 50.89 -20.45
N MET A 807 -36.50 51.44 -19.33
CA MET A 807 -36.57 52.89 -19.22
C MET A 807 -35.26 53.47 -18.72
N SER A 808 -34.42 52.65 -18.08
CA SER A 808 -33.02 52.97 -17.84
C SER A 808 -32.16 52.81 -19.09
N TYR A 809 -32.72 52.21 -20.15
CA TYR A 809 -32.01 52.10 -21.43
C TYR A 809 -31.76 53.48 -22.04
N ARG A 810 -32.67 54.42 -21.84
CA ARG A 810 -32.41 55.81 -22.22
C ARG A 810 -31.34 56.42 -21.33
N GLU A 811 -31.39 56.11 -20.03
CA GLU A 811 -30.39 56.60 -19.08
C GLU A 811 -29.05 55.87 -19.20
N ALA A 812 -29.00 54.75 -19.91
CA ALA A 812 -27.76 54.00 -20.05
C ALA A 812 -26.79 54.62 -21.05
N ALA A 813 -27.27 55.47 -21.95
CA ALA A 813 -26.41 56.04 -22.99
C ALA A 813 -25.81 57.38 -22.56
N SER A 814 -26.66 58.34 -22.25
CA SER A 814 -26.25 59.70 -21.86
C SER A 814 -27.04 60.16 -20.65
N GLY A 815 -27.05 59.34 -19.60
CA GLY A 815 -27.89 59.63 -18.47
C GLY A 815 -27.25 60.53 -17.43
N ASN A 816 -27.60 61.82 -17.50
CA ASN A 816 -27.24 62.79 -16.48
C ASN A 816 -28.26 63.92 -16.60
N PHE A 817 -29.32 63.85 -15.80
CA PHE A 817 -30.45 64.75 -15.89
C PHE A 817 -30.38 65.73 -14.73
N SER A 818 -30.28 67.02 -15.04
CA SER A 818 -30.03 68.05 -14.03
C SER A 818 -31.36 68.51 -13.42
N LEU A 819 -31.92 67.62 -12.59
CA LEU A 819 -33.14 67.91 -11.86
C LEU A 819 -32.83 68.13 -10.38
N PHE A 820 -33.77 68.76 -9.68
CA PHE A 820 -33.54 69.21 -8.32
C PHE A 820 -34.22 68.33 -7.26
N ILE A 821 -35.00 67.33 -7.67
CA ILE A 821 -35.65 66.41 -6.73
C ILE A 821 -35.24 64.98 -7.07
N GLN A 822 -34.66 64.30 -6.11
CA GLN A 822 -34.12 62.94 -6.31
C GLN A 822 -34.44 62.13 -5.06
N SER A 823 -33.76 60.98 -4.91
CA SER A 823 -33.98 60.11 -3.77
C SER A 823 -33.44 60.70 -2.47
N LEU A 824 -32.46 61.59 -2.54
CA LEU A 824 -31.96 62.27 -1.37
C LEU A 824 -32.98 63.28 -0.87
N TYR A 825 -32.87 63.65 0.42
CA TYR A 825 -33.78 64.61 1.05
C TYR A 825 -33.54 65.98 0.44
N GLU A 826 -34.45 66.37 -0.47
CA GLU A 826 -34.47 67.58 -1.30
C GLU A 826 -33.37 67.63 -2.35
N ALA A 827 -32.46 66.64 -2.38
CA ALA A 827 -31.46 66.35 -3.41
C ALA A 827 -30.35 67.39 -3.53
N GLY A 828 -30.44 68.50 -2.81
CA GLY A 828 -29.39 69.50 -2.82
C GLY A 828 -29.30 70.29 -4.13
N GLN A 829 -28.83 69.62 -5.17
CA GLN A 829 -28.64 70.23 -6.48
C GLN A 829 -28.92 69.23 -7.59
N ALA A 848 -18.74 65.92 -7.99
CA ALA A 848 -18.91 67.26 -7.47
C ALA A 848 -19.26 67.22 -5.97
N ALA A 849 -19.91 66.15 -5.55
CA ALA A 849 -20.31 65.99 -4.16
C ALA A 849 -20.46 64.50 -3.87
N LEU A 850 -20.52 64.18 -2.57
CA LEU A 850 -20.71 62.83 -2.03
C LEU A 850 -19.63 61.86 -2.52
N GLU A 851 -18.38 62.22 -2.26
CA GLU A 851 -17.25 61.39 -2.68
C GLU A 851 -17.01 60.20 -1.75
N GLY A 852 -17.58 60.23 -0.54
CA GLY A 852 -17.41 59.13 0.41
C GLY A 852 -18.72 58.80 1.12
N LYS A 853 -19.85 59.01 0.45
CA LYS A 853 -21.16 58.73 1.04
C LYS A 853 -21.59 57.28 0.91
N ARG A 854 -20.77 56.43 0.28
CA ARG A 854 -21.13 55.04 0.04
C ARG A 854 -20.78 54.12 1.22
N PRO A 855 -20.59 54.66 2.41
CA PRO A 855 -20.34 53.85 3.60
C PRO A 855 -21.39 54.07 4.68
N GLN A 856 -21.71 55.31 5.01
CA GLN A 856 -22.70 55.59 6.05
C GLN A 856 -24.12 55.58 5.49
N PRO A 857 -24.32 56.23 4.33
CA PRO A 857 -25.63 56.22 3.70
C PRO A 857 -25.95 54.87 3.05
N ARG A 858 -24.92 54.10 2.70
CA ARG A 858 -25.15 52.76 2.16
C ARG A 858 -25.58 51.77 3.23
N GLU A 859 -25.40 52.12 4.51
CA GLU A 859 -25.99 51.37 5.61
C GLU A 859 -27.48 51.66 5.78
N ASN A 860 -28.04 52.59 5.02
CA ASN A 860 -29.46 52.92 5.08
C ASN A 860 -30.19 52.56 3.79
N ILE A 861 -29.74 53.08 2.64
CA ILE A 861 -30.48 52.89 1.40
C ILE A 861 -29.70 52.08 0.36
N LEU A 862 -28.52 52.53 -0.05
CA LEU A 862 -27.82 51.91 -1.17
C LEU A 862 -26.32 52.22 -1.13
N ILE A 871 -26.00 60.18 -4.50
CA ILE A 871 -26.40 58.91 -5.10
C ILE A 871 -25.47 58.66 -6.30
N LEU A 872 -24.17 58.66 -6.01
CA LEU A 872 -23.15 58.53 -7.05
C LEU A 872 -23.06 57.10 -7.59
N ASN A 873 -23.49 56.11 -6.82
CA ASN A 873 -23.44 54.72 -7.25
C ASN A 873 -24.52 54.35 -8.27
N GLY A 874 -25.47 55.25 -8.54
CA GLY A 874 -26.51 54.97 -9.52
C GLY A 874 -25.97 54.83 -10.93
N GLN A 875 -24.92 55.58 -11.25
CA GLN A 875 -24.21 55.33 -12.50
C GLN A 875 -23.19 54.20 -12.36
N LEU A 876 -22.68 53.98 -11.14
CA LEU A 876 -21.69 52.93 -10.93
C LEU A 876 -22.30 51.54 -11.00
N SER A 877 -23.61 51.41 -10.75
CA SER A 877 -24.28 50.14 -10.99
C SER A 877 -24.55 49.91 -12.47
N GLN A 878 -24.50 50.96 -13.29
CA GLN A 878 -24.64 50.85 -14.73
C GLN A 878 -23.28 50.84 -15.43
N TYR A 879 -22.33 51.63 -14.96
CA TYR A 879 -20.96 51.59 -15.44
C TYR A 879 -20.29 50.34 -14.86
N PRO A 880 -19.13 49.92 -15.40
CA PRO A 880 -18.37 48.86 -14.72
C PRO A 880 -17.78 49.33 -13.40
N GLY A 881 -18.38 48.90 -12.29
CA GLY A 881 -17.90 49.24 -10.97
C GLY A 881 -17.15 48.10 -10.32
N SER A 882 -16.83 48.29 -9.04
CA SER A 882 -16.01 47.32 -8.32
C SER A 882 -16.75 46.68 -7.15
N TYR A 883 -17.25 47.45 -6.19
CA TYR A 883 -17.78 46.86 -4.97
C TYR A 883 -18.96 47.66 -4.44
N SER A 884 -19.94 46.94 -3.89
CA SER A 884 -21.01 47.51 -3.10
C SER A 884 -20.56 47.58 -1.64
N ASP A 885 -21.50 47.83 -0.73
CA ASP A 885 -21.19 47.91 0.69
C ASP A 885 -21.56 46.60 1.37
N PHE A 886 -20.80 46.24 2.40
CA PHE A 886 -20.93 44.94 3.06
C PHE A 886 -22.01 45.01 4.12
N SER A 887 -23.26 44.80 3.71
CA SER A 887 -24.40 44.81 4.62
C SER A 887 -25.55 44.05 3.97
N THR A 888 -26.18 43.15 4.74
CA THR A 888 -27.31 42.37 4.25
C THR A 888 -28.35 42.24 5.36
N PRO A 889 -29.34 43.14 5.38
CA PRO A 889 -30.40 43.08 6.41
C PRO A 889 -31.51 42.11 6.03
N LEU A 890 -32.61 42.12 6.79
CA LEU A 890 -33.75 41.25 6.56
C LEU A 890 -34.94 42.02 5.96
N ALA A 891 -35.56 41.43 4.95
CA ALA A 891 -36.83 41.82 4.31
C ALA A 891 -37.22 40.70 3.34
N HIS A 892 -38.53 40.51 3.16
CA HIS A 892 -39.01 39.38 2.37
C HIS A 892 -40.31 39.73 1.64
N PHE A 893 -40.59 38.95 0.59
CA PHE A 893 -41.86 38.89 -0.10
C PHE A 893 -42.44 37.48 0.02
N ASP A 894 -43.72 37.36 -0.30
CA ASP A 894 -44.32 36.05 -0.57
C ASP A 894 -44.34 35.77 -2.07
N LEU A 895 -43.19 35.98 -2.73
CA LEU A 895 -43.05 35.61 -4.13
C LEU A 895 -41.64 35.09 -4.42
N ARG A 896 -40.84 34.83 -3.40
CA ARG A 896 -39.45 34.41 -3.54
C ARG A 896 -39.28 32.99 -3.01
N ASN A 897 -38.30 32.27 -3.58
CA ASN A 897 -38.09 30.86 -3.28
C ASN A 897 -36.91 30.74 -2.31
N CYS A 898 -37.21 30.43 -1.06
CA CYS A 898 -36.22 30.42 0.00
C CYS A 898 -35.96 28.97 0.39
N TRP A 899 -34.83 28.41 -0.06
CA TRP A 899 -34.38 27.12 0.43
C TRP A 899 -33.47 27.35 1.62
N CYS A 900 -32.79 26.31 2.11
CA CYS A 900 -31.86 26.51 3.21
C CYS A 900 -30.68 25.55 3.09
N VAL A 901 -29.51 26.03 3.49
CA VAL A 901 -28.25 25.33 3.31
C VAL A 901 -27.61 25.07 4.67
N ASP A 902 -26.48 24.36 4.67
CA ASP A 902 -25.64 24.21 5.85
C ASP A 902 -24.62 25.34 5.88
N GLU A 903 -23.57 25.20 6.68
CA GLU A 903 -22.45 26.12 6.57
C GLU A 903 -21.74 25.94 5.23
N ALA A 904 -21.12 27.03 4.77
CA ALA A 904 -20.43 27.17 3.47
C ALA A 904 -21.36 26.93 2.27
N GLY A 905 -22.67 27.08 2.46
CA GLY A 905 -23.63 27.16 1.37
C GLY A 905 -23.82 25.95 0.48
N GLN A 906 -24.14 24.80 1.06
CA GLN A 906 -24.46 23.61 0.28
C GLN A 906 -25.89 23.18 0.57
N GLU A 907 -26.68 23.01 -0.48
CA GLU A 907 -28.11 22.81 -0.34
C GLU A 907 -28.42 21.40 0.15
N LEU A 908 -29.28 21.30 1.17
CA LEU A 908 -29.83 20.01 1.56
C LEU A 908 -30.86 19.58 0.52
N GLU A 909 -30.41 18.81 -0.47
CA GLU A 909 -31.25 18.49 -1.62
C GLU A 909 -32.33 17.50 -1.24
N GLY A 910 -33.52 17.68 -1.82
CA GLY A 910 -34.67 16.86 -1.50
C GLY A 910 -35.94 17.69 -1.49
N MET A 911 -35.80 18.98 -1.74
CA MET A 911 -36.92 19.91 -1.69
C MET A 911 -36.61 21.13 -2.53
N ARG A 912 -37.65 21.94 -2.76
CA ARG A 912 -37.51 23.29 -3.27
C ARG A 912 -38.76 24.06 -2.84
N SER A 913 -38.57 25.22 -2.23
CA SER A 913 -39.69 25.93 -1.63
C SER A 913 -40.54 26.61 -2.70
N GLU A 914 -41.81 26.75 -2.39
CA GLU A 914 -42.76 27.53 -3.17
C GLU A 914 -42.68 28.99 -2.77
N PRO A 915 -43.32 29.91 -3.53
CA PRO A 915 -43.41 31.30 -3.04
C PRO A 915 -44.22 31.50 -1.77
N SER A 916 -45.03 30.53 -1.36
CA SER A 916 -45.92 30.72 -0.21
C SER A 916 -45.74 29.60 0.81
N LYS A 917 -44.52 29.12 1.01
CA LYS A 917 -44.27 28.08 2.00
C LYS A 917 -43.14 28.48 2.94
N LEU A 918 -43.04 27.73 4.03
CA LEU A 918 -41.98 27.92 5.03
C LEU A 918 -41.12 26.66 5.05
N PRO A 919 -39.85 26.75 4.66
CA PRO A 919 -39.02 25.55 4.55
C PRO A 919 -38.60 25.01 5.92
N THR A 920 -38.88 23.73 6.15
CA THR A 920 -38.35 23.08 7.33
C THR A 920 -36.85 22.85 7.18
N CYS A 921 -36.10 23.16 8.22
CA CYS A 921 -34.65 23.06 8.15
C CYS A 921 -34.15 22.41 9.42
N PRO A 922 -33.55 21.23 9.34
CA PRO A 922 -33.05 20.56 10.56
C PRO A 922 -31.81 21.26 11.08
N GLY A 923 -31.44 20.91 12.31
CA GLY A 923 -30.19 21.41 12.84
C GLY A 923 -29.44 20.49 13.77
N SER A 924 -28.22 20.15 13.39
CA SER A 924 -27.11 19.69 14.23
C SER A 924 -27.26 18.30 14.84
N CYS A 925 -28.45 17.70 14.77
CA CYS A 925 -28.62 16.36 15.30
C CYS A 925 -29.43 15.52 14.34
N GLU A 926 -30.31 16.16 13.59
CA GLU A 926 -31.19 15.42 12.69
C GLU A 926 -30.48 15.08 11.39
N GLU A 927 -29.52 15.91 10.96
CA GLU A 927 -28.66 15.57 9.83
C GLU A 927 -27.86 14.31 10.13
N ALA A 928 -27.31 14.22 11.34
CA ALA A 928 -26.65 13.02 11.80
C ALA A 928 -27.61 11.86 12.05
N LYS A 929 -28.91 12.13 12.07
CA LYS A 929 -29.92 11.09 12.01
C LYS A 929 -30.44 10.85 10.60
N LEU A 930 -30.41 11.89 9.75
CA LEU A 930 -30.85 11.73 8.37
C LEU A 930 -29.86 10.93 7.55
N ARG A 931 -28.56 11.17 7.74
CA ARG A 931 -27.53 10.44 7.01
C ARG A 931 -27.50 8.97 7.41
N VAL A 932 -27.77 8.68 8.69
CA VAL A 932 -27.89 7.29 9.12
C VAL A 932 -29.14 6.66 8.53
N LEU A 933 -30.24 7.43 8.45
CA LEU A 933 -31.42 6.96 7.73
C LEU A 933 -31.12 6.79 6.25
N GLN A 934 -30.30 7.66 5.68
CA GLN A 934 -29.90 7.50 4.29
C GLN A 934 -28.89 6.38 4.13
N PHE A 935 -28.12 6.08 5.17
CA PHE A 935 -27.19 4.95 5.11
C PHE A 935 -27.94 3.63 5.16
N ILE A 936 -28.96 3.53 6.01
CA ILE A 936 -29.80 2.33 6.05
C ILE A 936 -30.64 2.24 4.78
N ARG A 937 -30.95 3.39 4.17
CA ARG A 937 -31.71 3.40 2.92
C ARG A 937 -30.95 2.75 1.78
N GLU A 938 -29.71 3.19 1.55
CA GLU A 938 -28.92 2.57 0.49
C GLU A 938 -28.30 1.25 0.92
N THR A 939 -28.31 0.93 2.22
CA THR A 939 -28.10 -0.45 2.63
C THR A 939 -29.23 -1.32 2.10
N GLU A 940 -30.47 -0.83 2.22
CA GLU A 940 -31.62 -1.55 1.69
C GLU A 940 -31.73 -1.47 0.17
N GLU A 941 -30.96 -0.58 -0.47
CA GLU A 941 -30.97 -0.54 -1.93
C GLU A 941 -30.17 -1.69 -2.53
N ILE A 942 -28.93 -1.89 -2.06
CA ILE A 942 -28.08 -2.92 -2.63
C ILE A 942 -28.39 -4.30 -2.07
N VAL A 943 -29.35 -4.43 -1.15
CA VAL A 943 -29.91 -5.73 -0.85
C VAL A 943 -31.09 -6.04 -1.76
N SER A 944 -31.69 -5.01 -2.36
CA SER A 944 -32.78 -5.22 -3.30
C SER A 944 -32.25 -5.62 -4.67
N ALA A 945 -31.23 -4.91 -5.15
CA ALA A 945 -30.54 -5.31 -6.39
C ALA A 945 -29.81 -6.64 -6.24
N SER A 946 -29.45 -7.01 -5.01
CA SER A 946 -28.92 -8.36 -4.79
C SER A 946 -30.03 -9.39 -4.92
N ASN A 947 -31.22 -9.09 -4.42
CA ASN A 947 -32.36 -9.98 -4.61
C ASN A 947 -32.82 -9.96 -6.06
N SER A 948 -32.72 -8.81 -6.74
CA SER A 948 -33.26 -8.69 -8.09
C SER A 948 -32.37 -9.33 -9.15
N SER A 949 -31.10 -9.60 -8.82
CA SER A 949 -30.11 -10.22 -9.70
C SER A 949 -29.94 -9.43 -10.99
N ARG A 950 -29.50 -8.19 -10.83
CA ARG A 950 -29.31 -7.27 -11.95
C ARG A 950 -27.84 -6.95 -12.21
N PHE A 951 -26.95 -7.31 -11.28
CA PHE A 951 -25.54 -7.01 -11.38
C PHE A 951 -24.73 -8.25 -11.04
N PRO A 952 -23.54 -8.40 -11.63
CA PRO A 952 -22.71 -9.56 -11.32
C PRO A 952 -22.14 -9.51 -9.91
N LEU A 953 -21.71 -10.67 -9.44
CA LEU A 953 -21.09 -10.76 -8.12
C LEU A 953 -19.67 -10.22 -8.13
N GLY A 954 -19.01 -10.25 -9.28
CA GLY A 954 -17.69 -9.66 -9.42
C GLY A 954 -17.69 -8.19 -9.71
N GLU A 955 -18.85 -7.53 -9.67
CA GLU A 955 -18.92 -6.11 -9.96
C GLU A 955 -18.28 -5.27 -8.86
N SER A 956 -18.58 -5.59 -7.61
CA SER A 956 -18.00 -4.85 -6.50
C SER A 956 -16.53 -5.17 -6.28
N PHE A 957 -16.04 -6.28 -6.83
CA PHE A 957 -14.63 -6.60 -6.72
C PHE A 957 -13.79 -5.68 -7.59
N LEU A 958 -14.30 -5.32 -8.76
CA LEU A 958 -13.54 -4.46 -9.67
C LEU A 958 -13.53 -3.02 -9.18
N VAL A 959 -14.64 -2.54 -8.61
CA VAL A 959 -14.68 -1.20 -8.03
C VAL A 959 -13.78 -1.11 -6.81
N ALA A 960 -13.64 -2.22 -6.06
CA ALA A 960 -12.69 -2.28 -4.96
C ALA A 960 -11.26 -2.19 -5.46
N LYS A 961 -10.94 -2.91 -6.52
CA LYS A 961 -9.60 -2.92 -7.09
C LYS A 961 -9.30 -1.70 -7.96
N GLY A 962 -10.25 -0.77 -8.10
CA GLY A 962 -9.99 0.44 -8.85
C GLY A 962 -10.04 0.28 -10.34
N ILE A 963 -10.93 -0.59 -10.84
CA ILE A 963 -11.13 -0.78 -12.26
C ILE A 963 -12.55 -0.36 -12.59
N ARG A 964 -12.69 0.60 -13.51
CA ARG A 964 -13.96 1.24 -13.81
C ARG A 964 -14.35 0.90 -15.24
N LEU A 965 -15.42 0.14 -15.40
CA LEU A 965 -15.92 -0.23 -16.73
C LEU A 965 -17.10 0.68 -17.05
N ARG A 966 -16.94 1.54 -18.05
CA ARG A 966 -18.06 2.30 -18.56
C ARG A 966 -18.99 1.40 -19.37
N ASN A 967 -20.23 1.85 -19.51
CA ASN A 967 -21.22 1.06 -20.24
C ASN A 967 -21.00 1.06 -21.74
N GLU A 968 -20.18 1.99 -22.25
CA GLU A 968 -19.78 1.94 -23.65
C GLU A 968 -18.94 0.71 -23.96
N ASP A 969 -18.20 0.21 -22.98
CA ASP A 969 -17.31 -0.92 -23.20
C ASP A 969 -18.09 -2.22 -23.39
N LEU A 970 -19.15 -2.42 -22.62
CA LEU A 970 -19.79 -3.72 -22.54
C LEU A 970 -20.98 -3.85 -23.49
N GLY A 971 -21.08 -3.00 -24.51
CA GLY A 971 -22.09 -3.13 -25.54
C GLY A 971 -23.47 -2.59 -25.20
N LEU A 972 -23.82 -2.60 -23.93
CA LEU A 972 -25.14 -2.21 -23.48
C LEU A 972 -25.30 -0.68 -23.58
N PRO A 973 -26.55 -0.19 -23.61
CA PRO A 973 -26.76 1.27 -23.68
C PRO A 973 -26.24 1.96 -22.45
N PRO A 974 -25.85 3.25 -22.55
CA PRO A 974 -25.06 3.89 -21.49
C PRO A 974 -25.78 4.11 -20.18
N LEU A 975 -27.10 4.25 -20.19
CA LEU A 975 -27.85 4.49 -18.96
C LEU A 975 -28.96 3.47 -18.75
N PHE A 976 -28.91 2.34 -19.46
CA PHE A 976 -30.02 1.39 -19.43
C PHE A 976 -30.09 0.64 -18.10
N PRO A 977 -28.98 0.27 -17.46
CA PRO A 977 -29.02 0.11 -16.00
C PRO A 977 -28.49 1.36 -15.32
N PRO A 978 -28.80 1.56 -14.05
CA PRO A 978 -28.06 2.57 -13.25
C PRO A 978 -26.73 2.01 -12.78
N ARG A 979 -25.79 1.88 -13.73
CA ARG A 979 -24.52 1.21 -13.46
C ARG A 979 -23.62 2.04 -12.56
N GLU A 980 -23.53 3.34 -12.84
CA GLU A 980 -22.62 4.23 -12.13
C GLU A 980 -23.14 4.64 -10.76
N ALA A 981 -24.28 4.08 -10.31
CA ALA A 981 -24.69 4.27 -8.93
C ALA A 981 -23.70 3.63 -7.97
N PHE A 982 -23.34 2.36 -8.22
CA PHE A 982 -22.51 1.59 -7.29
C PHE A 982 -21.10 2.16 -7.17
N ALA A 983 -20.49 2.46 -8.32
CA ALA A 983 -19.12 2.97 -8.33
C ALA A 983 -19.00 4.34 -7.68
N GLU A 984 -20.09 5.10 -7.62
CA GLU A 984 -20.13 6.27 -6.75
C GLU A 984 -20.16 5.86 -5.29
N GLN A 985 -21.16 5.08 -4.89
CA GLN A 985 -21.40 4.77 -3.49
C GLN A 985 -20.60 3.59 -2.97
N PHE A 986 -19.62 3.11 -3.74
CA PHE A 986 -18.56 2.27 -3.20
C PHE A 986 -17.22 2.98 -3.17
N LEU A 987 -17.16 4.20 -3.68
CA LEU A 987 -15.95 5.03 -3.62
C LEU A 987 -16.19 6.32 -2.86
N ARG A 988 -17.23 6.36 -2.01
CA ARG A 988 -17.48 7.56 -1.21
C ARG A 988 -16.43 7.70 -0.12
N GLY A 989 -15.92 6.60 0.41
CA GLY A 989 -14.85 6.64 1.39
C GLY A 989 -14.35 5.24 1.65
N SER A 990 -13.26 5.17 2.43
CA SER A 990 -12.72 3.87 2.80
C SER A 990 -13.54 3.22 3.90
N ASP A 991 -13.72 3.94 5.01
CA ASP A 991 -14.48 3.41 6.13
C ASP A 991 -15.97 3.38 5.86
N TYR A 992 -16.45 4.15 4.88
CA TYR A 992 -17.87 4.18 4.59
C TYR A 992 -18.33 2.92 3.87
N ALA A 993 -17.74 2.65 2.71
CA ALA A 993 -18.18 1.54 1.87
C ALA A 993 -17.79 0.19 2.44
N ILE A 994 -16.76 0.14 3.30
CA ILE A 994 -16.38 -1.14 3.90
C ILE A 994 -17.38 -1.57 4.96
N ARG A 995 -18.16 -0.62 5.51
CA ARG A 995 -19.27 -0.94 6.40
C ARG A 995 -20.54 -1.20 5.63
N LEU A 996 -20.75 -0.45 4.55
CA LEU A 996 -21.98 -0.53 3.76
C LEU A 996 -22.10 -1.87 3.05
N ALA A 997 -20.97 -2.48 2.66
CA ALA A 997 -21.00 -3.86 2.20
C ALA A 997 -21.22 -4.81 3.37
N ALA A 998 -20.52 -4.57 4.48
CA ALA A 998 -20.59 -5.48 5.62
C ALA A 998 -21.94 -5.42 6.32
N GLN A 999 -22.63 -4.29 6.24
CA GLN A 999 -23.98 -4.22 6.77
C GLN A 999 -24.98 -4.92 5.84
N SER A 1000 -24.72 -4.87 4.53
CA SER A 1000 -25.66 -5.43 3.56
C SER A 1000 -25.59 -6.95 3.51
N THR A 1001 -24.38 -7.52 3.54
CA THR A 1001 -24.24 -8.97 3.56
C THR A 1001 -24.78 -9.57 4.85
N LEU A 1002 -24.71 -8.82 5.95
CA LEU A 1002 -25.43 -9.20 7.16
C LEU A 1002 -26.94 -9.15 6.93
N SER A 1003 -27.42 -8.05 6.33
CA SER A 1003 -28.85 -7.85 6.16
C SER A 1003 -29.44 -8.67 5.02
N PHE A 1004 -28.62 -9.31 4.18
CA PHE A 1004 -29.17 -10.18 3.14
C PHE A 1004 -29.51 -11.55 3.69
N TYR A 1005 -28.55 -12.17 4.38
CA TYR A 1005 -28.75 -13.52 4.91
C TYR A 1005 -29.74 -13.53 6.06
N GLN A 1006 -29.68 -12.51 6.93
CA GLN A 1006 -30.55 -12.48 8.10
C GLN A 1006 -32.00 -12.22 7.71
N ARG A 1007 -32.23 -11.43 6.66
CA ARG A 1007 -33.58 -11.28 6.14
C ARG A 1007 -34.03 -12.55 5.40
N ARG A 1008 -33.08 -13.30 4.84
CA ARG A 1008 -33.41 -14.54 4.17
C ARG A 1008 -33.70 -15.67 5.16
N ARG A 1009 -33.25 -15.54 6.41
CA ARG A 1009 -33.55 -16.53 7.44
C ARG A 1009 -34.70 -16.06 8.32
N LEU A 1021 -33.64 -14.30 15.33
CA LEU A 1021 -32.24 -14.13 15.72
C LEU A 1021 -32.03 -12.83 16.50
N LEU A 1022 -30.90 -12.18 16.28
CA LEU A 1022 -30.55 -10.98 17.02
C LEU A 1022 -31.35 -9.79 16.54
N ARG A 1023 -31.86 -9.00 17.49
CA ARG A 1023 -32.53 -7.74 17.19
C ARG A 1023 -31.53 -6.60 17.39
N SER A 1024 -30.61 -6.51 16.43
CA SER A 1024 -29.55 -5.51 16.47
C SER A 1024 -29.37 -4.91 15.08
N GLY A 1025 -29.25 -3.59 15.05
CA GLY A 1025 -28.97 -2.88 13.82
C GLY A 1025 -27.87 -1.86 14.04
N PRO A 1026 -27.76 -0.90 13.13
CA PRO A 1026 -26.81 0.21 13.35
C PRO A 1026 -27.31 1.17 14.42
N TYR A 1027 -26.53 2.21 14.68
CA TYR A 1027 -26.88 3.20 15.70
C TYR A 1027 -27.51 4.41 15.04
N MET A 1028 -28.77 4.68 15.39
CA MET A 1028 -29.40 5.94 15.03
C MET A 1028 -29.28 6.90 16.20
N PRO A 1029 -28.65 8.06 16.02
CA PRO A 1029 -28.52 9.00 17.14
C PRO A 1029 -29.85 9.64 17.50
N GLN A 1030 -30.39 9.26 18.65
CA GLN A 1030 -31.62 9.86 19.14
C GLN A 1030 -31.40 11.32 19.50
N CYS A 1031 -32.39 12.14 19.16
CA CYS A 1031 -32.37 13.57 19.41
C CYS A 1031 -33.50 13.90 20.39
N ASP A 1032 -33.63 15.18 20.70
CA ASP A 1032 -34.79 15.64 21.46
C ASP A 1032 -35.94 15.96 20.51
N ALA A 1033 -37.01 16.57 21.02
CA ALA A 1033 -38.08 17.04 20.17
C ALA A 1033 -37.83 18.44 19.65
N PHE A 1034 -36.91 19.19 20.25
CA PHE A 1034 -36.53 20.50 19.73
C PHE A 1034 -35.75 20.36 18.43
N GLY A 1035 -34.76 19.48 18.41
CA GLY A 1035 -33.93 19.29 17.24
C GLY A 1035 -32.46 19.13 17.60
N SER A 1036 -32.11 19.45 18.84
CA SER A 1036 -30.73 19.39 19.31
C SER A 1036 -30.37 17.97 19.72
N TRP A 1037 -29.23 17.82 20.39
CA TRP A 1037 -28.77 16.51 20.85
C TRP A 1037 -29.26 16.22 22.26
N GLU A 1038 -29.77 15.02 22.47
CA GLU A 1038 -29.98 14.54 23.83
C GLU A 1038 -28.62 14.34 24.50
N PRO A 1039 -28.42 14.84 25.72
CA PRO A 1039 -27.08 14.80 26.32
C PRO A 1039 -26.58 13.41 26.65
N VAL A 1040 -27.46 12.42 26.81
CA VAL A 1040 -27.06 11.03 26.97
C VAL A 1040 -27.31 10.30 25.66
N GLN A 1041 -26.40 9.39 25.30
CA GLN A 1041 -26.50 8.65 24.04
C GLN A 1041 -26.20 7.19 24.32
N CYS A 1042 -27.23 6.34 24.25
CA CYS A 1042 -27.09 4.92 24.51
C CYS A 1042 -27.13 4.14 23.20
N HIS A 1043 -26.21 3.19 23.05
CA HIS A 1043 -26.17 2.28 21.91
C HIS A 1043 -26.59 0.89 22.38
N ALA A 1044 -27.81 0.51 22.04
CA ALA A 1044 -28.20 -0.88 22.18
C ALA A 1044 -27.42 -1.72 21.18
N GLY A 1045 -27.10 -2.95 21.59
CA GLY A 1045 -26.25 -3.78 20.78
C GLY A 1045 -24.90 -4.03 21.44
N THR A 1046 -24.35 -3.01 22.10
CA THR A 1046 -23.11 -3.14 22.85
C THR A 1046 -23.33 -2.95 24.34
N GLY A 1047 -24.02 -1.88 24.73
CA GLY A 1047 -24.13 -1.48 26.12
C GLY A 1047 -23.47 -0.15 26.42
N HIS A 1048 -22.94 0.53 25.43
CA HIS A 1048 -22.26 1.81 25.65
C HIS A 1048 -23.30 2.92 25.72
N CYS A 1049 -23.44 3.52 26.89
CA CYS A 1049 -24.21 4.75 27.07
C CYS A 1049 -23.20 5.86 27.34
N TRP A 1050 -22.89 6.63 26.31
CA TRP A 1050 -21.96 7.73 26.45
C TRP A 1050 -22.73 9.04 26.37
N CYS A 1051 -22.00 10.15 26.36
CA CYS A 1051 -22.61 11.47 26.35
C CYS A 1051 -22.03 12.33 25.24
N VAL A 1052 -22.90 13.15 24.64
CA VAL A 1052 -22.58 13.96 23.47
C VAL A 1052 -23.11 15.37 23.69
N ASP A 1053 -22.25 16.36 23.47
CA ASP A 1053 -22.61 17.76 23.59
C ASP A 1053 -22.36 18.51 22.29
N GLU A 1054 -23.12 19.61 22.11
CA GLU A 1054 -22.73 20.75 21.26
C GLU A 1054 -22.51 20.35 19.79
N LYS A 1055 -23.65 20.07 19.13
CA LYS A 1055 -23.75 19.71 17.70
C LYS A 1055 -22.89 18.51 17.33
N GLY A 1056 -22.87 17.53 18.22
CA GLY A 1056 -22.16 16.29 18.00
C GLY A 1056 -20.76 16.33 18.58
N GLY A 1057 -20.21 15.14 18.80
CA GLY A 1057 -18.88 15.02 19.36
C GLY A 1057 -18.87 14.44 20.75
N PHE A 1058 -18.31 13.24 20.87
CA PHE A 1058 -18.11 12.57 22.16
C PHE A 1058 -17.21 13.38 23.09
N ILE A 1059 -17.77 13.89 24.18
CA ILE A 1059 -16.94 14.46 25.25
C ILE A 1059 -16.13 13.35 25.91
N PRO A 1060 -14.84 13.52 26.14
CA PRO A 1060 -13.99 12.41 26.58
C PRO A 1060 -14.26 11.98 28.02
N GLY A 1061 -14.01 10.71 28.28
CA GLY A 1061 -14.16 10.11 29.59
C GLY A 1061 -15.54 9.57 29.92
N SER A 1062 -16.58 10.25 29.48
CA SER A 1062 -17.96 9.88 29.83
C SER A 1062 -18.42 8.71 28.96
N LEU A 1063 -17.91 7.52 29.30
CA LEU A 1063 -18.35 6.28 28.69
C LEU A 1063 -18.80 5.35 29.81
N THR A 1064 -19.89 4.62 29.55
CA THR A 1064 -20.46 3.70 30.52
C THR A 1064 -20.80 2.40 29.80
N ALA A 1065 -20.20 1.31 30.26
CA ALA A 1065 -20.35 0.01 29.63
C ALA A 1065 -21.13 -0.89 30.58
N ARG A 1066 -22.42 -1.07 30.29
CA ARG A 1066 -23.32 -2.01 30.96
C ARG A 1066 -23.42 -1.74 32.46
N SER A 1067 -24.05 -0.61 32.79
CA SER A 1067 -24.36 -0.30 34.19
C SER A 1067 -25.87 -0.26 34.40
N LEU A 1068 -26.26 -0.38 35.68
CA LEU A 1068 -27.68 -0.36 36.03
C LEU A 1068 -28.28 1.03 35.92
N GLN A 1069 -27.56 2.05 36.38
CA GLN A 1069 -28.08 3.41 36.37
C GLN A 1069 -27.77 4.10 35.06
N ILE A 1070 -28.67 5.00 34.65
CA ILE A 1070 -28.43 5.81 33.46
C ILE A 1070 -27.32 6.83 33.75
N PRO A 1071 -26.40 7.07 32.82
CA PRO A 1071 -25.36 8.08 33.07
C PRO A 1071 -25.91 9.50 33.04
N GLN A 1072 -26.07 10.11 34.21
CA GLN A 1072 -26.37 11.53 34.24
C GLN A 1072 -25.12 12.33 33.88
N CYS A 1073 -25.27 13.26 32.95
CA CYS A 1073 -24.17 14.03 32.42
C CYS A 1073 -24.75 15.35 31.93
N PRO A 1074 -24.02 16.46 32.06
CA PRO A 1074 -24.68 17.77 32.05
C PRO A 1074 -25.11 18.21 30.65
N THR A 1075 -26.00 19.19 30.67
CA THR A 1075 -26.59 19.77 29.47
C THR A 1075 -25.69 20.80 28.82
N THR A 1076 -26.25 21.60 27.92
CA THR A 1076 -25.48 22.66 27.27
C THR A 1076 -25.18 23.83 28.20
N CYS A 1077 -25.88 23.96 29.33
CA CYS A 1077 -25.67 25.05 30.27
C CYS A 1077 -25.00 24.62 31.57
N GLU A 1078 -25.40 23.49 32.14
CA GLU A 1078 -24.78 23.01 33.38
C GLU A 1078 -23.31 22.67 33.17
N LYS A 1079 -22.94 22.27 31.96
CA LYS A 1079 -21.53 22.17 31.61
C LYS A 1079 -20.88 23.54 31.50
N SER A 1080 -21.63 24.55 31.05
CA SER A 1080 -21.07 25.90 30.93
C SER A 1080 -21.11 26.66 32.25
N ARG A 1081 -22.12 26.41 33.08
CA ARG A 1081 -22.16 27.04 34.41
C ARG A 1081 -21.04 26.50 35.30
N THR A 1082 -20.70 25.22 35.16
CA THR A 1082 -19.56 24.65 35.87
C THR A 1082 -18.26 25.33 35.44
N SER A 1083 -18.10 25.58 34.14
CA SER A 1083 -16.90 26.28 33.68
C SER A 1083 -16.89 27.74 34.12
N GLY A 1084 -18.06 28.34 34.34
CA GLY A 1084 -18.11 29.71 34.81
C GLY A 1084 -17.79 29.87 36.28
N LEU A 1085 -18.14 28.89 37.10
CA LEU A 1085 -17.89 28.95 38.53
C LEU A 1085 -16.50 28.48 38.92
N LEU A 1086 -16.01 27.42 38.26
CA LEU A 1086 -14.76 26.80 38.66
C LEU A 1086 -13.54 27.59 38.20
N SER A 1087 -13.50 27.96 36.91
CA SER A 1087 -12.31 28.57 36.36
C SER A 1087 -12.62 29.80 35.49
N SER A 1088 -13.78 30.43 35.70
CA SER A 1088 -14.13 31.76 35.19
C SER A 1088 -14.16 31.85 33.66
N TRP A 1089 -14.35 30.74 32.96
CA TRP A 1089 -14.52 30.79 31.50
C TRP A 1089 -15.96 31.20 31.22
N LYS A 1090 -16.19 32.50 31.22
CA LYS A 1090 -17.52 33.06 31.06
C LYS A 1090 -17.90 33.09 29.58
N GLN A 1091 -19.20 33.22 29.33
CA GLN A 1091 -19.70 33.47 27.99
C GLN A 1091 -19.77 34.99 27.77
N ALA A 1092 -20.33 35.42 26.64
CA ALA A 1092 -20.39 36.85 26.34
C ALA A 1092 -21.69 37.14 25.61
N ARG A 1093 -22.06 38.42 25.59
CA ARG A 1093 -23.19 38.89 24.82
C ARG A 1093 -22.70 39.65 23.58
N SER A 1094 -23.40 39.44 22.46
CA SER A 1094 -23.33 40.17 21.20
C SER A 1094 -22.05 39.94 20.39
N GLN A 1095 -21.04 39.30 21.00
CA GLN A 1095 -19.91 38.63 20.36
C GLN A 1095 -18.99 39.55 19.51
N GLU A 1096 -19.28 40.85 19.44
CA GLU A 1096 -18.56 41.70 18.49
C GLU A 1096 -17.24 42.21 19.07
N ASN A 1097 -17.28 42.82 20.25
CA ASN A 1097 -16.10 43.29 20.98
C ASN A 1097 -16.49 43.47 22.43
N PRO A 1098 -16.63 42.39 23.21
CA PRO A 1098 -17.25 42.51 24.54
C PRO A 1098 -16.30 43.13 25.55
N SER A 1099 -16.77 44.19 26.21
CA SER A 1099 -16.15 44.66 27.43
C SER A 1099 -16.33 43.61 28.52
N PRO A 1100 -15.44 43.57 29.52
CA PRO A 1100 -15.61 42.59 30.62
C PRO A 1100 -16.87 42.76 31.46
N LYS A 1101 -17.58 43.89 31.37
CA LYS A 1101 -18.91 43.98 31.97
C LYS A 1101 -19.96 43.25 31.15
N ASP A 1102 -19.67 42.91 29.91
CA ASP A 1102 -20.63 42.22 29.04
C ASP A 1102 -20.57 40.71 29.17
N LEU A 1103 -19.70 40.18 30.02
CA LEU A 1103 -19.61 38.75 30.22
C LEU A 1103 -20.66 38.29 31.22
N PHE A 1104 -20.92 36.98 31.25
CA PHE A 1104 -21.86 36.44 32.21
C PHE A 1104 -21.54 34.98 32.50
N VAL A 1105 -21.65 34.60 33.77
CA VAL A 1105 -21.75 33.19 34.12
C VAL A 1105 -23.21 32.76 33.97
N PRO A 1106 -23.51 31.70 33.23
CA PRO A 1106 -24.90 31.36 32.97
C PRO A 1106 -25.61 30.83 34.20
N ALA A 1107 -26.83 31.32 34.42
CA ALA A 1107 -27.70 30.83 35.48
C ALA A 1107 -28.79 29.99 34.83
N CYS A 1108 -28.99 28.78 35.34
CA CYS A 1108 -29.89 27.84 34.69
C CYS A 1108 -30.69 27.06 35.74
N LEU A 1109 -31.69 26.34 35.24
CA LEU A 1109 -32.71 25.70 36.04
C LEU A 1109 -32.27 24.30 36.48
N GLU A 1110 -33.21 23.50 36.98
CA GLU A 1110 -32.90 22.12 37.32
C GLU A 1110 -32.62 21.28 36.09
N THR A 1111 -33.24 21.62 34.96
CA THR A 1111 -32.81 21.13 33.65
C THR A 1111 -32.13 22.28 32.91
N GLY A 1112 -31.48 21.93 31.80
CA GLY A 1112 -30.54 22.84 31.17
C GLY A 1112 -31.09 23.95 30.29
N GLU A 1113 -32.30 24.42 30.55
CA GLU A 1113 -32.78 25.59 29.83
C GLU A 1113 -32.08 26.84 30.37
N TYR A 1114 -31.86 27.81 29.49
CA TYR A 1114 -31.02 28.95 29.81
C TYR A 1114 -31.69 30.01 30.69
N ALA A 1115 -32.89 29.75 31.21
CA ALA A 1115 -33.46 30.46 32.35
C ALA A 1115 -33.60 31.96 32.14
N ARG A 1116 -34.62 32.35 31.35
CA ARG A 1116 -34.95 33.72 30.95
C ARG A 1116 -34.73 34.74 32.06
N LEU A 1117 -34.17 35.89 31.68
CA LEU A 1117 -33.63 36.92 32.57
C LEU A 1117 -32.52 36.37 33.46
N GLN A 1118 -31.42 35.98 32.81
CA GLN A 1118 -30.16 35.73 33.47
C GLN A 1118 -29.28 36.97 33.36
N ALA A 1119 -28.45 37.20 34.39
CA ALA A 1119 -27.82 38.49 34.53
C ALA A 1119 -26.46 38.38 35.20
N SER A 1120 -25.49 39.14 34.67
CA SER A 1120 -24.20 39.37 35.28
C SER A 1120 -23.57 40.59 34.62
N GLY A 1121 -22.76 41.32 35.39
CA GLY A 1121 -21.96 42.40 34.84
C GLY A 1121 -22.67 43.73 34.72
N ALA A 1122 -23.01 44.11 33.48
CA ALA A 1122 -23.57 45.44 33.23
C ALA A 1122 -25.00 45.55 33.73
N GLY A 1123 -25.80 44.50 33.56
CA GLY A 1123 -27.17 44.55 34.01
C GLY A 1123 -27.93 43.26 33.78
N THR A 1124 -29.21 43.37 33.41
CA THR A 1124 -30.06 42.21 33.22
C THR A 1124 -30.65 42.22 31.82
N TRP A 1125 -30.36 41.17 31.06
CA TRP A 1125 -30.98 40.95 29.75
C TRP A 1125 -31.60 39.56 29.75
N CYS A 1126 -32.20 39.18 28.63
CA CYS A 1126 -33.03 37.99 28.56
C CYS A 1126 -32.51 37.08 27.45
N VAL A 1127 -32.38 35.78 27.76
CA VAL A 1127 -31.76 34.79 26.87
C VAL A 1127 -32.70 33.60 26.74
N ASP A 1128 -33.03 33.23 25.51
CA ASP A 1128 -33.96 32.14 25.26
C ASP A 1128 -33.35 30.79 25.63
N PRO A 1129 -34.17 29.79 25.94
CA PRO A 1129 -33.63 28.46 26.24
C PRO A 1129 -33.02 27.79 25.02
N ALA A 1130 -32.15 26.81 25.31
CA ALA A 1130 -31.44 25.93 24.38
C ALA A 1130 -30.48 26.66 23.45
N SER A 1131 -30.19 27.93 23.70
CA SER A 1131 -29.27 28.71 22.87
C SER A 1131 -28.82 29.91 23.69
N GLY A 1132 -27.52 30.03 23.93
CA GLY A 1132 -27.02 31.01 24.89
C GLY A 1132 -27.07 32.45 24.43
N GLU A 1133 -27.43 32.71 23.18
CA GLU A 1133 -27.52 34.08 22.70
C GLU A 1133 -28.83 34.71 23.15
N GLU A 1134 -28.81 36.03 23.29
CA GLU A 1134 -29.99 36.75 23.74
C GLU A 1134 -31.01 36.88 22.62
N LEU A 1135 -32.29 36.90 23.01
CA LEU A 1135 -33.39 37.05 22.04
C LEU A 1135 -33.56 38.54 21.72
N ARG A 1136 -32.72 39.01 20.80
CA ARG A 1136 -32.76 40.40 20.37
C ARG A 1136 -33.98 40.63 19.49
N PRO A 1137 -34.93 41.50 19.89
CA PRO A 1137 -36.14 41.74 19.09
C PRO A 1137 -35.88 42.57 17.83
N ALA A 1143 -37.89 46.90 29.76
CA ALA A 1143 -39.18 46.27 29.93
C ALA A 1143 -39.05 44.75 30.02
N GLN A 1144 -40.19 44.07 30.03
CA GLN A 1144 -40.20 42.61 30.09
C GLN A 1144 -39.81 42.03 28.74
N CYS A 1145 -38.96 41.01 28.76
CA CYS A 1145 -38.53 40.39 27.52
C CYS A 1145 -39.68 39.55 26.93
N PRO A 1146 -39.83 39.55 25.61
CA PRO A 1146 -41.00 38.89 25.00
C PRO A 1146 -40.93 37.37 25.11
N SER A 1147 -42.10 36.75 25.05
CA SER A 1147 -42.22 35.33 25.32
C SER A 1147 -41.74 34.50 24.12
N LEU A 1148 -41.78 33.18 24.28
CA LEU A 1148 -41.13 32.28 23.33
C LEU A 1148 -41.89 32.17 22.02
N CYS A 1149 -43.22 32.16 22.08
CA CYS A 1149 -44.02 32.21 20.86
C CYS A 1149 -43.84 33.53 20.14
N ASN A 1150 -43.70 34.63 20.90
CA ASN A 1150 -43.66 35.95 20.29
C ASN A 1150 -42.33 36.20 19.59
N VAL A 1151 -41.24 35.64 20.11
CA VAL A 1151 -39.95 35.79 19.44
C VAL A 1151 -39.83 34.78 18.29
N LEU A 1152 -40.53 33.66 18.37
CA LEU A 1152 -40.47 32.67 17.29
C LEU A 1152 -41.37 33.06 16.13
N LYS A 1153 -42.48 33.77 16.41
CA LYS A 1153 -43.28 34.36 15.34
C LYS A 1153 -42.49 35.43 14.60
N SER A 1154 -41.68 36.20 15.32
CA SER A 1154 -40.76 37.15 14.71
C SER A 1154 -39.44 36.51 14.31
N GLY A 1155 -39.33 35.19 14.40
CA GLY A 1155 -38.16 34.47 13.93
C GLY A 1155 -38.46 33.66 12.69
N VAL A 1156 -39.73 33.32 12.50
CA VAL A 1156 -40.17 32.60 11.30
C VAL A 1156 -40.60 33.58 10.21
N LEU A 1157 -41.39 34.60 10.58
CA LEU A 1157 -41.83 35.59 9.60
C LEU A 1157 -40.68 36.46 9.14
N SER A 1158 -39.68 36.68 10.00
CA SER A 1158 -38.45 37.34 9.58
C SER A 1158 -37.51 36.39 8.82
N ARG A 1159 -37.78 35.09 8.86
CA ARG A 1159 -37.03 34.04 8.17
C ARG A 1159 -35.55 34.05 8.57
N ARG A 1160 -35.34 33.75 9.85
CA ARG A 1160 -34.03 33.50 10.41
C ARG A 1160 -33.94 32.12 11.05
N VAL A 1161 -34.99 31.70 11.76
CA VAL A 1161 -35.16 30.33 12.20
C VAL A 1161 -36.39 29.77 11.51
N SER A 1162 -36.44 28.44 11.37
CA SER A 1162 -37.51 27.85 10.57
C SER A 1162 -37.84 26.42 11.01
N PRO A 1163 -38.79 26.23 11.92
CA PRO A 1163 -39.29 24.88 12.19
C PRO A 1163 -40.18 24.36 11.08
N GLY A 1164 -40.93 25.26 10.44
CA GLY A 1164 -41.77 24.86 9.33
C GLY A 1164 -43.20 25.40 9.41
N TYR A 1165 -43.44 26.34 10.31
CA TYR A 1165 -44.79 26.84 10.53
C TYR A 1165 -44.72 28.22 11.16
N VAL A 1166 -45.79 29.00 10.97
CA VAL A 1166 -45.99 30.22 11.74
C VAL A 1166 -46.49 29.81 13.11
N PRO A 1167 -45.83 30.21 14.20
CA PRO A 1167 -46.36 29.91 15.54
C PRO A 1167 -47.63 30.67 15.83
N ALA A 1168 -48.46 30.08 16.70
CA ALA A 1168 -49.77 30.62 17.02
C ALA A 1168 -49.82 30.94 18.52
N CYS A 1169 -49.58 32.20 18.85
CA CYS A 1169 -49.69 32.66 20.22
C CYS A 1169 -51.17 32.80 20.60
N ARG A 1170 -51.43 32.86 21.90
CA ARG A 1170 -52.74 33.32 22.34
C ARG A 1170 -52.67 34.82 22.62
N ALA A 1171 -53.83 35.40 22.93
CA ALA A 1171 -53.96 36.85 22.95
C ALA A 1171 -53.28 37.51 24.15
N GLU A 1172 -53.06 36.78 25.24
CA GLU A 1172 -52.40 37.34 26.41
C GLU A 1172 -51.48 36.29 27.04
N ASP A 1173 -50.29 36.73 27.43
CA ASP A 1173 -49.24 35.93 28.07
C ASP A 1173 -48.91 34.70 27.20
N GLY A 1174 -48.35 34.99 26.03
CA GLY A 1174 -48.19 34.00 24.99
C GLY A 1174 -47.33 32.80 25.34
N GLY A 1175 -48.00 31.68 25.60
CA GLY A 1175 -47.33 30.42 25.79
C GLY A 1175 -47.36 29.71 24.45
N PHE A 1176 -48.17 28.66 24.33
CA PHE A 1176 -48.45 28.06 23.03
C PHE A 1176 -49.90 27.60 23.05
N SER A 1177 -50.74 28.22 22.24
CA SER A 1177 -52.12 27.77 22.09
C SER A 1177 -52.13 26.40 21.42
N PRO A 1178 -52.68 25.36 22.06
CA PRO A 1178 -52.42 23.98 21.59
C PRO A 1178 -53.20 23.55 20.35
N VAL A 1179 -53.25 24.40 19.33
CA VAL A 1179 -53.70 24.02 17.99
C VAL A 1179 -52.71 24.66 17.02
N GLN A 1180 -51.66 23.91 16.66
CA GLN A 1180 -50.51 24.49 15.99
C GLN A 1180 -50.28 23.80 14.65
N CYS A 1181 -50.36 24.57 13.57
CA CYS A 1181 -50.14 24.06 12.23
C CYS A 1181 -49.78 25.20 11.28
N ASP A 1182 -49.44 24.82 10.06
CA ASP A 1182 -48.75 25.66 9.09
C ASP A 1182 -49.72 26.39 8.16
N GLN A 1183 -49.17 26.94 7.08
CA GLN A 1183 -49.96 27.45 5.97
C GLN A 1183 -50.71 26.31 5.30
N ALA A 1184 -51.95 26.59 4.87
CA ALA A 1184 -52.86 25.71 4.14
C ALA A 1184 -53.31 24.49 4.94
N GLN A 1185 -53.08 24.50 6.26
CA GLN A 1185 -53.60 23.50 7.21
C GLN A 1185 -53.12 22.09 6.88
N GLY A 1186 -51.81 21.89 6.97
CA GLY A 1186 -51.21 20.60 6.67
C GLY A 1186 -51.53 19.54 7.72
N SER A 1187 -51.03 19.73 8.93
CA SER A 1187 -51.25 18.79 10.03
C SER A 1187 -51.16 19.55 11.34
N CYS A 1188 -52.22 19.52 12.13
CA CYS A 1188 -52.27 20.24 13.39
C CYS A 1188 -52.00 19.28 14.54
N TRP A 1189 -51.24 19.75 15.52
CA TRP A 1189 -50.71 18.91 16.59
C TRP A 1189 -50.73 19.71 17.89
N CYS A 1190 -50.35 19.05 18.98
CA CYS A 1190 -50.53 19.58 20.32
C CYS A 1190 -49.19 19.79 21.00
N VAL A 1191 -49.11 20.83 21.82
CA VAL A 1191 -47.86 21.37 22.31
C VAL A 1191 -47.70 21.03 23.79
N MET A 1192 -46.47 21.18 24.27
CA MET A 1192 -46.18 21.30 25.68
C MET A 1192 -46.03 22.77 26.02
N ASP A 1193 -45.54 23.07 27.22
CA ASP A 1193 -45.31 24.47 27.58
C ASP A 1193 -44.12 25.04 26.81
N SER A 1194 -43.09 24.22 26.59
CA SER A 1194 -41.94 24.67 25.81
C SER A 1194 -42.24 24.73 24.32
N GLY A 1195 -43.27 24.02 23.85
CA GLY A 1195 -43.69 24.07 22.46
C GLY A 1195 -43.46 22.81 21.67
N GLU A 1196 -42.80 21.82 22.26
CA GLU A 1196 -42.43 20.62 21.53
C GLU A 1196 -43.62 19.68 21.39
N GLU A 1197 -43.49 18.72 20.47
CA GLU A 1197 -44.57 17.79 20.18
C GLU A 1197 -44.70 16.79 21.32
N VAL A 1198 -45.93 16.35 21.55
CA VAL A 1198 -46.28 15.63 22.79
C VAL A 1198 -45.84 14.17 22.87
N PRO A 1199 -45.86 13.33 21.80
CA PRO A 1199 -46.31 13.30 20.40
C PRO A 1199 -47.74 12.77 20.25
N GLY A 1200 -48.14 12.52 19.01
CA GLY A 1200 -49.51 12.22 18.69
C GLY A 1200 -50.11 13.41 17.97
N THR A 1201 -50.17 13.31 16.65
CA THR A 1201 -50.55 14.42 15.79
C THR A 1201 -51.82 14.09 15.04
N ARG A 1202 -52.39 15.10 14.38
CA ARG A 1202 -53.61 14.94 13.60
C ARG A 1202 -53.45 15.66 12.28
N VAL A 1203 -54.34 15.33 11.35
CA VAL A 1203 -54.45 16.00 10.07
C VAL A 1203 -55.70 16.87 10.16
N THR A 1204 -55.81 17.86 9.26
CA THR A 1204 -56.81 18.92 9.37
C THR A 1204 -58.26 18.45 9.20
N GLY A 1205 -58.50 17.18 8.87
CA GLY A 1205 -59.84 16.64 8.93
C GLY A 1205 -60.37 16.60 10.36
N GLY A 1206 -59.50 16.29 11.32
CA GLY A 1206 -59.86 16.37 12.72
C GLY A 1206 -58.95 17.30 13.49
N GLN A 1207 -59.50 18.42 13.96
CA GLN A 1207 -58.72 19.39 14.73
C GLN A 1207 -58.43 18.83 16.11
N PRO A 1208 -57.16 18.70 16.52
CA PRO A 1208 -56.85 18.08 17.81
C PRO A 1208 -57.20 18.94 19.00
N ALA A 1209 -58.25 18.57 19.73
CA ALA A 1209 -58.65 19.27 20.93
C ALA A 1209 -57.68 18.92 22.06
N CYS A 1210 -56.81 19.86 22.42
CA CYS A 1210 -55.89 19.69 23.53
C CYS A 1210 -56.07 20.90 24.45
N GLU A 1211 -56.76 20.67 25.56
CA GLU A 1211 -57.20 21.73 26.46
C GLU A 1211 -56.67 21.47 27.86
N SER A 1212 -57.18 22.23 28.82
CA SER A 1212 -56.82 22.06 30.22
C SER A 1212 -57.35 20.72 30.74
N PRO A 1213 -56.75 20.20 31.82
CA PRO A 1213 -57.30 18.96 32.40
C PRO A 1213 -58.67 19.15 33.02
N ARG A 1214 -58.92 20.28 33.68
CA ARG A 1214 -60.12 20.70 34.43
C ARG A 1214 -60.34 19.91 35.72
N CYS A 1215 -59.52 18.90 36.01
CA CYS A 1215 -59.42 18.22 37.29
C CYS A 1215 -58.09 18.59 37.93
N PRO A 1216 -58.08 18.85 39.25
CA PRO A 1216 -56.82 19.18 39.91
C PRO A 1216 -55.89 17.98 40.00
N LEU A 1217 -54.60 18.26 39.99
CA LEU A 1217 -53.61 17.20 40.03
C LEU A 1217 -53.49 16.63 41.45
N PRO A 1218 -53.21 15.34 41.57
CA PRO A 1218 -53.06 14.73 42.90
C PRO A 1218 -51.82 15.23 43.61
N PHE A 1219 -51.91 15.26 44.95
CA PHE A 1219 -50.80 15.54 45.87
C PHE A 1219 -50.23 16.95 45.68
N ASN A 1220 -51.09 17.87 45.20
CA ASN A 1220 -50.75 19.28 44.93
C ASN A 1220 -49.55 19.39 43.98
N ALA A 1221 -49.74 18.88 42.76
CA ALA A 1221 -48.72 18.97 41.73
C ALA A 1221 -48.97 20.19 40.86
N SER A 1222 -47.89 20.86 40.47
CA SER A 1222 -48.02 22.00 39.56
C SER A 1222 -48.37 21.53 38.16
N GLU A 1223 -47.47 20.78 37.54
CA GLU A 1223 -47.73 20.09 36.28
C GLU A 1223 -47.06 18.72 36.34
N VAL A 1224 -47.60 17.78 35.57
CA VAL A 1224 -46.95 16.48 35.43
C VAL A 1224 -45.67 16.64 34.64
N VAL A 1225 -44.56 16.14 35.20
CA VAL A 1225 -43.26 16.30 34.57
C VAL A 1225 -43.16 15.34 33.38
N GLY A 1226 -42.61 15.83 32.28
CA GLY A 1226 -42.43 15.02 31.10
C GLY A 1226 -43.69 14.72 30.33
N GLY A 1227 -44.66 15.63 30.32
CA GLY A 1227 -45.85 15.43 29.53
C GLY A 1227 -46.95 16.39 29.90
N THR A 1228 -47.97 16.41 29.05
CA THR A 1228 -49.18 17.20 29.23
C THR A 1228 -50.38 16.26 29.34
N ILE A 1229 -51.57 16.85 29.34
CA ILE A 1229 -52.83 16.11 29.46
C ILE A 1229 -53.70 16.51 28.27
N LEU A 1230 -53.78 15.64 27.28
CA LEU A 1230 -54.75 15.80 26.19
C LEU A 1230 -56.15 15.59 26.73
N CYS A 1231 -57.09 16.44 26.31
CA CYS A 1231 -58.47 16.32 26.76
C CYS A 1231 -59.44 16.58 25.63
N GLU A 1232 -60.35 15.63 25.41
CA GLU A 1232 -61.46 15.73 24.46
C GLU A 1232 -62.76 15.72 25.26
N THR A 1233 -62.76 16.50 26.37
CA THR A 1233 -63.55 16.22 27.59
C THR A 1233 -63.36 14.78 28.05
N GLN A 1244 -62.13 14.29 27.87
CA GLN A 1244 -61.76 12.90 28.11
C GLN A 1244 -60.23 12.92 28.17
N CYS A 1245 -59.67 12.66 29.35
CA CYS A 1245 -58.30 13.07 29.60
C CYS A 1245 -57.41 11.88 29.88
N GLN A 1246 -56.16 11.99 29.46
CA GLN A 1246 -55.17 10.94 29.63
C GLN A 1246 -53.78 11.57 29.74
N LEU A 1247 -52.81 10.75 30.10
CA LEU A 1247 -51.43 11.20 30.25
C LEU A 1247 -50.62 10.81 29.03
N LEU A 1248 -50.08 11.80 28.33
CA LEU A 1248 -49.18 11.59 27.20
C LEU A 1248 -47.76 11.85 27.68
N CYS A 1249 -46.98 10.80 27.85
CA CYS A 1249 -45.56 10.94 28.15
C CYS A 1249 -44.83 11.55 26.95
N ARG A 1250 -43.77 12.30 27.24
CA ARG A 1250 -43.08 13.07 26.21
C ARG A 1250 -42.29 12.15 25.27
N GLN A 1251 -41.79 12.76 24.20
CA GLN A 1251 -40.95 12.08 23.23
C GLN A 1251 -39.58 11.86 23.85
N GLY A 1252 -39.27 10.61 24.19
CA GLY A 1252 -38.03 10.30 24.87
C GLY A 1252 -38.28 9.67 26.23
N SER A 1253 -39.49 9.13 26.41
CA SER A 1253 -39.86 8.49 27.65
C SER A 1253 -41.02 7.53 27.39
N TRP A 1254 -41.36 6.75 28.41
CA TRP A 1254 -42.53 5.89 28.40
C TRP A 1254 -43.24 6.01 29.75
N SER A 1255 -44.56 5.93 29.72
CA SER A 1255 -45.33 5.84 30.95
C SER A 1255 -45.10 4.48 31.60
N VAL A 1256 -44.88 4.48 32.92
CA VAL A 1256 -44.57 3.25 33.62
C VAL A 1256 -45.81 2.36 33.72
N PHE A 1257 -46.87 2.90 34.21
CA PHE A 1257 -48.15 2.21 34.10
C PHE A 1257 -48.85 2.64 32.82
N PRO A 1258 -49.68 1.78 32.22
CA PRO A 1258 -50.39 2.16 31.00
C PRO A 1258 -51.44 3.22 31.28
N PRO A 1259 -51.46 4.31 30.50
CA PRO A 1259 -52.48 5.35 30.69
C PRO A 1259 -53.85 4.89 30.21
N GLY A 1260 -54.76 4.63 31.14
CA GLY A 1260 -56.12 4.31 30.79
C GLY A 1260 -56.85 5.53 30.27
N PRO A 1261 -57.89 5.31 29.47
CA PRO A 1261 -58.69 6.45 28.98
C PRO A 1261 -59.53 7.06 30.09
N LEU A 1262 -58.90 7.88 30.93
CA LEU A 1262 -59.55 8.42 32.12
C LEU A 1262 -60.55 9.52 31.75
N ILE A 1263 -61.37 9.91 32.73
CA ILE A 1263 -62.51 10.77 32.48
C ILE A 1263 -62.44 11.97 33.43
N CYS A 1264 -62.41 13.17 32.86
CA CYS A 1264 -62.67 14.42 33.58
C CYS A 1264 -63.75 15.19 32.82
N SER A 1265 -64.85 14.50 32.50
CA SER A 1265 -65.96 15.08 31.73
C SER A 1265 -66.92 15.84 32.65
N LEU A 1266 -66.37 16.83 33.34
CA LEU A 1266 -67.03 17.62 34.39
C LEU A 1266 -67.62 16.68 35.46
N GLU A 1267 -66.75 15.85 36.03
CA GLU A 1267 -67.13 14.91 37.07
C GLU A 1267 -66.89 15.48 38.46
N SER A 1268 -67.41 16.69 38.69
CA SER A 1268 -67.26 17.47 39.93
C SER A 1268 -65.80 17.71 40.30
N GLY A 1269 -64.91 17.75 39.32
CA GLY A 1269 -63.50 18.04 39.54
C GLY A 1269 -62.73 16.99 40.30
N ARG A 1270 -62.82 15.73 39.87
CA ARG A 1270 -62.07 14.64 40.50
C ARG A 1270 -61.97 13.48 39.52
N TRP A 1271 -61.10 12.53 39.84
CA TRP A 1271 -60.88 11.34 39.04
C TRP A 1271 -61.64 10.16 39.64
N GLU A 1272 -61.51 8.99 39.00
CA GLU A 1272 -62.11 7.78 39.54
C GLU A 1272 -61.26 6.58 39.15
N SER A 1273 -61.11 5.64 40.11
CA SER A 1273 -60.57 4.30 39.96
C SER A 1273 -59.09 4.22 39.61
N GLN A 1274 -58.45 5.36 39.34
CA GLN A 1274 -57.04 5.48 39.00
C GLN A 1274 -56.71 6.97 38.99
N LEU A 1275 -55.54 7.31 39.50
CA LEU A 1275 -55.18 8.71 39.53
C LEU A 1275 -54.01 8.98 38.58
N PRO A 1276 -54.00 10.12 37.88
CA PRO A 1276 -52.81 10.49 37.11
C PRO A 1276 -51.69 10.96 38.03
N GLN A 1277 -50.90 10.03 38.55
CA GLN A 1277 -49.86 10.36 39.51
C GLN A 1277 -48.78 11.25 38.88
N PRO A 1278 -48.15 12.11 39.67
CA PRO A 1278 -46.98 12.85 39.18
C PRO A 1278 -45.79 11.92 39.04
N ARG A 1279 -44.79 12.43 38.32
CA ARG A 1279 -43.53 11.71 38.01
C ARG A 1279 -43.78 10.38 37.31
N ALA A 1280 -44.84 10.29 36.52
CA ALA A 1280 -45.30 9.01 35.98
C ALA A 1280 -44.65 8.64 34.66
N CYS A 1281 -43.50 9.23 34.35
CA CYS A 1281 -42.74 8.83 33.18
C CYS A 1281 -41.26 9.05 33.45
N GLN A 1282 -40.45 8.10 33.02
CA GLN A 1282 -39.00 8.18 33.16
C GLN A 1282 -38.37 7.88 31.80
N ARG A 1283 -37.13 8.34 31.64
CA ARG A 1283 -36.41 8.09 30.40
C ARG A 1283 -36.03 6.62 30.31
N PRO A 1284 -36.16 6.00 29.13
CA PRO A 1284 -35.96 4.56 29.02
C PRO A 1284 -34.49 4.19 29.15
N GLN A 1285 -34.23 2.90 29.27
CA GLN A 1285 -32.88 2.42 29.56
C GLN A 1285 -32.74 1.01 29.03
N LEU A 1286 -31.54 0.69 28.56
CA LEU A 1286 -31.22 -0.54 27.84
C LEU A 1286 -31.47 -1.79 28.69
N TRP A 1287 -31.56 -2.92 27.99
CA TRP A 1287 -31.79 -4.21 28.62
C TRP A 1287 -30.59 -4.59 29.49
N GLN A 1288 -30.89 -5.14 30.68
CA GLN A 1288 -29.86 -5.28 31.71
C GLN A 1288 -29.74 -6.66 32.31
N THR A 1289 -30.62 -7.61 31.97
CA THR A 1289 -30.40 -8.99 32.35
C THR A 1289 -30.75 -9.88 31.16
N ILE A 1290 -30.13 -11.04 31.14
CA ILE A 1290 -30.34 -12.02 30.07
C ILE A 1290 -30.59 -13.37 30.71
N GLN A 1291 -31.57 -14.10 30.19
CA GLN A 1291 -32.00 -15.33 30.84
C GLN A 1291 -32.63 -16.26 29.82
N THR A 1292 -32.42 -17.55 30.05
CA THR A 1292 -32.99 -18.61 29.22
C THR A 1292 -33.84 -19.52 30.10
N GLN A 1293 -34.41 -20.54 29.46
CA GLN A 1293 -35.04 -21.62 30.21
C GLN A 1293 -34.48 -22.95 29.74
N GLY A 1294 -35.03 -24.04 30.24
CA GLY A 1294 -34.58 -25.36 29.85
C GLY A 1294 -35.58 -26.40 30.28
N HIS A 1295 -35.54 -27.55 29.62
CA HIS A 1295 -36.54 -28.58 29.85
C HIS A 1295 -35.90 -29.95 29.82
N PHE A 1296 -35.97 -30.64 30.95
CA PHE A 1296 -35.80 -32.08 31.00
C PHE A 1296 -36.64 -32.59 32.16
N GLN A 1297 -36.77 -33.91 32.26
CA GLN A 1297 -37.58 -34.54 33.29
C GLN A 1297 -36.79 -35.69 33.89
N LEU A 1298 -37.24 -36.15 35.06
CA LEU A 1298 -36.45 -37.12 35.81
C LEU A 1298 -36.79 -38.56 35.46
N GLN A 1299 -38.05 -38.86 35.13
CA GLN A 1299 -38.56 -40.21 34.87
C GLN A 1299 -38.31 -41.11 36.08
N LEU A 1300 -39.05 -40.79 37.16
CA LEU A 1300 -39.00 -41.37 38.51
C LEU A 1300 -38.94 -42.90 38.50
N PRO A 1301 -37.82 -43.48 38.92
CA PRO A 1301 -37.68 -44.94 38.91
C PRO A 1301 -38.56 -45.69 39.91
N PRO A 1302 -38.70 -45.27 41.24
CA PRO A 1302 -39.45 -46.14 42.15
C PRO A 1302 -40.95 -46.22 41.89
N GLY A 1303 -41.33 -46.95 40.84
CA GLY A 1303 -42.72 -47.20 40.52
C GLY A 1303 -43.50 -45.97 40.10
N LYS A 1304 -44.61 -45.72 40.79
CA LYS A 1304 -45.43 -44.53 40.57
C LYS A 1304 -45.50 -43.76 41.87
N MET A 1305 -44.96 -42.53 41.88
CA MET A 1305 -44.88 -41.77 43.12
C MET A 1305 -44.96 -40.28 42.79
N CYS A 1306 -46.17 -39.73 42.91
CA CYS A 1306 -46.36 -38.28 43.05
C CYS A 1306 -46.72 -37.94 44.49
N SER A 1307 -46.55 -38.90 45.40
CA SER A 1307 -46.72 -38.67 46.83
C SER A 1307 -45.49 -38.06 47.47
N ALA A 1308 -44.39 -37.94 46.71
CA ALA A 1308 -43.19 -37.24 47.19
C ALA A 1308 -43.43 -35.75 47.03
N ASP A 1309 -44.13 -35.19 48.01
CA ASP A 1309 -44.50 -33.77 48.01
C ASP A 1309 -44.02 -33.04 49.25
N TYR A 1310 -44.09 -33.67 50.42
CA TYR A 1310 -43.65 -33.04 51.66
C TYR A 1310 -42.12 -33.01 51.68
N ALA A 1311 -41.56 -31.80 51.65
CA ALA A 1311 -40.12 -31.54 51.61
C ALA A 1311 -39.45 -32.26 50.44
N ASP A 1312 -40.15 -32.30 49.31
CA ASP A 1312 -39.64 -32.87 48.06
C ASP A 1312 -39.87 -31.92 46.90
N LEU A 1313 -40.34 -30.71 47.15
CA LEU A 1313 -40.59 -29.70 46.14
C LEU A 1313 -39.66 -28.50 46.26
N LEU A 1314 -39.60 -27.89 47.43
CA LEU A 1314 -38.66 -26.81 47.71
C LEU A 1314 -37.50 -27.23 48.59
N GLN A 1315 -37.68 -28.25 49.41
CA GLN A 1315 -36.58 -28.88 50.14
C GLN A 1315 -36.22 -30.18 49.44
N THR A 1316 -34.91 -30.49 49.41
CA THR A 1316 -34.26 -31.67 48.82
C THR A 1316 -34.41 -31.76 47.29
N PHE A 1317 -35.13 -30.81 46.70
CA PHE A 1317 -35.26 -30.61 45.26
C PHE A 1317 -35.47 -29.12 45.10
N GLN A 1318 -34.96 -28.57 43.99
CA GLN A 1318 -34.52 -27.21 43.69
C GLN A 1318 -33.17 -26.92 44.34
N VAL A 1319 -32.63 -27.82 45.15
CA VAL A 1319 -31.34 -27.64 45.80
C VAL A 1319 -30.39 -28.81 45.50
N PHE A 1320 -30.88 -30.05 45.57
CA PHE A 1320 -30.01 -31.18 45.24
C PHE A 1320 -29.72 -31.24 43.74
N ILE A 1321 -30.70 -30.83 42.93
CA ILE A 1321 -30.47 -30.66 41.50
C ILE A 1321 -29.71 -29.40 41.16
N LEU A 1322 -29.48 -28.53 42.15
CA LEU A 1322 -28.71 -27.31 41.96
C LEU A 1322 -27.26 -27.45 42.42
N ASP A 1323 -27.02 -28.18 43.51
CA ASP A 1323 -25.65 -28.49 43.91
C ASP A 1323 -24.99 -29.41 42.90
N GLU A 1324 -25.72 -30.41 42.43
CA GLU A 1324 -25.22 -31.32 41.41
C GLU A 1324 -25.08 -30.63 40.05
N LEU A 1325 -25.80 -29.53 39.84
CA LEU A 1325 -25.65 -28.77 38.60
C LEU A 1325 -24.39 -27.92 38.61
N THR A 1326 -24.04 -27.35 39.76
CA THR A 1326 -22.86 -26.50 39.86
C THR A 1326 -21.62 -27.26 40.29
N ALA A 1327 -21.75 -28.49 40.78
CA ALA A 1327 -20.58 -29.34 40.95
C ALA A 1327 -20.05 -29.79 39.59
N ARG A 1328 -20.95 -30.14 38.68
CA ARG A 1328 -20.57 -30.44 37.31
C ARG A 1328 -20.19 -29.18 36.54
N GLY A 1329 -20.63 -28.01 37.00
CA GLY A 1329 -20.14 -26.74 36.48
C GLY A 1329 -20.98 -26.09 35.40
N PHE A 1330 -22.29 -25.99 35.64
CA PHE A 1330 -23.19 -25.38 34.67
C PHE A 1330 -23.77 -24.06 35.12
N CYS A 1331 -23.60 -23.67 36.38
CA CYS A 1331 -23.99 -22.34 36.82
C CYS A 1331 -22.81 -21.37 36.73
N GLN A 1332 -22.14 -21.36 35.58
CA GLN A 1332 -20.85 -20.69 35.48
C GLN A 1332 -20.48 -20.50 34.02
N ILE A 1333 -20.26 -19.26 33.62
CA ILE A 1333 -19.65 -18.94 32.33
C ILE A 1333 -18.20 -18.52 32.60
N GLN A 1334 -17.26 -19.20 31.95
CA GLN A 1334 -15.83 -18.89 32.09
C GLN A 1334 -15.25 -18.74 30.69
N VAL A 1335 -15.11 -17.49 30.25
CA VAL A 1335 -14.61 -17.18 28.91
C VAL A 1335 -13.33 -16.36 29.02
N LYS A 1336 -12.71 -16.09 27.88
CA LYS A 1336 -11.33 -15.65 27.82
C LYS A 1336 -11.28 -14.14 27.59
N THR A 1337 -10.67 -13.42 28.54
CA THR A 1337 -10.39 -12.00 28.36
C THR A 1337 -8.90 -11.87 28.01
N PHE A 1338 -8.59 -12.18 26.75
CA PHE A 1338 -7.24 -12.14 26.17
C PHE A 1338 -6.27 -13.05 26.93
N GLY A 1339 -6.54 -14.35 26.87
CA GLY A 1339 -5.73 -15.33 27.54
C GLY A 1339 -6.26 -15.72 28.91
N THR A 1340 -6.33 -14.77 29.83
CA THR A 1340 -6.85 -15.06 31.16
C THR A 1340 -8.37 -15.25 31.11
N LEU A 1341 -8.88 -16.00 32.08
CA LEU A 1341 -10.28 -16.38 32.13
C LEU A 1341 -11.00 -15.63 33.24
N VAL A 1342 -12.20 -15.15 32.94
CA VAL A 1342 -13.02 -14.44 33.92
C VAL A 1342 -14.23 -15.28 34.25
N SER A 1343 -14.76 -15.09 35.45
CA SER A 1343 -15.81 -15.94 35.99
C SER A 1343 -17.14 -15.19 35.97
N ILE A 1344 -18.11 -15.74 35.26
CA ILE A 1344 -19.44 -15.17 35.16
C ILE A 1344 -20.44 -16.18 35.73
N PRO A 1345 -20.97 -15.93 36.93
CA PRO A 1345 -21.93 -16.87 37.52
C PRO A 1345 -23.29 -16.75 36.85
N VAL A 1346 -23.82 -17.87 36.36
CA VAL A 1346 -25.15 -17.83 35.77
C VAL A 1346 -26.03 -18.91 36.42
N CYS A 1347 -26.64 -18.54 37.55
CA CYS A 1347 -27.62 -19.25 38.37
C CYS A 1347 -27.95 -18.34 39.55
N ASN A 1348 -28.95 -18.76 40.32
CA ASN A 1348 -29.28 -18.21 41.62
C ASN A 1348 -30.08 -19.27 42.38
N ASN A 1349 -30.76 -18.86 43.46
CA ASN A 1349 -31.66 -19.78 44.14
C ASN A 1349 -32.88 -20.08 43.28
N SER A 1350 -33.33 -19.11 42.49
CA SER A 1350 -34.55 -19.24 41.68
C SER A 1350 -34.26 -19.76 40.28
N SER A 1351 -33.19 -20.53 40.11
CA SER A 1351 -32.85 -21.03 38.78
C SER A 1351 -33.62 -22.29 38.43
N VAL A 1352 -34.03 -23.07 39.42
CA VAL A 1352 -34.65 -24.37 39.19
C VAL A 1352 -35.94 -24.49 39.99
N GLN A 1353 -36.91 -25.21 39.41
CA GLN A 1353 -38.16 -25.55 40.08
C GLN A 1353 -38.63 -26.90 39.56
N VAL A 1354 -39.29 -27.66 40.43
CA VAL A 1354 -39.69 -29.04 40.12
C VAL A 1354 -41.17 -29.25 40.40
N GLY A 1355 -41.61 -30.50 40.30
CA GLY A 1355 -42.95 -30.90 40.66
C GLY A 1355 -43.38 -32.15 39.91
N CYS A 1356 -43.99 -33.10 40.62
CA CYS A 1356 -44.44 -34.33 39.98
C CYS A 1356 -45.71 -34.05 39.19
N LEU A 1357 -45.73 -34.51 37.94
CA LEU A 1357 -46.79 -34.15 36.99
C LEU A 1357 -47.68 -35.35 36.68
N THR A 1358 -47.11 -36.45 36.19
CA THR A 1358 -47.86 -37.63 35.80
C THR A 1358 -47.41 -38.87 36.57
N ARG A 1359 -47.07 -38.67 37.85
CA ARG A 1359 -46.93 -39.69 38.90
C ARG A 1359 -45.67 -40.56 38.75
N GLU A 1360 -44.96 -40.43 37.62
CA GLU A 1360 -43.65 -41.04 37.49
C GLU A 1360 -42.68 -40.19 36.70
N ARG A 1361 -43.01 -38.92 36.44
CA ARG A 1361 -42.15 -38.03 35.68
C ARG A 1361 -42.01 -36.71 36.45
N LEU A 1362 -40.89 -36.57 37.15
CA LEU A 1362 -40.61 -35.37 37.96
C LEU A 1362 -39.96 -34.34 37.04
N GLY A 1363 -40.76 -33.38 36.57
CA GLY A 1363 -40.24 -32.39 35.67
C GLY A 1363 -39.43 -31.32 36.36
N VAL A 1364 -38.63 -30.60 35.56
CA VAL A 1364 -37.80 -29.51 36.06
C VAL A 1364 -37.56 -28.51 34.94
N ASN A 1365 -37.74 -27.23 35.23
CA ASN A 1365 -37.56 -26.13 34.29
C ASN A 1365 -36.41 -25.28 34.82
N VAL A 1366 -35.19 -25.62 34.38
CA VAL A 1366 -33.99 -24.87 34.76
C VAL A 1366 -33.99 -23.52 34.05
N THR A 1367 -33.79 -22.44 34.81
CA THR A 1367 -33.77 -21.08 34.26
C THR A 1367 -32.43 -20.44 34.62
N TRP A 1368 -31.47 -20.52 33.70
CA TRP A 1368 -30.23 -19.76 33.86
C TRP A 1368 -30.51 -18.28 33.71
N LYS A 1369 -29.80 -17.47 34.49
CA LYS A 1369 -29.88 -16.03 34.32
C LYS A 1369 -28.56 -15.41 34.77
N SER A 1370 -28.22 -14.31 34.12
CA SER A 1370 -26.96 -13.62 34.40
C SER A 1370 -27.16 -12.14 34.15
N ARG A 1371 -26.76 -11.32 35.10
CA ARG A 1371 -26.90 -9.89 34.98
C ARG A 1371 -25.91 -9.35 33.96
N LEU A 1372 -26.35 -8.36 33.17
CA LEU A 1372 -25.45 -7.70 32.22
C LEU A 1372 -24.36 -6.89 32.90
N GLU A 1373 -24.53 -6.56 34.19
CA GLU A 1373 -23.50 -5.89 34.97
C GLU A 1373 -22.57 -6.89 35.64
N ASP A 1374 -22.18 -7.91 34.89
CA ASP A 1374 -21.19 -8.92 35.27
C ASP A 1374 -20.28 -9.29 34.13
N ILE A 1375 -20.61 -8.92 32.90
CA ILE A 1375 -19.95 -9.34 31.67
C ILE A 1375 -19.29 -8.12 31.04
N PRO A 1376 -17.98 -7.97 31.14
CA PRO A 1376 -17.32 -6.80 30.54
C PRO A 1376 -17.32 -6.85 29.02
N VAL A 1377 -16.99 -5.69 28.42
CA VAL A 1377 -16.89 -5.59 26.97
C VAL A 1377 -15.71 -6.40 26.46
N ALA A 1378 -14.59 -6.38 27.18
CA ALA A 1378 -13.41 -7.15 26.79
C ALA A 1378 -13.64 -8.65 26.86
N SER A 1379 -14.61 -9.11 27.67
CA SER A 1379 -15.02 -10.51 27.63
C SER A 1379 -15.94 -10.78 26.44
N LEU A 1380 -17.08 -10.10 26.39
CA LEU A 1380 -18.08 -10.29 25.34
C LEU A 1380 -18.55 -8.93 24.85
N PRO A 1381 -18.02 -8.43 23.73
CA PRO A 1381 -18.33 -7.05 23.31
C PRO A 1381 -19.63 -6.89 22.55
N ASP A 1382 -20.52 -7.87 22.61
CA ASP A 1382 -21.75 -7.79 21.83
C ASP A 1382 -22.85 -8.52 22.59
N LEU A 1383 -24.08 -7.98 22.48
CA LEU A 1383 -25.24 -8.68 22.98
C LEU A 1383 -25.53 -9.93 22.17
N HIS A 1384 -25.09 -9.96 20.91
CA HIS A 1384 -25.12 -11.19 20.12
C HIS A 1384 -24.16 -12.23 20.67
N ASP A 1385 -23.05 -11.80 21.29
CA ASP A 1385 -22.11 -12.74 21.87
C ASP A 1385 -22.69 -13.39 23.13
N ILE A 1386 -23.36 -12.59 23.96
CA ILE A 1386 -23.92 -13.08 25.22
C ILE A 1386 -25.07 -14.04 24.95
N GLU A 1387 -25.74 -13.88 23.81
CA GLU A 1387 -26.59 -14.94 23.30
C GLU A 1387 -25.78 -16.21 23.01
N ARG A 1388 -24.78 -16.10 22.14
CA ARG A 1388 -24.08 -17.28 21.64
C ARG A 1388 -23.11 -17.87 22.65
N ALA A 1389 -22.58 -17.08 23.58
CA ALA A 1389 -21.75 -17.66 24.63
C ALA A 1389 -22.57 -18.38 25.68
N LEU A 1390 -23.89 -18.18 25.69
CA LEU A 1390 -24.79 -18.88 26.59
C LEU A 1390 -25.51 -20.03 25.90
N VAL A 1391 -26.02 -19.82 24.69
CA VAL A 1391 -26.69 -20.91 23.96
C VAL A 1391 -25.71 -21.86 23.30
N GLY A 1392 -24.43 -21.52 23.26
CA GLY A 1392 -23.45 -22.29 22.52
C GLY A 1392 -23.06 -23.58 23.22
N LYS A 1393 -21.96 -24.16 22.73
CA LYS A 1393 -21.50 -25.45 23.18
C LYS A 1393 -20.88 -25.42 24.56
N ASP A 1394 -20.59 -24.25 25.11
CA ASP A 1394 -19.94 -24.17 26.42
C ASP A 1394 -20.94 -24.46 27.55
N LEU A 1395 -22.11 -23.82 27.51
CA LEU A 1395 -23.05 -23.90 28.61
C LEU A 1395 -24.34 -24.63 28.24
N LEU A 1396 -25.06 -24.17 27.21
CA LEU A 1396 -26.29 -24.85 26.84
C LEU A 1396 -26.01 -26.09 26.01
N GLY A 1397 -25.02 -26.02 25.10
CA GLY A 1397 -24.70 -27.17 24.27
C GLY A 1397 -24.07 -28.30 25.06
N ARG A 1398 -23.22 -27.96 26.04
CA ARG A 1398 -22.64 -28.98 26.90
C ARG A 1398 -23.69 -29.62 27.81
N PHE A 1399 -24.69 -28.83 28.23
CA PHE A 1399 -25.71 -29.36 29.13
C PHE A 1399 -26.69 -30.26 28.40
N THR A 1400 -27.09 -29.88 27.18
CA THR A 1400 -27.94 -30.75 26.38
C THR A 1400 -27.20 -32.03 26.01
N ASP A 1401 -25.90 -31.93 25.70
CA ASP A 1401 -25.11 -33.13 25.43
C ASP A 1401 -24.89 -33.98 26.67
N LEU A 1402 -24.98 -33.40 27.88
CA LEU A 1402 -24.88 -34.21 29.09
C LEU A 1402 -26.15 -35.03 29.28
N ILE A 1403 -27.32 -34.41 29.13
CA ILE A 1403 -28.57 -35.12 29.37
C ILE A 1403 -29.01 -35.97 28.19
N GLN A 1404 -28.52 -35.69 26.98
CA GLN A 1404 -28.84 -36.55 25.84
C GLN A 1404 -27.86 -37.71 25.73
N SER A 1405 -26.60 -37.40 25.44
CA SER A 1405 -25.58 -38.41 25.21
C SER A 1405 -24.74 -38.62 26.47
N GLY A 1406 -25.40 -39.13 27.51
CA GLY A 1406 -24.69 -39.41 28.75
C GLY A 1406 -25.56 -40.01 29.83
N SER A 1407 -25.23 -39.71 31.08
CA SER A 1407 -26.01 -40.15 32.22
C SER A 1407 -25.87 -39.13 33.34
N PHE A 1408 -26.82 -39.17 34.28
CA PHE A 1408 -26.91 -38.15 35.33
C PHE A 1408 -27.56 -38.80 36.54
N GLN A 1409 -26.79 -38.93 37.62
CA GLN A 1409 -27.16 -39.78 38.75
C GLN A 1409 -27.27 -38.94 40.03
N LEU A 1410 -28.50 -38.63 40.43
CA LEU A 1410 -28.74 -37.93 41.67
C LEU A 1410 -28.56 -38.88 42.87
N HIS A 1411 -28.16 -38.32 44.00
CA HIS A 1411 -27.88 -39.10 45.20
C HIS A 1411 -28.76 -38.59 46.35
N LEU A 1412 -29.89 -39.26 46.57
CA LEU A 1412 -30.76 -38.98 47.71
C LEU A 1412 -30.99 -40.28 48.45
N ASP A 1413 -31.11 -40.17 49.79
CA ASP A 1413 -31.33 -41.19 50.83
C ASP A 1413 -30.67 -42.55 50.55
N SER A 1414 -29.40 -42.50 50.14
CA SER A 1414 -28.61 -43.67 49.71
C SER A 1414 -29.31 -44.46 48.61
N LYS A 1415 -29.84 -43.74 47.63
CA LYS A 1415 -30.52 -44.35 46.49
C LYS A 1415 -30.13 -43.56 45.24
N THR A 1416 -29.39 -44.19 44.34
CA THR A 1416 -28.89 -43.55 43.13
C THR A 1416 -29.80 -43.90 41.96
N PHE A 1417 -30.21 -42.88 41.21
CA PHE A 1417 -31.21 -43.07 40.16
C PHE A 1417 -31.02 -42.04 39.06
N PRO A 1418 -31.32 -42.41 37.80
CA PRO A 1418 -31.15 -41.46 36.69
C PRO A 1418 -32.21 -40.36 36.72
N ALA A 1419 -31.90 -39.26 36.00
CA ALA A 1419 -32.74 -38.08 36.08
C ALA A 1419 -32.90 -37.32 34.75
N GLU A 1420 -32.69 -37.97 33.61
CA GLU A 1420 -32.59 -37.24 32.34
C GLU A 1420 -33.74 -37.58 31.39
N THR A 1421 -34.26 -36.54 30.74
CA THR A 1421 -35.04 -36.64 29.50
C THR A 1421 -34.55 -35.53 28.57
N ILE A 1422 -35.30 -35.28 27.50
CA ILE A 1422 -35.03 -34.21 26.55
C ILE A 1422 -36.20 -33.24 26.44
N ARG A 1423 -37.42 -33.78 26.27
CA ARG A 1423 -38.67 -33.04 26.02
C ARG A 1423 -38.56 -32.07 24.84
N SER A 1433 -39.60 -25.42 24.18
CA SER A 1433 -38.36 -24.98 24.82
C SER A 1433 -38.06 -23.52 24.47
N PRO A 1434 -38.44 -22.60 25.36
CA PRO A 1434 -38.18 -21.18 25.12
C PRO A 1434 -36.69 -20.88 25.19
N ARG A 1435 -36.19 -20.18 24.16
CA ARG A 1435 -34.78 -19.84 24.05
C ARG A 1435 -34.47 -18.62 24.90
N THR A 1436 -33.28 -18.04 24.69
CA THR A 1436 -32.78 -16.96 25.53
C THR A 1436 -33.36 -15.63 25.06
N TRP A 1437 -33.73 -14.78 26.02
CA TRP A 1437 -34.47 -13.56 25.71
C TRP A 1437 -34.18 -12.48 26.76
N PHE A 1438 -34.15 -11.24 26.30
CA PHE A 1438 -33.74 -10.11 27.13
C PHE A 1438 -34.83 -9.65 28.07
N GLY A 1439 -34.41 -9.20 29.26
CA GLY A 1439 -35.30 -8.66 30.26
C GLY A 1439 -34.55 -7.66 31.11
N CYS A 1440 -35.23 -7.16 32.14
CA CYS A 1440 -34.58 -6.38 33.20
C CYS A 1440 -35.00 -6.92 34.55
N SER A 1441 -34.12 -6.74 35.54
CA SER A 1441 -34.04 -7.65 36.67
C SER A 1441 -34.46 -7.06 38.01
N GLU A 1442 -33.84 -5.95 38.45
CA GLU A 1442 -33.84 -5.65 39.88
C GLU A 1442 -35.14 -5.00 40.32
N GLY A 1443 -35.43 -3.79 39.84
CA GLY A 1443 -36.62 -3.10 40.26
C GLY A 1443 -37.27 -2.31 39.15
N PHE A 1444 -37.03 -2.71 37.91
CA PHE A 1444 -37.33 -1.86 36.77
C PHE A 1444 -38.53 -2.39 35.99
N TYR A 1445 -39.28 -1.48 35.39
CA TYR A 1445 -40.37 -1.83 34.49
C TYR A 1445 -39.80 -2.34 33.16
N GLN A 1446 -40.56 -3.19 32.48
CA GLN A 1446 -40.19 -3.71 31.18
C GLN A 1446 -41.24 -3.29 30.16
N VAL A 1447 -40.92 -2.29 29.36
CA VAL A 1447 -41.82 -1.84 28.29
C VAL A 1447 -41.43 -2.56 27.01
N LEU A 1448 -42.41 -2.77 26.13
CA LEU A 1448 -42.17 -3.49 24.88
C LEU A 1448 -42.51 -2.62 23.68
N ASP A 1455 -37.15 -1.71 19.60
CA ASP A 1455 -35.91 -1.97 18.90
C ASP A 1455 -34.70 -1.36 19.62
N GLY A 1456 -34.74 -1.35 20.96
CA GLY A 1456 -33.71 -0.68 21.70
C GLY A 1456 -33.87 -0.68 23.21
N LEU A 1457 -33.76 0.52 23.80
CA LEU A 1457 -33.55 0.68 25.22
C LEU A 1457 -34.84 0.60 26.05
N GLY A 1458 -35.62 -0.45 25.88
CA GLY A 1458 -36.87 -0.48 26.62
C GLY A 1458 -36.83 -1.23 27.95
N CYS A 1459 -36.56 -0.48 29.02
CA CYS A 1459 -36.78 -0.82 30.44
C CYS A 1459 -36.63 0.45 31.29
N VAL A 1460 -37.57 0.68 32.22
CA VAL A 1460 -37.83 1.98 32.82
C VAL A 1460 -37.56 1.89 34.32
N LYS A 1461 -37.03 2.99 34.89
CA LYS A 1461 -36.44 3.05 36.23
C LYS A 1461 -37.42 2.72 37.37
N CYS A 1462 -38.76 2.82 37.15
CA CYS A 1462 -39.82 2.69 38.16
C CYS A 1462 -39.66 3.71 39.29
N PRO A 1463 -40.06 4.97 39.05
CA PRO A 1463 -39.84 6.05 40.03
C PRO A 1463 -40.60 5.89 41.35
N GLU A 1464 -40.40 6.84 42.25
CA GLU A 1464 -40.98 6.76 43.59
C GLU A 1464 -42.49 6.95 43.55
N GLY A 1465 -43.13 6.62 44.67
CA GLY A 1465 -44.55 6.40 44.71
C GLY A 1465 -44.96 5.00 44.36
N SER A 1466 -44.01 4.16 43.96
CA SER A 1466 -44.29 2.81 43.47
C SER A 1466 -43.23 1.86 43.99
N TYR A 1467 -43.33 0.60 43.55
CA TYR A 1467 -42.44 -0.47 43.99
C TYR A 1467 -42.60 -1.63 43.02
N SER A 1468 -41.50 -2.31 42.75
CA SER A 1468 -41.51 -3.47 41.84
C SER A 1468 -41.90 -4.70 42.65
N GLN A 1469 -43.07 -5.26 42.35
CA GLN A 1469 -43.47 -6.49 43.01
C GLN A 1469 -43.13 -7.71 42.15
N ASP A 1470 -43.74 -7.82 40.96
CA ASP A 1470 -43.42 -8.85 39.98
C ASP A 1470 -43.48 -8.18 38.61
N GLU A 1471 -42.36 -7.56 38.19
CA GLU A 1471 -42.13 -7.02 36.84
C GLU A 1471 -43.03 -5.81 36.50
N GLU A 1472 -44.02 -5.51 37.33
CA GLU A 1472 -45.00 -4.45 37.08
C GLU A 1472 -45.02 -3.57 38.31
N CYS A 1473 -44.51 -2.35 38.19
CA CYS A 1473 -44.33 -1.48 39.34
C CYS A 1473 -45.67 -0.89 39.75
N ILE A 1474 -46.32 -1.59 40.68
CA ILE A 1474 -47.57 -1.15 41.29
C ILE A 1474 -47.30 0.07 42.17
N PRO A 1475 -48.15 1.09 42.17
CA PRO A 1475 -47.97 2.22 43.09
C PRO A 1475 -48.08 1.80 44.55
N CYS A 1476 -47.37 2.54 45.40
CA CYS A 1476 -47.31 2.23 46.82
C CYS A 1476 -48.65 2.49 47.50
N PRO A 1477 -49.12 1.58 48.35
CA PRO A 1477 -50.45 1.73 48.98
C PRO A 1477 -50.53 2.92 49.93
N VAL A 1478 -51.77 3.19 50.35
CA VAL A 1478 -52.12 4.44 51.03
C VAL A 1478 -51.49 4.54 52.42
N GLY A 1479 -51.27 3.41 53.09
CA GLY A 1479 -50.69 3.43 54.42
C GLY A 1479 -49.21 3.63 54.49
N PHE A 1480 -48.52 3.67 53.35
CA PHE A 1480 -47.07 3.73 53.33
C PHE A 1480 -46.60 4.88 52.44
N TYR A 1481 -45.30 4.99 52.21
CA TYR A 1481 -44.75 5.93 51.24
C TYR A 1481 -43.41 5.41 50.77
N GLN A 1482 -42.96 5.91 49.62
CA GLN A 1482 -41.77 5.37 48.96
C GLN A 1482 -40.58 6.31 48.98
N GLU A 1483 -40.73 7.53 48.45
CA GLU A 1483 -39.82 8.67 48.55
C GLU A 1483 -38.51 8.51 47.74
N GLN A 1484 -38.25 7.33 47.17
CA GLN A 1484 -37.05 7.18 46.36
C GLN A 1484 -37.29 6.14 45.26
N ALA A 1485 -36.71 6.40 44.09
CA ALA A 1485 -37.02 5.65 42.89
C ALA A 1485 -36.39 4.26 42.92
N GLY A 1486 -37.03 3.33 42.20
CA GLY A 1486 -36.47 2.00 41.96
C GLY A 1486 -36.41 1.10 43.18
N SER A 1487 -37.56 0.64 43.66
CA SER A 1487 -37.62 -0.10 44.91
C SER A 1487 -38.33 -1.43 44.72
N LEU A 1488 -38.30 -2.22 45.79
CA LEU A 1488 -39.07 -3.45 45.93
C LEU A 1488 -40.32 -3.26 46.78
N ALA A 1489 -40.23 -2.45 47.83
CA ALA A 1489 -41.35 -2.18 48.71
C ALA A 1489 -41.21 -0.78 49.27
N CYS A 1490 -42.27 -0.28 49.90
CA CYS A 1490 -42.30 1.08 50.41
C CYS A 1490 -42.51 1.09 51.92
N VAL A 1491 -41.99 2.15 52.56
CA VAL A 1491 -41.73 2.17 54.00
C VAL A 1491 -42.89 2.79 54.77
N PRO A 1492 -43.08 2.46 56.05
CA PRO A 1492 -44.17 3.06 56.81
C PRO A 1492 -43.87 4.49 57.24
N CYS A 1493 -44.94 5.25 57.37
CA CYS A 1493 -45.05 6.56 58.00
C CYS A 1493 -45.71 6.40 59.37
N PRO A 1494 -45.59 7.40 60.27
CA PRO A 1494 -46.19 7.27 61.60
C PRO A 1494 -47.71 7.12 61.58
N VAL A 1495 -48.26 6.86 62.77
CA VAL A 1495 -49.57 6.22 62.90
C VAL A 1495 -50.69 7.18 62.52
N GLY A 1496 -51.64 6.67 61.74
CA GLY A 1496 -52.81 7.42 61.31
C GLY A 1496 -52.49 8.56 60.37
N ARG A 1497 -51.73 8.29 59.31
CA ARG A 1497 -51.20 9.35 58.44
C ARG A 1497 -51.25 8.93 56.99
N THR A 1498 -52.01 9.69 56.19
CA THR A 1498 -51.95 9.72 54.73
C THR A 1498 -52.64 11.00 54.27
N THR A 1499 -52.72 11.19 52.95
CA THR A 1499 -53.47 12.35 52.43
C THR A 1499 -54.68 11.95 51.61
N ILE A 1500 -54.53 11.21 50.51
CA ILE A 1500 -55.66 10.92 49.65
C ILE A 1500 -55.80 9.44 49.29
N SER A 1501 -54.75 8.84 48.75
CA SER A 1501 -54.90 7.58 48.03
C SER A 1501 -53.57 6.85 47.98
N ALA A 1502 -53.45 5.89 47.06
CA ALA A 1502 -52.27 5.05 46.91
C ALA A 1502 -51.27 5.63 45.93
N GLY A 1503 -51.14 6.95 45.87
CA GLY A 1503 -50.00 7.53 45.18
C GLY A 1503 -48.73 7.42 46.00
N ALA A 1504 -48.77 7.92 47.24
CA ALA A 1504 -47.70 7.83 48.25
C ALA A 1504 -46.40 8.47 47.74
N PHE A 1505 -46.48 9.79 47.55
CA PHE A 1505 -45.51 10.49 46.72
C PHE A 1505 -44.16 10.65 47.44
N SER A 1506 -44.14 11.36 48.55
CA SER A 1506 -42.89 11.71 49.22
C SER A 1506 -43.15 11.82 50.73
N GLN A 1507 -42.23 12.50 51.43
CA GLN A 1507 -42.23 12.49 52.89
C GLN A 1507 -43.39 13.32 53.47
N THR A 1508 -43.74 14.42 52.82
CA THR A 1508 -44.83 15.27 53.32
C THR A 1508 -46.17 14.87 52.71
N HIS A 1509 -46.48 13.57 52.76
CA HIS A 1509 -47.73 13.06 52.24
C HIS A 1509 -48.36 11.99 53.12
N CYS A 1510 -47.74 11.67 54.25
CA CYS A 1510 -48.40 11.00 55.37
C CYS A 1510 -48.56 12.03 56.48
N VAL A 1511 -49.71 12.71 56.49
CA VAL A 1511 -50.03 13.67 57.53
C VAL A 1511 -51.31 13.23 58.22
N THR A 1512 -51.53 13.78 59.41
CA THR A 1512 -52.68 13.42 60.23
C THR A 1512 -53.99 13.88 59.57
N ASP A 1513 -55.10 13.37 60.11
CA ASP A 1513 -56.42 13.82 59.67
C ASP A 1513 -56.78 15.21 60.17
N CYS A 1514 -55.93 15.82 61.01
CA CYS A 1514 -56.02 17.24 61.30
C CYS A 1514 -55.90 18.07 60.02
N GLN A 1515 -55.05 17.64 59.09
CA GLN A 1515 -54.91 18.31 57.81
C GLN A 1515 -55.81 17.72 56.73
N ARG A 1516 -56.48 16.60 57.02
CA ARG A 1516 -57.51 16.04 56.15
C ARG A 1516 -58.90 16.47 56.59
N ASN A 1517 -59.02 17.66 57.19
CA ASN A 1517 -60.29 18.09 57.78
C ASN A 1517 -61.25 18.67 56.77
N GLU A 1518 -60.72 19.26 55.67
CA GLU A 1518 -61.42 19.83 54.49
C GLU A 1518 -62.54 20.81 54.85
N ALA A 1519 -62.55 21.36 56.07
CA ALA A 1519 -63.51 22.37 56.47
C ALA A 1519 -62.87 23.41 57.39
N GLY A 1520 -61.55 23.58 57.28
CA GLY A 1520 -60.84 24.53 58.11
C GLY A 1520 -60.28 23.92 59.38
N LEU A 1521 -60.97 24.15 60.49
CA LEU A 1521 -60.74 23.55 61.81
C LEU A 1521 -59.41 23.94 62.46
N GLN A 1522 -58.64 24.83 61.82
CA GLN A 1522 -57.49 25.54 62.40
C GLN A 1522 -56.41 24.59 62.92
N CYS A 1523 -55.81 23.86 61.98
CA CYS A 1523 -54.80 22.86 62.33
C CYS A 1523 -53.47 23.54 62.62
N ASP A 1524 -52.94 23.32 63.82
CA ASP A 1524 -51.66 23.91 64.22
C ASP A 1524 -50.48 23.12 63.68
N GLN A 1525 -49.30 23.42 64.23
CA GLN A 1525 -48.07 22.72 63.90
C GLN A 1525 -48.03 21.33 64.54
N ASN A 1526 -46.89 20.66 64.36
CA ASN A 1526 -46.53 19.37 64.97
C ASN A 1526 -47.47 18.24 64.56
N GLY A 1527 -48.25 18.43 63.50
CA GLY A 1527 -49.35 17.52 63.20
C GLY A 1527 -50.43 17.49 64.25
N GLN A 1528 -50.57 18.55 65.03
CA GLN A 1528 -51.37 18.56 66.24
C GLN A 1528 -52.57 19.48 66.05
N TYR A 1529 -53.71 19.06 66.58
CA TYR A 1529 -54.97 19.76 66.41
C TYR A 1529 -55.15 20.76 67.54
N ARG A 1530 -55.52 21.99 67.18
CA ARG A 1530 -55.69 23.05 68.16
C ARG A 1530 -56.99 22.85 68.93
N ALA A 1531 -56.93 23.06 70.25
CA ALA A 1531 -58.09 22.89 71.12
C ALA A 1531 -58.91 24.17 71.25
N SER A 1532 -58.89 25.02 70.23
CA SER A 1532 -59.68 26.24 70.16
C SER A 1532 -59.78 26.65 68.70
N GLN A 1533 -61.00 26.92 68.23
CA GLN A 1533 -61.22 27.36 66.86
C GLN A 1533 -62.11 28.58 66.86
N LYS A 1534 -61.64 29.65 66.22
CA LYS A 1534 -62.51 30.77 65.89
C LYS A 1534 -63.40 30.33 64.73
N ASP A 1535 -64.58 29.82 65.06
CA ASP A 1535 -65.47 29.22 64.07
C ASP A 1535 -66.07 30.32 63.20
N ARG A 1536 -65.61 30.39 61.94
CA ARG A 1536 -65.99 31.46 61.02
C ARG A 1536 -67.33 31.24 60.35
N GLY A 1537 -68.05 30.16 60.70
CA GLY A 1537 -69.37 29.94 60.12
C GLY A 1537 -70.38 30.98 60.55
N SER A 1538 -70.36 31.37 61.82
CA SER A 1538 -71.17 32.49 62.27
C SER A 1538 -70.44 33.35 63.30
N GLY A 1539 -69.13 33.18 63.47
CA GLY A 1539 -68.39 33.91 64.48
C GLY A 1539 -68.22 33.21 65.80
N LYS A 1540 -68.57 31.92 65.88
CA LYS A 1540 -68.57 31.19 67.14
C LYS A 1540 -67.14 30.83 67.56
N ALA A 1541 -67.04 30.22 68.75
CA ALA A 1541 -65.78 29.71 69.29
C ALA A 1541 -66.05 28.27 69.75
N PHE A 1542 -65.87 27.33 68.85
CA PHE A 1542 -65.96 25.91 69.17
C PHE A 1542 -64.55 25.36 69.33
N CYS A 1543 -64.34 24.51 70.34
CA CYS A 1543 -62.99 24.24 70.80
C CYS A 1543 -62.75 22.75 71.11
N VAL A 1544 -63.11 21.87 70.17
CA VAL A 1544 -62.90 20.42 70.38
C VAL A 1544 -61.40 20.10 70.36
N ASP A 1545 -61.05 18.98 71.00
CA ASP A 1545 -59.71 18.39 70.91
C ASP A 1545 -59.57 17.61 69.61
N GLY A 1546 -58.53 16.78 69.51
CA GLY A 1546 -58.13 16.21 68.22
C GLY A 1546 -58.96 15.08 67.66
N GLU A 1547 -60.27 15.10 67.93
CA GLU A 1547 -61.22 14.15 67.37
C GLU A 1547 -62.45 14.90 66.90
N GLY A 1548 -63.52 14.17 66.57
CA GLY A 1548 -64.72 14.80 66.07
C GLY A 1548 -65.95 14.64 66.94
N ARG A 1549 -65.78 14.78 68.26
CA ARG A 1549 -66.85 14.58 69.23
C ARG A 1549 -67.30 15.95 69.75
N ARG A 1550 -68.49 16.38 69.32
CA ARG A 1550 -68.95 17.75 69.48
C ARG A 1550 -69.17 18.10 70.96
N LEU A 1551 -69.17 19.41 71.23
CA LEU A 1551 -69.43 19.97 72.56
C LEU A 1551 -70.69 20.81 72.49
N PRO A 1552 -71.82 20.32 73.01
CA PRO A 1552 -73.11 20.99 72.76
C PRO A 1552 -73.34 22.26 73.55
N TRP A 1553 -72.70 23.36 73.15
CA TRP A 1553 -72.90 24.66 73.78
C TRP A 1553 -72.47 25.75 72.81
N TRP A 1554 -72.46 27.00 73.28
CA TRP A 1554 -72.24 28.15 72.42
C TRP A 1554 -71.36 29.17 73.14
N GLU A 1555 -70.48 29.83 72.38
CA GLU A 1555 -69.76 31.00 72.87
C GLU A 1555 -69.37 31.84 71.66
N THR A 1556 -70.12 32.91 71.41
CA THR A 1556 -69.92 33.78 70.26
C THR A 1556 -69.47 35.15 70.77
N GLU A 1557 -68.43 35.69 70.14
CA GLU A 1557 -67.81 36.98 70.47
C GLU A 1557 -67.33 36.98 71.93
N ALA A 1558 -66.33 36.15 72.17
CA ALA A 1558 -65.66 36.07 73.47
C ALA A 1558 -64.27 35.49 73.25
N PRO A 1559 -63.29 35.91 74.05
CA PRO A 1559 -61.94 35.34 73.91
C PRO A 1559 -61.83 33.93 74.45
N LEU A 1560 -62.19 32.93 73.64
CA LEU A 1560 -62.06 31.53 74.02
C LEU A 1560 -60.83 30.97 73.32
N GLU A 1561 -59.68 31.09 73.99
CA GLU A 1561 -58.43 30.55 73.50
C GLU A 1561 -58.25 29.13 74.04
N ASP A 1562 -57.03 28.60 73.96
CA ASP A 1562 -56.78 27.21 74.36
C ASP A 1562 -56.94 27.01 75.86
N SER A 1563 -56.38 27.93 76.67
CA SER A 1563 -56.40 27.75 78.12
C SER A 1563 -57.79 27.94 78.70
N GLN A 1564 -58.62 28.78 78.07
CA GLN A 1564 -60.00 28.92 78.51
C GLN A 1564 -60.87 27.76 78.06
N CYS A 1565 -60.40 26.89 77.16
CA CYS A 1565 -61.12 25.68 76.81
C CYS A 1565 -60.46 24.40 77.30
N LEU A 1566 -59.13 24.39 77.50
CA LEU A 1566 -58.47 23.22 78.08
C LEU A 1566 -58.98 22.92 79.49
N MET A 1567 -59.37 23.96 80.22
CA MET A 1567 -60.14 23.76 81.44
C MET A 1567 -61.57 23.35 81.14
N MET A 1568 -62.18 23.95 80.10
CA MET A 1568 -63.55 23.62 79.72
C MET A 1568 -63.65 22.22 79.11
N GLN A 1569 -62.58 21.74 78.47
CA GLN A 1569 -62.53 20.33 78.05
C GLN A 1569 -62.55 19.39 79.25
N LYS A 1570 -62.05 19.85 80.40
CA LYS A 1570 -61.99 19.05 81.61
C LYS A 1570 -63.31 19.17 82.38
N PHE A 1571 -64.38 18.74 81.71
CA PHE A 1571 -65.73 18.69 82.27
C PHE A 1571 -66.52 17.62 81.54
N GLU A 1572 -67.46 17.01 82.24
CA GLU A 1572 -68.59 16.35 81.59
C GLU A 1572 -69.73 17.36 81.51
N LYS A 1573 -70.26 17.57 80.31
CA LYS A 1573 -70.98 18.80 80.01
C LYS A 1573 -72.38 18.82 80.62
N VAL A 1574 -73.26 17.93 80.17
CA VAL A 1574 -74.63 17.88 80.64
C VAL A 1574 -74.92 16.47 81.13
N PRO A 1575 -75.33 16.29 82.38
CA PRO A 1575 -75.68 14.94 82.85
C PRO A 1575 -77.02 14.46 82.32
N GLU A 1576 -77.48 13.31 82.80
CA GLU A 1576 -78.79 12.81 82.43
C GLU A 1576 -79.87 13.70 83.02
N SER A 1577 -80.66 14.32 82.15
CA SER A 1577 -81.66 15.32 82.54
C SER A 1577 -83.02 14.71 82.79
N LYS A 1578 -83.07 13.46 83.27
CA LYS A 1578 -84.33 12.73 83.38
C LYS A 1578 -85.16 13.21 84.56
N VAL A 1579 -84.66 13.02 85.79
CA VAL A 1579 -85.42 13.30 87.00
C VAL A 1579 -84.60 14.21 87.89
N ILE A 1580 -85.10 15.43 88.14
CA ILE A 1580 -84.56 16.33 89.15
C ILE A 1580 -85.58 16.48 90.26
N PHE A 1581 -85.10 16.47 91.51
CA PHE A 1581 -85.87 16.05 92.67
C PHE A 1581 -84.99 16.32 93.89
N ASP A 1582 -85.55 16.12 95.09
CA ASP A 1582 -84.82 16.13 96.37
C ASP A 1582 -84.14 17.47 96.65
N ALA A 1583 -84.96 18.48 96.94
CA ALA A 1583 -84.42 19.76 97.40
C ALA A 1583 -83.88 19.67 98.84
N ASN A 1584 -82.81 18.90 99.01
CA ASN A 1584 -82.11 18.69 100.28
C ASN A 1584 -80.63 18.58 99.96
N ALA A 1585 -79.83 18.21 100.97
CA ALA A 1585 -78.37 18.09 100.93
C ALA A 1585 -77.77 19.38 100.37
N PRO A 1586 -77.70 20.46 101.18
CA PRO A 1586 -77.54 21.80 100.62
C PRO A 1586 -76.18 22.12 100.02
N VAL A 1587 -76.02 23.40 99.66
CA VAL A 1587 -74.81 23.92 99.02
C VAL A 1587 -73.64 23.78 99.97
N ALA A 1588 -72.67 22.94 99.58
CA ALA A 1588 -71.72 22.37 100.53
C ALA A 1588 -70.68 23.36 101.01
N VAL A 1589 -70.21 24.26 100.15
CA VAL A 1589 -69.10 25.13 100.54
C VAL A 1589 -69.41 26.62 100.37
N ARG A 1590 -69.83 27.04 99.18
CA ARG A 1590 -69.90 28.47 98.87
C ARG A 1590 -70.78 28.69 97.66
N SER A 1591 -71.10 29.96 97.41
CA SER A 1591 -71.83 30.36 96.22
C SER A 1591 -71.36 31.77 95.83
N LYS A 1592 -70.40 31.84 94.92
CA LYS A 1592 -69.87 33.11 94.45
C LYS A 1592 -70.72 33.65 93.31
N VAL A 1593 -71.02 34.95 93.38
CA VAL A 1593 -71.76 35.62 92.32
C VAL A 1593 -70.81 35.99 91.19
N PRO A 1594 -71.26 35.93 89.94
CA PRO A 1594 -70.38 36.32 88.83
C PRO A 1594 -70.24 37.83 88.65
N ASP A 1595 -69.31 38.45 89.36
CA ASP A 1595 -69.11 39.89 89.28
C ASP A 1595 -68.11 40.27 88.19
N SER A 1596 -68.42 39.82 86.97
CA SER A 1596 -67.72 40.23 85.76
C SER A 1596 -68.70 40.10 84.60
N GLU A 1597 -68.17 40.18 83.37
CA GLU A 1597 -68.99 40.14 82.17
C GLU A 1597 -69.07 38.74 81.56
N PHE A 1598 -68.68 37.70 82.30
CA PHE A 1598 -68.78 36.32 81.83
C PHE A 1598 -69.21 35.45 83.00
N PRO A 1599 -70.48 35.03 83.04
CA PRO A 1599 -70.96 34.24 84.19
C PRO A 1599 -70.42 32.82 84.25
N VAL A 1600 -69.76 32.33 83.21
CA VAL A 1600 -69.22 30.98 83.17
C VAL A 1600 -67.70 31.00 83.25
N MET A 1601 -67.04 31.87 82.49
CA MET A 1601 -65.60 31.89 82.41
C MET A 1601 -64.97 32.44 83.70
N GLN A 1602 -65.68 33.32 84.40
CA GLN A 1602 -65.21 33.76 85.71
C GLN A 1602 -65.28 32.63 86.73
N CYS A 1603 -66.40 31.91 86.76
CA CYS A 1603 -66.57 30.74 87.63
C CYS A 1603 -65.94 29.49 87.06
N LEU A 1604 -65.27 29.58 85.90
CA LEU A 1604 -64.56 28.44 85.33
C LEU A 1604 -63.33 28.11 86.16
N THR A 1605 -62.48 29.11 86.40
CA THR A 1605 -61.29 28.94 87.22
C THR A 1605 -61.66 28.78 88.70
N ASP A 1606 -62.81 29.31 89.10
CA ASP A 1606 -63.15 29.48 90.52
C ASP A 1606 -63.37 28.15 91.25
N CYS A 1607 -63.67 27.06 90.54
CA CYS A 1607 -63.69 25.77 91.20
C CYS A 1607 -62.54 24.87 90.80
N THR A 1608 -61.98 25.05 89.60
CA THR A 1608 -60.84 24.27 89.16
C THR A 1608 -59.53 24.73 89.79
N GLU A 1609 -59.51 25.90 90.42
CA GLU A 1609 -58.41 26.28 91.31
C GLU A 1609 -58.76 25.89 92.74
N ASP A 1610 -59.20 24.64 92.88
CA ASP A 1610 -59.73 24.01 94.08
C ASP A 1610 -60.03 22.57 93.68
N GLU A 1611 -60.27 21.73 94.67
CA GLU A 1611 -60.78 20.39 94.45
C GLU A 1611 -62.22 20.32 94.93
N ALA A 1612 -62.93 19.27 94.51
CA ALA A 1612 -64.31 18.96 94.88
C ALA A 1612 -65.27 20.09 94.48
N CYS A 1613 -65.41 20.25 93.16
CA CYS A 1613 -66.43 21.15 92.61
C CYS A 1613 -67.33 20.38 91.66
N SER A 1614 -67.78 19.20 92.10
CA SER A 1614 -68.44 18.20 91.26
C SER A 1614 -69.74 18.68 90.63
N PHE A 1615 -70.76 18.97 91.43
CA PHE A 1615 -71.98 19.58 90.91
C PHE A 1615 -71.78 21.08 90.85
N PHE A 1616 -71.98 21.66 89.66
CA PHE A 1616 -71.63 23.05 89.41
C PHE A 1616 -72.60 23.63 88.39
N THR A 1617 -73.17 24.78 88.70
CA THR A 1617 -74.06 25.44 87.75
C THR A 1617 -74.09 26.94 88.01
N VAL A 1618 -74.50 27.68 86.98
CA VAL A 1618 -74.75 29.11 87.08
C VAL A 1618 -76.24 29.30 87.27
N SER A 1619 -76.65 29.89 88.39
CA SER A 1619 -78.06 30.17 88.64
C SER A 1619 -78.48 31.32 87.73
N THR A 1620 -79.20 30.98 86.65
CA THR A 1620 -79.59 31.96 85.64
C THR A 1620 -80.99 32.52 85.87
N THR A 1621 -81.39 32.67 87.13
CA THR A 1621 -82.64 33.35 87.43
C THR A 1621 -82.51 34.85 87.15
N GLU A 1622 -83.65 35.52 87.08
CA GLU A 1622 -83.72 36.85 86.49
C GLU A 1622 -83.11 37.99 87.32
N PRO A 1623 -83.40 38.18 88.66
CA PRO A 1623 -82.81 39.34 89.35
C PRO A 1623 -81.30 39.23 89.57
N GLU A 1624 -80.84 38.14 90.18
CA GLU A 1624 -79.43 37.96 90.46
C GLU A 1624 -78.92 36.68 89.80
N ILE A 1625 -77.60 36.52 89.82
CA ILE A 1625 -76.94 35.32 89.34
C ILE A 1625 -75.89 34.88 90.35
N SER A 1626 -75.69 33.57 90.46
CA SER A 1626 -74.74 33.00 91.39
C SER A 1626 -74.29 31.65 90.88
N CYS A 1627 -73.08 31.26 91.24
CA CYS A 1627 -72.51 29.98 90.84
C CYS A 1627 -72.63 28.99 92.00
N ASP A 1628 -73.26 27.86 91.74
CA ASP A 1628 -73.53 26.86 92.78
C ASP A 1628 -72.35 25.91 92.92
N PHE A 1629 -72.16 25.40 94.14
CA PHE A 1629 -71.02 24.53 94.46
C PHE A 1629 -71.48 23.44 95.42
N TYR A 1630 -71.61 22.21 94.90
CA TYR A 1630 -71.70 21.02 95.73
C TYR A 1630 -70.37 20.30 95.65
N ALA A 1631 -69.71 20.12 96.80
CA ALA A 1631 -68.46 19.38 96.84
C ALA A 1631 -68.69 17.92 96.47
N TRP A 1632 -69.39 17.19 97.34
CA TRP A 1632 -69.74 15.80 97.11
C TRP A 1632 -71.02 15.49 97.87
N THR A 1633 -71.60 14.33 97.56
CA THR A 1633 -72.78 13.85 98.28
C THR A 1633 -72.51 12.44 98.82
N SER A 1634 -73.56 11.79 99.35
CA SER A 1634 -73.41 10.42 99.83
C SER A 1634 -73.20 9.45 98.69
N ASP A 1635 -74.16 9.39 97.76
CA ASP A 1635 -74.03 8.54 96.59
C ASP A 1635 -74.77 9.19 95.42
N ASN A 1636 -74.40 8.73 94.22
CA ASN A 1636 -75.04 9.18 92.98
C ASN A 1636 -75.37 7.99 92.09
N VAL A 1637 -75.53 6.81 92.70
CA VAL A 1637 -75.82 5.58 91.97
C VAL A 1637 -76.45 4.59 92.95
N ALA A 1638 -77.37 3.77 92.43
CA ALA A 1638 -77.93 2.63 93.15
C ALA A 1638 -77.83 1.48 92.16
N CYS A 1639 -76.70 0.77 92.20
CA CYS A 1639 -76.31 -0.12 91.12
C CYS A 1639 -77.08 -1.43 91.11
N GLY A 1658 -70.12 -9.69 85.63
CA GLY A 1658 -70.57 -8.68 84.70
C GLY A 1658 -71.74 -7.86 85.22
N SER A 1659 -71.43 -6.80 85.96
CA SER A 1659 -72.46 -5.94 86.55
C SER A 1659 -72.79 -4.76 85.66
N LEU A 1660 -73.11 -5.04 84.39
CA LEU A 1660 -73.35 -3.99 83.41
C LEU A 1660 -74.70 -3.30 83.60
N ARG A 1661 -75.63 -3.95 84.30
CA ARG A 1661 -76.99 -3.42 84.49
C ARG A 1661 -76.97 -2.28 85.50
N CYS A 1662 -76.38 -1.15 85.13
CA CYS A 1662 -75.97 -0.15 86.10
C CYS A 1662 -75.63 1.17 85.41
N GLN A 1663 -76.20 2.28 85.90
CA GLN A 1663 -75.89 3.60 85.36
C GLN A 1663 -76.14 4.64 86.43
N VAL A 1664 -75.60 5.85 86.18
CA VAL A 1664 -75.43 6.87 87.22
C VAL A 1664 -76.71 7.68 87.38
N LYS A 1665 -76.94 8.18 88.59
CA LYS A 1665 -78.10 9.00 88.94
C LYS A 1665 -77.60 10.20 89.74
N VAL A 1666 -77.22 11.28 89.05
CA VAL A 1666 -76.51 12.38 89.68
C VAL A 1666 -77.44 13.53 90.06
N ARG A 1667 -78.37 13.92 89.19
CA ARG A 1667 -79.12 15.17 89.37
C ARG A 1667 -80.21 14.98 90.40
N SER A 1668 -79.94 15.44 91.63
CA SER A 1668 -80.92 15.50 92.71
C SER A 1668 -80.75 16.78 93.50
N HIS A 1669 -80.59 17.90 92.80
CA HIS A 1669 -80.20 19.16 93.43
C HIS A 1669 -80.98 20.34 92.88
N GLY A 1670 -82.30 20.20 92.80
CA GLY A 1670 -83.15 21.36 92.59
C GLY A 1670 -83.76 21.40 91.19
N GLN A 1671 -84.81 22.21 91.08
CA GLN A 1671 -85.55 22.41 89.84
C GLN A 1671 -85.72 23.91 89.62
N ASP A 1672 -84.87 24.50 88.79
CA ASP A 1672 -84.95 25.92 88.46
C ASP A 1672 -84.29 26.12 87.10
N SER A 1673 -84.12 27.38 86.71
CA SER A 1673 -83.36 27.72 85.50
C SER A 1673 -81.91 27.23 85.43
N PRO A 1674 -81.10 27.15 86.51
CA PRO A 1674 -79.74 26.59 86.35
C PRO A 1674 -79.70 25.13 85.92
N ALA A 1675 -78.64 24.80 85.18
CA ALA A 1675 -78.41 23.47 84.63
C ALA A 1675 -77.01 23.02 85.03
N VAL A 1676 -76.92 21.85 85.67
CA VAL A 1676 -75.71 21.46 86.38
C VAL A 1676 -74.64 20.98 85.41
N TYR A 1677 -73.38 21.14 85.81
CA TYR A 1677 -72.20 20.69 85.09
C TYR A 1677 -71.40 19.77 86.01
N LEU A 1678 -70.53 18.94 85.42
CA LEU A 1678 -69.77 17.96 86.18
C LEU A 1678 -68.29 18.11 85.87
N LYS A 1679 -67.45 17.93 86.91
CA LYS A 1679 -66.03 18.25 86.83
C LYS A 1679 -65.26 17.28 85.93
N LYS A 1680 -65.76 16.04 85.80
CA LYS A 1680 -65.24 14.88 85.06
C LYS A 1680 -64.04 14.23 85.77
N GLY A 1681 -63.50 14.91 86.79
CA GLY A 1681 -62.50 14.29 87.65
C GLY A 1681 -61.18 14.03 86.95
N GLN A 1682 -60.73 12.78 87.04
CA GLN A 1682 -59.55 12.17 86.40
C GLN A 1682 -58.21 12.69 86.92
N GLY A 1683 -58.20 13.69 87.80
CA GLY A 1683 -56.96 14.13 88.40
C GLY A 1683 -57.12 14.91 89.68
N SER A 1684 -56.43 14.46 90.74
CA SER A 1684 -56.35 15.12 92.05
C SER A 1684 -57.74 15.35 92.66
N THR A 1685 -58.41 14.25 92.96
CA THR A 1685 -59.74 14.32 93.56
C THR A 1685 -59.66 14.21 95.08
N THR A 1686 -60.65 14.79 95.75
CA THR A 1686 -60.86 14.55 97.18
C THR A 1686 -62.35 14.44 97.45
N THR A 1687 -62.70 13.59 98.41
CA THR A 1687 -64.09 13.35 98.79
C THR A 1687 -64.15 12.77 100.20
N LEU A 1688 -64.84 13.47 101.09
CA LEU A 1688 -65.21 13.01 102.44
C LEU A 1688 -63.98 12.63 103.27
N GLN A 1689 -63.21 13.68 103.60
CA GLN A 1689 -61.92 13.64 104.33
C GLN A 1689 -60.94 12.57 103.81
N LYS A 1690 -60.95 12.34 102.51
CA LYS A 1690 -60.10 11.31 101.91
C LYS A 1690 -59.56 11.85 100.58
N ARG A 1691 -58.30 12.26 100.59
CA ARG A 1691 -57.63 12.79 99.41
C ARG A 1691 -57.30 11.64 98.45
N PHE A 1692 -57.09 11.99 97.17
CA PHE A 1692 -56.68 11.02 96.16
C PHE A 1692 -55.72 11.67 95.18
N GLU A 1693 -54.60 11.00 94.88
CA GLU A 1693 -53.63 11.49 93.93
C GLU A 1693 -53.53 10.57 92.73
N PRO A 1694 -53.30 11.12 91.53
CA PRO A 1694 -53.01 10.28 90.37
C PRO A 1694 -51.62 9.68 90.43
N THR A 1695 -51.43 8.62 91.21
CA THR A 1695 -50.12 7.99 91.29
C THR A 1695 -49.80 7.16 90.06
N GLY A 1696 -50.81 6.80 89.26
CA GLY A 1696 -50.59 5.98 88.10
C GLY A 1696 -50.20 4.56 88.48
N PHE A 1697 -49.24 4.03 87.74
CA PHE A 1697 -48.52 2.76 87.84
C PHE A 1697 -49.36 1.57 87.39
N GLN A 1698 -50.67 1.73 87.19
CA GLN A 1698 -51.60 0.82 86.48
C GLN A 1698 -51.53 -0.66 86.93
N ASN A 1699 -50.98 -0.96 88.11
CA ASN A 1699 -50.78 -2.35 88.54
C ASN A 1699 -50.44 -2.33 90.03
N MET A 1700 -50.73 -3.45 90.70
CA MET A 1700 -50.51 -3.51 92.14
C MET A 1700 -49.77 -4.77 92.61
N LEU A 1701 -49.93 -5.89 91.88
CA LEU A 1701 -49.34 -7.21 92.13
C LEU A 1701 -49.89 -7.90 93.38
N SER A 1702 -50.71 -7.20 94.18
CA SER A 1702 -51.21 -7.70 95.45
C SER A 1702 -52.37 -6.84 95.93
N GLY A 1703 -53.51 -7.47 96.23
CA GLY A 1703 -54.63 -6.74 96.77
C GLY A 1703 -55.58 -6.25 95.71
N LEU A 1704 -56.76 -6.85 95.63
CA LEU A 1704 -57.78 -6.43 94.66
C LEU A 1704 -59.13 -6.85 95.20
N TYR A 1705 -59.94 -5.89 95.64
CA TYR A 1705 -61.26 -6.16 96.14
C TYR A 1705 -62.34 -5.61 95.22
N ASN A 1706 -63.44 -6.35 95.13
CA ASN A 1706 -64.66 -6.05 94.38
C ASN A 1706 -64.36 -5.68 92.93
N PRO A 1707 -64.01 -6.63 92.06
CA PRO A 1707 -63.85 -6.27 90.64
C PRO A 1707 -65.20 -6.05 89.98
N ILE A 1708 -65.76 -4.84 90.12
CA ILE A 1708 -67.06 -4.56 89.51
C ILE A 1708 -66.81 -4.43 88.02
N VAL A 1709 -67.01 -5.51 87.29
CA VAL A 1709 -66.76 -5.55 85.85
C VAL A 1709 -68.05 -5.15 85.12
N PHE A 1710 -67.95 -4.07 84.36
CA PHE A 1710 -69.10 -3.58 83.58
C PHE A 1710 -68.56 -2.86 82.36
N SER A 1711 -69.45 -2.15 81.66
CA SER A 1711 -69.06 -1.44 80.45
C SER A 1711 -69.96 -0.24 80.27
N ALA A 1712 -69.61 0.60 79.29
CA ALA A 1712 -70.42 1.72 78.87
C ALA A 1712 -71.04 1.43 77.51
N SER A 1713 -72.34 1.69 77.39
CA SER A 1713 -73.06 1.43 76.15
C SER A 1713 -73.95 2.61 75.78
N GLY A 1714 -73.47 3.82 76.05
CA GLY A 1714 -74.26 5.03 75.91
C GLY A 1714 -73.89 5.97 77.04
N ALA A 1715 -73.35 5.39 78.11
CA ALA A 1715 -72.67 6.14 79.16
C ALA A 1715 -71.20 6.24 78.79
N ASN A 1716 -70.37 6.71 79.71
CA ASN A 1716 -68.95 6.94 79.42
C ASN A 1716 -68.12 6.55 80.64
N LEU A 1717 -66.80 6.51 80.44
CA LEU A 1717 -65.88 6.09 81.49
C LEU A 1717 -65.69 7.14 82.57
N THR A 1718 -66.21 8.36 82.37
CA THR A 1718 -66.20 9.37 83.43
C THR A 1718 -67.05 8.93 84.61
N ASP A 1719 -68.27 8.46 84.35
CA ASP A 1719 -69.17 8.05 85.41
C ASP A 1719 -68.71 6.75 86.07
N ALA A 1720 -67.88 5.96 85.39
CA ALA A 1720 -67.23 4.83 86.04
C ALA A 1720 -66.21 5.30 87.07
N HIS A 1721 -65.50 6.39 86.77
CA HIS A 1721 -64.65 7.03 87.77
C HIS A 1721 -65.49 7.64 88.88
N LEU A 1722 -66.67 8.18 88.53
CA LEU A 1722 -67.60 8.66 89.54
C LEU A 1722 -68.25 7.50 90.30
N PHE A 1723 -68.27 6.30 89.73
CA PHE A 1723 -68.90 5.17 90.40
C PHE A 1723 -68.04 4.68 91.56
N CYS A 1724 -66.83 4.22 91.27
CA CYS A 1724 -66.01 3.54 92.27
C CYS A 1724 -65.22 4.49 93.16
N LEU A 1725 -65.21 5.79 92.88
CA LEU A 1725 -64.67 6.74 93.84
C LEU A 1725 -65.59 6.89 95.05
N LEU A 1726 -66.90 6.90 94.81
CA LEU A 1726 -67.86 7.02 95.91
C LEU A 1726 -67.99 5.73 96.70
N ALA A 1727 -67.49 4.61 96.18
CA ALA A 1727 -67.47 3.37 96.93
C ALA A 1727 -66.43 3.36 98.04
N CYS A 1728 -65.43 4.25 97.95
CA CYS A 1728 -64.37 4.36 98.96
C CYS A 1728 -64.54 5.56 99.87
N ASP A 1729 -65.78 5.86 100.28
CA ASP A 1729 -66.01 6.93 101.23
C ASP A 1729 -66.66 6.45 102.52
N ARG A 1730 -66.87 5.15 102.69
CA ARG A 1730 -67.66 4.67 103.81
C ARG A 1730 -67.12 3.44 104.54
N ASP A 1731 -65.99 2.87 104.11
CA ASP A 1731 -65.41 1.74 104.83
C ASP A 1731 -63.93 2.00 105.12
N LEU A 1732 -63.29 1.01 105.73
CA LEU A 1732 -61.83 0.96 105.83
C LEU A 1732 -61.20 0.02 104.81
N CYS A 1733 -61.96 -0.95 104.30
CA CYS A 1733 -61.40 -1.94 103.39
C CYS A 1733 -61.35 -1.48 101.94
N CYS A 1734 -60.79 -0.29 101.72
CA CYS A 1734 -60.20 0.10 100.45
C CYS A 1734 -59.28 1.29 100.70
N ASP A 1735 -58.09 1.24 100.12
CA ASP A 1735 -57.14 2.33 100.20
C ASP A 1735 -56.92 3.03 98.88
N GLY A 1736 -57.17 2.35 97.77
CA GLY A 1736 -57.20 2.96 96.47
C GLY A 1736 -58.06 2.11 95.56
N PHE A 1737 -57.97 2.39 94.26
CA PHE A 1737 -58.66 1.56 93.28
C PHE A 1737 -57.95 1.68 91.95
N VAL A 1738 -58.40 0.87 90.99
CA VAL A 1738 -57.81 0.79 89.67
C VAL A 1738 -58.93 1.00 88.65
N LEU A 1739 -58.57 1.58 87.50
CA LEU A 1739 -59.54 1.89 86.45
C LEU A 1739 -58.93 1.50 85.11
N THR A 1740 -59.46 0.46 84.48
CA THR A 1740 -58.88 -0.12 83.28
C THR A 1740 -59.74 0.18 82.06
N GLN A 1741 -59.24 -0.26 80.90
CA GLN A 1741 -59.95 -0.34 79.63
C GLN A 1741 -59.06 -1.16 78.69
N VAL A 1742 -59.69 -2.02 77.88
CA VAL A 1742 -58.96 -2.88 76.95
C VAL A 1742 -59.67 -2.87 75.59
N GLN A 1743 -59.13 -2.07 74.66
CA GLN A 1743 -59.65 -1.90 73.29
C GLN A 1743 -61.11 -1.45 73.26
N GLY A 1744 -61.54 -0.70 74.27
CA GLY A 1744 -62.90 -0.22 74.33
C GLY A 1744 -63.85 -1.14 75.09
N GLY A 1745 -64.70 -0.55 75.94
CA GLY A 1745 -65.76 -1.29 76.58
C GLY A 1745 -65.44 -1.87 77.95
N ALA A 1746 -64.60 -2.90 77.98
CA ALA A 1746 -64.37 -3.68 79.20
C ALA A 1746 -63.53 -2.90 80.20
N ILE A 1747 -64.18 -2.43 81.28
CA ILE A 1747 -63.55 -1.60 82.29
C ILE A 1747 -63.71 -2.24 83.65
N ILE A 1748 -62.77 -1.96 84.56
CA ILE A 1748 -62.73 -2.55 85.89
C ILE A 1748 -62.60 -1.43 86.92
N CYS A 1749 -63.43 -1.44 87.95
CA CYS A 1749 -63.18 -0.70 89.19
C CYS A 1749 -62.92 -1.72 90.30
N GLY A 1750 -61.68 -2.15 90.41
CA GLY A 1750 -61.25 -3.02 91.50
C GLY A 1750 -60.57 -2.20 92.59
N LEU A 1751 -60.92 -2.49 93.84
CA LEU A 1751 -60.54 -1.68 94.98
C LEU A 1751 -59.31 -2.28 95.66
N LEU A 1752 -58.50 -1.42 96.28
CA LEU A 1752 -57.18 -1.78 96.79
C LEU A 1752 -57.19 -1.77 98.30
N SER A 1753 -56.88 -2.91 98.92
CA SER A 1753 -56.80 -3.03 100.37
C SER A 1753 -55.42 -3.57 100.74
N SER A 1754 -54.57 -2.66 101.24
CA SER A 1754 -53.20 -2.88 101.69
C SER A 1754 -52.32 -3.59 100.66
N PRO A 1755 -51.91 -2.92 99.58
CA PRO A 1755 -51.03 -3.59 98.61
C PRO A 1755 -49.60 -3.71 99.12
N SER A 1756 -48.90 -4.71 98.61
CA SER A 1756 -47.48 -4.84 98.91
C SER A 1756 -46.68 -3.77 98.17
N VAL A 1757 -46.75 -3.79 96.84
CA VAL A 1757 -46.04 -2.84 96.00
C VAL A 1757 -47.05 -2.17 95.06
N LEU A 1758 -46.53 -1.24 94.26
CA LEU A 1758 -47.22 -0.70 93.09
C LEU A 1758 -46.15 -0.49 92.04
N LEU A 1759 -46.24 -1.23 90.94
CA LEU A 1759 -45.12 -1.38 90.02
C LEU A 1759 -45.53 -0.95 88.61
N CYS A 1760 -44.50 -0.73 87.77
CA CYS A 1760 -44.62 -0.50 86.32
C CYS A 1760 -45.41 0.76 85.97
N ASN A 1761 -44.76 1.90 86.22
CA ASN A 1761 -45.20 3.25 85.87
C ASN A 1761 -45.58 3.43 84.40
N VAL A 1762 -46.35 4.49 84.08
CA VAL A 1762 -46.49 4.93 82.70
C VAL A 1762 -45.22 5.57 82.16
N LYS A 1763 -44.29 5.96 83.03
CA LYS A 1763 -43.12 6.73 82.66
C LYS A 1763 -41.83 5.94 82.85
N ASP A 1764 -41.83 4.68 82.44
CA ASP A 1764 -40.66 3.82 82.54
C ASP A 1764 -40.23 3.36 81.13
N TRP A 1765 -39.27 2.43 81.10
CA TRP A 1765 -38.75 1.88 79.87
C TRP A 1765 -39.41 0.54 79.61
N MET A 1766 -40.29 0.49 78.61
CA MET A 1766 -41.10 -0.70 78.32
C MET A 1766 -40.92 -1.16 76.89
N ASP A 1767 -39.68 -1.29 76.43
CA ASP A 1767 -39.40 -1.94 75.15
C ASP A 1767 -38.19 -2.87 75.25
N PRO A 1768 -38.36 -4.08 75.82
CA PRO A 1768 -37.35 -5.13 75.60
C PRO A 1768 -37.67 -5.97 74.39
N SER A 1769 -38.59 -5.47 73.55
CA SER A 1769 -39.19 -6.16 72.41
C SER A 1769 -39.82 -7.49 72.85
N GLU A 1770 -40.83 -7.37 73.70
CA GLU A 1770 -41.52 -8.54 74.25
C GLU A 1770 -42.98 -8.21 74.50
N ALA A 1771 -43.85 -9.18 74.23
CA ALA A 1771 -45.26 -9.10 74.58
C ALA A 1771 -45.78 -10.52 74.80
N TRP A 1772 -46.82 -10.62 75.64
CA TRP A 1772 -47.73 -11.77 75.77
C TRP A 1772 -47.10 -12.98 76.47
N ALA A 1773 -45.78 -12.97 76.70
CA ALA A 1773 -45.11 -14.11 77.33
C ALA A 1773 -44.52 -13.76 78.68
N ASN A 1774 -43.59 -12.80 78.74
CA ASN A 1774 -43.08 -12.25 79.99
C ASN A 1774 -43.61 -10.84 80.25
N ALA A 1775 -44.77 -10.51 79.70
CA ALA A 1775 -45.34 -9.16 79.82
C ALA A 1775 -46.13 -9.00 81.11
N THR A 1776 -45.45 -9.29 82.23
CA THR A 1776 -46.01 -9.07 83.55
C THR A 1776 -45.96 -7.62 83.99
N CYS A 1777 -45.23 -6.77 83.26
CA CYS A 1777 -45.12 -5.38 83.63
C CYS A 1777 -46.38 -4.60 83.20
N PRO A 1778 -46.87 -4.65 81.91
CA PRO A 1778 -48.16 -3.98 81.66
C PRO A 1778 -49.34 -4.75 82.22
N GLY A 1779 -49.22 -6.08 82.23
CA GLY A 1779 -50.25 -6.95 82.75
C GLY A 1779 -51.14 -7.57 81.68
N VAL A 1780 -51.14 -7.04 80.47
CA VAL A 1780 -52.01 -7.52 79.41
C VAL A 1780 -51.27 -8.56 78.58
N THR A 1781 -52.03 -9.53 78.07
CA THR A 1781 -51.52 -10.59 77.20
C THR A 1781 -52.33 -10.56 75.91
N TYR A 1782 -51.80 -9.88 74.89
CA TYR A 1782 -52.50 -9.71 73.62
C TYR A 1782 -52.35 -10.97 72.78
N ASP A 1783 -53.43 -11.74 72.68
CA ASP A 1783 -53.45 -13.02 71.98
C ASP A 1783 -54.02 -12.90 70.58
N GLN A 1784 -53.66 -13.87 69.73
CA GLN A 1784 -54.00 -13.82 68.31
C GLN A 1784 -54.50 -15.21 67.85
N GLU A 1785 -55.46 -15.78 68.56
CA GLU A 1785 -56.27 -16.85 67.98
C GLU A 1785 -57.57 -16.30 67.38
N SER A 1786 -57.48 -15.19 66.65
CA SER A 1786 -58.60 -14.33 66.26
C SER A 1786 -59.54 -14.09 67.45
N HIS A 1787 -58.94 -13.65 68.56
CA HIS A 1787 -59.64 -13.60 69.84
C HIS A 1787 -60.50 -12.35 69.95
N GLN A 1788 -59.87 -11.19 70.06
CA GLN A 1788 -60.34 -9.88 69.60
C GLN A 1788 -61.60 -9.31 70.26
N VAL A 1789 -62.36 -10.07 71.05
CA VAL A 1789 -63.59 -9.53 71.64
C VAL A 1789 -63.63 -9.80 73.14
N ILE A 1790 -63.06 -10.92 73.56
CA ILE A 1790 -63.44 -11.52 74.84
C ILE A 1790 -62.68 -10.86 75.97
N LEU A 1791 -63.42 -10.33 76.94
CA LEU A 1791 -62.84 -9.76 78.15
C LEU A 1791 -62.53 -10.86 79.16
N ARG A 1792 -61.44 -10.66 79.90
CA ARG A 1792 -60.98 -11.65 80.88
C ARG A 1792 -60.15 -10.93 81.93
N LEU A 1793 -60.37 -11.27 83.20
CA LEU A 1793 -59.75 -10.57 84.32
C LEU A 1793 -59.08 -11.58 85.25
N GLY A 1794 -58.05 -11.12 85.96
CA GLY A 1794 -57.29 -11.99 86.83
C GLY A 1794 -57.34 -11.63 88.31
N ASP A 1795 -56.16 -11.51 88.94
CA ASP A 1795 -56.08 -11.14 90.35
C ASP A 1795 -55.14 -9.98 90.64
N GLN A 1796 -54.36 -9.54 89.66
CA GLN A 1796 -53.49 -8.37 89.80
C GLN A 1796 -53.71 -7.42 88.63
N GLU A 1797 -54.95 -7.38 88.13
CA GLU A 1797 -55.33 -6.80 86.84
C GLU A 1797 -54.49 -7.40 85.71
N PHE A 1798 -54.28 -8.71 85.79
CA PHE A 1798 -53.57 -9.47 84.76
C PHE A 1798 -54.60 -9.83 83.69
N ILE A 1799 -54.79 -8.91 82.75
CA ILE A 1799 -55.89 -9.00 81.79
C ILE A 1799 -55.47 -9.90 80.64
N LYS A 1800 -56.35 -10.81 80.25
CA LYS A 1800 -56.11 -11.75 79.14
C LYS A 1800 -56.94 -11.28 77.95
N SER A 1801 -56.34 -10.40 77.15
CA SER A 1801 -57.00 -9.89 75.94
C SER A 1801 -55.96 -9.52 74.89
N PHE A 1815 -59.41 2.05 74.05
CA PHE A 1815 -57.98 2.25 74.20
C PHE A 1815 -57.52 1.82 75.59
N GLN A 1816 -56.29 1.30 75.68
CA GLN A 1816 -55.72 0.84 76.94
C GLN A 1816 -55.44 2.04 77.84
N GLN A 1817 -56.31 2.25 78.83
CA GLN A 1817 -56.17 3.32 79.81
C GLN A 1817 -56.31 2.66 81.18
N VAL A 1818 -55.20 2.13 81.69
CA VAL A 1818 -55.17 1.49 83.00
C VAL A 1818 -54.47 2.46 83.94
N TYR A 1819 -54.99 2.58 85.17
CA TYR A 1819 -54.82 3.82 85.93
C TYR A 1819 -55.27 3.55 87.36
N LEU A 1820 -54.63 4.21 88.33
CA LEU A 1820 -54.77 3.78 89.72
C LEU A 1820 -54.66 4.96 90.67
N TRP A 1821 -55.28 4.82 91.84
CA TRP A 1821 -55.43 5.88 92.84
C TRP A 1821 -54.97 5.38 94.20
N LYS A 1822 -54.88 6.28 95.18
CA LYS A 1822 -54.04 6.03 96.34
C LYS A 1822 -54.54 6.88 97.53
N ASP A 1823 -53.89 6.70 98.69
CA ASP A 1823 -53.93 7.57 99.87
C ASP A 1823 -55.28 7.65 100.56
N SER A 1824 -55.74 6.54 101.13
CA SER A 1824 -56.76 6.64 102.15
C SER A 1824 -56.20 6.93 103.54
N ASP A 1825 -54.86 7.01 103.67
CA ASP A 1825 -54.13 7.18 104.92
C ASP A 1825 -54.51 6.08 105.91
N MET A 1826 -54.10 4.86 105.54
CA MET A 1826 -54.63 3.64 106.14
C MET A 1826 -54.04 3.43 107.55
N GLY A 1827 -54.35 2.25 108.10
CA GLY A 1827 -54.02 1.89 109.46
C GLY A 1827 -55.16 1.07 110.01
N SER A 1828 -54.85 -0.10 110.57
CA SER A 1828 -55.88 -1.05 110.94
C SER A 1828 -55.45 -1.79 112.19
N ARG A 1829 -56.19 -2.84 112.53
CA ARG A 1829 -55.98 -3.68 113.70
C ARG A 1829 -56.02 -5.14 113.25
N PRO A 1830 -55.26 -6.01 113.92
CA PRO A 1830 -55.28 -7.44 113.53
C PRO A 1830 -56.62 -8.09 113.84
N GLU A 1831 -57.29 -8.55 112.78
CA GLU A 1831 -58.61 -9.21 112.82
C GLU A 1831 -59.69 -8.33 113.44
N SER A 1832 -59.54 -7.01 113.31
CA SER A 1832 -60.57 -6.04 113.67
C SER A 1832 -60.69 -5.06 112.52
N MET A 1833 -61.90 -4.95 111.96
CA MET A 1833 -62.15 -4.40 110.62
C MET A 1833 -61.26 -5.10 109.59
N GLY A 1834 -61.15 -6.42 109.73
CA GLY A 1834 -60.15 -7.18 109.02
C GLY A 1834 -60.66 -7.92 107.80
N CYS A 1835 -60.20 -7.49 106.63
CA CYS A 1835 -60.53 -8.14 105.37
C CYS A 1835 -59.32 -8.71 104.67
N ARG A 1836 -58.26 -7.92 104.48
CA ARG A 1836 -57.03 -8.40 103.84
C ARG A 1836 -55.87 -8.25 104.81
N LYS A 1837 -55.27 -9.38 105.15
CA LYS A 1837 -54.06 -9.41 105.96
C LYS A 1837 -52.90 -9.91 105.09
N ASP A 1838 -51.71 -9.39 105.36
CA ASP A 1838 -50.51 -9.73 104.59
C ASP A 1838 -50.02 -11.11 105.02
N THR A 1839 -50.71 -12.14 104.53
CA THR A 1839 -50.42 -13.51 104.89
C THR A 1839 -49.29 -14.06 104.03
N VAL A 1840 -48.67 -15.14 104.53
CA VAL A 1840 -47.47 -15.83 104.04
C VAL A 1840 -46.41 -14.83 103.58
N PRO A 1841 -45.71 -14.17 104.51
CA PRO A 1841 -44.81 -13.08 104.14
C PRO A 1841 -43.52 -13.50 103.46
N ARG A 1842 -43.31 -14.81 103.21
CA ARG A 1842 -42.17 -15.42 102.54
C ARG A 1842 -40.86 -15.08 103.28
N PRO A 1843 -40.59 -15.73 104.43
CA PRO A 1843 -39.29 -15.52 105.07
C PRO A 1843 -38.18 -16.12 104.23
N ALA A 1844 -37.38 -15.26 103.60
CA ALA A 1844 -36.33 -15.74 102.71
C ALA A 1844 -35.16 -16.32 103.50
N SER A 1845 -34.54 -17.33 102.93
CA SER A 1845 -33.43 -18.01 103.60
C SER A 1845 -32.18 -17.14 103.55
N PRO A 1846 -31.45 -17.00 104.66
CA PRO A 1846 -30.22 -16.19 104.66
C PRO A 1846 -29.09 -16.79 103.85
N THR A 1847 -29.17 -18.07 103.47
CA THR A 1847 -28.24 -18.63 102.50
C THR A 1847 -28.56 -18.22 101.07
N GLU A 1848 -29.70 -17.57 100.85
CA GLU A 1848 -30.06 -16.97 99.57
C GLU A 1848 -30.27 -15.46 99.67
N ALA A 1849 -30.95 -15.00 100.71
CA ALA A 1849 -31.20 -13.57 100.85
C ALA A 1849 -29.94 -12.83 101.31
N GLY A 1850 -29.15 -13.44 102.18
CA GLY A 1850 -27.90 -12.86 102.63
C GLY A 1850 -26.75 -12.98 101.67
N LEU A 1851 -26.96 -13.65 100.53
CA LEU A 1851 -25.93 -13.77 99.50
C LEU A 1851 -26.12 -12.82 98.34
N THR A 1852 -27.34 -12.36 98.09
CA THR A 1852 -27.57 -11.38 97.04
C THR A 1852 -27.08 -9.99 97.43
N THR A 1853 -26.95 -9.70 98.72
CA THR A 1853 -26.50 -8.39 99.17
C THR A 1853 -25.01 -8.18 98.97
N GLU A 1854 -24.23 -9.22 98.66
CA GLU A 1854 -22.85 -9.06 98.29
C GLU A 1854 -22.63 -9.13 96.79
N LEU A 1855 -23.69 -9.42 96.02
CA LEU A 1855 -23.63 -9.18 94.58
C LEU A 1855 -23.67 -7.70 94.24
N PHE A 1856 -24.11 -6.85 95.17
CA PHE A 1856 -24.20 -5.42 94.93
C PHE A 1856 -23.17 -4.69 95.79
N SER A 1857 -23.19 -3.35 95.70
CA SER A 1857 -22.23 -2.53 96.40
C SER A 1857 -22.84 -1.17 96.73
N PRO A 1858 -22.66 -0.68 97.95
CA PRO A 1858 -23.17 0.65 98.30
C PRO A 1858 -22.33 1.76 97.67
N VAL A 1859 -22.94 2.94 97.60
CA VAL A 1859 -22.32 4.13 97.03
C VAL A 1859 -22.29 5.22 98.10
N ASP A 1860 -21.12 5.83 98.29
CA ASP A 1860 -21.04 7.04 99.10
C ASP A 1860 -21.79 8.17 98.40
N LEU A 1861 -22.74 8.78 99.11
CA LEU A 1861 -23.66 9.74 98.50
C LEU A 1861 -23.05 11.12 98.27
N ASN A 1862 -21.78 11.32 98.56
CA ASN A 1862 -21.11 12.55 98.17
C ASN A 1862 -20.83 12.61 96.68
N GLN A 1863 -20.76 11.45 96.01
CA GLN A 1863 -20.47 11.44 94.58
C GLN A 1863 -21.66 11.89 93.76
N VAL A 1864 -22.87 11.47 94.15
CA VAL A 1864 -24.06 11.79 93.38
C VAL A 1864 -24.44 13.25 93.61
N ILE A 1865 -24.71 13.96 92.52
CA ILE A 1865 -25.29 15.30 92.57
C ILE A 1865 -26.68 15.24 91.95
N VAL A 1866 -27.50 16.23 92.29
CA VAL A 1866 -28.87 16.28 91.82
C VAL A 1866 -29.00 17.32 90.72
N ASN A 1867 -29.89 17.01 89.78
CA ASN A 1867 -30.29 17.97 88.75
C ASN A 1867 -31.79 18.20 88.76
N GLY A 1868 -32.58 17.13 88.75
CA GLY A 1868 -34.01 17.23 88.55
C GLY A 1868 -34.43 17.65 87.17
N ASN A 1869 -33.49 17.70 86.22
CA ASN A 1869 -33.73 18.33 84.93
C ASN A 1869 -33.18 17.53 83.75
N GLN A 1870 -32.29 16.55 83.99
CA GLN A 1870 -31.82 15.68 82.92
C GLN A 1870 -32.79 14.51 82.76
N SER A 1871 -33.20 14.26 81.52
CA SER A 1871 -34.14 13.17 81.25
C SER A 1871 -33.43 11.83 81.42
N LEU A 1872 -33.93 11.03 82.37
CA LEU A 1872 -33.32 9.75 82.70
C LEU A 1872 -34.44 8.74 82.88
N SER A 1873 -34.54 7.79 81.95
CA SER A 1873 -35.58 6.77 82.01
C SER A 1873 -35.33 5.82 83.18
N SER A 1874 -36.41 5.41 83.83
CA SER A 1874 -36.30 4.67 85.08
C SER A 1874 -37.61 3.98 85.40
N GLN A 1875 -37.51 2.78 85.96
CA GLN A 1875 -38.67 2.09 86.51
C GLN A 1875 -38.84 2.48 87.97
N LYS A 1876 -40.09 2.51 88.42
CA LYS A 1876 -40.42 2.99 89.76
C LYS A 1876 -41.31 2.00 90.49
N HIS A 1877 -41.32 2.11 91.80
CA HIS A 1877 -42.10 1.22 92.67
C HIS A 1877 -42.51 1.98 93.92
N TRP A 1878 -43.64 1.58 94.50
CA TRP A 1878 -43.94 1.88 95.89
C TRP A 1878 -43.69 0.62 96.71
N LEU A 1879 -43.35 0.80 97.99
CA LEU A 1879 -43.18 -0.33 98.92
C LEU A 1879 -43.71 0.11 100.28
N PHE A 1880 -44.98 -0.19 100.55
CA PHE A 1880 -45.66 0.34 101.72
C PHE A 1880 -45.10 -0.26 103.01
N LYS A 1881 -45.02 0.57 104.06
CA LYS A 1881 -44.27 0.22 105.26
C LYS A 1881 -44.97 -0.81 106.13
N HIS A 1882 -46.26 -1.06 105.93
CA HIS A 1882 -46.98 -1.97 106.82
C HIS A 1882 -46.58 -3.42 106.60
N LEU A 1883 -46.14 -3.77 105.39
CA LEU A 1883 -45.59 -5.10 105.12
C LEU A 1883 -44.06 -5.11 105.14
N PHE A 1884 -43.43 -4.29 104.31
CA PHE A 1884 -41.98 -4.32 104.18
C PHE A 1884 -41.33 -3.53 105.30
N SER A 1885 -40.35 -4.14 105.96
CA SER A 1885 -39.58 -3.49 107.00
C SER A 1885 -38.47 -2.65 106.38
N ALA A 1886 -37.53 -2.19 107.20
CA ALA A 1886 -36.41 -1.41 106.68
C ALA A 1886 -35.41 -2.30 105.94
N GLN A 1887 -35.18 -3.52 106.46
CA GLN A 1887 -34.26 -4.43 105.78
C GLN A 1887 -34.91 -5.09 104.57
N GLN A 1888 -36.22 -5.38 104.66
CA GLN A 1888 -36.93 -5.98 103.54
C GLN A 1888 -37.22 -4.97 102.44
N ALA A 1889 -37.09 -3.68 102.71
CA ALA A 1889 -37.23 -2.67 101.67
C ALA A 1889 -36.06 -2.74 100.69
N ASN A 1890 -34.86 -2.94 101.20
CA ASN A 1890 -33.71 -3.16 100.33
C ASN A 1890 -33.81 -4.51 99.63
N LEU A 1891 -34.12 -5.57 100.40
CA LEU A 1891 -33.99 -6.94 99.92
C LEU A 1891 -34.97 -7.26 98.80
N TRP A 1892 -36.14 -6.62 98.77
CA TRP A 1892 -37.02 -6.78 97.62
C TRP A 1892 -36.50 -5.98 96.42
N CYS A 1893 -36.02 -4.76 96.66
CA CYS A 1893 -35.57 -3.90 95.57
C CYS A 1893 -34.26 -4.39 94.97
N LEU A 1894 -33.38 -4.96 95.79
CA LEU A 1894 -32.13 -5.48 95.25
C LEU A 1894 -32.35 -6.79 94.49
N SER A 1895 -33.27 -7.63 94.97
CA SER A 1895 -33.61 -8.84 94.23
C SER A 1895 -34.43 -8.53 92.98
N ARG A 1896 -35.13 -7.40 92.96
CA ARG A 1896 -35.82 -6.98 91.73
C ARG A 1896 -34.82 -6.50 90.67
N CYS A 1897 -33.69 -5.94 91.11
CA CYS A 1897 -32.65 -5.50 90.18
C CYS A 1897 -31.99 -6.68 89.47
N VAL A 1898 -31.92 -7.84 90.13
CA VAL A 1898 -31.35 -9.02 89.49
C VAL A 1898 -32.30 -9.56 88.43
N GLN A 1899 -33.60 -9.43 88.64
CA GLN A 1899 -34.60 -9.95 87.70
C GLN A 1899 -34.63 -9.19 86.38
N GLU A 1900 -34.13 -7.96 86.35
CA GLU A 1900 -33.91 -7.22 85.11
C GLU A 1900 -32.42 -7.29 84.83
N HIS A 1901 -32.02 -8.23 83.96
CA HIS A 1901 -30.61 -8.58 83.85
C HIS A 1901 -29.81 -7.50 83.11
N SER A 1902 -30.39 -6.89 82.07
CA SER A 1902 -29.79 -5.70 81.48
C SER A 1902 -30.86 -4.62 81.32
N PHE A 1903 -31.23 -4.00 82.45
CA PHE A 1903 -31.67 -2.62 82.53
C PHE A 1903 -31.18 -1.93 83.80
N CYS A 1904 -30.90 -2.69 84.86
CA CYS A 1904 -30.65 -2.14 86.18
C CYS A 1904 -29.16 -2.06 86.44
N GLN A 1905 -28.69 -0.85 86.75
CA GLN A 1905 -27.35 -0.65 87.27
C GLN A 1905 -27.35 0.14 88.57
N LEU A 1906 -28.38 0.93 88.84
CA LEU A 1906 -28.51 1.70 90.07
C LEU A 1906 -29.88 1.43 90.67
N ALA A 1907 -29.91 0.89 91.89
CA ALA A 1907 -31.14 0.71 92.63
C ALA A 1907 -31.09 1.59 93.87
N GLU A 1908 -32.10 2.44 94.04
CA GLU A 1908 -32.13 3.36 95.16
C GLU A 1908 -33.38 3.15 96.00
N ILE A 1909 -33.31 3.63 97.24
CA ILE A 1909 -34.43 3.61 98.17
C ILE A 1909 -34.53 5.02 98.75
N THR A 1910 -35.69 5.65 98.59
CA THR A 1910 -35.91 6.99 99.10
C THR A 1910 -37.20 7.04 99.91
N GLU A 1911 -37.31 8.09 100.73
CA GLU A 1911 -38.46 8.31 101.61
C GLU A 1911 -38.84 9.78 101.52
N SER A 1912 -39.76 10.10 100.60
CA SER A 1912 -40.25 11.47 100.47
C SER A 1912 -41.51 11.74 101.27
N ALA A 1913 -42.26 10.69 101.66
CA ALA A 1913 -43.38 10.83 102.58
C ALA A 1913 -43.47 9.57 103.42
N SER A 1914 -44.27 9.66 104.49
CA SER A 1914 -44.24 8.68 105.58
C SER A 1914 -45.31 7.61 105.42
N LEU A 1915 -45.24 6.85 104.32
CA LEU A 1915 -46.12 5.69 104.16
C LEU A 1915 -45.43 4.47 103.56
N TYR A 1916 -44.27 4.62 102.93
CA TYR A 1916 -43.86 3.69 101.89
C TYR A 1916 -42.34 3.57 101.87
N PHE A 1917 -41.85 2.82 100.89
CA PHE A 1917 -40.51 2.93 100.35
C PHE A 1917 -40.64 3.10 98.85
N THR A 1918 -39.52 3.32 98.16
CA THR A 1918 -39.55 3.56 96.72
C THR A 1918 -38.34 2.89 96.07
N CYS A 1919 -38.57 1.80 95.35
CA CYS A 1919 -37.54 1.17 94.54
C CYS A 1919 -37.54 1.83 93.16
N THR A 1920 -36.48 2.55 92.86
CA THR A 1920 -36.33 3.18 91.56
C THR A 1920 -35.09 2.60 90.89
N LEU A 1921 -35.29 1.92 89.77
CA LEU A 1921 -34.20 1.27 89.06
C LEU A 1921 -33.72 2.18 87.94
N TYR A 1922 -32.41 2.28 87.78
CA TYR A 1922 -31.80 3.17 86.80
C TYR A 1922 -30.85 2.41 85.90
N PRO A 1923 -30.50 2.99 84.76
CA PRO A 1923 -29.29 2.58 84.05
C PRO A 1923 -28.07 3.21 84.72
N GLU A 1924 -26.91 3.01 84.11
CA GLU A 1924 -25.68 3.60 84.63
C GLU A 1924 -25.71 5.10 84.37
N ALA A 1925 -26.08 5.87 85.38
CA ALA A 1925 -26.21 7.32 85.25
C ALA A 1925 -24.91 8.03 85.64
N GLN A 1926 -23.82 7.62 85.02
CA GLN A 1926 -22.49 8.16 85.30
C GLN A 1926 -21.98 8.83 84.02
N VAL A 1927 -22.32 10.10 83.86
CA VAL A 1927 -21.82 10.87 82.72
C VAL A 1927 -20.41 11.34 83.04
N CYS A 1928 -19.60 11.52 81.99
CA CYS A 1928 -18.24 12.00 82.20
C CYS A 1928 -17.87 13.01 81.13
N ASP A 1929 -17.00 13.94 81.52
CA ASP A 1929 -16.62 15.07 80.67
C ASP A 1929 -15.63 14.64 79.60
N ASP A 1930 -15.22 15.60 78.78
CA ASP A 1930 -14.45 15.30 77.57
C ASP A 1930 -12.95 15.17 77.82
N ILE A 1931 -12.47 15.45 79.04
CA ILE A 1931 -11.03 15.43 79.29
C ILE A 1931 -10.56 13.98 79.41
N MET A 1932 -9.36 13.74 78.88
CA MET A 1932 -8.79 12.39 78.83
C MET A 1932 -7.76 12.25 79.93
N GLU A 1933 -8.24 12.04 81.15
CA GLU A 1933 -7.39 11.76 82.30
C GLU A 1933 -7.64 10.34 82.79
N SER A 1934 -6.74 9.87 83.65
CA SER A 1934 -6.73 8.47 84.04
C SER A 1934 -7.85 8.12 85.00
N ASN A 1935 -7.84 8.73 86.19
CA ASN A 1935 -8.78 8.37 87.24
C ASN A 1935 -10.16 8.92 86.93
N ALA A 1936 -11.18 8.25 87.48
CA ALA A 1936 -12.56 8.66 87.33
C ALA A 1936 -13.01 9.66 88.38
N GLN A 1937 -12.07 10.35 89.04
CA GLN A 1937 -12.42 11.33 90.04
C GLN A 1937 -13.02 12.59 89.44
N GLY A 1938 -12.75 12.86 88.17
CA GLY A 1938 -13.28 14.03 87.49
C GLY A 1938 -14.72 13.94 87.04
N CYS A 1939 -15.41 12.84 87.32
CA CYS A 1939 -16.80 12.70 86.91
C CYS A 1939 -17.55 11.85 87.94
N ARG A 1940 -18.87 11.87 87.83
CA ARG A 1940 -19.72 11.44 88.93
C ARG A 1940 -21.10 11.10 88.40
N LEU A 1941 -22.05 10.95 89.31
CA LEU A 1941 -23.42 10.51 89.03
C LEU A 1941 -24.36 11.71 88.97
N ILE A 1942 -25.48 11.53 88.27
CA ILE A 1942 -26.57 12.51 88.25
C ILE A 1942 -27.89 11.75 88.39
N LEU A 1943 -28.65 12.09 89.43
CA LEU A 1943 -29.99 11.58 89.67
C LEU A 1943 -30.95 12.75 89.83
N PRO A 1944 -32.25 12.56 89.54
CA PRO A 1944 -33.20 13.67 89.70
C PRO A 1944 -33.44 14.08 91.15
N GLN A 1945 -33.21 13.19 92.11
CA GLN A 1945 -33.29 13.54 93.52
C GLN A 1945 -32.26 12.72 94.29
N MET A 1946 -31.91 13.21 95.48
CA MET A 1946 -30.90 12.56 96.30
C MET A 1946 -31.54 11.47 97.13
N PRO A 1947 -31.21 10.20 96.90
CA PRO A 1947 -31.88 9.12 97.62
C PRO A 1947 -31.32 8.96 99.03
N LYS A 1948 -32.02 8.13 99.81
CA LYS A 1948 -31.53 7.76 101.13
C LYS A 1948 -30.44 6.70 101.04
N ALA A 1949 -30.67 5.67 100.22
CA ALA A 1949 -29.69 4.64 99.96
C ALA A 1949 -29.48 4.51 98.46
N LEU A 1950 -28.36 3.89 98.09
CA LEU A 1950 -28.02 3.71 96.68
C LEU A 1950 -27.14 2.48 96.55
N PHE A 1951 -27.42 1.68 95.53
CA PHE A 1951 -26.73 0.41 95.33
C PHE A 1951 -26.41 0.22 93.86
N ARG A 1952 -25.22 -0.29 93.58
CA ARG A 1952 -24.80 -0.59 92.21
C ARG A 1952 -24.83 -2.09 91.99
N LYS A 1953 -25.45 -2.51 90.89
CA LYS A 1953 -25.23 -3.85 90.37
C LYS A 1953 -23.82 -3.88 89.82
N LYS A 1954 -22.88 -4.43 90.58
CA LYS A 1954 -21.47 -4.38 90.20
C LYS A 1954 -21.24 -5.28 88.99
N VAL A 1955 -20.28 -4.88 88.16
CA VAL A 1955 -20.18 -5.42 86.81
C VAL A 1955 -19.61 -6.83 86.87
N ILE A 1956 -20.27 -7.75 86.16
CA ILE A 1956 -19.79 -9.12 86.05
C ILE A 1956 -19.36 -9.33 84.61
N LEU A 1957 -18.08 -9.11 84.35
CA LEU A 1957 -17.52 -9.33 83.02
C LEU A 1957 -17.18 -10.81 82.85
N GLU A 1958 -17.50 -11.35 81.68
CA GLU A 1958 -17.30 -12.75 81.37
C GLU A 1958 -16.30 -12.88 80.22
N ASP A 1959 -15.55 -13.98 80.24
CA ASP A 1959 -14.61 -14.29 79.16
C ASP A 1959 -15.38 -14.69 77.90
N LYS A 1960 -14.61 -14.92 76.82
CA LYS A 1960 -15.13 -15.13 75.46
C LYS A 1960 -15.97 -13.92 75.06
N VAL A 1961 -15.29 -12.81 74.73
CA VAL A 1961 -15.91 -11.56 74.30
C VAL A 1961 -16.91 -11.79 73.16
N LYS A 1962 -17.98 -11.00 73.14
CA LYS A 1962 -19.11 -11.23 72.24
C LYS A 1962 -19.14 -10.24 71.09
N ASN A 1963 -18.02 -9.56 70.83
CA ASN A 1963 -17.89 -8.62 69.72
C ASN A 1963 -16.48 -8.67 69.16
N PHE A 1964 -16.36 -8.38 67.87
CA PHE A 1964 -15.07 -8.27 67.21
C PHE A 1964 -14.82 -6.79 66.98
N TYR A 1965 -14.09 -6.15 67.89
CA TYR A 1965 -13.86 -4.72 67.81
C TYR A 1965 -12.88 -4.39 66.70
N THR A 1966 -13.33 -3.60 65.73
CA THR A 1966 -12.48 -3.15 64.64
C THR A 1966 -11.77 -1.87 65.01
N ARG A 1967 -10.48 -1.80 64.69
CA ARG A 1967 -9.72 -0.58 64.95
C ARG A 1967 -10.10 0.50 63.95
N LEU A 1968 -10.37 1.70 64.44
CA LEU A 1968 -10.53 2.84 63.56
C LEU A 1968 -9.17 3.26 63.03
N PRO A 1969 -9.10 3.73 61.79
CA PRO A 1969 -7.86 4.33 61.28
C PRO A 1969 -7.76 5.80 61.61
N PHE A 1970 -7.89 6.13 62.90
CA PHE A 1970 -7.90 7.53 63.33
C PHE A 1970 -7.15 7.67 64.65
N GLN A 1971 -6.80 8.92 64.97
CA GLN A 1971 -5.98 9.20 66.12
C GLN A 1971 -6.45 10.40 66.95
N LYS A 1972 -7.57 11.03 66.59
CA LYS A 1972 -8.05 12.19 67.31
C LYS A 1972 -9.55 12.28 67.15
N LEU A 1973 -10.25 12.64 68.23
CA LEU A 1973 -11.70 12.77 68.21
C LEU A 1973 -12.12 14.03 68.94
N MET A 1974 -12.91 14.86 68.26
CA MET A 1974 -13.67 15.91 68.90
C MET A 1974 -15.12 15.47 69.02
N GLY A 1975 -15.85 16.10 69.93
CA GLY A 1975 -17.21 15.68 70.20
C GLY A 1975 -17.32 14.34 70.86
N ILE A 1976 -16.33 13.97 71.68
CA ILE A 1976 -16.35 12.68 72.37
C ILE A 1976 -17.39 12.71 73.49
N SER A 1977 -18.01 11.56 73.74
CA SER A 1977 -18.92 11.38 74.87
C SER A 1977 -18.43 10.15 75.63
N ILE A 1978 -17.76 10.37 76.75
CA ILE A 1978 -17.12 9.29 77.49
C ILE A 1978 -18.13 8.69 78.46
N ARG A 1979 -18.31 7.38 78.38
CA ARG A 1979 -19.27 6.67 79.23
C ARG A 1979 -18.68 6.29 80.58
N ASN A 1980 -17.45 5.78 80.59
CA ASN A 1980 -16.81 5.33 81.81
C ASN A 1980 -15.30 5.33 81.58
N LYS A 1981 -14.55 5.57 82.65
CA LYS A 1981 -13.10 5.50 82.62
C LYS A 1981 -12.62 4.60 83.74
N VAL A 1982 -11.52 3.89 83.48
CA VAL A 1982 -10.90 3.03 84.48
C VAL A 1982 -9.40 2.93 84.22
N PRO A 1983 -8.57 3.19 85.23
CA PRO A 1983 -7.13 2.99 85.07
C PRO A 1983 -6.76 1.52 85.25
N MET A 1984 -5.67 1.14 84.60
CA MET A 1984 -5.14 -0.22 84.74
C MET A 1984 -3.64 -0.21 84.44
N SER A 1985 -2.84 -0.53 85.45
CA SER A 1985 -1.40 -0.64 85.28
C SER A 1985 -0.81 -1.87 85.95
N GLU A 1986 -1.53 -2.55 86.85
CA GLU A 1986 -1.03 -3.74 87.49
C GLU A 1986 -1.04 -4.95 86.58
N LYS A 1987 -1.84 -4.93 85.51
CA LYS A 1987 -1.89 -6.02 84.55
C LYS A 1987 -0.89 -5.78 83.43
N SER A 1988 -0.71 -6.80 82.60
CA SER A 1988 0.08 -6.65 81.39
C SER A 1988 -0.75 -5.94 80.32
N ILE A 1989 -0.15 -5.77 79.14
CA ILE A 1989 -0.86 -5.11 78.05
C ILE A 1989 -1.94 -6.02 77.48
N SER A 1990 -1.60 -7.27 77.20
CA SER A 1990 -2.56 -8.19 76.60
C SER A 1990 -3.66 -8.59 77.58
N ASN A 1991 -3.28 -8.91 78.82
CA ASN A 1991 -4.28 -9.23 79.83
C ASN A 1991 -5.08 -8.00 80.24
N GLY A 1992 -4.46 -6.83 80.22
CA GLY A 1992 -5.20 -5.60 80.47
C GLY A 1992 -6.12 -5.24 79.31
N PHE A 1993 -5.76 -5.66 78.10
CA PHE A 1993 -6.65 -5.45 76.96
C PHE A 1993 -7.85 -6.39 77.02
N PHE A 1994 -7.64 -7.61 77.52
CA PHE A 1994 -8.74 -8.58 77.56
C PHE A 1994 -9.77 -8.21 78.61
N GLU A 1995 -9.38 -7.44 79.64
CA GLU A 1995 -10.37 -6.78 80.48
C GLU A 1995 -11.10 -5.69 79.70
N CYS A 1996 -10.39 -5.00 78.81
CA CYS A 1996 -10.91 -3.79 78.20
C CYS A 1996 -11.97 -4.08 77.15
N GLU A 1997 -11.90 -5.25 76.50
CA GLU A 1997 -12.99 -5.64 75.60
C GLU A 1997 -14.21 -6.08 76.39
N ARG A 1998 -14.00 -6.80 77.49
CA ARG A 1998 -15.11 -7.32 78.30
C ARG A 1998 -15.90 -6.22 79.00
N ARG A 1999 -15.31 -5.04 79.20
CA ARG A 1999 -16.01 -3.96 79.89
C ARG A 1999 -17.01 -3.27 78.97
N CYS A 2000 -16.64 -3.03 77.71
CA CYS A 2000 -17.60 -2.53 76.73
C CYS A 2000 -18.67 -3.57 76.41
N ASP A 2001 -18.36 -4.85 76.55
CA ASP A 2001 -19.36 -5.89 76.34
C ASP A 2001 -20.42 -5.86 77.44
N ALA A 2002 -20.02 -5.61 78.68
CA ALA A 2002 -20.96 -5.49 79.79
C ALA A 2002 -21.39 -4.03 80.00
N ASP A 2003 -21.83 -3.41 78.91
CA ASP A 2003 -22.35 -2.05 78.90
C ASP A 2003 -23.30 -1.95 77.71
N PRO A 2004 -24.61 -1.86 77.94
CA PRO A 2004 -25.57 -2.06 76.84
C PRO A 2004 -25.64 -0.92 75.83
N CYS A 2005 -24.96 0.20 76.04
CA CYS A 2005 -24.94 1.22 75.00
C CYS A 2005 -23.53 1.79 74.80
N CYS A 2006 -22.51 0.99 75.10
CA CYS A 2006 -21.17 1.27 74.61
C CYS A 2006 -21.18 1.26 73.10
N THR A 2007 -20.74 2.35 72.49
CA THR A 2007 -20.56 2.36 71.04
C THR A 2007 -19.20 1.78 70.66
N GLY A 2008 -18.17 2.16 71.40
CA GLY A 2008 -16.86 1.58 71.30
C GLY A 2008 -16.06 2.01 72.51
N PHE A 2009 -14.84 1.50 72.60
CA PHE A 2009 -13.96 1.90 73.69
C PHE A 2009 -12.66 2.48 73.15
N GLY A 2010 -12.11 3.40 73.90
CA GLY A 2010 -10.73 3.76 73.75
C GLY A 2010 -9.83 2.90 74.60
N PHE A 2011 -8.55 2.89 74.26
CA PHE A 2011 -7.53 2.15 74.99
C PHE A 2011 -6.22 2.87 74.68
N LEU A 2012 -5.75 3.68 75.61
CA LEU A 2012 -4.65 4.58 75.30
C LEU A 2012 -3.97 5.04 76.59
N ASN A 2013 -2.69 5.38 76.47
CA ASN A 2013 -2.02 6.12 77.54
C ASN A 2013 -2.53 7.55 77.56
N VAL A 2014 -3.09 7.97 78.68
CA VAL A 2014 -3.31 9.38 78.92
C VAL A 2014 -2.02 9.96 79.49
N SER A 2015 -1.78 11.24 79.23
CA SER A 2015 -0.59 12.01 79.67
C SER A 2015 0.71 11.31 79.26
N GLN A 2016 0.87 11.14 77.94
CA GLN A 2016 2.06 10.50 77.40
C GLN A 2016 3.29 11.41 77.49
N LEU A 2017 3.09 12.72 77.64
CA LEU A 2017 4.19 13.65 77.83
C LEU A 2017 4.96 13.40 79.12
N LYS A 2018 4.32 12.78 80.12
CA LYS A 2018 5.01 12.27 81.30
C LYS A 2018 5.09 10.74 81.30
N GLY A 2019 4.64 10.09 80.23
CA GLY A 2019 4.62 8.64 80.17
C GLY A 2019 3.57 8.05 81.08
N GLY A 2020 2.33 8.52 80.95
CA GLY A 2020 1.27 8.14 81.86
C GLY A 2020 0.78 6.72 81.66
N GLU A 2021 -0.24 6.36 82.44
CA GLU A 2021 -0.67 4.98 82.60
C GLU A 2021 -1.78 4.62 81.62
N VAL A 2022 -2.06 3.31 81.56
CA VAL A 2022 -2.96 2.75 80.56
C VAL A 2022 -4.39 2.84 81.07
N THR A 2023 -5.28 3.38 80.25
CA THR A 2023 -6.69 3.49 80.57
C THR A 2023 -7.52 2.65 79.59
N CYS A 2024 -8.74 2.35 80.01
CA CYS A 2024 -9.76 1.74 79.15
C CYS A 2024 -11.00 2.61 79.30
N LEU A 2025 -11.07 3.68 78.51
CA LEU A 2025 -12.16 4.63 78.62
C LEU A 2025 -13.28 4.23 77.67
N THR A 2026 -14.42 3.84 78.24
CA THR A 2026 -15.59 3.46 77.47
C THR A 2026 -16.29 4.71 76.93
N LEU A 2027 -16.64 4.68 75.65
CA LEU A 2027 -17.28 5.82 74.99
C LEU A 2027 -18.77 5.57 74.79
N ASN A 2028 -19.53 6.66 74.76
CA ASN A 2028 -20.94 6.67 74.40
C ASN A 2028 -21.14 7.07 72.94
N SER A 2029 -20.41 8.07 72.47
CA SER A 2029 -20.47 8.51 71.08
C SER A 2029 -19.08 8.80 70.59
N LEU A 2030 -18.90 8.62 69.28
CA LEU A 2030 -17.63 8.87 68.60
C LEU A 2030 -17.93 9.98 67.60
N GLY A 2031 -17.76 11.23 68.04
CA GLY A 2031 -18.36 12.37 67.37
C GLY A 2031 -17.86 12.70 65.98
N ILE A 2032 -16.63 13.20 65.88
CA ILE A 2032 -15.96 13.39 64.60
C ILE A 2032 -14.56 12.81 64.68
N GLN A 2033 -14.16 12.10 63.64
CA GLN A 2033 -12.96 11.29 63.63
C GLN A 2033 -12.04 11.83 62.56
N MET A 2034 -10.87 12.34 62.96
CA MET A 2034 -10.01 13.03 62.01
C MET A 2034 -8.57 12.54 62.14
N CYS A 2035 -7.71 13.10 61.28
CA CYS A 2035 -6.30 12.74 61.05
C CYS A 2035 -6.13 11.24 60.83
N SER A 2036 -6.70 10.80 59.71
CA SER A 2036 -6.57 9.42 59.30
C SER A 2036 -5.14 9.09 58.90
N GLU A 2037 -4.74 7.84 59.16
CA GLU A 2037 -3.44 7.34 58.71
C GLU A 2037 -3.55 6.66 57.36
N GLU A 2038 -4.16 7.33 56.39
CA GLU A 2038 -4.29 6.78 55.06
C GLU A 2038 -4.03 7.77 53.94
N ASN A 2039 -3.74 9.03 54.24
CA ASN A 2039 -3.22 9.97 53.27
C ASN A 2039 -1.76 10.28 53.48
N GLY A 2040 -1.08 9.52 54.33
CA GLY A 2040 0.27 9.89 54.74
C GLY A 2040 0.21 11.11 55.65
N GLY A 2041 1.09 12.07 55.40
CA GLY A 2041 1.07 13.33 56.11
C GLY A 2041 1.37 14.49 55.18
N ALA A 2042 1.04 14.30 53.89
CA ALA A 2042 1.45 15.26 52.87
C ALA A 2042 0.63 16.54 52.92
N TRP A 2043 -0.63 16.46 53.35
CA TRP A 2043 -1.50 17.64 53.33
C TRP A 2043 -2.43 17.56 54.53
N ARG A 2044 -2.05 18.23 55.62
CA ARG A 2044 -2.85 18.24 56.84
C ARG A 2044 -3.55 19.58 56.99
N ILE A 2045 -4.87 19.53 57.19
CA ILE A 2045 -5.65 20.68 57.65
C ILE A 2045 -6.36 20.38 58.95
N LEU A 2046 -6.11 19.22 59.55
CA LEU A 2046 -6.73 18.79 60.79
C LEU A 2046 -5.64 18.40 61.77
N ASP A 2047 -5.61 19.08 62.92
CA ASP A 2047 -4.61 18.81 63.94
C ASP A 2047 -4.79 17.42 64.54
N CYS A 2048 -3.72 16.64 64.56
CA CYS A 2048 -3.82 15.24 64.95
C CYS A 2048 -3.45 15.08 66.42
N GLY A 2049 -4.29 15.63 67.28
CA GLY A 2049 -4.19 15.39 68.70
C GLY A 2049 -3.10 16.14 69.43
N SER A 2050 -3.35 16.44 70.70
CA SER A 2050 -2.29 16.95 71.55
C SER A 2050 -1.34 15.81 71.92
N PRO A 2051 -0.04 16.08 72.07
CA PRO A 2051 0.93 15.01 72.41
C PRO A 2051 0.86 14.61 73.89
N ASP A 2052 -0.32 14.19 74.34
CA ASP A 2052 -0.49 13.55 75.64
C ASP A 2052 -1.24 12.23 75.56
N ILE A 2053 -2.01 12.00 74.53
CA ILE A 2053 -2.56 10.68 74.26
C ILE A 2053 -1.64 10.01 73.25
N GLU A 2054 -1.50 8.69 73.35
CA GLU A 2054 -0.79 7.94 72.33
C GLU A 2054 -1.71 6.84 71.82
N VAL A 2055 -2.55 7.20 70.85
CA VAL A 2055 -3.20 6.21 69.99
C VAL A 2055 -2.27 6.08 68.79
N HIS A 2056 -1.19 5.33 68.98
CA HIS A 2056 -0.35 5.02 67.84
C HIS A 2056 0.09 3.57 67.81
N THR A 2057 0.42 3.03 68.98
CA THR A 2057 1.02 1.70 69.07
C THR A 2057 -0.09 0.66 69.00
N TYR A 2058 0.29 -0.56 68.60
CA TYR A 2058 -0.67 -1.53 68.07
C TYR A 2058 -1.77 -2.00 69.03
N PRO A 2059 -1.52 -2.39 70.30
CA PRO A 2059 -2.66 -2.72 71.16
C PRO A 2059 -3.53 -1.54 71.49
N PHE A 2060 -2.99 -0.33 71.44
CA PHE A 2060 -3.79 0.86 71.67
C PHE A 2060 -4.59 1.20 70.42
N GLY A 2061 -5.70 1.92 70.63
CA GLY A 2061 -6.54 2.31 69.52
C GLY A 2061 -7.97 2.69 69.88
N TRP A 2062 -8.52 3.69 69.19
CA TRP A 2062 -9.94 4.01 69.31
C TRP A 2062 -10.72 2.90 68.62
N TYR A 2063 -11.25 1.96 69.40
CA TYR A 2063 -11.95 0.83 68.81
C TYR A 2063 -13.45 1.07 68.88
N GLN A 2064 -14.17 0.44 67.95
CA GLN A 2064 -15.62 0.52 67.95
C GLN A 2064 -16.20 -0.86 67.76
N LYS A 2065 -17.49 -0.98 68.07
CA LYS A 2065 -18.21 -2.22 67.83
C LYS A 2065 -18.50 -2.37 66.34
N PRO A 2066 -18.77 -3.59 65.88
CA PRO A 2066 -19.40 -3.75 64.56
C PRO A 2066 -20.77 -3.08 64.57
N ILE A 2067 -20.96 -2.11 63.68
CA ILE A 2067 -22.12 -1.23 63.74
C ILE A 2067 -23.35 -1.99 63.23
N ALA A 2068 -24.09 -2.56 64.16
CA ALA A 2068 -25.31 -3.27 63.83
C ALA A 2068 -26.44 -2.28 63.59
N GLN A 2069 -27.39 -2.68 62.74
CA GLN A 2069 -28.54 -1.83 62.47
C GLN A 2069 -29.47 -1.72 63.68
N ASN A 2070 -29.44 -2.71 64.58
CA ASN A 2070 -29.99 -2.51 65.91
C ASN A 2070 -29.08 -1.56 66.67
N ASN A 2071 -29.57 -0.35 66.94
CA ASN A 2071 -28.76 0.68 67.58
C ASN A 2071 -28.70 0.43 69.09
N ALA A 2072 -28.22 1.44 69.82
CA ALA A 2072 -28.29 1.41 71.27
C ALA A 2072 -29.75 1.50 71.71
N PRO A 2073 -30.12 0.80 72.78
CA PRO A 2073 -31.51 0.86 73.26
C PRO A 2073 -31.82 2.23 73.84
N SER A 2074 -33.12 2.49 73.99
CA SER A 2074 -33.61 3.84 74.23
C SER A 2074 -33.31 4.38 75.62
N PHE A 2075 -32.85 3.54 76.55
CA PHE A 2075 -32.53 4.05 77.89
C PHE A 2075 -31.18 4.76 77.96
N CYS A 2076 -30.37 4.67 76.91
CA CYS A 2076 -29.08 5.32 76.92
C CYS A 2076 -29.26 6.82 76.77
N PRO A 2077 -28.39 7.62 77.39
CA PRO A 2077 -28.44 9.08 77.17
C PRO A 2077 -28.19 9.44 75.71
N LEU A 2078 -29.11 10.24 75.16
CA LEU A 2078 -29.02 10.63 73.76
C LEU A 2078 -27.84 11.58 73.55
N VAL A 2079 -27.13 11.36 72.46
CA VAL A 2079 -25.88 12.06 72.21
C VAL A 2079 -26.13 13.18 71.22
N VAL A 2080 -25.29 14.22 71.31
CA VAL A 2080 -25.39 15.38 70.44
C VAL A 2080 -24.05 15.57 69.75
N LEU A 2081 -24.10 16.18 68.56
CA LEU A 2081 -22.88 16.59 67.89
C LEU A 2081 -22.25 17.76 68.63
N PRO A 2082 -20.94 17.95 68.50
CA PRO A 2082 -20.33 19.18 69.04
C PRO A 2082 -20.83 20.40 68.28
N SER A 2083 -21.07 21.47 69.04
CA SER A 2083 -21.70 22.65 68.46
C SER A 2083 -20.71 23.40 67.58
N LEU A 2084 -21.23 23.89 66.45
CA LEU A 2084 -20.42 24.68 65.54
C LEU A 2084 -20.12 26.04 66.16
N THR A 2085 -18.87 26.48 66.02
CA THR A 2085 -18.42 27.72 66.66
C THR A 2085 -18.98 28.94 65.94
N GLU A 2086 -18.62 29.11 64.67
CA GLU A 2086 -19.12 30.20 63.85
C GLU A 2086 -20.27 29.70 62.97
N LYS A 2087 -21.29 30.54 62.83
CA LYS A 2087 -22.47 30.17 62.06
C LYS A 2087 -22.15 30.18 60.57
N VAL A 2088 -22.39 29.06 59.89
CA VAL A 2088 -22.16 28.97 58.46
C VAL A 2088 -23.45 29.25 57.72
N SER A 2089 -23.31 29.68 56.46
CA SER A 2089 -24.44 29.94 55.59
C SER A 2089 -24.24 29.19 54.28
N LEU A 2090 -25.33 28.65 53.74
CA LEU A 2090 -25.25 27.92 52.47
C LEU A 2090 -25.06 28.87 51.29
N ASP A 2091 -25.31 30.16 51.47
CA ASP A 2091 -25.17 31.12 50.38
C ASP A 2091 -23.71 31.40 50.05
N SER A 2092 -22.81 31.21 51.02
CA SER A 2092 -21.38 31.43 50.82
C SER A 2092 -20.65 30.18 50.36
N TRP A 2093 -21.36 29.23 49.74
CA TRP A 2093 -20.77 27.97 49.30
C TRP A 2093 -21.45 27.57 48.00
N GLN A 2094 -20.68 27.55 46.92
CA GLN A 2094 -21.22 27.17 45.61
C GLN A 2094 -21.49 25.67 45.60
N SER A 2095 -22.77 25.30 45.65
CA SER A 2095 -23.14 23.90 45.53
C SER A 2095 -22.95 23.45 44.08
N LEU A 2096 -22.44 22.24 43.91
CA LEU A 2096 -22.13 21.70 42.59
C LEU A 2096 -22.89 20.40 42.39
N ALA A 2097 -22.93 19.96 41.13
CA ALA A 2097 -23.65 18.76 40.76
C ALA A 2097 -22.69 17.57 40.72
N LEU A 2098 -23.28 16.37 40.63
CA LEU A 2098 -22.48 15.15 40.51
C LEU A 2098 -21.89 14.99 39.13
N SER A 2099 -22.45 15.67 38.13
CA SER A 2099 -22.02 15.57 36.74
C SER A 2099 -20.89 16.52 36.39
N SER A 2100 -20.10 16.94 37.38
CA SER A 2100 -19.04 17.92 37.15
C SER A 2100 -17.73 17.52 37.83
N VAL A 2101 -17.57 16.23 38.16
CA VAL A 2101 -16.37 15.73 38.82
C VAL A 2101 -15.95 14.43 38.15
N VAL A 2102 -14.70 14.05 38.36
CA VAL A 2102 -14.17 12.76 37.91
C VAL A 2102 -13.49 12.06 39.08
N VAL A 2103 -13.71 10.74 39.17
CA VAL A 2103 -13.02 9.94 40.17
C VAL A 2103 -11.57 9.77 39.76
N ASP A 2104 -10.65 10.06 40.67
CA ASP A 2104 -9.22 9.95 40.41
C ASP A 2104 -8.58 9.32 41.64
N PRO A 2105 -8.45 7.99 41.67
CA PRO A 2105 -7.91 7.33 42.87
C PRO A 2105 -6.38 7.38 42.96
N SER A 2106 -5.78 8.51 42.63
CA SER A 2106 -4.35 8.71 42.76
C SER A 2106 -4.00 10.07 43.35
N ILE A 2107 -4.96 10.98 43.51
CA ILE A 2107 -4.70 12.30 44.07
C ILE A 2107 -4.37 12.16 45.55
N ARG A 2108 -3.43 12.99 46.03
CA ARG A 2108 -2.86 12.78 47.35
C ARG A 2108 -2.95 13.98 48.27
N HIS A 2109 -3.42 15.14 47.81
CA HIS A 2109 -3.70 16.26 48.70
C HIS A 2109 -5.18 16.25 49.01
N PHE A 2110 -5.56 15.32 49.89
CA PHE A 2110 -6.94 15.16 50.32
C PHE A 2110 -6.93 14.95 51.82
N ASP A 2111 -8.13 15.01 52.40
CA ASP A 2111 -8.29 14.74 53.83
C ASP A 2111 -9.65 14.10 53.99
N VAL A 2112 -9.89 13.54 55.18
CA VAL A 2112 -11.12 12.80 55.41
C VAL A 2112 -11.49 12.93 56.89
N ALA A 2113 -12.79 12.98 57.15
CA ALA A 2113 -13.29 13.12 58.52
C ALA A 2113 -14.63 12.37 58.61
N HIS A 2114 -14.58 11.17 59.16
CA HIS A 2114 -15.80 10.41 59.43
C HIS A 2114 -16.60 11.05 60.55
N VAL A 2115 -17.87 11.35 60.26
CA VAL A 2115 -18.82 11.77 61.27
C VAL A 2115 -19.82 10.64 61.42
N SER A 2116 -19.86 10.05 62.62
CA SER A 2116 -20.50 8.76 62.81
C SER A 2116 -22.03 8.88 62.75
N THR A 2117 -22.69 7.71 62.78
CA THR A 2117 -24.13 7.59 62.69
C THR A 2117 -24.84 7.81 64.03
N ALA A 2118 -24.16 8.41 65.00
CA ALA A 2118 -24.80 8.80 66.26
C ALA A 2118 -25.90 9.83 66.01
N ALA A 2119 -25.60 10.85 65.21
CA ALA A 2119 -26.63 11.77 64.72
C ALA A 2119 -27.36 11.06 63.58
N THR A 2120 -28.41 10.32 63.93
CA THR A 2120 -29.17 9.58 62.93
C THR A 2120 -29.94 10.52 62.01
N SER A 2121 -30.72 11.43 62.59
CA SER A 2121 -31.34 12.50 61.83
C SER A 2121 -30.36 13.66 61.72
N ASN A 2122 -30.85 14.81 61.22
CA ASN A 2122 -30.08 16.03 61.00
C ASN A 2122 -28.82 15.80 60.17
N PHE A 2123 -29.07 15.42 58.92
CA PHE A 2123 -28.01 15.42 57.90
C PHE A 2123 -27.48 16.82 57.67
N SER A 2124 -28.36 17.83 57.75
CA SER A 2124 -27.96 19.21 57.55
C SER A 2124 -27.17 19.77 58.72
N ALA A 2125 -27.18 19.11 59.87
CA ALA A 2125 -26.31 19.51 60.97
C ALA A 2125 -24.94 18.84 60.91
N VAL A 2126 -24.86 17.67 60.25
CA VAL A 2126 -23.57 17.09 59.94
C VAL A 2126 -22.89 17.90 58.83
N ARG A 2127 -23.68 18.37 57.87
CA ARG A 2127 -23.14 19.18 56.77
C ARG A 2127 -22.64 20.53 57.26
N ASP A 2128 -23.39 21.18 58.15
CA ASP A 2128 -22.97 22.44 58.73
C ASP A 2128 -21.80 22.31 59.69
N LEU A 2129 -21.46 21.09 60.12
CA LEU A 2129 -20.30 20.84 60.97
C LEU A 2129 -19.04 20.62 60.14
N CYS A 2130 -19.15 19.94 59.00
CA CYS A 2130 -17.99 19.75 58.13
C CYS A 2130 -17.65 21.02 57.36
N LEU A 2131 -18.67 21.76 56.92
CA LEU A 2131 -18.41 23.04 56.25
C LEU A 2131 -17.88 24.10 57.22
N SER A 2132 -18.18 23.98 58.51
CA SER A 2132 -17.60 24.86 59.51
C SER A 2132 -16.15 24.53 59.82
N GLU A 2133 -15.61 23.45 59.27
CA GLU A 2133 -14.19 23.13 59.40
C GLU A 2133 -13.39 23.59 58.19
N CYS A 2134 -13.95 23.43 56.99
CA CYS A 2134 -13.29 23.93 55.78
C CYS A 2134 -13.31 25.45 55.73
N SER A 2135 -14.31 26.09 56.37
CA SER A 2135 -14.36 27.55 56.40
C SER A 2135 -13.33 28.14 57.35
N GLN A 2136 -12.75 27.34 58.25
CA GLN A 2136 -11.72 27.82 59.15
C GLN A 2136 -10.32 27.73 58.56
N HIS A 2137 -10.11 26.88 57.56
CA HIS A 2137 -8.81 26.68 56.95
C HIS A 2137 -8.81 27.25 55.53
N GLU A 2138 -7.81 28.07 55.22
CA GLU A 2138 -7.71 28.67 53.91
C GLU A 2138 -7.22 27.70 52.84
N ALA A 2139 -6.60 26.59 53.24
CA ALA A 2139 -6.11 25.61 52.27
C ALA A 2139 -7.25 24.80 51.69
N CYS A 2140 -8.24 24.46 52.50
CA CYS A 2140 -9.43 23.76 52.01
C CYS A 2140 -10.28 24.70 51.17
N LEU A 2141 -10.67 24.22 49.98
CA LEU A 2141 -11.55 24.96 49.10
C LEU A 2141 -12.75 24.16 48.62
N ILE A 2142 -12.67 22.83 48.61
CA ILE A 2142 -13.74 21.96 48.15
C ILE A 2142 -14.08 21.00 49.28
N THR A 2143 -15.35 20.83 49.57
CA THR A 2143 -15.82 19.88 50.58
C THR A 2143 -16.80 18.92 49.92
N THR A 2144 -16.45 17.64 49.90
CA THR A 2144 -17.32 16.59 49.41
C THR A 2144 -17.60 15.63 50.54
N LEU A 2145 -18.86 15.21 50.67
CA LEU A 2145 -19.25 14.36 51.77
C LEU A 2145 -20.31 13.37 51.32
N GLN A 2146 -20.12 12.11 51.70
CA GLN A 2146 -20.97 11.00 51.27
C GLN A 2146 -21.46 10.26 52.49
N THR A 2147 -22.75 9.93 52.50
CA THR A 2147 -23.26 9.03 53.51
C THR A 2147 -22.93 7.58 53.15
N GLN A 2148 -22.79 6.75 54.17
CA GLN A 2148 -22.37 5.37 54.00
C GLN A 2148 -22.83 4.58 55.23
N PRO A 2149 -22.85 3.22 55.16
CA PRO A 2149 -23.32 2.46 56.33
C PRO A 2149 -22.40 2.52 57.54
N GLY A 2150 -22.56 3.58 58.34
CA GLY A 2150 -21.83 3.72 59.57
C GLY A 2150 -21.41 5.14 59.90
N ALA A 2151 -21.25 5.98 58.88
CA ALA A 2151 -20.78 7.35 59.09
C ALA A 2151 -21.18 8.21 57.90
N VAL A 2152 -20.86 9.49 58.01
CA VAL A 2152 -21.00 10.46 56.92
C VAL A 2152 -19.59 10.93 56.61
N ARG A 2153 -19.04 10.46 55.50
CA ARG A 2153 -17.61 10.58 55.22
C ARG A 2153 -17.34 11.93 54.57
N CYS A 2154 -17.00 12.93 55.39
CA CYS A 2154 -16.64 14.24 54.88
C CYS A 2154 -15.20 14.25 54.41
N MET A 2155 -14.98 14.72 53.18
CA MET A 2155 -13.62 14.85 52.64
C MET A 2155 -13.36 16.30 52.27
N PHE A 2156 -12.07 16.63 52.16
CA PHE A 2156 -11.64 18.00 51.94
C PHE A 2156 -10.53 18.03 50.91
N TYR A 2157 -10.57 19.02 50.02
CA TYR A 2157 -9.63 19.11 48.91
C TYR A 2157 -9.09 20.53 48.80
N ALA A 2158 -8.10 20.69 47.92
CA ALA A 2158 -7.62 21.98 47.46
C ALA A 2158 -8.26 22.27 46.11
N ASP A 2159 -7.81 23.33 45.43
CA ASP A 2159 -8.36 23.65 44.12
C ASP A 2159 -7.84 22.67 43.08
N THR A 2160 -8.54 21.56 42.90
CA THR A 2160 -8.11 20.47 42.03
C THR A 2160 -9.04 20.45 40.82
N GLN A 2161 -8.70 21.24 39.82
CA GLN A 2161 -9.47 21.33 38.58
C GLN A 2161 -8.83 20.47 37.50
N SER A 2162 -9.61 20.15 36.48
CA SER A 2162 -9.08 19.46 35.30
C SER A 2162 -9.88 19.95 34.10
N CYS A 2163 -9.36 20.97 33.43
CA CYS A 2163 -10.04 21.56 32.30
C CYS A 2163 -9.58 20.90 31.00
N THR A 2164 -10.51 20.77 30.07
CA THR A 2164 -10.25 20.20 28.75
C THR A 2164 -10.46 21.31 27.73
N HIS A 2165 -9.38 22.02 27.41
CA HIS A 2165 -9.47 23.14 26.49
C HIS A 2165 -9.63 22.63 25.06
N SER A 2166 -10.58 23.20 24.32
CA SER A 2166 -10.80 22.84 22.93
C SER A 2166 -11.24 24.10 22.20
N LEU A 2167 -11.51 23.96 20.90
CA LEU A 2167 -11.93 25.11 20.11
C LEU A 2167 -13.43 25.34 20.20
N GLN A 2168 -14.21 24.29 20.38
CA GLN A 2168 -15.67 24.42 20.46
C GLN A 2168 -16.17 24.66 21.88
N GLY A 2169 -15.29 24.88 22.83
CA GLY A 2169 -15.71 25.12 24.20
C GLY A 2169 -14.54 24.98 25.15
N GLN A 2170 -14.79 25.43 26.38
CA GLN A 2170 -13.80 25.39 27.46
C GLN A 2170 -14.47 24.73 28.66
N ASN A 2171 -14.45 23.40 28.70
CA ASN A 2171 -15.08 22.68 29.79
C ASN A 2171 -14.11 22.52 30.95
N CYS A 2172 -14.64 22.54 32.17
CA CYS A 2172 -13.85 22.33 33.37
C CYS A 2172 -14.63 21.45 34.34
N ARG A 2173 -13.90 20.78 35.22
CA ARG A 2173 -14.47 19.81 36.15
C ARG A 2173 -13.44 19.50 37.23
N LEU A 2174 -13.93 19.08 38.39
CA LEU A 2174 -13.08 18.91 39.55
C LEU A 2174 -12.41 17.54 39.55
N LEU A 2175 -11.18 17.50 40.05
CA LEU A 2175 -10.53 16.23 40.37
C LEU A 2175 -10.95 15.79 41.77
N LEU A 2176 -11.35 14.53 41.90
CA LEU A 2176 -11.70 13.98 43.19
C LEU A 2176 -11.17 12.56 43.35
N ARG A 2177 -10.76 12.23 44.57
CA ARG A 2177 -10.73 10.85 45.03
C ARG A 2177 -12.19 10.42 45.28
N GLU A 2178 -12.38 9.11 45.53
CA GLU A 2178 -13.63 8.34 45.42
C GLU A 2178 -14.89 9.11 45.82
N GLU A 2179 -15.88 9.08 44.93
CA GLU A 2179 -16.88 10.13 44.77
C GLU A 2179 -17.78 10.28 45.99
N ALA A 2180 -18.53 11.38 46.02
CA ALA A 2180 -19.43 11.70 47.11
C ALA A 2180 -20.71 12.28 46.53
N THR A 2181 -21.74 12.35 47.37
CA THR A 2181 -23.05 12.81 46.92
C THR A 2181 -23.09 14.34 46.82
N HIS A 2182 -22.81 15.02 47.92
CA HIS A 2182 -22.91 16.46 48.01
C HIS A 2182 -21.52 17.09 47.89
N ILE A 2183 -21.40 18.08 47.01
CA ILE A 2183 -20.14 18.75 46.73
C ILE A 2183 -20.32 20.24 47.03
N TYR A 2184 -19.44 20.79 47.86
CA TYR A 2184 -19.51 22.20 48.22
C TYR A 2184 -18.14 22.83 48.04
N ARG A 2185 -18.15 24.09 47.60
CA ARG A 2185 -16.93 24.77 47.18
C ARG A 2185 -16.99 26.23 47.60
N LYS A 2186 -15.87 26.75 48.09
CA LYS A 2186 -15.76 28.18 48.34
C LYS A 2186 -15.81 28.94 47.01
N PRO A 2187 -16.42 30.11 46.97
CA PRO A 2187 -16.45 30.89 45.72
C PRO A 2187 -15.09 31.47 45.39
N GLY A 2188 -14.97 31.94 44.16
CA GLY A 2188 -13.75 32.58 43.74
C GLY A 2188 -13.58 33.94 44.39
N ILE A 2189 -12.33 34.32 44.62
CA ILE A 2189 -12.02 35.61 45.22
C ILE A 2189 -10.72 36.12 44.59
N SER A 2190 -10.67 37.42 44.35
CA SER A 2190 -9.51 38.06 43.75
C SER A 2190 -9.00 39.16 44.67
N LEU A 2191 -7.69 39.39 44.61
CA LEU A 2191 -7.03 40.41 45.41
C LEU A 2191 -6.96 41.75 44.69
N LEU A 2192 -7.89 42.01 43.77
CA LEU A 2192 -7.86 43.20 42.93
C LEU A 2192 -9.12 44.00 43.18
N SER A 2193 -8.96 45.30 43.42
CA SER A 2193 -10.12 46.17 43.58
C SER A 2193 -10.72 46.51 42.22
N TYR A 2194 -11.92 47.07 42.24
CA TYR A 2194 -12.63 47.45 41.02
C TYR A 2194 -13.43 48.72 41.29
N GLU A 2195 -12.87 49.85 40.89
CA GLU A 2195 -13.63 51.10 40.82
C GLU A 2195 -13.77 51.48 39.35
N ALA A 2196 -15.02 51.77 38.94
CA ALA A 2196 -15.39 52.04 37.54
C ALA A 2196 -14.98 50.90 36.58
N SER A 2197 -14.92 49.68 37.12
CA SER A 2197 -14.47 48.46 36.44
C SER A 2197 -13.09 48.60 35.80
N VAL A 2198 -12.18 49.28 36.50
CA VAL A 2198 -10.76 49.17 36.15
C VAL A 2198 -10.05 48.57 37.35
N PRO A 2199 -9.05 47.72 37.13
CA PRO A 2199 -8.41 47.03 38.26
C PRO A 2199 -7.34 47.86 38.93
N SER A 2200 -7.17 47.63 40.23
CA SER A 2200 -6.12 48.25 41.02
C SER A 2200 -5.69 47.25 42.08
N VAL A 2201 -4.53 47.50 42.68
CA VAL A 2201 -3.85 46.50 43.49
C VAL A 2201 -2.91 47.16 44.49
N PRO A 2202 -2.91 46.75 45.76
CA PRO A 2202 -1.96 47.32 46.72
C PRO A 2202 -0.53 46.87 46.50
N ILE A 2203 0.30 47.74 45.93
CA ILE A 2203 1.74 47.57 46.03
C ILE A 2203 2.13 47.82 47.49
N SER A 2204 3.17 47.11 47.94
CA SER A 2204 3.49 47.06 49.37
C SER A 2204 3.91 48.42 49.93
N THR A 2205 4.97 49.01 49.38
CA THR A 2205 5.48 50.27 49.90
C THR A 2205 5.24 51.45 48.97
N HIS A 2206 4.76 51.22 47.74
CA HIS A 2206 4.53 52.32 46.81
C HIS A 2206 3.11 52.86 46.92
N GLY A 2207 2.11 51.99 46.78
CA GLY A 2207 0.73 52.42 46.81
C GLY A 2207 -0.18 51.52 45.99
N ARG A 2208 -0.91 52.11 45.06
CA ARG A 2208 -1.81 51.35 44.19
C ARG A 2208 -1.41 51.56 42.74
N LEU A 2209 -1.57 50.51 41.94
CA LEU A 2209 -1.49 50.68 40.50
C LEU A 2209 -2.83 51.15 39.95
N LEU A 2210 -2.86 51.45 38.66
CA LEU A 2210 -4.09 51.88 37.98
C LEU A 2210 -4.06 51.21 36.61
N GLY A 2211 -4.68 50.05 36.51
CA GLY A 2211 -4.52 49.16 35.38
C GLY A 2211 -5.62 49.26 34.37
N ARG A 2212 -6.05 48.12 33.85
CA ARG A 2212 -6.87 48.02 32.66
C ARG A 2212 -7.47 46.62 32.61
N SER A 2213 -8.67 46.51 32.07
CA SER A 2213 -9.35 45.23 31.99
C SER A 2213 -9.77 44.96 30.54
N GLN A 2214 -9.78 43.68 30.18
CA GLN A 2214 -10.08 43.29 28.80
C GLN A 2214 -10.55 41.85 28.80
N ALA A 2215 -11.58 41.57 28.00
CA ALA A 2215 -12.06 40.22 27.80
C ALA A 2215 -11.47 39.65 26.52
N ILE A 2216 -11.06 38.38 26.57
CA ILE A 2216 -10.33 37.73 25.50
C ILE A 2216 -11.03 36.42 25.16
N GLN A 2217 -10.73 35.91 23.98
CA GLN A 2217 -11.43 34.75 23.43
C GLN A 2217 -10.46 33.62 23.15
N VAL A 2218 -10.76 32.44 23.70
CA VAL A 2218 -10.02 31.21 23.39
C VAL A 2218 -11.07 30.22 22.91
N GLY A 2219 -11.17 30.03 21.60
CA GLY A 2219 -12.18 29.16 21.04
C GLY A 2219 -13.54 29.83 20.98
N THR A 2220 -14.45 29.42 21.85
CA THR A 2220 -15.79 30.00 21.91
C THR A 2220 -16.10 30.71 23.21
N SER A 2221 -15.35 30.46 24.28
CA SER A 2221 -15.63 31.06 25.57
C SER A 2221 -14.69 32.24 25.82
N TRP A 2222 -14.95 32.93 26.92
CA TRP A 2222 -14.31 34.21 27.21
C TRP A 2222 -13.78 34.22 28.64
N LYS A 2223 -12.83 35.12 28.89
CA LYS A 2223 -12.30 35.31 30.24
C LYS A 2223 -11.78 36.73 30.37
N GLN A 2224 -12.07 37.34 31.52
CA GLN A 2224 -11.55 38.67 31.84
C GLN A 2224 -10.10 38.55 32.34
N VAL A 2225 -9.17 39.16 31.63
CA VAL A 2225 -7.79 39.28 32.11
C VAL A 2225 -7.54 40.71 32.56
N ASP A 2226 -7.16 40.84 33.83
CA ASP A 2226 -6.94 42.15 34.45
C ASP A 2226 -5.50 42.58 34.15
N GLN A 2227 -5.34 43.18 32.97
CA GLN A 2227 -4.02 43.48 32.44
C GLN A 2227 -3.48 44.77 33.05
N PHE A 2228 -2.40 44.68 33.82
CA PHE A 2228 -1.67 45.86 34.28
C PHE A 2228 -0.44 45.99 33.38
N LEU A 2229 -0.50 46.88 32.41
CA LEU A 2229 0.60 47.02 31.47
C LEU A 2229 1.52 48.14 31.89
N GLY A 2230 2.81 47.99 31.58
CA GLY A 2230 3.77 49.07 31.75
C GLY A 2230 4.09 49.42 33.19
N VAL A 2231 4.35 48.42 34.03
CA VAL A 2231 4.61 48.65 35.44
C VAL A 2231 6.11 48.82 35.66
N PRO A 2232 6.55 49.93 36.26
CA PRO A 2232 7.99 50.16 36.41
C PRO A 2232 8.60 49.38 37.57
N TYR A 2233 9.89 49.07 37.43
CA TYR A 2233 10.62 48.41 38.50
C TYR A 2233 12.01 48.98 38.74
N ALA A 2234 12.44 49.98 37.96
CA ALA A 2234 13.73 50.62 38.16
C ALA A 2234 13.68 52.01 37.54
N ALA A 2235 14.66 52.83 37.91
CA ALA A 2235 14.69 54.21 37.44
C ALA A 2235 15.03 54.26 35.95
N PRO A 2236 14.48 55.21 35.21
CA PRO A 2236 14.76 55.32 33.78
C PRO A 2236 16.19 55.76 33.52
N PRO A 2237 16.99 54.94 32.83
CA PRO A 2237 18.39 55.31 32.54
C PRO A 2237 18.51 56.24 31.34
N LEU A 2238 17.95 57.45 31.47
CA LEU A 2238 17.76 58.29 30.29
C LEU A 2238 19.02 59.07 29.92
N ALA A 2239 19.66 59.70 30.90
CA ALA A 2239 20.84 60.53 30.63
C ALA A 2239 21.59 60.71 31.94
N GLU A 2240 22.87 60.28 31.95
CA GLU A 2240 23.82 60.26 33.06
C GLU A 2240 23.44 59.28 34.18
N ARG A 2241 22.28 58.65 34.08
CA ARG A 2241 22.02 57.35 34.68
C ARG A 2241 22.22 56.24 33.66
N ARG A 2242 22.47 56.61 32.40
CA ARG A 2242 22.97 55.71 31.39
C ARG A 2242 24.29 55.12 31.86
N PHE A 2243 24.47 53.82 31.56
CA PHE A 2243 25.72 53.08 31.83
C PHE A 2243 26.05 53.05 33.32
N GLN A 2244 25.03 52.99 34.19
CA GLN A 2244 25.32 52.88 35.60
C GLN A 2244 24.78 51.61 36.25
N ALA A 2245 23.45 51.44 36.29
CA ALA A 2245 22.87 50.59 37.33
C ALA A 2245 21.37 50.44 37.15
N PRO A 2246 20.74 49.48 37.82
CA PRO A 2246 19.27 49.55 37.99
C PRO A 2246 18.80 50.80 38.72
N GLU A 2247 19.35 51.08 39.93
CA GLU A 2247 18.97 52.17 40.83
C GLU A 2247 17.47 52.17 41.12
N PRO A 2248 17.01 51.30 42.04
CA PRO A 2248 15.56 51.07 42.22
C PRO A 2248 14.78 52.31 42.62
N LEU A 2249 13.67 52.53 41.93
CA LEU A 2249 12.88 53.75 42.03
C LEU A 2249 11.82 53.62 43.11
N ASN A 2250 11.44 54.76 43.70
CA ASN A 2250 10.45 54.83 44.77
C ASN A 2250 9.37 55.82 44.35
N TRP A 2251 8.35 55.33 43.66
CA TRP A 2251 7.18 56.17 43.40
C TRP A 2251 6.12 55.91 44.46
N THR A 2252 5.17 56.84 44.56
CA THR A 2252 4.12 56.75 45.57
C THR A 2252 2.85 57.37 45.01
N GLY A 2253 1.75 56.64 45.09
CA GLY A 2253 0.48 57.13 44.59
C GLY A 2253 -0.20 56.15 43.67
N SER A 2254 -0.81 56.65 42.60
CA SER A 2254 -1.48 55.83 41.60
C SER A 2254 -0.71 55.96 40.29
N TRP A 2255 -0.11 54.86 39.84
CA TRP A 2255 0.66 54.84 38.61
C TRP A 2255 -0.25 54.48 37.44
N ASP A 2256 -0.28 55.32 36.42
CA ASP A 2256 -1.11 55.11 35.24
C ASP A 2256 -0.52 53.97 34.42
N ALA A 2257 -1.09 52.78 34.58
CA ALA A 2257 -0.55 51.55 34.03
C ALA A 2257 -1.50 50.92 33.02
N SER A 2258 -2.06 51.73 32.12
CA SER A 2258 -3.11 51.29 31.20
C SER A 2258 -2.67 51.30 29.74
N LYS A 2259 -1.37 51.31 29.47
CA LYS A 2259 -0.87 51.32 28.11
C LYS A 2259 0.51 50.67 28.09
N PRO A 2260 0.93 50.11 26.96
CA PRO A 2260 2.30 49.62 26.84
C PRO A 2260 3.30 50.76 26.88
N ARG A 2261 4.52 50.44 27.32
CA ARG A 2261 5.63 51.38 27.30
C ARG A 2261 6.53 51.10 26.11
N ALA A 2262 7.45 52.02 25.86
CA ALA A 2262 8.38 51.86 24.75
C ALA A 2262 9.39 50.76 25.04
N SER A 2263 9.81 50.06 24.00
CA SER A 2263 10.78 48.98 24.16
C SER A 2263 12.19 49.56 24.03
N CYS A 2264 13.20 48.71 24.22
CA CYS A 2264 14.57 49.19 24.19
C CYS A 2264 15.13 49.25 22.78
N TRP A 2265 16.12 50.14 22.60
CA TRP A 2265 16.87 50.23 21.36
C TRP A 2265 17.56 48.90 21.10
N GLN A 2266 17.37 48.36 19.90
CA GLN A 2266 17.99 47.10 19.51
C GLN A 2266 18.98 47.34 18.38
N PRO A 2267 19.95 46.45 18.20
CA PRO A 2267 20.77 46.50 16.99
C PRO A 2267 19.93 46.23 15.76
N GLY A 2268 20.02 47.13 14.78
CA GLY A 2268 19.16 47.07 13.63
C GLY A 2268 17.88 47.87 13.76
N THR A 2269 17.88 48.92 14.58
CA THR A 2269 16.68 49.70 14.81
C THR A 2269 16.39 50.59 13.62
N ARG A 2270 15.15 50.56 13.13
CA ARG A 2270 14.70 51.46 12.08
C ARG A 2270 14.69 52.90 12.60
N THR A 2271 14.86 53.84 11.67
CA THR A 2271 15.04 55.24 12.00
C THR A 2271 13.76 55.96 12.41
N SER A 2272 12.63 55.28 12.46
CA SER A 2272 11.37 55.88 12.88
C SER A 2272 11.43 56.12 14.39
N THR A 2273 11.71 57.36 14.77
CA THR A 2273 11.77 57.75 16.19
C THR A 2273 10.34 57.90 16.72
N SER A 2274 9.73 56.75 16.99
CA SER A 2274 8.36 56.51 17.40
C SER A 2274 8.29 56.26 18.90
N PRO A 2275 7.13 56.56 19.55
CA PRO A 2275 6.92 56.22 20.97
C PRO A 2275 6.59 54.75 21.22
N GLY A 2276 7.38 53.85 20.62
CA GLY A 2276 7.28 52.44 20.86
C GLY A 2276 8.64 51.85 21.15
N VAL A 2277 9.68 52.66 20.88
CA VAL A 2277 11.06 52.32 21.23
C VAL A 2277 11.70 53.51 21.91
N SER A 2278 12.50 53.24 22.94
CA SER A 2278 13.24 54.25 23.68
C SER A 2278 14.39 53.54 24.38
N GLU A 2279 15.02 54.22 25.33
CA GLU A 2279 16.01 53.55 26.17
C GLU A 2279 15.42 53.04 27.48
N ASP A 2280 14.56 53.84 28.11
CA ASP A 2280 13.86 53.44 29.33
C ASP A 2280 12.75 52.46 28.99
N CYS A 2281 13.12 51.20 28.83
CA CYS A 2281 12.14 50.15 28.58
C CYS A 2281 11.86 49.31 29.80
N LEU A 2282 12.49 49.61 30.94
CA LEU A 2282 12.43 48.75 32.12
C LEU A 2282 11.03 48.88 32.72
N TYR A 2283 10.11 48.11 32.16
CA TYR A 2283 8.69 48.17 32.49
C TYR A 2283 8.10 46.78 32.32
N LEU A 2284 7.26 46.38 33.26
CA LEU A 2284 6.67 45.06 33.28
C LEU A 2284 5.20 45.11 32.83
N ASN A 2285 4.72 43.98 32.32
CA ASN A 2285 3.35 43.86 31.83
C ASN A 2285 2.74 42.63 32.49
N VAL A 2286 2.18 42.83 33.68
CA VAL A 2286 1.62 41.73 34.45
C VAL A 2286 0.17 41.49 34.01
N PHE A 2287 -0.13 40.25 33.61
CA PHE A 2287 -1.38 39.86 32.98
C PHE A 2287 -2.02 38.79 33.87
N ILE A 2288 -3.16 39.10 34.48
CA ILE A 2288 -3.76 38.26 35.50
C ILE A 2288 -5.18 37.90 35.06
N PRO A 2289 -5.56 36.63 35.05
CA PRO A 2289 -6.97 36.28 34.87
C PRO A 2289 -7.79 36.60 36.11
N GLN A 2290 -9.10 36.67 35.92
CA GLN A 2290 -10.00 36.85 37.06
C GLN A 2290 -10.12 35.53 37.81
N ASN A 2291 -9.97 35.60 39.13
CA ASN A 2291 -10.13 34.47 40.07
C ASN A 2291 -9.14 33.34 39.73
N VAL A 2292 -7.86 33.66 39.92
CA VAL A 2292 -6.77 32.71 39.73
C VAL A 2292 -6.76 31.67 40.82
N ALA A 2293 -5.91 30.65 40.66
CA ALA A 2293 -5.59 29.75 41.76
C ALA A 2293 -4.99 30.55 42.92
N PRO A 2294 -5.29 30.20 44.17
CA PRO A 2294 -4.98 31.11 45.29
C PRO A 2294 -3.48 31.34 45.53
N ASN A 2295 -2.69 30.28 45.65
CA ASN A 2295 -1.26 30.39 45.47
C ASN A 2295 -0.97 30.05 44.01
N ALA A 2296 -0.88 31.07 43.17
CA ALA A 2296 -0.87 30.90 41.73
C ALA A 2296 0.54 30.59 41.23
N SER A 2297 0.71 30.62 39.91
CA SER A 2297 2.00 30.39 39.29
C SER A 2297 2.33 31.57 38.39
N VAL A 2298 3.61 31.92 38.31
CA VAL A 2298 4.06 33.14 37.64
C VAL A 2298 5.09 32.74 36.58
N LEU A 2299 5.00 33.36 35.40
CA LEU A 2299 5.97 33.18 34.32
C LEU A 2299 6.59 34.52 33.97
N VAL A 2300 7.90 34.63 34.13
CA VAL A 2300 8.63 35.85 33.86
C VAL A 2300 9.24 35.75 32.48
N PHE A 2301 8.86 36.64 31.57
CA PHE A 2301 9.21 36.50 30.16
C PHE A 2301 9.94 37.74 29.69
N PHE A 2302 11.25 37.62 29.50
CA PHE A 2302 12.11 38.74 29.13
C PHE A 2302 12.11 38.88 27.61
N HIS A 2303 11.49 39.96 27.10
CA HIS A 2303 11.39 40.16 25.65
C HIS A 2303 11.20 41.65 25.37
N ASN A 2304 12.28 42.31 24.95
CA ASN A 2304 12.11 43.56 24.23
C ASN A 2304 11.64 43.29 22.80
N THR A 2305 11.09 44.32 22.16
CA THR A 2305 10.53 44.16 20.82
C THR A 2305 11.04 45.27 19.90
N MET A 2306 10.73 45.10 18.62
CA MET A 2306 11.16 46.00 17.57
C MET A 2306 10.22 47.19 17.44
N ASP A 2307 10.37 47.95 16.37
CA ASP A 2307 9.47 49.03 16.02
C ASP A 2307 8.63 48.64 14.80
N ARG A 2308 8.41 47.34 14.60
CA ARG A 2308 7.52 46.92 13.52
C ARG A 2308 6.07 47.20 13.87
N GLU A 2309 5.72 47.21 15.16
CA GLU A 2309 4.52 47.88 15.62
C GLU A 2309 4.88 49.32 15.93
N GLU A 2310 3.95 50.23 15.66
CA GLU A 2310 4.22 51.67 15.78
C GLU A 2310 3.16 52.31 16.67
N SER A 2311 3.37 52.21 17.98
CA SER A 2311 2.55 52.88 19.02
C SER A 2311 1.07 52.55 18.89
N GLU A 2312 0.77 51.29 18.58
CA GLU A 2312 -0.60 50.89 18.28
C GLU A 2312 -1.47 50.77 19.52
N GLY A 2313 -0.87 50.62 20.70
CA GLY A 2313 -1.61 50.45 21.93
C GLY A 2313 -1.80 49.02 22.38
N TRP A 2314 -1.41 48.05 21.55
CA TRP A 2314 -1.42 46.65 21.93
C TRP A 2314 0.00 46.17 22.18
N PRO A 2315 0.21 45.29 23.17
CA PRO A 2315 1.56 44.77 23.42
C PRO A 2315 2.01 43.83 22.31
N ALA A 2316 3.33 43.80 22.09
CA ALA A 2316 3.88 43.01 20.99
C ALA A 2316 3.71 41.52 21.24
N ILE A 2317 3.83 41.10 22.50
CA ILE A 2317 3.43 39.76 22.91
C ILE A 2317 2.42 39.97 24.03
N ASP A 2318 1.14 39.85 23.69
CA ASP A 2318 0.08 39.86 24.69
C ASP A 2318 0.12 38.50 25.38
N GLY A 2319 0.84 38.42 26.50
CA GLY A 2319 1.00 37.21 27.25
C GLY A 2319 -0.19 36.81 28.09
N SER A 2320 -1.32 37.50 27.96
CA SER A 2320 -2.51 37.22 28.73
C SER A 2320 -3.29 36.03 28.22
N PHE A 2321 -2.81 35.34 27.18
CA PHE A 2321 -3.54 34.17 26.72
C PHE A 2321 -3.00 32.90 27.38
N LEU A 2322 -1.67 32.81 27.51
CA LEU A 2322 -1.07 31.75 28.31
C LEU A 2322 -1.43 31.90 29.78
N ALA A 2323 -1.68 33.13 30.22
CA ALA A 2323 -2.23 33.36 31.55
C ALA A 2323 -3.62 32.74 31.68
N ALA A 2324 -4.47 32.94 30.68
CA ALA A 2324 -5.87 32.54 30.79
C ALA A 2324 -6.04 31.03 30.62
N VAL A 2325 -5.39 30.46 29.61
CA VAL A 2325 -5.54 29.04 29.31
C VAL A 2325 -4.88 28.20 30.40
N GLY A 2326 -3.79 28.68 30.98
CA GLY A 2326 -3.07 27.93 31.98
C GLY A 2326 -3.37 28.28 33.43
N ASN A 2327 -4.23 29.28 33.67
CA ASN A 2327 -4.65 29.72 35.00
C ASN A 2327 -3.44 30.12 35.85
N LEU A 2328 -2.71 31.12 35.36
CA LEU A 2328 -1.45 31.54 35.94
C LEU A 2328 -1.21 33.00 35.59
N ILE A 2329 -0.15 33.56 36.15
CA ILE A 2329 0.17 34.98 35.97
C ILE A 2329 1.35 35.08 35.01
N VAL A 2330 1.29 36.04 34.09
CA VAL A 2330 2.34 36.26 33.11
C VAL A 2330 2.87 37.67 33.28
N VAL A 2331 4.18 37.79 33.49
CA VAL A 2331 4.84 39.09 33.58
C VAL A 2331 5.80 39.19 32.38
N THR A 2332 5.31 39.74 31.29
CA THR A 2332 6.16 40.00 30.13
C THR A 2332 7.08 41.16 30.44
N ALA A 2333 8.38 40.95 30.26
CA ALA A 2333 9.40 41.85 30.77
C ALA A 2333 10.11 42.55 29.61
N SER A 2334 11.04 43.43 29.98
CA SER A 2334 11.92 44.07 29.02
C SER A 2334 13.25 44.35 29.69
N TYR A 2335 14.31 44.47 28.89
CA TYR A 2335 15.67 44.50 29.41
C TYR A 2335 16.60 45.02 28.32
N ARG A 2336 17.63 45.77 28.73
CA ARG A 2336 18.45 46.52 27.80
C ARG A 2336 19.37 45.61 27.00
N VAL A 2337 19.29 45.70 25.68
CA VAL A 2337 20.09 44.92 24.74
C VAL A 2337 20.76 45.89 23.80
N GLY A 2338 22.02 45.63 23.45
CA GLY A 2338 22.70 46.50 22.51
C GLY A 2338 23.98 47.03 23.11
N VAL A 2339 24.21 48.34 23.01
CA VAL A 2339 25.34 48.95 23.68
C VAL A 2339 24.90 49.79 24.88
N PHE A 2340 23.61 50.12 24.98
CA PHE A 2340 23.10 50.79 26.17
C PHE A 2340 23.18 49.88 27.39
N GLY A 2341 23.11 48.57 27.18
CA GLY A 2341 23.57 47.58 28.12
C GLY A 2341 24.75 46.80 27.55
N PHE A 2342 25.27 45.89 28.37
CA PHE A 2342 26.36 44.97 28.02
C PHE A 2342 27.62 45.70 27.55
N LEU A 2343 27.93 46.82 28.19
CA LEU A 2343 29.09 47.64 27.83
C LEU A 2343 30.11 47.55 28.97
N SER A 2344 31.16 46.77 28.76
CA SER A 2344 32.24 46.62 29.72
C SER A 2344 33.47 47.37 29.24
N SER A 2345 34.27 47.84 30.19
CA SER A 2345 35.52 48.54 29.89
C SER A 2345 36.42 48.48 31.12
N GLY A 2346 37.56 47.79 30.98
CA GLY A 2346 38.55 47.79 32.04
C GLY A 2346 38.15 46.93 33.23
N SER A 2347 38.67 47.31 34.40
CA SER A 2347 38.43 46.60 35.65
C SER A 2347 37.92 47.55 36.72
N GLY A 2348 36.99 48.44 36.36
CA GLY A 2348 36.49 49.42 37.29
C GLY A 2348 35.00 49.34 37.53
N GLU A 2349 34.36 50.50 37.68
CA GLU A 2349 32.92 50.55 37.94
C GLU A 2349 32.09 50.20 36.72
N VAL A 2350 32.61 50.39 35.52
CA VAL A 2350 31.92 50.00 34.29
C VAL A 2350 32.04 48.48 34.18
N SER A 2351 30.97 47.77 34.57
CA SER A 2351 31.01 46.33 34.72
C SER A 2351 30.68 45.60 33.42
N GLY A 2352 29.56 45.95 32.78
CA GLY A 2352 29.16 45.34 31.53
C GLY A 2352 28.14 44.23 31.63
N ASN A 2353 27.32 44.22 32.68
CA ASN A 2353 26.23 43.25 32.81
C ASN A 2353 24.89 43.97 32.94
N TRP A 2354 24.77 45.11 32.27
CA TRP A 2354 23.60 45.98 32.34
C TRP A 2354 22.52 45.43 31.43
N GLY A 2355 21.35 45.14 32.02
CA GLY A 2355 20.33 44.38 31.32
C GLY A 2355 20.30 42.98 31.90
N LEU A 2356 21.49 42.46 32.20
CA LEU A 2356 21.60 41.16 32.85
C LEU A 2356 21.40 41.26 34.35
N LEU A 2357 21.88 42.34 34.97
CA LEU A 2357 21.50 42.63 36.35
C LEU A 2357 20.13 43.29 36.43
N ASP A 2358 19.61 43.82 35.33
CA ASP A 2358 18.23 44.29 35.30
C ASP A 2358 17.25 43.14 35.31
N GLN A 2359 17.66 41.94 34.89
CA GLN A 2359 16.81 40.76 35.04
C GLN A 2359 16.67 40.35 36.50
N VAL A 2360 17.69 40.64 37.31
CA VAL A 2360 17.56 40.44 38.76
C VAL A 2360 16.66 41.52 39.34
N ALA A 2361 16.72 42.74 38.79
CA ALA A 2361 15.88 43.83 39.24
C ALA A 2361 14.41 43.62 38.96
N ALA A 2362 14.07 42.77 37.97
CA ALA A 2362 12.69 42.42 37.71
C ALA A 2362 12.25 41.20 38.49
N LEU A 2363 13.13 40.19 38.61
CA LEU A 2363 12.80 38.98 39.34
C LEU A 2363 12.71 39.21 40.85
N THR A 2364 13.33 40.25 41.38
CA THR A 2364 13.18 40.62 42.77
C THR A 2364 11.99 41.54 42.98
N TRP A 2365 11.60 42.31 41.95
CA TRP A 2365 10.31 42.99 41.98
C TRP A 2365 9.17 41.98 42.04
N VAL A 2366 9.31 40.88 41.29
CA VAL A 2366 8.24 39.90 41.22
C VAL A 2366 8.08 39.18 42.55
N GLN A 2367 9.17 38.61 43.08
CA GLN A 2367 9.03 37.80 44.30
C GLN A 2367 8.89 38.64 45.57
N THR A 2368 8.75 39.96 45.44
CA THR A 2368 8.31 40.82 46.53
C THR A 2368 6.86 41.23 46.38
N HIS A 2369 6.45 41.66 45.18
CA HIS A 2369 5.17 42.33 44.98
C HIS A 2369 4.10 41.43 44.37
N ILE A 2370 4.36 40.15 44.12
CA ILE A 2370 3.35 39.29 43.50
C ILE A 2370 2.38 38.71 44.53
N ARG A 2371 2.67 38.86 45.83
CA ARG A 2371 1.72 38.46 46.85
C ARG A 2371 0.50 39.37 46.85
N GLY A 2372 0.65 40.60 46.38
CA GLY A 2372 -0.51 41.46 46.21
C GLY A 2372 -1.35 41.07 45.01
N PHE A 2373 -0.71 40.67 43.92
CA PHE A 2373 -1.45 40.28 42.72
C PHE A 2373 -2.14 38.92 42.87
N GLY A 2374 -1.69 38.10 43.81
CA GLY A 2374 -2.26 36.79 44.01
C GLY A 2374 -1.39 35.61 43.64
N GLY A 2375 -0.10 35.84 43.39
CA GLY A 2375 0.80 34.77 42.99
C GLY A 2375 1.52 34.13 44.17
N ASP A 2376 2.39 33.18 43.84
CA ASP A 2376 3.19 32.47 44.83
C ASP A 2376 4.64 32.51 44.38
N PRO A 2377 5.53 33.20 45.10
CA PRO A 2377 6.92 33.31 44.64
C PRO A 2377 7.81 32.14 45.04
N ARG A 2378 7.28 30.92 44.90
CA ARG A 2378 8.09 29.71 44.92
C ARG A 2378 7.74 28.81 43.76
N ARG A 2379 6.74 29.18 42.96
CA ARG A 2379 6.38 28.49 41.73
C ARG A 2379 6.67 29.35 40.51
N VAL A 2380 7.45 30.42 40.68
CA VAL A 2380 7.69 31.38 39.61
C VAL A 2380 8.79 30.86 38.67
N SER A 2381 8.54 30.97 37.37
CA SER A 2381 9.44 30.50 36.32
C SER A 2381 10.05 31.66 35.57
N LEU A 2382 10.98 31.34 34.66
CA LEU A 2382 11.49 32.34 33.71
C LEU A 2382 11.60 31.70 32.34
N ALA A 2383 11.61 32.55 31.32
CA ALA A 2383 11.68 32.13 29.93
C ALA A 2383 12.14 33.30 29.08
N ALA A 2384 13.04 33.04 28.13
CA ALA A 2384 13.50 34.05 27.19
C ALA A 2384 13.39 33.53 25.77
N ASP A 2385 13.33 34.46 24.81
CA ASP A 2385 12.69 34.16 23.54
C ASP A 2385 13.60 33.43 22.54
N ARG A 2386 14.59 34.12 21.96
CA ARG A 2386 15.40 33.52 20.89
C ARG A 2386 16.89 33.53 21.20
N GLY A 2387 17.46 34.70 21.40
CA GLY A 2387 18.89 34.86 21.59
C GLY A 2387 19.11 35.45 22.97
N GLY A 2388 18.03 36.01 23.50
CA GLY A 2388 18.01 36.37 24.90
C GLY A 2388 18.10 35.16 25.82
N ALA A 2389 17.68 33.99 25.32
CA ALA A 2389 17.81 32.75 26.06
C ALA A 2389 19.27 32.34 26.24
N ASP A 2390 20.18 32.84 25.40
CA ASP A 2390 21.59 32.73 25.71
C ASP A 2390 21.95 33.61 26.91
N VAL A 2391 21.48 34.86 26.92
CA VAL A 2391 21.88 35.80 27.96
C VAL A 2391 20.92 35.84 29.15
N ALA A 2392 19.88 35.00 29.16
CA ALA A 2392 19.03 34.84 30.34
C ALA A 2392 19.05 33.41 30.86
N SER A 2393 20.00 32.61 30.41
CA SER A 2393 20.32 31.32 31.01
C SER A 2393 21.43 31.41 32.03
N ILE A 2394 22.01 32.60 32.20
CA ILE A 2394 23.14 32.79 33.10
C ILE A 2394 22.68 32.67 34.56
N HIS A 2395 21.43 33.01 34.85
CA HIS A 2395 20.91 33.01 36.21
C HIS A 2395 20.74 31.59 36.75
N LEU A 2396 20.57 30.61 35.87
CA LEU A 2396 20.52 29.21 36.27
C LEU A 2396 21.90 28.67 36.66
N LEU A 2397 22.97 29.34 36.23
CA LEU A 2397 24.32 28.90 36.55
C LEU A 2397 24.73 29.29 37.95
N THR A 2398 24.35 30.48 38.40
CA THR A 2398 24.88 31.07 39.63
C THR A 2398 24.25 30.41 40.85
N ALA A 2399 25.09 29.76 41.66
CA ALA A 2399 24.63 29.16 42.91
C ALA A 2399 24.54 30.25 43.97
N ARG A 2400 23.33 30.46 44.49
CA ARG A 2400 23.07 31.48 45.50
C ARG A 2400 22.45 30.84 46.73
N ALA A 2401 21.96 31.68 47.64
CA ALA A 2401 21.27 31.20 48.83
C ALA A 2401 19.91 30.64 48.45
N THR A 2402 19.53 29.54 49.13
CA THR A 2402 18.25 28.89 48.84
C THR A 2402 17.06 29.71 49.32
N ASN A 2403 17.26 30.59 50.30
CA ASN A 2403 16.17 31.45 50.76
C ASN A 2403 15.92 32.62 49.82
N SER A 2404 16.87 32.95 48.95
CA SER A 2404 16.75 34.06 48.03
C SER A 2404 16.86 33.62 46.58
N GLN A 2405 16.49 32.36 46.30
CA GLN A 2405 16.47 31.87 44.92
C GLN A 2405 15.31 32.53 44.18
N LEU A 2406 15.61 33.06 43.00
CA LEU A 2406 14.64 33.88 42.27
C LEU A 2406 13.52 33.03 41.67
N PHE A 2407 13.87 32.13 40.76
CA PHE A 2407 12.91 31.32 40.04
C PHE A 2407 12.85 29.91 40.61
N ARG A 2408 11.98 29.08 40.03
CA ARG A 2408 11.99 27.66 40.35
C ARG A 2408 11.81 26.77 39.12
N ARG A 2409 11.38 27.31 37.97
CA ARG A 2409 11.39 26.59 36.71
C ARG A 2409 12.16 27.42 35.69
N ALA A 2410 12.42 26.84 34.51
CA ALA A 2410 13.21 27.54 33.49
C ALA A 2410 12.83 27.00 32.12
N VAL A 2411 12.27 27.86 31.26
CA VAL A 2411 11.93 27.44 29.91
C VAL A 2411 12.84 28.18 28.94
N LEU A 2412 13.98 27.58 28.60
CA LEU A 2412 14.94 28.21 27.72
C LEU A 2412 14.60 27.83 26.28
N MET A 2413 14.31 28.84 25.45
CA MET A 2413 13.83 28.60 24.10
C MET A 2413 14.91 29.02 23.10
N GLY A 2414 15.46 28.05 22.39
CA GLY A 2414 16.46 28.35 21.38
C GLY A 2414 17.76 28.88 21.93
N GLY A 2415 18.13 28.48 23.13
CA GLY A 2415 19.31 29.03 23.77
C GLY A 2415 19.82 28.13 24.86
N SER A 2416 21.05 28.41 25.28
CA SER A 2416 21.76 27.60 26.25
C SER A 2416 22.53 28.51 27.20
N ALA A 2417 23.13 27.90 28.20
CA ALA A 2417 24.18 28.53 28.98
C ALA A 2417 25.55 28.02 28.58
N LEU A 2418 25.64 27.31 27.45
CA LEU A 2418 26.90 26.76 26.97
C LEU A 2418 27.21 27.18 25.54
N SER A 2419 26.35 27.97 24.90
CA SER A 2419 26.57 28.37 23.52
C SER A 2419 27.77 29.32 23.44
N PRO A 2420 28.64 29.16 22.42
CA PRO A 2420 29.90 29.93 22.36
C PRO A 2420 29.75 31.39 21.93
N ALA A 2421 28.74 32.06 22.44
CA ALA A 2421 28.72 33.52 22.46
C ALA A 2421 28.15 34.04 23.77
N ALA A 2422 27.81 33.17 24.73
CA ALA A 2422 27.12 33.58 25.94
C ALA A 2422 28.03 34.32 26.90
N VAL A 2423 29.34 34.14 26.80
CA VAL A 2423 30.28 34.91 27.61
C VAL A 2423 31.42 35.43 26.74
N ILE A 2424 31.29 36.66 26.26
CA ILE A 2424 32.41 37.28 25.57
C ILE A 2424 33.42 37.75 26.60
N SER A 2425 34.68 37.84 26.18
CA SER A 2425 35.79 38.01 27.10
C SER A 2425 36.38 39.40 26.99
N HIS A 2426 37.32 39.68 27.90
CA HIS A 2426 37.97 40.99 27.99
C HIS A 2426 38.79 41.30 26.75
N GLU A 2427 39.29 40.27 26.07
CA GLU A 2427 39.98 40.46 24.80
C GLU A 2427 39.03 41.02 23.74
N ARG A 2428 37.76 40.62 23.79
CA ARG A 2428 36.78 41.08 22.82
C ARG A 2428 35.96 42.27 23.31
N ALA A 2429 35.52 42.25 24.58
CA ALA A 2429 34.60 43.26 25.08
C ALA A 2429 35.27 44.62 25.21
N GLN A 2430 36.55 44.64 25.60
CA GLN A 2430 37.29 45.89 25.59
C GLN A 2430 37.60 46.34 24.18
N GLN A 2431 37.81 45.40 23.26
CA GLN A 2431 38.04 45.74 21.86
C GLN A 2431 36.76 46.25 21.20
N GLN A 2432 35.61 45.74 21.62
CA GLN A 2432 34.36 46.06 20.95
C GLN A 2432 33.90 47.49 21.27
N ALA A 2433 34.29 48.02 22.43
CA ALA A 2433 34.01 49.42 22.74
C ALA A 2433 35.06 50.35 22.15
N ILE A 2434 36.31 49.88 22.03
CA ILE A 2434 37.32 50.56 21.24
C ILE A 2434 36.89 50.65 19.78
N ALA A 2435 36.29 49.57 19.26
CA ALA A 2435 35.70 49.60 17.93
C ALA A 2435 34.51 50.55 17.83
N LEU A 2436 33.81 50.76 18.95
CA LEU A 2436 32.65 51.66 18.92
C LEU A 2436 33.09 53.12 18.88
N ALA A 2437 34.13 53.47 19.66
CA ALA A 2437 34.55 54.87 19.77
C ALA A 2437 35.23 55.38 18.51
N LYS A 2438 35.63 54.49 17.60
CA LYS A 2438 36.16 54.93 16.31
C LYS A 2438 35.06 55.37 15.36
N GLU A 2439 33.82 54.94 15.57
CA GLU A 2439 32.75 55.24 14.63
C GLU A 2439 32.32 56.70 14.72
N VAL A 2440 31.82 57.10 15.88
CA VAL A 2440 31.49 58.49 16.12
C VAL A 2440 32.74 59.20 16.64
N SER A 2441 32.77 60.53 16.50
CA SER A 2441 33.95 61.32 16.87
C SER A 2441 33.98 61.50 18.38
N CYS A 2442 34.39 60.42 19.06
CA CYS A 2442 34.63 60.36 20.50
C CYS A 2442 36.12 60.24 20.77
N PRO A 2443 36.63 60.89 21.83
CA PRO A 2443 38.06 60.74 22.16
C PRO A 2443 38.37 59.37 22.75
N MET A 2444 39.58 58.88 22.45
CA MET A 2444 40.12 57.64 23.02
C MET A 2444 41.26 58.01 23.97
N SER A 2445 40.97 58.08 25.26
CA SER A 2445 42.00 58.29 26.26
C SER A 2445 42.12 57.12 27.22
N SER A 2446 41.05 56.74 27.91
CA SER A 2446 41.07 55.68 28.90
C SER A 2446 39.65 55.13 29.05
N SER A 2447 39.44 54.37 30.13
CA SER A 2447 38.11 53.82 30.39
C SER A 2447 37.12 54.91 30.77
N GLN A 2448 37.57 55.94 31.47
CA GLN A 2448 36.71 57.02 31.93
C GLN A 2448 36.51 58.11 30.89
N GLU A 2449 37.04 57.93 29.67
CA GLU A 2449 36.79 58.84 28.57
C GLU A 2449 36.08 58.20 27.39
N VAL A 2450 36.14 56.88 27.25
CA VAL A 2450 35.28 56.18 26.30
C VAL A 2450 33.87 55.97 26.83
N VAL A 2451 33.61 56.34 28.08
CA VAL A 2451 32.25 56.42 28.59
C VAL A 2451 31.75 57.87 28.68
N SER A 2452 32.64 58.84 28.91
CA SER A 2452 32.21 60.20 29.20
C SER A 2452 31.78 60.98 27.96
N CYS A 2453 32.02 60.44 26.76
CA CYS A 2453 31.34 60.96 25.59
C CYS A 2453 30.01 60.26 25.39
N LEU A 2454 30.00 58.94 25.61
CA LEU A 2454 28.82 58.13 25.39
C LEU A 2454 27.75 58.33 26.46
N ARG A 2455 28.10 58.90 27.62
CA ARG A 2455 27.11 59.27 28.61
C ARG A 2455 26.32 60.51 28.25
N GLN A 2456 26.60 61.16 27.10
CA GLN A 2456 25.82 62.31 26.68
C GLN A 2456 25.50 62.26 25.19
N LYS A 2457 25.60 61.11 24.55
CA LYS A 2457 25.25 61.03 23.14
C LYS A 2457 23.73 60.91 22.98
N PRO A 2458 23.19 61.42 21.87
CA PRO A 2458 21.78 61.16 21.56
C PRO A 2458 21.56 59.69 21.26
N ALA A 2459 20.36 59.21 21.61
CA ALA A 2459 20.05 57.78 21.56
C ALA A 2459 19.83 57.27 20.15
N ASN A 2460 19.86 58.12 19.13
CA ASN A 2460 19.75 57.66 17.75
C ASN A 2460 21.10 57.44 17.09
N VAL A 2461 22.06 58.34 17.31
CA VAL A 2461 23.38 58.21 16.69
C VAL A 2461 24.22 57.15 17.37
N LEU A 2462 23.87 56.75 18.59
CA LEU A 2462 24.59 55.64 19.23
C LEU A 2462 24.05 54.30 18.78
N ASN A 2463 22.75 54.23 18.46
CA ASN A 2463 22.21 53.05 17.79
C ASN A 2463 22.50 53.05 16.29
N ASP A 2464 23.00 54.16 15.75
CA ASP A 2464 23.57 54.12 14.41
C ASP A 2464 24.90 53.37 14.43
N ALA A 2465 25.71 53.61 15.45
CA ALA A 2465 27.03 52.99 15.55
C ALA A 2465 26.98 51.52 15.95
N GLN A 2466 25.80 51.00 16.30
CA GLN A 2466 25.64 49.55 16.47
C GLN A 2466 25.48 48.88 15.11
N THR A 2467 24.66 49.47 14.24
CA THR A 2467 24.37 48.90 12.94
C THR A 2467 25.57 48.97 12.01
N LYS A 2468 26.40 50.01 12.14
CA LYS A 2468 27.65 50.08 11.39
C LYS A 2468 28.65 49.03 11.82
N LEU A 2469 28.50 48.48 13.02
CA LEU A 2469 29.50 47.60 13.64
C LEU A 2469 29.04 46.16 13.75
N LEU A 2470 27.75 45.90 13.96
CA LEU A 2470 27.26 44.53 14.07
C LEU A 2470 26.94 43.90 12.72
N ALA A 2471 26.81 44.73 11.66
CA ALA A 2471 26.57 44.21 10.32
C ALA A 2471 27.75 43.43 9.76
N VAL A 2472 28.94 43.60 10.33
CA VAL A 2472 30.09 42.76 10.05
C VAL A 2472 30.54 42.16 11.38
N SER A 2473 31.64 41.41 11.34
CA SER A 2473 32.44 40.90 12.47
C SER A 2473 31.78 39.76 13.26
N GLY A 2474 30.52 39.45 13.01
CA GLY A 2474 29.95 38.20 13.47
C GLY A 2474 29.63 38.10 14.96
N PRO A 2475 29.46 36.85 15.43
CA PRO A 2475 28.83 36.62 16.74
C PRO A 2475 29.71 36.83 17.95
N PHE A 2476 31.02 36.62 17.83
CA PHE A 2476 31.91 36.92 18.96
C PHE A 2476 32.04 38.40 19.20
N HIS A 2477 31.82 39.21 18.18
CA HIS A 2477 31.79 40.65 18.29
C HIS A 2477 30.39 41.20 18.57
N TYR A 2478 29.44 40.34 18.93
CA TYR A 2478 28.22 40.80 19.54
C TYR A 2478 28.51 41.37 20.92
N TRP A 2479 27.62 42.23 21.39
CA TRP A 2479 27.66 42.61 22.79
C TRP A 2479 27.02 41.52 23.61
N GLY A 2480 27.58 41.25 24.79
CA GLY A 2480 27.11 40.15 25.61
C GLY A 2480 27.69 40.14 27.01
N PRO A 2481 27.38 39.10 27.77
CA PRO A 2481 27.83 39.03 29.16
C PRO A 2481 29.33 38.81 29.28
N VAL A 2482 29.89 39.35 30.35
CA VAL A 2482 31.32 39.28 30.66
C VAL A 2482 31.45 38.60 32.01
N ILE A 2483 32.50 37.81 32.18
CA ILE A 2483 32.81 37.22 33.48
C ILE A 2483 33.23 38.32 34.45
N ASP A 2484 32.49 38.44 35.55
CA ASP A 2484 32.82 39.36 36.63
C ASP A 2484 32.86 38.58 37.94
N GLY A 2485 33.74 39.01 38.84
CA GLY A 2485 34.07 38.22 40.02
C GLY A 2485 32.97 38.14 41.07
N HIS A 2486 31.98 39.02 41.00
CA HIS A 2486 30.85 38.99 41.92
C HIS A 2486 29.61 38.37 41.30
N PHE A 2487 29.66 37.98 40.03
CA PHE A 2487 28.51 37.43 39.33
C PHE A 2487 28.80 36.14 38.59
N LEU A 2488 30.05 35.88 38.20
CA LEU A 2488 30.41 34.65 37.50
C LEU A 2488 31.81 34.25 37.96
N ARG A 2489 31.89 33.18 38.76
CA ARG A 2489 33.19 32.73 39.25
C ARG A 2489 34.01 32.01 38.19
N GLU A 2490 33.40 31.61 37.08
CA GLU A 2490 34.03 30.69 36.13
C GLU A 2490 33.25 30.75 34.83
N PRO A 2491 33.91 30.52 33.69
CA PRO A 2491 33.16 30.24 32.46
C PRO A 2491 32.30 29.02 32.61
N PRO A 2492 31.14 28.97 31.93
CA PRO A 2492 30.06 28.08 32.34
C PRO A 2492 30.30 26.60 32.09
N ALA A 2493 31.18 26.24 31.15
CA ALA A 2493 31.44 24.84 30.86
C ALA A 2493 32.02 24.11 32.06
N ARG A 2494 32.90 24.77 32.81
CA ARG A 2494 33.32 24.25 34.10
C ARG A 2494 32.29 24.58 35.18
N ALA A 2495 31.66 25.76 35.10
CA ALA A 2495 30.75 26.23 36.14
C ALA A 2495 29.40 25.52 36.12
N LEU A 2496 29.09 24.76 35.08
CA LEU A 2496 27.86 23.97 35.10
C LEU A 2496 28.01 22.74 36.00
N LYS A 2497 29.25 22.30 36.22
CA LYS A 2497 29.53 21.25 37.20
C LYS A 2497 29.84 21.82 38.58
N ARG A 2498 30.10 23.12 38.67
CA ARG A 2498 30.39 23.78 39.94
C ARG A 2498 29.13 24.24 40.66
N SER A 2499 27.95 23.89 40.16
CA SER A 2499 26.68 24.30 40.77
C SER A 2499 25.75 23.09 40.75
N LEU A 2500 25.70 22.37 41.85
CA LEU A 2500 24.83 21.21 42.01
C LEU A 2500 23.85 21.51 43.14
N TRP A 2501 23.07 20.46 43.51
CA TRP A 2501 22.09 20.44 44.62
C TRP A 2501 21.12 21.62 44.63
N VAL A 2502 20.79 22.14 43.46
CA VAL A 2502 19.72 23.12 43.30
C VAL A 2502 18.68 22.54 42.36
N GLU A 2503 17.41 22.67 42.74
CA GLU A 2503 16.31 22.02 42.05
C GLU A 2503 15.55 23.03 41.20
N VAL A 2504 15.68 22.90 39.88
CA VAL A 2504 14.86 23.63 38.92
C VAL A 2504 14.71 22.80 37.65
N ASP A 2505 13.46 22.49 37.30
CA ASP A 2505 13.16 21.69 36.13
C ASP A 2505 13.45 22.49 34.87
N LEU A 2506 13.73 21.79 33.78
CA LEU A 2506 14.18 22.43 32.55
C LEU A 2506 13.35 21.94 31.38
N LEU A 2507 12.73 22.87 30.67
CA LEU A 2507 12.05 22.60 29.42
C LEU A 2507 12.78 23.43 28.36
N ILE A 2508 13.56 22.76 27.52
CA ILE A 2508 14.46 23.48 26.65
C ILE A 2508 14.11 23.13 25.21
N GLY A 2509 14.58 23.94 24.27
CA GLY A 2509 14.35 23.60 22.88
C GLY A 2509 14.54 24.71 21.88
N SER A 2510 15.04 24.35 20.71
CA SER A 2510 15.26 25.31 19.64
C SER A 2510 14.14 25.21 18.62
N SER A 2511 14.27 26.00 17.58
CA SER A 2511 13.49 25.84 16.36
C SER A 2511 14.41 25.33 15.26
N GLN A 2512 13.83 25.10 14.09
CA GLN A 2512 14.62 24.80 12.90
C GLN A 2512 14.93 26.08 12.13
N ASP A 2513 14.14 27.13 12.33
CA ASP A 2513 14.30 28.38 11.64
C ASP A 2513 15.35 29.29 12.26
N ASP A 2514 15.87 28.95 13.44
CA ASP A 2514 16.78 29.82 14.19
C ASP A 2514 18.14 29.84 13.51
N GLY A 2515 18.33 30.78 12.58
CA GLY A 2515 19.64 30.99 12.01
C GLY A 2515 20.19 32.34 12.41
N LEU A 2516 21.50 32.50 12.37
CA LEU A 2516 22.09 33.79 12.69
C LEU A 2516 21.99 34.77 11.52
N ILE A 2517 21.70 34.29 10.32
CA ILE A 2517 21.16 35.17 9.30
C ILE A 2517 19.75 35.59 9.68
N ASN A 2518 18.96 34.65 10.21
CA ASN A 2518 17.58 34.94 10.59
C ASN A 2518 17.53 35.81 11.85
N ARG A 2519 18.48 35.65 12.76
CA ARG A 2519 18.59 36.57 13.89
C ARG A 2519 19.17 37.93 13.50
N ALA A 2520 19.70 38.06 12.28
CA ALA A 2520 20.17 39.33 11.76
C ALA A 2520 19.30 39.82 10.61
N LYS A 2521 18.01 39.46 10.61
CA LYS A 2521 17.10 39.91 9.58
C LYS A 2521 16.83 41.41 9.71
N ALA A 2522 16.65 41.90 10.93
CA ALA A 2522 16.47 43.33 11.15
C ALA A 2522 17.77 44.11 11.01
N VAL A 2523 18.92 43.43 11.09
CA VAL A 2523 20.20 44.11 10.90
C VAL A 2523 20.40 44.45 9.43
N LYS A 2524 19.92 43.58 8.54
CA LYS A 2524 20.02 43.83 7.10
C LYS A 2524 19.14 44.97 6.62
N GLN A 2525 18.10 45.32 7.38
CA GLN A 2525 17.11 46.28 6.90
C GLN A 2525 17.67 47.70 6.85
N PHE A 2526 18.41 48.10 7.89
CA PHE A 2526 19.05 49.41 7.84
C PHE A 2526 20.24 49.40 6.89
N GLU A 2527 20.87 48.25 6.70
CA GLU A 2527 21.95 48.15 5.72
C GLU A 2527 21.42 48.21 4.30
N GLU A 2528 20.19 47.78 4.08
CA GLU A 2528 19.55 47.95 2.78
C GLU A 2528 19.04 49.37 2.59
N SER A 2529 18.76 50.08 3.68
CA SER A 2529 18.18 51.42 3.61
C SER A 2529 19.18 52.42 3.05
N ARG A 2530 20.34 52.54 3.68
CA ARG A 2530 21.40 53.39 3.12
C ARG A 2530 22.04 52.74 1.91
N GLY A 2531 22.14 51.41 1.92
CA GLY A 2531 22.57 50.66 0.76
C GLY A 2531 24.02 50.24 0.82
N ARG A 2532 24.28 49.00 1.25
CA ARG A 2532 25.63 48.44 1.35
C ARG A 2532 25.53 46.98 0.94
N THR A 2533 25.76 46.71 -0.35
CA THR A 2533 25.74 45.33 -0.82
C THR A 2533 26.99 44.56 -0.41
N SER A 2534 28.07 45.27 -0.04
CA SER A 2534 29.27 44.62 0.46
C SER A 2534 29.16 44.24 1.93
N SER A 2535 28.11 44.66 2.62
CA SER A 2535 27.89 44.30 4.02
C SER A 2535 27.14 42.98 4.17
N LYS A 2536 26.99 42.22 3.09
CA LYS A 2536 26.42 40.88 3.13
C LYS A 2536 27.46 39.81 2.86
N THR A 2537 28.29 40.00 1.83
CA THR A 2537 29.35 39.04 1.55
C THR A 2537 30.47 39.13 2.57
N ALA A 2538 30.67 40.30 3.20
CA ALA A 2538 31.60 40.40 4.31
C ALA A 2538 30.99 39.86 5.60
N PHE A 2539 29.67 39.76 5.67
CA PHE A 2539 29.02 39.23 6.85
C PHE A 2539 29.11 37.71 6.92
N TYR A 2540 29.01 37.04 5.76
CA TYR A 2540 29.01 35.58 5.75
C TYR A 2540 30.40 35.02 6.06
N GLN A 2541 31.45 35.65 5.52
CA GLN A 2541 32.80 35.17 5.79
C GLN A 2541 33.21 35.46 7.23
N ALA A 2542 32.75 36.59 7.78
CA ALA A 2542 32.95 36.86 9.20
C ALA A 2542 32.16 35.90 10.06
N LEU A 2543 31.02 35.42 9.55
CA LEU A 2543 30.33 34.32 10.21
C LEU A 2543 31.05 33.01 9.99
N GLN A 2544 31.66 32.83 8.81
CA GLN A 2544 32.49 31.67 8.55
C GLN A 2544 33.80 31.72 9.32
N ASN A 2545 34.28 32.93 9.61
CA ASN A 2545 35.45 33.10 10.46
C ASN A 2545 35.16 32.62 11.87
N SER A 2546 33.96 32.88 12.36
CA SER A 2546 33.53 32.44 13.67
C SER A 2546 33.06 30.99 13.69
N LEU A 2547 33.02 30.32 12.54
CA LEU A 2547 32.43 28.99 12.46
C LEU A 2547 33.28 27.94 13.17
N GLY A 2548 34.58 28.17 13.28
CA GLY A 2548 35.44 27.28 14.02
C GLY A 2548 35.50 27.63 15.49
N GLY A 2549 36.70 27.66 16.06
CA GLY A 2549 36.87 28.03 17.44
C GLY A 2549 36.76 29.53 17.65
N GLU A 2550 36.88 29.94 18.91
CA GLU A 2550 36.87 31.35 19.25
C GLU A 2550 38.15 32.05 18.84
N ASP A 2551 39.24 31.32 18.69
CA ASP A 2551 40.50 31.87 18.20
C ASP A 2551 40.65 31.75 16.68
N SER A 2552 39.62 31.20 16.02
CA SER A 2552 39.58 30.95 14.58
C SER A 2552 40.76 30.08 14.13
N ASP A 2553 40.83 28.88 14.71
CA ASP A 2553 41.81 27.91 14.27
C ASP A 2553 41.44 27.38 12.89
N ALA A 2554 42.43 27.29 12.01
CA ALA A 2554 42.18 26.79 10.67
C ALA A 2554 42.00 25.28 10.65
N ARG A 2555 42.57 24.57 11.62
CA ARG A 2555 42.43 23.12 11.70
C ARG A 2555 41.01 22.68 11.98
N VAL A 2556 40.18 23.55 12.58
CA VAL A 2556 38.78 23.22 12.84
C VAL A 2556 37.90 23.90 11.79
N GLU A 2557 38.32 25.08 11.32
CA GLU A 2557 37.51 25.82 10.37
C GLU A 2557 37.53 25.17 8.99
N ALA A 2558 38.69 24.62 8.59
CA ALA A 2558 38.74 23.84 7.35
C ALA A 2558 38.13 22.47 7.55
N ALA A 2559 38.12 21.95 8.78
CA ALA A 2559 37.50 20.66 9.02
C ALA A 2559 35.98 20.76 8.95
N ALA A 2560 35.41 21.79 9.58
CA ALA A 2560 33.96 21.90 9.62
C ALA A 2560 33.38 22.43 8.32
N THR A 2561 34.15 23.20 7.53
CA THR A 2561 33.64 23.65 6.26
C THR A 2561 33.62 22.55 5.20
N TRP A 2562 34.30 21.43 5.44
CA TRP A 2562 34.07 20.25 4.63
C TRP A 2562 32.76 19.59 4.99
N TYR A 2563 32.49 19.46 6.29
CA TYR A 2563 31.41 18.62 6.77
C TYR A 2563 30.04 19.17 6.39
N TYR A 2564 29.90 20.49 6.34
CA TYR A 2564 28.68 21.09 5.86
C TYR A 2564 28.77 21.46 4.39
N SER A 2565 29.96 21.32 3.79
CA SER A 2565 30.20 21.40 2.33
C SER A 2565 29.75 22.73 1.74
N LEU A 2566 30.39 23.81 2.19
CA LEU A 2566 30.02 25.15 1.76
C LEU A 2566 31.14 25.85 1.01
N GLU A 2567 32.06 25.09 0.41
CA GLU A 2567 33.18 25.68 -0.32
C GLU A 2567 32.80 26.04 -1.76
N HIS A 2568 31.70 26.77 -1.93
CA HIS A 2568 31.24 27.23 -3.23
C HIS A 2568 30.78 28.69 -3.11
N SER A 2569 31.64 29.52 -2.52
CA SER A 2569 31.39 30.96 -2.47
C SER A 2569 31.91 31.67 -3.72
N THR A 2570 31.51 31.17 -4.89
CA THR A 2570 32.08 31.64 -6.15
C THR A 2570 31.05 32.33 -7.04
N ASP A 2571 29.94 31.68 -7.38
CA ASP A 2571 28.99 32.23 -8.33
C ASP A 2571 27.62 32.54 -7.74
N ASP A 2572 26.98 31.59 -7.06
CA ASP A 2572 25.65 31.81 -6.51
C ASP A 2572 25.68 31.83 -4.98
N TYR A 2573 24.66 32.47 -4.41
CA TYR A 2573 24.41 32.43 -2.98
C TYR A 2573 23.22 31.55 -2.66
N ALA A 2574 22.99 30.50 -3.45
CA ALA A 2574 21.90 29.57 -3.16
C ALA A 2574 22.32 28.55 -2.12
N SER A 2575 23.29 27.70 -2.46
CA SER A 2575 23.74 26.67 -1.54
C SER A 2575 24.70 27.21 -0.49
N PHE A 2576 25.39 28.30 -0.80
CA PHE A 2576 26.35 28.85 0.14
C PHE A 2576 25.67 29.58 1.29
N SER A 2577 24.51 30.21 1.03
CA SER A 2577 23.81 30.91 2.09
C SER A 2577 22.98 29.96 2.93
N ARG A 2578 22.48 28.87 2.35
CA ARG A 2578 21.69 27.90 3.12
C ARG A 2578 22.58 27.05 4.02
N ALA A 2579 23.62 26.44 3.46
CA ALA A 2579 24.49 25.53 4.20
C ALA A 2579 25.32 26.24 5.26
N LEU A 2580 25.48 27.56 5.14
CA LEU A 2580 26.06 28.32 6.24
C LEU A 2580 25.13 28.37 7.42
N GLU A 2581 23.82 28.51 7.17
CA GLU A 2581 22.83 28.52 8.24
C GLU A 2581 22.71 27.15 8.90
N ASN A 2582 22.86 26.08 8.10
CA ASN A 2582 23.00 24.72 8.63
C ASN A 2582 24.13 24.61 9.63
N ALA A 2583 25.27 25.24 9.34
CA ALA A 2583 26.48 25.05 10.14
C ALA A 2583 26.44 25.84 11.43
N THR A 2584 25.96 27.09 11.39
CA THR A 2584 25.93 27.92 12.59
C THR A 2584 24.88 27.43 13.58
N ARG A 2585 23.74 26.96 13.07
CA ARG A 2585 22.66 26.49 13.94
C ARG A 2585 23.04 25.24 14.70
N ASP A 2586 23.88 24.39 14.12
CA ASP A 2586 24.35 23.19 14.80
C ASP A 2586 25.60 23.43 15.63
N TYR A 2587 25.95 24.68 15.90
CA TYR A 2587 27.02 24.98 16.87
C TYR A 2587 26.71 26.15 17.77
N PHE A 2588 25.89 27.10 17.36
CA PHE A 2588 25.47 28.19 18.22
C PHE A 2588 24.11 27.94 18.87
N ILE A 2589 23.30 27.05 18.32
CA ILE A 2589 21.92 26.89 18.79
C ILE A 2589 21.71 25.49 19.37
N ILE A 2590 21.90 24.45 18.54
CA ILE A 2590 21.37 23.12 18.82
C ILE A 2590 22.37 22.22 19.55
N CYS A 2591 23.54 22.01 18.98
CA CYS A 2591 24.55 21.24 19.70
C CYS A 2591 25.01 21.81 21.05
N PRO A 2592 24.93 23.12 21.32
CA PRO A 2592 24.97 23.53 22.73
C PRO A 2592 23.74 23.10 23.51
N ILE A 2593 22.56 23.08 22.88
CA ILE A 2593 21.34 22.86 23.65
C ILE A 2593 21.20 21.41 24.05
N ILE A 2594 21.90 20.50 23.38
CA ILE A 2594 21.94 19.10 23.81
C ILE A 2594 22.76 18.97 25.08
N ASP A 2595 24.01 19.46 25.05
CA ASP A 2595 24.88 19.37 26.21
C ASP A 2595 24.45 20.34 27.30
N MET A 2596 23.63 21.34 26.97
CA MET A 2596 22.94 22.09 28.00
C MET A 2596 21.95 21.21 28.74
N ALA A 2597 21.22 20.36 28.01
CA ALA A 2597 20.24 19.48 28.64
C ALA A 2597 20.90 18.27 29.28
N SER A 2598 21.84 17.65 28.58
CA SER A 2598 22.36 16.35 29.02
C SER A 2598 23.26 16.47 30.25
N ALA A 2599 24.03 17.56 30.35
CA ALA A 2599 24.79 17.79 31.57
C ALA A 2599 23.88 18.23 32.70
N TRP A 2600 22.76 18.88 32.37
CA TRP A 2600 21.80 19.25 33.40
C TRP A 2600 21.00 18.04 33.87
N ALA A 2601 20.79 17.06 33.00
CA ALA A 2601 19.98 15.90 33.35
C ALA A 2601 20.78 14.87 34.14
N LYS A 2602 22.09 14.78 33.92
CA LYS A 2602 22.93 13.90 34.72
C LYS A 2602 23.15 14.41 36.13
N ARG A 2603 22.80 15.68 36.40
CA ARG A 2603 22.76 16.17 37.77
C ARG A 2603 21.70 15.45 38.59
N ALA A 2604 20.60 15.03 37.94
CA ALA A 2604 19.49 14.28 38.53
C ALA A 2604 18.83 15.05 39.67
N ARG A 2605 18.79 16.38 39.54
CA ARG A 2605 18.14 17.21 40.53
C ARG A 2605 16.70 17.59 40.16
N GLY A 2606 16.36 17.54 38.88
CA GLY A 2606 15.00 17.82 38.46
C GLY A 2606 14.72 17.15 37.15
N ASN A 2607 13.44 17.18 36.78
CA ASN A 2607 13.00 16.63 35.51
C ASN A 2607 13.48 17.53 34.37
N VAL A 2608 13.93 16.91 33.28
CA VAL A 2608 14.46 17.64 32.13
C VAL A 2608 13.63 17.27 30.92
N PHE A 2609 13.16 18.28 30.19
CA PHE A 2609 12.34 18.06 29.01
C PHE A 2609 12.92 18.85 27.86
N MET A 2610 12.71 18.35 26.65
CA MET A 2610 13.28 19.00 25.48
C MET A 2610 12.27 18.98 24.34
N TYR A 2611 12.13 20.10 23.64
CA TYR A 2611 11.36 20.12 22.41
C TYR A 2611 12.28 20.48 21.23
N HIS A 2612 11.69 20.47 20.04
CA HIS A 2612 12.36 20.94 18.83
C HIS A 2612 11.30 21.29 17.81
N ALA A 2613 11.25 22.55 17.41
CA ALA A 2613 10.28 22.94 16.40
C ALA A 2613 10.77 22.58 15.00
N PRO A 2614 9.87 22.20 14.11
CA PRO A 2614 10.25 21.93 12.72
C PRO A 2614 10.36 23.23 11.94
N GLU A 2615 10.77 23.11 10.68
CA GLU A 2615 10.78 24.25 9.77
C GLU A 2615 9.37 24.52 9.31
N ASN A 2616 8.84 25.70 9.64
CA ASN A 2616 7.49 26.10 9.25
C ASN A 2616 7.65 27.22 8.24
N TYR A 2617 7.33 26.92 6.97
CA TYR A 2617 7.68 27.81 5.88
C TYR A 2617 6.83 29.07 5.87
N GLY A 2618 5.56 28.96 6.26
CA GLY A 2618 4.63 30.05 6.06
C GLY A 2618 4.78 31.16 7.08
N HIS A 2619 4.29 32.34 6.66
CA HIS A 2619 4.23 33.60 7.42
C HIS A 2619 5.56 33.93 8.12
N GLY A 2620 6.56 34.17 7.28
CA GLY A 2620 7.85 34.65 7.76
C GLY A 2620 7.93 36.15 7.91
N SER A 2621 6.80 36.77 8.26
CA SER A 2621 6.71 38.21 8.46
C SER A 2621 6.61 38.58 9.94
N LEU A 2622 7.12 37.73 10.83
CA LEU A 2622 6.98 37.92 12.26
C LEU A 2622 8.34 37.91 12.92
N GLU A 2623 8.51 38.75 13.94
CA GLU A 2623 9.77 38.74 14.68
C GLU A 2623 9.88 37.50 15.56
N LEU A 2624 8.75 36.92 15.96
CA LEU A 2624 8.75 35.66 16.67
C LEU A 2624 8.88 34.51 15.68
N LEU A 2625 9.29 33.35 16.19
CA LEU A 2625 9.55 32.20 15.34
C LEU A 2625 8.63 31.05 15.74
N ALA A 2626 8.86 29.88 15.13
CA ALA A 2626 7.84 28.83 15.02
C ALA A 2626 7.56 28.08 16.31
N ASP A 2627 8.24 28.37 17.42
CA ASP A 2627 7.98 27.69 18.68
C ASP A 2627 7.34 28.57 19.74
N VAL A 2628 7.65 29.85 19.74
CA VAL A 2628 7.06 30.75 20.74
C VAL A 2628 5.64 31.10 20.34
N GLN A 2629 5.38 31.21 19.03
CA GLN A 2629 4.05 31.57 18.56
C GLN A 2629 3.05 30.45 18.77
N PHE A 2630 3.51 29.20 18.78
CA PHE A 2630 2.65 28.09 19.14
C PHE A 2630 2.42 28.01 20.64
N ALA A 2631 3.24 28.72 21.42
CA ALA A 2631 3.25 28.59 22.87
C ALA A 2631 2.58 29.76 23.58
N LEU A 2632 2.91 30.99 23.20
CA LEU A 2632 2.31 32.14 23.88
C LEU A 2632 1.10 32.68 23.14
N GLY A 2633 0.19 31.79 22.78
CA GLY A 2633 -1.15 32.14 22.32
C GLY A 2633 -1.27 32.98 21.06
N LEU A 2634 -0.25 32.99 20.21
CA LEU A 2634 -0.30 33.86 19.03
C LEU A 2634 -1.36 33.55 17.96
N PRO A 2635 -1.82 32.32 17.71
CA PRO A 2635 -2.91 32.18 16.72
C PRO A 2635 -4.26 32.67 17.20
N PHE A 2636 -4.41 33.04 18.47
CA PHE A 2636 -5.68 33.54 18.97
C PHE A 2636 -5.73 35.05 19.10
N TYR A 2637 -4.64 35.76 18.76
CA TYR A 2637 -4.56 37.21 18.97
C TYR A 2637 -5.61 37.94 18.14
N PRO A 2638 -6.12 39.08 18.64
CA PRO A 2638 -7.04 39.88 17.81
C PRO A 2638 -6.39 40.51 16.60
N ALA A 2639 -5.08 40.76 16.65
CA ALA A 2639 -4.38 41.25 15.48
C ALA A 2639 -4.22 40.15 14.44
N TYR A 2640 -3.92 38.93 14.88
CA TYR A 2640 -3.72 37.81 13.97
C TYR A 2640 -4.99 36.98 13.82
N GLU A 2641 -6.08 37.64 13.45
CA GLU A 2641 -7.37 36.99 13.27
C GLU A 2641 -7.50 36.51 11.84
N GLY A 2642 -7.70 35.21 11.66
CA GLY A 2642 -7.87 34.63 10.34
C GLY A 2642 -6.59 34.25 9.63
N GLN A 2643 -5.44 34.73 10.10
CA GLN A 2643 -4.18 34.44 9.43
C GLN A 2643 -3.65 33.05 9.72
N PHE A 2644 -4.30 32.30 10.59
CA PHE A 2644 -3.94 30.94 10.92
C PHE A 2644 -5.09 30.00 10.58
N SER A 2645 -4.77 28.73 10.39
CA SER A 2645 -5.78 27.73 10.04
C SER A 2645 -6.52 27.29 11.29
N LEU A 2646 -7.35 26.25 11.17
CA LEU A 2646 -7.93 25.61 12.33
C LEU A 2646 -7.14 24.37 12.73
N GLU A 2647 -5.92 24.22 12.21
CA GLU A 2647 -5.03 23.14 12.58
C GLU A 2647 -3.75 23.64 13.24
N GLU A 2648 -3.19 24.76 12.75
CA GLU A 2648 -2.12 25.42 13.49
C GLU A 2648 -2.65 26.05 14.77
N LYS A 2649 -3.90 26.51 14.75
CA LYS A 2649 -4.52 27.06 15.95
C LYS A 2649 -4.81 25.96 16.96
N SER A 2650 -5.35 24.82 16.50
CA SER A 2650 -5.64 23.72 17.41
C SER A 2650 -4.38 23.02 17.88
N LEU A 2651 -3.31 23.08 17.08
CA LEU A 2651 -2.00 22.67 17.58
C LEU A 2651 -1.55 23.58 18.71
N SER A 2652 -1.74 24.88 18.54
CA SER A 2652 -1.25 25.86 19.49
C SER A 2652 -2.16 26.02 20.70
N LEU A 2653 -3.02 25.06 20.99
CA LEU A 2653 -3.68 24.94 22.28
C LEU A 2653 -3.14 23.79 23.10
N LYS A 2654 -2.73 22.70 22.44
CA LYS A 2654 -2.04 21.61 23.10
C LYS A 2654 -0.58 21.95 23.40
N ILE A 2655 -0.04 23.00 22.78
CA ILE A 2655 1.28 23.49 23.15
C ILE A 2655 1.18 24.43 24.35
N MET A 2656 0.11 25.22 24.40
CA MET A 2656 -0.15 26.03 25.59
C MET A 2656 -0.44 25.15 26.80
N GLN A 2657 -1.08 24.00 26.61
CA GLN A 2657 -1.26 23.04 27.69
C GLN A 2657 0.05 22.38 28.10
N TYR A 2658 1.03 22.30 27.19
CA TYR A 2658 2.34 21.78 27.54
C TYR A 2658 3.07 22.72 28.48
N PHE A 2659 3.11 24.00 28.15
CA PHE A 2659 3.87 24.92 28.99
C PHE A 2659 3.11 25.23 30.27
N SER A 2660 1.78 25.17 30.24
CA SER A 2660 0.99 25.45 31.44
C SER A 2660 1.20 24.38 32.49
N HIS A 2661 1.16 23.11 32.08
CA HIS A 2661 1.38 22.02 33.01
C HIS A 2661 2.83 21.94 33.48
N PHE A 2662 3.75 22.59 32.77
CA PHE A 2662 5.13 22.69 33.23
C PHE A 2662 5.29 23.81 34.26
N ILE A 2663 4.74 24.98 33.98
CA ILE A 2663 4.86 26.09 34.91
C ILE A 2663 4.02 25.85 36.16
N ARG A 2664 2.97 25.04 36.07
CA ARG A 2664 2.23 24.65 37.27
C ARG A 2664 2.92 23.55 38.06
N SER A 2665 3.50 22.54 37.38
CA SER A 2665 3.95 21.36 38.09
C SER A 2665 5.32 20.82 37.67
N GLY A 2666 6.04 21.48 36.77
CA GLY A 2666 7.34 20.97 36.39
C GLY A 2666 7.33 19.74 35.53
N ASN A 2667 6.19 19.43 34.90
CA ASN A 2667 6.03 18.24 34.07
C ASN A 2667 4.88 18.47 33.09
N PRO A 2668 5.13 18.48 31.77
CA PRO A 2668 4.05 18.78 30.82
C PRO A 2668 3.12 17.60 30.54
N ASN A 2669 2.72 16.89 31.58
CA ASN A 2669 1.69 15.87 31.49
C ASN A 2669 0.72 15.92 32.66
N TYR A 2670 1.03 16.69 33.71
CA TYR A 2670 0.23 16.66 34.93
C TYR A 2670 0.03 18.09 35.39
N PRO A 2671 -1.23 18.56 35.50
CA PRO A 2671 -1.45 19.96 35.90
C PRO A 2671 -1.11 20.23 37.36
N TYR A 2672 -0.99 19.20 38.19
CA TYR A 2672 -0.60 19.35 39.58
C TYR A 2672 0.59 18.45 39.86
N GLU A 2673 1.21 18.66 41.01
CA GLU A 2673 2.33 17.85 41.47
C GLU A 2673 1.87 16.72 42.39
N PHE A 2674 0.57 16.51 42.50
CA PHE A 2674 0.01 15.52 43.40
C PHE A 2674 -1.10 14.68 42.79
N SER A 2675 -1.46 14.90 41.53
CA SER A 2675 -2.44 14.08 40.82
C SER A 2675 -1.78 13.50 39.59
N ARG A 2676 -1.85 12.17 39.46
CA ARG A 2676 -1.16 11.50 38.36
C ARG A 2676 -2.11 10.64 37.53
N LYS A 2677 -3.27 11.20 37.17
CA LYS A 2677 -4.13 10.54 36.21
C LYS A 2677 -3.51 10.64 34.81
N VAL A 2678 -4.05 9.85 33.89
CA VAL A 2678 -3.45 9.75 32.56
C VAL A 2678 -3.73 11.02 31.76
N PRO A 2679 -2.73 11.62 31.12
CA PRO A 2679 -2.97 12.83 30.32
C PRO A 2679 -3.67 12.53 29.01
N THR A 2680 -4.96 12.83 28.93
CA THR A 2680 -5.78 12.56 27.75
C THR A 2680 -6.02 13.82 26.91
N PHE A 2681 -4.97 14.56 26.60
CA PHE A 2681 -5.14 15.73 25.77
C PHE A 2681 -4.22 15.68 24.55
N ALA A 2682 -3.04 15.08 24.72
CA ALA A 2682 -2.08 14.97 23.64
C ALA A 2682 -1.22 13.74 23.91
N THR A 2683 -0.10 13.65 23.23
CA THR A 2683 0.79 12.52 23.47
C THR A 2683 1.56 12.73 24.77
N PRO A 2684 1.77 11.68 25.56
CA PRO A 2684 2.53 11.82 26.81
C PRO A 2684 4.01 12.08 26.54
N TRP A 2685 4.47 13.24 27.00
CA TRP A 2685 5.85 13.69 26.89
C TRP A 2685 6.76 12.79 27.73
N PRO A 2686 7.79 12.17 27.17
CA PRO A 2686 8.78 11.50 28.01
C PRO A 2686 9.97 12.38 28.33
N ASP A 2687 10.50 12.19 29.54
CA ASP A 2687 11.55 13.07 30.01
C ASP A 2687 12.89 12.70 29.37
N PHE A 2688 13.77 13.69 29.33
CA PHE A 2688 15.08 13.56 28.67
C PHE A 2688 15.97 12.67 29.52
N VAL A 2689 16.05 11.39 29.16
CA VAL A 2689 16.92 10.45 29.84
C VAL A 2689 18.35 10.57 29.30
N PRO A 2690 19.30 11.02 30.11
CA PRO A 2690 20.66 11.33 29.62
C PRO A 2690 21.52 10.10 29.47
N ARG A 2691 21.18 9.26 28.48
CA ARG A 2691 21.82 7.98 28.35
C ARG A 2691 21.65 7.52 26.90
N ALA A 2692 22.57 6.66 26.46
CA ALA A 2692 22.39 5.97 25.19
C ALA A 2692 21.13 5.11 25.22
N GLY A 2693 20.44 5.06 24.10
CA GLY A 2693 19.11 4.48 24.05
C GLY A 2693 18.01 5.39 24.53
N GLY A 2694 18.34 6.65 24.84
CA GLY A 2694 17.35 7.61 25.26
C GLY A 2694 17.49 8.97 24.59
N GLU A 2695 17.58 10.02 25.40
CA GLU A 2695 17.70 11.41 24.96
C GLU A 2695 16.51 11.83 24.09
N ASN A 2696 15.33 11.66 24.65
CA ASN A 2696 14.07 11.87 23.93
C ASN A 2696 13.71 13.35 23.86
N TYR A 2697 12.88 13.70 22.88
CA TYR A 2697 12.38 15.07 22.76
C TYR A 2697 11.02 15.05 22.07
N LYS A 2698 10.49 16.24 21.81
CA LYS A 2698 9.16 16.39 21.25
C LYS A 2698 9.24 17.28 20.01
N GLU A 2699 8.62 16.84 18.93
CA GLU A 2699 8.61 17.58 17.68
C GLU A 2699 7.26 18.26 17.50
N PHE A 2700 7.30 19.59 17.42
CA PHE A 2700 6.07 20.39 17.40
C PHE A 2700 5.44 20.39 16.01
N SER A 2701 4.89 19.24 15.63
CA SER A 2701 4.14 19.09 14.39
C SER A 2701 2.70 18.72 14.73
N GLU A 2702 1.94 18.38 13.68
CA GLU A 2702 0.49 18.23 13.80
C GLU A 2702 0.08 17.08 14.71
N LEU A 2703 0.88 16.01 14.77
CA LEU A 2703 0.57 14.87 15.61
C LEU A 2703 1.29 14.90 16.95
N LEU A 2704 2.27 15.80 17.10
CA LEU A 2704 3.19 15.91 18.25
C LEU A 2704 3.86 14.59 18.57
N PRO A 2705 4.75 14.06 17.72
CA PRO A 2705 5.30 12.74 17.97
C PRO A 2705 6.51 12.79 18.89
N ASN A 2706 6.88 11.62 19.40
CA ASN A 2706 8.08 11.47 20.21
C ASN A 2706 9.22 11.01 19.31
N ARG A 2707 10.15 11.89 19.04
CA ARG A 2707 11.37 11.50 18.35
C ARG A 2707 12.38 11.03 19.39
N GLN A 2708 13.61 10.72 18.98
CA GLN A 2708 14.60 10.19 19.90
C GLN A 2708 15.99 10.51 19.35
N GLY A 2709 16.61 11.54 19.91
CA GLY A 2709 17.94 11.93 19.50
C GLY A 2709 17.94 13.02 18.46
N LEU A 2710 18.27 14.25 18.85
CA LEU A 2710 18.30 15.37 17.92
C LEU A 2710 19.74 15.63 17.51
N LYS A 2711 19.99 15.56 16.19
CA LYS A 2711 21.28 15.89 15.57
C LYS A 2711 22.42 15.07 16.14
N LYS A 2712 22.14 13.80 16.45
CA LYS A 2712 23.12 12.94 17.12
C LYS A 2712 24.32 12.66 16.24
N ALA A 2713 24.14 12.72 14.92
CA ALA A 2713 25.28 12.78 14.01
C ALA A 2713 26.07 14.06 14.20
N ASP A 2714 25.39 15.21 14.16
CA ASP A 2714 26.09 16.48 14.14
C ASP A 2714 26.49 16.95 15.52
N CYS A 2715 25.77 16.56 16.56
CA CYS A 2715 26.21 16.86 17.92
C CYS A 2715 27.14 15.79 18.47
N SER A 2716 27.55 14.84 17.65
CA SER A 2716 28.78 14.11 17.88
C SER A 2716 29.94 14.71 17.10
N PHE A 2717 29.66 15.54 16.10
CA PHE A 2717 30.71 16.19 15.35
C PHE A 2717 31.36 17.32 16.16
N TRP A 2718 30.55 18.30 16.59
CA TRP A 2718 31.10 19.43 17.31
C TRP A 2718 31.50 19.08 18.74
N SER A 2719 31.00 17.96 19.28
CA SER A 2719 31.22 17.63 20.68
C SER A 2719 32.23 16.54 20.92
N LYS A 2720 32.45 15.64 19.96
CA LYS A 2720 33.39 14.56 20.13
C LYS A 2720 34.57 14.60 19.16
N TYR A 2721 34.36 15.05 17.93
CA TYR A 2721 35.47 15.14 16.99
C TYR A 2721 36.34 16.36 17.29
N ILE A 2722 35.74 17.55 17.26
CA ILE A 2722 36.46 18.79 17.45
C ILE A 2722 37.02 18.91 18.86
N SER A 2723 36.34 18.36 19.86
CA SER A 2723 36.86 18.34 21.24
C SER A 2723 38.11 17.48 21.39
N SER A 2724 38.43 16.65 20.40
CA SER A 2724 39.75 16.03 20.33
C SER A 2724 40.69 16.78 19.39
N LEU A 2725 40.15 17.55 18.44
CA LEU A 2725 40.99 18.32 17.53
C LEU A 2725 41.45 19.62 18.17
N LYS A 2726 40.61 20.22 19.02
CA LYS A 2726 40.96 21.49 19.64
C LYS A 2726 42.02 21.31 20.71
N THR A 2727 41.92 20.25 21.52
CA THR A 2727 42.91 19.97 22.53
C THR A 2727 44.14 19.25 21.98
N SER A 2728 44.10 18.76 20.75
CA SER A 2728 45.22 18.05 20.16
C SER A 2728 45.23 18.21 18.63
N TYR B 24 7.15 -25.58 64.47
CA TYR B 24 7.54 -26.59 65.45
C TYR B 24 6.38 -27.54 65.75
N GLN B 25 5.73 -27.32 66.89
CA GLN B 25 4.59 -28.12 67.31
C GLN B 25 3.32 -27.31 67.51
N VAL B 26 3.38 -25.98 67.38
CA VAL B 26 2.19 -25.16 67.50
C VAL B 26 1.26 -25.29 66.30
N ASP B 27 1.76 -25.84 65.19
CA ASP B 27 0.92 -26.25 64.08
C ASP B 27 0.93 -27.76 63.87
N ALA B 28 1.89 -28.47 64.46
CA ALA B 28 1.95 -29.92 64.33
C ALA B 28 1.04 -30.64 65.33
N GLN B 29 0.71 -30.01 66.46
CA GLN B 29 -0.29 -30.59 67.34
C GLN B 29 -1.70 -30.29 66.83
N PRO B 30 -2.03 -29.06 66.32
CA PRO B 30 -3.25 -29.03 65.49
C PRO B 30 -2.95 -29.28 64.01
N LEU B 31 -2.59 -30.53 63.70
CA LEU B 31 -2.17 -30.89 62.36
C LEU B 31 -3.36 -31.14 61.42
N ARG B 32 -4.61 -30.99 61.94
CA ARG B 32 -5.86 -31.11 61.19
C ARG B 32 -5.95 -32.50 60.57
N PRO B 33 -6.34 -33.55 61.34
CA PRO B 33 -5.86 -34.92 61.06
C PRO B 33 -6.27 -35.57 59.74
N CYS B 34 -6.00 -34.86 58.64
CA CYS B 34 -5.69 -35.47 57.35
C CYS B 34 -4.20 -35.80 57.31
N GLU B 35 -3.36 -34.84 57.71
CA GLU B 35 -1.92 -35.00 57.64
C GLU B 35 -1.40 -35.97 58.67
N LEU B 36 -2.11 -36.14 59.79
CA LEU B 36 -1.80 -37.22 60.72
C LEU B 36 -2.08 -38.57 60.08
N GLN B 37 -3.16 -38.69 59.32
CA GLN B 37 -3.52 -39.96 58.71
C GLN B 37 -2.70 -40.27 57.47
N ARG B 38 -1.95 -39.31 56.92
CA ARG B 38 -0.98 -39.63 55.88
C ARG B 38 0.19 -40.39 56.45
N GLU B 39 0.85 -39.81 57.46
CA GLU B 39 2.11 -40.34 57.97
C GLU B 39 1.92 -41.68 58.68
N THR B 40 0.78 -41.88 59.34
CA THR B 40 0.48 -43.18 59.92
C THR B 40 0.20 -44.23 58.86
N ALA B 41 -0.24 -43.83 57.67
CA ALA B 41 -0.45 -44.77 56.57
C ALA B 41 0.74 -44.88 55.63
N PHE B 42 1.59 -43.84 55.57
CA PHE B 42 2.75 -43.88 54.69
C PHE B 42 3.86 -44.75 55.26
N LEU B 43 4.03 -44.74 56.58
CA LEU B 43 5.07 -45.54 57.22
C LEU B 43 4.74 -47.03 57.23
N LYS B 44 3.46 -47.40 57.11
CA LYS B 44 3.09 -48.80 57.08
C LYS B 44 3.37 -49.47 55.74
N GLN B 45 3.77 -48.70 54.72
CA GLN B 45 3.93 -49.14 53.33
C GLN B 45 2.64 -49.79 52.83
N ALA B 46 1.61 -48.96 52.74
CA ALA B 46 0.30 -49.38 52.26
C ALA B 46 0.06 -48.85 50.86
N ASP B 47 -0.86 -49.51 50.15
CA ASP B 47 -1.16 -49.11 48.79
C ASP B 47 -2.03 -47.86 48.72
N TYR B 48 -2.67 -47.48 49.83
CA TYR B 48 -3.47 -46.28 49.90
C TYR B 48 -2.88 -45.30 50.92
N VAL B 49 -2.89 -44.03 50.56
CA VAL B 49 -2.62 -42.92 51.49
C VAL B 49 -3.62 -41.82 51.17
N PRO B 50 -4.22 -41.18 52.17
CA PRO B 50 -5.08 -40.02 51.89
C PRO B 50 -4.24 -38.85 51.39
N GLN B 51 -4.90 -37.98 50.62
CA GLN B 51 -4.25 -36.82 50.03
C GLN B 51 -4.89 -35.56 50.59
N CYS B 52 -4.06 -34.67 51.10
CA CYS B 52 -4.52 -33.44 51.73
C CYS B 52 -4.34 -32.26 50.78
N ALA B 53 -4.89 -31.11 51.19
CA ALA B 53 -4.58 -29.84 50.55
C ALA B 53 -3.40 -29.21 51.28
N GLU B 54 -3.13 -27.93 51.00
CA GLU B 54 -2.04 -27.24 51.68
C GLU B 54 -2.38 -26.84 53.10
N ASP B 55 -3.67 -26.61 53.39
CA ASP B 55 -4.06 -26.14 54.71
C ASP B 55 -4.03 -27.27 55.75
N GLY B 56 -4.41 -28.47 55.36
CA GLY B 56 -4.48 -29.59 56.29
C GLY B 56 -5.80 -30.30 56.18
N SER B 57 -6.64 -29.85 55.26
CA SER B 57 -7.92 -30.50 55.04
C SER B 57 -7.80 -31.53 53.93
N PHE B 58 -8.78 -32.44 53.88
CA PHE B 58 -8.84 -33.43 52.82
C PHE B 58 -9.17 -32.76 51.49
N GLN B 59 -8.58 -33.26 50.42
CA GLN B 59 -8.98 -32.83 49.10
C GLN B 59 -10.34 -33.44 48.76
N THR B 60 -11.00 -32.85 47.76
CA THR B 60 -12.33 -33.31 47.37
C THR B 60 -12.26 -34.71 46.74
N VAL B 61 -11.29 -34.93 45.86
CA VAL B 61 -11.12 -36.22 45.18
C VAL B 61 -9.91 -36.91 45.79
N GLN B 62 -10.12 -38.11 46.32
CA GLN B 62 -9.04 -38.96 46.82
C GLN B 62 -8.77 -40.08 45.83
N CYS B 63 -7.51 -40.48 45.73
CA CYS B 63 -7.11 -41.52 44.78
C CYS B 63 -6.22 -42.54 45.46
N GLN B 64 -5.91 -43.59 44.71
CA GLN B 64 -5.04 -44.68 45.14
C GLN B 64 -3.71 -44.50 44.43
N ASN B 65 -2.67 -45.17 44.94
CA ASN B 65 -1.31 -44.97 44.44
C ASN B 65 -1.13 -45.48 43.01
N ASP B 66 -1.85 -46.54 42.63
CA ASP B 66 -1.79 -47.02 41.26
C ASP B 66 -2.65 -46.20 40.30
N GLY B 67 -3.52 -45.33 40.82
CA GLY B 67 -4.38 -44.55 39.95
C GLY B 67 -5.48 -45.31 39.28
N ARG B 68 -5.85 -46.48 39.82
CA ARG B 68 -6.87 -47.33 39.22
C ARG B 68 -8.20 -47.27 39.96
N SER B 69 -8.30 -46.49 41.03
CA SER B 69 -9.56 -46.33 41.75
C SER B 69 -9.50 -44.97 42.46
N CYS B 70 -10.32 -44.04 42.01
CA CYS B 70 -10.45 -42.73 42.65
C CYS B 70 -11.89 -42.52 43.08
N TRP B 71 -12.06 -41.97 44.27
CA TRP B 71 -13.37 -41.72 44.83
C TRP B 71 -13.32 -40.44 45.64
N CYS B 72 -14.42 -39.70 45.62
CA CYS B 72 -14.49 -38.48 46.41
C CYS B 72 -14.93 -38.78 47.84
N VAL B 73 -14.55 -37.90 48.74
CA VAL B 73 -14.57 -38.16 50.17
C VAL B 73 -15.43 -37.10 50.84
N GLY B 74 -15.87 -37.41 52.07
CA GLY B 74 -16.61 -36.46 52.88
C GLY B 74 -15.69 -35.48 53.57
N ALA B 75 -16.16 -34.93 54.69
CA ALA B 75 -15.37 -33.96 55.43
C ALA B 75 -14.19 -34.61 56.13
N ASN B 76 -14.47 -35.48 57.11
CA ASN B 76 -13.44 -36.02 57.99
C ASN B 76 -12.96 -37.41 57.55
N GLY B 77 -12.47 -37.53 56.32
CA GLY B 77 -11.83 -38.75 55.87
C GLY B 77 -12.73 -39.89 55.45
N SER B 78 -14.01 -39.88 55.87
CA SER B 78 -14.92 -40.93 55.48
C SER B 78 -15.43 -40.67 54.06
N GLU B 79 -15.36 -41.69 53.21
CA GLU B 79 -15.78 -41.54 51.83
C GLU B 79 -17.29 -41.44 51.72
N VAL B 80 -17.75 -40.91 50.59
CA VAL B 80 -19.18 -40.89 50.33
C VAL B 80 -19.64 -42.31 50.00
N LEU B 81 -20.92 -42.57 50.22
CA LEU B 81 -21.48 -43.92 50.11
C LEU B 81 -21.76 -44.24 48.64
N GLY B 82 -20.68 -44.43 47.90
CA GLY B 82 -20.70 -44.86 46.52
C GLY B 82 -20.48 -43.75 45.51
N SER B 83 -19.22 -43.57 45.13
CA SER B 83 -18.87 -42.79 43.95
C SER B 83 -17.65 -43.40 43.26
N ARG B 84 -17.28 -44.63 43.59
CA ARG B 84 -15.96 -45.19 43.32
C ARG B 84 -15.82 -45.50 41.83
N GLN B 85 -15.52 -44.47 41.07
CA GLN B 85 -15.24 -44.61 39.65
C GLN B 85 -13.86 -45.22 39.44
N PRO B 86 -13.72 -46.18 38.53
CA PRO B 86 -12.37 -46.63 38.16
C PRO B 86 -11.63 -45.59 37.35
N GLY B 87 -11.09 -44.59 38.04
CA GLY B 87 -10.55 -43.40 37.42
C GLY B 87 -11.00 -42.18 38.18
N ARG B 88 -10.43 -41.02 37.87
CA ARG B 88 -10.78 -39.80 38.58
C ARG B 88 -12.17 -39.34 38.16
N PRO B 89 -13.05 -38.98 39.10
CA PRO B 89 -14.42 -38.60 38.73
C PRO B 89 -14.47 -37.28 37.99
N VAL B 90 -15.53 -37.12 37.20
CA VAL B 90 -15.71 -35.90 36.42
C VAL B 90 -16.04 -34.72 37.32
N ALA B 91 -16.77 -34.96 38.41
CA ALA B 91 -17.17 -33.93 39.35
C ALA B 91 -17.64 -34.59 40.62
N CYS B 92 -17.18 -34.07 41.76
CA CYS B 92 -17.72 -34.45 43.06
C CYS B 92 -17.96 -33.22 43.90
N LEU B 93 -18.54 -33.46 45.07
CA LEU B 93 -19.29 -32.46 45.79
C LEU B 93 -18.39 -31.78 46.82
N SER B 94 -18.53 -30.47 46.93
CA SER B 94 -17.69 -29.69 47.84
C SER B 94 -18.15 -29.89 49.30
N PHE B 95 -17.31 -29.43 50.22
CA PHE B 95 -17.57 -29.62 51.65
C PHE B 95 -18.80 -28.84 52.12
N CYS B 96 -19.10 -27.73 51.45
CA CYS B 96 -20.36 -27.04 51.68
C CYS B 96 -21.55 -27.91 51.32
N GLN B 97 -21.61 -28.32 50.07
CA GLN B 97 -22.75 -29.05 49.56
C GLN B 97 -22.81 -30.49 50.07
N LEU B 98 -21.73 -31.00 50.68
CA LEU B 98 -21.85 -32.15 51.56
C LEU B 98 -22.69 -31.84 52.79
N GLN B 99 -22.42 -30.69 53.43
CA GLN B 99 -23.13 -30.37 54.66
C GLN B 99 -24.54 -29.88 54.38
N LYS B 100 -24.77 -29.21 53.25
CA LYS B 100 -26.09 -28.69 52.95
C LYS B 100 -27.07 -29.79 52.57
N GLN B 101 -26.57 -30.91 52.03
CA GLN B 101 -27.43 -32.07 51.87
C GLN B 101 -27.59 -32.85 53.17
N GLN B 102 -26.54 -32.89 54.00
CA GLN B 102 -26.59 -33.71 55.21
C GLN B 102 -27.49 -33.10 56.28
N ILE B 103 -27.58 -31.77 56.34
CA ILE B 103 -28.52 -31.12 57.25
C ILE B 103 -29.95 -31.31 56.75
N LEU B 104 -30.14 -31.21 55.43
CA LEU B 104 -31.49 -31.11 54.88
C LEU B 104 -32.20 -32.46 54.86
N LEU B 105 -31.49 -33.56 54.57
CA LEU B 105 -32.12 -34.87 54.69
C LEU B 105 -32.26 -35.30 56.15
N SER B 106 -31.43 -34.77 57.05
CA SER B 106 -31.67 -35.01 58.47
C SER B 106 -32.91 -34.29 58.95
N GLY B 107 -33.30 -33.20 58.28
CA GLY B 107 -34.58 -32.58 58.45
C GLY B 107 -35.67 -33.19 57.60
N TYR B 108 -35.39 -34.30 56.94
CA TYR B 108 -36.33 -35.04 56.11
C TYR B 108 -36.46 -36.50 56.53
N ILE B 109 -35.37 -37.14 56.96
CA ILE B 109 -35.46 -38.48 57.52
C ILE B 109 -36.05 -38.43 58.92
N ASN B 110 -35.43 -37.64 59.80
CA ASN B 110 -35.97 -37.41 61.13
C ASN B 110 -37.15 -36.45 61.10
N SER B 111 -37.28 -35.68 60.01
CA SER B 111 -38.35 -34.70 59.75
C SER B 111 -38.40 -33.57 60.77
N THR B 112 -37.32 -33.35 61.51
CA THR B 112 -37.21 -32.23 62.44
C THR B 112 -36.34 -31.16 61.82
N ASP B 113 -36.89 -29.98 61.62
CA ASP B 113 -36.19 -28.93 60.90
C ASP B 113 -35.09 -28.30 61.73
N THR B 114 -33.99 -27.97 61.06
CA THR B 114 -32.89 -27.21 61.65
C THR B 114 -32.81 -25.87 60.94
N SER B 115 -32.74 -24.79 61.71
CA SER B 115 -32.76 -23.43 61.16
C SER B 115 -31.35 -22.94 60.88
N TYR B 116 -30.64 -23.70 60.04
CA TYR B 116 -29.38 -23.29 59.45
C TYR B 116 -29.08 -24.18 58.24
N LEU B 117 -28.66 -23.55 57.15
CA LEU B 117 -28.15 -24.24 55.97
C LEU B 117 -27.15 -23.29 55.35
N PRO B 118 -26.00 -23.78 54.89
CA PRO B 118 -24.97 -22.88 54.38
C PRO B 118 -25.34 -22.27 53.03
N GLN B 119 -24.62 -21.21 52.67
CA GLN B 119 -24.86 -20.41 51.47
C GLN B 119 -23.56 -20.18 50.72
N CYS B 120 -22.83 -21.25 50.46
CA CYS B 120 -21.56 -21.18 49.75
C CYS B 120 -21.74 -20.74 48.31
N GLN B 121 -20.67 -20.20 47.74
CA GLN B 121 -20.65 -19.63 46.41
C GLN B 121 -20.29 -20.72 45.39
N ASP B 122 -19.99 -20.29 44.16
CA ASP B 122 -19.63 -21.21 43.09
C ASP B 122 -18.29 -21.92 43.32
N SER B 123 -17.41 -21.31 44.12
CA SER B 123 -16.07 -21.87 44.29
C SER B 123 -16.06 -23.12 45.17
N GLY B 124 -17.12 -23.35 45.94
CA GLY B 124 -17.19 -24.54 46.76
C GLY B 124 -16.96 -24.30 48.24
N ASP B 125 -16.02 -23.43 48.56
CA ASP B 125 -15.78 -23.06 49.94
C ASP B 125 -16.90 -22.14 50.44
N TYR B 126 -16.94 -21.94 51.76
CA TYR B 126 -18.02 -21.17 52.37
C TYR B 126 -17.93 -19.69 52.00
N ALA B 127 -19.09 -19.07 51.84
CA ALA B 127 -19.16 -17.63 51.89
C ALA B 127 -18.82 -17.17 53.31
N PRO B 128 -18.20 -15.99 53.45
CA PRO B 128 -17.88 -15.50 54.80
C PRO B 128 -19.10 -15.25 55.66
N VAL B 129 -20.11 -14.56 55.14
CA VAL B 129 -21.36 -14.38 55.87
C VAL B 129 -22.22 -15.64 55.76
N GLN B 130 -22.79 -16.06 56.89
CA GLN B 130 -23.60 -17.27 56.95
C GLN B 130 -24.75 -17.08 57.91
N CYS B 131 -25.94 -17.52 57.49
CA CYS B 131 -27.16 -17.52 58.31
C CYS B 131 -28.19 -18.44 57.68
N ASP B 132 -29.43 -18.33 58.17
CA ASP B 132 -30.54 -19.18 57.76
C ASP B 132 -31.47 -18.43 56.81
N VAL B 133 -32.65 -19.01 56.55
CA VAL B 133 -33.56 -18.44 55.56
C VAL B 133 -34.23 -17.18 56.09
N GLN B 134 -34.42 -17.06 57.41
CA GLN B 134 -35.06 -15.88 57.96
C GLN B 134 -34.13 -14.68 58.03
N GLN B 135 -32.81 -14.92 58.04
CA GLN B 135 -31.77 -13.89 57.90
C GLN B 135 -31.84 -12.84 59.01
N VAL B 136 -31.87 -13.31 60.25
CA VAL B 136 -31.92 -12.42 61.40
C VAL B 136 -30.58 -12.31 62.12
N GLN B 137 -29.74 -13.35 62.09
CA GLN B 137 -28.42 -13.32 62.74
C GLN B 137 -27.43 -13.92 61.74
N CYS B 138 -26.76 -13.05 60.99
CA CYS B 138 -25.77 -13.48 60.00
C CYS B 138 -24.39 -13.16 60.52
N TRP B 139 -23.55 -14.19 60.64
CA TRP B 139 -22.23 -14.08 61.24
C TRP B 139 -21.15 -14.38 60.22
N CYS B 140 -19.93 -13.97 60.54
CA CYS B 140 -18.76 -14.32 59.74
C CYS B 140 -18.23 -15.68 60.18
N VAL B 141 -17.72 -16.45 59.22
CA VAL B 141 -17.28 -17.81 59.46
C VAL B 141 -15.86 -17.96 58.92
N ASP B 142 -15.13 -18.92 59.47
CA ASP B 142 -13.82 -19.27 58.93
C ASP B 142 -14.00 -20.00 57.61
N ALA B 143 -12.96 -19.95 56.77
CA ALA B 143 -12.99 -20.64 55.49
C ALA B 143 -12.96 -22.16 55.64
N GLU B 144 -12.42 -22.66 56.75
CA GLU B 144 -12.46 -24.09 57.00
C GLU B 144 -13.86 -24.54 57.39
N GLY B 145 -14.58 -23.73 58.15
CA GLY B 145 -15.94 -24.08 58.52
C GLY B 145 -16.40 -23.71 59.90
N MET B 146 -15.47 -23.56 60.84
CA MET B 146 -15.86 -23.26 62.21
C MET B 146 -16.27 -21.80 62.36
N GLU B 147 -17.24 -21.57 63.25
CA GLU B 147 -17.79 -20.24 63.43
C GLU B 147 -16.81 -19.34 64.19
N VAL B 148 -16.54 -18.16 63.64
CA VAL B 148 -15.67 -17.20 64.31
C VAL B 148 -16.40 -16.64 65.51
N TYR B 149 -15.84 -16.86 66.70
CA TYR B 149 -16.53 -16.56 67.94
C TYR B 149 -16.45 -15.08 68.24
N GLY B 150 -17.61 -14.42 68.29
CA GLY B 150 -17.67 -13.01 68.61
C GLY B 150 -18.43 -12.19 67.60
N THR B 151 -18.33 -12.54 66.32
CA THR B 151 -18.95 -11.76 65.26
C THR B 151 -20.35 -12.23 64.89
N ARG B 152 -21.21 -12.43 65.89
CA ARG B 152 -22.60 -12.79 65.66
C ARG B 152 -23.42 -11.50 65.66
N GLN B 153 -23.49 -10.85 64.50
CA GLN B 153 -24.24 -9.62 64.40
C GLN B 153 -25.73 -9.92 64.25
N LEU B 154 -26.52 -8.85 64.24
CA LEU B 154 -27.97 -8.96 64.06
C LEU B 154 -28.36 -8.65 62.61
N GLY B 155 -27.77 -9.39 61.67
CA GLY B 155 -28.30 -9.40 60.32
C GLY B 155 -27.36 -9.23 59.14
N ARG B 156 -26.37 -8.34 59.22
CA ARG B 156 -25.47 -8.18 58.08
C ARG B 156 -24.10 -7.63 58.49
N PRO B 157 -23.04 -8.45 58.43
CA PRO B 157 -21.69 -7.92 58.64
C PRO B 157 -21.24 -7.07 57.47
N LYS B 158 -20.75 -5.87 57.78
CA LYS B 158 -20.21 -5.00 56.73
C LYS B 158 -18.89 -5.54 56.21
N ARG B 159 -18.04 -6.05 57.10
CA ARG B 159 -16.81 -6.71 56.70
C ARG B 159 -16.60 -7.93 57.58
N CYS B 160 -15.95 -8.94 57.02
CA CYS B 160 -15.60 -10.09 57.83
C CYS B 160 -14.11 -10.11 58.14
N PRO B 161 -13.72 -10.59 59.32
CA PRO B 161 -12.30 -10.73 59.62
C PRO B 161 -11.67 -11.83 58.79
N ARG B 162 -10.42 -11.61 58.39
CA ARG B 162 -9.69 -12.58 57.61
C ARG B 162 -8.74 -13.33 58.54
N SER B 163 -7.88 -14.17 57.97
CA SER B 163 -7.15 -15.16 58.76
C SER B 163 -6.07 -14.56 59.65
N CYS B 164 -5.53 -13.39 59.29
CA CYS B 164 -4.57 -12.72 60.17
C CYS B 164 -5.26 -12.12 61.38
N GLU B 165 -6.29 -11.28 61.15
CA GLU B 165 -6.89 -10.49 62.22
C GLU B 165 -7.61 -11.35 63.24
N ILE B 166 -8.06 -12.55 62.84
CA ILE B 166 -8.55 -13.50 63.82
C ILE B 166 -7.40 -14.03 64.66
N ARG B 167 -6.31 -14.46 64.00
CA ARG B 167 -5.15 -14.98 64.70
C ARG B 167 -4.42 -13.87 65.46
N ASN B 168 -4.50 -12.63 64.97
CA ASN B 168 -3.83 -11.53 65.67
C ASN B 168 -4.59 -11.11 66.92
N ARG B 169 -5.91 -11.35 66.96
CA ARG B 169 -6.70 -10.95 68.12
C ARG B 169 -6.81 -12.07 69.16
N ARG B 170 -6.94 -13.33 68.71
CA ARG B 170 -6.92 -14.44 69.64
C ARG B 170 -5.57 -14.57 70.34
N LEU B 171 -4.49 -14.16 69.66
CA LEU B 171 -3.20 -13.98 70.31
C LEU B 171 -3.27 -12.99 71.45
N LEU B 172 -3.95 -11.86 71.22
CA LEU B 172 -4.04 -10.81 72.21
C LEU B 172 -4.99 -11.17 73.34
N HIS B 173 -5.83 -12.20 73.15
CA HIS B 173 -6.53 -12.83 74.25
C HIS B 173 -5.64 -13.81 75.00
N GLY B 174 -4.70 -14.45 74.31
CA GLY B 174 -3.66 -15.18 75.01
C GLY B 174 -3.50 -16.67 74.77
N VAL B 175 -3.84 -17.18 73.59
CA VAL B 175 -3.59 -18.60 73.28
C VAL B 175 -2.21 -18.68 72.65
N GLY B 176 -1.19 -18.65 73.52
CA GLY B 176 0.20 -18.87 73.16
C GLY B 176 0.85 -17.90 72.19
N ASP B 177 2.17 -18.05 72.02
CA ASP B 177 2.96 -17.51 70.90
C ASP B 177 2.87 -15.97 70.84
N LYS B 178 3.43 -15.32 71.86
CA LYS B 178 3.32 -13.87 71.97
C LYS B 178 4.15 -13.12 70.94
N SER B 179 3.78 -13.23 69.66
CA SER B 179 4.41 -12.52 68.55
C SER B 179 3.40 -12.49 67.40
N PRO B 180 3.00 -11.31 66.94
CA PRO B 180 1.84 -11.21 66.04
C PRO B 180 2.17 -11.69 64.64
N PRO B 181 1.34 -12.59 64.08
CA PRO B 181 1.55 -13.01 62.69
C PRO B 181 1.10 -11.91 61.75
N GLN B 182 2.02 -10.99 61.48
CA GLN B 182 1.78 -9.75 60.76
C GLN B 182 1.22 -9.98 59.36
N CYS B 183 0.57 -8.95 58.83
CA CYS B 183 -0.22 -9.07 57.61
C CYS B 183 -0.38 -7.70 56.98
N SER B 184 -0.98 -7.68 55.79
CA SER B 184 -1.00 -6.48 54.95
C SER B 184 -2.40 -6.24 54.40
N ALA B 185 -3.09 -5.24 54.96
CA ALA B 185 -4.14 -4.44 54.33
C ALA B 185 -5.49 -5.13 54.10
N GLU B 186 -5.57 -6.45 54.27
CA GLU B 186 -6.88 -7.09 54.27
C GLU B 186 -7.00 -8.24 55.26
N GLY B 187 -5.98 -8.51 56.06
CA GLY B 187 -6.02 -9.65 56.96
C GLY B 187 -5.55 -10.96 56.37
N GLU B 188 -4.89 -10.93 55.21
CA GLU B 188 -4.26 -12.12 54.67
C GLU B 188 -2.79 -12.10 55.01
N PHE B 189 -2.25 -13.27 55.37
CA PHE B 189 -0.87 -13.37 55.80
C PHE B 189 0.08 -13.05 54.66
N MET B 190 1.07 -12.20 54.94
CA MET B 190 2.16 -12.03 54.02
C MET B 190 2.99 -13.31 53.97
N PRO B 191 3.55 -13.64 52.80
CA PRO B 191 4.19 -14.97 52.64
C PRO B 191 5.44 -15.16 53.49
N VAL B 192 6.12 -14.09 53.86
CA VAL B 192 7.28 -14.15 54.75
C VAL B 192 6.87 -13.65 56.14
N GLN B 193 7.12 -14.48 57.15
CA GLN B 193 6.76 -14.15 58.52
C GLN B 193 8.02 -14.16 59.38
N CYS B 194 8.32 -13.00 59.98
CA CYS B 194 9.50 -12.82 60.80
C CYS B 194 9.08 -12.70 62.26
N LYS B 195 9.43 -13.68 63.06
CA LYS B 195 9.27 -13.63 64.50
C LYS B 195 10.65 -13.62 65.15
N PHE B 196 10.74 -13.08 66.36
CA PHE B 196 12.01 -12.96 67.07
C PHE B 196 12.15 -14.06 68.10
N VAL B 197 13.38 -14.34 68.52
CA VAL B 197 13.67 -15.43 69.46
C VAL B 197 15.00 -15.16 70.17
N ASN B 198 15.02 -15.35 71.49
CA ASN B 198 16.27 -15.42 72.25
C ASN B 198 16.88 -16.80 72.08
N THR B 199 18.15 -16.84 71.66
CA THR B 199 18.83 -18.10 71.38
C THR B 199 19.11 -18.90 72.64
N THR B 200 19.17 -18.23 73.79
CA THR B 200 19.54 -18.85 75.06
C THR B 200 18.39 -19.60 75.72
N ASP B 201 17.17 -19.54 75.19
CA ASP B 201 16.06 -20.28 75.78
C ASP B 201 15.26 -20.97 74.69
N MET B 202 15.42 -20.51 73.45
CA MET B 202 14.66 -20.95 72.27
C MET B 202 13.15 -20.86 72.48
N MET B 203 12.73 -19.78 73.13
CA MET B 203 11.33 -19.44 73.28
C MET B 203 11.03 -18.19 72.45
N ILE B 204 9.75 -18.01 72.12
CA ILE B 204 9.38 -16.92 71.22
C ILE B 204 9.44 -15.60 71.96
N PHE B 205 10.16 -14.64 71.39
CA PHE B 205 10.32 -13.31 71.96
C PHE B 205 8.98 -12.58 71.99
N ASP B 206 8.66 -11.99 73.13
CA ASP B 206 7.42 -11.23 73.27
C ASP B 206 7.52 -9.95 72.45
N LEU B 207 6.59 -9.78 71.52
CA LEU B 207 6.65 -8.64 70.59
C LEU B 207 5.46 -7.70 70.70
N VAL B 208 4.28 -8.18 71.11
CA VAL B 208 3.17 -7.27 71.34
C VAL B 208 3.37 -6.42 72.59
N HIS B 209 4.29 -6.81 73.47
CA HIS B 209 4.67 -6.00 74.61
C HIS B 209 5.94 -5.19 74.36
N SER B 210 6.96 -5.78 73.72
CA SER B 210 8.23 -5.08 73.56
C SER B 210 8.16 -4.02 72.46
N TYR B 211 7.28 -4.18 71.47
CA TYR B 211 7.01 -3.05 70.57
C TYR B 211 6.21 -1.99 71.29
N ASN B 212 5.44 -2.37 72.30
CA ASN B 212 4.65 -1.41 73.04
C ASN B 212 5.47 -0.75 74.14
N ARG B 213 6.05 -1.55 75.04
CA ARG B 213 6.71 -1.00 76.23
C ARG B 213 8.00 -0.27 75.90
N PHE B 214 8.62 -0.56 74.76
CA PHE B 214 9.83 0.14 74.34
C PHE B 214 9.72 0.49 72.85
N PRO B 215 8.99 1.57 72.52
CA PRO B 215 8.88 1.98 71.11
C PRO B 215 10.18 2.50 70.56
N ASP B 216 10.79 3.45 71.29
CA ASP B 216 12.02 4.12 70.85
C ASP B 216 13.22 3.19 70.75
N ALA B 217 13.13 1.98 71.28
CA ALA B 217 14.17 0.97 71.07
C ALA B 217 14.14 0.39 69.67
N PHE B 218 13.09 0.61 68.88
CA PHE B 218 12.94 -0.01 67.58
C PHE B 218 13.16 1.00 66.46
N VAL B 219 14.13 1.89 66.63
CA VAL B 219 14.46 2.83 65.56
C VAL B 219 15.29 2.15 64.48
N THR B 220 16.44 1.59 64.87
CA THR B 220 17.28 0.79 64.00
C THR B 220 17.64 -0.51 64.72
N PHE B 221 18.29 -1.42 63.99
CA PHE B 221 18.77 -2.65 64.59
C PHE B 221 19.89 -2.40 65.58
N SER B 222 20.72 -1.38 65.33
CA SER B 222 21.76 -1.00 66.28
C SER B 222 21.16 -0.44 67.56
N SER B 223 20.01 0.22 67.47
CA SER B 223 19.26 0.65 68.63
C SER B 223 18.38 -0.47 69.19
N PHE B 224 18.20 -1.56 68.46
CA PHE B 224 17.42 -2.72 68.90
C PHE B 224 18.29 -3.81 69.51
N GLN B 225 19.47 -4.04 68.96
CA GLN B 225 20.32 -5.10 69.48
C GLN B 225 20.99 -4.68 70.79
N ARG B 226 21.17 -3.38 71.00
CA ARG B 226 21.71 -2.90 72.27
C ARG B 226 20.69 -2.99 73.40
N ARG B 227 19.41 -3.10 73.08
CA ARG B 227 18.39 -3.29 74.09
C ARG B 227 18.05 -4.75 74.33
N PHE B 228 18.37 -5.62 73.38
CA PHE B 228 18.18 -7.06 73.54
C PHE B 228 19.38 -7.75 72.89
N PRO B 229 20.47 -7.93 73.65
CA PRO B 229 21.69 -8.51 73.06
C PRO B 229 21.65 -10.00 72.82
N GLU B 230 20.57 -10.69 73.20
CA GLU B 230 20.48 -12.13 73.04
C GLU B 230 19.52 -12.57 71.95
N VAL B 231 18.74 -11.66 71.39
CA VAL B 231 17.67 -12.00 70.45
C VAL B 231 18.27 -12.15 69.06
N SER B 232 17.61 -12.97 68.23
CA SER B 232 18.00 -13.17 66.84
C SER B 232 16.75 -13.26 65.98
N GLY B 233 16.81 -12.71 64.79
CA GLY B 233 15.67 -12.73 63.90
C GLY B 233 15.45 -14.12 63.32
N TYR B 234 14.18 -14.52 63.22
CA TYR B 234 13.79 -15.84 62.74
C TYR B 234 12.65 -15.66 61.73
N CYS B 235 13.01 -15.53 60.46
CA CYS B 235 12.05 -15.36 59.38
C CYS B 235 11.82 -16.69 58.69
N HIS B 236 10.57 -16.93 58.26
CA HIS B 236 10.24 -18.17 57.59
C HIS B 236 9.04 -17.95 56.68
N CYS B 237 8.96 -18.75 55.63
CA CYS B 237 7.79 -18.73 54.77
C CYS B 237 6.60 -19.38 55.48
N ALA B 238 5.40 -19.03 55.02
CA ALA B 238 4.17 -19.56 55.57
C ALA B 238 3.09 -19.47 54.52
N ASP B 239 2.10 -20.34 54.64
CA ASP B 239 0.99 -20.39 53.70
C ASP B 239 -0.05 -19.31 54.03
N SER B 240 -1.22 -19.43 53.41
CA SER B 240 -2.31 -18.49 53.68
C SER B 240 -3.06 -18.79 54.96
N GLN B 241 -2.70 -19.85 55.68
CA GLN B 241 -3.32 -20.17 56.96
C GLN B 241 -2.48 -19.75 58.16
N GLY B 242 -1.26 -19.25 57.93
CA GLY B 242 -0.41 -18.80 59.00
C GLY B 242 0.53 -19.85 59.55
N ARG B 243 0.33 -21.12 59.22
CA ARG B 243 1.19 -22.17 59.72
C ARG B 243 2.48 -22.24 58.92
N GLU B 244 3.53 -22.71 59.57
CA GLU B 244 4.86 -22.71 58.98
C GLU B 244 5.01 -23.81 57.94
N LEU B 245 5.61 -23.46 56.80
CA LEU B 245 5.96 -24.46 55.81
C LEU B 245 7.11 -25.33 56.32
N ALA B 246 7.11 -26.58 55.91
CA ALA B 246 8.04 -27.57 56.44
C ALA B 246 9.44 -27.37 55.86
N GLU B 247 10.43 -27.22 56.75
CA GLU B 247 11.85 -27.04 56.45
C GLU B 247 12.09 -25.83 55.53
N THR B 248 11.75 -24.66 56.04
CA THR B 248 12.08 -23.41 55.37
C THR B 248 12.52 -22.31 56.31
N GLY B 249 12.65 -22.58 57.60
CA GLY B 249 12.92 -21.52 58.56
C GLY B 249 14.39 -21.13 58.58
N LEU B 250 14.65 -19.82 58.53
CA LEU B 250 15.98 -19.27 58.65
C LEU B 250 16.10 -18.47 59.94
N GLU B 251 17.30 -18.50 60.52
CA GLU B 251 17.59 -17.72 61.73
C GLU B 251 18.55 -16.60 61.33
N LEU B 252 17.97 -15.46 60.95
CA LEU B 252 18.73 -14.31 60.48
C LEU B 252 19.39 -13.62 61.67
N LEU B 253 20.72 -13.65 61.72
CA LEU B 253 21.43 -12.84 62.69
C LEU B 253 21.33 -11.37 62.31
N LEU B 254 21.38 -10.51 63.32
CA LEU B 254 21.17 -9.08 63.10
C LEU B 254 22.23 -8.22 63.76
N ASP B 255 23.42 -8.79 63.99
CA ASP B 255 24.49 -8.03 64.62
C ASP B 255 25.11 -7.04 63.65
N GLU B 256 25.57 -7.50 62.49
CA GLU B 256 26.28 -6.66 61.55
C GLU B 256 25.36 -5.89 60.60
N ILE B 257 24.06 -5.80 60.90
CA ILE B 257 23.18 -4.92 60.13
C ILE B 257 23.41 -3.50 60.59
N TYR B 258 23.74 -2.62 59.64
CA TYR B 258 24.05 -1.24 59.96
C TYR B 258 22.79 -0.38 59.83
N ASP B 259 22.95 0.92 60.09
CA ASP B 259 21.81 1.82 60.10
C ASP B 259 21.42 2.22 58.67
N THR B 260 20.25 2.82 58.55
CA THR B 260 19.73 3.32 57.28
C THR B 260 19.51 4.83 57.39
N ILE B 261 18.91 5.41 56.34
CA ILE B 261 18.50 6.80 56.38
C ILE B 261 17.06 6.93 56.85
N PHE B 262 16.34 5.82 56.97
CA PHE B 262 14.94 5.80 57.38
C PHE B 262 14.77 5.84 58.89
N ALA B 263 15.82 6.15 59.65
CA ALA B 263 15.72 6.20 61.11
C ALA B 263 14.99 7.45 61.58
N GLY B 264 15.09 8.55 60.83
CA GLY B 264 14.54 9.82 61.27
C GLY B 264 13.02 9.90 61.21
N LEU B 265 12.37 8.99 60.49
CA LEU B 265 10.93 8.99 60.41
C LEU B 265 10.31 8.48 61.70
N ASP B 266 9.03 8.75 61.88
CA ASP B 266 8.34 8.29 63.07
C ASP B 266 8.09 6.79 63.03
N LEU B 267 7.82 6.22 64.18
CA LEU B 267 7.49 4.81 64.27
C LEU B 267 6.08 4.58 63.72
N PRO B 268 5.89 3.51 62.94
CA PRO B 268 4.54 3.21 62.44
C PRO B 268 3.60 2.64 63.50
N SER B 269 2.42 2.22 63.06
CA SER B 269 1.38 1.78 63.98
C SER B 269 1.72 0.45 64.63
N THR B 270 1.91 -0.58 63.82
CA THR B 270 2.29 -1.90 64.28
C THR B 270 3.71 -2.22 63.85
N PHE B 271 4.14 -3.46 64.10
CA PHE B 271 5.49 -3.90 63.75
C PHE B 271 5.67 -4.04 62.24
N THR B 272 4.57 -4.12 61.47
CA THR B 272 4.62 -4.44 60.05
C THR B 272 5.34 -3.36 59.25
N GLU B 273 4.85 -2.11 59.34
CA GLU B 273 5.38 -1.05 58.50
C GLU B 273 6.69 -0.46 59.01
N THR B 274 7.22 -0.97 60.12
CA THR B 274 8.51 -0.53 60.62
C THR B 274 9.62 -0.96 59.66
N THR B 275 10.67 -0.13 59.59
CA THR B 275 11.80 -0.44 58.73
C THR B 275 12.63 -1.61 59.26
N LEU B 276 12.48 -1.95 60.54
CA LEU B 276 13.08 -3.18 61.06
C LEU B 276 12.44 -4.42 60.44
N TYR B 277 11.18 -4.35 60.02
CA TYR B 277 10.58 -5.54 59.46
C TYR B 277 10.96 -5.74 57.99
N ARG B 278 10.91 -4.67 57.20
CA ARG B 278 11.06 -4.80 55.76
C ARG B 278 12.49 -5.09 55.35
N ILE B 279 13.47 -4.79 56.20
CA ILE B 279 14.85 -5.22 55.93
C ILE B 279 14.98 -6.71 56.13
N LEU B 280 14.25 -7.27 57.10
CA LEU B 280 14.35 -8.70 57.40
C LEU B 280 13.75 -9.55 56.28
N GLN B 281 12.65 -9.11 55.68
CA GLN B 281 12.06 -9.87 54.58
C GLN B 281 12.89 -9.74 53.32
N ARG B 282 13.61 -8.63 53.16
CA ARG B 282 14.51 -8.49 52.02
C ARG B 282 15.76 -9.34 52.19
N ARG B 283 16.28 -9.40 53.42
CA ARG B 283 17.39 -10.31 53.71
C ARG B 283 16.94 -11.77 53.69
N PHE B 284 15.65 -12.04 53.87
CA PHE B 284 15.17 -13.42 53.78
C PHE B 284 15.04 -13.87 52.34
N LEU B 285 14.39 -13.06 51.50
CA LEU B 285 14.11 -13.46 50.13
C LEU B 285 15.33 -13.37 49.22
N ALA B 286 16.32 -12.55 49.58
CA ALA B 286 17.56 -12.53 48.81
C ALA B 286 18.36 -13.80 49.02
N VAL B 287 18.29 -14.38 50.22
CA VAL B 287 18.87 -15.69 50.46
C VAL B 287 18.05 -16.76 49.74
N GLN B 288 16.72 -16.59 49.71
CA GLN B 288 15.85 -17.54 49.01
C GLN B 288 16.02 -17.51 47.49
N SER B 289 16.66 -16.48 46.93
CA SER B 289 16.92 -16.46 45.49
C SER B 289 18.05 -17.43 45.14
N VAL B 290 19.15 -17.41 45.89
CA VAL B 290 20.25 -18.34 45.61
C VAL B 290 19.98 -19.74 46.14
N ILE B 291 18.94 -19.91 46.96
CA ILE B 291 18.57 -21.23 47.47
C ILE B 291 17.51 -21.89 46.61
N SER B 292 16.44 -21.16 46.26
CA SER B 292 15.29 -21.72 45.59
C SER B 292 15.14 -21.29 44.15
N GLY B 293 15.91 -20.31 43.68
CA GLY B 293 15.70 -19.76 42.36
C GLY B 293 14.53 -18.80 42.25
N ARG B 294 13.85 -18.51 43.36
CA ARG B 294 12.72 -17.59 43.41
C ARG B 294 13.04 -16.45 44.37
N PHE B 295 12.72 -15.23 43.98
CA PHE B 295 12.80 -14.09 44.89
C PHE B 295 11.46 -13.86 45.59
N ARG B 296 10.94 -14.93 46.19
CA ARG B 296 9.62 -15.00 46.81
C ARG B 296 9.55 -16.30 47.59
N CYS B 297 8.54 -16.38 48.46
CA CYS B 297 8.18 -17.67 49.03
C CYS B 297 7.43 -18.50 47.99
N PRO B 298 7.46 -19.83 48.12
CA PRO B 298 6.70 -20.67 47.17
C PRO B 298 5.21 -20.48 47.31
N THR B 299 4.52 -20.48 46.18
CA THR B 299 3.08 -20.26 46.13
C THR B 299 2.34 -21.58 46.35
N LYS B 300 1.04 -21.58 46.06
CA LYS B 300 0.21 -22.75 46.34
C LYS B 300 0.52 -23.90 45.38
N CYS B 301 0.93 -23.57 44.15
CA CYS B 301 1.26 -24.60 43.16
C CYS B 301 2.50 -25.39 43.58
N GLU B 302 3.53 -24.68 44.04
CA GLU B 302 4.82 -25.33 44.31
C GLU B 302 4.78 -26.14 45.59
N VAL B 303 3.91 -25.78 46.54
CA VAL B 303 3.74 -26.58 47.75
C VAL B 303 3.01 -27.88 47.42
N GLU B 304 1.99 -27.82 46.57
CA GLU B 304 1.25 -29.02 46.20
C GLU B 304 2.08 -29.94 45.31
N ARG B 305 3.04 -29.40 44.56
CA ARG B 305 3.91 -30.24 43.76
C ARG B 305 4.91 -31.00 44.63
N PHE B 306 5.38 -30.37 45.71
CA PHE B 306 6.36 -31.02 46.58
C PHE B 306 5.72 -32.10 47.45
N THR B 307 4.52 -31.84 47.97
CA THR B 307 3.87 -32.83 48.82
C THR B 307 3.29 -33.99 48.01
N ALA B 308 3.12 -33.82 46.70
CA ALA B 308 2.71 -34.94 45.86
C ALA B 308 3.91 -35.79 45.45
N THR B 309 5.07 -35.15 45.26
CA THR B 309 6.27 -35.88 44.91
C THR B 309 6.84 -36.62 46.13
N SER B 310 6.59 -36.08 47.33
CA SER B 310 7.14 -36.67 48.55
C SER B 310 6.48 -38.01 48.88
N PHE B 311 5.15 -38.01 49.02
CA PHE B 311 4.44 -39.24 49.35
C PHE B 311 4.21 -40.16 48.16
N GLY B 312 4.51 -39.71 46.94
CA GLY B 312 4.45 -40.57 45.78
C GLY B 312 3.08 -40.85 45.23
N HIS B 313 2.03 -40.21 45.75
CA HIS B 313 0.69 -40.41 45.24
C HIS B 313 0.52 -39.71 43.91
N PRO B 314 -0.46 -40.14 43.07
CA PRO B 314 -0.68 -39.46 41.78
C PRO B 314 -1.24 -38.05 41.89
N TYR B 315 -1.48 -37.45 40.72
CA TYR B 315 -1.85 -36.04 40.55
C TYR B 315 -0.82 -35.12 41.20
N VAL B 316 0.36 -35.11 40.58
CA VAL B 316 1.33 -34.07 40.84
C VAL B 316 1.00 -32.89 39.92
N PRO B 317 0.95 -31.66 40.44
CA PRO B 317 0.61 -30.51 39.60
C PRO B 317 1.80 -30.07 38.76
N SER B 318 1.57 -28.99 38.01
CA SER B 318 2.59 -28.42 37.13
C SER B 318 2.61 -26.92 37.29
N CYS B 319 3.80 -26.35 37.44
CA CYS B 319 3.96 -24.92 37.72
C CYS B 319 4.91 -24.35 36.66
N ARG B 320 4.46 -23.35 35.93
CA ARG B 320 5.24 -22.83 34.80
C ARG B 320 6.14 -21.65 35.18
N ARG B 321 6.91 -21.81 36.29
CA ARG B 321 8.02 -20.96 36.74
C ARG B 321 7.53 -19.60 37.26
N ASN B 322 6.25 -19.30 37.11
CA ASN B 322 5.67 -18.03 37.54
C ASN B 322 5.03 -18.14 38.91
N GLY B 323 4.95 -19.35 39.48
CA GLY B 323 4.23 -19.60 40.69
C GLY B 323 2.79 -20.03 40.48
N ASP B 324 2.17 -19.58 39.39
CA ASP B 324 0.82 -20.00 39.06
C ASP B 324 0.81 -21.43 38.53
N TYR B 325 -0.38 -21.99 38.41
CA TYR B 325 -0.54 -23.30 37.82
C TYR B 325 -0.32 -23.22 36.31
N GLN B 326 0.42 -24.19 35.77
CA GLN B 326 0.41 -24.40 34.34
C GLN B 326 -0.99 -24.87 33.95
N ALA B 327 -1.46 -24.43 32.77
CA ALA B 327 -2.89 -24.50 32.45
C ALA B 327 -3.35 -25.95 32.28
N VAL B 328 -2.84 -26.64 31.28
CA VAL B 328 -3.22 -28.03 31.05
C VAL B 328 -2.44 -28.91 32.02
N GLN B 329 -3.15 -29.68 32.85
CA GLN B 329 -2.54 -30.55 33.83
C GLN B 329 -3.09 -31.96 33.67
N CYS B 330 -2.20 -32.92 33.47
CA CYS B 330 -2.56 -34.32 33.35
C CYS B 330 -2.08 -35.06 34.61
N GLN B 331 -2.77 -36.13 34.97
CA GLN B 331 -2.27 -37.00 36.02
C GLN B 331 -1.53 -38.18 35.38
N THR B 332 -1.06 -39.09 36.23
CA THR B 332 -0.22 -40.18 35.78
C THR B 332 -1.05 -41.22 35.02
N GLU B 333 -0.72 -41.39 33.72
CA GLU B 333 -1.29 -42.37 32.77
C GLU B 333 -2.82 -42.47 32.83
N GLY B 334 -3.48 -41.33 32.97
CA GLY B 334 -4.92 -41.28 33.04
C GLY B 334 -5.52 -40.10 32.31
N PRO B 335 -6.67 -39.62 32.78
CA PRO B 335 -7.34 -38.50 32.11
C PRO B 335 -6.58 -37.20 32.29
N CYS B 336 -6.94 -36.21 31.48
CA CYS B 336 -6.25 -34.93 31.50
C CYS B 336 -7.25 -33.82 31.22
N TRP B 337 -6.96 -32.64 31.78
CA TRP B 337 -7.86 -31.50 31.71
C TRP B 337 -7.00 -30.24 31.85
N CYS B 338 -7.66 -29.09 32.02
CA CYS B 338 -6.93 -27.85 32.25
C CYS B 338 -7.51 -27.13 33.46
N VAL B 339 -6.65 -26.31 34.08
CA VAL B 339 -6.87 -25.69 35.37
C VAL B 339 -6.64 -24.19 35.22
N ASP B 340 -7.41 -23.39 35.96
CA ASP B 340 -7.18 -21.95 36.06
C ASP B 340 -6.02 -21.64 37.00
N ALA B 341 -5.89 -20.38 37.39
CA ALA B 341 -4.83 -19.95 38.29
C ALA B 341 -5.16 -20.14 39.77
N GLN B 342 -6.12 -21.00 40.10
CA GLN B 342 -6.53 -21.20 41.48
C GLN B 342 -6.44 -22.65 41.95
N GLY B 343 -6.29 -23.61 41.05
CA GLY B 343 -6.23 -25.00 41.43
C GLY B 343 -7.50 -25.80 41.20
N LYS B 344 -8.43 -25.30 40.40
CA LYS B 344 -9.72 -25.95 40.22
C LYS B 344 -9.94 -26.31 38.75
N GLU B 345 -10.74 -27.35 38.54
CA GLU B 345 -10.88 -27.96 37.22
C GLU B 345 -11.81 -27.15 36.33
N MET B 346 -11.43 -27.03 35.06
CA MET B 346 -12.31 -26.47 34.04
C MET B 346 -13.26 -27.57 33.56
N HIS B 347 -14.56 -27.31 33.68
CA HIS B 347 -15.56 -28.35 33.55
C HIS B 347 -15.82 -28.75 32.10
N GLY B 348 -15.51 -27.89 31.13
CA GLY B 348 -15.76 -28.20 29.74
C GLY B 348 -14.67 -29.00 29.05
N THR B 349 -13.83 -29.68 29.84
CA THR B 349 -12.68 -30.40 29.29
C THR B 349 -12.27 -31.54 30.22
N ARG B 350 -12.31 -32.76 29.68
CA ARG B 350 -11.60 -33.90 30.26
C ARG B 350 -11.34 -34.84 29.10
N GLN B 351 -10.14 -34.77 28.54
CA GLN B 351 -9.79 -35.45 27.29
C GLN B 351 -8.76 -36.52 27.58
N GLN B 352 -9.17 -37.78 27.44
CA GLN B 352 -8.27 -38.91 27.61
C GLN B 352 -7.34 -39.02 26.41
N GLY B 353 -6.03 -39.08 26.67
CA GLY B 353 -5.07 -39.15 25.59
C GLY B 353 -4.22 -37.90 25.44
N GLU B 354 -4.47 -37.14 24.38
CA GLU B 354 -3.71 -35.92 24.14
C GLU B 354 -4.12 -34.83 25.13
N PRO B 355 -3.18 -33.97 25.53
CA PRO B 355 -3.53 -32.81 26.35
C PRO B 355 -4.34 -31.79 25.56
N PRO B 356 -5.29 -31.11 26.19
CA PRO B 356 -6.09 -30.10 25.47
C PRO B 356 -5.33 -28.81 25.19
N SER B 357 -6.04 -27.83 24.62
CA SER B 357 -5.48 -26.52 24.30
C SER B 357 -6.38 -25.47 24.92
N CYS B 358 -6.10 -25.11 26.18
CA CYS B 358 -6.92 -24.15 26.92
C CYS B 358 -6.20 -22.80 26.95
N ALA B 359 -6.65 -21.90 26.06
CA ALA B 359 -6.31 -20.46 26.09
C ALA B 359 -4.81 -20.20 25.98
N GLU B 360 -4.09 -21.09 25.30
CA GLU B 360 -2.63 -21.02 25.22
C GLU B 360 -2.25 -20.01 24.13
N GLY B 361 -2.40 -18.72 24.47
CA GLY B 361 -2.17 -17.67 23.51
C GLY B 361 -3.18 -17.62 22.39
N GLN B 362 -4.44 -17.97 22.67
CA GLN B 362 -5.50 -18.05 21.67
C GLN B 362 -6.42 -16.85 21.72
N SER B 363 -5.86 -15.65 21.93
CA SER B 363 -6.63 -14.44 22.14
C SER B 363 -7.11 -13.78 20.85
N CYS B 364 -7.08 -14.47 19.71
CA CYS B 364 -7.56 -13.84 18.48
C CYS B 364 -9.08 -13.84 18.43
N ALA B 365 -9.71 -14.96 18.81
CA ALA B 365 -11.16 -15.11 18.68
C ALA B 365 -11.90 -14.17 19.62
N SER B 366 -11.33 -13.85 20.77
CA SER B 366 -11.89 -12.79 21.59
C SER B 366 -11.69 -11.43 20.94
N GLU B 367 -10.52 -11.22 20.33
CA GLU B 367 -10.21 -9.96 19.66
C GLU B 367 -10.91 -9.84 18.32
N ARG B 368 -11.28 -10.96 17.70
CA ARG B 368 -12.09 -10.93 16.49
C ARG B 368 -13.48 -10.35 16.77
N GLN B 369 -14.03 -10.65 17.96
CA GLN B 369 -15.36 -10.15 18.31
C GLN B 369 -15.36 -8.64 18.54
N GLN B 370 -14.26 -8.08 19.02
CA GLN B 370 -14.18 -6.63 19.20
C GLN B 370 -14.11 -5.91 17.87
N ALA B 371 -13.52 -6.53 16.85
CA ALA B 371 -13.47 -5.89 15.54
C ALA B 371 -14.79 -5.99 14.81
N LEU B 372 -15.54 -7.08 14.99
CA LEU B 372 -16.84 -7.21 14.35
C LEU B 372 -17.87 -6.28 14.97
N SER B 373 -17.81 -6.09 16.29
CA SER B 373 -18.70 -5.14 16.95
C SER B 373 -18.33 -3.70 16.63
N ARG B 374 -17.07 -3.44 16.29
CA ARG B 374 -16.67 -2.14 15.78
C ARG B 374 -17.04 -1.98 14.31
N LEU B 375 -17.14 -3.10 13.58
CA LEU B 375 -17.58 -3.07 12.19
C LEU B 375 -19.04 -2.70 12.07
N TYR B 376 -19.87 -3.17 12.99
CA TYR B 376 -21.32 -3.03 12.91
C TYR B 376 -21.81 -1.87 13.77
N PHE B 377 -21.05 -0.79 13.85
CA PHE B 377 -21.36 0.34 14.74
C PHE B 377 -21.68 1.56 13.89
N GLY B 378 -22.93 1.64 13.45
CA GLY B 378 -23.44 2.83 12.79
C GLY B 378 -22.76 3.11 11.46
N THR B 379 -22.27 4.34 11.32
CA THR B 379 -21.55 4.80 10.14
C THR B 379 -20.76 6.05 10.54
N SER B 380 -20.03 6.61 9.57
CA SER B 380 -19.55 7.98 9.52
C SER B 380 -18.48 8.35 10.56
N GLY B 381 -18.12 7.47 11.49
CA GLY B 381 -17.07 7.78 12.45
C GLY B 381 -17.40 8.87 13.46
N TYR B 382 -18.67 9.00 13.85
CA TYR B 382 -19.07 9.97 14.87
C TYR B 382 -18.43 9.64 16.23
N PHE B 383 -18.30 8.36 16.56
CA PHE B 383 -17.74 7.92 17.83
C PHE B 383 -16.70 6.83 17.64
N SER B 384 -16.81 6.08 16.54
CA SER B 384 -16.11 4.80 16.37
C SER B 384 -14.59 4.92 16.41
N GLN B 385 -14.04 6.13 16.25
CA GLN B 385 -12.66 6.38 16.61
C GLN B 385 -12.45 6.21 18.12
N HIS B 386 -13.34 6.79 18.92
CA HIS B 386 -13.16 6.88 20.38
C HIS B 386 -13.53 5.60 21.12
N ASP B 387 -13.82 4.50 20.43
CA ASP B 387 -14.20 3.26 21.11
C ASP B 387 -12.95 2.57 21.63
N CYS B 408 -1.08 -3.29 24.81
CA CYS B 408 -0.48 -2.27 25.64
C CYS B 408 -1.46 -1.20 26.10
N PRO B 409 -1.38 -0.84 27.37
CA PRO B 409 -2.26 0.21 27.92
C PRO B 409 -1.82 1.59 27.44
N PRO B 410 -2.63 2.63 27.68
CA PRO B 410 -2.17 3.99 27.39
C PRO B 410 -0.99 4.42 28.26
N THR B 411 -0.28 5.45 27.78
CA THR B 411 0.85 6.17 28.40
C THR B 411 1.95 5.25 28.98
N ILE B 412 2.10 4.04 28.42
CA ILE B 412 3.17 3.14 28.80
C ILE B 412 4.12 2.87 27.64
N LYS B 413 3.57 2.73 26.42
CA LYS B 413 4.39 2.51 25.22
C LYS B 413 5.31 3.69 24.93
N GLU B 414 4.89 4.90 25.30
CA GLU B 414 5.64 6.12 25.02
C GLU B 414 6.25 6.74 26.27
N LEU B 415 6.34 5.99 27.36
CA LEU B 415 7.11 6.47 28.52
C LEU B 415 8.14 5.47 29.00
N PHE B 416 7.84 4.17 28.97
CA PHE B 416 8.72 3.16 29.54
C PHE B 416 9.53 2.42 28.50
N VAL B 417 8.87 1.77 27.54
CA VAL B 417 9.56 0.85 26.63
C VAL B 417 10.24 1.57 25.48
N ASP B 418 9.96 2.86 25.29
CA ASP B 418 10.58 3.66 24.24
C ASP B 418 11.59 4.64 24.80
N SER B 419 11.33 5.19 25.97
CA SER B 419 12.12 6.31 26.49
C SER B 419 13.26 5.85 27.40
N GLY B 420 14.06 4.89 26.95
CA GLY B 420 15.30 4.51 27.62
C GLY B 420 15.21 3.98 29.04
N LEU B 421 14.00 3.71 29.53
CA LEU B 421 13.82 3.29 30.92
C LEU B 421 13.79 1.78 31.10
N LEU B 422 13.29 1.05 30.10
CA LEU B 422 13.30 -0.41 30.17
C LEU B 422 14.63 -0.97 29.67
N ARG B 423 15.31 -0.26 28.78
CA ARG B 423 16.61 -0.61 28.22
C ARG B 423 17.75 -0.90 29.20
N PRO B 424 17.78 -0.39 30.45
CA PRO B 424 18.72 -0.98 31.41
C PRO B 424 18.37 -2.38 31.84
N MET B 425 17.11 -2.80 31.76
CA MET B 425 16.73 -4.11 32.31
C MET B 425 17.01 -5.25 31.33
N VAL B 426 16.30 -5.28 30.21
CA VAL B 426 16.47 -6.38 29.23
C VAL B 426 17.47 -5.89 28.19
N GLU B 427 18.75 -5.90 28.60
CA GLU B 427 19.95 -5.56 27.82
C GLU B 427 21.11 -5.75 28.79
N GLY B 428 22.32 -5.81 28.24
CA GLY B 428 23.52 -5.85 29.07
C GLY B 428 24.79 -5.80 28.27
N GLN B 429 25.79 -6.57 28.70
CA GLN B 429 27.06 -6.61 28.00
C GLN B 429 27.23 -7.84 27.11
N SER B 430 26.67 -8.99 27.49
CA SER B 430 26.80 -10.23 26.75
C SER B 430 25.68 -11.17 27.15
N GLN B 431 25.83 -12.45 26.80
CA GLN B 431 24.83 -13.48 27.04
C GLN B 431 24.77 -13.94 28.49
N GLN B 432 25.77 -13.62 29.32
CA GLN B 432 25.89 -14.23 30.64
C GLN B 432 24.94 -13.67 31.70
N PHE B 433 23.66 -13.58 31.36
CA PHE B 433 22.63 -13.24 32.34
C PHE B 433 21.69 -14.42 32.58
N SER B 434 21.03 -14.89 31.51
CA SER B 434 19.81 -15.70 31.57
C SER B 434 18.82 -15.12 32.58
N VAL B 435 18.66 -13.80 32.57
CA VAL B 435 17.85 -13.11 33.57
C VAL B 435 16.38 -13.39 33.28
N SER B 436 15.76 -14.17 34.16
CA SER B 436 14.37 -14.53 33.97
C SER B 436 13.49 -13.33 34.30
N GLU B 437 12.50 -13.08 33.46
CA GLU B 437 11.66 -11.92 33.65
C GLU B 437 10.40 -12.25 34.44
N ASN B 438 10.29 -13.48 34.94
CA ASN B 438 9.51 -13.75 36.14
C ASN B 438 10.41 -13.90 37.36
N LEU B 439 11.56 -13.22 37.34
CA LEU B 439 12.38 -12.95 38.51
C LEU B 439 12.61 -11.47 38.72
N LEU B 440 12.70 -10.68 37.65
CA LEU B 440 12.83 -9.23 37.79
C LEU B 440 11.51 -8.60 38.20
N LYS B 441 10.39 -9.10 37.67
CA LYS B 441 9.10 -8.65 38.18
C LYS B 441 8.78 -9.23 39.55
N GLU B 442 9.53 -10.24 39.98
CA GLU B 442 9.55 -10.63 41.39
C GLU B 442 10.59 -9.85 42.19
N ALA B 443 11.59 -9.28 41.52
CA ALA B 443 12.60 -8.48 42.22
C ALA B 443 12.03 -7.13 42.63
N ILE B 444 11.29 -6.48 41.73
CA ILE B 444 10.71 -5.18 42.06
C ILE B 444 9.53 -5.34 43.01
N ARG B 445 8.86 -6.50 42.98
CA ARG B 445 7.68 -6.72 43.81
C ARG B 445 8.06 -6.88 45.28
N ALA B 446 9.05 -7.73 45.57
CA ALA B 446 9.42 -8.01 46.96
C ALA B 446 10.24 -6.90 47.58
N ILE B 447 11.10 -6.24 46.79
CA ILE B 447 11.90 -5.14 47.33
C ILE B 447 11.03 -3.92 47.60
N PHE B 448 10.16 -3.56 46.65
CA PHE B 448 9.18 -2.49 46.86
C PHE B 448 7.79 -3.09 46.90
N PRO B 449 7.24 -3.38 48.09
CA PRO B 449 5.93 -4.04 48.17
C PRO B 449 4.75 -3.16 47.81
N SER B 450 4.89 -1.84 47.91
CA SER B 450 3.77 -0.95 47.62
C SER B 450 4.31 0.40 47.17
N ARG B 451 3.37 1.28 46.78
CA ARG B 451 3.74 2.62 46.33
C ARG B 451 4.16 3.52 47.48
N GLY B 452 3.84 3.15 48.72
CA GLY B 452 4.24 3.93 49.87
C GLY B 452 5.72 3.85 50.18
N LEU B 453 6.41 2.86 49.62
CA LEU B 453 7.85 2.73 49.80
C LEU B 453 8.63 3.39 48.67
N ALA B 454 8.12 3.30 47.45
CA ALA B 454 8.81 3.86 46.28
C ALA B 454 8.85 5.39 46.32
N ARG B 455 7.88 6.02 46.98
CA ARG B 455 7.96 7.46 47.19
C ARG B 455 8.99 7.80 48.26
N LEU B 456 9.03 7.01 49.34
CA LEU B 456 9.93 7.30 50.45
C LEU B 456 11.37 6.90 50.15
N ALA B 457 11.59 5.85 49.36
CA ALA B 457 12.95 5.47 49.02
C ALA B 457 13.56 6.42 48.01
N LEU B 458 12.73 7.08 47.19
CA LEU B 458 13.21 8.03 46.19
C LEU B 458 13.37 9.43 46.76
N GLN B 459 12.57 9.79 47.76
CA GLN B 459 12.66 11.12 48.35
C GLN B 459 13.90 11.26 49.23
N PHE B 460 14.31 10.18 49.89
CA PHE B 460 15.45 10.21 50.80
C PHE B 460 16.73 9.70 50.15
N THR B 461 16.88 9.91 48.84
CA THR B 461 18.03 9.40 48.10
C THR B 461 18.59 10.52 47.24
N THR B 462 19.86 10.86 47.48
CA THR B 462 20.59 11.83 46.67
C THR B 462 21.59 11.13 45.76
N ASN B 463 22.42 10.25 46.31
CA ASN B 463 23.31 9.44 45.48
C ASN B 463 22.66 8.10 45.18
N PRO B 464 22.56 7.71 43.90
CA PRO B 464 22.00 6.39 43.58
C PRO B 464 22.89 5.23 44.02
N LYS B 465 24.19 5.47 44.22
CA LYS B 465 25.08 4.43 44.69
C LYS B 465 24.83 4.08 46.16
N ARG B 466 24.20 4.99 46.91
CA ARG B 466 23.87 4.75 48.31
C ARG B 466 22.54 4.01 48.48
N LEU B 467 21.90 3.61 47.39
CA LEU B 467 20.55 3.06 47.50
C LEU B 467 20.54 1.64 48.07
N GLN B 468 21.55 0.84 47.77
CA GLN B 468 21.61 -0.51 48.34
C GLN B 468 21.92 -0.46 49.84
N GLN B 469 22.54 0.61 50.32
CA GLN B 469 22.87 0.73 51.74
C GLN B 469 21.61 0.92 52.59
N ASN B 470 20.74 1.84 52.19
CA ASN B 470 19.52 2.13 52.94
C ASN B 470 18.30 1.37 52.41
N LEU B 471 18.51 0.18 51.85
CA LEU B 471 17.41 -0.69 51.42
C LEU B 471 17.54 -2.09 52.00
N PHE B 472 18.76 -2.62 52.09
CA PHE B 472 19.00 -3.93 52.70
C PHE B 472 19.79 -3.83 54.00
N GLY B 473 20.29 -2.65 54.35
CA GLY B 473 21.16 -2.50 55.50
C GLY B 473 22.58 -3.00 55.25
N GLY B 474 23.16 -2.60 54.14
CA GLY B 474 24.52 -2.98 53.83
C GLY B 474 24.72 -3.07 52.32
N LYS B 475 25.55 -4.01 51.92
CA LYS B 475 25.86 -4.28 50.51
C LYS B 475 25.57 -5.76 50.23
N PHE B 476 24.35 -6.16 50.60
CA PHE B 476 24.02 -7.55 50.89
C PHE B 476 24.02 -8.45 49.66
N LEU B 477 23.82 -7.90 48.45
CA LEU B 477 23.73 -8.74 47.26
C LEU B 477 25.07 -9.33 46.88
N VAL B 478 26.15 -8.54 46.94
CA VAL B 478 27.48 -9.12 46.73
C VAL B 478 27.95 -9.90 47.96
N ASN B 479 27.34 -9.67 49.13
CA ASN B 479 27.66 -10.52 50.28
C ASN B 479 26.99 -11.87 50.17
N VAL B 480 25.89 -11.97 49.43
CA VAL B 480 25.24 -13.26 49.19
C VAL B 480 25.57 -13.81 47.80
N GLY B 481 26.03 -12.96 46.90
CA GLY B 481 26.58 -13.43 45.63
C GLY B 481 27.95 -14.03 45.81
N GLN B 482 28.89 -13.25 46.35
CA GLN B 482 30.24 -13.71 46.61
C GLN B 482 30.41 -14.34 47.99
N PHE B 483 29.29 -14.62 48.69
CA PHE B 483 29.24 -15.50 49.87
C PHE B 483 30.00 -14.93 51.08
N ASN B 484 29.81 -13.66 51.40
CA ASN B 484 30.06 -13.21 52.76
C ASN B 484 28.75 -13.09 53.54
N LEU B 485 28.07 -14.23 53.66
CA LEU B 485 26.83 -14.29 54.42
C LEU B 485 26.93 -15.17 55.67
N SER B 486 28.03 -15.87 55.86
CA SER B 486 28.29 -16.60 57.10
C SER B 486 28.62 -15.57 58.17
N GLY B 487 27.63 -15.24 58.99
CA GLY B 487 27.76 -14.14 59.94
C GLY B 487 26.48 -13.33 59.96
N ALA B 488 25.80 -13.28 58.81
CA ALA B 488 24.45 -12.73 58.75
C ALA B 488 23.39 -13.79 58.99
N LEU B 489 23.67 -15.04 58.65
CA LEU B 489 22.81 -16.17 58.99
C LEU B 489 23.41 -16.92 60.16
N GLY B 490 22.82 -18.06 60.50
CA GLY B 490 23.34 -18.87 61.58
C GLY B 490 22.68 -20.24 61.57
N THR B 491 23.17 -21.10 62.46
CA THR B 491 22.63 -22.46 62.60
C THR B 491 21.33 -22.41 63.42
N ARG B 492 20.80 -23.61 63.70
CA ARG B 492 19.55 -23.83 64.45
C ARG B 492 18.35 -23.14 63.79
N GLY B 493 18.38 -23.02 62.47
CA GLY B 493 17.22 -22.64 61.69
C GLY B 493 16.89 -23.80 60.77
N THR B 494 15.61 -24.18 60.69
CA THR B 494 15.21 -25.44 60.07
C THR B 494 15.31 -25.36 58.55
N PHE B 495 16.53 -25.45 58.06
CA PHE B 495 16.74 -25.74 56.64
C PHE B 495 17.79 -26.81 56.45
N ASN B 496 18.69 -26.94 57.43
CA ASN B 496 19.83 -27.88 57.42
C ASN B 496 20.73 -27.62 56.21
N PHE B 497 21.45 -26.49 56.31
CA PHE B 497 22.47 -26.10 55.34
C PHE B 497 23.48 -27.20 55.03
N SER B 498 23.82 -28.02 56.04
CA SER B 498 24.88 -29.02 55.88
C SER B 498 24.48 -30.13 54.91
N GLN B 499 23.21 -30.53 54.93
CA GLN B 499 22.72 -31.51 53.97
C GLN B 499 22.30 -30.88 52.65
N PHE B 500 22.51 -29.58 52.48
CA PHE B 500 22.30 -28.90 51.21
C PHE B 500 23.60 -28.67 50.44
N PHE B 501 24.70 -28.48 51.15
CA PHE B 501 25.99 -28.19 50.52
C PHE B 501 26.75 -29.43 50.11
N GLN B 502 26.35 -30.61 50.58
CA GLN B 502 27.10 -31.83 50.26
C GLN B 502 26.88 -32.27 48.82
N GLN B 503 25.73 -31.95 48.24
CA GLN B 503 25.49 -32.26 46.83
C GLN B 503 26.05 -31.23 45.89
N LEU B 504 26.60 -30.12 46.41
CA LEU B 504 27.33 -29.15 45.63
C LEU B 504 28.83 -29.15 45.94
N GLY B 505 29.19 -29.27 47.21
CA GLY B 505 30.59 -29.35 47.60
C GLY B 505 31.38 -28.08 47.39
N LEU B 506 30.71 -26.92 47.39
CA LEU B 506 31.39 -25.66 47.11
C LEU B 506 32.02 -25.06 48.36
N ALA B 507 31.22 -24.84 49.40
CA ALA B 507 31.71 -24.24 50.63
C ALA B 507 30.78 -24.64 51.77
N SER B 508 30.99 -24.03 52.93
CA SER B 508 30.13 -24.21 54.10
C SER B 508 30.17 -22.93 54.91
N PHE B 509 29.52 -22.96 56.07
CA PHE B 509 29.49 -21.80 56.97
C PHE B 509 30.26 -22.03 58.27
N LEU B 510 30.72 -23.25 58.52
CA LEU B 510 31.37 -23.59 59.78
C LEU B 510 32.35 -24.76 59.60
N PRO B 547 20.78 -33.61 38.79
CA PRO B 547 21.19 -32.22 39.04
C PRO B 547 20.95 -31.78 40.48
N THR B 548 20.65 -30.50 40.67
CA THR B 548 20.55 -29.89 41.98
C THR B 548 19.10 -29.82 42.45
N VAL B 549 18.92 -29.91 43.78
CA VAL B 549 17.63 -29.80 44.43
C VAL B 549 17.74 -28.72 45.50
N GLY B 550 16.89 -27.70 45.41
CA GLY B 550 16.97 -26.58 46.33
C GLY B 550 16.16 -26.75 47.60
N SER B 551 15.38 -25.72 47.94
CA SER B 551 14.52 -25.79 49.12
C SER B 551 13.35 -26.74 48.91
N PHE B 552 12.96 -26.94 47.66
CA PHE B 552 11.89 -27.86 47.27
C PHE B 552 12.39 -28.54 46.00
N GLY B 553 11.47 -29.14 45.24
CA GLY B 553 11.86 -29.73 43.97
C GLY B 553 12.18 -28.72 42.90
N PHE B 554 13.29 -28.00 43.09
CA PHE B 554 13.69 -26.88 42.24
C PHE B 554 15.03 -27.21 41.59
N GLU B 555 15.26 -26.65 40.41
CA GLU B 555 16.53 -26.76 39.72
C GLU B 555 17.34 -25.51 39.97
N ILE B 556 18.56 -25.68 40.47
CA ILE B 556 19.42 -24.56 40.83
C ILE B 556 20.66 -24.62 39.95
N ASN B 557 20.66 -23.81 38.89
CA ASN B 557 21.89 -23.38 38.26
C ASN B 557 22.38 -22.21 39.11
N LEU B 558 23.25 -22.52 40.08
CA LEU B 558 23.71 -21.50 41.02
C LEU B 558 24.58 -20.46 40.34
N GLN B 559 25.27 -20.85 39.26
CA GLN B 559 25.99 -19.88 38.43
C GLN B 559 25.01 -18.92 37.74
N GLU B 560 23.82 -19.39 37.39
CA GLU B 560 22.81 -18.50 36.83
C GLU B 560 22.23 -17.58 37.90
N ASN B 561 22.05 -18.10 39.11
CA ASN B 561 21.42 -17.30 40.17
C ASN B 561 22.36 -16.24 40.71
N GLN B 562 23.65 -16.55 40.83
CA GLN B 562 24.62 -15.57 41.32
C GLN B 562 24.83 -14.45 40.32
N ASN B 563 24.71 -14.73 39.02
CA ASN B 563 24.90 -13.69 38.02
C ASN B 563 23.70 -12.74 37.97
N ALA B 564 22.52 -13.19 38.40
CA ALA B 564 21.37 -12.31 38.43
C ALA B 564 21.47 -11.28 39.55
N LEU B 565 21.95 -11.71 40.72
CA LEU B 565 22.05 -10.81 41.86
C LEU B 565 23.23 -9.84 41.72
N LYS B 566 24.26 -10.23 40.96
CA LYS B 566 25.29 -9.26 40.58
C LYS B 566 24.72 -8.20 39.65
N PHE B 567 23.82 -8.61 38.75
CA PHE B 567 23.13 -7.65 37.90
C PHE B 567 22.12 -6.83 38.68
N LEU B 568 21.50 -7.42 39.71
CA LEU B 568 20.47 -6.72 40.48
C LEU B 568 21.08 -5.62 41.34
N ALA B 569 22.29 -5.83 41.86
CA ALA B 569 22.98 -4.78 42.59
C ALA B 569 23.42 -3.65 41.67
N SER B 570 23.82 -3.99 40.45
CA SER B 570 24.18 -2.96 39.47
C SER B 570 22.95 -2.26 38.92
N LEU B 571 21.77 -2.88 39.01
CA LEU B 571 20.54 -2.21 38.59
C LEU B 571 20.19 -1.05 39.52
N LEU B 572 20.38 -1.25 40.83
CA LEU B 572 20.03 -0.22 41.80
C LEU B 572 21.05 0.90 41.83
N GLU B 573 22.27 0.66 41.36
CA GLU B 573 23.32 1.69 41.32
C GLU B 573 23.32 2.43 39.99
N LEU B 574 22.15 2.96 39.60
CA LEU B 574 21.99 3.67 38.36
C LEU B 574 21.17 4.93 38.58
N PRO B 575 21.53 6.04 37.94
CA PRO B 575 20.64 7.21 37.97
C PRO B 575 19.35 6.99 37.20
N GLU B 576 19.35 6.10 36.21
CA GLU B 576 18.20 5.88 35.35
C GLU B 576 17.28 4.76 35.84
N PHE B 577 17.58 4.13 36.98
CA PHE B 577 16.58 3.31 37.64
C PHE B 577 15.73 4.12 38.59
N LEU B 578 16.31 5.15 39.22
CA LEU B 578 15.53 6.07 40.03
C LEU B 578 14.54 6.85 39.20
N LEU B 579 14.87 7.11 37.94
CA LEU B 579 13.96 7.78 37.03
C LEU B 579 12.99 6.79 36.40
N PHE B 580 13.32 5.50 36.37
CA PHE B 580 12.32 4.48 36.08
C PHE B 580 11.34 4.32 37.23
N LEU B 581 11.86 4.38 38.46
CA LEU B 581 11.01 4.18 39.63
C LEU B 581 10.09 5.36 39.87
N GLN B 582 10.48 6.55 39.42
CA GLN B 582 9.62 7.72 39.55
C GLN B 582 8.39 7.61 38.66
N HIS B 583 8.55 7.12 37.44
CA HIS B 583 7.41 6.94 36.55
C HIS B 583 6.61 5.69 36.88
N ALA B 584 7.18 4.74 37.61
CA ALA B 584 6.42 3.58 38.06
C ALA B 584 5.45 3.93 39.17
N ILE B 585 5.69 5.02 39.89
CA ILE B 585 4.74 5.49 40.89
C ILE B 585 3.51 6.10 40.22
N SER B 586 3.71 6.78 39.10
CA SER B 586 2.65 7.51 38.41
C SER B 586 1.77 6.61 37.54
N VAL B 587 1.82 5.30 37.71
CA VAL B 587 0.97 4.36 37.02
C VAL B 587 -0.32 4.23 37.82
N PRO B 588 -1.49 4.26 37.19
CA PRO B 588 -2.75 4.15 37.94
C PRO B 588 -2.94 2.76 38.55
N GLU B 589 -3.90 2.70 39.47
CA GLU B 589 -4.09 1.51 40.29
C GLU B 589 -4.79 0.39 39.53
N ASP B 590 -5.74 0.74 38.64
CA ASP B 590 -6.51 -0.28 37.94
C ASP B 590 -5.68 -1.02 36.90
N VAL B 591 -4.77 -0.31 36.23
CA VAL B 591 -3.93 -0.95 35.23
C VAL B 591 -2.79 -1.71 35.88
N ALA B 592 -2.37 -1.30 37.09
CA ALA B 592 -1.31 -2.00 37.80
C ALA B 592 -1.54 -1.84 39.29
N ARG B 593 -1.74 -2.95 39.99
CA ARG B 593 -1.98 -2.90 41.43
C ARG B 593 -0.68 -2.72 42.20
N ASP B 594 0.27 -3.62 41.99
CA ASP B 594 1.57 -3.59 42.65
C ASP B 594 2.62 -3.11 41.66
N LEU B 595 3.81 -2.78 42.19
CA LEU B 595 4.91 -2.40 41.30
C LEU B 595 5.46 -3.58 40.52
N GLY B 596 5.19 -4.82 40.95
CA GLY B 596 5.41 -5.96 40.10
C GLY B 596 4.46 -6.00 38.93
N ASP B 597 3.22 -5.53 39.13
CA ASP B 597 2.28 -5.42 38.02
C ASP B 597 2.68 -4.27 37.08
N VAL B 598 3.39 -3.27 37.60
CA VAL B 598 4.03 -2.30 36.72
C VAL B 598 5.08 -2.98 35.86
N MET B 599 5.87 -3.86 36.48
CA MET B 599 6.84 -4.65 35.72
C MET B 599 6.17 -5.72 34.86
N GLU B 600 4.92 -6.09 35.16
CA GLU B 600 4.19 -7.00 34.29
C GLU B 600 3.78 -6.30 33.00
N THR B 601 3.27 -5.07 33.11
CA THR B 601 2.76 -4.37 31.94
C THR B 601 3.90 -3.84 31.07
N VAL B 602 4.96 -3.31 31.69
CA VAL B 602 6.06 -2.71 30.93
C VAL B 602 6.84 -3.76 30.16
N LEU B 603 7.12 -4.91 30.79
CA LEU B 603 7.77 -6.01 30.08
C LEU B 603 6.86 -6.63 29.02
N SER B 604 5.55 -6.43 29.11
CA SER B 604 4.64 -6.88 28.06
C SER B 604 4.39 -5.81 27.00
N SER B 605 4.48 -4.53 27.35
CA SER B 605 4.21 -3.46 26.40
C SER B 605 5.34 -3.25 25.41
N GLN B 606 6.51 -3.86 25.61
CA GLN B 606 7.61 -3.73 24.65
C GLN B 606 7.32 -4.45 23.34
N THR B 607 6.39 -5.40 23.33
CA THR B 607 6.00 -6.09 22.11
C THR B 607 4.72 -5.54 21.49
N CYS B 608 3.98 -4.70 22.22
CA CYS B 608 2.73 -4.14 21.69
C CYS B 608 3.03 -3.09 20.65
N GLU B 609 2.94 -3.47 19.39
CA GLU B 609 2.90 -2.51 18.30
C GLU B 609 1.57 -1.79 18.34
N GLN B 610 1.55 -0.57 17.80
CA GLN B 610 0.36 0.28 17.82
C GLN B 610 -0.77 -0.38 17.03
N THR B 611 -2.00 -0.16 17.51
CA THR B 611 -3.17 -0.88 16.99
C THR B 611 -3.41 -0.56 15.51
N PRO B 612 -3.85 -1.53 14.72
CA PRO B 612 -4.06 -1.27 13.29
C PRO B 612 -5.27 -0.40 13.01
N GLU B 613 -5.64 -0.29 11.74
CA GLU B 613 -6.82 0.47 11.35
C GLU B 613 -8.07 -0.21 11.92
N ARG B 614 -9.02 0.62 12.35
CA ARG B 614 -10.12 0.16 13.20
C ARG B 614 -11.06 -0.82 12.50
N LEU B 615 -11.11 -0.81 11.18
CA LEU B 615 -11.99 -1.70 10.44
C LEU B 615 -11.33 -3.02 10.07
N PHE B 616 -10.09 -3.24 10.52
CA PHE B 616 -9.42 -4.51 10.30
C PHE B 616 -9.97 -5.58 11.23
N VAL B 617 -10.19 -6.77 10.70
CA VAL B 617 -10.61 -7.91 11.50
C VAL B 617 -9.73 -9.11 11.19
N PRO B 618 -9.11 -9.72 12.20
CA PRO B 618 -8.27 -10.89 11.94
C PRO B 618 -9.10 -12.13 11.61
N SER B 619 -8.38 -13.14 11.14
CA SER B 619 -8.98 -14.42 10.77
C SER B 619 -8.40 -15.50 11.67
N CYS B 620 -9.28 -16.22 12.35
CA CYS B 620 -8.86 -17.30 13.24
C CYS B 620 -9.16 -18.65 12.60
N THR B 621 -8.66 -19.71 13.24
CA THR B 621 -8.82 -21.08 12.75
C THR B 621 -10.16 -21.63 13.21
N THR B 622 -10.31 -22.96 13.10
CA THR B 622 -11.51 -23.63 13.59
C THR B 622 -11.64 -23.50 15.10
N GLU B 623 -10.62 -23.97 15.84
CA GLU B 623 -10.59 -23.79 17.28
C GLU B 623 -10.24 -22.36 17.67
N GLY B 624 -9.61 -21.61 16.77
CA GLY B 624 -9.17 -20.26 17.03
C GLY B 624 -7.69 -20.28 17.34
N SER B 625 -6.86 -20.05 16.33
CA SER B 625 -5.42 -20.10 16.55
C SER B 625 -4.67 -19.04 15.74
N TYR B 626 -5.38 -18.01 15.26
CA TYR B 626 -4.79 -16.81 14.65
C TYR B 626 -3.96 -17.18 13.41
N GLU B 627 -4.68 -17.60 12.36
CA GLU B 627 -4.10 -18.32 11.24
C GLU B 627 -3.13 -17.45 10.43
N ASP B 628 -2.50 -18.10 9.44
CA ASP B 628 -1.21 -17.64 8.93
C ASP B 628 -1.35 -16.42 8.01
N VAL B 629 -2.04 -16.56 6.89
CA VAL B 629 -2.16 -15.47 5.94
C VAL B 629 -3.20 -14.48 6.47
N GLN B 630 -2.82 -13.22 6.59
CA GLN B 630 -3.65 -12.23 7.28
C GLN B 630 -3.86 -11.02 6.37
N CYS B 631 -5.06 -10.90 5.82
CA CYS B 631 -5.36 -9.98 4.74
C CYS B 631 -6.04 -8.69 5.22
N PHE B 632 -5.87 -7.65 4.42
CA PHE B 632 -6.55 -6.36 4.56
C PHE B 632 -6.66 -5.78 3.15
N SER B 633 -6.90 -4.47 3.04
CA SER B 633 -7.32 -3.82 1.81
C SER B 633 -6.19 -3.74 0.80
N GLY B 634 -6.04 -4.78 -0.01
CA GLY B 634 -4.94 -4.88 -0.94
C GLY B 634 -3.78 -5.70 -0.46
N GLU B 635 -3.16 -5.35 0.66
CA GLU B 635 -2.07 -6.19 1.14
C GLU B 635 -2.61 -7.33 1.99
N CYS B 636 -1.94 -8.46 1.91
CA CYS B 636 -1.99 -9.49 2.91
C CYS B 636 -0.59 -9.67 3.47
N TRP B 637 -0.47 -10.34 4.60
CA TRP B 637 0.84 -10.58 5.17
C TRP B 637 0.80 -11.91 5.91
N CYS B 638 1.87 -12.20 6.64
CA CYS B 638 1.96 -13.41 7.44
C CYS B 638 2.35 -13.05 8.87
N VAL B 639 1.83 -13.83 9.81
CA VAL B 639 1.94 -13.53 11.23
C VAL B 639 2.53 -14.71 11.96
N ASN B 640 2.96 -14.45 13.19
CA ASN B 640 3.33 -15.52 14.10
C ASN B 640 2.07 -16.05 14.80
N SER B 641 2.27 -16.88 15.82
CA SER B 641 1.15 -17.29 16.66
C SER B 641 0.73 -16.21 17.65
N TRP B 642 1.57 -15.20 17.88
CA TRP B 642 1.38 -14.30 19.01
C TRP B 642 0.53 -13.08 18.72
N GLY B 643 0.57 -12.54 17.49
CA GLY B 643 -0.14 -11.32 17.24
C GLY B 643 0.56 -10.33 16.32
N LYS B 644 1.89 -10.35 16.32
CA LYS B 644 2.62 -9.48 15.43
C LYS B 644 2.76 -10.10 14.05
N GLU B 645 3.23 -9.31 13.09
CA GLU B 645 3.44 -9.78 11.73
C GLU B 645 4.95 -9.93 11.47
N LEU B 646 5.27 -10.81 10.54
CA LEU B 646 6.66 -10.96 10.10
C LEU B 646 7.01 -9.80 9.18
N PRO B 647 8.05 -9.01 9.49
CA PRO B 647 8.36 -7.85 8.67
C PRO B 647 8.96 -8.24 7.33
N GLY B 648 8.62 -7.47 6.31
CA GLY B 648 9.02 -7.78 4.95
C GLY B 648 8.09 -8.72 4.22
N SER B 649 7.20 -9.41 4.92
CA SER B 649 6.26 -10.34 4.31
C SER B 649 4.98 -9.68 3.84
N ARG B 650 4.86 -8.37 4.00
CA ARG B 650 3.67 -7.62 3.55
C ARG B 650 3.76 -7.48 2.04
N VAL B 651 3.24 -8.49 1.33
CA VAL B 651 3.18 -8.43 -0.12
C VAL B 651 1.94 -7.64 -0.49
N ARG B 652 1.82 -7.27 -1.75
CA ARG B 652 0.69 -6.48 -2.23
C ARG B 652 -0.11 -7.29 -3.22
N GLY B 653 -1.37 -7.56 -2.88
CA GLY B 653 -2.24 -8.33 -3.74
C GLY B 653 -2.04 -9.82 -3.63
N GLY B 654 -3.13 -10.57 -3.77
CA GLY B 654 -3.03 -12.02 -3.67
C GLY B 654 -2.85 -12.44 -2.24
N GLN B 655 -1.83 -13.26 -1.99
CA GLN B 655 -1.52 -13.71 -0.64
C GLN B 655 -0.06 -14.11 -0.60
N PRO B 656 0.64 -13.84 0.50
CA PRO B 656 2.05 -14.24 0.57
C PRO B 656 2.18 -15.70 0.94
N ARG B 657 3.37 -16.23 0.72
CA ARG B 657 3.73 -17.51 1.30
C ARG B 657 4.40 -17.23 2.64
N CYS B 658 3.88 -17.85 3.68
CA CYS B 658 4.53 -17.77 4.97
C CYS B 658 5.87 -18.48 4.91
N PRO B 659 6.91 -17.95 5.56
CA PRO B 659 8.25 -18.51 5.40
C PRO B 659 8.37 -19.89 5.99
N THR B 660 9.17 -20.72 5.33
CA THR B 660 9.35 -22.12 5.72
C THR B 660 10.32 -22.24 6.88
N ASP B 661 10.81 -23.46 7.12
CA ASP B 661 11.82 -23.66 8.16
C ASP B 661 13.16 -23.04 7.77
N CYS B 662 13.39 -22.75 6.49
CA CYS B 662 14.65 -22.15 6.06
C CYS B 662 14.79 -20.71 6.52
N GLU B 663 13.81 -19.87 6.15
CA GLU B 663 13.96 -18.43 6.28
C GLU B 663 14.02 -17.99 7.74
N LYS B 664 13.17 -18.56 8.58
CA LYS B 664 13.23 -18.24 10.01
C LYS B 664 14.41 -18.90 10.71
N GLN B 665 15.14 -19.79 10.05
CA GLN B 665 16.42 -20.27 10.56
C GLN B 665 17.59 -19.43 10.05
N ARG B 666 17.55 -19.02 8.78
CA ARG B 666 18.69 -18.29 8.26
C ARG B 666 18.65 -16.81 8.59
N ALA B 667 17.44 -16.20 8.66
CA ALA B 667 17.37 -14.78 9.01
C ALA B 667 17.69 -14.55 10.48
N ARG B 668 17.52 -15.57 11.32
CA ARG B 668 18.12 -15.52 12.65
C ARG B 668 19.63 -15.47 12.55
N MET B 669 20.22 -16.40 11.81
CA MET B 669 21.67 -16.52 11.70
C MET B 669 22.27 -15.59 10.65
N GLN B 670 21.45 -14.89 9.86
CA GLN B 670 21.95 -13.69 9.19
C GLN B 670 22.00 -12.52 10.17
N SER B 671 21.02 -12.43 11.07
CA SER B 671 21.04 -11.41 12.10
C SER B 671 22.11 -11.70 13.15
N LEU B 672 22.30 -12.99 13.48
CA LEU B 672 23.39 -13.36 14.37
C LEU B 672 24.75 -13.21 13.70
N MET B 673 24.81 -13.27 12.36
CA MET B 673 26.03 -12.95 11.64
C MET B 673 26.43 -11.50 11.83
N GLY B 674 25.44 -10.60 11.93
CA GLY B 674 25.68 -9.20 12.20
C GLY B 674 26.17 -8.87 13.60
N SER B 675 26.24 -9.86 14.49
CA SER B 675 26.81 -9.68 15.83
C SER B 675 28.02 -10.58 16.03
N GLN B 676 28.83 -10.72 14.98
CA GLN B 676 30.03 -11.54 15.01
C GLN B 676 31.25 -10.67 14.74
N PRO B 677 32.45 -11.15 15.09
CA PRO B 677 33.67 -10.52 14.57
C PRO B 677 33.79 -10.71 13.07
N ALA B 678 34.67 -9.91 12.47
CA ALA B 678 34.87 -9.97 11.04
C ALA B 678 35.54 -11.27 10.63
N GLY B 679 35.04 -11.88 9.55
CA GLY B 679 35.50 -13.18 9.12
C GLY B 679 34.94 -14.36 9.90
N SER B 680 34.45 -14.15 11.12
CA SER B 680 33.93 -15.22 11.96
C SER B 680 32.55 -15.61 11.46
N THR B 681 32.55 -16.47 10.45
CA THR B 681 31.29 -16.95 9.90
C THR B 681 30.67 -18.01 10.78
N LEU B 682 29.40 -18.28 10.53
CA LEU B 682 28.70 -19.41 11.12
C LEU B 682 27.66 -19.87 10.12
N PHE B 683 27.04 -21.00 10.41
CA PHE B 683 26.25 -21.71 9.40
C PHE B 683 24.94 -21.01 9.12
N VAL B 684 24.76 -20.57 7.88
CA VAL B 684 23.52 -19.98 7.39
C VAL B 684 22.91 -20.96 6.38
N PRO B 685 21.74 -21.53 6.65
CA PRO B 685 21.14 -22.48 5.70
C PRO B 685 20.60 -21.77 4.47
N ALA B 686 21.34 -21.86 3.36
CA ALA B 686 20.90 -21.27 2.12
C ALA B 686 19.86 -22.18 1.46
N CYS B 687 18.85 -21.58 0.85
CA CYS B 687 17.74 -22.35 0.31
C CYS B 687 17.17 -21.67 -0.93
N THR B 688 16.28 -22.39 -1.60
CA THR B 688 15.74 -21.97 -2.89
C THR B 688 14.73 -20.85 -2.72
N SER B 689 14.22 -20.36 -3.85
CA SER B 689 13.15 -19.38 -3.83
C SER B 689 11.82 -19.97 -3.38
N GLU B 690 11.65 -21.28 -3.51
CA GLU B 690 10.43 -21.93 -3.04
C GLU B 690 10.46 -22.25 -1.54
N GLY B 691 11.53 -21.89 -0.84
CA GLY B 691 11.63 -22.14 0.58
C GLY B 691 12.24 -23.47 0.96
N HIS B 692 12.24 -24.44 0.04
CA HIS B 692 12.89 -25.72 0.30
C HIS B 692 14.39 -25.55 0.31
N PHE B 693 15.06 -26.39 1.12
CA PHE B 693 16.50 -26.32 1.31
C PHE B 693 17.25 -26.58 0.01
N LEU B 694 18.41 -25.93 -0.13
CA LEU B 694 19.37 -26.37 -1.12
C LEU B 694 19.87 -27.76 -0.73
N PRO B 695 20.00 -28.67 -1.70
CA PRO B 695 20.25 -30.09 -1.36
C PRO B 695 21.60 -30.35 -0.73
N VAL B 696 22.58 -29.47 -0.89
CA VAL B 696 23.90 -29.62 -0.28
C VAL B 696 24.20 -28.34 0.50
N GLN B 697 24.05 -28.39 1.82
CA GLN B 697 24.49 -27.29 2.66
C GLN B 697 25.98 -27.43 2.96
N CYS B 698 26.60 -26.31 3.37
CA CYS B 698 28.04 -26.25 3.58
C CYS B 698 28.35 -25.45 4.84
N PHE B 699 29.41 -25.88 5.54
CA PHE B 699 29.93 -25.17 6.70
C PHE B 699 31.33 -25.68 7.03
N ASN B 700 32.21 -24.74 7.38
CA ASN B 700 33.58 -25.01 7.87
C ASN B 700 34.38 -25.82 6.85
N SER B 701 34.25 -25.42 5.58
CA SER B 701 34.84 -26.10 4.42
C SER B 701 34.44 -27.58 4.35
N GLU B 702 33.20 -27.86 4.74
CA GLU B 702 32.62 -29.20 4.64
C GLU B 702 31.22 -29.06 4.09
N CYS B 703 30.93 -29.72 2.97
CA CYS B 703 29.63 -29.66 2.33
C CYS B 703 28.96 -31.03 2.46
N TYR B 704 27.77 -31.05 3.06
CA TYR B 704 27.01 -32.27 3.25
C TYR B 704 25.63 -32.14 2.63
N CYS B 705 25.09 -33.28 2.19
CA CYS B 705 23.73 -33.31 1.67
C CYS B 705 22.70 -33.38 2.79
N VAL B 706 21.51 -32.84 2.52
CA VAL B 706 20.45 -32.71 3.51
C VAL B 706 19.17 -33.35 2.98
N ASP B 707 18.21 -33.50 3.88
CA ASP B 707 16.85 -33.86 3.54
C ASP B 707 16.01 -32.60 3.34
N ALA B 708 14.70 -32.75 3.31
CA ALA B 708 13.78 -31.62 3.27
C ALA B 708 13.44 -31.10 4.67
N GLU B 709 14.13 -31.55 5.70
CA GLU B 709 13.82 -31.17 7.08
C GLU B 709 14.94 -30.42 7.77
N GLY B 710 16.18 -30.88 7.66
CA GLY B 710 17.28 -30.20 8.31
C GLY B 710 18.38 -31.08 8.87
N GLN B 711 18.06 -32.32 9.17
CA GLN B 711 19.06 -33.25 9.68
C GLN B 711 19.96 -33.72 8.54
N ALA B 712 21.25 -33.81 8.84
CA ALA B 712 22.20 -34.33 7.86
C ALA B 712 22.03 -35.83 7.74
N ILE B 713 21.74 -36.31 6.52
CA ILE B 713 21.71 -37.75 6.31
C ILE B 713 23.15 -38.27 6.29
N PRO B 714 23.45 -39.35 7.00
CA PRO B 714 24.85 -39.77 7.16
C PRO B 714 25.45 -40.34 5.89
N GLY B 715 26.78 -40.42 5.90
CA GLY B 715 27.53 -40.87 4.74
C GLY B 715 28.02 -39.73 3.87
N THR B 716 27.09 -38.95 3.34
CA THR B 716 27.42 -37.82 2.47
C THR B 716 27.93 -36.65 3.31
N ARG B 717 29.25 -36.60 3.48
CA ARG B 717 29.91 -35.50 4.17
C ARG B 717 31.34 -35.44 3.67
N SER B 718 31.65 -34.43 2.85
CA SER B 718 32.93 -34.36 2.17
C SER B 718 33.51 -32.96 2.30
N ALA B 719 34.79 -32.85 1.91
CA ALA B 719 35.43 -31.55 1.78
C ALA B 719 34.90 -30.81 0.55
N ILE B 720 35.19 -29.51 0.51
CA ILE B 720 34.71 -28.68 -0.60
C ILE B 720 35.49 -28.99 -1.87
N GLY B 721 34.89 -28.67 -3.00
CA GLY B 721 35.48 -28.95 -4.29
C GLY B 721 35.27 -30.36 -4.80
N LYS B 722 34.55 -31.21 -4.07
CA LYS B 722 34.36 -32.54 -4.60
C LYS B 722 32.96 -32.68 -5.21
N PRO B 723 32.85 -33.30 -6.38
CA PRO B 723 31.53 -33.58 -6.95
C PRO B 723 30.79 -34.63 -6.12
N LYS B 724 29.68 -34.23 -5.53
CA LYS B 724 28.90 -35.09 -4.65
C LYS B 724 27.57 -35.44 -5.30
N LYS B 725 27.20 -36.72 -5.24
CA LYS B 725 25.89 -37.17 -5.66
C LYS B 725 25.02 -37.25 -4.40
N CYS B 726 24.60 -36.08 -3.93
CA CYS B 726 23.49 -36.02 -2.99
C CYS B 726 22.25 -36.62 -3.63
N PRO B 727 21.48 -37.43 -2.88
CA PRO B 727 20.30 -38.06 -3.47
C PRO B 727 19.25 -37.06 -3.90
N THR B 728 18.46 -37.48 -4.89
CA THR B 728 17.38 -36.68 -5.44
C THR B 728 16.30 -36.41 -4.39
N PRO B 729 15.52 -35.34 -4.55
CA PRO B 729 14.37 -35.13 -3.65
C PRO B 729 13.32 -36.23 -3.67
N CYS B 730 13.29 -37.08 -4.70
CA CYS B 730 12.42 -38.24 -4.72
C CYS B 730 12.88 -39.30 -3.72
N GLN B 731 14.15 -39.72 -3.82
CA GLN B 731 14.64 -40.83 -3.01
C GLN B 731 14.79 -40.48 -1.54
N LEU B 732 14.99 -39.20 -1.22
CA LEU B 732 14.96 -38.81 0.19
C LEU B 732 13.54 -38.61 0.70
N GLN B 733 12.55 -38.64 -0.18
CA GLN B 733 11.16 -38.83 0.22
C GLN B 733 10.78 -40.31 0.23
N SER B 734 11.47 -41.11 -0.61
CA SER B 734 11.20 -42.54 -0.68
C SER B 734 11.61 -43.23 0.62
N GLU B 735 12.82 -42.96 1.11
CA GLU B 735 13.22 -43.47 2.42
C GLU B 735 12.42 -42.82 3.54
N GLN B 736 11.95 -41.58 3.34
CA GLN B 736 11.14 -40.91 4.35
C GLN B 736 9.75 -41.52 4.46
N ALA B 737 9.28 -42.18 3.40
CA ALA B 737 8.04 -42.95 3.45
C ALA B 737 8.27 -44.44 3.71
N PHE B 738 9.45 -44.96 3.36
CA PHE B 738 9.76 -46.36 3.65
C PHE B 738 9.90 -46.60 5.15
N LEU B 739 10.47 -45.63 5.87
CA LEU B 739 10.57 -45.76 7.32
C LEU B 739 9.22 -45.62 7.99
N ARG B 740 8.31 -44.83 7.41
CA ARG B 740 6.98 -44.63 7.98
C ARG B 740 5.97 -45.65 7.48
N THR B 741 6.43 -46.75 6.92
CA THR B 741 5.60 -47.89 6.56
C THR B 741 6.04 -49.16 7.27
N VAL B 742 7.34 -49.39 7.39
CA VAL B 742 7.85 -50.55 8.10
C VAL B 742 7.70 -50.38 9.61
N GLN B 743 7.49 -49.16 10.10
CA GLN B 743 7.20 -48.96 11.53
C GLN B 743 5.81 -49.44 11.90
N ALA B 744 4.89 -49.52 10.93
CA ALA B 744 3.55 -50.03 11.21
C ALA B 744 3.53 -51.54 11.39
N LEU B 745 4.61 -52.23 11.01
CA LEU B 745 4.77 -53.65 11.33
C LEU B 745 4.97 -53.87 12.82
N LEU B 746 5.47 -52.87 13.55
CA LEU B 746 5.79 -53.00 14.97
C LEU B 746 4.92 -52.12 15.84
N SER B 747 3.78 -51.66 15.33
CA SER B 747 2.85 -50.84 16.11
C SER B 747 1.56 -51.57 16.43
N ASN B 748 0.86 -52.08 15.42
CA ASN B 748 -0.36 -52.85 15.61
C ASN B 748 -0.16 -54.32 15.32
N SER B 749 0.88 -54.68 14.54
CA SER B 749 1.11 -56.02 13.99
C SER B 749 -0.08 -56.53 13.20
N SER B 750 -0.81 -55.61 12.56
CA SER B 750 -1.94 -55.91 11.68
C SER B 750 -1.80 -54.95 10.50
N MET B 751 -1.10 -55.42 9.47
CA MET B 751 -0.65 -54.56 8.39
C MET B 751 -0.66 -55.42 7.12
N LEU B 752 0.03 -54.97 6.08
CA LEU B 752 0.00 -55.44 4.69
C LEU B 752 -1.44 -55.46 4.18
N PRO B 753 -2.06 -54.30 3.89
CA PRO B 753 -3.36 -54.33 3.20
C PRO B 753 -3.18 -54.65 1.73
N THR B 754 -2.11 -54.07 1.16
CA THR B 754 -1.67 -54.14 -0.26
C THR B 754 -2.82 -53.93 -1.27
N LEU B 755 -3.84 -53.18 -0.87
CA LEU B 755 -4.95 -52.84 -1.76
C LEU B 755 -4.77 -51.44 -2.34
N SER B 756 -4.69 -50.43 -1.49
CA SER B 756 -4.41 -49.06 -1.90
C SER B 756 -3.47 -48.37 -0.92
N ASP B 757 -2.59 -49.14 -0.27
CA ASP B 757 -1.76 -48.60 0.80
C ASP B 757 -0.28 -48.88 0.57
N THR B 758 0.55 -48.54 1.56
CA THR B 758 2.02 -48.67 1.55
C THR B 758 2.63 -47.97 0.34
N TYR B 759 2.38 -46.67 0.24
CA TYR B 759 2.85 -45.90 -0.90
C TYR B 759 4.36 -45.71 -0.84
N ILE B 760 5.04 -46.11 -1.91
CA ILE B 760 6.47 -45.91 -2.08
C ILE B 760 6.66 -45.16 -3.40
N PRO B 761 7.45 -44.09 -3.43
CA PRO B 761 7.67 -43.38 -4.70
C PRO B 761 8.47 -44.20 -5.70
N GLN B 762 8.35 -43.81 -6.97
CA GLN B 762 8.99 -44.50 -8.08
C GLN B 762 9.74 -43.48 -8.93
N CYS B 763 11.07 -43.56 -8.94
CA CYS B 763 11.88 -42.65 -9.74
C CYS B 763 12.97 -43.45 -10.45
N SER B 764 13.13 -43.22 -11.76
CA SER B 764 13.71 -44.24 -12.62
C SER B 764 15.24 -44.27 -12.64
N THR B 765 15.86 -43.28 -13.30
CA THR B 765 17.30 -43.35 -13.56
C THR B 765 18.05 -42.16 -12.98
N ASP B 766 17.68 -40.94 -13.36
CA ASP B 766 18.38 -39.74 -12.91
C ASP B 766 17.75 -39.14 -11.67
N GLY B 767 16.85 -39.88 -11.02
CA GLY B 767 16.21 -39.42 -9.82
C GLY B 767 15.03 -38.49 -10.01
N GLN B 768 14.70 -38.13 -11.25
CA GLN B 768 13.53 -37.32 -11.50
C GLN B 768 12.27 -38.16 -11.32
N TRP B 769 11.14 -37.48 -11.12
CA TRP B 769 9.89 -38.17 -10.86
C TRP B 769 9.37 -38.83 -12.12
N ARG B 770 9.19 -40.15 -12.07
CA ARG B 770 8.46 -40.86 -13.10
C ARG B 770 7.01 -40.38 -13.08
N GLN B 771 6.38 -40.38 -14.27
CA GLN B 771 5.03 -39.85 -14.42
C GLN B 771 4.02 -40.62 -13.58
N VAL B 772 3.84 -41.90 -13.89
CA VAL B 772 2.78 -42.71 -13.26
C VAL B 772 3.34 -43.25 -11.95
N GLN B 773 3.23 -42.44 -10.90
CA GLN B 773 3.62 -42.86 -9.56
C GLN B 773 2.55 -43.78 -8.98
N CYS B 774 2.97 -44.94 -8.49
CA CYS B 774 2.04 -46.00 -8.16
C CYS B 774 2.29 -46.45 -6.72
N ASN B 775 1.48 -47.41 -6.25
CA ASN B 775 1.56 -47.87 -4.86
C ASN B 775 1.45 -49.38 -4.84
N GLY B 776 1.20 -49.92 -3.64
CA GLY B 776 1.19 -51.34 -3.43
C GLY B 776 2.47 -51.78 -2.75
N PRO B 777 3.00 -52.94 -3.14
CA PRO B 777 4.31 -53.35 -2.63
C PRO B 777 5.43 -52.83 -3.50
N PRO B 778 6.62 -52.63 -2.94
CA PRO B 778 7.80 -52.36 -3.78
C PRO B 778 8.25 -53.60 -4.54
N GLU B 779 9.29 -53.45 -5.35
CA GLU B 779 9.70 -54.50 -6.26
C GLU B 779 10.67 -55.49 -5.63
N GLN B 780 10.88 -55.38 -4.32
CA GLN B 780 11.52 -56.41 -3.53
C GLN B 780 10.51 -57.26 -2.77
N VAL B 781 9.31 -56.72 -2.53
CA VAL B 781 8.35 -57.37 -1.63
C VAL B 781 7.61 -58.50 -2.33
N PHE B 782 7.05 -58.26 -3.52
CA PHE B 782 6.29 -59.33 -4.16
C PHE B 782 7.17 -60.41 -4.78
N GLU B 783 8.47 -60.14 -4.96
CA GLU B 783 9.38 -61.22 -5.34
C GLU B 783 9.90 -61.98 -4.13
N LEU B 784 9.77 -61.40 -2.93
CA LEU B 784 10.06 -62.12 -1.69
C LEU B 784 8.83 -62.87 -1.20
N TYR B 785 7.63 -62.31 -1.41
CA TYR B 785 6.41 -63.00 -1.02
C TYR B 785 6.06 -64.17 -1.96
N GLN B 786 6.59 -64.17 -3.19
CA GLN B 786 6.23 -65.24 -4.12
C GLN B 786 7.30 -66.33 -4.19
N ARG B 787 8.53 -65.98 -4.53
CA ARG B 787 9.53 -66.98 -4.90
C ARG B 787 10.36 -67.50 -3.74
N TRP B 788 10.18 -66.97 -2.53
CA TRP B 788 10.84 -67.55 -1.35
C TRP B 788 9.88 -67.70 -0.18
N GLU B 789 8.58 -67.55 -0.41
CA GLU B 789 7.55 -68.15 0.42
C GLU B 789 7.02 -69.44 -0.21
N ALA B 790 7.38 -69.71 -1.47
CA ALA B 790 7.02 -70.95 -2.15
C ALA B 790 7.92 -72.11 -1.72
N GLN B 791 7.92 -73.18 -2.52
CA GLN B 791 8.63 -74.45 -2.30
C GLN B 791 8.36 -75.02 -0.91
N ASN B 792 7.08 -75.38 -0.74
CA ASN B 792 6.51 -76.07 0.43
C ASN B 792 6.58 -75.25 1.71
N LYS B 793 6.63 -73.92 1.58
CA LYS B 793 6.42 -73.04 2.72
C LYS B 793 5.12 -72.27 2.65
N GLY B 794 4.70 -71.84 1.46
CA GLY B 794 3.41 -71.22 1.27
C GLY B 794 2.58 -71.82 0.15
N GLN B 795 3.24 -72.54 -0.76
CA GLN B 795 2.54 -73.10 -1.91
C GLN B 795 1.67 -74.28 -1.51
N ASP B 796 2.15 -75.12 -0.59
CA ASP B 796 1.37 -76.27 -0.15
C ASP B 796 0.28 -75.84 0.82
N LEU B 797 0.66 -75.24 1.95
CA LEU B 797 -0.29 -75.03 3.04
C LEU B 797 -0.94 -73.65 3.02
N THR B 798 -0.14 -72.60 3.18
CA THR B 798 -0.67 -71.27 3.51
C THR B 798 -0.05 -70.19 2.63
N PRO B 799 -0.72 -69.79 1.54
CA PRO B 799 -0.30 -68.59 0.81
C PRO B 799 -0.42 -67.34 1.67
N ALA B 800 -1.64 -67.06 2.14
CA ALA B 800 -1.98 -66.47 3.44
C ALA B 800 -1.11 -65.26 3.82
N LYS B 801 -1.32 -64.16 3.07
CA LYS B 801 -0.52 -62.95 3.26
C LYS B 801 -0.68 -62.33 4.64
N LEU B 802 -1.80 -62.59 5.32
CA LEU B 802 -1.92 -62.20 6.72
C LEU B 802 -1.04 -63.06 7.61
N LEU B 803 -0.94 -64.36 7.29
CA LEU B 803 -0.13 -65.26 8.10
C LEU B 803 1.36 -65.17 7.77
N VAL B 804 1.70 -64.84 6.52
CA VAL B 804 3.10 -64.61 6.15
C VAL B 804 3.64 -63.38 6.88
N LYS B 805 2.78 -62.40 7.16
CA LYS B 805 3.14 -61.27 8.01
C LYS B 805 3.47 -61.74 9.43
N ILE B 806 2.72 -62.70 9.95
CA ILE B 806 2.90 -63.14 11.33
C ILE B 806 3.55 -64.53 11.42
N MET B 807 4.15 -65.02 10.33
CA MET B 807 5.12 -66.09 10.48
C MET B 807 6.51 -65.55 10.73
N SER B 808 6.75 -64.27 10.39
CA SER B 808 7.90 -63.53 10.86
C SER B 808 7.75 -63.05 12.31
N TYR B 809 6.55 -63.20 12.88
CA TYR B 809 6.33 -62.89 14.30
C TYR B 809 7.13 -63.82 15.20
N ARG B 810 7.30 -65.08 14.79
CA ARG B 810 8.22 -65.97 15.50
C ARG B 810 9.67 -65.52 15.30
N GLU B 811 10.01 -65.08 14.09
CA GLU B 811 11.35 -64.60 13.79
C GLU B 811 11.61 -63.20 14.35
N ALA B 812 10.57 -62.49 14.80
CA ALA B 812 10.74 -61.14 15.33
C ALA B 812 11.29 -61.12 16.75
N ALA B 813 11.18 -62.23 17.49
CA ALA B 813 11.61 -62.25 18.88
C ALA B 813 13.05 -62.74 19.01
N SER B 814 13.33 -63.95 18.55
CA SER B 814 14.65 -64.57 18.64
C SER B 814 15.03 -65.20 17.32
N GLY B 815 14.94 -64.43 16.24
CA GLY B 815 15.14 -64.98 14.92
C GLY B 815 16.59 -65.01 14.47
N ASN B 816 17.21 -66.18 14.63
CA ASN B 816 18.53 -66.45 14.06
C ASN B 816 18.62 -67.97 13.92
N PHE B 817 18.30 -68.47 12.74
CA PHE B 817 18.19 -69.90 12.49
C PHE B 817 19.40 -70.34 11.68
N SER B 818 20.18 -71.26 12.24
CA SER B 818 21.47 -71.64 11.66
C SER B 818 21.26 -72.74 10.61
N LEU B 819 20.71 -72.34 9.48
CA LEU B 819 20.49 -73.23 8.35
C LEU B 819 21.48 -72.89 7.24
N PHE B 820 21.65 -73.85 6.33
CA PHE B 820 22.69 -73.75 5.30
C PHE B 820 22.18 -73.39 3.92
N ILE B 821 20.86 -73.26 3.75
CA ILE B 821 20.27 -72.87 2.47
C ILE B 821 19.40 -71.64 2.68
N GLN B 822 19.72 -70.56 1.96
CA GLN B 822 19.04 -69.27 2.11
C GLN B 822 18.86 -68.67 0.73
N SER B 823 18.55 -67.36 0.69
CA SER B 823 18.35 -66.67 -0.58
C SER B 823 19.65 -66.50 -1.36
N LEU B 824 20.80 -66.50 -0.70
CA LEU B 824 22.07 -66.41 -1.38
C LEU B 824 22.37 -67.74 -2.08
N TYR B 825 23.24 -67.69 -3.09
CA TYR B 825 23.62 -68.86 -3.86
C TYR B 825 24.42 -69.81 -2.97
N GLU B 826 23.73 -70.86 -2.50
CA GLU B 826 24.16 -71.91 -1.56
C GLU B 826 24.39 -71.40 -0.14
N ALA B 827 24.25 -70.09 0.09
CA ALA B 827 24.19 -69.40 1.39
C ALA B 827 25.50 -69.42 2.19
N GLY B 828 26.52 -70.15 1.72
CA GLY B 828 27.80 -70.17 2.39
C GLY B 828 27.81 -70.91 3.71
N GLN B 829 27.16 -70.31 4.71
CA GLN B 829 27.12 -70.87 6.06
C GLN B 829 25.78 -70.54 6.73
N ALA B 848 29.45 -61.42 10.97
CA ALA B 848 30.48 -62.40 10.68
C ALA B 848 30.91 -62.33 9.22
N ALA B 849 29.99 -61.91 8.35
CA ALA B 849 30.26 -61.80 6.93
C ALA B 849 29.30 -60.78 6.33
N LEU B 850 29.62 -60.36 5.11
CA LEU B 850 28.84 -59.41 4.30
C LEU B 850 28.62 -58.08 5.03
N GLU B 851 29.73 -57.45 5.42
CA GLU B 851 29.65 -56.18 6.12
C GLU B 851 29.41 -54.99 5.20
N GLY B 852 29.62 -55.17 3.89
CA GLY B 852 29.41 -54.08 2.94
C GLY B 852 28.74 -54.59 1.67
N LYS B 853 27.91 -55.63 1.79
CA LYS B 853 27.20 -56.20 0.64
C LYS B 853 25.92 -55.45 0.30
N ARG B 854 25.55 -54.42 1.05
CA ARG B 854 24.30 -53.70 0.85
C ARG B 854 24.41 -52.60 -0.20
N PRO B 855 25.41 -52.63 -1.07
CA PRO B 855 25.54 -51.66 -2.16
C PRO B 855 25.54 -52.32 -3.52
N GLN B 856 26.34 -53.37 -3.72
CA GLN B 856 26.39 -54.04 -5.02
C GLN B 856 25.30 -55.08 -5.15
N PRO B 857 25.10 -55.90 -4.11
CA PRO B 857 24.02 -56.89 -4.15
C PRO B 857 22.65 -56.26 -3.97
N ARG B 858 22.59 -55.08 -3.35
CA ARG B 858 21.32 -54.37 -3.23
C ARG B 858 20.88 -53.75 -4.54
N GLU B 859 21.78 -53.64 -5.52
CA GLU B 859 21.41 -53.29 -6.88
C GLU B 859 20.80 -54.45 -7.63
N ASN B 860 20.75 -55.65 -7.04
CA ASN B 860 20.15 -56.82 -7.66
C ASN B 860 18.91 -57.30 -6.92
N ILE B 861 19.01 -57.59 -5.62
CA ILE B 861 17.89 -58.17 -4.89
C ILE B 861 17.35 -57.27 -3.79
N LEU B 862 18.18 -56.87 -2.82
CA LEU B 862 17.69 -56.17 -1.64
C LEU B 862 18.79 -55.37 -0.96
N ILE B 871 22.83 -61.51 3.62
CA ILE B 871 21.47 -60.98 3.73
C ILE B 871 21.32 -60.40 5.16
N LEU B 872 22.23 -59.47 5.48
CA LEU B 872 22.29 -58.89 6.82
C LEU B 872 21.15 -57.91 7.07
N ASN B 873 20.57 -57.33 6.01
CA ASN B 873 19.47 -56.38 6.15
C ASN B 873 18.14 -57.03 6.50
N GLY B 874 18.05 -58.37 6.48
CA GLY B 874 16.81 -59.04 6.83
C GLY B 874 16.41 -58.84 8.27
N GLN B 875 17.39 -58.73 9.16
CA GLN B 875 17.09 -58.32 10.53
C GLN B 875 17.01 -56.80 10.65
N LEU B 876 17.71 -56.07 9.77
CA LEU B 876 17.69 -54.60 9.82
C LEU B 876 16.36 -54.03 9.35
N SER B 877 15.61 -54.76 8.53
CA SER B 877 14.25 -54.36 8.20
C SER B 877 13.28 -54.64 9.34
N GLN B 878 13.64 -55.51 10.27
CA GLN B 878 12.85 -55.80 11.46
C GLN B 878 13.34 -55.02 12.67
N TYR B 879 14.65 -54.86 12.83
CA TYR B 879 15.22 -53.99 13.84
C TYR B 879 15.05 -52.54 13.40
N PRO B 880 15.21 -51.56 14.31
CA PRO B 880 15.26 -50.17 13.85
C PRO B 880 16.50 -49.86 13.06
N GLY B 881 16.35 -49.74 11.74
CA GLY B 881 17.44 -49.43 10.84
C GLY B 881 17.43 -47.98 10.40
N SER B 882 18.31 -47.66 9.45
CA SER B 882 18.46 -46.29 9.00
C SER B 882 18.12 -46.10 7.53
N TYR B 883 18.76 -46.81 6.61
CA TYR B 883 18.60 -46.51 5.19
C TYR B 883 18.66 -47.78 4.36
N SER B 884 17.83 -47.82 3.31
CA SER B 884 17.94 -48.80 2.25
C SER B 884 18.90 -48.29 1.18
N ASP B 885 18.91 -48.92 0.02
CA ASP B 885 19.77 -48.50 -1.08
C ASP B 885 18.97 -47.69 -2.08
N PHE B 886 19.63 -46.72 -2.71
CA PHE B 886 18.99 -45.75 -3.60
C PHE B 886 18.86 -46.33 -5.00
N SER B 887 17.79 -47.10 -5.22
CA SER B 887 17.53 -47.70 -6.52
C SER B 887 16.05 -48.04 -6.62
N THR B 888 15.42 -47.68 -7.74
CA THR B 888 13.99 -47.95 -7.95
C THR B 888 13.79 -48.36 -9.41
N PRO B 889 13.82 -49.66 -9.70
CA PRO B 889 13.59 -50.13 -11.07
C PRO B 889 12.11 -50.26 -11.43
N LEU B 890 11.80 -50.86 -12.57
CA LEU B 890 10.43 -51.04 -13.04
C LEU B 890 9.98 -52.50 -12.90
N ALA B 891 8.76 -52.68 -12.38
CA ALA B 891 7.98 -53.93 -12.33
C ALA B 891 6.58 -53.57 -11.86
N HIS B 892 5.59 -54.35 -12.31
CA HIS B 892 4.20 -54.01 -12.05
C HIS B 892 3.33 -55.26 -11.93
N PHE B 893 2.18 -55.07 -11.28
CA PHE B 893 1.07 -56.02 -11.24
C PHE B 893 -0.16 -55.37 -11.87
N ASP B 894 -1.15 -56.20 -12.17
CA ASP B 894 -2.49 -55.71 -12.44
C ASP B 894 -3.36 -55.81 -11.19
N LEU B 895 -2.84 -55.32 -10.06
CA LEU B 895 -3.62 -55.20 -8.84
C LEU B 895 -3.26 -53.95 -8.06
N ARG B 896 -2.51 -53.03 -8.65
CA ARG B 896 -2.02 -51.83 -7.99
C ARG B 896 -2.64 -50.59 -8.64
N ASN B 897 -2.79 -49.53 -7.84
CA ASN B 897 -3.47 -48.31 -8.28
C ASN B 897 -2.42 -47.25 -8.63
N CYS B 898 -2.25 -47.01 -9.91
CA CYS B 898 -1.19 -46.12 -10.41
C CYS B 898 -1.84 -44.84 -10.89
N TRP B 899 -1.74 -43.77 -10.11
CA TRP B 899 -2.13 -42.45 -10.57
C TRP B 899 -0.89 -41.78 -11.18
N CYS B 900 -0.98 -40.49 -11.49
CA CYS B 900 0.21 -39.80 -12.00
C CYS B 900 0.20 -38.35 -11.56
N VAL B 901 1.40 -37.83 -11.30
CA VAL B 901 1.60 -36.51 -10.72
C VAL B 901 2.41 -35.65 -11.67
N ASP B 902 2.62 -34.38 -11.30
CA ASP B 902 3.53 -33.49 -11.99
C ASP B 902 4.92 -33.62 -11.36
N GLU B 903 5.80 -32.66 -11.62
CA GLU B 903 7.04 -32.59 -10.85
C GLU B 903 6.74 -32.23 -9.40
N ALA B 904 7.64 -32.69 -8.51
CA ALA B 904 7.56 -32.57 -7.06
C ALA B 904 6.32 -33.25 -6.45
N GLY B 905 5.72 -34.19 -7.18
CA GLY B 905 4.72 -35.10 -6.63
C GLY B 905 3.41 -34.53 -6.16
N GLN B 906 2.70 -33.81 -7.02
CA GLN B 906 1.36 -33.31 -6.70
C GLN B 906 0.36 -33.91 -7.68
N GLU B 907 -0.70 -34.51 -7.13
CA GLU B 907 -1.62 -35.29 -7.93
C GLU B 907 -2.53 -34.39 -8.76
N LEU B 908 -2.66 -34.71 -10.05
CA LEU B 908 -3.68 -34.08 -10.86
C LEU B 908 -5.03 -34.65 -10.49
N GLU B 909 -5.73 -33.99 -9.57
CA GLU B 909 -6.95 -34.53 -8.99
C GLU B 909 -8.09 -34.47 -9.99
N GLY B 910 -8.94 -35.51 -9.98
CA GLY B 910 -10.02 -35.63 -10.92
C GLY B 910 -10.22 -37.07 -11.34
N MET B 911 -9.38 -37.95 -10.82
CA MET B 911 -9.41 -39.37 -11.19
C MET B 911 -8.77 -40.19 -10.09
N ARG B 912 -8.95 -41.51 -10.19
CA ARG B 912 -8.19 -42.49 -9.44
C ARG B 912 -8.23 -43.79 -10.23
N SER B 913 -7.06 -44.38 -10.46
CA SER B 913 -6.99 -45.53 -11.35
C SER B 913 -7.52 -46.79 -10.66
N GLU B 914 -8.04 -47.69 -11.48
CA GLU B 914 -8.43 -49.03 -11.06
C GLU B 914 -7.23 -49.95 -11.10
N PRO B 915 -7.33 -51.18 -10.56
CA PRO B 915 -6.24 -52.15 -10.75
C PRO B 915 -6.02 -52.60 -12.20
N SER B 916 -6.97 -52.36 -13.11
CA SER B 916 -6.86 -52.88 -14.46
C SER B 916 -7.06 -51.77 -15.49
N LYS B 917 -6.55 -50.57 -15.22
CA LYS B 917 -6.67 -49.47 -16.17
C LYS B 917 -5.32 -48.82 -16.40
N LEU B 918 -5.27 -48.02 -17.46
CA LEU B 918 -4.08 -47.26 -17.83
C LEU B 918 -4.39 -45.78 -17.70
N PRO B 919 -3.74 -45.05 -16.78
CA PRO B 919 -4.12 -43.66 -16.54
C PRO B 919 -3.62 -42.75 -17.66
N THR B 920 -4.53 -41.96 -18.22
CA THR B 920 -4.13 -40.92 -19.15
C THR B 920 -3.47 -39.77 -18.39
N CYS B 921 -2.34 -39.31 -18.91
CA CYS B 921 -1.59 -38.28 -18.23
C CYS B 921 -1.15 -37.23 -19.24
N PRO B 922 -1.63 -36.00 -19.12
CA PRO B 922 -1.23 -34.96 -20.09
C PRO B 922 0.20 -34.53 -19.87
N GLY B 923 0.73 -33.80 -20.85
CA GLY B 923 2.05 -33.23 -20.66
C GLY B 923 2.29 -31.90 -21.32
N SER B 924 2.63 -30.90 -20.50
CA SER B 924 3.34 -29.66 -20.83
C SER B 924 2.59 -28.66 -21.69
N CYS B 925 1.45 -29.04 -22.27
CA CYS B 925 0.69 -28.08 -23.07
C CYS B 925 -0.78 -28.20 -22.74
N GLU B 926 -1.20 -29.41 -22.35
CA GLU B 926 -2.62 -29.62 -22.09
C GLU B 926 -3.01 -29.14 -20.70
N GLU B 927 -2.07 -29.19 -19.74
CA GLU B 927 -2.29 -28.57 -18.44
C GLU B 927 -2.52 -27.06 -18.57
N ALA B 928 -1.72 -26.41 -19.41
CA ALA B 928 -1.92 -25.01 -19.74
C ALA B 928 -3.15 -24.79 -20.60
N LYS B 929 -3.74 -25.84 -21.15
CA LYS B 929 -5.07 -25.77 -21.75
C LYS B 929 -6.16 -26.23 -20.78
N LEU B 930 -5.83 -27.11 -19.83
CA LEU B 930 -6.81 -27.55 -18.84
C LEU B 930 -7.12 -26.45 -17.83
N ARG B 931 -6.10 -25.73 -17.38
CA ARG B 931 -6.30 -24.65 -16.42
C ARG B 931 -7.08 -23.49 -17.03
N VAL B 932 -6.87 -23.23 -18.32
CA VAL B 932 -7.68 -22.24 -19.01
C VAL B 932 -9.12 -22.74 -19.17
N LEU B 933 -9.28 -24.03 -19.44
CA LEU B 933 -10.62 -24.62 -19.42
C LEU B 933 -11.23 -24.57 -18.03
N GLN B 934 -10.41 -24.76 -16.99
CA GLN B 934 -10.90 -24.64 -15.63
C GLN B 934 -11.11 -23.18 -15.24
N PHE B 935 -10.39 -22.25 -15.88
CA PHE B 935 -10.62 -20.82 -15.62
C PHE B 935 -11.93 -20.36 -16.24
N ILE B 936 -12.23 -20.83 -17.46
CA ILE B 936 -13.51 -20.52 -18.09
C ILE B 936 -14.64 -21.25 -17.36
N ARG B 937 -14.32 -22.40 -16.76
CA ARG B 937 -15.32 -23.15 -16.00
C ARG B 937 -15.80 -22.38 -14.78
N GLU B 938 -14.88 -21.92 -13.94
CA GLU B 938 -15.30 -21.14 -12.78
C GLU B 938 -15.61 -19.69 -13.13
N THR B 939 -15.26 -19.22 -14.33
CA THR B 939 -15.88 -18.02 -14.86
C THR B 939 -17.37 -18.25 -15.06
N GLU B 940 -17.73 -19.41 -15.62
CA GLU B 940 -19.13 -19.75 -15.80
C GLU B 940 -19.81 -20.17 -14.50
N GLU B 941 -19.04 -20.42 -13.44
CA GLU B 941 -19.67 -20.73 -12.15
C GLU B 941 -20.23 -19.48 -11.49
N ILE B 942 -19.41 -18.42 -11.38
CA ILE B 942 -19.85 -17.21 -10.70
C ILE B 942 -20.72 -16.32 -11.58
N VAL B 943 -20.97 -16.70 -12.83
CA VAL B 943 -22.04 -16.07 -13.59
C VAL B 943 -23.35 -16.83 -13.37
N SER B 944 -23.29 -18.08 -12.93
CA SER B 944 -24.50 -18.83 -12.62
C SER B 944 -25.05 -18.44 -11.26
N ALA B 945 -24.18 -18.35 -10.25
CA ALA B 945 -24.58 -17.84 -8.94
C ALA B 945 -24.98 -16.37 -9.00
N SER B 946 -24.47 -15.62 -9.98
CA SER B 946 -24.95 -14.27 -10.19
C SER B 946 -26.37 -14.28 -10.76
N ASN B 947 -26.65 -15.21 -11.68
CA ASN B 947 -28.01 -15.37 -12.17
C ASN B 947 -28.92 -15.96 -11.11
N SER B 948 -28.39 -16.85 -10.25
CA SER B 948 -29.24 -17.54 -9.29
C SER B 948 -29.60 -16.69 -8.08
N SER B 949 -28.88 -15.58 -7.87
CA SER B 949 -29.09 -14.64 -6.76
C SER B 949 -29.03 -15.34 -5.40
N ARG B 950 -27.87 -15.90 -5.11
CA ARG B 950 -27.64 -16.64 -3.89
C ARG B 950 -26.66 -15.94 -2.96
N PHE B 951 -25.96 -14.92 -3.43
CA PHE B 951 -24.96 -14.19 -2.67
C PHE B 951 -25.17 -12.70 -2.83
N PRO B 952 -24.82 -11.91 -1.82
CA PRO B 952 -24.96 -10.44 -1.93
C PRO B 952 -23.96 -9.85 -2.91
N LEU B 953 -24.28 -8.64 -3.35
CA LEU B 953 -23.38 -7.92 -4.24
C LEU B 953 -22.19 -7.35 -3.51
N GLY B 954 -22.31 -7.11 -2.20
CA GLY B 954 -21.20 -6.67 -1.40
C GLY B 954 -20.34 -7.78 -0.86
N GLU B 955 -20.57 -9.01 -1.29
CA GLU B 955 -19.79 -10.15 -0.79
C GLU B 955 -18.36 -10.11 -1.32
N SER B 956 -18.19 -9.86 -2.62
CA SER B 956 -16.86 -9.79 -3.20
C SER B 956 -16.11 -8.53 -2.79
N PHE B 957 -16.81 -7.51 -2.30
CA PHE B 957 -16.12 -6.31 -1.84
C PHE B 957 -15.39 -6.57 -0.54
N LEU B 958 -15.98 -7.40 0.34
CA LEU B 958 -15.35 -7.68 1.63
C LEU B 958 -14.15 -8.61 1.49
N VAL B 959 -14.25 -9.59 0.58
CA VAL B 959 -13.12 -10.47 0.30
C VAL B 959 -11.99 -9.70 -0.35
N ALA B 960 -12.31 -8.68 -1.15
CA ALA B 960 -11.30 -7.80 -1.71
C ALA B 960 -10.61 -7.00 -0.62
N LYS B 961 -11.38 -6.45 0.32
CA LYS B 961 -10.83 -5.66 1.41
C LYS B 961 -10.21 -6.50 2.53
N GLY B 962 -10.23 -7.82 2.41
CA GLY B 962 -9.59 -8.66 3.40
C GLY B 962 -10.40 -8.86 4.66
N ILE B 963 -11.71 -8.93 4.54
CA ILE B 963 -12.61 -9.18 5.66
C ILE B 963 -13.32 -10.50 5.40
N ARG B 964 -13.16 -11.45 6.32
CA ARG B 964 -13.62 -12.82 6.13
C ARG B 964 -14.71 -13.10 7.16
N LEU B 965 -15.94 -13.30 6.68
CA LEU B 965 -17.06 -13.62 7.55
C LEU B 965 -17.30 -15.13 7.48
N ARG B 966 -17.08 -15.81 8.60
CA ARG B 966 -17.45 -17.22 8.68
C ARG B 966 -18.96 -17.34 8.82
N ASN B 967 -19.48 -18.52 8.47
CA ASN B 967 -20.92 -18.75 8.52
C ASN B 967 -21.45 -18.88 9.94
N GLU B 968 -20.57 -19.10 10.93
CA GLU B 968 -20.98 -19.05 12.32
C GLU B 968 -21.45 -17.67 12.74
N ASP B 969 -20.90 -16.62 12.11
CA ASP B 969 -21.23 -15.26 12.49
C ASP B 969 -22.65 -14.89 12.07
N LEU B 970 -23.07 -15.31 10.88
CA LEU B 970 -24.29 -14.79 10.29
C LEU B 970 -25.51 -15.67 10.57
N GLY B 971 -25.45 -16.54 11.57
CA GLY B 971 -26.59 -17.32 12.00
C GLY B 971 -26.90 -18.56 11.21
N LEU B 972 -26.55 -18.55 9.92
CA LEU B 972 -26.87 -19.63 9.01
C LEU B 972 -25.99 -20.85 9.31
N PRO B 973 -26.42 -22.05 8.89
CA PRO B 973 -25.60 -23.24 9.13
C PRO B 973 -24.28 -23.18 8.40
N PRO B 974 -23.23 -23.86 8.90
CA PRO B 974 -21.85 -23.59 8.45
C PRO B 974 -21.56 -23.99 7.02
N LEU B 975 -22.26 -24.97 6.46
CA LEU B 975 -22.00 -25.42 5.09
C LEU B 975 -23.25 -25.40 4.24
N PHE B 976 -24.29 -24.68 4.66
CA PHE B 976 -25.58 -24.74 3.97
C PHE B 976 -25.53 -23.99 2.63
N PRO B 977 -24.83 -22.86 2.50
CA PRO B 977 -24.32 -22.51 1.18
C PRO B 977 -22.86 -22.93 1.04
N PRO B 978 -22.35 -23.03 -0.18
CA PRO B 978 -20.88 -23.12 -0.35
C PRO B 978 -20.25 -21.73 -0.28
N ARG B 979 -20.20 -21.19 0.94
CA ARG B 979 -19.78 -19.80 1.14
C ARG B 979 -18.28 -19.63 0.92
N GLU B 980 -17.48 -20.57 1.44
CA GLU B 980 -16.02 -20.46 1.38
C GLU B 980 -15.45 -20.86 0.02
N ALA B 981 -16.30 -21.13 -0.97
CA ALA B 981 -15.82 -21.28 -2.34
C ALA B 981 -15.22 -19.98 -2.85
N PHE B 982 -15.97 -18.87 -2.72
CA PHE B 982 -15.59 -17.58 -3.30
C PHE B 982 -14.31 -17.03 -2.68
N ALA B 983 -14.25 -17.04 -1.34
CA ALA B 983 -13.10 -16.50 -0.63
C ALA B 983 -11.83 -17.28 -0.89
N GLU B 984 -11.93 -18.55 -1.28
CA GLU B 984 -10.79 -19.25 -1.85
C GLU B 984 -10.43 -18.71 -3.22
N GLN B 985 -11.39 -18.74 -4.16
CA GLN B 985 -11.11 -18.43 -5.55
C GLN B 985 -11.19 -16.94 -5.87
N PHE B 986 -11.27 -16.08 -4.85
CA PHE B 986 -10.96 -14.66 -5.01
C PHE B 986 -9.68 -14.27 -4.31
N LEU B 987 -9.04 -15.21 -3.60
CA LEU B 987 -7.75 -14.97 -2.98
C LEU B 987 -6.69 -15.94 -3.51
N ARG B 988 -6.90 -16.49 -4.70
CA ARG B 988 -5.89 -17.37 -5.29
C ARG B 988 -4.68 -16.57 -5.75
N GLY B 989 -4.89 -15.34 -6.20
CA GLY B 989 -3.79 -14.47 -6.57
C GLY B 989 -4.31 -13.07 -6.84
N SER B 990 -3.37 -12.15 -7.06
CA SER B 990 -3.75 -10.79 -7.38
C SER B 990 -4.18 -10.67 -8.82
N ASP B 991 -3.31 -11.09 -9.75
CA ASP B 991 -3.64 -11.01 -11.17
C ASP B 991 -4.66 -12.05 -11.60
N TYR B 992 -4.87 -13.09 -10.81
CA TYR B 992 -5.81 -14.13 -11.18
C TYR B 992 -7.24 -13.66 -10.99
N ALA B 993 -7.60 -13.29 -9.75
CA ALA B 993 -8.97 -12.94 -9.42
C ALA B 993 -9.40 -11.59 -10.00
N ILE B 994 -8.44 -10.71 -10.31
CA ILE B 994 -8.80 -9.43 -10.90
C ILE B 994 -9.20 -9.61 -12.36
N ARG B 995 -8.80 -10.70 -13.00
CA ARG B 995 -9.27 -11.04 -14.34
C ARG B 995 -10.56 -11.86 -14.28
N LEU B 996 -10.65 -12.75 -13.28
CA LEU B 996 -11.79 -13.65 -13.15
C LEU B 996 -13.08 -12.90 -12.83
N ALA B 997 -12.98 -11.78 -12.10
CA ALA B 997 -14.13 -10.89 -11.97
C ALA B 997 -14.38 -10.13 -13.27
N ALA B 998 -13.30 -9.64 -13.89
CA ALA B 998 -13.45 -8.82 -15.09
C ALA B 998 -13.90 -9.63 -16.29
N GLN B 999 -13.59 -10.93 -16.31
CA GLN B 999 -14.12 -11.78 -17.36
C GLN B 999 -15.58 -12.12 -17.12
N SER B 1000 -15.98 -12.23 -15.85
CA SER B 1000 -17.34 -12.63 -15.53
C SER B 1000 -18.35 -11.51 -15.72
N THR B 1001 -18.00 -10.28 -15.33
CA THR B 1001 -18.87 -9.14 -15.55
C THR B 1001 -19.02 -8.83 -17.03
N LEU B 1002 -17.99 -9.11 -17.83
CA LEU B 1002 -18.14 -9.11 -19.28
C LEU B 1002 -19.10 -10.20 -19.73
N SER B 1003 -18.92 -11.41 -19.22
CA SER B 1003 -19.72 -12.55 -19.67
C SER B 1003 -21.12 -12.57 -19.08
N PHE B 1004 -21.44 -11.71 -18.10
CA PHE B 1004 -22.81 -11.65 -17.59
C PHE B 1004 -23.68 -10.78 -18.49
N TYR B 1005 -23.22 -9.56 -18.78
CA TYR B 1005 -24.00 -8.63 -19.58
C TYR B 1005 -24.09 -9.08 -21.04
N GLN B 1006 -22.99 -9.60 -21.58
CA GLN B 1006 -22.97 -9.99 -22.99
C GLN B 1006 -23.83 -11.23 -23.24
N ARG B 1007 -23.91 -12.14 -22.26
CA ARG B 1007 -24.85 -13.25 -22.38
C ARG B 1007 -26.28 -12.78 -22.18
N ARG B 1008 -26.47 -11.71 -21.40
CA ARG B 1008 -27.80 -11.16 -21.19
C ARG B 1008 -28.29 -10.36 -22.40
N ARG B 1009 -27.38 -9.92 -23.27
CA ARG B 1009 -27.76 -9.22 -24.48
C ARG B 1009 -27.74 -10.16 -25.68
N LEU B 1021 -22.82 -9.41 -31.03
CA LEU B 1021 -21.70 -8.53 -30.71
C LEU B 1021 -20.36 -9.17 -31.07
N LEU B 1022 -19.35 -8.92 -30.25
CA LEU B 1022 -18.01 -9.41 -30.52
C LEU B 1022 -17.90 -10.90 -30.23
N ARG B 1023 -17.25 -11.62 -31.15
CA ARG B 1023 -16.95 -13.03 -30.94
C ARG B 1023 -15.50 -13.15 -30.47
N SER B 1024 -15.30 -12.77 -29.21
CA SER B 1024 -13.99 -12.78 -28.58
C SER B 1024 -14.09 -13.35 -27.17
N GLY B 1025 -13.16 -14.23 -26.84
CA GLY B 1025 -13.07 -14.78 -25.51
C GLY B 1025 -11.63 -14.73 -25.03
N PRO B 1026 -11.32 -15.52 -24.00
CA PRO B 1026 -9.91 -15.63 -23.56
C PRO B 1026 -9.09 -16.46 -24.54
N TYR B 1027 -7.81 -16.64 -24.23
CA TYR B 1027 -6.91 -17.39 -25.10
C TYR B 1027 -6.77 -18.81 -24.57
N MET B 1028 -7.18 -19.78 -25.39
CA MET B 1028 -6.88 -21.17 -25.12
C MET B 1028 -5.64 -21.56 -25.91
N PRO B 1029 -4.56 -22.00 -25.25
CA PRO B 1029 -3.36 -22.39 -26.00
C PRO B 1029 -3.57 -23.67 -26.79
N GLN B 1030 -3.62 -23.55 -28.11
CA GLN B 1030 -3.75 -24.70 -28.97
C GLN B 1030 -2.47 -25.55 -28.92
N CYS B 1031 -2.67 -26.86 -28.91
CA CYS B 1031 -1.59 -27.84 -28.86
C CYS B 1031 -1.60 -28.65 -30.14
N ASP B 1032 -0.68 -29.59 -30.25
CA ASP B 1032 -0.72 -30.56 -31.34
C ASP B 1032 -1.61 -31.73 -30.95
N ALA B 1033 -1.61 -32.79 -31.77
CA ALA B 1033 -2.31 -34.01 -31.40
C ALA B 1033 -1.47 -34.95 -30.57
N PHE B 1034 -0.14 -34.75 -30.55
CA PHE B 1034 0.72 -35.54 -29.68
C PHE B 1034 0.51 -35.16 -28.23
N GLY B 1035 0.51 -33.86 -27.93
CA GLY B 1035 0.36 -33.39 -26.57
C GLY B 1035 1.29 -32.23 -26.27
N SER B 1036 2.26 -31.99 -27.14
CA SER B 1036 3.25 -30.94 -26.95
C SER B 1036 2.69 -29.60 -27.41
N TRP B 1037 3.56 -28.59 -27.54
CA TRP B 1037 3.17 -27.26 -27.96
C TRP B 1037 3.30 -27.13 -29.47
N GLU B 1038 2.29 -26.55 -30.11
CA GLU B 1038 2.45 -26.09 -31.48
C GLU B 1038 3.42 -24.93 -31.50
N PRO B 1039 4.41 -24.92 -32.40
CA PRO B 1039 5.45 -23.88 -32.34
C PRO B 1039 4.96 -22.49 -32.66
N VAL B 1040 3.85 -22.33 -33.38
CA VAL B 1040 3.24 -21.04 -33.60
C VAL B 1040 2.01 -20.93 -32.69
N GLN B 1041 1.78 -19.73 -32.14
CA GLN B 1041 0.67 -19.50 -31.22
C GLN B 1041 0.00 -18.19 -31.61
N CYS B 1042 -1.21 -18.29 -32.17
CA CYS B 1042 -1.97 -17.12 -32.59
C CYS B 1042 -3.10 -16.83 -31.61
N HIS B 1043 -3.25 -15.57 -31.24
CA HIS B 1043 -4.34 -15.09 -30.40
C HIS B 1043 -5.32 -14.30 -31.25
N ALA B 1044 -6.46 -14.90 -31.57
CA ALA B 1044 -7.56 -14.14 -32.12
C ALA B 1044 -8.11 -13.20 -31.06
N GLY B 1045 -8.54 -12.02 -31.51
CA GLY B 1045 -8.95 -11.00 -30.57
C GLY B 1045 -8.03 -9.80 -30.60
N THR B 1046 -6.73 -10.04 -30.74
CA THR B 1046 -5.74 -8.98 -30.88
C THR B 1046 -5.08 -8.99 -32.25
N GLY B 1047 -4.61 -10.14 -32.69
CA GLY B 1047 -3.79 -10.24 -33.88
C GLY B 1047 -2.38 -10.70 -33.62
N HIS B 1048 -2.03 -11.02 -32.37
CA HIS B 1048 -0.68 -11.44 -32.02
C HIS B 1048 -0.52 -12.93 -32.33
N CYS B 1049 0.32 -13.23 -33.32
CA CYS B 1049 0.77 -14.59 -33.60
C CYS B 1049 2.23 -14.67 -33.18
N TRP B 1050 2.47 -15.20 -31.99
CA TRP B 1050 3.83 -15.34 -31.50
C TRP B 1050 4.21 -16.82 -31.52
N CYS B 1051 5.39 -17.13 -30.98
CA CYS B 1051 5.90 -18.49 -31.00
C CYS B 1051 6.32 -18.93 -29.61
N VAL B 1052 6.10 -20.21 -29.32
CA VAL B 1052 6.31 -20.79 -27.99
C VAL B 1052 7.04 -22.11 -28.16
N ASP B 1053 8.11 -22.31 -27.40
CA ASP B 1053 8.90 -23.53 -27.41
C ASP B 1053 8.96 -24.15 -26.01
N GLU B 1054 9.17 -25.47 -25.98
CA GLU B 1054 9.78 -26.19 -24.87
C GLU B 1054 9.00 -26.03 -23.56
N LYS B 1055 7.85 -26.71 -23.52
CA LYS B 1055 6.91 -26.79 -22.38
C LYS B 1055 6.45 -25.41 -21.90
N GLY B 1056 6.19 -24.53 -22.86
CA GLY B 1056 5.70 -23.20 -22.57
C GLY B 1056 6.82 -22.18 -22.45
N GLY B 1057 6.44 -20.93 -22.63
CA GLY B 1057 7.40 -19.85 -22.55
C GLY B 1057 7.62 -19.16 -23.88
N PHE B 1058 7.22 -17.89 -23.96
CA PHE B 1058 7.46 -17.05 -25.12
C PHE B 1058 8.94 -16.85 -25.38
N ILE B 1059 9.44 -17.38 -26.49
CA ILE B 1059 10.79 -17.04 -26.97
C ILE B 1059 10.81 -15.58 -27.39
N PRO B 1060 11.81 -14.79 -26.98
CA PRO B 1060 11.75 -13.35 -27.21
C PRO B 1060 11.95 -12.96 -28.66
N GLY B 1061 11.37 -11.82 -29.02
CA GLY B 1061 11.46 -11.25 -30.34
C GLY B 1061 10.43 -11.72 -31.35
N SER B 1062 10.05 -12.99 -31.29
CA SER B 1062 9.15 -13.57 -32.28
C SER B 1062 7.71 -13.21 -31.95
N LEU B 1063 7.36 -11.95 -32.23
CA LEU B 1063 6.00 -11.47 -32.12
C LEU B 1063 5.60 -10.89 -33.48
N THR B 1064 4.35 -11.15 -33.87
CA THR B 1064 3.82 -10.68 -35.14
C THR B 1064 2.44 -10.11 -34.91
N ALA B 1065 2.27 -8.84 -35.25
CA ALA B 1065 1.03 -8.12 -35.00
C ALA B 1065 0.37 -7.83 -36.35
N ARG B 1066 -0.64 -8.62 -36.70
CA ARG B 1066 -1.52 -8.41 -37.86
C ARG B 1066 -0.73 -8.40 -39.17
N SER B 1067 -0.19 -9.57 -39.54
CA SER B 1067 0.44 -9.74 -40.83
C SER B 1067 -0.32 -10.74 -41.69
N LEU B 1068 -0.07 -10.69 -43.00
CA LEU B 1068 -0.75 -11.58 -43.94
C LEU B 1068 -0.23 -13.00 -43.84
N GLN B 1069 1.09 -13.17 -43.74
CA GLN B 1069 1.68 -14.49 -43.71
C GLN B 1069 1.75 -15.03 -42.29
N ILE B 1070 1.65 -16.35 -42.18
CA ILE B 1070 1.80 -17.00 -40.87
C ILE B 1070 3.27 -16.94 -40.44
N PRO B 1071 3.57 -16.67 -39.17
CA PRO B 1071 4.97 -16.64 -38.74
C PRO B 1071 5.58 -18.03 -38.70
N GLN B 1072 6.42 -18.36 -39.68
CA GLN B 1072 7.20 -19.59 -39.57
C GLN B 1072 8.32 -19.38 -38.55
N CYS B 1073 8.44 -20.33 -37.63
CA CYS B 1073 9.38 -20.24 -36.53
C CYS B 1073 9.69 -21.67 -36.12
N PRO B 1074 10.93 -21.96 -35.70
CA PRO B 1074 11.42 -23.34 -35.73
C PRO B 1074 10.83 -24.20 -34.62
N THR B 1075 10.98 -25.51 -34.84
CA THR B 1075 10.47 -26.55 -33.95
C THR B 1075 11.42 -26.80 -32.78
N THR B 1076 11.21 -27.92 -32.10
CA THR B 1076 12.10 -28.27 -30.99
C THR B 1076 13.47 -28.75 -31.45
N CYS B 1077 13.64 -29.11 -32.73
CA CYS B 1077 14.92 -29.57 -33.26
C CYS B 1077 15.61 -28.57 -34.17
N GLU B 1078 14.86 -27.92 -35.07
CA GLU B 1078 15.45 -26.93 -35.96
C GLU B 1078 16.01 -25.74 -35.20
N LYS B 1079 15.43 -25.43 -34.05
CA LYS B 1079 16.03 -24.48 -33.13
C LYS B 1079 17.29 -25.05 -32.49
N SER B 1080 17.33 -26.36 -32.24
CA SER B 1080 18.50 -26.98 -31.64
C SER B 1080 19.58 -27.31 -32.66
N ARG B 1081 19.19 -27.65 -33.90
CA ARG B 1081 20.18 -27.87 -34.95
C ARG B 1081 20.87 -26.58 -35.35
N THR B 1082 20.16 -25.45 -35.31
CA THR B 1082 20.77 -24.15 -35.53
C THR B 1082 21.81 -23.85 -34.46
N SER B 1083 21.50 -24.16 -33.20
CA SER B 1083 22.47 -23.95 -32.14
C SER B 1083 23.65 -24.90 -32.24
N GLY B 1084 23.45 -26.07 -32.85
CA GLY B 1084 24.55 -27.01 -33.01
C GLY B 1084 25.50 -26.63 -34.13
N LEU B 1085 24.99 -26.01 -35.19
CA LEU B 1085 25.82 -25.62 -36.33
C LEU B 1085 26.51 -24.27 -36.13
N LEU B 1086 25.80 -23.31 -35.54
CA LEU B 1086 26.30 -21.95 -35.46
C LEU B 1086 27.36 -21.80 -34.35
N SER B 1087 27.05 -22.27 -33.14
CA SER B 1087 27.93 -22.02 -32.02
C SER B 1087 28.18 -23.27 -31.16
N SER B 1088 27.99 -24.46 -31.73
CA SER B 1088 28.46 -25.74 -31.20
C SER B 1088 27.83 -26.11 -29.86
N TRP B 1089 26.66 -25.57 -29.52
CA TRP B 1089 25.94 -25.99 -28.33
C TRP B 1089 25.23 -27.31 -28.64
N LYS B 1090 25.98 -28.39 -28.50
CA LYS B 1090 25.48 -29.71 -28.84
C LYS B 1090 24.62 -30.27 -27.71
N GLN B 1091 23.82 -31.28 -28.04
CA GLN B 1091 23.10 -32.05 -27.04
C GLN B 1091 23.98 -33.22 -26.61
N ALA B 1092 23.43 -34.12 -25.79
CA ALA B 1092 24.20 -35.24 -25.28
C ALA B 1092 23.30 -36.46 -25.16
N ARG B 1093 23.94 -37.63 -25.07
CA ARG B 1093 23.24 -38.88 -24.80
C ARG B 1093 23.49 -39.31 -23.36
N SER B 1094 22.44 -39.84 -22.73
CA SER B 1094 22.41 -40.56 -21.45
C SER B 1094 22.67 -39.68 -20.22
N GLN B 1095 23.10 -38.43 -20.42
CA GLN B 1095 23.04 -37.31 -19.48
C GLN B 1095 23.84 -37.51 -18.17
N GLU B 1096 24.49 -38.66 -17.98
CA GLU B 1096 25.07 -38.96 -16.68
C GLU B 1096 26.46 -38.34 -16.51
N ASN B 1097 27.37 -38.58 -17.45
CA ASN B 1097 28.71 -37.99 -17.47
C ASN B 1097 29.24 -38.12 -18.89
N PRO B 1098 28.79 -37.29 -19.83
CA PRO B 1098 29.09 -37.55 -21.25
C PRO B 1098 30.52 -37.16 -21.60
N SER B 1099 31.23 -38.11 -22.19
CA SER B 1099 32.46 -37.81 -22.89
C SER B 1099 32.14 -36.97 -24.12
N PRO B 1100 33.08 -36.17 -24.62
CA PRO B 1100 32.81 -35.37 -25.83
C PRO B 1100 32.54 -36.18 -27.10
N LYS B 1101 32.84 -37.48 -27.12
CA LYS B 1101 32.38 -38.32 -28.22
C LYS B 1101 30.90 -38.66 -28.11
N ASP B 1102 30.28 -38.45 -26.95
CA ASP B 1102 28.87 -38.76 -26.74
C ASP B 1102 27.95 -37.61 -27.12
N LEU B 1103 28.50 -36.49 -27.58
CA LEU B 1103 27.67 -35.36 -27.97
C LEU B 1103 27.18 -35.55 -29.40
N PHE B 1104 26.17 -34.78 -29.78
CA PHE B 1104 25.68 -34.84 -31.16
C PHE B 1104 25.02 -33.52 -31.53
N VAL B 1105 25.26 -33.09 -32.76
CA VAL B 1105 24.40 -32.07 -33.38
C VAL B 1105 23.19 -32.78 -33.98
N PRO B 1106 21.97 -32.34 -33.65
CA PRO B 1106 20.78 -33.09 -34.10
C PRO B 1106 20.57 -32.95 -35.60
N ALA B 1107 20.27 -34.07 -36.24
CA ALA B 1107 19.88 -34.12 -37.64
C ALA B 1107 18.39 -34.36 -37.72
N CYS B 1108 17.68 -33.53 -38.48
CA CYS B 1108 16.23 -33.57 -38.49
C CYS B 1108 15.70 -33.36 -39.89
N LEU B 1109 14.40 -33.60 -40.04
CA LEU B 1109 13.72 -33.69 -41.32
C LEU B 1109 13.24 -32.30 -41.76
N GLU B 1110 12.36 -32.26 -42.78
CA GLU B 1110 11.77 -30.99 -43.20
C GLU B 1110 10.83 -30.43 -42.15
N THR B 1111 10.18 -31.30 -41.37
CA THR B 1111 9.54 -30.91 -40.12
C THR B 1111 10.38 -31.41 -38.95
N GLY B 1112 10.04 -30.94 -37.77
CA GLY B 1112 10.93 -31.09 -36.63
C GLY B 1112 10.95 -32.40 -35.88
N GLU B 1113 10.66 -33.50 -36.56
CA GLU B 1113 10.86 -34.80 -35.93
C GLU B 1113 12.34 -35.13 -35.85
N TYR B 1114 12.73 -35.84 -34.81
CA TYR B 1114 14.14 -36.04 -34.51
C TYR B 1114 14.84 -37.08 -35.37
N ALA B 1115 14.17 -37.61 -36.41
CA ALA B 1115 14.82 -38.29 -37.54
C ALA B 1115 15.65 -39.49 -37.13
N ARG B 1116 14.95 -40.60 -36.81
CA ARG B 1116 15.50 -41.89 -36.36
C ARG B 1116 16.80 -42.27 -37.05
N LEU B 1117 17.74 -42.79 -36.24
CA LEU B 1117 19.15 -43.01 -36.59
C LEU B 1117 19.84 -41.69 -36.99
N GLN B 1118 19.93 -40.81 -36.00
CA GLN B 1118 20.82 -39.65 -36.07
C GLN B 1118 22.12 -39.98 -35.35
N ALA B 1119 23.21 -39.40 -35.84
CA ALA B 1119 24.53 -39.87 -35.44
C ALA B 1119 25.56 -38.76 -35.44
N SER B 1120 26.40 -38.76 -34.41
CA SER B 1120 27.62 -37.94 -34.34
C SER B 1120 28.51 -38.52 -33.24
N GLY B 1121 29.81 -38.36 -33.43
CA GLY B 1121 30.77 -38.69 -32.39
C GLY B 1121 31.19 -40.16 -32.34
N ALA B 1122 30.69 -40.89 -31.34
CA ALA B 1122 31.13 -42.26 -31.12
C ALA B 1122 30.58 -43.21 -32.17
N GLY B 1123 29.33 -43.02 -32.58
CA GLY B 1123 28.74 -43.90 -33.57
C GLY B 1123 27.32 -43.52 -33.94
N THR B 1124 26.47 -44.52 -34.17
CA THR B 1124 25.11 -44.29 -34.60
C THR B 1124 24.14 -44.96 -33.63
N TRP B 1125 23.27 -44.16 -33.03
CA TRP B 1125 22.18 -44.65 -32.20
C TRP B 1125 20.88 -44.05 -32.73
N CYS B 1126 19.76 -44.40 -32.09
CA CYS B 1126 18.44 -44.11 -32.62
C CYS B 1126 17.65 -43.31 -31.58
N VAL B 1127 16.99 -42.24 -32.04
CA VAL B 1127 16.30 -41.29 -31.16
C VAL B 1127 14.89 -41.08 -31.69
N ASP B 1128 13.90 -41.26 -30.82
CA ASP B 1128 12.50 -41.15 -31.22
C ASP B 1128 12.13 -39.70 -31.53
N PRO B 1129 11.11 -39.48 -32.36
CA PRO B 1129 10.67 -38.10 -32.63
C PRO B 1129 10.05 -37.43 -31.40
N ALA B 1130 10.03 -36.10 -31.46
CA ALA B 1130 9.45 -35.17 -30.50
C ALA B 1130 10.10 -35.21 -29.11
N SER B 1131 11.23 -35.90 -28.96
CA SER B 1131 11.95 -35.99 -27.69
C SER B 1131 13.37 -36.40 -27.99
N GLY B 1132 14.33 -35.57 -27.59
CA GLY B 1132 15.71 -35.76 -28.03
C GLY B 1132 16.44 -36.91 -27.39
N GLU B 1133 15.86 -37.57 -26.39
CA GLU B 1133 16.51 -38.70 -25.76
C GLU B 1133 16.35 -39.96 -26.62
N GLU B 1134 17.30 -40.86 -26.49
CA GLU B 1134 17.28 -42.08 -27.28
C GLU B 1134 16.26 -43.07 -26.72
N LEU B 1135 15.70 -43.88 -27.61
CA LEU B 1135 14.72 -44.89 -27.24
C LEU B 1135 15.47 -46.14 -26.75
N ARG B 1136 15.87 -46.09 -25.49
CA ARG B 1136 16.58 -47.20 -24.86
C ARG B 1136 15.62 -48.34 -24.59
N PRO B 1137 15.82 -49.52 -25.19
CA PRO B 1137 14.89 -50.66 -24.99
C PRO B 1137 15.06 -51.31 -23.62
N ALA B 1143 22.05 -53.54 -34.16
CA ALA B 1143 20.93 -53.94 -35.00
C ALA B 1143 20.03 -52.74 -35.31
N GLN B 1144 18.90 -53.01 -35.95
CA GLN B 1144 17.95 -51.96 -36.28
C GLN B 1144 17.18 -51.53 -35.03
N CYS B 1145 17.02 -50.22 -34.86
CA CYS B 1145 16.31 -49.72 -33.69
C CYS B 1145 14.81 -49.99 -33.85
N PRO B 1146 14.12 -50.35 -32.75
CA PRO B 1146 12.72 -50.76 -32.86
C PRO B 1146 11.80 -49.60 -33.21
N SER B 1147 10.65 -49.95 -33.79
CA SER B 1147 9.74 -48.97 -34.35
C SER B 1147 8.95 -48.27 -33.24
N LEU B 1148 8.11 -47.32 -33.64
CA LEU B 1148 7.48 -46.41 -32.69
C LEU B 1148 6.37 -47.09 -31.90
N CYS B 1149 5.59 -47.97 -32.55
CA CYS B 1149 4.61 -48.77 -31.81
C CYS B 1149 5.28 -49.73 -30.85
N ASN B 1150 6.44 -50.27 -31.25
CA ASN B 1150 7.08 -51.31 -30.46
C ASN B 1150 7.74 -50.74 -29.21
N VAL B 1151 8.23 -49.50 -29.29
CA VAL B 1151 8.80 -48.86 -28.10
C VAL B 1151 7.68 -48.28 -27.22
N LEU B 1152 6.54 -47.93 -27.81
CA LEU B 1152 5.45 -47.37 -27.02
C LEU B 1152 4.65 -48.49 -26.34
N LYS B 1153 4.60 -49.67 -26.94
CA LYS B 1153 4.05 -50.83 -26.25
C LYS B 1153 4.91 -51.21 -25.05
N SER B 1154 6.22 -51.09 -25.18
CA SER B 1154 7.14 -51.27 -24.06
C SER B 1154 7.32 -50.00 -23.24
N GLY B 1155 6.53 -48.96 -23.52
CA GLY B 1155 6.54 -47.76 -22.71
C GLY B 1155 5.27 -47.60 -21.91
N VAL B 1156 4.20 -48.24 -22.38
CA VAL B 1156 2.92 -48.25 -21.65
C VAL B 1156 2.84 -49.44 -20.72
N LEU B 1157 3.22 -50.63 -21.20
CA LEU B 1157 3.19 -51.82 -20.35
C LEU B 1157 4.25 -51.76 -19.26
N SER B 1158 5.37 -51.08 -19.53
CA SER B 1158 6.35 -50.82 -18.49
C SER B 1158 5.96 -49.65 -17.59
N ARG B 1159 4.94 -48.88 -18.00
CA ARG B 1159 4.37 -47.75 -17.25
C ARG B 1159 5.43 -46.70 -16.94
N ARG B 1160 5.93 -46.10 -18.03
CA ARG B 1160 6.79 -44.93 -17.99
C ARG B 1160 6.20 -43.77 -18.76
N VAL B 1161 5.61 -44.04 -19.92
CA VAL B 1161 4.78 -43.08 -20.63
C VAL B 1161 3.36 -43.64 -20.68
N SER B 1162 2.40 -42.74 -20.84
CA SER B 1162 1.00 -43.18 -20.73
C SER B 1162 0.04 -42.29 -21.52
N PRO B 1163 -0.25 -42.63 -22.77
CA PRO B 1163 -1.33 -41.93 -23.48
C PRO B 1163 -2.70 -42.37 -23.00
N GLY B 1164 -2.83 -43.63 -22.60
CA GLY B 1164 -4.09 -44.12 -22.08
C GLY B 1164 -4.54 -45.44 -22.68
N TYR B 1165 -3.66 -46.12 -23.40
CA TYR B 1165 -4.02 -47.34 -24.11
C TYR B 1165 -2.78 -48.17 -24.37
N VAL B 1166 -2.97 -49.47 -24.53
CA VAL B 1166 -1.94 -50.35 -25.07
C VAL B 1166 -1.90 -50.14 -26.57
N PRO B 1167 -0.76 -49.78 -27.16
CA PRO B 1167 -0.68 -49.66 -28.62
C PRO B 1167 -0.80 -51.01 -29.30
N ALA B 1168 -1.30 -50.98 -30.53
CA ALA B 1168 -1.58 -52.18 -31.30
C ALA B 1168 -0.73 -52.16 -32.57
N CYS B 1169 0.41 -52.85 -32.51
CA CYS B 1169 1.25 -53.01 -33.69
C CYS B 1169 0.63 -54.02 -34.65
N ARG B 1170 1.10 -54.00 -35.89
CA ARG B 1170 0.82 -55.13 -36.77
C ARG B 1170 1.99 -56.10 -36.71
N ALA B 1171 1.83 -57.24 -37.39
CA ALA B 1171 2.73 -58.37 -37.19
C ALA B 1171 4.11 -58.17 -37.82
N GLU B 1172 4.23 -57.28 -38.81
CA GLU B 1172 5.53 -57.03 -39.44
C GLU B 1172 5.64 -55.55 -39.78
N ASP B 1173 6.83 -54.99 -39.52
CA ASP B 1173 7.19 -53.58 -39.76
C ASP B 1173 6.18 -52.65 -39.08
N GLY B 1174 6.20 -52.69 -37.75
CA GLY B 1174 5.16 -52.07 -36.95
C GLY B 1174 5.03 -50.57 -37.10
N GLY B 1175 3.99 -50.17 -37.83
CA GLY B 1175 3.63 -48.77 -37.94
C GLY B 1175 2.55 -48.53 -36.91
N PHE B 1176 1.31 -48.34 -37.35
CA PHE B 1176 0.16 -48.35 -36.46
C PHE B 1176 -1.00 -48.98 -37.21
N SER B 1177 -1.45 -50.13 -36.75
CA SER B 1177 -2.64 -50.77 -37.31
C SER B 1177 -3.86 -49.92 -36.99
N PRO B 1178 -4.60 -49.42 -37.98
CA PRO B 1178 -5.58 -48.34 -37.71
C PRO B 1178 -6.88 -48.78 -37.05
N VAL B 1179 -6.79 -49.62 -36.02
CA VAL B 1179 -7.91 -49.90 -35.12
C VAL B 1179 -7.33 -49.87 -33.71
N GLN B 1180 -7.36 -48.70 -33.07
CA GLN B 1180 -6.58 -48.46 -31.86
C GLN B 1180 -7.51 -48.07 -30.72
N CYS B 1181 -7.51 -48.87 -29.66
CA CYS B 1181 -8.33 -48.62 -28.48
C CYS B 1181 -7.77 -49.37 -27.28
N ASP B 1182 -8.37 -49.09 -26.13
CA ASP B 1182 -7.81 -49.41 -24.82
C ASP B 1182 -8.31 -50.75 -24.29
N GLN B 1183 -8.10 -50.98 -23.00
CA GLN B 1183 -8.72 -52.10 -22.28
C GLN B 1183 -10.24 -51.90 -22.25
N ALA B 1184 -10.97 -53.01 -22.36
CA ALA B 1184 -12.42 -53.13 -22.29
C ALA B 1184 -13.15 -52.40 -23.42
N GLN B 1185 -12.43 -52.00 -24.47
CA GLN B 1185 -12.97 -51.46 -25.73
C GLN B 1185 -13.79 -50.19 -25.48
N GLY B 1186 -13.10 -49.15 -25.02
CA GLY B 1186 -13.74 -47.88 -24.74
C GLY B 1186 -14.18 -47.14 -25.98
N SER B 1187 -13.22 -46.71 -26.79
CA SER B 1187 -13.49 -45.98 -28.02
C SER B 1187 -12.34 -46.22 -28.98
N CYS B 1188 -12.65 -46.76 -30.17
CA CYS B 1188 -11.64 -47.08 -31.16
C CYS B 1188 -11.61 -46.00 -32.22
N TRP B 1189 -10.40 -45.63 -32.65
CA TRP B 1189 -10.18 -44.49 -33.52
C TRP B 1189 -9.07 -44.82 -34.51
N CYS B 1190 -8.81 -43.89 -35.43
CA CYS B 1190 -7.96 -44.14 -36.58
C CYS B 1190 -6.72 -43.27 -36.54
N VAL B 1191 -5.62 -43.82 -37.05
CA VAL B 1191 -4.30 -43.27 -36.82
C VAL B 1191 -3.77 -42.65 -38.09
N MET B 1192 -2.73 -41.84 -37.94
CA MET B 1192 -1.84 -41.46 -39.03
C MET B 1192 -0.61 -42.37 -38.99
N ASP B 1193 0.41 -42.03 -39.77
CA ASP B 1193 1.64 -42.80 -39.72
C ASP B 1193 2.39 -42.56 -38.42
N SER B 1194 2.36 -41.33 -37.91
CA SER B 1194 2.99 -41.02 -36.63
C SER B 1194 2.19 -41.55 -35.45
N GLY B 1195 0.89 -41.81 -35.62
CA GLY B 1195 0.07 -42.40 -34.59
C GLY B 1195 -1.00 -41.48 -34.04
N GLU B 1196 -1.00 -40.21 -34.43
CA GLU B 1196 -1.91 -39.24 -33.86
C GLU B 1196 -3.31 -39.39 -34.44
N GLU B 1197 -4.27 -38.79 -33.75
CA GLU B 1197 -5.67 -38.89 -34.15
C GLU B 1197 -5.92 -38.04 -35.39
N VAL B 1198 -6.84 -38.51 -36.23
CA VAL B 1198 -6.98 -38.00 -37.59
C VAL B 1198 -7.67 -36.65 -37.75
N PRO B 1199 -8.71 -36.24 -36.98
CA PRO B 1199 -9.63 -36.79 -35.96
C PRO B 1199 -10.89 -37.39 -36.55
N GLY B 1200 -11.85 -37.71 -35.69
CA GLY B 1200 -13.01 -38.48 -36.08
C GLY B 1200 -12.90 -39.87 -35.48
N THR B 1201 -13.58 -40.08 -34.37
CA THR B 1201 -13.44 -41.30 -33.58
C THR B 1201 -14.76 -42.05 -33.54
N ARG B 1202 -14.70 -43.28 -33.03
CA ARG B 1202 -15.88 -44.12 -32.93
C ARG B 1202 -15.90 -44.79 -31.56
N VAL B 1203 -17.07 -45.31 -31.20
CA VAL B 1203 -17.25 -46.11 -30.00
C VAL B 1203 -17.37 -47.56 -30.47
N THR B 1204 -17.17 -48.51 -29.55
CA THR B 1204 -17.01 -49.92 -29.89
C THR B 1204 -18.26 -50.58 -30.47
N GLY B 1205 -19.40 -49.89 -30.52
CA GLY B 1205 -20.53 -50.39 -31.28
C GLY B 1205 -20.25 -50.45 -32.77
N GLY B 1206 -19.50 -49.48 -33.27
CA GLY B 1206 -19.04 -49.50 -34.65
C GLY B 1206 -17.53 -49.42 -34.75
N GLN B 1207 -16.90 -50.50 -35.21
CA GLN B 1207 -15.45 -50.53 -35.35
C GLN B 1207 -15.04 -49.68 -36.54
N PRO B 1208 -14.19 -48.66 -36.35
CA PRO B 1208 -13.85 -47.76 -37.47
C PRO B 1208 -12.95 -48.40 -38.51
N ALA B 1209 -13.51 -48.70 -39.68
CA ALA B 1209 -12.73 -49.25 -40.77
C ALA B 1209 -11.90 -48.14 -41.41
N CYS B 1210 -10.59 -48.17 -41.16
CA CYS B 1210 -9.65 -47.22 -41.76
C CYS B 1210 -8.54 -48.03 -42.42
N GLU B 1211 -8.62 -48.13 -43.74
CA GLU B 1211 -7.78 -49.02 -44.52
C GLU B 1211 -7.01 -48.21 -45.57
N SER B 1212 -6.38 -48.92 -46.49
CA SER B 1212 -5.66 -48.30 -47.59
C SER B 1212 -6.64 -47.61 -48.53
N PRO B 1213 -6.16 -46.61 -49.31
CA PRO B 1213 -7.06 -45.99 -50.30
C PRO B 1213 -7.47 -46.93 -51.42
N ARG B 1214 -6.56 -47.79 -51.89
CA ARG B 1214 -6.66 -48.75 -52.99
C ARG B 1214 -6.75 -48.09 -54.37
N CYS B 1215 -6.81 -46.76 -54.45
CA CYS B 1215 -6.64 -45.96 -55.65
C CYS B 1215 -5.31 -45.22 -55.57
N PRO B 1216 -4.55 -45.16 -56.65
CA PRO B 1216 -3.28 -44.43 -56.62
C PRO B 1216 -3.50 -42.93 -56.51
N LEU B 1217 -2.55 -42.26 -55.88
CA LEU B 1217 -2.65 -40.83 -55.67
C LEU B 1217 -2.34 -40.08 -56.96
N PRO B 1218 -2.98 -38.93 -57.19
CA PRO B 1218 -2.70 -38.16 -58.41
C PRO B 1218 -1.32 -37.55 -58.38
N PHE B 1219 -0.76 -37.38 -59.59
CA PHE B 1219 0.51 -36.67 -59.85
C PHE B 1219 1.70 -37.34 -59.17
N ASN B 1220 1.59 -38.65 -58.95
CA ASN B 1220 2.61 -39.50 -58.31
C ASN B 1220 2.98 -38.95 -56.93
N ALA B 1221 2.00 -38.94 -56.04
CA ALA B 1221 2.21 -38.50 -54.67
C ALA B 1221 2.48 -39.71 -53.78
N SER B 1222 3.40 -39.55 -52.83
CA SER B 1222 3.69 -40.62 -51.89
C SER B 1222 2.54 -40.78 -50.90
N GLU B 1223 2.30 -39.75 -50.09
CA GLU B 1223 1.12 -39.66 -49.24
C GLU B 1223 0.63 -38.23 -49.24
N VAL B 1224 -0.67 -38.05 -48.98
CA VAL B 1224 -1.21 -36.71 -48.83
C VAL B 1224 -0.69 -36.10 -47.53
N VAL B 1225 -0.12 -34.90 -47.63
CA VAL B 1225 0.48 -34.27 -46.46
C VAL B 1225 -0.63 -33.73 -45.56
N GLY B 1226 -0.45 -33.92 -44.25
CA GLY B 1226 -1.42 -33.43 -43.29
C GLY B 1226 -2.72 -34.21 -43.23
N GLY B 1227 -2.67 -35.52 -43.48
CA GLY B 1227 -3.87 -36.31 -43.36
C GLY B 1227 -3.72 -37.67 -43.99
N THR B 1228 -4.69 -38.53 -43.70
CA THR B 1228 -4.80 -39.87 -44.25
C THR B 1228 -6.10 -39.98 -45.04
N ILE B 1229 -6.41 -41.20 -45.46
CA ILE B 1229 -7.60 -41.49 -46.26
C ILE B 1229 -8.38 -42.58 -45.53
N LEU B 1230 -9.46 -42.19 -44.86
CA LEU B 1230 -10.40 -43.16 -44.31
C LEU B 1230 -11.14 -43.85 -45.44
N CYS B 1231 -11.32 -45.17 -45.33
CA CYS B 1231 -12.02 -45.93 -46.36
C CYS B 1231 -12.92 -46.98 -45.74
N GLU B 1232 -14.19 -46.94 -46.14
CA GLU B 1232 -15.21 -47.93 -45.78
C GLU B 1232 -15.63 -48.65 -47.06
N THR B 1233 -14.63 -49.00 -47.89
CA THR B 1233 -14.74 -49.11 -49.35
C THR B 1233 -15.39 -47.85 -49.95
N GLN B 1244 -15.07 -46.71 -49.34
CA GLN B 1244 -15.66 -45.41 -49.64
C GLN B 1244 -14.73 -44.41 -49.01
N CYS B 1245 -14.05 -43.62 -49.84
CA CYS B 1245 -12.84 -42.95 -49.38
C CYS B 1245 -12.97 -41.44 -49.46
N GLN B 1246 -12.34 -40.76 -48.50
CA GLN B 1246 -12.39 -39.31 -48.41
C GLN B 1246 -11.09 -38.82 -47.78
N LEU B 1247 -10.90 -37.51 -47.80
CA LEU B 1247 -9.71 -36.88 -47.24
C LEU B 1247 -10.03 -36.28 -45.89
N LEU B 1248 -9.36 -36.77 -44.85
CA LEU B 1248 -9.46 -36.22 -43.51
C LEU B 1248 -8.23 -35.37 -43.24
N CYS B 1249 -8.39 -34.05 -43.25
CA CYS B 1249 -7.32 -33.15 -42.86
C CYS B 1249 -7.02 -33.32 -41.37
N ARG B 1250 -5.75 -33.09 -41.01
CA ARG B 1250 -5.28 -33.37 -39.66
C ARG B 1250 -5.84 -32.37 -38.65
N GLN B 1251 -5.61 -32.68 -37.38
CA GLN B 1251 -6.00 -31.79 -36.28
C GLN B 1251 -5.05 -30.60 -36.26
N GLY B 1252 -5.55 -29.43 -36.66
CA GLY B 1252 -4.72 -28.25 -36.76
C GLY B 1252 -4.70 -27.72 -38.17
N SER B 1253 -5.69 -28.10 -38.97
CA SER B 1253 -5.80 -27.66 -40.35
C SER B 1253 -7.24 -27.80 -40.81
N TRP B 1254 -7.51 -27.28 -42.00
CA TRP B 1254 -8.79 -27.45 -42.68
C TRP B 1254 -8.53 -27.75 -44.14
N SER B 1255 -9.38 -28.59 -44.72
CA SER B 1255 -9.35 -28.81 -46.15
C SER B 1255 -9.84 -27.56 -46.88
N VAL B 1256 -9.12 -27.16 -47.93
CA VAL B 1256 -9.45 -25.94 -48.65
C VAL B 1256 -10.75 -26.11 -49.44
N PHE B 1257 -10.80 -27.12 -50.25
CA PHE B 1257 -12.07 -27.50 -50.85
C PHE B 1257 -12.76 -28.51 -49.95
N PRO B 1258 -14.10 -28.57 -49.96
CA PRO B 1258 -14.81 -29.54 -49.13
C PRO B 1258 -14.61 -30.96 -49.64
N PRO B 1259 -14.23 -31.90 -48.76
CA PRO B 1259 -14.06 -33.30 -49.20
C PRO B 1259 -15.39 -33.97 -49.46
N GLY B 1260 -15.69 -34.23 -50.73
CA GLY B 1260 -16.88 -34.97 -51.09
C GLY B 1260 -16.73 -36.43 -50.72
N PRO B 1261 -17.85 -37.13 -50.53
CA PRO B 1261 -17.77 -38.56 -50.24
C PRO B 1261 -17.38 -39.36 -51.47
N LEU B 1262 -16.08 -39.38 -51.79
CA LEU B 1262 -15.58 -39.97 -53.01
C LEU B 1262 -15.60 -41.50 -52.92
N ILE B 1263 -15.39 -42.14 -54.06
CA ILE B 1263 -15.60 -43.58 -54.20
C ILE B 1263 -14.34 -44.21 -54.78
N CYS B 1264 -13.77 -45.16 -54.04
CA CYS B 1264 -12.78 -46.10 -54.56
C CYS B 1264 -13.23 -47.52 -54.22
N SER B 1265 -14.49 -47.82 -54.56
CA SER B 1265 -15.10 -49.12 -54.26
C SER B 1265 -14.77 -50.14 -55.36
N LEU B 1266 -13.45 -50.36 -55.54
CA LEU B 1266 -12.86 -51.17 -56.61
C LEU B 1266 -13.37 -50.70 -57.98
N GLU B 1267 -13.15 -49.41 -58.24
CA GLU B 1267 -13.56 -48.79 -59.50
C GLU B 1267 -12.41 -48.78 -60.50
N SER B 1268 -11.79 -49.97 -60.71
CA SER B 1268 -10.64 -50.20 -61.59
C SER B 1268 -9.44 -49.31 -61.22
N GLY B 1269 -9.33 -48.92 -59.96
CA GLY B 1269 -8.20 -48.15 -59.47
C GLY B 1269 -8.10 -46.73 -59.99
N ARG B 1270 -9.19 -45.96 -59.89
CA ARG B 1270 -9.19 -44.57 -60.31
C ARG B 1270 -10.35 -43.85 -59.62
N TRP B 1271 -10.32 -42.53 -59.70
CA TRP B 1271 -11.35 -41.68 -59.12
C TRP B 1271 -12.32 -41.23 -60.20
N GLU B 1272 -13.31 -40.42 -59.80
CA GLU B 1272 -14.24 -39.85 -60.76
C GLU B 1272 -14.72 -38.48 -60.28
N SER B 1273 -14.82 -37.54 -61.22
CA SER B 1273 -15.47 -36.24 -61.10
C SER B 1273 -14.80 -35.24 -60.15
N GLN B 1274 -13.77 -35.69 -59.42
CA GLN B 1274 -13.00 -34.90 -58.48
C GLN B 1274 -11.81 -35.75 -58.03
N LEU B 1275 -10.66 -35.12 -57.90
CA LEU B 1275 -9.48 -35.88 -57.51
C LEU B 1275 -9.03 -35.45 -56.11
N PRO B 1276 -8.58 -36.40 -55.28
CA PRO B 1276 -7.96 -36.01 -54.00
C PRO B 1276 -6.57 -35.44 -54.23
N GLN B 1277 -6.49 -34.14 -54.51
CA GLN B 1277 -5.23 -33.49 -54.83
C GLN B 1277 -4.27 -33.53 -53.64
N PRO B 1278 -2.97 -33.58 -53.89
CA PRO B 1278 -2.00 -33.42 -52.81
C PRO B 1278 -1.97 -31.98 -52.32
N ARG B 1279 -1.35 -31.80 -51.15
CA ARG B 1279 -1.21 -30.51 -50.45
C ARG B 1279 -2.57 -29.85 -50.20
N ALA B 1280 -3.61 -30.64 -49.99
CA ALA B 1280 -4.98 -30.13 -49.97
C ALA B 1280 -5.43 -29.68 -48.59
N CYS B 1281 -4.49 -29.39 -47.69
CA CYS B 1281 -4.83 -28.81 -46.40
C CYS B 1281 -3.67 -27.93 -45.94
N GLN B 1282 -4.02 -26.77 -45.38
CA GLN B 1282 -3.05 -25.84 -44.85
C GLN B 1282 -3.46 -25.46 -43.44
N ARG B 1283 -2.49 -24.98 -42.66
CA ARG B 1283 -2.78 -24.56 -41.30
C ARG B 1283 -3.59 -23.26 -41.33
N PRO B 1284 -4.60 -23.13 -40.47
CA PRO B 1284 -5.49 -21.96 -40.55
C PRO B 1284 -4.80 -20.70 -40.08
N GLN B 1285 -5.47 -19.57 -40.32
CA GLN B 1285 -4.86 -18.27 -40.05
C GLN B 1285 -5.96 -17.26 -39.79
N LEU B 1286 -5.66 -16.31 -38.90
CA LEU B 1286 -6.61 -15.35 -38.37
C LEU B 1286 -7.22 -14.46 -39.45
N TRP B 1287 -8.35 -13.84 -39.08
CA TRP B 1287 -9.07 -12.94 -39.98
C TRP B 1287 -8.22 -11.71 -40.29
N GLN B 1288 -8.24 -11.30 -41.56
CA GLN B 1288 -7.26 -10.31 -42.03
C GLN B 1288 -7.86 -9.13 -42.77
N THR B 1289 -9.16 -9.10 -43.03
CA THR B 1289 -9.78 -7.89 -43.52
C THR B 1289 -11.11 -7.71 -42.80
N ILE B 1290 -11.55 -6.45 -42.72
CA ILE B 1290 -12.79 -6.10 -42.06
C ILE B 1290 -13.56 -5.17 -42.99
N GLN B 1291 -14.87 -5.40 -43.10
CA GLN B 1291 -15.66 -4.69 -44.09
C GLN B 1291 -17.11 -4.63 -43.65
N THR B 1292 -17.75 -3.52 -44.00
CA THR B 1292 -19.16 -3.29 -43.73
C THR B 1292 -19.89 -3.04 -45.04
N GLN B 1293 -21.19 -2.82 -44.93
CA GLN B 1293 -21.96 -2.32 -46.06
C GLN B 1293 -22.73 -1.07 -45.64
N GLY B 1294 -23.56 -0.56 -46.54
CA GLY B 1294 -24.35 0.61 -46.23
C GLY B 1294 -25.45 0.77 -47.25
N HIS B 1295 -26.49 1.50 -46.87
CA HIS B 1295 -27.68 1.60 -47.70
C HIS B 1295 -28.22 3.02 -47.65
N PHE B 1296 -28.22 3.68 -48.81
CA PHE B 1296 -29.06 4.84 -49.04
C PHE B 1296 -29.38 4.86 -50.52
N GLN B 1297 -30.31 5.73 -50.91
CA GLN B 1297 -30.76 5.84 -52.30
C GLN B 1297 -30.79 7.30 -52.69
N LEU B 1298 -30.86 7.55 -54.00
CA LEU B 1298 -30.70 8.92 -54.49
C LEU B 1298 -32.02 9.66 -54.59
N GLN B 1299 -33.12 8.96 -54.92
CA GLN B 1299 -34.44 9.55 -55.17
C GLN B 1299 -34.36 10.59 -56.29
N LEU B 1300 -34.10 10.07 -57.50
CA LEU B 1300 -33.87 10.76 -58.77
C LEU B 1300 -34.86 11.90 -59.03
N PRO B 1301 -34.40 13.15 -59.01
CA PRO B 1301 -35.30 14.30 -59.20
C PRO B 1301 -35.87 14.42 -60.61
N PRO B 1302 -35.09 14.27 -61.76
CA PRO B 1302 -35.71 14.58 -63.06
C PRO B 1302 -36.78 13.57 -63.51
N GLY B 1303 -37.96 13.64 -62.89
CA GLY B 1303 -39.09 12.84 -63.27
C GLY B 1303 -38.92 11.35 -63.02
N LYS B 1304 -39.10 10.56 -64.08
CA LYS B 1304 -38.91 9.12 -64.02
C LYS B 1304 -37.84 8.76 -65.05
N MET B 1305 -36.70 8.24 -64.58
CA MET B 1305 -35.59 7.97 -65.49
C MET B 1305 -34.78 6.79 -64.97
N CYS B 1306 -35.07 5.60 -65.51
CA CYS B 1306 -34.16 4.46 -65.45
C CYS B 1306 -33.51 4.25 -66.80
N SER B 1307 -33.65 5.22 -67.71
CA SER B 1307 -32.96 5.20 -68.99
C SER B 1307 -31.54 5.72 -68.89
N ALA B 1308 -31.13 6.21 -67.72
CA ALA B 1308 -29.75 6.62 -67.47
C ALA B 1308 -28.95 5.34 -67.16
N ASP B 1309 -28.56 4.66 -68.23
CA ASP B 1309 -27.84 3.40 -68.13
C ASP B 1309 -26.51 3.42 -68.86
N TYR B 1310 -26.46 4.04 -70.04
CA TYR B 1310 -25.22 4.11 -70.81
C TYR B 1310 -24.28 5.12 -70.15
N ALA B 1311 -23.14 4.61 -69.65
CA ALA B 1311 -22.13 5.39 -68.93
C ALA B 1311 -22.73 6.14 -67.74
N ASP B 1312 -23.69 5.49 -67.06
CA ASP B 1312 -24.31 6.00 -65.85
C ASP B 1312 -24.33 4.95 -64.75
N LEU B 1313 -23.68 3.81 -64.96
CA LEU B 1313 -23.62 2.73 -63.99
C LEU B 1313 -22.20 2.51 -63.46
N LEU B 1314 -21.23 2.33 -64.36
CA LEU B 1314 -19.83 2.24 -63.97
C LEU B 1314 -19.03 3.49 -64.30
N GLN B 1315 -19.44 4.25 -65.30
CA GLN B 1315 -18.90 5.58 -65.57
C GLN B 1315 -19.86 6.62 -65.04
N THR B 1316 -19.31 7.71 -64.49
CA THR B 1316 -19.98 8.89 -63.91
C THR B 1316 -20.80 8.57 -62.65
N PHE B 1317 -20.85 7.29 -62.27
CA PHE B 1317 -21.44 6.80 -61.04
C PHE B 1317 -20.63 5.55 -60.70
N GLN B 1318 -20.45 5.30 -59.40
CA GLN B 1318 -19.42 4.55 -58.69
C GLN B 1318 -18.13 5.37 -58.60
N VAL B 1319 -18.05 6.54 -59.25
CA VAL B 1319 -16.87 7.39 -59.20
C VAL B 1319 -17.21 8.80 -58.75
N PHE B 1320 -18.31 9.39 -59.25
CA PHE B 1320 -18.69 10.72 -58.79
C PHE B 1320 -19.23 10.67 -57.37
N ILE B 1321 -19.90 9.58 -57.00
CA ILE B 1321 -20.30 9.34 -55.62
C ILE B 1321 -19.13 8.88 -54.74
N LEU B 1322 -17.98 8.60 -55.34
CA LEU B 1322 -16.78 8.20 -54.62
C LEU B 1322 -15.81 9.35 -54.40
N ASP B 1323 -15.69 10.25 -55.38
CA ASP B 1323 -14.89 11.46 -55.19
C ASP B 1323 -15.55 12.37 -54.18
N GLU B 1324 -16.88 12.52 -54.27
CA GLU B 1324 -17.65 13.32 -53.33
C GLU B 1324 -17.70 12.66 -51.95
N LEU B 1325 -17.48 11.34 -51.88
CA LEU B 1325 -17.44 10.67 -50.59
C LEU B 1325 -16.11 10.91 -49.88
N THR B 1326 -15.01 10.95 -50.63
CA THR B 1326 -13.70 11.14 -50.03
C THR B 1326 -13.28 12.60 -49.99
N ALA B 1327 -13.97 13.49 -50.71
CA ALA B 1327 -13.76 14.91 -50.50
C ALA B 1327 -14.35 15.34 -49.17
N ARG B 1328 -15.53 14.82 -48.83
CA ARG B 1328 -16.10 15.04 -47.51
C ARG B 1328 -15.37 14.24 -46.44
N GLY B 1329 -14.64 13.19 -46.82
CA GLY B 1329 -13.73 12.52 -45.90
C GLY B 1329 -14.28 11.28 -45.21
N PHE B 1330 -14.89 10.37 -45.98
CA PHE B 1330 -15.44 9.15 -45.42
C PHE B 1330 -14.71 7.89 -45.83
N CYS B 1331 -13.78 7.98 -46.78
CA CYS B 1331 -12.93 6.83 -47.08
C CYS B 1331 -11.62 6.91 -46.31
N GLN B 1332 -11.72 7.14 -45.00
CA GLN B 1332 -10.55 7.51 -44.21
C GLN B 1332 -10.85 7.34 -42.73
N ILE B 1333 -10.07 6.51 -42.05
CA ILE B 1333 -10.06 6.47 -40.59
C ILE B 1333 -8.80 7.18 -40.11
N GLN B 1334 -8.98 8.18 -39.26
CA GLN B 1334 -7.86 8.94 -38.68
C GLN B 1334 -8.03 8.95 -37.17
N VAL B 1335 -7.30 8.07 -36.48
CA VAL B 1335 -7.40 7.93 -35.04
C VAL B 1335 -6.04 8.23 -34.42
N LYS B 1336 -6.00 8.23 -33.08
CA LYS B 1336 -4.89 8.83 -32.34
C LYS B 1336 -3.96 7.74 -31.82
N THR B 1337 -2.70 7.80 -32.25
CA THR B 1337 -1.66 6.93 -31.71
C THR B 1337 -0.84 7.78 -30.73
N PHE B 1338 -1.42 7.97 -29.54
CA PHE B 1338 -0.85 8.74 -28.42
C PHE B 1338 -0.55 10.19 -28.83
N GLY B 1339 -1.61 10.92 -29.13
CA GLY B 1339 -1.48 12.30 -29.55
C GLY B 1339 -1.45 12.48 -31.06
N THR B 1340 -0.44 11.92 -31.72
CA THR B 1340 -0.36 12.03 -33.17
C THR B 1340 -1.40 11.14 -33.84
N LEU B 1341 -1.79 11.51 -35.05
CA LEU B 1341 -2.86 10.85 -35.78
C LEU B 1341 -2.29 10.06 -36.93
N VAL B 1342 -2.81 8.85 -37.13
CA VAL B 1342 -2.39 7.97 -38.20
C VAL B 1342 -3.54 7.82 -39.19
N SER B 1343 -3.19 7.55 -40.44
CA SER B 1343 -4.13 7.56 -41.55
C SER B 1343 -4.43 6.13 -41.97
N ILE B 1344 -5.70 5.73 -41.89
CA ILE B 1344 -6.15 4.41 -42.28
C ILE B 1344 -7.17 4.57 -43.41
N PRO B 1345 -6.79 4.27 -44.65
CA PRO B 1345 -7.73 4.42 -45.77
C PRO B 1345 -8.75 3.28 -45.76
N VAL B 1346 -10.03 3.65 -45.78
CA VAL B 1346 -11.06 2.62 -45.84
C VAL B 1346 -12.03 2.92 -47.01
N CYS B 1347 -11.64 2.46 -48.20
CA CYS B 1347 -12.33 2.46 -49.48
C CYS B 1347 -11.40 1.81 -50.49
N ASN B 1348 -11.94 1.59 -51.68
CA ASN B 1348 -11.19 1.22 -52.88
C ASN B 1348 -12.03 1.58 -54.09
N ASN B 1349 -11.68 1.04 -55.26
CA ASN B 1349 -12.54 1.22 -56.43
C ASN B 1349 -13.84 0.46 -56.28
N SER B 1350 -13.81 -0.70 -55.60
CA SER B 1350 -14.98 -1.56 -55.45
C SER B 1350 -15.78 -1.26 -54.21
N SER B 1351 -15.73 -0.02 -53.71
CA SER B 1351 -16.45 0.32 -52.49
C SER B 1351 -17.91 0.65 -52.76
N VAL B 1352 -18.25 1.12 -53.96
CA VAL B 1352 -19.59 1.59 -54.28
C VAL B 1352 -20.09 0.97 -55.58
N GLN B 1353 -21.39 0.73 -55.63
CA GLN B 1353 -22.07 0.25 -56.83
C GLN B 1353 -23.48 0.82 -56.84
N VAL B 1354 -24.01 1.08 -58.03
CA VAL B 1354 -25.29 1.74 -58.20
C VAL B 1354 -26.19 0.96 -59.13
N GLY B 1355 -27.34 1.54 -59.47
CA GLY B 1355 -28.25 1.00 -60.45
C GLY B 1355 -29.68 1.47 -60.23
N CYS B 1356 -30.36 1.88 -61.30
CA CYS B 1356 -31.74 2.33 -61.16
C CYS B 1356 -32.66 1.14 -60.98
N LEU B 1357 -33.53 1.22 -59.97
CA LEU B 1357 -34.34 0.09 -59.55
C LEU B 1357 -35.81 0.28 -59.89
N THR B 1358 -36.42 1.37 -59.42
CA THR B 1358 -37.83 1.64 -59.63
C THR B 1358 -38.05 2.97 -60.34
N ARG B 1359 -37.14 3.29 -61.27
CA ARG B 1359 -37.28 4.31 -62.32
C ARG B 1359 -37.19 5.76 -61.79
N GLU B 1360 -37.18 5.94 -60.47
CA GLU B 1360 -36.87 7.23 -59.89
C GLU B 1360 -36.06 7.11 -58.60
N ARG B 1361 -35.53 5.94 -58.28
CA ARG B 1361 -34.75 5.72 -57.06
C ARG B 1361 -33.45 5.02 -57.44
N LEU B 1362 -32.36 5.80 -57.52
CA LEU B 1362 -31.05 5.28 -57.88
C LEU B 1362 -30.38 4.80 -56.60
N GLY B 1363 -30.42 3.49 -56.36
CA GLY B 1363 -29.84 2.95 -55.16
C GLY B 1363 -28.34 2.86 -55.21
N VAL B 1364 -27.74 2.72 -54.02
CA VAL B 1364 -26.29 2.58 -53.89
C VAL B 1364 -25.98 1.82 -52.61
N ASN B 1365 -25.10 0.83 -52.71
CA ASN B 1365 -24.67 0.00 -51.60
C ASN B 1365 -23.17 0.25 -51.39
N VAL B 1366 -22.87 1.23 -50.52
CA VAL B 1366 -21.49 1.56 -50.20
C VAL B 1366 -20.90 0.47 -49.32
N THR B 1367 -19.73 -0.04 -49.69
CA THR B 1367 -19.04 -1.09 -48.95
C THR B 1367 -17.66 -0.60 -48.55
N TRP B 1368 -17.54 -0.07 -47.34
CA TRP B 1368 -16.23 0.25 -46.78
C TRP B 1368 -15.47 -1.03 -46.49
N LYS B 1369 -14.17 -1.00 -46.72
CA LYS B 1369 -13.31 -2.12 -46.33
C LYS B 1369 -11.92 -1.60 -46.03
N SER B 1370 -11.26 -2.28 -45.09
CA SER B 1370 -9.93 -1.88 -44.66
C SER B 1370 -9.17 -3.12 -44.25
N ARG B 1371 -7.96 -3.26 -44.76
CA ARG B 1371 -7.13 -4.42 -44.44
C ARG B 1371 -6.64 -4.32 -43.01
N LEU B 1372 -6.58 -5.47 -42.33
CA LEU B 1372 -6.04 -5.52 -40.97
C LEU B 1372 -4.54 -5.25 -40.95
N GLU B 1373 -3.86 -5.36 -42.08
CA GLU B 1373 -2.43 -5.00 -42.18
C GLU B 1373 -2.25 -3.53 -42.55
N ASP B 1374 -3.04 -2.68 -41.91
CA ASP B 1374 -2.96 -1.22 -41.99
C ASP B 1374 -3.16 -0.56 -40.64
N ILE B 1375 -3.67 -1.29 -39.65
CA ILE B 1375 -4.11 -0.75 -38.36
C ILE B 1375 -3.17 -1.32 -37.29
N PRO B 1376 -2.24 -0.53 -36.76
CA PRO B 1376 -1.33 -1.03 -35.72
C PRO B 1376 -2.04 -1.28 -34.40
N VAL B 1377 -1.34 -2.01 -33.52
CA VAL B 1377 -1.85 -2.28 -32.18
C VAL B 1377 -1.92 -1.00 -31.36
N ALA B 1378 -0.91 -0.14 -31.50
CA ALA B 1378 -0.90 1.14 -30.78
C ALA B 1378 -2.02 2.07 -31.22
N SER B 1379 -2.54 1.91 -32.44
CA SER B 1379 -3.74 2.63 -32.84
C SER B 1379 -4.99 1.99 -32.26
N LEU B 1380 -5.25 0.73 -32.61
CA LEU B 1380 -6.43 0.00 -32.16
C LEU B 1380 -6.01 -1.39 -31.69
N PRO B 1381 -5.87 -1.60 -30.38
CA PRO B 1381 -5.31 -2.87 -29.88
C PRO B 1381 -6.31 -4.00 -29.76
N ASP B 1382 -7.47 -3.89 -30.40
CA ASP B 1382 -8.49 -4.91 -30.25
C ASP B 1382 -9.30 -4.98 -31.53
N LEU B 1383 -9.72 -6.21 -31.88
CA LEU B 1383 -10.66 -6.40 -32.97
C LEU B 1383 -12.04 -5.83 -32.61
N HIS B 1384 -12.35 -5.76 -31.32
CA HIS B 1384 -13.53 -5.04 -30.87
C HIS B 1384 -13.42 -3.54 -31.13
N ASP B 1385 -12.20 -3.01 -31.09
CA ASP B 1385 -12.01 -1.59 -31.36
C ASP B 1385 -12.23 -1.28 -32.84
N ILE B 1386 -11.73 -2.15 -33.72
CA ILE B 1386 -11.83 -1.93 -35.17
C ILE B 1386 -13.28 -2.07 -35.62
N GLU B 1387 -14.08 -2.84 -34.88
CA GLU B 1387 -15.53 -2.74 -35.01
C GLU B 1387 -16.01 -1.34 -34.64
N ARG B 1388 -15.73 -0.91 -33.40
CA ARG B 1388 -16.32 0.31 -32.87
C ARG B 1388 -15.70 1.57 -33.44
N ALA B 1389 -14.44 1.53 -33.88
CA ALA B 1389 -13.88 2.70 -34.53
C ALA B 1389 -14.38 2.86 -35.96
N LEU B 1390 -15.02 1.84 -36.51
CA LEU B 1390 -15.62 1.90 -37.83
C LEU B 1390 -17.13 2.13 -37.76
N VAL B 1391 -17.83 1.41 -36.88
CA VAL B 1391 -19.28 1.60 -36.75
C VAL B 1391 -19.64 2.82 -35.91
N GLY B 1392 -18.65 3.42 -35.25
CA GLY B 1392 -18.91 4.49 -34.31
C GLY B 1392 -19.24 5.81 -34.98
N LYS B 1393 -19.19 6.87 -34.17
CA LYS B 1393 -19.59 8.20 -34.61
C LYS B 1393 -18.58 8.86 -35.54
N ASP B 1394 -17.37 8.30 -35.67
CA ASP B 1394 -16.37 8.92 -36.52
C ASP B 1394 -16.65 8.68 -37.99
N LEU B 1395 -16.94 7.42 -38.36
CA LEU B 1395 -17.06 7.06 -39.77
C LEU B 1395 -18.48 6.65 -40.15
N LEU B 1396 -19.06 5.65 -39.48
CA LEU B 1396 -20.41 5.24 -39.83
C LEU B 1396 -21.44 6.17 -39.20
N GLY B 1397 -21.20 6.61 -37.97
CA GLY B 1397 -22.15 7.49 -37.31
C GLY B 1397 -22.18 8.87 -37.93
N ARG B 1398 -21.03 9.38 -38.35
CA ARG B 1398 -20.98 10.67 -39.04
C ARG B 1398 -21.61 10.58 -40.42
N PHE B 1399 -21.50 9.43 -41.07
CA PHE B 1399 -22.07 9.30 -42.42
C PHE B 1399 -23.57 9.14 -42.38
N THR B 1400 -24.10 8.38 -41.42
CA THR B 1400 -25.55 8.30 -41.26
C THR B 1400 -26.13 9.63 -40.84
N ASP B 1401 -25.42 10.37 -39.98
CA ASP B 1401 -25.87 11.72 -39.61
C ASP B 1401 -25.77 12.70 -40.76
N LEU B 1402 -24.90 12.45 -41.75
CA LEU B 1402 -24.85 13.32 -42.92
C LEU B 1402 -26.07 13.10 -43.80
N ILE B 1403 -26.42 11.84 -44.06
CA ILE B 1403 -27.51 11.56 -44.97
C ILE B 1403 -28.87 11.66 -44.29
N GLN B 1404 -28.93 11.56 -42.95
CA GLN B 1404 -30.21 11.75 -42.26
C GLN B 1404 -30.44 13.22 -41.95
N SER B 1405 -29.61 13.79 -41.08
CA SER B 1405 -29.79 15.16 -40.61
C SER B 1405 -28.88 16.10 -41.39
N GLY B 1406 -29.15 16.22 -42.68
CA GLY B 1406 -28.37 17.12 -43.51
C GLY B 1406 -28.80 17.17 -44.95
N SER B 1407 -27.85 17.41 -45.85
CA SER B 1407 -28.11 17.43 -47.28
C SER B 1407 -26.84 16.99 -48.00
N PHE B 1408 -27.01 16.56 -49.25
CA PHE B 1408 -25.93 15.96 -50.02
C PHE B 1408 -26.20 16.22 -51.49
N GLN B 1409 -25.35 17.03 -52.13
CA GLN B 1409 -25.64 17.60 -53.44
C GLN B 1409 -24.58 17.16 -54.45
N LEU B 1410 -24.93 16.19 -55.29
CA LEU B 1410 -24.04 15.76 -56.35
C LEU B 1410 -24.06 16.78 -57.50
N HIS B 1411 -22.93 16.86 -58.21
CA HIS B 1411 -22.76 17.83 -59.29
C HIS B 1411 -22.43 17.09 -60.59
N LEU B 1412 -23.45 16.85 -61.41
CA LEU B 1412 -23.28 16.28 -62.74
C LEU B 1412 -23.96 17.20 -63.74
N ASP B 1413 -23.36 17.29 -64.94
CA ASP B 1413 -23.71 18.07 -66.14
C ASP B 1413 -24.36 19.43 -65.85
N SER B 1414 -23.75 20.18 -64.92
CA SER B 1414 -24.25 21.47 -64.42
C SER B 1414 -25.69 21.36 -63.91
N LYS B 1415 -25.95 20.31 -63.15
CA LYS B 1415 -27.27 20.07 -62.56
C LYS B 1415 -27.06 19.53 -61.15
N THR B 1416 -27.45 20.31 -60.15
CA THR B 1416 -27.25 19.96 -58.75
C THR B 1416 -28.54 19.39 -58.19
N PHE B 1417 -28.45 18.25 -57.52
CA PHE B 1417 -29.63 17.52 -57.09
C PHE B 1417 -29.32 16.70 -55.84
N PRO B 1418 -30.30 16.53 -54.94
CA PRO B 1418 -30.05 15.75 -53.72
C PRO B 1418 -29.94 14.26 -54.00
N ALA B 1419 -29.34 13.55 -53.04
CA ALA B 1419 -29.01 12.14 -53.25
C ALA B 1419 -29.19 11.25 -52.03
N GLU B 1420 -30.00 11.63 -51.04
CA GLU B 1420 -30.02 10.94 -49.76
C GLU B 1420 -31.35 10.24 -49.49
N THR B 1421 -31.26 9.02 -48.96
CA THR B 1421 -32.34 8.34 -48.23
C THR B 1421 -31.72 7.70 -47.00
N ILE B 1422 -32.48 6.81 -46.35
CA ILE B 1422 -32.00 6.06 -45.19
C ILE B 1422 -32.11 4.55 -45.44
N ARG B 1423 -33.26 4.09 -45.93
CA ARG B 1423 -33.62 2.67 -46.12
C ARG B 1423 -33.44 1.83 -44.86
N SER B 1433 -29.89 -3.77 -43.51
CA SER B 1433 -28.58 -3.13 -43.43
C SER B 1433 -27.57 -4.04 -42.72
N PRO B 1434 -26.79 -4.79 -43.50
CA PRO B 1434 -25.79 -5.68 -42.92
C PRO B 1434 -24.66 -4.90 -42.25
N ARG B 1435 -24.37 -5.25 -41.00
CA ARG B 1435 -23.35 -4.56 -40.21
C ARG B 1435 -21.96 -5.09 -40.59
N THR B 1436 -20.97 -4.74 -39.78
CA THR B 1436 -19.57 -5.03 -40.09
C THR B 1436 -19.23 -6.46 -39.68
N TRP B 1437 -18.45 -7.14 -40.53
CA TRP B 1437 -18.22 -8.57 -40.36
C TRP B 1437 -16.86 -8.95 -40.95
N PHE B 1438 -16.21 -9.91 -40.30
CA PHE B 1438 -14.83 -10.29 -40.64
C PHE B 1438 -14.76 -11.18 -41.87
N GLY B 1439 -13.69 -11.00 -42.64
CA GLY B 1439 -13.41 -11.79 -43.81
C GLY B 1439 -11.91 -11.85 -44.04
N CYS B 1440 -11.52 -12.48 -45.15
CA CYS B 1440 -10.15 -12.41 -45.63
C CYS B 1440 -10.16 -12.05 -47.11
N SER B 1441 -9.07 -11.41 -47.56
CA SER B 1441 -9.13 -10.49 -48.68
C SER B 1441 -8.39 -10.94 -49.92
N GLU B 1442 -7.10 -11.24 -49.83
CA GLU B 1442 -6.26 -11.19 -51.03
C GLU B 1442 -6.40 -12.45 -51.88
N GLY B 1443 -5.97 -13.59 -51.35
CA GLY B 1443 -6.04 -14.82 -52.12
C GLY B 1443 -6.38 -16.03 -51.28
N PHE B 1444 -7.06 -15.82 -50.16
CA PHE B 1444 -7.17 -16.84 -49.14
C PHE B 1444 -8.60 -17.40 -49.09
N TYR B 1445 -8.69 -18.68 -48.72
CA TYR B 1445 -9.98 -19.31 -48.49
C TYR B 1445 -10.56 -18.81 -47.17
N GLN B 1446 -11.88 -18.84 -47.07
CA GLN B 1446 -12.60 -18.46 -45.85
C GLN B 1446 -13.39 -19.66 -45.35
N VAL B 1447 -12.89 -20.31 -44.32
CA VAL B 1447 -13.59 -21.44 -43.70
C VAL B 1447 -14.42 -20.89 -42.54
N LEU B 1448 -15.52 -21.56 -42.24
CA LEU B 1448 -16.42 -21.12 -41.17
C LEU B 1448 -16.57 -22.20 -40.10
N ASP B 1455 -14.58 -20.02 -33.99
CA ASP B 1455 -14.31 -19.13 -32.87
C ASP B 1455 -12.89 -18.62 -32.85
N GLY B 1456 -12.31 -18.41 -34.04
CA GLY B 1456 -10.91 -18.06 -34.11
C GLY B 1456 -10.34 -17.89 -35.50
N LEU B 1457 -9.21 -18.55 -35.74
CA LEU B 1457 -8.34 -18.27 -36.88
C LEU B 1457 -8.79 -18.92 -38.18
N GLY B 1458 -10.04 -18.74 -38.58
CA GLY B 1458 -10.48 -19.40 -39.79
C GLY B 1458 -10.37 -18.61 -41.07
N CYS B 1459 -9.23 -18.75 -41.77
CA CYS B 1459 -8.96 -18.40 -43.16
C CYS B 1459 -7.64 -19.04 -43.60
N VAL B 1460 -7.64 -19.66 -44.79
CA VAL B 1460 -6.65 -20.65 -45.18
C VAL B 1460 -5.88 -20.14 -46.40
N LYS B 1461 -4.57 -20.47 -46.46
CA LYS B 1461 -3.59 -19.87 -47.37
C LYS B 1461 -3.89 -20.08 -48.86
N CYS B 1462 -4.71 -21.09 -49.24
CA CYS B 1462 -4.99 -21.51 -50.62
C CYS B 1462 -3.71 -21.93 -51.34
N PRO B 1463 -3.21 -23.15 -51.08
CA PRO B 1463 -1.92 -23.58 -51.65
C PRO B 1463 -1.89 -23.74 -53.16
N GLU B 1464 -0.74 -24.13 -53.70
CA GLU B 1464 -0.55 -24.20 -55.13
C GLU B 1464 -1.33 -25.36 -55.73
N GLY B 1465 -1.44 -25.33 -57.06
CA GLY B 1465 -2.40 -26.13 -57.77
C GLY B 1465 -3.76 -25.46 -57.91
N SER B 1466 -3.93 -24.29 -57.29
CA SER B 1466 -5.22 -23.61 -57.24
C SER B 1466 -4.98 -22.11 -57.39
N TYR B 1467 -6.08 -21.36 -57.29
CA TYR B 1467 -6.08 -19.92 -57.48
C TYR B 1467 -7.38 -19.37 -56.91
N SER B 1468 -7.31 -18.18 -56.32
CA SER B 1468 -8.48 -17.53 -55.75
C SER B 1468 -9.19 -16.75 -56.84
N GLN B 1469 -10.39 -17.19 -57.22
CA GLN B 1469 -11.17 -16.45 -58.20
C GLN B 1469 -12.15 -15.51 -57.51
N ASP B 1470 -13.12 -16.07 -56.78
CA ASP B 1470 -14.06 -15.28 -55.96
C ASP B 1470 -14.26 -16.06 -54.66
N GLU B 1471 -13.36 -15.84 -53.68
CA GLU B 1471 -13.45 -16.33 -52.30
C GLU B 1471 -13.34 -17.86 -52.16
N GLU B 1472 -13.35 -18.58 -53.28
CA GLU B 1472 -13.34 -20.04 -53.30
C GLU B 1472 -12.22 -20.46 -54.23
N CYS B 1473 -11.15 -21.03 -53.66
CA CYS B 1473 -9.94 -21.32 -54.43
C CYS B 1473 -10.17 -22.57 -55.28
N ILE B 1474 -10.61 -22.33 -56.50
CA ILE B 1474 -10.79 -23.37 -57.52
C ILE B 1474 -9.43 -23.89 -57.94
N PRO B 1475 -9.25 -25.20 -58.13
CA PRO B 1475 -7.97 -25.72 -58.64
C PRO B 1475 -7.67 -25.21 -60.05
N CYS B 1476 -6.37 -25.11 -60.34
CA CYS B 1476 -5.91 -24.58 -61.62
C CYS B 1476 -6.24 -25.55 -62.76
N PRO B 1477 -6.74 -25.04 -63.90
CA PRO B 1477 -7.15 -25.93 -64.99
C PRO B 1477 -5.99 -26.66 -65.64
N VAL B 1478 -6.36 -27.60 -66.52
CA VAL B 1478 -5.43 -28.61 -67.04
C VAL B 1478 -4.38 -28.01 -67.96
N GLY B 1479 -4.70 -26.92 -68.65
CA GLY B 1479 -3.76 -26.30 -69.57
C GLY B 1479 -2.70 -25.43 -68.93
N PHE B 1480 -2.77 -25.21 -67.61
CA PHE B 1480 -1.88 -24.29 -66.94
C PHE B 1480 -1.23 -24.97 -65.74
N TYR B 1481 -0.48 -24.22 -64.93
CA TYR B 1481 0.04 -24.71 -63.67
C TYR B 1481 0.28 -23.52 -62.76
N GLN B 1482 0.38 -23.78 -61.45
CA GLN B 1482 0.43 -22.73 -60.46
C GLN B 1482 1.79 -22.61 -59.77
N GLU B 1483 2.27 -23.69 -59.13
CA GLU B 1483 3.64 -23.87 -58.61
C GLU B 1483 3.93 -23.04 -57.35
N GLN B 1484 3.05 -22.12 -56.96
CA GLN B 1484 3.30 -21.36 -55.75
C GLN B 1484 1.99 -20.97 -55.08
N ALA B 1485 1.99 -20.99 -53.75
CA ALA B 1485 0.76 -20.88 -52.97
C ALA B 1485 0.21 -19.45 -52.97
N GLY B 1486 -1.11 -19.35 -52.80
CA GLY B 1486 -1.77 -18.07 -52.60
C GLY B 1486 -1.80 -17.15 -53.80
N SER B 1487 -2.58 -17.50 -54.81
CA SER B 1487 -2.56 -16.78 -56.07
C SER B 1487 -3.95 -16.33 -56.48
N LEU B 1488 -3.99 -15.54 -57.55
CA LEU B 1488 -5.21 -15.15 -58.24
C LEU B 1488 -5.45 -15.96 -59.50
N ALA B 1489 -4.39 -16.29 -60.23
CA ALA B 1489 -4.48 -17.07 -61.46
C ALA B 1489 -3.20 -17.88 -61.62
N CYS B 1490 -3.24 -18.83 -62.55
CA CYS B 1490 -2.11 -19.74 -62.76
C CYS B 1490 -1.55 -19.60 -64.17
N VAL B 1491 -0.26 -19.89 -64.31
CA VAL B 1491 0.56 -19.47 -65.45
C VAL B 1491 0.62 -20.55 -66.52
N PRO B 1492 0.85 -20.19 -67.79
CA PRO B 1492 0.94 -21.22 -68.83
C PRO B 1492 2.26 -21.98 -68.82
N CYS B 1493 2.20 -23.21 -69.25
CA CYS B 1493 3.28 -24.10 -69.61
C CYS B 1493 3.41 -24.17 -71.13
N PRO B 1494 4.53 -24.65 -71.68
CA PRO B 1494 4.69 -24.70 -73.15
C PRO B 1494 3.67 -25.63 -73.83
N VAL B 1495 3.70 -25.58 -75.16
CA VAL B 1495 2.54 -25.97 -75.97
C VAL B 1495 2.35 -27.48 -75.96
N GLY B 1496 1.09 -27.91 -75.80
CA GLY B 1496 0.71 -29.30 -75.79
C GLY B 1496 1.25 -30.08 -74.61
N ARG B 1497 1.06 -29.58 -73.40
CA ARG B 1497 1.70 -30.15 -72.21
C ARG B 1497 0.73 -30.16 -71.03
N THR B 1498 0.44 -31.36 -70.53
CA THR B 1498 -0.15 -31.60 -69.22
C THR B 1498 0.09 -33.07 -68.87
N THR B 1499 -0.41 -33.51 -67.72
CA THR B 1499 -0.31 -34.93 -67.38
C THR B 1499 -1.67 -35.62 -67.27
N ILE B 1500 -2.55 -35.19 -66.38
CA ILE B 1500 -3.82 -35.90 -66.19
C ILE B 1500 -5.05 -35.00 -66.20
N SER B 1501 -5.07 -33.96 -65.38
CA SER B 1501 -6.32 -33.30 -65.05
C SER B 1501 -6.03 -31.89 -64.55
N ALA B 1502 -7.01 -31.29 -63.87
CA ALA B 1502 -6.94 -29.92 -63.38
C ALA B 1502 -6.40 -29.84 -61.96
N GLY B 1503 -5.45 -30.72 -61.60
CA GLY B 1503 -4.70 -30.50 -60.38
C GLY B 1503 -3.65 -29.42 -60.55
N ALA B 1504 -2.79 -29.58 -61.58
CA ALA B 1504 -1.76 -28.61 -62.00
C ALA B 1504 -0.79 -28.29 -60.86
N PHE B 1505 -0.03 -29.33 -60.48
CA PHE B 1505 0.65 -29.34 -59.19
C PHE B 1505 1.87 -28.42 -59.20
N SER B 1506 2.85 -28.71 -60.04
CA SER B 1506 4.13 -27.99 -60.00
C SER B 1506 4.73 -27.97 -61.41
N GLN B 1507 6.03 -27.70 -61.49
CA GLN B 1507 6.67 -27.42 -62.77
C GLN B 1507 6.79 -28.68 -63.63
N THR B 1508 7.03 -29.84 -63.03
CA THR B 1508 7.17 -31.08 -63.78
C THR B 1508 5.83 -31.81 -63.92
N HIS B 1509 4.81 -31.07 -64.34
CA HIS B 1509 3.48 -31.65 -64.54
C HIS B 1509 2.80 -31.14 -65.80
N CYS B 1510 3.45 -30.27 -66.56
CA CYS B 1510 3.11 -30.03 -67.96
C CYS B 1510 4.19 -30.67 -68.81
N VAL B 1511 3.96 -31.93 -69.20
CA VAL B 1511 4.89 -32.64 -70.08
C VAL B 1511 4.13 -33.05 -71.34
N THR B 1512 4.89 -33.38 -72.38
CA THR B 1512 4.33 -33.74 -73.67
C THR B 1512 3.58 -35.06 -73.59
N ASP B 1513 2.81 -35.34 -74.65
CA ASP B 1513 2.12 -36.62 -74.76
C ASP B 1513 3.07 -37.77 -75.10
N CYS B 1514 4.35 -37.48 -75.35
CA CYS B 1514 5.37 -38.52 -75.38
C CYS B 1514 5.43 -39.26 -74.05
N GLN B 1515 5.24 -38.56 -72.94
CA GLN B 1515 5.20 -39.19 -71.62
C GLN B 1515 3.80 -39.56 -71.19
N ARG B 1516 2.77 -39.16 -71.94
CA ARG B 1516 1.40 -39.61 -71.75
C ARG B 1516 1.05 -40.77 -72.67
N ASN B 1517 2.05 -41.59 -73.04
CA ASN B 1517 1.85 -42.64 -74.03
C ASN B 1517 1.22 -43.89 -73.45
N GLU B 1518 1.44 -44.16 -72.15
CA GLU B 1518 0.87 -45.25 -71.33
C GLU B 1518 1.02 -46.65 -71.96
N ALA B 1519 1.93 -46.82 -72.92
CA ALA B 1519 2.22 -48.12 -73.51
C ALA B 1519 3.70 -48.27 -73.84
N GLY B 1520 4.55 -47.52 -73.13
CA GLY B 1520 5.98 -47.57 -73.36
C GLY B 1520 6.46 -46.52 -74.34
N LEU B 1521 6.69 -46.95 -75.59
CA LEU B 1521 7.03 -46.12 -76.75
C LEU B 1521 8.37 -45.38 -76.65
N GLN B 1522 9.13 -45.62 -75.57
CA GLN B 1522 10.55 -45.26 -75.44
C GLN B 1522 10.79 -43.76 -75.60
N CYS B 1523 10.24 -43.00 -74.65
CA CYS B 1523 10.32 -41.54 -74.69
C CYS B 1523 11.70 -41.08 -74.24
N ASP B 1524 12.40 -40.35 -75.09
CA ASP B 1524 13.74 -39.85 -74.77
C ASP B 1524 13.67 -38.59 -73.91
N GLN B 1525 14.81 -37.90 -73.82
CA GLN B 1525 14.94 -36.64 -73.10
C GLN B 1525 14.31 -35.50 -73.91
N ASN B 1526 14.47 -34.28 -73.37
CA ASN B 1526 14.08 -33.01 -74.00
C ASN B 1526 12.58 -32.90 -74.26
N GLY B 1527 11.77 -33.76 -73.64
CA GLY B 1527 10.37 -33.89 -74.03
C GLY B 1527 10.18 -34.39 -75.44
N GLN B 1528 11.15 -35.11 -75.99
CA GLN B 1528 11.22 -35.42 -77.40
C GLN B 1528 11.04 -36.94 -77.60
N TYR B 1529 10.31 -37.29 -78.65
CA TYR B 1529 9.96 -38.67 -78.92
C TYR B 1529 11.02 -39.30 -79.81
N ARG B 1530 11.47 -40.49 -79.42
CA ARG B 1530 12.51 -41.19 -80.18
C ARG B 1530 11.94 -41.77 -81.45
N ALA B 1531 12.70 -41.64 -82.54
CA ALA B 1531 12.28 -42.13 -83.85
C ALA B 1531 12.71 -43.58 -84.10
N SER B 1532 12.84 -44.37 -83.03
CA SER B 1532 13.16 -45.79 -83.09
C SER B 1532 12.73 -46.42 -81.79
N GLN B 1533 11.97 -47.51 -81.86
CA GLN B 1533 11.53 -48.23 -80.68
C GLN B 1533 11.81 -49.71 -80.84
N LYS B 1534 12.53 -50.28 -79.88
CA LYS B 1534 12.61 -51.73 -79.75
C LYS B 1534 11.28 -52.22 -79.23
N ASP B 1535 10.37 -52.60 -80.13
CA ASP B 1535 9.00 -52.94 -79.76
C ASP B 1535 9.00 -54.29 -79.06
N ARG B 1536 8.76 -54.27 -77.74
CA ARG B 1536 8.85 -55.46 -76.91
C ARG B 1536 7.60 -56.33 -76.95
N GLY B 1537 6.61 -55.97 -77.79
CA GLY B 1537 5.41 -56.80 -77.89
C GLY B 1537 5.70 -58.15 -78.52
N SER B 1538 6.54 -58.18 -79.56
CA SER B 1538 7.01 -59.45 -80.11
C SER B 1538 8.48 -59.38 -80.52
N GLY B 1539 9.21 -58.35 -80.13
CA GLY B 1539 10.59 -58.20 -80.54
C GLY B 1539 10.81 -57.33 -81.77
N LYS B 1540 9.78 -56.62 -82.22
CA LYS B 1540 9.85 -55.86 -83.46
C LYS B 1540 10.64 -54.56 -83.27
N ALA B 1541 10.82 -53.84 -84.38
CA ALA B 1541 11.46 -52.52 -84.39
C ALA B 1541 10.56 -51.59 -85.19
N PHE B 1542 9.62 -50.95 -84.49
CA PHE B 1542 8.76 -49.94 -85.07
C PHE B 1542 9.31 -48.57 -84.69
N CYS B 1543 9.30 -47.63 -85.64
CA CYS B 1543 10.13 -46.44 -85.49
C CYS B 1543 9.42 -45.15 -85.94
N VAL B 1544 8.20 -44.93 -85.44
CA VAL B 1544 7.44 -43.72 -85.79
C VAL B 1544 8.10 -42.48 -85.17
N ASP B 1545 7.85 -41.32 -85.80
CA ASP B 1545 8.22 -40.03 -85.23
C ASP B 1545 7.20 -39.62 -84.17
N GLY B 1546 7.21 -38.35 -83.77
CA GLY B 1546 6.51 -37.89 -82.58
C GLY B 1546 5.00 -37.75 -82.66
N GLU B 1547 4.36 -38.59 -83.48
CA GLU B 1547 2.91 -38.64 -83.59
C GLU B 1547 2.46 -40.09 -83.57
N GLY B 1548 1.20 -40.36 -83.90
CA GLY B 1548 0.68 -41.71 -83.87
C GLY B 1548 0.23 -42.24 -85.22
N ARG B 1549 1.01 -41.99 -86.27
CA ARG B 1549 0.67 -42.39 -87.63
C ARG B 1549 1.55 -43.57 -88.02
N ARG B 1550 0.93 -44.76 -88.10
CA ARG B 1550 1.65 -46.02 -88.20
C ARG B 1550 2.41 -46.15 -89.52
N LEU B 1551 3.41 -47.04 -89.50
CA LEU B 1551 4.22 -47.36 -90.68
C LEU B 1551 3.99 -48.82 -91.03
N PRO B 1552 3.23 -49.13 -92.07
CA PRO B 1552 2.80 -50.52 -92.30
C PRO B 1552 3.87 -51.44 -92.87
N TRP B 1553 4.80 -51.88 -92.02
CA TRP B 1553 5.84 -52.83 -92.42
C TRP B 1553 6.39 -53.50 -91.18
N TRP B 1554 7.44 -54.31 -91.35
CA TRP B 1554 7.97 -55.15 -90.29
C TRP B 1554 9.49 -55.16 -90.34
N GLU B 1555 10.12 -55.19 -89.16
CA GLU B 1555 11.55 -55.45 -89.06
C GLU B 1555 11.80 -56.02 -87.66
N THR B 1556 11.97 -57.33 -87.58
CA THR B 1556 12.16 -58.04 -86.32
C THR B 1556 13.56 -58.64 -86.31
N GLU B 1557 14.27 -58.43 -85.19
CA GLU B 1557 15.65 -58.88 -84.96
C GLU B 1557 16.59 -58.30 -86.03
N ALA B 1558 16.73 -56.99 -85.96
CA ALA B 1558 17.65 -56.24 -86.81
C ALA B 1558 18.00 -54.93 -86.11
N PRO B 1559 19.22 -54.42 -86.30
CA PRO B 1559 19.58 -53.14 -85.68
C PRO B 1559 18.93 -51.95 -86.38
N LEU B 1560 17.69 -51.62 -86.01
CA LEU B 1560 17.00 -50.46 -86.55
C LEU B 1560 17.05 -49.36 -85.49
N GLU B 1561 18.10 -48.56 -85.55
CA GLU B 1561 18.27 -47.42 -84.66
C GLU B 1561 17.67 -46.19 -85.33
N ASP B 1562 18.00 -45.00 -84.81
CA ASP B 1562 17.40 -43.76 -85.30
C ASP B 1562 17.84 -43.44 -86.74
N SER B 1563 19.14 -43.57 -87.02
CA SER B 1563 19.65 -43.19 -88.33
C SER B 1563 19.21 -44.16 -89.43
N GLN B 1564 19.00 -45.42 -89.09
CA GLN B 1564 18.47 -46.37 -90.05
C GLN B 1564 16.97 -46.20 -90.26
N CYS B 1565 16.28 -45.42 -89.42
CA CYS B 1565 14.87 -45.11 -89.67
C CYS B 1565 14.64 -43.66 -90.04
N LEU B 1566 15.51 -42.73 -89.63
CA LEU B 1566 15.37 -41.33 -90.06
C LEU B 1566 15.49 -41.19 -91.58
N MET B 1567 16.28 -42.08 -92.20
CA MET B 1567 16.23 -42.21 -93.66
C MET B 1567 14.97 -42.93 -94.10
N MET B 1568 14.55 -43.96 -93.35
CA MET B 1568 13.34 -44.71 -93.69
C MET B 1568 12.08 -43.89 -93.45
N GLN B 1569 12.11 -42.94 -92.51
CA GLN B 1569 11.01 -41.98 -92.38
C GLN B 1569 10.90 -41.09 -93.60
N LYS B 1570 12.01 -40.87 -94.30
CA LYS B 1570 12.04 -40.03 -95.50
C LYS B 1570 11.68 -40.86 -96.74
N PHE B 1571 10.47 -41.39 -96.71
CA PHE B 1571 9.87 -42.15 -97.79
C PHE B 1571 8.36 -42.05 -97.71
N GLU B 1572 7.70 -42.12 -98.86
CA GLU B 1572 6.30 -42.52 -98.91
C GLU B 1572 6.27 -44.02 -99.15
N LYS B 1573 5.55 -44.74 -98.30
CA LYS B 1573 5.82 -46.17 -98.13
C LYS B 1573 5.27 -47.02 -99.28
N VAL B 1574 3.95 -47.04 -99.43
CA VAL B 1574 3.31 -47.85 -100.46
C VAL B 1574 2.41 -46.93 -101.29
N PRO B 1575 2.59 -46.84 -102.60
CA PRO B 1575 1.70 -46.03 -103.43
C PRO B 1575 0.34 -46.67 -103.64
N GLU B 1576 -0.48 -46.06 -104.48
CA GLU B 1576 -1.77 -46.65 -104.83
C GLU B 1576 -1.55 -47.90 -105.67
N SER B 1577 -1.99 -49.04 -105.13
CA SER B 1577 -1.75 -50.35 -105.73
C SER B 1577 -2.86 -50.78 -106.67
N LYS B 1578 -3.51 -49.83 -107.35
CA LYS B 1578 -4.70 -50.13 -108.13
C LYS B 1578 -4.35 -50.81 -109.46
N VAL B 1579 -3.64 -50.11 -110.34
CA VAL B 1579 -3.37 -50.59 -111.68
C VAL B 1579 -1.87 -50.54 -111.93
N ILE B 1580 -1.24 -51.69 -112.15
CA ILE B 1580 0.13 -51.79 -112.62
C ILE B 1580 0.11 -52.38 -114.02
N PHE B 1581 0.95 -51.82 -114.90
CA PHE B 1581 0.73 -51.81 -116.34
C PHE B 1581 1.97 -51.18 -116.98
N ASP B 1582 2.04 -51.20 -118.31
CA ASP B 1582 3.05 -50.48 -119.11
C ASP B 1582 4.47 -50.93 -118.80
N ALA B 1583 4.79 -52.15 -119.23
CA ALA B 1583 6.17 -52.63 -119.16
C ALA B 1583 7.07 -51.94 -120.18
N ASN B 1584 7.27 -50.63 -120.01
CA ASN B 1584 8.11 -49.79 -120.86
C ASN B 1584 8.76 -48.77 -119.93
N ALA B 1585 9.45 -47.77 -120.54
CA ALA B 1585 10.22 -46.72 -119.87
C ALA B 1585 11.19 -47.34 -118.89
N PRO B 1586 12.32 -47.91 -119.35
CA PRO B 1586 13.06 -48.89 -118.55
C PRO B 1586 13.83 -48.32 -117.36
N VAL B 1587 14.62 -49.19 -116.73
CA VAL B 1587 15.39 -48.88 -115.53
C VAL B 1587 16.42 -47.81 -115.87
N ALA B 1588 16.26 -46.63 -115.26
CA ALA B 1588 16.87 -45.42 -115.78
C ALA B 1588 18.38 -45.34 -115.55
N VAL B 1589 18.87 -45.83 -114.43
CA VAL B 1589 20.29 -45.65 -114.11
C VAL B 1589 21.02 -46.96 -113.83
N ARG B 1590 20.53 -47.76 -112.88
CA ARG B 1590 21.31 -48.88 -112.38
C ARG B 1590 20.39 -49.86 -111.66
N SER B 1591 20.94 -51.03 -111.36
CA SER B 1591 20.25 -52.03 -110.55
C SER B 1591 21.30 -52.80 -109.75
N LYS B 1592 21.52 -52.38 -108.51
CA LYS B 1592 22.48 -53.02 -107.63
C LYS B 1592 21.83 -54.20 -106.90
N VAL B 1593 22.55 -55.32 -106.86
CA VAL B 1593 22.08 -56.50 -106.14
C VAL B 1593 22.39 -56.33 -104.65
N PRO B 1594 21.53 -56.82 -103.75
CA PRO B 1594 21.83 -56.72 -102.32
C PRO B 1594 22.84 -57.74 -101.83
N ASP B 1595 24.12 -57.43 -101.93
CA ASP B 1595 25.18 -58.36 -101.49
C ASP B 1595 25.54 -58.16 -100.02
N SER B 1596 24.51 -58.28 -99.18
CA SER B 1596 24.66 -58.32 -97.73
C SER B 1596 23.48 -59.10 -97.17
N GLU B 1597 23.30 -59.03 -95.85
CA GLU B 1597 22.25 -59.77 -95.16
C GLU B 1597 21.00 -58.93 -94.92
N PHE B 1598 20.86 -57.79 -95.59
CA PHE B 1598 19.67 -56.95 -95.48
C PHE B 1598 19.35 -56.40 -96.86
N PRO B 1599 18.33 -56.93 -97.54
CA PRO B 1599 18.03 -56.47 -98.90
C PRO B 1599 17.43 -55.08 -98.98
N VAL B 1600 17.03 -54.49 -97.87
CA VAL B 1600 16.43 -53.16 -97.84
C VAL B 1600 17.39 -52.14 -97.24
N MET B 1601 18.01 -52.48 -96.12
CA MET B 1601 18.86 -51.52 -95.41
C MET B 1601 20.16 -51.26 -96.15
N GLN B 1602 20.65 -52.24 -96.92
CA GLN B 1602 21.80 -52.00 -97.78
C GLN B 1602 21.46 -51.04 -98.92
N CYS B 1603 20.32 -51.27 -99.57
CA CYS B 1603 19.82 -50.38 -100.62
C CYS B 1603 19.10 -49.15 -100.07
N LEU B 1604 19.05 -49.00 -98.75
CA LEU B 1604 18.46 -47.81 -98.15
C LEU B 1604 19.34 -46.59 -98.39
N THR B 1605 20.62 -46.70 -98.03
CA THR B 1605 21.57 -45.62 -98.27
C THR B 1605 21.91 -45.48 -99.75
N ASP B 1606 21.76 -46.56 -100.52
CA ASP B 1606 22.29 -46.65 -101.88
C ASP B 1606 21.60 -45.70 -102.86
N CYS B 1607 20.38 -45.25 -102.57
CA CYS B 1607 19.78 -44.21 -103.41
C CYS B 1607 19.69 -42.87 -102.71
N THR B 1608 19.62 -42.85 -101.38
CA THR B 1608 19.58 -41.61 -100.63
C THR B 1608 20.94 -40.94 -100.51
N GLU B 1609 22.02 -41.66 -100.83
CA GLU B 1609 23.33 -41.02 -101.06
C GLU B 1609 23.49 -40.71 -102.55
N ASP B 1610 22.46 -40.08 -103.10
CA ASP B 1610 22.24 -39.76 -104.50
C ASP B 1610 20.92 -39.01 -104.55
N GLU B 1611 20.66 -38.37 -105.68
CA GLU B 1611 19.36 -37.80 -105.96
C GLU B 1611 18.68 -38.63 -107.04
N ALA B 1612 17.36 -38.42 -107.18
CA ALA B 1612 16.50 -39.05 -108.18
C ALA B 1612 16.50 -40.58 -108.04
N CYS B 1613 15.95 -41.03 -106.91
CA CYS B 1613 15.69 -42.46 -106.73
C CYS B 1613 14.21 -42.69 -106.42
N SER B 1614 13.35 -42.07 -107.24
CA SER B 1614 11.91 -41.94 -106.98
C SER B 1614 11.19 -43.29 -106.91
N PHE B 1615 11.13 -44.02 -108.01
CA PHE B 1615 10.57 -45.37 -107.98
C PHE B 1615 11.67 -46.34 -107.56
N PHE B 1616 11.42 -47.10 -106.50
CA PHE B 1616 12.44 -47.91 -105.86
C PHE B 1616 11.81 -49.17 -105.29
N THR B 1617 12.38 -50.33 -105.60
CA THR B 1617 11.87 -51.57 -105.04
C THR B 1617 12.98 -52.62 -105.00
N VAL B 1618 12.76 -53.62 -104.15
CA VAL B 1618 13.62 -54.79 -104.08
C VAL B 1618 12.94 -55.90 -104.86
N SER B 1619 13.59 -56.38 -105.92
CA SER B 1619 13.05 -57.48 -106.72
C SER B 1619 13.16 -58.76 -105.89
N THR B 1620 12.04 -59.20 -105.33
CA THR B 1620 12.00 -60.35 -104.43
C THR B 1620 11.65 -61.64 -105.15
N THR B 1621 12.07 -61.79 -106.40
CA THR B 1621 11.92 -63.07 -107.10
C THR B 1621 12.87 -64.10 -106.50
N GLU B 1622 12.62 -65.36 -106.83
CA GLU B 1622 13.21 -66.48 -106.09
C GLU B 1622 14.70 -66.73 -106.34
N PRO B 1623 15.24 -66.82 -107.61
CA PRO B 1623 16.68 -67.12 -107.73
C PRO B 1623 17.60 -65.99 -107.28
N GLU B 1624 17.41 -64.79 -107.81
CA GLU B 1624 18.26 -63.66 -107.47
C GLU B 1624 17.42 -62.53 -106.90
N ILE B 1625 18.10 -61.52 -106.36
CA ILE B 1625 17.47 -60.30 -105.86
C ILE B 1625 18.25 -59.10 -106.38
N SER B 1626 17.54 -58.00 -106.62
CA SER B 1626 18.14 -56.78 -107.14
C SER B 1626 17.27 -55.60 -106.73
N CYS B 1627 17.90 -54.43 -106.58
CA CYS B 1627 17.20 -53.21 -106.22
C CYS B 1627 16.98 -52.36 -107.47
N ASP B 1628 15.73 -52.02 -107.74
CA ASP B 1628 15.37 -51.29 -108.95
C ASP B 1628 15.50 -49.79 -108.72
N PHE B 1629 15.80 -49.07 -109.81
CA PHE B 1629 16.04 -47.63 -109.75
C PHE B 1629 15.47 -46.96 -110.98
N TYR B 1630 14.34 -46.28 -110.83
CA TYR B 1630 13.84 -45.32 -111.82
C TYR B 1630 14.12 -43.92 -111.28
N ALA B 1631 14.90 -43.15 -112.03
CA ALA B 1631 15.17 -41.77 -111.65
C ALA B 1631 13.89 -40.94 -111.70
N TRP B 1632 13.36 -40.72 -112.91
CA TRP B 1632 12.12 -40.00 -113.12
C TRP B 1632 11.50 -40.49 -114.42
N THR B 1633 10.24 -40.11 -114.62
CA THR B 1633 9.53 -40.42 -115.87
C THR B 1633 8.98 -39.13 -116.48
N SER B 1634 8.17 -39.27 -117.52
CA SER B 1634 7.55 -38.09 -118.15
C SER B 1634 6.51 -37.47 -117.23
N ASP B 1635 5.50 -38.24 -116.86
CA ASP B 1635 4.48 -37.76 -115.93
C ASP B 1635 3.96 -38.93 -115.10
N ASN B 1636 3.34 -38.59 -113.97
CA ASN B 1636 2.71 -39.56 -113.09
C ASN B 1636 1.33 -39.09 -112.69
N VAL B 1637 0.71 -38.24 -113.51
CA VAL B 1637 -0.62 -37.69 -113.22
C VAL B 1637 -1.22 -37.22 -114.54
N ALA B 1638 -2.54 -37.34 -114.65
CA ALA B 1638 -3.32 -36.76 -115.74
C ALA B 1638 -4.47 -36.05 -115.04
N CYS B 1639 -4.26 -34.78 -114.71
CA CYS B 1639 -5.10 -34.08 -113.74
C CYS B 1639 -6.44 -33.66 -114.34
N GLY B 1658 -10.26 -24.07 -107.98
CA GLY B 1658 -10.27 -25.28 -107.17
C GLY B 1658 -10.19 -26.56 -107.99
N SER B 1659 -8.96 -26.97 -108.32
CA SER B 1659 -8.73 -28.17 -109.13
C SER B 1659 -8.53 -29.41 -108.27
N LEU B 1660 -9.47 -29.66 -107.35
CA LEU B 1660 -9.35 -30.76 -106.41
C LEU B 1660 -9.61 -32.12 -107.05
N ARG B 1661 -10.29 -32.15 -108.19
CA ARG B 1661 -10.65 -33.39 -108.86
C ARG B 1661 -9.43 -34.01 -109.53
N CYS B 1662 -8.49 -34.51 -108.72
CA CYS B 1662 -7.14 -34.77 -109.21
C CYS B 1662 -6.36 -35.62 -108.21
N GLN B 1663 -5.74 -36.69 -108.68
CA GLN B 1663 -4.93 -37.55 -107.82
C GLN B 1663 -3.88 -38.26 -108.68
N VAL B 1664 -2.88 -38.81 -108.01
CA VAL B 1664 -1.63 -39.24 -108.65
C VAL B 1664 -1.78 -40.65 -109.20
N LYS B 1665 -1.04 -40.94 -110.28
CA LYS B 1665 -1.03 -42.25 -110.94
C LYS B 1665 0.44 -42.61 -111.19
N VAL B 1666 1.07 -43.26 -110.22
CA VAL B 1666 2.52 -43.47 -110.25
C VAL B 1666 2.90 -44.84 -110.79
N ARG B 1667 2.22 -45.91 -110.36
CA ARG B 1667 2.69 -47.27 -110.62
C ARG B 1667 2.37 -47.66 -112.05
N SER B 1668 3.39 -47.60 -112.91
CA SER B 1668 3.32 -48.10 -114.28
C SER B 1668 4.63 -48.77 -114.67
N HIS B 1669 5.17 -49.58 -113.77
CA HIS B 1669 6.53 -50.11 -113.91
C HIS B 1669 6.60 -51.59 -113.56
N GLY B 1670 5.69 -52.39 -114.09
CA GLY B 1670 5.87 -53.82 -114.07
C GLY B 1670 4.91 -54.52 -113.12
N GLN B 1671 4.77 -55.83 -113.33
CA GLN B 1671 3.92 -56.70 -112.52
C GLN B 1671 4.73 -57.93 -112.14
N ASP B 1672 5.26 -57.94 -110.91
CA ASP B 1672 6.02 -59.08 -110.41
C ASP B 1672 5.95 -59.03 -108.89
N SER B 1673 6.72 -59.90 -108.23
CA SER B 1673 6.85 -59.86 -106.78
C SER B 1673 7.37 -58.54 -106.16
N PRO B 1674 8.27 -57.74 -106.76
CA PRO B 1674 8.63 -56.47 -106.12
C PRO B 1674 7.49 -55.47 -105.99
N ALA B 1675 7.57 -54.65 -104.93
CA ALA B 1675 6.57 -53.65 -104.61
C ALA B 1675 7.27 -52.31 -104.41
N VAL B 1676 6.83 -51.29 -105.15
CA VAL B 1676 7.61 -50.06 -105.32
C VAL B 1676 7.49 -49.18 -104.07
N TYR B 1677 8.53 -48.39 -103.84
CA TYR B 1677 8.61 -47.40 -102.77
C TYR B 1677 8.88 -46.03 -103.39
N LEU B 1678 8.58 -44.97 -102.65
CA LEU B 1678 8.72 -43.61 -103.16
C LEU B 1678 9.55 -42.78 -102.20
N LYS B 1679 10.40 -41.90 -102.77
CA LYS B 1679 11.42 -41.19 -102.02
C LYS B 1679 10.83 -40.15 -101.06
N LYS B 1680 9.64 -39.61 -101.39
CA LYS B 1680 8.84 -38.57 -100.74
C LYS B 1680 9.44 -37.17 -100.96
N GLY B 1681 10.67 -37.10 -101.47
CA GLY B 1681 11.24 -35.83 -101.91
C GLY B 1681 11.53 -34.89 -100.75
N GLN B 1682 11.02 -33.67 -100.86
CA GLN B 1682 11.01 -32.56 -99.90
C GLN B 1682 12.39 -31.95 -99.66
N GLY B 1683 13.46 -32.48 -100.24
CA GLY B 1683 14.75 -31.86 -100.13
C GLY B 1683 15.76 -32.29 -101.18
N SER B 1684 16.32 -31.31 -101.89
CA SER B 1684 17.40 -31.48 -102.87
C SER B 1684 17.00 -32.47 -103.98
N THR B 1685 16.00 -32.07 -104.76
CA THR B 1685 15.52 -32.90 -105.85
C THR B 1685 16.17 -32.49 -107.17
N THR B 1686 16.26 -33.44 -108.09
CA THR B 1686 16.61 -33.14 -109.48
C THR B 1686 15.76 -34.01 -110.40
N THR B 1687 15.43 -33.45 -111.55
CA THR B 1687 14.60 -34.14 -112.55
C THR B 1687 14.80 -33.50 -113.91
N LEU B 1688 15.26 -34.31 -114.88
CA LEU B 1688 15.32 -33.98 -116.31
C LEU B 1688 16.17 -32.72 -116.56
N GLN B 1689 17.48 -32.89 -116.31
CA GLN B 1689 18.55 -31.86 -116.40
C GLN B 1689 18.18 -30.55 -115.71
N LYS B 1690 17.43 -30.62 -114.61
CA LYS B 1690 16.99 -29.42 -113.89
C LYS B 1690 17.08 -29.69 -112.40
N ARG B 1691 18.11 -29.15 -111.76
CA ARG B 1691 18.34 -29.29 -110.33
C ARG B 1691 17.35 -28.43 -109.55
N PHE B 1692 17.14 -28.77 -108.28
CA PHE B 1692 16.28 -27.99 -107.39
C PHE B 1692 16.87 -28.00 -105.99
N GLU B 1693 16.94 -26.82 -105.36
CA GLU B 1693 17.43 -26.71 -103.99
C GLU B 1693 16.33 -26.20 -103.06
N PRO B 1694 16.31 -26.67 -101.82
CA PRO B 1694 15.41 -26.08 -100.82
C PRO B 1694 15.85 -24.71 -100.37
N THR B 1695 15.60 -23.68 -101.18
CA THR B 1695 15.99 -22.33 -100.78
C THR B 1695 15.09 -21.74 -99.71
N GLY B 1696 13.89 -22.32 -99.53
CA GLY B 1696 12.95 -21.78 -98.55
C GLY B 1696 12.41 -20.44 -98.99
N PHE B 1697 12.29 -19.55 -98.02
CA PHE B 1697 11.92 -18.14 -98.02
C PHE B 1697 10.41 -17.93 -98.23
N GLN B 1698 9.65 -18.97 -98.60
CA GLN B 1698 8.18 -19.06 -98.55
C GLN B 1698 7.42 -17.87 -99.19
N ASN B 1699 8.07 -17.07 -100.05
CA ASN B 1699 7.46 -15.85 -100.59
C ASN B 1699 8.34 -15.36 -101.73
N MET B 1700 7.72 -14.63 -102.67
CA MET B 1700 8.44 -14.16 -103.84
C MET B 1700 8.24 -12.68 -104.16
N LEU B 1701 7.08 -12.11 -103.79
CA LEU B 1701 6.64 -10.72 -103.99
C LEU B 1701 6.41 -10.36 -105.48
N SER B 1702 6.75 -11.27 -106.40
CA SER B 1702 6.68 -11.01 -107.83
C SER B 1702 6.77 -12.31 -108.60
N GLY B 1703 5.81 -12.57 -109.49
CA GLY B 1703 5.87 -13.74 -110.33
C GLY B 1703 5.16 -14.93 -109.73
N LEU B 1704 4.02 -15.31 -110.30
CA LEU B 1704 3.28 -16.46 -109.82
C LEU B 1704 2.42 -16.97 -110.98
N TYR B 1705 2.78 -18.12 -111.52
CA TYR B 1705 2.03 -18.73 -112.62
C TYR B 1705 1.36 -20.02 -112.17
N ASN B 1706 0.17 -20.23 -112.73
CA ASN B 1706 -0.69 -21.41 -112.55
C ASN B 1706 -0.90 -21.74 -111.07
N PRO B 1707 -1.73 -20.99 -110.34
CA PRO B 1707 -2.02 -21.40 -108.96
C PRO B 1707 -2.97 -22.59 -108.94
N ILE B 1708 -2.43 -23.81 -109.08
CA ILE B 1708 -3.29 -24.99 -109.07
C ILE B 1708 -3.71 -25.19 -107.62
N VAL B 1709 -4.88 -24.68 -107.28
CA VAL B 1709 -5.39 -24.76 -105.92
C VAL B 1709 -6.22 -26.05 -105.76
N PHE B 1710 -5.77 -26.90 -104.86
CA PHE B 1710 -6.47 -28.16 -104.60
C PHE B 1710 -6.20 -28.56 -103.15
N SER B 1711 -6.57 -29.79 -102.79
CA SER B 1711 -6.40 -30.26 -101.43
C SER B 1711 -6.21 -31.76 -101.45
N ALA B 1712 -5.89 -32.30 -100.28
CA ALA B 1712 -5.80 -33.74 -100.07
C ALA B 1712 -6.97 -34.20 -99.20
N SER B 1713 -7.62 -35.28 -99.62
CA SER B 1713 -8.78 -35.81 -98.91
C SER B 1713 -8.67 -37.31 -98.74
N GLY B 1714 -7.46 -37.82 -98.55
CA GLY B 1714 -7.18 -39.24 -98.56
C GLY B 1714 -5.83 -39.45 -99.21
N ALA B 1715 -5.42 -38.48 -100.01
CA ALA B 1715 -4.05 -38.37 -100.49
C ALA B 1715 -3.27 -37.52 -99.49
N ASN B 1716 -2.05 -37.13 -99.85
CA ASN B 1716 -1.18 -36.39 -98.93
C ASN B 1716 -0.40 -35.34 -99.69
N LEU B 1717 0.26 -34.46 -98.94
CA LEU B 1717 1.00 -33.35 -99.52
C LEU B 1717 2.29 -33.77 -100.20
N THR B 1718 2.71 -35.03 -100.03
CA THR B 1718 3.85 -35.56 -100.75
C THR B 1718 3.59 -35.59 -102.26
N ASP B 1719 2.43 -36.12 -102.65
CA ASP B 1719 2.08 -36.22 -104.06
C ASP B 1719 1.79 -34.87 -104.68
N ALA B 1720 1.44 -33.87 -103.87
CA ALA B 1720 1.37 -32.50 -104.35
C ALA B 1720 2.75 -31.97 -104.72
N HIS B 1721 3.77 -32.33 -103.94
CA HIS B 1721 5.14 -32.03 -104.32
C HIS B 1721 5.54 -32.83 -105.55
N LEU B 1722 5.06 -34.06 -105.66
CA LEU B 1722 5.26 -34.84 -106.87
C LEU B 1722 4.44 -34.31 -108.04
N PHE B 1723 3.37 -33.57 -107.77
CA PHE B 1723 2.54 -33.04 -108.85
C PHE B 1723 3.23 -31.91 -109.58
N CYS B 1724 3.51 -30.82 -108.88
CA CYS B 1724 3.99 -29.59 -109.52
C CYS B 1724 5.49 -29.58 -109.77
N LEU B 1725 6.24 -30.56 -109.27
CA LEU B 1725 7.64 -30.71 -109.69
C LEU B 1725 7.72 -31.20 -111.14
N LEU B 1726 6.84 -32.14 -111.51
CA LEU B 1726 6.84 -32.66 -112.87
C LEU B 1726 6.25 -31.67 -113.87
N ALA B 1727 5.56 -30.63 -113.40
CA ALA B 1727 5.07 -29.58 -114.28
C ALA B 1727 6.18 -28.67 -114.79
N CYS B 1728 7.33 -28.65 -114.11
CA CYS B 1728 8.48 -27.84 -114.50
C CYS B 1728 9.59 -28.65 -115.14
N ASP B 1729 9.23 -29.61 -115.99
CA ASP B 1729 10.23 -30.36 -116.73
C ASP B 1729 10.10 -30.22 -118.24
N ARG B 1730 9.17 -29.39 -118.74
CA ARG B 1730 8.89 -29.36 -120.16
C ARG B 1730 8.71 -27.98 -120.78
N ASP B 1731 8.81 -26.89 -120.02
CA ASP B 1731 8.72 -25.56 -120.60
C ASP B 1731 9.90 -24.70 -120.15
N LEU B 1732 9.90 -23.44 -120.58
CA LEU B 1732 10.77 -22.42 -120.03
C LEU B 1732 10.06 -21.52 -119.04
N CYS B 1733 8.73 -21.42 -119.11
CA CYS B 1733 8.00 -20.50 -118.24
C CYS B 1733 7.69 -21.06 -116.86
N CYS B 1734 8.72 -21.59 -116.20
CA CYS B 1734 8.78 -21.71 -114.75
C CYS B 1734 10.23 -21.90 -114.35
N ASP B 1735 10.64 -21.18 -113.31
CA ASP B 1735 11.98 -21.30 -112.76
C ASP B 1735 12.00 -21.91 -111.37
N GLY B 1736 10.90 -21.79 -110.64
CA GLY B 1736 10.71 -22.50 -109.39
C GLY B 1736 9.23 -22.62 -109.14
N PHE B 1737 8.89 -23.01 -107.91
CA PHE B 1737 7.50 -23.06 -107.51
C PHE B 1737 7.41 -22.91 -106.00
N VAL B 1738 6.17 -22.82 -105.52
CA VAL B 1738 5.88 -22.61 -104.11
C VAL B 1738 4.90 -23.70 -103.66
N LEU B 1739 4.99 -24.08 -102.40
CA LEU B 1739 4.15 -25.15 -101.85
C LEU B 1739 3.67 -24.71 -100.48
N THR B 1740 2.37 -24.44 -100.35
CA THR B 1740 1.79 -23.86 -99.15
C THR B 1740 0.94 -24.88 -98.40
N GLN B 1741 0.43 -24.44 -97.25
CA GLN B 1741 -0.61 -25.09 -96.46
C GLN B 1741 -1.04 -24.09 -95.40
N VAL B 1742 -2.35 -24.04 -95.13
CA VAL B 1742 -2.91 -23.11 -94.15
C VAL B 1742 -3.92 -23.85 -93.27
N GLN B 1743 -3.49 -24.24 -92.07
CA GLN B 1743 -4.28 -24.96 -91.06
C GLN B 1743 -4.87 -26.27 -91.61
N GLY B 1744 -4.17 -26.91 -92.54
CA GLY B 1744 -4.64 -28.15 -93.12
C GLY B 1744 -5.47 -27.99 -94.37
N GLY B 1745 -5.22 -28.81 -95.37
CA GLY B 1745 -6.06 -28.87 -96.56
C GLY B 1745 -5.65 -27.99 -97.71
N ALA B 1746 -5.82 -26.67 -97.57
CA ALA B 1746 -5.67 -25.74 -98.68
C ALA B 1746 -4.21 -25.56 -99.04
N ILE B 1747 -3.80 -26.13 -100.17
CA ILE B 1747 -2.41 -26.11 -100.62
C ILE B 1747 -2.34 -25.50 -102.02
N ILE B 1748 -1.19 -24.91 -102.34
CA ILE B 1748 -0.96 -24.21 -103.60
C ILE B 1748 0.32 -24.74 -104.23
N CYS B 1749 0.27 -25.09 -105.51
CA CYS B 1749 1.46 -25.22 -106.35
C CYS B 1749 1.43 -24.11 -107.40
N GLY B 1750 1.93 -22.94 -107.02
CA GLY B 1750 2.09 -21.83 -107.95
C GLY B 1750 3.53 -21.76 -108.45
N LEU B 1751 3.68 -21.55 -109.75
CA LEU B 1751 4.96 -21.67 -110.44
C LEU B 1751 5.59 -20.29 -110.59
N LEU B 1752 6.91 -20.25 -110.63
CA LEU B 1752 7.68 -19.01 -110.55
C LEU B 1752 8.36 -18.73 -111.88
N SER B 1753 8.05 -17.59 -112.50
CA SER B 1753 8.66 -17.19 -113.76
C SER B 1753 9.29 -15.82 -113.56
N SER B 1754 10.62 -15.80 -113.46
CA SER B 1754 11.50 -14.63 -113.28
C SER B 1754 11.08 -13.74 -112.12
N PRO B 1755 11.30 -14.14 -110.87
CA PRO B 1755 10.94 -13.26 -109.75
C PRO B 1755 11.94 -12.12 -109.59
N SER B 1756 11.46 -11.02 -109.03
CA SER B 1756 12.36 -9.92 -108.68
C SER B 1756 13.21 -10.28 -107.48
N VAL B 1757 12.58 -10.57 -106.34
CA VAL B 1757 13.26 -10.94 -105.12
C VAL B 1757 12.70 -12.27 -104.62
N LEU B 1758 13.27 -12.74 -103.51
CA LEU B 1758 12.71 -13.80 -102.69
C LEU B 1758 13.01 -13.43 -101.25
N LEU B 1759 11.98 -13.17 -100.46
CA LEU B 1759 12.13 -12.47 -99.19
C LEU B 1759 11.55 -13.31 -98.06
N CYS B 1760 11.94 -12.96 -96.82
CA CYS B 1760 11.37 -13.46 -95.56
C CYS B 1760 11.60 -14.97 -95.38
N ASN B 1761 12.86 -15.31 -95.09
CA ASN B 1761 13.35 -16.64 -94.74
C ASN B 1761 12.59 -17.29 -93.57
N VAL B 1762 12.70 -18.62 -93.44
CA VAL B 1762 12.29 -19.30 -92.21
C VAL B 1762 13.25 -19.00 -91.06
N LYS B 1763 14.45 -18.50 -91.34
CA LYS B 1763 15.50 -18.34 -90.34
C LYS B 1763 15.82 -16.86 -90.09
N ASP B 1764 14.79 -16.04 -89.97
CA ASP B 1764 14.95 -14.62 -89.68
C ASP B 1764 14.29 -14.27 -88.35
N TRP B 1765 14.21 -12.96 -88.08
CA TRP B 1765 13.61 -12.45 -86.85
C TRP B 1765 12.20 -11.97 -87.18
N MET B 1766 11.20 -12.71 -86.70
CA MET B 1766 9.79 -12.44 -87.03
C MET B 1766 8.95 -12.27 -85.78
N ASP B 1767 9.40 -11.43 -84.85
CA ASP B 1767 8.56 -11.02 -83.72
C ASP B 1767 8.72 -9.52 -83.45
N PRO B 1768 8.05 -8.65 -84.25
CA PRO B 1768 7.86 -7.27 -83.81
C PRO B 1768 6.55 -7.10 -83.04
N SER B 1769 5.97 -8.23 -82.63
CA SER B 1769 4.64 -8.35 -82.02
C SER B 1769 3.58 -7.74 -82.93
N GLU B 1770 3.43 -8.35 -84.10
CA GLU B 1770 2.49 -7.86 -85.11
C GLU B 1770 1.95 -9.04 -85.91
N ALA B 1771 0.66 -8.96 -86.24
CA ALA B 1771 0.03 -9.89 -87.16
C ALA B 1771 -1.12 -9.19 -87.84
N TRP B 1772 -1.45 -9.66 -89.06
CA TRP B 1772 -2.70 -9.41 -89.79
C TRP B 1772 -2.82 -7.99 -90.35
N ALA B 1773 -1.93 -7.08 -89.97
CA ALA B 1773 -2.02 -5.70 -90.43
C ALA B 1773 -0.83 -5.29 -91.29
N ASN B 1774 0.39 -5.36 -90.76
CA ASN B 1774 1.62 -5.17 -91.52
C ASN B 1774 2.36 -6.48 -91.73
N ALA B 1775 1.65 -7.62 -91.70
CA ALA B 1775 2.27 -8.93 -91.79
C ALA B 1775 2.48 -9.34 -93.26
N THR B 1776 3.19 -8.47 -93.99
CA THR B 1776 3.58 -8.75 -95.36
C THR B 1776 4.77 -9.68 -95.44
N CYS B 1777 5.46 -9.94 -94.33
CA CYS B 1777 6.62 -10.81 -94.34
C CYS B 1777 6.20 -12.28 -94.38
N PRO B 1778 5.30 -12.81 -93.48
CA PRO B 1778 4.87 -14.20 -93.69
C PRO B 1778 3.91 -14.33 -94.86
N GLY B 1779 3.09 -13.30 -95.07
CA GLY B 1779 2.12 -13.26 -96.13
C GLY B 1779 0.70 -13.61 -95.71
N VAL B 1780 0.52 -14.22 -94.54
CA VAL B 1780 -0.79 -14.66 -94.09
C VAL B 1780 -1.42 -13.57 -93.23
N THR B 1781 -2.75 -13.48 -93.30
CA THR B 1781 -3.53 -12.54 -92.50
C THR B 1781 -4.57 -13.35 -91.73
N TYR B 1782 -4.25 -13.66 -90.47
CA TYR B 1782 -5.11 -14.49 -89.63
C TYR B 1782 -6.24 -13.64 -89.08
N ASP B 1783 -7.45 -13.83 -89.61
CA ASP B 1783 -8.62 -13.04 -89.25
C ASP B 1783 -9.52 -13.78 -88.25
N GLN B 1784 -10.31 -13.01 -87.52
CA GLN B 1784 -11.13 -13.53 -86.42
C GLN B 1784 -12.55 -12.96 -86.49
N GLU B 1785 -13.19 -13.05 -87.65
CA GLU B 1785 -14.65 -12.94 -87.70
C GLU B 1785 -15.32 -14.32 -87.66
N SER B 1786 -14.84 -15.18 -86.75
CA SER B 1786 -15.10 -16.63 -86.76
C SER B 1786 -14.97 -17.21 -88.16
N HIS B 1787 -13.84 -16.92 -88.79
CA HIS B 1787 -13.65 -17.17 -90.23
C HIS B 1787 -13.28 -18.64 -90.46
N GLN B 1788 -12.07 -19.03 -90.06
CA GLN B 1788 -11.69 -20.37 -89.63
C GLN B 1788 -11.75 -21.51 -90.66
N VAL B 1789 -12.36 -21.31 -91.82
CA VAL B 1789 -12.48 -22.41 -92.79
C VAL B 1789 -12.01 -21.97 -94.17
N ILE B 1790 -12.24 -20.71 -94.50
CA ILE B 1790 -12.30 -20.29 -95.90
C ILE B 1790 -10.90 -20.05 -96.44
N LEU B 1791 -10.56 -20.75 -97.52
CA LEU B 1791 -9.30 -20.54 -98.21
C LEU B 1791 -9.40 -19.35 -99.15
N ARG B 1792 -8.29 -18.63 -99.29
CA ARG B 1792 -8.24 -17.44 -100.13
C ARG B 1792 -6.80 -17.19 -100.54
N LEU B 1793 -6.59 -16.85 -101.81
CA LEU B 1793 -5.26 -16.74 -102.40
C LEU B 1793 -5.12 -15.40 -103.10
N GLY B 1794 -3.89 -14.91 -103.19
CA GLY B 1794 -3.63 -13.60 -103.77
C GLY B 1794 -2.76 -13.61 -105.01
N ASP B 1795 -1.71 -12.80 -105.03
CA ASP B 1795 -0.79 -12.75 -106.17
C ASP B 1795 0.68 -12.90 -105.79
N GLN B 1796 1.01 -12.87 -104.50
CA GLN B 1796 2.37 -13.11 -104.01
C GLN B 1796 2.35 -14.15 -102.90
N GLU B 1797 1.43 -15.11 -103.01
CA GLU B 1797 1.02 -16.03 -101.94
C GLU B 1797 0.60 -15.24 -100.69
N PHE B 1798 -0.10 -14.14 -100.90
CA PHE B 1798 -0.65 -13.31 -99.84
C PHE B 1798 -1.98 -13.93 -99.42
N ILE B 1799 -1.89 -14.90 -98.51
CA ILE B 1799 -3.03 -15.75 -98.17
C ILE B 1799 -3.90 -15.03 -97.14
N LYS B 1800 -5.21 -15.05 -97.36
CA LYS B 1800 -6.18 -14.42 -96.47
C LYS B 1800 -6.89 -15.52 -95.69
N SER B 1801 -6.31 -15.92 -94.56
CA SER B 1801 -6.89 -16.94 -93.70
C SER B 1801 -6.48 -16.71 -92.25
N PHE B 1815 -1.16 -27.49 -90.89
CA PHE B 1815 -0.11 -26.65 -90.35
C PHE B 1815 0.50 -25.78 -91.44
N GLN B 1816 0.92 -24.56 -91.07
CA GLN B 1816 1.51 -23.61 -92.01
C GLN B 1816 2.88 -24.13 -92.45
N GLN B 1817 2.94 -24.67 -93.67
CA GLN B 1817 4.18 -25.16 -94.27
C GLN B 1817 4.26 -24.53 -95.66
N VAL B 1818 4.79 -23.32 -95.71
CA VAL B 1818 4.96 -22.59 -96.96
C VAL B 1818 6.45 -22.64 -97.31
N TYR B 1819 6.76 -22.85 -98.58
CA TYR B 1819 8.02 -23.47 -98.94
C TYR B 1819 8.21 -23.32 -100.45
N LEU B 1820 9.46 -23.19 -100.89
CA LEU B 1820 9.71 -22.71 -102.25
C LEU B 1820 11.00 -23.31 -102.81
N TRP B 1821 11.05 -23.40 -104.14
CA TRP B 1821 12.12 -24.07 -104.87
C TRP B 1821 12.65 -23.15 -105.96
N LYS B 1822 13.74 -23.56 -106.61
CA LYS B 1822 14.60 -22.60 -107.32
C LYS B 1822 15.38 -23.32 -108.41
N ASP B 1823 16.18 -22.55 -109.16
CA ASP B 1823 17.25 -22.98 -110.05
C ASP B 1823 16.81 -23.82 -111.26
N SER B 1824 16.05 -23.21 -112.17
CA SER B 1824 15.96 -23.78 -113.51
C SER B 1824 17.11 -23.37 -114.41
N ASP B 1825 18.00 -22.50 -113.91
CA ASP B 1825 19.12 -21.90 -114.66
C ASP B 1825 18.59 -21.17 -115.90
N MET B 1826 17.85 -20.10 -115.62
CA MET B 1826 17.00 -19.46 -116.61
C MET B 1826 17.81 -18.65 -117.62
N GLY B 1827 17.09 -17.92 -118.46
CA GLY B 1827 17.65 -17.18 -119.57
C GLY B 1827 16.67 -17.24 -120.72
N SER B 1828 16.30 -16.09 -121.28
CA SER B 1828 15.22 -16.03 -122.25
C SER B 1828 15.55 -14.98 -123.29
N ARG B 1829 14.55 -14.67 -124.11
CA ARG B 1829 14.63 -13.70 -125.19
C ARG B 1829 13.43 -12.75 -125.09
N PRO B 1830 13.59 -11.50 -125.51
CA PRO B 1830 12.45 -10.56 -125.44
C PRO B 1830 11.36 -10.92 -126.43
N GLU B 1831 10.17 -11.24 -125.88
CA GLU B 1831 8.97 -11.65 -126.62
C GLU B 1831 9.19 -12.89 -127.48
N SER B 1832 10.11 -13.76 -127.05
CA SER B 1832 10.31 -15.07 -127.65
C SER B 1832 10.38 -16.08 -126.51
N MET B 1833 9.48 -17.08 -126.54
CA MET B 1833 9.11 -17.89 -125.37
C MET B 1833 8.72 -16.98 -124.20
N GLY B 1834 7.96 -15.93 -124.52
CA GLY B 1834 7.73 -14.85 -123.60
C GLY B 1834 6.39 -14.89 -122.89
N CYS B 1835 6.43 -15.10 -121.59
CA CYS B 1835 5.24 -15.10 -120.75
C CYS B 1835 5.27 -13.99 -119.69
N ARG B 1836 6.34 -13.89 -118.90
CA ARG B 1836 6.47 -12.85 -117.90
C ARG B 1836 7.69 -12.00 -118.21
N LYS B 1837 7.44 -10.72 -118.45
CA LYS B 1837 8.50 -9.73 -118.62
C LYS B 1837 8.48 -8.75 -117.45
N ASP B 1838 9.65 -8.29 -117.06
CA ASP B 1838 9.79 -7.38 -115.92
C ASP B 1838 9.35 -5.97 -116.32
N THR B 1839 8.03 -5.81 -116.40
CA THR B 1839 7.45 -4.55 -116.84
C THR B 1839 7.37 -3.55 -115.69
N VAL B 1840 7.24 -2.28 -116.06
CA VAL B 1840 7.26 -1.06 -115.22
C VAL B 1840 8.36 -1.16 -114.16
N PRO B 1841 9.63 -0.99 -114.55
CA PRO B 1841 10.74 -1.24 -113.61
C PRO B 1841 10.93 -0.19 -112.52
N ARG B 1842 10.06 0.83 -112.47
CA ARG B 1842 10.04 1.92 -111.48
C ARG B 1842 11.36 2.68 -111.49
N PRO B 1843 11.61 3.54 -112.49
CA PRO B 1843 12.82 4.38 -112.43
C PRO B 1843 12.70 5.41 -111.32
N ALA B 1844 13.47 5.22 -110.24
CA ALA B 1844 13.38 6.09 -109.09
C ALA B 1844 14.04 7.43 -109.38
N SER B 1845 13.47 8.49 -108.79
CA SER B 1845 13.97 9.83 -109.01
C SER B 1845 15.28 10.03 -108.25
N PRO B 1846 16.31 10.63 -108.88
CA PRO B 1846 17.58 10.86 -108.18
C PRO B 1846 17.48 11.90 -107.08
N THR B 1847 16.41 12.70 -107.02
CA THR B 1847 16.16 13.55 -105.86
C THR B 1847 15.61 12.78 -104.68
N GLU B 1848 15.26 11.50 -104.86
CA GLU B 1848 14.89 10.59 -103.78
C GLU B 1848 15.81 9.39 -103.68
N ALA B 1849 16.19 8.79 -104.82
CA ALA B 1849 17.07 7.62 -104.79
C ALA B 1849 18.51 8.01 -104.49
N GLY B 1850 18.96 9.15 -105.02
CA GLY B 1850 20.29 9.65 -104.75
C GLY B 1850 20.47 10.33 -103.42
N LEU B 1851 19.39 10.46 -102.63
CA LEU B 1851 19.47 11.06 -101.31
C LEU B 1851 19.48 10.03 -100.19
N THR B 1852 18.95 8.82 -100.43
CA THR B 1852 19.00 7.76 -99.43
C THR B 1852 20.40 7.17 -99.29
N THR B 1853 21.23 7.29 -100.33
CA THR B 1853 22.58 6.73 -100.26
C THR B 1853 23.52 7.55 -99.39
N GLU B 1854 23.14 8.75 -98.97
CA GLU B 1854 23.92 9.50 -98.00
C GLU B 1854 23.33 9.42 -96.60
N LEU B 1855 22.17 8.77 -96.44
CA LEU B 1855 21.72 8.37 -95.11
C LEU B 1855 22.54 7.22 -94.56
N PHE B 1856 23.25 6.48 -95.40
CA PHE B 1856 24.06 5.35 -94.97
C PHE B 1856 25.54 5.66 -95.14
N SER B 1857 26.38 4.69 -94.81
CA SER B 1857 27.81 4.87 -94.85
C SER B 1857 28.52 3.55 -95.15
N PRO B 1858 29.49 3.54 -96.05
CA PRO B 1858 30.24 2.30 -96.34
C PRO B 1858 31.20 1.95 -95.21
N VAL B 1859 31.60 0.69 -95.20
CA VAL B 1859 32.50 0.13 -94.20
C VAL B 1859 33.72 -0.43 -94.92
N ASP B 1860 34.91 -0.05 -94.45
CA ASP B 1860 36.14 -0.71 -94.90
C ASP B 1860 36.13 -2.15 -94.41
N LEU B 1861 36.30 -3.10 -95.34
CA LEU B 1861 36.11 -4.51 -95.04
C LEU B 1861 37.30 -5.14 -94.31
N ASN B 1862 38.33 -4.37 -93.96
CA ASN B 1862 39.38 -4.89 -93.09
C ASN B 1862 38.92 -5.03 -91.65
N GLN B 1863 37.89 -4.27 -91.25
CA GLN B 1863 37.42 -4.32 -89.87
C GLN B 1863 36.64 -5.60 -89.60
N VAL B 1864 35.82 -6.04 -90.55
CA VAL B 1864 34.98 -7.22 -90.34
C VAL B 1864 35.83 -8.48 -90.44
N ILE B 1865 35.67 -9.37 -89.47
CA ILE B 1865 36.24 -10.70 -89.52
C ILE B 1865 35.10 -11.71 -89.61
N VAL B 1866 35.43 -12.91 -90.08
CA VAL B 1866 34.44 -13.94 -90.28
C VAL B 1866 34.56 -14.99 -89.18
N ASN B 1867 33.42 -15.55 -88.79
CA ASN B 1867 33.37 -16.69 -87.90
C ASN B 1867 32.62 -17.85 -88.53
N GLY B 1868 31.43 -17.62 -89.07
CA GLY B 1868 30.56 -18.68 -89.52
C GLY B 1868 29.99 -19.53 -88.40
N ASN B 1869 30.15 -19.11 -87.15
CA ASN B 1869 29.85 -19.96 -86.00
C ASN B 1869 29.13 -19.23 -84.88
N GLN B 1870 29.11 -17.90 -84.88
CA GLN B 1870 28.33 -17.16 -83.89
C GLN B 1870 26.91 -16.99 -84.40
N SER B 1871 25.94 -17.32 -83.54
CA SER B 1871 24.53 -17.22 -83.92
C SER B 1871 24.12 -15.75 -84.02
N LEU B 1872 23.71 -15.33 -85.21
CA LEU B 1872 23.37 -13.93 -85.47
C LEU B 1872 22.10 -13.93 -86.31
N SER B 1873 21.00 -13.49 -85.72
CA SER B 1873 19.72 -13.43 -86.42
C SER B 1873 19.75 -12.37 -87.51
N SER B 1874 19.12 -12.68 -88.64
CA SER B 1874 19.25 -11.84 -89.83
C SER B 1874 18.14 -12.16 -90.82
N GLN B 1875 17.65 -11.13 -91.49
CA GLN B 1875 16.74 -11.30 -92.61
C GLN B 1875 17.55 -11.44 -93.89
N LYS B 1876 17.03 -12.21 -94.84
CA LYS B 1876 17.75 -12.52 -96.07
C LYS B 1876 16.87 -12.27 -97.27
N HIS B 1877 17.53 -12.11 -98.42
CA HIS B 1877 16.85 -11.83 -99.68
C HIS B 1877 17.66 -12.43 -100.83
N TRP B 1878 16.98 -12.78 -101.91
CA TRP B 1878 17.62 -12.94 -103.21
C TRP B 1878 17.29 -11.72 -104.04
N LEU B 1879 18.18 -11.39 -104.99
CA LEU B 1879 17.93 -10.29 -105.93
C LEU B 1879 18.51 -10.70 -107.28
N PHE B 1880 17.68 -11.28 -108.14
CA PHE B 1880 18.16 -11.90 -109.37
C PHE B 1880 18.66 -10.85 -110.37
N LYS B 1881 19.72 -11.20 -111.08
CA LYS B 1881 20.47 -10.23 -111.88
C LYS B 1881 19.76 -9.79 -113.15
N HIS B 1882 18.73 -10.51 -113.59
CA HIS B 1882 18.09 -10.17 -114.86
C HIS B 1882 17.25 -8.90 -114.75
N LEU B 1883 16.75 -8.58 -113.57
CA LEU B 1883 16.06 -7.31 -113.33
C LEU B 1883 16.97 -6.28 -112.68
N PHE B 1884 17.54 -6.60 -111.51
CA PHE B 1884 18.31 -5.63 -110.77
C PHE B 1884 19.73 -5.56 -111.31
N SER B 1885 20.19 -4.33 -111.56
CA SER B 1885 21.55 -4.09 -112.02
C SER B 1885 22.50 -4.06 -110.82
N ALA B 1886 23.73 -3.61 -111.04
CA ALA B 1886 24.69 -3.51 -109.94
C ALA B 1886 24.37 -2.34 -109.02
N GLN B 1887 23.91 -1.22 -109.58
CA GLN B 1887 23.54 -0.07 -108.77
C GLN B 1887 22.18 -0.26 -108.12
N GLN B 1888 21.25 -0.92 -108.83
CA GLN B 1888 19.93 -1.17 -108.27
C GLN B 1888 19.93 -2.30 -107.24
N ALA B 1889 21.00 -3.09 -107.20
CA ALA B 1889 21.13 -4.10 -106.14
C ALA B 1889 21.34 -3.45 -104.78
N ASN B 1890 22.17 -2.40 -104.74
CA ASN B 1890 22.31 -1.63 -103.51
C ASN B 1890 21.04 -0.87 -103.19
N LEU B 1891 20.49 -0.17 -104.20
CA LEU B 1891 19.43 0.82 -103.98
C LEU B 1891 18.12 0.18 -103.48
N TRP B 1892 17.86 -1.07 -103.86
CA TRP B 1892 16.72 -1.76 -103.27
C TRP B 1892 17.02 -2.21 -101.84
N CYS B 1893 18.23 -2.72 -101.61
CA CYS B 1893 18.58 -3.23 -100.30
C CYS B 1893 18.78 -2.12 -99.28
N LEU B 1894 19.28 -0.97 -99.71
CA LEU B 1894 19.45 0.15 -98.78
C LEU B 1894 18.10 0.79 -98.46
N SER B 1895 17.20 0.87 -99.44
CA SER B 1895 15.86 1.37 -99.16
C SER B 1895 15.02 0.37 -98.37
N ARG B 1896 15.35 -0.92 -98.46
CA ARG B 1896 14.68 -1.91 -97.61
C ARG B 1896 15.12 -1.77 -96.15
N CYS B 1897 16.37 -1.34 -95.93
CA CYS B 1897 16.86 -1.13 -94.57
C CYS B 1897 16.16 0.02 -93.87
N VAL B 1898 15.72 1.03 -94.64
CA VAL B 1898 14.98 2.14 -94.04
C VAL B 1898 13.59 1.69 -93.63
N GLN B 1899 12.99 0.76 -94.38
CA GLN B 1899 11.62 0.30 -94.09
C GLN B 1899 11.54 -0.51 -92.80
N GLU B 1900 12.64 -1.07 -92.33
CA GLU B 1900 12.72 -1.69 -91.01
C GLU B 1900 13.44 -0.68 -90.11
N HIS B 1901 12.66 0.08 -89.35
CA HIS B 1901 13.22 1.26 -88.68
C HIS B 1901 14.07 0.88 -87.48
N SER B 1902 13.68 -0.13 -86.72
CA SER B 1902 14.57 -0.70 -85.71
C SER B 1902 14.59 -2.22 -85.85
N PHE B 1903 15.28 -2.70 -86.88
CA PHE B 1903 15.99 -3.97 -86.90
C PHE B 1903 17.30 -3.90 -87.66
N CYS B 1904 17.44 -2.98 -88.61
CA CYS B 1904 18.53 -2.96 -89.55
C CYS B 1904 19.60 -1.97 -89.10
N GLN B 1905 20.82 -2.46 -88.94
CA GLN B 1905 21.98 -1.61 -88.77
C GLN B 1905 23.09 -1.93 -89.75
N LEU B 1906 23.12 -3.15 -90.30
CA LEU B 1906 24.11 -3.56 -91.30
C LEU B 1906 23.37 -4.17 -92.48
N ALA B 1907 23.54 -3.58 -93.66
CA ALA B 1907 23.01 -4.13 -94.90
C ALA B 1907 24.18 -4.50 -95.80
N GLU B 1908 24.23 -5.76 -96.24
CA GLU B 1908 25.32 -6.23 -97.05
C GLU B 1908 24.81 -6.76 -98.38
N ILE B 1909 25.72 -6.82 -99.35
CA ILE B 1909 25.46 -7.40 -100.67
C ILE B 1909 26.59 -8.36 -100.96
N THR B 1910 26.26 -9.63 -101.22
CA THR B 1910 27.26 -10.64 -101.51
C THR B 1910 26.88 -11.39 -102.78
N GLU B 1911 27.88 -12.07 -103.36
CA GLU B 1911 27.73 -12.82 -104.60
C GLU B 1911 28.45 -14.16 -104.41
N SER B 1912 27.71 -15.17 -103.96
CA SER B 1912 28.28 -16.51 -103.80
C SER B 1912 28.05 -17.40 -105.01
N ALA B 1913 27.09 -17.06 -105.88
CA ALA B 1913 26.93 -17.75 -107.15
C ALA B 1913 26.39 -16.75 -108.17
N SER B 1914 26.45 -17.15 -109.44
CA SER B 1914 26.30 -16.22 -110.57
C SER B 1914 24.87 -16.20 -111.11
N LEU B 1915 23.92 -15.82 -110.25
CA LEU B 1915 22.55 -15.59 -110.72
C LEU B 1915 21.87 -14.38 -110.10
N TYR B 1916 22.38 -13.81 -109.02
CA TYR B 1916 21.54 -13.07 -108.10
C TYR B 1916 22.36 -11.97 -107.42
N PHE B 1917 21.71 -11.28 -106.49
CA PHE B 1917 22.35 -10.57 -105.40
C PHE B 1917 21.72 -11.06 -104.11
N THR B 1918 22.23 -10.59 -102.97
CA THR B 1918 21.73 -11.05 -101.67
C THR B 1918 21.73 -9.88 -100.70
N CYS B 1919 20.52 -9.39 -100.37
CA CYS B 1919 20.36 -8.39 -99.32
C CYS B 1919 20.20 -9.13 -98.00
N THR B 1920 21.17 -8.99 -97.12
CA THR B 1920 21.11 -9.58 -95.79
C THR B 1920 21.16 -8.46 -94.77
N LEU B 1921 20.09 -8.31 -94.00
CA LEU B 1921 19.98 -7.25 -93.01
C LEU B 1921 20.37 -7.79 -91.65
N TYR B 1922 21.15 -7.01 -90.91
CA TYR B 1922 21.68 -7.43 -89.62
C TYR B 1922 21.34 -6.41 -88.54
N PRO B 1923 21.42 -6.81 -87.27
CA PRO B 1923 21.56 -5.83 -86.19
C PRO B 1923 23.01 -5.34 -86.13
N GLU B 1924 23.29 -4.54 -85.12
CA GLU B 1924 24.65 -4.04 -84.92
C GLU B 1924 25.52 -5.19 -84.42
N ALA B 1925 26.26 -5.80 -85.33
CA ALA B 1925 27.11 -6.95 -85.01
C ALA B 1925 28.52 -6.52 -84.64
N GLN B 1926 28.63 -5.60 -83.68
CA GLN B 1926 29.91 -5.05 -83.24
C GLN B 1926 30.08 -5.43 -81.77
N VAL B 1927 30.66 -6.60 -81.53
CA VAL B 1927 30.97 -7.02 -80.18
C VAL B 1927 32.27 -6.36 -79.74
N CYS B 1928 32.41 -6.14 -78.43
CA CYS B 1928 33.63 -5.54 -77.92
C CYS B 1928 34.06 -6.22 -76.63
N ASP B 1929 35.37 -6.24 -76.41
CA ASP B 1929 35.97 -6.94 -75.30
C ASP B 1929 35.80 -6.17 -73.99
N ASP B 1930 36.32 -6.74 -72.91
CA ASP B 1930 36.05 -6.24 -71.57
C ASP B 1930 36.96 -5.09 -71.15
N ILE B 1931 37.97 -4.75 -71.95
CA ILE B 1931 38.92 -3.72 -71.53
C ILE B 1931 38.30 -2.34 -71.69
N MET B 1932 38.60 -1.45 -70.76
CA MET B 1932 38.02 -0.12 -70.70
C MET B 1932 39.03 0.88 -71.24
N GLU B 1933 39.15 0.93 -72.56
CA GLU B 1933 39.97 1.91 -73.24
C GLU B 1933 39.09 2.85 -74.05
N SER B 1934 39.69 3.96 -74.49
CA SER B 1934 38.93 5.05 -75.08
C SER B 1934 38.46 4.73 -76.50
N ASN B 1935 39.40 4.52 -77.41
CA ASN B 1935 39.07 4.34 -78.81
C ASN B 1935 38.48 2.96 -79.07
N ALA B 1936 37.67 2.86 -80.12
CA ALA B 1936 37.04 1.61 -80.52
C ALA B 1936 37.92 0.80 -81.46
N GLN B 1937 39.23 1.05 -81.48
CA GLN B 1937 40.13 0.30 -82.34
C GLN B 1937 40.35 -1.12 -81.84
N GLY B 1938 40.12 -1.38 -80.56
CA GLY B 1938 40.30 -2.70 -79.98
C GLY B 1938 39.17 -3.68 -80.24
N CYS B 1939 38.14 -3.30 -81.00
CA CYS B 1939 37.05 -4.20 -81.29
C CYS B 1939 36.49 -3.89 -82.67
N ARG B 1940 35.67 -4.82 -83.16
CA ARG B 1940 35.36 -4.87 -84.58
C ARG B 1940 34.07 -5.66 -84.79
N LEU B 1941 33.81 -6.02 -86.04
CA LEU B 1941 32.58 -6.68 -86.48
C LEU B 1941 32.80 -8.18 -86.63
N ILE B 1942 31.70 -8.92 -86.55
CA ILE B 1942 31.69 -10.36 -86.82
C ILE B 1942 30.47 -10.69 -87.68
N LEU B 1943 30.70 -11.24 -88.87
CA LEU B 1943 29.66 -11.73 -89.77
C LEU B 1943 29.95 -13.18 -90.12
N PRO B 1944 28.92 -13.97 -90.46
CA PRO B 1944 29.17 -15.38 -90.82
C PRO B 1944 29.95 -15.55 -92.12
N GLN B 1945 29.91 -14.58 -93.02
CA GLN B 1945 30.73 -14.63 -94.23
C GLN B 1945 31.12 -13.21 -94.60
N MET B 1946 32.19 -13.10 -95.40
CA MET B 1946 32.73 -11.81 -95.78
C MET B 1946 31.97 -11.30 -97.00
N PRO B 1947 31.22 -10.20 -96.89
CA PRO B 1947 30.42 -9.74 -98.03
C PRO B 1947 31.27 -8.99 -99.05
N LYS B 1948 30.65 -8.71 -100.19
CA LYS B 1948 31.28 -7.88 -101.21
C LYS B 1948 31.17 -6.41 -100.83
N ALA B 1949 29.98 -5.97 -100.42
CA ALA B 1949 29.76 -4.62 -99.94
C ALA B 1949 29.14 -4.67 -98.55
N LEU B 1950 29.22 -3.54 -97.85
CA LEU B 1950 28.68 -3.44 -96.51
C LEU B 1950 28.32 -2.00 -96.22
N PHE B 1951 27.15 -1.80 -95.60
CA PHE B 1951 26.63 -0.46 -95.36
C PHE B 1951 26.05 -0.39 -93.97
N ARG B 1952 26.29 0.72 -93.28
CA ARG B 1952 25.72 0.97 -91.96
C ARG B 1952 24.61 1.99 -92.05
N LYS B 1953 23.47 1.68 -91.44
CA LYS B 1953 22.48 2.70 -91.15
C LYS B 1953 23.05 3.55 -90.03
N LYS B 1954 23.58 4.71 -90.40
CA LYS B 1954 24.28 5.55 -89.41
C LYS B 1954 23.27 6.13 -88.43
N VAL B 1955 23.75 6.32 -87.20
CA VAL B 1955 22.85 6.54 -86.08
C VAL B 1955 22.26 7.94 -86.13
N ILE B 1956 20.94 8.03 -85.98
CA ILE B 1956 20.26 9.31 -85.92
C ILE B 1956 19.74 9.48 -84.50
N LEU B 1957 20.53 10.13 -83.67
CA LEU B 1957 20.12 10.42 -82.31
C LEU B 1957 19.27 11.68 -82.27
N GLU B 1958 18.19 11.63 -81.48
CA GLU B 1958 17.25 12.73 -81.39
C GLU B 1958 17.23 13.26 -79.97
N ASP B 1959 16.95 14.56 -79.85
CA ASP B 1959 16.84 15.21 -78.55
C ASP B 1959 15.54 14.76 -77.85
N LYS B 1960 15.37 15.23 -76.61
CA LYS B 1960 14.31 14.79 -75.69
C LYS B 1960 14.44 13.28 -75.49
N VAL B 1961 15.44 12.88 -74.69
CA VAL B 1961 15.72 11.47 -74.35
C VAL B 1961 14.47 10.76 -73.84
N LYS B 1962 14.35 9.47 -74.15
CA LYS B 1962 13.13 8.72 -73.91
C LYS B 1962 13.27 7.77 -72.72
N ASN B 1963 14.27 7.98 -71.87
CA ASN B 1963 14.49 7.17 -70.68
C ASN B 1963 15.05 8.06 -69.57
N PHE B 1964 14.74 7.70 -68.33
CA PHE B 1964 15.29 8.36 -67.16
C PHE B 1964 16.33 7.42 -66.56
N TYR B 1965 17.59 7.62 -66.91
CA TYR B 1965 18.65 6.73 -66.49
C TYR B 1965 18.97 6.93 -65.00
N THR B 1966 18.80 5.89 -64.22
CA THR B 1966 19.11 5.93 -62.80
C THR B 1966 20.57 5.55 -62.57
N ARG B 1967 21.24 6.31 -61.70
CA ARG B 1967 22.63 5.99 -61.36
C ARG B 1967 22.67 4.78 -60.45
N LEU B 1968 23.54 3.82 -60.79
CA LEU B 1968 23.81 2.74 -59.87
C LEU B 1968 24.67 3.24 -58.72
N PRO B 1969 24.48 2.72 -57.52
CA PRO B 1969 25.38 3.04 -56.41
C PRO B 1969 26.58 2.10 -56.38
N PHE B 1970 27.30 2.02 -57.50
CA PHE B 1970 28.42 1.09 -57.63
C PHE B 1970 29.55 1.74 -58.42
N GLN B 1971 30.72 1.13 -58.31
CA GLN B 1971 31.93 1.69 -58.91
C GLN B 1971 32.80 0.66 -59.61
N LYS B 1972 32.40 -0.60 -59.68
CA LYS B 1972 33.22 -1.62 -60.31
C LYS B 1972 32.31 -2.74 -60.82
N LEU B 1973 32.62 -3.25 -62.00
CA LEU B 1973 31.84 -4.31 -62.61
C LEU B 1973 32.75 -5.37 -63.21
N MET B 1974 32.54 -6.62 -62.81
CA MET B 1974 33.07 -7.77 -63.51
C MET B 1974 31.96 -8.41 -64.34
N GLY B 1975 32.36 -9.17 -65.34
CA GLY B 1975 31.39 -9.74 -66.27
C GLY B 1975 30.70 -8.71 -67.14
N ILE B 1976 31.41 -7.64 -67.49
CA ILE B 1976 30.85 -6.60 -68.34
C ILE B 1976 30.74 -7.12 -69.77
N SER B 1977 29.72 -6.64 -70.49
CA SER B 1977 29.57 -6.92 -71.91
C SER B 1977 29.35 -5.57 -72.59
N ILE B 1978 30.40 -5.07 -73.23
CA ILE B 1978 30.38 -3.73 -73.80
C ILE B 1978 29.82 -3.79 -75.21
N ARG B 1979 28.80 -2.98 -75.47
CA ARG B 1979 28.13 -2.96 -76.77
C ARG B 1979 28.82 -2.04 -77.76
N ASN B 1980 29.22 -0.85 -77.32
CA ASN B 1980 29.85 0.13 -78.20
C ASN B 1980 30.63 1.10 -77.32
N LYS B 1981 31.72 1.63 -77.88
CA LYS B 1981 32.52 2.65 -77.22
C LYS B 1981 32.69 3.83 -78.15
N VAL B 1982 32.76 5.02 -77.58
CA VAL B 1982 33.01 6.24 -78.34
C VAL B 1982 33.72 7.27 -77.46
N PRO B 1983 34.83 7.83 -77.93
CA PRO B 1983 35.47 8.92 -77.19
C PRO B 1983 34.80 10.24 -77.46
N MET B 1984 34.90 11.13 -76.47
CA MET B 1984 34.37 12.49 -76.62
C MET B 1984 35.12 13.43 -75.69
N SER B 1985 35.84 14.38 -76.28
CA SER B 1985 36.54 15.40 -75.51
C SER B 1985 36.39 16.81 -76.07
N GLU B 1986 35.89 16.96 -77.30
CA GLU B 1986 35.68 18.29 -77.86
C GLU B 1986 34.45 18.98 -77.28
N LYS B 1987 33.52 18.23 -76.71
CA LYS B 1987 32.34 18.80 -76.10
C LYS B 1987 32.59 19.09 -74.62
N SER B 1988 31.65 19.79 -74.00
CA SER B 1988 31.69 19.98 -72.56
C SER B 1988 31.19 18.72 -71.86
N ILE B 1989 31.13 18.78 -70.52
CA ILE B 1989 30.68 17.63 -69.76
C ILE B 1989 29.17 17.44 -69.92
N SER B 1990 28.41 18.52 -69.75
CA SER B 1990 26.95 18.43 -69.82
C SER B 1990 26.47 18.16 -71.24
N ASN B 1991 27.02 18.88 -72.22
CA ASN B 1991 26.67 18.63 -73.61
C ASN B 1991 27.20 17.29 -74.10
N GLY B 1992 28.35 16.86 -73.58
CA GLY B 1992 28.83 15.53 -73.90
C GLY B 1992 28.01 14.44 -73.23
N PHE B 1993 27.41 14.74 -72.09
CA PHE B 1993 26.51 13.78 -71.44
C PHE B 1993 25.20 13.68 -72.21
N PHE B 1994 24.72 14.79 -72.77
CA PHE B 1994 23.45 14.75 -73.48
C PHE B 1994 23.54 13.98 -74.79
N GLU B 1995 24.74 13.89 -75.37
CA GLU B 1995 24.97 12.90 -76.43
C GLU B 1995 24.92 11.49 -75.86
N CYS B 1996 25.42 11.31 -74.64
CA CYS B 1996 25.64 9.97 -74.11
C CYS B 1996 24.35 9.28 -73.71
N GLU B 1997 23.32 10.04 -73.33
CA GLU B 1997 22.02 9.43 -73.10
C GLU B 1997 21.33 9.07 -74.41
N ARG B 1998 21.47 9.93 -75.42
CA ARG B 1998 20.82 9.71 -76.72
C ARG B 1998 21.40 8.52 -77.47
N ARG B 1999 22.63 8.11 -77.16
CA ARG B 1999 23.24 7.00 -77.89
C ARG B 1999 22.71 5.66 -77.39
N CYS B 2000 22.52 5.50 -76.08
CA CYS B 2000 21.86 4.31 -75.55
C CYS B 2000 20.38 4.27 -75.94
N ASP B 2001 19.77 5.44 -76.17
CA ASP B 2001 18.38 5.47 -76.62
C ASP B 2001 18.25 4.94 -78.04
N ALA B 2002 19.21 5.26 -78.91
CA ALA B 2002 19.22 4.75 -80.28
C ALA B 2002 20.03 3.47 -80.37
N ASP B 2003 19.71 2.51 -79.51
CA ASP B 2003 20.30 1.19 -79.47
C ASP B 2003 19.29 0.26 -78.82
N PRO B 2004 18.67 -0.64 -79.60
CA PRO B 2004 17.47 -1.35 -79.10
C PRO B 2004 17.74 -2.40 -78.02
N CYS B 2005 18.99 -2.72 -77.70
CA CYS B 2005 19.23 -3.62 -76.59
C CYS B 2005 20.35 -3.13 -75.69
N CYS B 2006 20.56 -1.82 -75.65
CA CYS B 2006 21.33 -1.22 -74.57
C CYS B 2006 20.65 -1.48 -73.25
N THR B 2007 21.37 -2.09 -72.31
CA THR B 2007 20.84 -2.25 -70.97
C THR B 2007 21.09 -0.99 -70.15
N GLY B 2008 22.29 -0.44 -70.26
CA GLY B 2008 22.63 0.85 -69.69
C GLY B 2008 23.93 1.28 -70.32
N PHE B 2009 24.36 2.50 -69.96
CA PHE B 2009 25.63 3.00 -70.45
C PHE B 2009 26.55 3.35 -69.29
N GLY B 2010 27.84 3.20 -69.54
CA GLY B 2010 28.83 3.84 -68.71
C GLY B 2010 29.17 5.22 -69.23
N PHE B 2011 29.77 6.02 -68.35
CA PHE B 2011 30.21 7.37 -68.69
C PHE B 2011 31.33 7.67 -67.70
N LEU B 2012 32.58 7.58 -68.16
CA LEU B 2012 33.70 7.61 -67.24
C LEU B 2012 34.97 7.96 -67.98
N ASN B 2013 35.91 8.56 -67.25
CA ASN B 2013 37.27 8.68 -67.74
C ASN B 2013 37.94 7.31 -67.71
N VAL B 2014 38.38 6.84 -68.87
CA VAL B 2014 39.31 5.73 -68.91
C VAL B 2014 40.72 6.29 -68.73
N SER B 2015 41.61 5.47 -68.16
CA SER B 2015 43.01 5.81 -67.88
C SER B 2015 43.14 7.10 -67.06
N GLN B 2016 42.53 7.08 -65.87
CA GLN B 2016 42.58 8.24 -64.98
C GLN B 2016 43.96 8.44 -64.36
N LEU B 2017 44.79 7.38 -64.32
CA LEU B 2017 46.15 7.48 -63.83
C LEU B 2017 47.01 8.42 -64.68
N LYS B 2018 46.66 8.63 -65.95
CA LYS B 2018 47.25 9.67 -66.77
C LYS B 2018 46.28 10.82 -67.02
N GLY B 2019 45.09 10.79 -66.39
CA GLY B 2019 44.08 11.80 -66.63
C GLY B 2019 43.47 11.70 -68.01
N GLY B 2020 42.99 10.52 -68.35
CA GLY B 2020 42.51 10.24 -69.70
C GLY B 2020 41.17 10.89 -70.00
N GLU B 2021 40.67 10.60 -71.19
CA GLU B 2021 39.57 11.34 -71.78
C GLU B 2021 38.23 10.68 -71.50
N VAL B 2022 37.16 11.41 -71.80
CA VAL B 2022 35.81 11.04 -71.43
C VAL B 2022 35.23 10.11 -72.49
N THR B 2023 34.70 8.97 -72.06
CA THR B 2023 34.08 8.01 -72.96
C THR B 2023 32.60 7.88 -72.63
N CYS B 2024 31.85 7.35 -73.59
CA CYS B 2024 30.45 6.94 -73.40
C CYS B 2024 30.36 5.52 -73.92
N LEU B 2025 30.69 4.55 -73.06
CA LEU B 2025 30.73 3.16 -73.46
C LEU B 2025 29.37 2.52 -73.20
N THR B 2026 28.69 2.14 -74.29
CA THR B 2026 27.39 1.48 -74.19
C THR B 2026 27.57 0.02 -73.80
N LEU B 2027 26.77 -0.44 -72.83
CA LEU B 2027 26.86 -1.79 -72.33
C LEU B 2027 25.72 -2.66 -72.86
N ASN B 2028 25.99 -3.95 -72.97
CA ASN B 2028 25.00 -4.98 -73.27
C ASN B 2028 24.49 -5.66 -72.01
N SER B 2029 25.39 -5.99 -71.09
CA SER B 2029 25.03 -6.60 -69.82
C SER B 2029 25.83 -5.97 -68.70
N LEU B 2030 25.25 -5.96 -67.52
CA LEU B 2030 25.86 -5.41 -66.31
C LEU B 2030 25.99 -6.61 -65.37
N GLY B 2031 27.12 -7.31 -65.44
CA GLY B 2031 27.22 -8.65 -64.91
C GLY B 2031 27.14 -8.80 -63.41
N ILE B 2032 28.16 -8.36 -62.67
CA ILE B 2032 28.11 -8.30 -61.22
C ILE B 2032 28.58 -6.92 -60.79
N GLN B 2033 27.88 -6.34 -59.82
CA GLN B 2033 28.06 -4.95 -59.43
C GLN B 2033 28.49 -4.92 -57.98
N MET B 2034 29.71 -4.44 -57.72
CA MET B 2034 30.27 -4.52 -56.38
C MET B 2034 30.86 -3.18 -55.95
N CYS B 2035 31.35 -3.18 -54.70
CA CYS B 2035 31.85 -2.01 -53.95
C CYS B 2035 30.85 -0.86 -53.96
N SER B 2036 29.72 -1.14 -53.31
CA SER B 2036 28.68 -0.13 -53.15
C SER B 2036 29.15 0.99 -52.23
N GLU B 2037 28.66 2.19 -52.51
CA GLU B 2037 28.91 3.34 -51.63
C GLU B 2037 27.77 3.51 -50.63
N GLU B 2038 27.44 2.44 -49.91
CA GLU B 2038 26.38 2.50 -48.91
C GLU B 2038 26.72 1.76 -47.63
N ASN B 2039 27.87 1.09 -47.54
CA ASN B 2039 28.37 0.58 -46.27
C ASN B 2039 29.56 1.38 -45.75
N GLY B 2040 29.83 2.54 -46.34
CA GLY B 2040 31.06 3.26 -46.04
C GLY B 2040 32.24 2.51 -46.62
N GLY B 2041 33.29 2.37 -45.84
CA GLY B 2041 34.44 1.58 -46.24
C GLY B 2041 34.98 0.78 -45.07
N ALA B 2042 34.10 0.45 -44.12
CA ALA B 2042 34.53 -0.15 -42.87
C ALA B 2042 34.91 -1.62 -43.03
N TRP B 2043 34.31 -2.32 -43.98
CA TRP B 2043 34.57 -3.76 -44.13
C TRP B 2043 34.49 -4.09 -45.61
N ARG B 2044 35.64 -4.12 -46.28
CA ARG B 2044 35.73 -4.44 -47.70
C ARG B 2044 36.27 -5.84 -47.89
N ILE B 2045 35.54 -6.65 -48.66
CA ILE B 2045 36.04 -7.92 -49.19
C ILE B 2045 36.01 -7.94 -50.72
N LEU B 2046 35.64 -6.82 -51.34
CA LEU B 2046 35.53 -6.71 -52.78
C LEU B 2046 36.36 -5.51 -53.23
N ASP B 2047 37.34 -5.76 -54.10
CA ASP B 2047 38.21 -4.70 -54.60
C ASP B 2047 37.44 -3.72 -55.47
N CYS B 2048 37.56 -2.43 -55.15
CA CYS B 2048 36.73 -1.42 -55.80
C CYS B 2048 37.50 -0.78 -56.96
N GLY B 2049 37.74 -1.59 -57.98
CA GLY B 2049 38.28 -1.08 -59.22
C GLY B 2049 39.75 -0.74 -59.23
N SER B 2050 40.37 -0.89 -60.40
CA SER B 2050 41.71 -0.39 -60.59
C SER B 2050 41.67 1.13 -60.70
N PRO B 2051 42.70 1.83 -60.21
CA PRO B 2051 42.71 3.30 -60.28
C PRO B 2051 43.07 3.83 -61.67
N ASP B 2052 42.28 3.43 -62.67
CA ASP B 2052 42.33 4.02 -64.00
C ASP B 2052 40.96 4.44 -64.52
N ILE B 2053 39.89 3.90 -64.00
CA ILE B 2053 38.56 4.43 -64.25
C ILE B 2053 38.21 5.34 -63.08
N GLU B 2054 37.45 6.40 -63.36
CA GLU B 2054 36.92 7.24 -62.28
C GLU B 2054 35.40 7.31 -62.46
N VAL B 2055 34.72 6.30 -61.91
CA VAL B 2055 33.29 6.42 -61.62
C VAL B 2055 33.22 6.91 -60.18
N HIS B 2056 33.45 8.21 -60.01
CA HIS B 2056 33.23 8.78 -58.69
C HIS B 2056 32.52 10.12 -58.75
N THR B 2057 32.87 10.94 -59.73
CA THR B 2057 32.38 12.31 -59.80
C THR B 2057 30.98 12.31 -60.42
N TYR B 2058 30.21 13.36 -60.12
CA TYR B 2058 28.76 13.31 -60.26
C TYR B 2058 28.22 13.09 -61.67
N PRO B 2059 28.67 13.78 -62.75
CA PRO B 2059 28.14 13.42 -64.08
C PRO B 2059 28.56 12.04 -64.53
N PHE B 2060 29.67 11.53 -64.02
CA PHE B 2060 30.11 10.18 -64.35
C PHE B 2060 29.29 9.16 -63.55
N GLY B 2061 29.21 7.94 -64.10
CA GLY B 2061 28.48 6.89 -63.43
C GLY B 2061 28.04 5.74 -64.30
N TRP B 2062 28.08 4.52 -63.75
CA TRP B 2062 27.50 3.36 -64.43
C TRP B 2062 25.99 3.50 -64.39
N TYR B 2063 25.39 3.97 -65.47
CA TYR B 2063 23.95 4.20 -65.48
C TYR B 2063 23.25 3.04 -66.16
N GLN B 2064 21.99 2.83 -65.78
CA GLN B 2064 21.18 1.80 -66.41
C GLN B 2064 19.82 2.38 -66.77
N LYS B 2065 19.11 1.66 -67.62
CA LYS B 2065 17.75 2.02 -67.96
C LYS B 2065 16.82 1.65 -66.81
N PRO B 2066 15.63 2.26 -66.75
CA PRO B 2066 14.56 1.70 -65.90
C PRO B 2066 14.20 0.32 -66.40
N ILE B 2067 14.35 -0.67 -65.52
CA ILE B 2067 14.27 -2.07 -65.92
C ILE B 2067 12.80 -2.44 -66.16
N ALA B 2068 12.39 -2.36 -67.42
CA ALA B 2068 11.04 -2.73 -67.81
C ALA B 2068 10.92 -4.24 -67.91
N GLN B 2069 9.72 -4.74 -67.65
CA GLN B 2069 9.48 -6.17 -67.77
C GLN B 2069 9.55 -6.65 -69.22
N ASN B 2070 9.30 -5.76 -70.18
CA ASN B 2070 9.69 -6.02 -71.56
C ASN B 2070 11.20 -5.95 -71.64
N ASN B 2071 11.84 -7.09 -71.87
CA ASN B 2071 13.29 -7.18 -71.88
C ASN B 2071 13.84 -6.68 -73.22
N ALA B 2072 15.12 -6.95 -73.46
CA ALA B 2072 15.70 -6.70 -74.77
C ALA B 2072 15.08 -7.66 -75.79
N PRO B 2073 14.88 -7.21 -77.02
CA PRO B 2073 14.30 -8.09 -78.04
C PRO B 2073 15.30 -9.17 -78.45
N SER B 2074 14.76 -10.21 -79.09
CA SER B 2074 15.47 -11.47 -79.27
C SER B 2074 16.64 -11.38 -80.25
N PHE B 2075 16.77 -10.30 -81.03
CA PHE B 2075 17.89 -10.21 -81.96
C PHE B 2075 19.19 -9.80 -81.29
N CYS B 2076 19.15 -9.40 -80.03
CA CYS B 2076 20.36 -8.98 -79.35
C CYS B 2076 21.19 -10.22 -79.01
N PRO B 2077 22.52 -10.10 -79.02
CA PRO B 2077 23.37 -11.22 -78.58
C PRO B 2077 23.12 -11.58 -77.12
N LEU B 2078 22.86 -12.87 -76.90
CA LEU B 2078 22.56 -13.35 -75.56
C LEU B 2078 23.79 -13.28 -74.68
N VAL B 2079 23.60 -12.86 -73.45
CA VAL B 2079 24.69 -12.56 -72.54
C VAL B 2079 24.85 -13.73 -71.58
N VAL B 2080 26.09 -13.89 -71.09
CA VAL B 2080 26.42 -14.95 -70.15
C VAL B 2080 27.04 -14.32 -68.91
N LEU B 2081 26.90 -15.02 -67.79
CA LEU B 2081 27.59 -14.62 -66.58
C LEU B 2081 29.07 -14.90 -66.73
N PRO B 2082 29.93 -14.19 -66.00
CA PRO B 2082 31.36 -14.55 -65.98
C PRO B 2082 31.55 -15.90 -65.30
N SER B 2083 32.45 -16.70 -65.87
CA SER B 2083 32.62 -18.07 -65.43
C SER B 2083 33.31 -18.12 -64.08
N LEU B 2084 32.83 -19.01 -63.22
CA LEU B 2084 33.45 -19.22 -61.92
C LEU B 2084 34.81 -19.88 -62.07
N THR B 2085 35.78 -19.39 -61.32
CA THR B 2085 37.16 -19.85 -61.45
C THR B 2085 37.32 -21.24 -60.83
N GLU B 2086 37.09 -21.36 -59.53
CA GLU B 2086 37.16 -22.63 -58.84
C GLU B 2086 35.75 -23.21 -58.66
N LYS B 2087 35.63 -24.52 -58.83
CA LYS B 2087 34.34 -25.18 -58.75
C LYS B 2087 33.89 -25.27 -57.30
N VAL B 2088 32.70 -24.75 -57.03
CA VAL B 2088 32.13 -24.78 -55.68
C VAL B 2088 31.22 -25.99 -55.55
N SER B 2089 31.04 -26.43 -54.32
CA SER B 2089 30.15 -27.55 -54.00
C SER B 2089 29.19 -27.11 -52.90
N LEU B 2090 27.94 -27.56 -53.01
CA LEU B 2090 26.94 -27.22 -52.00
C LEU B 2090 27.15 -27.99 -50.70
N ASP B 2091 27.95 -29.06 -50.73
CA ASP B 2091 28.19 -29.86 -49.54
C ASP B 2091 29.10 -29.14 -48.55
N SER B 2092 29.95 -28.21 -49.03
CA SER B 2092 30.86 -27.45 -48.19
C SER B 2092 30.25 -26.15 -47.69
N TRP B 2093 28.92 -26.06 -47.64
CA TRP B 2093 28.23 -24.84 -47.23
C TRP B 2093 26.98 -25.25 -46.46
N GLN B 2094 26.94 -24.92 -45.17
CA GLN B 2094 25.79 -25.25 -44.34
C GLN B 2094 24.61 -24.36 -44.73
N SER B 2095 23.63 -24.94 -45.41
CA SER B 2095 22.41 -24.21 -45.73
C SER B 2095 21.59 -24.02 -44.46
N LEU B 2096 21.00 -22.84 -44.31
CA LEU B 2096 20.24 -22.49 -43.12
C LEU B 2096 18.82 -22.10 -43.51
N ALA B 2097 17.95 -22.06 -42.52
CA ALA B 2097 16.55 -21.74 -42.73
C ALA B 2097 16.30 -20.25 -42.49
N LEU B 2098 15.12 -19.80 -42.89
CA LEU B 2098 14.73 -18.41 -42.67
C LEU B 2098 14.34 -18.16 -41.22
N SER B 2099 14.03 -19.20 -40.47
CA SER B 2099 13.60 -19.10 -39.08
C SER B 2099 14.76 -19.09 -38.09
N SER B 2100 15.95 -18.69 -38.53
CA SER B 2100 17.14 -18.71 -37.68
C SER B 2100 17.94 -17.42 -37.77
N VAL B 2101 17.32 -16.33 -38.23
CA VAL B 2101 18.00 -15.05 -38.37
C VAL B 2101 17.07 -13.95 -37.84
N VAL B 2102 17.66 -12.80 -37.54
CA VAL B 2102 16.93 -11.61 -37.15
C VAL B 2102 17.37 -10.44 -38.01
N VAL B 2103 16.40 -9.62 -38.43
CA VAL B 2103 16.71 -8.40 -39.15
C VAL B 2103 17.28 -7.37 -38.17
N ASP B 2104 18.43 -6.81 -38.51
CA ASP B 2104 19.08 -5.80 -37.67
C ASP B 2104 19.59 -4.70 -38.58
N PRO B 2105 18.79 -3.65 -38.80
CA PRO B 2105 19.21 -2.59 -39.73
C PRO B 2105 20.19 -1.59 -39.12
N SER B 2106 21.15 -2.07 -38.35
CA SER B 2106 22.20 -1.22 -37.81
C SER B 2106 23.58 -1.85 -37.91
N ILE B 2107 23.69 -3.12 -38.31
CA ILE B 2107 24.98 -3.79 -38.43
C ILE B 2107 25.74 -3.19 -39.61
N ARG B 2108 27.06 -3.07 -39.45
CA ARG B 2108 27.85 -2.29 -40.39
C ARG B 2108 29.02 -3.04 -41.02
N HIS B 2109 29.30 -4.27 -40.61
CA HIS B 2109 30.29 -5.10 -41.31
C HIS B 2109 29.52 -6.03 -42.25
N PHE B 2110 29.05 -5.45 -43.35
CA PHE B 2110 28.33 -6.18 -44.37
C PHE B 2110 28.87 -5.75 -45.72
N ASP B 2111 28.45 -6.48 -46.75
CA ASP B 2111 28.81 -6.13 -48.12
C ASP B 2111 27.63 -6.54 -48.99
N VAL B 2112 27.64 -6.09 -50.24
CA VAL B 2112 26.51 -6.34 -51.14
C VAL B 2112 27.04 -6.40 -52.56
N ALA B 2113 26.41 -7.26 -53.37
CA ALA B 2113 26.82 -7.44 -54.76
C ALA B 2113 25.57 -7.78 -55.57
N HIS B 2114 25.03 -6.78 -56.26
CA HIS B 2114 23.91 -7.00 -57.17
C HIS B 2114 24.37 -7.80 -58.39
N VAL B 2115 23.68 -8.91 -58.64
CA VAL B 2115 23.84 -9.67 -59.88
C VAL B 2115 22.56 -9.49 -60.67
N SER B 2116 22.67 -8.87 -61.84
CA SER B 2116 21.51 -8.34 -62.54
C SER B 2116 20.65 -9.45 -63.13
N THR B 2117 19.50 -9.05 -63.67
CA THR B 2117 18.51 -9.95 -64.26
C THR B 2117 18.83 -10.35 -65.70
N ALA B 2118 20.07 -10.14 -66.14
CA ALA B 2118 20.51 -10.61 -67.45
C ALA B 2118 20.43 -12.12 -67.53
N ALA B 2119 20.93 -12.82 -66.51
CA ALA B 2119 20.72 -14.25 -66.37
C ALA B 2119 19.32 -14.44 -65.82
N THR B 2120 18.35 -14.55 -66.73
CA THR B 2120 16.95 -14.71 -66.33
C THR B 2120 16.72 -16.08 -65.69
N SER B 2121 17.12 -17.14 -66.37
CA SER B 2121 17.12 -18.47 -65.78
C SER B 2121 18.45 -18.67 -65.04
N ASN B 2122 18.69 -19.92 -64.60
CA ASN B 2122 19.88 -20.34 -63.84
C ASN B 2122 20.10 -19.47 -62.59
N PHE B 2123 19.14 -19.59 -61.67
CA PHE B 2123 19.33 -19.07 -60.32
C PHE B 2123 20.47 -19.78 -59.61
N SER B 2124 20.65 -21.07 -59.89
CA SER B 2124 21.74 -21.83 -59.28
C SER B 2124 23.11 -21.49 -59.85
N ALA B 2125 23.17 -20.80 -60.99
CA ALA B 2125 24.44 -20.30 -61.49
C ALA B 2125 24.77 -18.91 -60.95
N VAL B 2126 23.76 -18.14 -60.56
CA VAL B 2126 23.99 -16.92 -59.81
C VAL B 2126 24.46 -17.25 -58.40
N ARG B 2127 23.87 -18.30 -57.81
CA ARG B 2127 24.25 -18.72 -56.47
C ARG B 2127 25.66 -19.27 -56.43
N ASP B 2128 26.04 -20.07 -57.41
CA ASP B 2128 27.40 -20.59 -57.49
C ASP B 2128 28.43 -19.52 -57.84
N LEU B 2129 28.01 -18.35 -58.31
CA LEU B 2129 28.91 -17.24 -58.56
C LEU B 2129 29.15 -16.38 -57.33
N CYS B 2130 28.12 -16.18 -56.50
CA CYS B 2130 28.29 -15.42 -55.27
C CYS B 2130 29.00 -16.25 -54.21
N LEU B 2131 28.70 -17.56 -54.12
CA LEU B 2131 29.42 -18.43 -53.20
C LEU B 2131 30.86 -18.65 -53.61
N SER B 2132 31.18 -18.52 -54.90
CA SER B 2132 32.56 -18.58 -55.35
C SER B 2132 33.34 -17.32 -55.04
N GLU B 2133 32.69 -16.27 -54.52
CA GLU B 2133 33.38 -15.08 -54.06
C GLU B 2133 33.63 -15.09 -52.57
N CYS B 2134 32.65 -15.58 -51.78
CA CYS B 2134 32.85 -15.72 -50.35
C CYS B 2134 33.84 -16.84 -50.03
N SER B 2135 33.95 -17.84 -50.90
CA SER B 2135 34.91 -18.92 -50.69
C SER B 2135 36.34 -18.48 -50.96
N GLN B 2136 36.54 -17.34 -51.63
CA GLN B 2136 37.89 -16.84 -51.87
C GLN B 2136 38.40 -15.93 -50.75
N HIS B 2137 37.51 -15.37 -49.94
CA HIS B 2137 37.88 -14.48 -48.86
C HIS B 2137 37.63 -15.15 -47.52
N GLU B 2138 38.63 -15.12 -46.65
CA GLU B 2138 38.52 -15.74 -45.34
C GLU B 2138 37.69 -14.91 -44.36
N ALA B 2139 37.48 -13.62 -44.65
CA ALA B 2139 36.69 -12.78 -43.78
C ALA B 2139 35.20 -13.06 -43.92
N CYS B 2140 34.75 -13.33 -45.13
CA CYS B 2140 33.37 -13.71 -45.35
C CYS B 2140 33.10 -15.11 -44.82
N LEU B 2141 32.04 -15.25 -44.04
CA LEU B 2141 31.61 -16.54 -43.52
C LEU B 2141 30.14 -16.85 -43.79
N ILE B 2142 29.30 -15.85 -43.99
CA ILE B 2142 27.88 -16.03 -44.22
C ILE B 2142 27.53 -15.34 -45.54
N THR B 2143 26.78 -16.03 -46.39
CA THR B 2143 26.32 -15.47 -47.66
C THR B 2143 24.81 -15.56 -47.70
N THR B 2144 24.15 -14.41 -47.76
CA THR B 2144 22.70 -14.33 -47.91
C THR B 2144 22.40 -13.62 -49.21
N LEU B 2145 21.42 -14.14 -49.95
CA LEU B 2145 21.11 -13.57 -51.26
C LEU B 2145 19.62 -13.66 -51.51
N GLN B 2146 19.05 -12.56 -51.99
CA GLN B 2146 17.62 -12.42 -52.20
C GLN B 2146 17.36 -11.98 -53.63
N THR B 2147 16.38 -12.61 -54.27
CA THR B 2147 15.93 -12.11 -55.56
C THR B 2147 14.99 -10.93 -55.36
N GLN B 2148 14.97 -10.04 -56.34
CA GLN B 2148 14.21 -8.80 -56.27
C GLN B 2148 13.97 -8.31 -57.70
N PRO B 2149 13.01 -7.36 -57.90
CA PRO B 2149 12.73 -6.91 -59.28
C PRO B 2149 13.86 -6.11 -59.92
N GLY B 2150 14.83 -6.84 -60.49
CA GLY B 2150 15.91 -6.21 -61.22
C GLY B 2150 17.25 -6.89 -61.06
N ALA B 2151 17.46 -7.58 -59.93
CA ALA B 2151 18.75 -8.20 -59.67
C ALA B 2151 18.56 -9.31 -58.64
N VAL B 2152 19.66 -10.01 -58.34
CA VAL B 2152 19.74 -10.99 -57.28
C VAL B 2152 20.76 -10.45 -56.28
N ARG B 2153 20.27 -9.94 -55.16
CA ARG B 2153 21.08 -9.13 -54.25
C ARG B 2153 21.86 -10.03 -53.31
N CYS B 2154 23.10 -10.37 -53.70
CA CYS B 2154 23.97 -11.18 -52.85
C CYS B 2154 24.61 -10.29 -51.79
N MET B 2155 24.52 -10.71 -50.53
CA MET B 2155 25.17 -10.01 -49.43
C MET B 2155 26.15 -10.93 -48.72
N PHE B 2156 27.08 -10.33 -47.98
CA PHE B 2156 28.16 -11.08 -47.35
C PHE B 2156 28.39 -10.54 -45.95
N TYR B 2157 28.62 -11.44 -44.99
CA TYR B 2157 28.76 -11.08 -43.59
C TYR B 2157 29.97 -11.76 -42.99
N ALA B 2158 30.27 -11.38 -41.75
CA ALA B 2158 31.22 -12.07 -40.90
C ALA B 2158 30.43 -12.96 -39.94
N ASP B 2159 31.12 -13.54 -38.95
CA ASP B 2159 30.43 -14.39 -37.99
C ASP B 2159 29.62 -13.53 -37.02
N THR B 2160 28.38 -13.24 -37.39
CA THR B 2160 27.51 -12.33 -36.64
C THR B 2160 26.40 -13.15 -35.99
N GLN B 2161 26.70 -13.69 -34.81
CA GLN B 2161 25.75 -14.49 -34.05
C GLN B 2161 25.08 -13.64 -32.98
N SER B 2162 23.95 -14.14 -32.49
CA SER B 2162 23.28 -13.49 -31.35
C SER B 2162 22.59 -14.60 -30.57
N CYS B 2163 23.29 -15.12 -29.56
CA CYS B 2163 22.77 -16.21 -28.76
C CYS B 2163 22.04 -15.68 -27.54
N THR B 2164 20.98 -16.38 -27.16
CA THR B 2164 20.17 -16.03 -25.99
C THR B 2164 20.34 -17.16 -24.99
N HIS B 2165 21.31 -17.01 -24.09
CA HIS B 2165 21.60 -18.05 -23.12
C HIS B 2165 20.53 -18.05 -22.02
N SER B 2166 20.02 -19.23 -21.70
CA SER B 2166 19.04 -19.38 -20.64
C SER B 2166 19.28 -20.73 -19.97
N LEU B 2167 18.46 -21.04 -18.97
CA LEU B 2167 18.64 -22.30 -18.25
C LEU B 2167 17.93 -23.46 -18.95
N GLN B 2168 16.83 -23.19 -19.65
CA GLN B 2168 16.09 -24.24 -20.34
C GLN B 2168 16.58 -24.49 -21.77
N GLY B 2169 17.68 -23.87 -22.17
CA GLY B 2169 18.19 -24.07 -23.50
C GLY B 2169 19.22 -23.02 -23.85
N GLN B 2170 19.92 -23.28 -24.96
CA GLN B 2170 20.96 -22.38 -25.47
C GLN B 2170 20.64 -22.14 -26.94
N ASN B 2171 19.79 -21.16 -27.22
CA ASN B 2171 19.41 -20.86 -28.59
C ASN B 2171 20.39 -19.87 -29.20
N CYS B 2172 20.64 -20.02 -30.50
CA CYS B 2172 21.50 -19.11 -31.24
C CYS B 2172 20.88 -18.83 -32.61
N ARG B 2173 21.26 -17.69 -33.17
CA ARG B 2173 20.68 -17.20 -34.41
C ARG B 2173 21.57 -16.10 -34.96
N LEU B 2174 21.50 -15.90 -36.29
CA LEU B 2174 22.41 -14.99 -36.95
C LEU B 2174 21.89 -13.56 -36.91
N LEU B 2175 22.82 -12.61 -36.81
CA LEU B 2175 22.50 -11.21 -37.05
C LEU B 2175 22.58 -10.91 -38.54
N LEU B 2176 21.54 -10.24 -39.06
CA LEU B 2176 21.54 -9.85 -40.46
C LEU B 2176 20.98 -8.44 -40.62
N ARG B 2177 21.55 -7.70 -41.57
CA ARG B 2177 20.84 -6.61 -42.22
C ARG B 2177 19.80 -7.22 -43.16
N GLU B 2178 18.91 -6.37 -43.72
CA GLU B 2178 17.61 -6.67 -44.32
C GLU B 2178 17.55 -8.00 -45.08
N GLU B 2179 16.54 -8.80 -44.75
CA GLU B 2179 16.59 -10.26 -44.85
C GLU B 2179 16.69 -10.73 -46.30
N ALA B 2180 16.99 -12.03 -46.44
CA ALA B 2180 17.15 -12.66 -47.74
C ALA B 2180 16.53 -14.05 -47.69
N THR B 2181 16.33 -14.62 -48.87
CA THR B 2181 15.66 -15.92 -48.97
C THR B 2181 16.61 -17.06 -48.63
N HIS B 2182 17.73 -17.15 -49.34
CA HIS B 2182 18.67 -18.24 -49.19
C HIS B 2182 19.86 -17.79 -48.35
N ILE B 2183 20.21 -18.57 -47.34
CA ILE B 2183 21.29 -18.27 -46.41
C ILE B 2183 22.30 -19.40 -46.48
N TYR B 2184 23.57 -19.06 -46.71
CA TYR B 2184 24.63 -20.05 -46.79
C TYR B 2184 25.79 -19.63 -45.91
N ARG B 2185 26.43 -20.62 -45.28
CA ARG B 2185 27.43 -20.36 -44.26
C ARG B 2185 28.55 -21.38 -44.39
N LYS B 2186 29.80 -20.90 -44.22
CA LYS B 2186 30.93 -21.82 -44.12
C LYS B 2186 30.80 -22.64 -42.84
N PRO B 2187 31.22 -23.90 -42.86
CA PRO B 2187 31.16 -24.72 -41.63
C PRO B 2187 32.22 -24.28 -40.63
N GLY B 2188 32.05 -24.77 -39.40
CA GLY B 2188 33.04 -24.49 -38.38
C GLY B 2188 34.34 -25.23 -38.62
N ILE B 2189 35.43 -24.62 -38.19
CA ILE B 2189 36.75 -25.22 -38.34
C ILE B 2189 37.57 -24.84 -37.13
N SER B 2190 38.38 -25.78 -36.65
CA SER B 2190 39.23 -25.59 -35.49
C SER B 2190 40.67 -25.86 -35.86
N LEU B 2191 41.58 -25.16 -35.19
CA LEU B 2191 43.02 -25.30 -35.41
C LEU B 2191 43.64 -26.35 -34.49
N LEU B 2192 42.86 -27.33 -34.06
CA LEU B 2192 43.29 -28.33 -33.08
C LEU B 2192 43.18 -29.70 -33.70
N SER B 2193 44.26 -30.48 -33.60
CA SER B 2193 44.22 -31.84 -34.10
C SER B 2193 43.49 -32.75 -33.11
N TYR B 2194 43.16 -33.96 -33.56
CA TYR B 2194 42.45 -34.92 -32.72
C TYR B 2194 42.94 -36.32 -33.07
N GLU B 2195 43.85 -36.85 -32.27
CA GLU B 2195 44.21 -38.26 -32.31
C GLU B 2195 43.74 -38.90 -31.01
N ALA B 2196 43.00 -40.02 -31.14
CA ALA B 2196 42.33 -40.72 -30.04
C ALA B 2196 41.40 -39.81 -29.24
N SER B 2197 40.85 -38.79 -29.92
CA SER B 2197 40.00 -37.74 -29.34
C SER B 2197 40.64 -37.05 -28.14
N VAL B 2198 41.94 -36.79 -28.21
CA VAL B 2198 42.55 -35.82 -27.30
C VAL B 2198 43.11 -34.69 -28.15
N PRO B 2199 43.04 -33.44 -27.68
CA PRO B 2199 43.45 -32.32 -28.52
C PRO B 2199 44.96 -32.06 -28.46
N SER B 2200 45.47 -31.56 -29.58
CA SER B 2200 46.86 -31.14 -29.68
C SER B 2200 46.92 -29.94 -30.62
N VAL B 2201 48.05 -29.23 -30.58
CA VAL B 2201 48.13 -27.90 -31.18
C VAL B 2201 49.59 -27.56 -31.50
N PRO B 2202 49.86 -27.03 -32.70
CA PRO B 2202 51.24 -26.63 -33.02
C PRO B 2202 51.70 -25.39 -32.28
N ILE B 2203 52.52 -25.56 -31.25
CA ILE B 2203 53.30 -24.45 -30.72
C ILE B 2203 54.35 -24.10 -31.77
N SER B 2204 54.71 -22.80 -31.85
CA SER B 2204 55.49 -22.28 -32.96
C SER B 2204 56.89 -22.89 -33.01
N THR B 2205 57.68 -22.70 -31.96
CA THR B 2205 59.05 -23.17 -31.95
C THR B 2205 59.29 -24.35 -31.02
N HIS B 2206 58.32 -24.73 -30.20
CA HIS B 2206 58.50 -25.85 -29.28
C HIS B 2206 58.06 -27.17 -29.91
N GLY B 2207 56.82 -27.23 -30.39
CA GLY B 2207 56.30 -28.47 -30.95
C GLY B 2207 54.80 -28.58 -30.80
N ARG B 2208 54.34 -29.67 -30.21
CA ARG B 2208 52.91 -29.90 -29.97
C ARG B 2208 52.65 -30.04 -28.49
N LEU B 2209 51.49 -29.55 -28.05
CA LEU B 2209 51.02 -29.88 -26.72
C LEU B 2209 50.29 -31.22 -26.76
N LEU B 2210 49.90 -31.69 -25.57
CA LEU B 2210 49.15 -32.95 -25.45
C LEU B 2210 48.12 -32.72 -24.36
N GLY B 2211 46.93 -32.31 -24.77
CA GLY B 2211 45.92 -31.76 -23.86
C GLY B 2211 44.89 -32.78 -23.44
N ARG B 2212 43.64 -32.33 -23.40
CA ARG B 2212 42.55 -33.04 -22.74
C ARG B 2212 41.24 -32.44 -23.22
N SER B 2213 40.21 -33.27 -23.30
CA SER B 2213 38.90 -32.81 -23.77
C SER B 2213 37.85 -33.17 -22.74
N GLN B 2214 36.81 -32.34 -22.65
CA GLN B 2214 35.76 -32.50 -21.66
C GLN B 2214 34.52 -31.78 -22.13
N ALA B 2215 33.37 -32.43 -21.93
CA ALA B 2215 32.08 -31.81 -22.23
C ALA B 2215 31.48 -31.25 -20.95
N ILE B 2216 30.91 -30.05 -21.06
CA ILE B 2216 30.43 -29.29 -19.91
C ILE B 2216 28.98 -28.88 -20.16
N GLN B 2217 28.29 -28.53 -19.09
CA GLN B 2217 26.85 -28.27 -19.15
C GLN B 2217 26.55 -26.86 -18.68
N VAL B 2218 25.83 -26.11 -19.51
CA VAL B 2218 25.30 -24.80 -19.14
C VAL B 2218 23.81 -24.87 -19.37
N GLY B 2219 23.04 -25.05 -18.29
CA GLY B 2219 21.61 -25.21 -18.42
C GLY B 2219 21.22 -26.61 -18.84
N THR B 2220 20.79 -26.76 -20.09
CA THR B 2220 20.40 -28.06 -20.63
C THR B 2220 21.28 -28.53 -21.77
N SER B 2221 22.02 -27.66 -22.42
CA SER B 2221 22.83 -28.04 -23.57
C SER B 2221 24.29 -28.21 -23.15
N TRP B 2222 25.10 -28.67 -24.10
CA TRP B 2222 26.45 -29.12 -23.83
C TRP B 2222 27.41 -28.50 -24.85
N LYS B 2223 28.69 -28.46 -24.48
CA LYS B 2223 29.73 -27.98 -25.39
C LYS B 2223 31.06 -28.64 -25.02
N GLN B 2224 31.80 -29.06 -26.03
CA GLN B 2224 33.14 -29.60 -25.83
C GLN B 2224 34.14 -28.45 -25.66
N VAL B 2225 34.80 -28.40 -24.51
CA VAL B 2225 35.90 -27.48 -24.28
C VAL B 2225 37.21 -28.25 -24.31
N ASP B 2226 38.10 -27.86 -25.23
CA ASP B 2226 39.38 -28.53 -25.43
C ASP B 2226 40.39 -27.94 -24.44
N GLN B 2227 40.36 -28.47 -23.24
CA GLN B 2227 41.11 -27.90 -22.12
C GLN B 2227 42.57 -28.36 -22.17
N PHE B 2228 43.49 -27.42 -22.38
CA PHE B 2228 44.92 -27.69 -22.25
C PHE B 2228 45.34 -27.13 -20.89
N LEU B 2229 45.47 -28.00 -19.89
CA LEU B 2229 45.79 -27.54 -18.56
C LEU B 2229 47.29 -27.65 -18.31
N GLY B 2230 47.81 -26.73 -17.50
CA GLY B 2230 49.19 -26.83 -17.02
C GLY B 2230 50.26 -26.60 -18.07
N VAL B 2231 50.11 -25.56 -18.88
CA VAL B 2231 51.05 -25.28 -19.97
C VAL B 2231 52.15 -24.35 -19.46
N PRO B 2232 53.42 -24.73 -19.59
CA PRO B 2232 54.50 -23.91 -19.03
C PRO B 2232 54.85 -22.74 -19.92
N TYR B 2233 55.34 -21.67 -19.29
CA TYR B 2233 55.82 -20.51 -20.02
C TYR B 2233 57.13 -19.95 -19.51
N ALA B 2234 57.71 -20.51 -18.45
CA ALA B 2234 59.00 -20.08 -17.93
C ALA B 2234 59.63 -21.23 -17.16
N ALA B 2235 60.93 -21.09 -16.89
CA ALA B 2235 61.66 -22.15 -16.21
C ALA B 2235 61.23 -22.23 -14.75
N PRO B 2236 61.21 -23.43 -14.16
CA PRO B 2236 60.81 -23.57 -12.76
C PRO B 2236 61.84 -23.00 -11.82
N PRO B 2237 61.47 -21.99 -11.01
CA PRO B 2237 62.42 -21.37 -10.07
C PRO B 2237 62.58 -22.19 -8.79
N LEU B 2238 63.11 -23.40 -8.92
CA LEU B 2238 63.05 -24.35 -7.82
C LEU B 2238 64.15 -24.14 -6.79
N ALA B 2239 65.40 -23.99 -7.24
CA ALA B 2239 66.54 -23.84 -6.34
C ALA B 2239 67.68 -23.21 -7.12
N GLU B 2240 68.16 -22.06 -6.64
CA GLU B 2240 69.20 -21.19 -7.20
C GLU B 2240 68.81 -20.53 -8.53
N ARG B 2241 67.65 -20.88 -9.07
CA ARG B 2241 66.90 -20.01 -9.95
C ARG B 2241 65.82 -19.27 -9.18
N ARG B 2242 65.66 -19.60 -7.89
CA ARG B 2242 64.91 -18.80 -6.95
C ARG B 2242 65.50 -17.41 -6.89
N PHE B 2243 64.61 -16.41 -6.79
CA PHE B 2243 64.97 -14.99 -6.61
C PHE B 2243 65.82 -14.47 -7.78
N GLN B 2244 65.55 -14.94 -9.00
CA GLN B 2244 66.27 -14.41 -10.14
C GLN B 2244 65.40 -13.74 -11.18
N ALA B 2245 64.51 -14.49 -11.83
CA ALA B 2245 64.05 -14.09 -13.16
C ALA B 2245 62.97 -15.02 -13.69
N PRO B 2246 62.25 -14.63 -14.75
CA PRO B 2246 61.50 -15.63 -15.53
C PRO B 2246 62.39 -16.70 -16.15
N GLU B 2247 63.44 -16.31 -16.91
CA GLU B 2247 64.34 -17.19 -17.66
C GLU B 2247 63.57 -18.13 -18.58
N PRO B 2248 63.12 -17.65 -19.76
CA PRO B 2248 62.19 -18.41 -20.60
C PRO B 2248 62.74 -19.76 -21.07
N LEU B 2249 61.91 -20.79 -20.91
CA LEU B 2249 62.31 -22.18 -21.12
C LEU B 2249 62.07 -22.59 -22.57
N ASN B 2250 62.87 -23.55 -23.03
CA ASN B 2250 62.80 -24.06 -24.40
C ASN B 2250 62.64 -25.58 -24.33
N TRP B 2251 61.40 -26.05 -24.26
CA TRP B 2251 61.14 -27.47 -24.39
C TRP B 2251 60.81 -27.81 -25.85
N THR B 2252 60.91 -29.09 -26.18
CA THR B 2252 60.68 -29.54 -27.55
C THR B 2252 60.09 -30.94 -27.51
N GLY B 2253 58.97 -31.14 -28.19
CA GLY B 2253 58.33 -32.44 -28.24
C GLY B 2253 56.86 -32.36 -27.92
N SER B 2254 56.35 -33.33 -27.16
CA SER B 2254 54.96 -33.37 -26.73
C SER B 2254 54.92 -33.19 -25.21
N TRP B 2255 54.34 -32.08 -24.77
CA TRP B 2255 54.24 -31.78 -23.34
C TRP B 2255 52.94 -32.35 -22.80
N ASP B 2256 53.04 -33.17 -21.75
CA ASP B 2256 51.87 -33.80 -21.12
C ASP B 2256 51.10 -32.73 -20.36
N ALA B 2257 50.04 -32.22 -20.97
CA ALA B 2257 49.29 -31.09 -20.47
C ALA B 2257 47.85 -31.45 -20.12
N SER B 2258 47.66 -32.58 -19.43
CA SER B 2258 46.34 -33.13 -19.18
C SER B 2258 45.95 -33.12 -17.70
N LYS B 2259 46.62 -32.30 -16.89
CA LYS B 2259 46.31 -32.23 -15.46
C LYS B 2259 46.70 -30.84 -14.96
N PRO B 2260 46.06 -30.37 -13.89
CA PRO B 2260 46.51 -29.12 -13.27
C PRO B 2260 47.89 -29.27 -12.64
N ARG B 2261 48.58 -28.14 -12.55
CA ARG B 2261 49.87 -28.07 -11.87
C ARG B 2261 49.68 -27.49 -10.47
N ALA B 2262 50.74 -27.58 -9.68
CA ALA B 2262 50.69 -27.05 -8.32
C ALA B 2262 50.69 -25.53 -8.34
N SER B 2263 50.00 -24.94 -7.37
CA SER B 2263 49.94 -23.48 -7.28
C SER B 2263 51.10 -22.97 -6.43
N CYS B 2264 51.22 -21.66 -6.31
CA CYS B 2264 52.34 -21.08 -5.60
C CYS B 2264 52.09 -21.03 -4.09
N TRP B 2265 53.20 -21.03 -3.33
CA TRP B 2265 53.15 -20.82 -1.89
C TRP B 2265 52.56 -19.46 -1.60
N GLN B 2266 51.56 -19.42 -0.73
CA GLN B 2266 50.91 -18.17 -0.36
C GLN B 2266 51.16 -17.89 1.12
N PRO B 2267 51.05 -16.63 1.53
CA PRO B 2267 51.04 -16.34 2.97
C PRO B 2267 49.81 -16.94 3.63
N GLY B 2268 50.03 -17.70 4.71
CA GLY B 2268 48.97 -18.46 5.32
C GLY B 2268 48.81 -19.86 4.77
N THR B 2269 49.88 -20.46 4.25
CA THR B 2269 49.79 -21.79 3.66
C THR B 2269 49.68 -22.85 4.76
N ARG B 2270 48.70 -23.74 4.62
CA ARG B 2270 48.58 -24.88 5.51
C ARG B 2270 49.75 -25.84 5.32
N THR B 2271 50.07 -26.57 6.39
CA THR B 2271 51.28 -27.39 6.45
C THR B 2271 51.17 -28.69 5.64
N SER B 2272 50.06 -28.95 4.97
CA SER B 2272 49.90 -30.14 4.16
C SER B 2272 50.76 -30.00 2.91
N THR B 2273 51.93 -30.64 2.92
CA THR B 2273 52.86 -30.60 1.78
C THR B 2273 52.34 -31.56 0.72
N SER B 2274 51.33 -31.11 -0.01
CA SER B 2274 50.53 -31.78 -1.02
C SER B 2274 51.00 -31.37 -2.42
N PRO B 2275 50.80 -32.23 -3.45
CA PRO B 2275 51.07 -31.86 -4.84
C PRO B 2275 49.99 -30.98 -5.48
N GLY B 2276 49.60 -29.92 -4.78
CA GLY B 2276 48.70 -28.93 -5.30
C GLY B 2276 49.26 -27.55 -5.05
N VAL B 2277 50.29 -27.47 -4.21
CA VAL B 2277 51.03 -26.24 -3.97
C VAL B 2277 52.52 -26.54 -4.05
N SER B 2278 53.26 -25.62 -4.65
CA SER B 2278 54.72 -25.71 -4.79
C SER B 2278 55.24 -24.30 -5.01
N GLU B 2279 56.49 -24.18 -5.45
CA GLU B 2279 57.00 -22.88 -5.87
C GLU B 2279 56.88 -22.68 -7.37
N ASP B 2280 57.19 -23.71 -8.16
CA ASP B 2280 57.05 -23.66 -9.62
C ASP B 2280 55.58 -23.78 -9.99
N CYS B 2281 54.88 -22.64 -9.93
CA CYS B 2281 53.49 -22.59 -10.32
C CYS B 2281 53.29 -21.94 -11.69
N LEU B 2282 54.37 -21.52 -12.34
CA LEU B 2282 54.29 -20.73 -13.57
C LEU B 2282 53.82 -21.65 -14.68
N TYR B 2283 52.50 -21.82 -14.75
CA TYR B 2283 51.85 -22.74 -15.66
C TYR B 2283 50.48 -22.18 -16.03
N LEU B 2284 50.13 -22.29 -17.30
CA LEU B 2284 48.90 -21.72 -17.83
C LEU B 2284 47.87 -22.81 -18.07
N ASN B 2285 46.60 -22.43 -18.04
CA ASN B 2285 45.49 -23.36 -18.24
C ASN B 2285 44.59 -22.76 -19.32
N VAL B 2286 44.92 -23.04 -20.59
CA VAL B 2286 44.18 -22.50 -21.71
C VAL B 2286 42.97 -23.38 -22.02
N PHE B 2287 41.79 -22.76 -22.02
CA PHE B 2287 40.50 -23.44 -22.11
C PHE B 2287 39.79 -22.93 -23.36
N ILE B 2288 39.59 -23.80 -24.34
CA ILE B 2288 39.12 -23.41 -25.67
C ILE B 2288 37.85 -24.18 -25.97
N PRO B 2289 36.76 -23.52 -26.38
CA PRO B 2289 35.61 -24.26 -26.90
C PRO B 2289 35.90 -24.81 -28.30
N GLN B 2290 35.07 -25.76 -28.70
CA GLN B 2290 35.16 -26.28 -30.06
C GLN B 2290 34.53 -25.28 -31.01
N ASN B 2291 35.25 -24.99 -32.10
CA ASN B 2291 34.82 -24.10 -33.19
C ASN B 2291 34.50 -22.69 -32.68
N VAL B 2292 35.56 -22.03 -32.21
CA VAL B 2292 35.50 -20.65 -31.73
C VAL B 2292 35.29 -19.69 -32.89
N ALA B 2293 35.04 -18.42 -32.56
CA ALA B 2293 35.11 -17.36 -33.55
C ALA B 2293 36.52 -17.31 -34.15
N PRO B 2294 36.66 -17.03 -35.46
CA PRO B 2294 37.96 -17.26 -36.12
C PRO B 2294 39.10 -16.38 -35.63
N ASN B 2295 38.91 -15.07 -35.58
CA ASN B 2295 39.77 -14.23 -34.76
C ASN B 2295 39.06 -14.05 -33.43
N ALA B 2296 39.43 -14.88 -32.45
CA ALA B 2296 38.68 -15.02 -31.22
C ALA B 2296 39.09 -13.95 -30.22
N SER B 2297 38.63 -14.09 -28.98
CA SER B 2297 38.97 -13.19 -27.90
C SER B 2297 39.56 -13.99 -26.74
N VAL B 2298 40.51 -13.39 -26.04
CA VAL B 2298 41.30 -14.08 -25.03
C VAL B 2298 41.19 -13.31 -23.72
N LEU B 2299 41.01 -14.04 -22.60
CA LEU B 2299 40.99 -13.45 -21.27
C LEU B 2299 42.09 -14.07 -20.43
N VAL B 2300 43.03 -13.25 -19.96
CA VAL B 2300 44.17 -13.68 -19.18
C VAL B 2300 43.84 -13.46 -17.71
N PHE B 2301 43.81 -14.53 -16.93
CA PHE B 2301 43.30 -14.44 -15.57
C PHE B 2301 44.36 -14.94 -14.59
N PHE B 2302 44.98 -14.01 -13.87
CA PHE B 2302 46.07 -14.31 -12.95
C PHE B 2302 45.49 -14.70 -11.59
N HIS B 2303 45.60 -15.98 -11.23
CA HIS B 2303 45.05 -16.46 -9.96
C HIS B 2303 45.81 -17.70 -9.52
N ASN B 2304 46.70 -17.54 -8.55
CA ASN B 2304 47.13 -18.68 -7.75
C ASN B 2304 46.03 -19.06 -6.76
N THR B 2305 46.10 -20.30 -6.26
CA THR B 2305 45.07 -20.80 -5.37
C THR B 2305 45.71 -21.43 -4.12
N MET B 2306 44.84 -21.76 -3.17
CA MET B 2306 45.24 -22.31 -1.88
C MET B 2306 45.41 -23.83 -1.98
N ASP B 2307 45.54 -24.47 -0.81
CA ASP B 2307 45.57 -25.92 -0.72
C ASP B 2307 44.27 -26.43 -0.10
N ARG B 2308 43.18 -25.68 -0.25
CA ARG B 2308 41.90 -26.17 0.23
C ARG B 2308 41.36 -27.27 -0.68
N GLU B 2309 41.75 -27.27 -1.95
CA GLU B 2309 41.68 -28.47 -2.77
C GLU B 2309 43.00 -29.21 -2.61
N GLU B 2310 42.93 -30.54 -2.63
CA GLU B 2310 44.11 -31.37 -2.34
C GLU B 2310 44.30 -32.38 -3.47
N SER B 2311 44.94 -31.92 -4.54
CA SER B 2311 45.36 -32.75 -5.69
C SER B 2311 44.21 -33.54 -6.30
N GLU B 2312 43.04 -32.89 -6.40
CA GLU B 2312 41.84 -33.58 -6.81
C GLU B 2312 41.78 -33.84 -8.31
N GLY B 2313 42.56 -33.11 -9.10
CA GLY B 2313 42.56 -33.27 -10.55
C GLY B 2313 41.68 -32.27 -11.28
N TRP B 2314 40.91 -31.46 -10.57
CA TRP B 2314 40.12 -30.40 -11.17
C TRP B 2314 40.75 -29.05 -10.85
N PRO B 2315 40.72 -28.09 -11.79
CA PRO B 2315 41.30 -26.78 -11.50
C PRO B 2315 40.44 -26.01 -10.50
N ALA B 2316 41.11 -25.15 -9.73
CA ALA B 2316 40.42 -24.41 -8.67
C ALA B 2316 39.44 -23.39 -9.24
N ILE B 2317 39.78 -22.78 -10.37
CA ILE B 2317 38.83 -22.02 -11.16
C ILE B 2317 38.85 -22.63 -12.56
N ASP B 2318 37.86 -23.47 -12.85
CA ASP B 2318 37.69 -24.00 -14.19
C ASP B 2318 37.11 -22.87 -15.03
N GLY B 2319 37.98 -22.12 -15.71
CA GLY B 2319 37.59 -21.00 -16.53
C GLY B 2319 36.99 -21.35 -17.86
N SER B 2320 36.72 -22.63 -18.11
CA SER B 2320 36.17 -23.09 -19.37
C SER B 2320 34.68 -22.84 -19.50
N PHE B 2321 34.05 -22.23 -18.49
CA PHE B 2321 32.63 -21.95 -18.63
C PHE B 2321 32.38 -20.57 -19.19
N LEU B 2322 33.18 -19.58 -18.75
CA LEU B 2322 33.18 -18.27 -19.38
C LEU B 2322 33.72 -18.34 -20.80
N ALA B 2323 34.59 -19.32 -21.07
CA ALA B 2323 35.00 -19.61 -22.43
C ALA B 2323 33.83 -20.06 -23.28
N ALA B 2324 33.00 -20.97 -22.74
CA ALA B 2324 31.95 -21.59 -23.53
C ALA B 2324 30.77 -20.64 -23.74
N VAL B 2325 30.32 -19.99 -22.67
CA VAL B 2325 29.15 -19.13 -22.75
C VAL B 2325 29.46 -17.88 -23.57
N GLY B 2326 30.68 -17.38 -23.50
CA GLY B 2326 31.06 -16.18 -24.20
C GLY B 2326 31.75 -16.36 -25.54
N ASN B 2327 32.01 -17.61 -25.94
CA ASN B 2327 32.66 -17.96 -27.21
C ASN B 2327 34.02 -17.28 -27.34
N LEU B 2328 34.90 -17.61 -26.40
CA LEU B 2328 36.19 -16.94 -26.29
C LEU B 2328 37.16 -17.90 -25.60
N ILE B 2329 38.42 -17.49 -25.51
CA ILE B 2329 39.47 -18.33 -24.95
C ILE B 2329 39.81 -17.79 -23.56
N VAL B 2330 40.02 -18.69 -22.60
CA VAL B 2330 40.35 -18.33 -21.23
C VAL B 2330 41.69 -18.96 -20.89
N VAL B 2331 42.65 -18.13 -20.47
CA VAL B 2331 43.95 -18.61 -20.01
C VAL B 2331 44.06 -18.24 -18.53
N THR B 2332 43.65 -19.18 -17.67
CA THR B 2332 43.81 -19.02 -16.24
C THR B 2332 45.29 -19.18 -15.88
N ALA B 2333 45.83 -18.18 -15.19
CA ALA B 2333 47.27 -18.05 -15.00
C ALA B 2333 47.65 -18.29 -13.55
N SER B 2334 48.95 -18.24 -13.29
CA SER B 2334 49.48 -18.29 -11.94
C SER B 2334 50.77 -17.47 -11.90
N TYR B 2335 51.11 -17.00 -10.70
CA TYR B 2335 52.17 -16.01 -10.54
C TYR B 2335 52.59 -15.96 -9.08
N ARG B 2336 53.88 -15.74 -8.85
CA ARG B 2336 54.47 -15.91 -7.52
C ARG B 2336 54.05 -14.77 -6.58
N VAL B 2337 53.48 -15.14 -5.45
CA VAL B 2337 53.01 -14.21 -4.41
C VAL B 2337 53.65 -14.64 -3.11
N GLY B 2338 54.07 -13.68 -2.30
CA GLY B 2338 54.63 -14.01 -1.01
C GLY B 2338 56.02 -13.43 -0.86
N VAL B 2339 56.99 -14.24 -0.43
CA VAL B 2339 58.37 -13.79 -0.41
C VAL B 2339 59.20 -14.47 -1.48
N PHE B 2340 58.70 -15.55 -2.09
CA PHE B 2340 59.36 -16.16 -3.24
C PHE B 2340 59.35 -15.22 -4.44
N GLY B 2341 58.33 -14.37 -4.53
CA GLY B 2341 58.37 -13.17 -5.33
C GLY B 2341 58.29 -11.93 -4.46
N PHE B 2342 58.36 -10.77 -5.12
CA PHE B 2342 58.23 -9.44 -4.50
C PHE B 2342 59.26 -9.21 -3.40
N LEU B 2343 60.48 -9.69 -3.61
CA LEU B 2343 61.56 -9.56 -2.63
C LEU B 2343 62.61 -8.62 -3.18
N SER B 2344 62.61 -7.38 -2.69
CA SER B 2344 63.59 -6.37 -3.07
C SER B 2344 64.62 -6.17 -1.96
N SER B 2345 65.84 -5.80 -2.36
CA SER B 2345 66.91 -5.53 -1.41
C SER B 2345 67.94 -4.65 -2.09
N GLY B 2346 68.11 -3.42 -1.60
CA GLY B 2346 69.17 -2.56 -2.09
C GLY B 2346 68.87 -1.98 -3.47
N SER B 2347 69.95 -1.69 -4.19
CA SER B 2347 69.89 -1.11 -5.53
C SER B 2347 70.71 -1.93 -6.52
N GLY B 2348 70.59 -3.26 -6.44
CA GLY B 2348 71.36 -4.13 -7.30
C GLY B 2348 70.53 -5.02 -8.19
N GLU B 2349 70.98 -6.26 -8.39
CA GLU B 2349 70.27 -7.21 -9.25
C GLU B 2349 69.00 -7.74 -8.62
N VAL B 2350 68.91 -7.75 -7.29
CA VAL B 2350 67.69 -8.17 -6.60
C VAL B 2350 66.69 -7.02 -6.74
N SER B 2351 65.76 -7.15 -7.68
CA SER B 2351 64.88 -6.05 -8.05
C SER B 2351 63.62 -6.00 -7.20
N GLY B 2352 62.91 -7.12 -7.07
CA GLY B 2352 61.70 -7.18 -6.27
C GLY B 2352 60.40 -7.05 -7.01
N ASN B 2353 60.36 -7.39 -8.30
CA ASN B 2353 59.13 -7.40 -9.07
C ASN B 2353 58.88 -8.79 -9.66
N TRP B 2354 59.27 -9.81 -8.91
CA TRP B 2354 59.19 -11.21 -9.32
C TRP B 2354 57.76 -11.71 -9.12
N GLY B 2355 57.15 -12.18 -10.19
CA GLY B 2355 55.72 -12.44 -10.17
C GLY B 2355 55.02 -11.36 -10.96
N LEU B 2356 55.51 -10.12 -10.79
CA LEU B 2356 54.99 -9.00 -11.55
C LEU B 2356 55.60 -8.92 -12.94
N LEU B 2357 56.89 -9.26 -13.07
CA LEU B 2357 57.47 -9.47 -14.39
C LEU B 2357 57.14 -10.85 -14.95
N ASP B 2358 56.69 -11.78 -14.11
CA ASP B 2358 56.17 -13.04 -14.61
C ASP B 2358 54.81 -12.87 -15.28
N GLN B 2359 54.07 -11.81 -14.94
CA GLN B 2359 52.84 -11.52 -15.67
C GLN B 2359 53.14 -11.04 -17.09
N VAL B 2360 54.29 -10.40 -17.30
CA VAL B 2360 54.71 -10.08 -18.65
C VAL B 2360 55.17 -11.36 -19.37
N ALA B 2361 55.77 -12.29 -18.63
CA ALA B 2361 56.22 -13.55 -19.20
C ALA B 2361 55.06 -14.45 -19.64
N ALA B 2362 53.86 -14.24 -19.08
CA ALA B 2362 52.69 -14.97 -19.53
C ALA B 2362 51.95 -14.24 -20.63
N LEU B 2363 51.86 -12.90 -20.54
CA LEU B 2363 51.18 -12.11 -21.56
C LEU B 2363 51.94 -12.06 -22.87
N THR B 2364 53.25 -12.30 -22.86
CA THR B 2364 54.01 -12.40 -24.09
C THR B 2364 54.02 -13.82 -24.63
N TRP B 2365 53.85 -14.82 -23.75
CA TRP B 2365 53.54 -16.17 -24.23
C TRP B 2365 52.22 -16.19 -24.97
N VAL B 2366 51.23 -15.47 -24.45
CA VAL B 2366 49.90 -15.48 -25.06
C VAL B 2366 49.91 -14.82 -26.43
N GLN B 2367 50.42 -13.59 -26.51
CA GLN B 2367 50.34 -12.88 -27.79
C GLN B 2367 51.38 -13.33 -28.81
N THR B 2368 52.12 -14.40 -28.52
CA THR B 2368 52.92 -15.11 -29.50
C THR B 2368 52.26 -16.42 -29.94
N HIS B 2369 51.78 -17.21 -28.98
CA HIS B 2369 51.37 -18.58 -29.25
C HIS B 2369 49.86 -18.77 -29.37
N ILE B 2370 49.05 -17.72 -29.27
CA ILE B 2370 47.59 -17.89 -29.34
C ILE B 2370 47.10 -17.93 -30.78
N ARG B 2371 47.94 -17.61 -31.75
CA ARG B 2371 47.56 -17.77 -33.15
C ARG B 2371 47.45 -19.24 -33.53
N GLY B 2372 48.14 -20.11 -32.81
CA GLY B 2372 47.96 -21.54 -33.02
C GLY B 2372 46.66 -22.05 -32.41
N PHE B 2373 46.29 -21.53 -31.24
CA PHE B 2373 45.05 -21.97 -30.59
C PHE B 2373 43.81 -21.43 -31.28
N GLY B 2374 43.93 -20.36 -32.07
CA GLY B 2374 42.80 -19.77 -32.75
C GLY B 2374 42.38 -18.41 -32.23
N GLY B 2375 43.18 -17.74 -31.41
CA GLY B 2375 42.82 -16.45 -30.87
C GLY B 2375 43.35 -15.29 -31.69
N ASP B 2376 43.08 -14.09 -31.20
CA ASP B 2376 43.53 -12.85 -31.84
C ASP B 2376 44.21 -11.99 -30.79
N PRO B 2377 45.53 -11.76 -30.91
CA PRO B 2377 46.23 -11.00 -29.86
C PRO B 2377 46.14 -9.49 -30.04
N ARG B 2378 44.96 -8.98 -30.38
CA ARG B 2378 44.64 -7.57 -30.27
C ARG B 2378 43.30 -7.38 -29.57
N ARG B 2379 42.61 -8.46 -29.24
CA ARG B 2379 41.38 -8.44 -28.45
C ARG B 2379 41.59 -9.08 -27.09
N VAL B 2380 42.83 -9.30 -26.69
CA VAL B 2380 43.16 -10.03 -25.46
C VAL B 2380 43.04 -9.09 -24.26
N SER B 2381 42.39 -9.58 -23.20
CA SER B 2381 42.15 -8.84 -21.98
C SER B 2381 42.96 -9.40 -20.83
N LEU B 2382 42.90 -8.72 -19.68
CA LEU B 2382 43.44 -9.27 -18.44
C LEU B 2382 42.47 -8.99 -17.31
N ALA B 2383 42.61 -9.79 -16.25
CA ALA B 2383 41.75 -9.69 -15.07
C ALA B 2383 42.42 -10.39 -13.91
N ALA B 2384 42.36 -9.77 -12.73
CA ALA B 2384 42.90 -10.37 -11.52
C ALA B 2384 41.85 -10.33 -10.42
N ASP B 2385 42.01 -11.21 -9.43
CA ASP B 2385 40.87 -11.66 -8.65
C ASP B 2385 40.47 -10.72 -7.50
N ARG B 2386 41.28 -10.65 -6.42
CA ARG B 2386 40.87 -9.89 -5.25
C ARG B 2386 41.90 -8.84 -4.84
N GLY B 2387 43.13 -9.26 -4.55
CA GLY B 2387 44.16 -8.38 -4.06
C GLY B 2387 45.30 -8.40 -5.05
N GLY B 2388 45.28 -9.44 -5.91
CA GLY B 2388 46.12 -9.43 -7.08
C GLY B 2388 45.76 -8.34 -8.06
N ALA B 2389 44.51 -7.88 -8.03
CA ALA B 2389 44.09 -6.75 -8.85
C ALA B 2389 44.77 -5.45 -8.45
N ASP B 2390 45.26 -5.36 -7.21
CA ASP B 2390 46.18 -4.27 -6.88
C ASP B 2390 47.50 -4.44 -7.60
N VAL B 2391 48.07 -5.65 -7.59
CA VAL B 2391 49.40 -5.87 -8.15
C VAL B 2391 49.38 -6.32 -9.60
N ALA B 2392 48.20 -6.41 -10.23
CA ALA B 2392 48.12 -6.64 -11.67
C ALA B 2392 47.39 -5.51 -12.39
N SER B 2393 47.22 -4.38 -11.72
CA SER B 2393 46.81 -3.13 -12.34
C SER B 2393 48.00 -2.26 -12.73
N ILE B 2394 49.21 -2.69 -12.40
CA ILE B 2394 50.41 -1.90 -12.66
C ILE B 2394 50.70 -1.85 -14.16
N HIS B 2395 50.32 -2.89 -14.90
CA HIS B 2395 50.61 -2.97 -16.33
C HIS B 2395 49.79 -1.97 -17.14
N LEU B 2396 48.65 -1.54 -16.62
CA LEU B 2396 47.86 -0.49 -17.25
C LEU B 2396 48.49 0.89 -17.09
N LEU B 2397 49.39 1.04 -16.12
CA LEU B 2397 50.03 2.32 -15.87
C LEU B 2397 51.17 2.59 -16.85
N THR B 2398 51.94 1.55 -17.20
CA THR B 2398 53.18 1.72 -17.92
C THR B 2398 52.91 2.00 -19.39
N ALA B 2399 53.33 3.17 -19.85
CA ALA B 2399 53.22 3.54 -21.26
C ALA B 2399 54.36 2.89 -22.04
N ARG B 2400 54.02 2.03 -22.99
CA ARG B 2400 55.00 1.30 -23.79
C ARG B 2400 54.73 1.57 -25.27
N ALA B 2401 55.43 0.81 -26.12
CA ALA B 2401 55.21 0.92 -27.56
C ALA B 2401 53.85 0.35 -27.94
N THR B 2402 53.20 0.99 -28.91
CA THR B 2402 51.88 0.56 -29.34
C THR B 2402 51.92 -0.74 -30.13
N ASN B 2403 53.07 -1.06 -30.75
CA ASN B 2403 53.21 -2.32 -31.48
C ASN B 2403 53.42 -3.50 -30.55
N SER B 2404 53.82 -3.26 -29.30
CA SER B 2404 54.09 -4.32 -28.33
C SER B 2404 53.20 -4.19 -27.09
N GLN B 2405 52.02 -3.58 -27.25
CA GLN B 2405 51.07 -3.51 -26.15
C GLN B 2405 50.49 -4.89 -25.88
N LEU B 2406 50.50 -5.30 -24.61
CA LEU B 2406 50.15 -6.67 -24.25
C LEU B 2406 48.66 -6.93 -24.39
N PHE B 2407 47.85 -6.22 -23.60
CA PHE B 2407 46.41 -6.42 -23.54
C PHE B 2407 45.68 -5.33 -24.34
N ARG B 2408 44.36 -5.43 -24.37
CA ARG B 2408 43.54 -4.34 -24.91
C ARG B 2408 42.29 -4.05 -24.07
N ARG B 2409 41.90 -4.94 -23.15
CA ARG B 2409 40.86 -4.65 -22.17
C ARG B 2409 41.43 -4.92 -20.79
N ALA B 2410 40.68 -4.56 -19.75
CA ALA B 2410 41.16 -4.72 -18.38
C ALA B 2410 39.96 -4.83 -17.44
N VAL B 2411 39.82 -5.98 -16.78
CA VAL B 2411 38.74 -6.16 -15.82
C VAL B 2411 39.35 -6.26 -14.42
N LEU B 2412 39.47 -5.14 -13.74
CA LEU B 2412 40.07 -5.10 -12.41
C LEU B 2412 38.98 -5.33 -11.38
N MET B 2413 39.12 -6.41 -10.60
CA MET B 2413 38.07 -6.80 -9.67
C MET B 2413 38.55 -6.57 -8.24
N GLY B 2414 37.91 -5.64 -7.54
CA GLY B 2414 38.26 -5.37 -6.17
C GLY B 2414 39.64 -4.77 -5.97
N GLY B 2415 40.11 -4.01 -6.94
CA GLY B 2415 41.47 -3.51 -6.87
C GLY B 2415 41.65 -2.30 -7.76
N SER B 2416 42.77 -1.62 -7.53
CA SER B 2416 43.08 -0.37 -8.21
C SER B 2416 44.56 -0.33 -8.54
N ALA B 2417 44.96 0.70 -9.27
CA ALA B 2417 46.36 1.09 -9.36
C ALA B 2417 46.65 2.30 -8.49
N LEU B 2418 45.72 2.66 -7.61
CA LEU B 2418 45.88 3.81 -6.73
C LEU B 2418 45.73 3.44 -5.26
N SER B 2419 45.46 2.19 -4.94
CA SER B 2419 45.24 1.79 -3.55
C SER B 2419 46.55 1.89 -2.78
N PRO B 2420 46.51 2.40 -1.53
CA PRO B 2420 47.76 2.68 -0.78
C PRO B 2420 48.45 1.46 -0.18
N ALA B 2421 48.52 0.39 -0.96
CA ALA B 2421 49.49 -0.66 -0.72
C ALA B 2421 50.09 -1.19 -2.02
N ALA B 2422 49.73 -0.61 -3.16
CA ALA B 2422 50.13 -1.13 -4.46
C ALA B 2422 51.60 -0.89 -4.76
N VAL B 2423 52.21 0.11 -4.12
CA VAL B 2423 53.65 0.34 -4.28
C VAL B 2423 54.29 0.56 -2.91
N ILE B 2424 54.82 -0.50 -2.31
CA ILE B 2424 55.60 -0.33 -1.10
C ILE B 2424 56.97 0.22 -1.47
N SER B 2425 57.59 0.91 -0.52
CA SER B 2425 58.78 1.70 -0.82
C SER B 2425 60.02 1.08 -0.18
N HIS B 2426 61.17 1.68 -0.52
CA HIS B 2426 62.46 1.19 -0.07
C HIS B 2426 62.61 1.28 1.44
N GLU B 2427 61.92 2.23 2.07
CA GLU B 2427 61.89 2.32 3.53
C GLU B 2427 61.23 1.09 4.14
N ARG B 2428 60.23 0.53 3.45
CA ARG B 2428 59.53 -0.64 3.96
C ARG B 2428 60.05 -1.95 3.38
N ALA B 2429 60.34 -1.99 2.07
CA ALA B 2429 60.69 -3.24 1.42
C ALA B 2429 62.06 -3.75 1.86
N GLN B 2430 63.01 -2.84 2.08
CA GLN B 2430 64.29 -3.23 2.65
C GLN B 2430 64.14 -3.62 4.11
N GLN B 2431 63.22 -2.96 4.83
CA GLN B 2431 62.97 -3.31 6.22
C GLN B 2431 62.26 -4.66 6.34
N GLN B 2432 61.42 -4.99 5.36
CA GLN B 2432 60.59 -6.19 5.44
C GLN B 2432 61.42 -7.46 5.24
N ALA B 2433 62.52 -7.35 4.48
CA ALA B 2433 63.43 -8.49 4.36
C ALA B 2433 64.41 -8.57 5.52
N ILE B 2434 64.79 -7.41 6.08
CA ILE B 2434 65.50 -7.38 7.35
C ILE B 2434 64.65 -8.00 8.44
N ALA B 2435 63.34 -7.73 8.43
CA ALA B 2435 62.43 -8.39 9.36
C ALA B 2435 62.31 -9.89 9.08
N LEU B 2436 62.52 -10.31 7.83
CA LEU B 2436 62.44 -11.73 7.51
C LEU B 2436 63.65 -12.50 8.01
N ALA B 2437 64.84 -11.91 7.87
CA ALA B 2437 66.08 -12.60 8.21
C ALA B 2437 66.27 -12.76 9.71
N LYS B 2438 65.51 -12.02 10.52
CA LYS B 2438 65.54 -12.21 11.96
C LYS B 2438 64.77 -13.44 12.41
N GLU B 2439 63.84 -13.92 11.58
CA GLU B 2439 62.98 -15.04 12.00
C GLU B 2439 63.74 -16.36 11.99
N VAL B 2440 64.22 -16.77 10.83
CA VAL B 2440 65.07 -17.94 10.73
C VAL B 2440 66.52 -17.52 10.95
N SER B 2441 67.36 -18.47 11.35
CA SER B 2441 68.75 -18.19 11.69
C SER B 2441 69.56 -18.01 10.42
N CYS B 2442 69.40 -16.83 9.79
CA CYS B 2442 70.13 -16.36 8.63
C CYS B 2442 71.06 -15.22 9.03
N PRO B 2443 72.27 -15.15 8.45
CA PRO B 2443 73.16 -14.03 8.76
C PRO B 2443 72.69 -12.72 8.13
N MET B 2444 72.95 -11.63 8.83
CA MET B 2444 72.70 -10.27 8.34
C MET B 2444 74.04 -9.59 8.09
N SER B 2445 74.49 -9.60 6.84
CA SER B 2445 75.69 -8.87 6.46
C SER B 2445 75.41 -7.76 5.45
N SER B 2446 74.81 -8.09 4.31
CA SER B 2446 74.56 -7.12 3.25
C SER B 2446 73.41 -7.65 2.39
N SER B 2447 73.24 -7.05 1.21
CA SER B 2447 72.21 -7.48 0.28
C SER B 2447 72.51 -8.87 -0.29
N GLN B 2448 73.80 -9.17 -0.50
CA GLN B 2448 74.21 -10.44 -1.09
C GLN B 2448 74.35 -11.55 -0.06
N GLU B 2449 74.00 -11.30 1.20
CA GLU B 2449 73.99 -12.32 2.23
C GLU B 2449 72.60 -12.56 2.83
N VAL B 2450 71.68 -11.59 2.73
CA VAL B 2450 70.29 -11.84 3.05
C VAL B 2450 69.55 -12.54 1.93
N VAL B 2451 70.19 -12.76 0.78
CA VAL B 2451 69.66 -13.63 -0.24
C VAL B 2451 70.37 -14.98 -0.29
N SER B 2452 71.66 -15.04 0.10
CA SER B 2452 72.44 -16.25 -0.10
C SER B 2452 72.16 -17.32 0.95
N CYS B 2453 71.41 -17.00 1.99
CA CYS B 2453 70.84 -18.06 2.82
C CYS B 2453 69.48 -18.47 2.28
N LEU B 2454 68.69 -17.49 1.83
CA LEU B 2454 67.34 -17.74 1.35
C LEU B 2454 67.32 -18.40 -0.02
N ARG B 2455 68.43 -18.36 -0.77
CA ARG B 2455 68.52 -19.11 -2.03
C ARG B 2455 68.73 -20.60 -1.82
N GLN B 2456 68.82 -21.09 -0.58
CA GLN B 2456 68.93 -22.52 -0.33
C GLN B 2456 68.05 -22.98 0.83
N LYS B 2457 67.05 -22.19 1.22
CA LYS B 2457 66.17 -22.64 2.28
C LYS B 2457 65.12 -23.60 1.73
N PRO B 2458 64.64 -24.53 2.55
CA PRO B 2458 63.49 -25.35 2.14
C PRO B 2458 62.23 -24.50 2.04
N ALA B 2459 61.37 -24.89 1.11
CA ALA B 2459 60.20 -24.08 0.75
C ALA B 2459 59.09 -24.12 1.80
N ASN B 2460 59.24 -24.91 2.87
CA ASN B 2460 58.25 -24.91 3.94
C ASN B 2460 58.61 -23.96 5.07
N VAL B 2461 59.88 -23.93 5.48
CA VAL B 2461 60.30 -23.07 6.58
C VAL B 2461 60.39 -21.62 6.15
N LEU B 2462 60.46 -21.33 4.85
CA LEU B 2462 60.43 -19.95 4.40
C LEU B 2462 59.00 -19.42 4.32
N ASN B 2463 58.04 -20.30 4.01
CA ASN B 2463 56.64 -19.93 4.14
C ASN B 2463 56.15 -20.03 5.57
N ASP B 2464 56.95 -20.59 6.48
CA ASP B 2464 56.67 -20.43 7.90
C ASP B 2464 56.96 -19.00 8.34
N ALA B 2465 58.06 -18.43 7.84
CA ALA B 2465 58.47 -17.08 8.22
C ALA B 2465 57.63 -15.99 7.58
N GLN B 2466 56.74 -16.33 6.64
CA GLN B 2466 55.76 -15.37 6.17
C GLN B 2466 54.61 -15.25 7.15
N THR B 2467 54.14 -16.39 7.66
CA THR B 2467 52.99 -16.40 8.57
C THR B 2467 53.35 -15.83 9.94
N LYS B 2468 54.59 -15.99 10.37
CA LYS B 2468 55.04 -15.35 11.61
C LYS B 2468 55.14 -13.84 11.48
N LEU B 2469 55.21 -13.32 10.25
CA LEU B 2469 55.48 -11.91 10.00
C LEU B 2469 54.29 -11.16 9.43
N LEU B 2470 53.45 -11.80 8.62
CA LEU B 2470 52.29 -11.12 8.05
C LEU B 2470 51.08 -11.14 8.98
N ALA B 2471 51.08 -12.01 10.00
CA ALA B 2471 50.00 -12.05 10.97
C ALA B 2471 49.93 -10.81 11.84
N VAL B 2472 51.01 -10.03 11.90
CA VAL B 2472 51.00 -8.71 12.50
C VAL B 2472 51.46 -7.72 11.43
N SER B 2473 51.60 -6.45 11.80
CA SER B 2473 52.23 -5.34 11.07
C SER B 2473 51.43 -4.82 9.87
N GLY B 2474 50.35 -5.49 9.47
CA GLY B 2474 49.39 -4.88 8.58
C GLY B 2474 49.78 -4.75 7.12
N PRO B 2475 49.06 -3.87 6.41
CA PRO B 2475 49.10 -3.90 4.93
C PRO B 2475 50.31 -3.23 4.31
N PHE B 2476 50.90 -2.22 4.95
CA PHE B 2476 52.12 -1.63 4.40
C PHE B 2476 53.30 -2.56 4.52
N HIS B 2477 53.26 -3.48 5.48
CA HIS B 2477 54.26 -4.51 5.63
C HIS B 2477 53.91 -5.79 4.88
N TYR B 2478 52.93 -5.74 3.98
CA TYR B 2478 52.79 -6.79 2.98
C TYR B 2478 53.95 -6.74 2.00
N TRP B 2479 54.22 -7.86 1.37
CA TRP B 2479 55.11 -7.86 0.22
C TRP B 2479 54.35 -7.34 -0.99
N GLY B 2480 55.03 -6.54 -1.81
CA GLY B 2480 54.38 -5.93 -2.95
C GLY B 2480 55.34 -5.27 -3.92
N PRO B 2481 54.79 -4.59 -4.92
CA PRO B 2481 55.64 -3.97 -5.95
C PRO B 2481 56.43 -2.79 -5.43
N VAL B 2482 57.60 -2.60 -6.02
CA VAL B 2482 58.54 -1.54 -5.67
C VAL B 2482 58.76 -0.72 -6.93
N ILE B 2483 58.94 0.60 -6.76
CA ILE B 2483 59.30 1.46 -7.87
C ILE B 2483 60.71 1.14 -8.33
N ASP B 2484 60.85 0.75 -9.60
CA ASP B 2484 62.14 0.52 -10.22
C ASP B 2484 62.22 1.35 -11.50
N GLY B 2485 63.44 1.79 -11.82
CA GLY B 2485 63.63 2.81 -12.86
C GLY B 2485 63.38 2.33 -14.27
N HIS B 2486 63.35 1.01 -14.49
CA HIS B 2486 63.06 0.46 -15.80
C HIS B 2486 61.63 -0.04 -15.93
N PHE B 2487 60.85 0.02 -14.86
CA PHE B 2487 59.49 -0.48 -14.87
C PHE B 2487 58.46 0.51 -14.33
N LEU B 2488 58.86 1.45 -13.47
CA LEU B 2488 57.95 2.46 -12.93
C LEU B 2488 58.70 3.77 -12.79
N ARG B 2489 58.40 4.74 -13.66
CA ARG B 2489 59.07 6.02 -13.60
C ARG B 2489 58.62 6.89 -12.43
N GLU B 2490 57.49 6.56 -11.80
CA GLU B 2490 56.83 7.46 -10.87
C GLU B 2490 55.84 6.66 -10.06
N PRO B 2491 55.56 7.06 -8.81
CA PRO B 2491 54.39 6.53 -8.12
C PRO B 2491 53.13 6.85 -8.86
N PRO B 2492 52.10 5.99 -8.79
CA PRO B 2492 51.03 5.98 -9.79
C PRO B 2492 50.09 7.16 -9.75
N ALA B 2493 49.95 7.84 -8.60
CA ALA B 2493 49.03 8.96 -8.49
C ALA B 2493 49.42 10.09 -9.41
N ARG B 2494 50.72 10.35 -9.56
CA ARG B 2494 51.20 11.24 -10.61
C ARG B 2494 51.28 10.51 -11.95
N ALA B 2495 51.67 9.23 -11.94
CA ALA B 2495 51.90 8.48 -13.17
C ALA B 2495 50.61 8.08 -13.88
N LEU B 2496 49.45 8.22 -13.24
CA LEU B 2496 48.20 7.98 -13.95
C LEU B 2496 47.87 9.12 -14.90
N LYS B 2497 48.40 10.31 -14.64
CA LYS B 2497 48.30 11.43 -15.56
C LYS B 2497 49.48 11.50 -16.52
N ARG B 2498 50.55 10.74 -16.26
CA ARG B 2498 51.72 10.70 -17.11
C ARG B 2498 51.61 9.66 -18.22
N SER B 2499 50.44 9.03 -18.36
CA SER B 2499 50.23 8.00 -19.39
C SER B 2499 48.86 8.23 -20.00
N LEU B 2500 48.83 8.94 -21.13
CA LEU B 2500 47.62 9.21 -21.87
C LEU B 2500 47.73 8.55 -23.25
N TRP B 2501 46.73 8.84 -24.10
CA TRP B 2501 46.62 8.42 -25.52
C TRP B 2501 46.84 6.92 -25.73
N VAL B 2502 46.47 6.10 -24.75
CA VAL B 2502 46.43 4.65 -24.91
C VAL B 2502 44.99 4.19 -24.66
N GLU B 2503 44.50 3.32 -25.54
CA GLU B 2503 43.09 2.93 -25.53
C GLU B 2503 42.95 1.53 -24.94
N VAL B 2504 42.35 1.46 -23.75
CA VAL B 2504 41.93 0.22 -23.13
C VAL B 2504 40.72 0.48 -22.24
N ASP B 2505 39.62 -0.20 -22.55
CA ASP B 2505 38.38 -0.05 -21.80
C ASP B 2505 38.53 -0.66 -20.42
N LEU B 2506 37.74 -0.16 -19.48
CA LEU B 2506 37.89 -0.56 -18.08
C LEU B 2506 36.55 -0.97 -17.50
N LEU B 2507 36.49 -2.20 -16.98
CA LEU B 2507 35.35 -2.70 -16.23
C LEU B 2507 35.87 -2.99 -14.84
N ILE B 2508 35.52 -2.15 -13.88
CA ILE B 2508 36.15 -2.23 -12.58
C ILE B 2508 35.07 -2.47 -11.53
N GLY B 2509 35.48 -2.92 -10.36
CA GLY B 2509 34.48 -3.09 -9.31
C GLY B 2509 34.91 -3.94 -8.14
N SER B 2510 34.44 -3.57 -6.95
CA SER B 2510 34.74 -4.30 -5.74
C SER B 2510 33.55 -5.17 -5.36
N SER B 2511 33.70 -5.86 -4.24
CA SER B 2511 32.58 -6.48 -3.55
C SER B 2511 32.30 -5.71 -2.27
N GLN B 2512 31.28 -6.15 -1.55
CA GLN B 2512 31.02 -5.63 -0.21
C GLN B 2512 31.73 -6.48 0.84
N ASP B 2513 32.04 -7.73 0.50
CA ASP B 2513 32.68 -8.66 1.43
C ASP B 2513 34.18 -8.48 1.52
N ASP B 2514 34.79 -7.67 0.65
CA ASP B 2514 36.24 -7.54 0.56
C ASP B 2514 36.77 -6.77 1.77
N GLY B 2515 37.10 -7.50 2.83
CA GLY B 2515 37.76 -6.88 3.95
C GLY B 2515 39.17 -7.41 4.09
N LEU B 2516 40.04 -6.65 4.74
CA LEU B 2516 41.40 -7.13 4.97
C LEU B 2516 41.48 -8.11 6.12
N ILE B 2517 40.44 -8.19 6.95
CA ILE B 2517 40.27 -9.36 7.78
C ILE B 2517 39.88 -10.55 6.90
N ASN B 2518 39.02 -10.30 5.91
CA ASN B 2518 38.56 -11.36 5.02
C ASN B 2518 39.66 -11.79 4.05
N ARG B 2519 40.53 -10.86 3.64
CA ARG B 2519 41.71 -11.25 2.88
C ARG B 2519 42.79 -11.91 3.73
N ALA B 2520 42.66 -11.88 5.06
CA ALA B 2520 43.56 -12.57 5.97
C ALA B 2520 42.86 -13.72 6.68
N LYS B 2521 41.85 -14.31 6.03
CA LYS B 2521 41.15 -15.46 6.61
C LYS B 2521 42.05 -16.68 6.67
N ALA B 2522 42.81 -16.92 5.61
CA ALA B 2522 43.76 -18.03 5.59
C ALA B 2522 45.00 -17.75 6.44
N VAL B 2523 45.27 -16.48 6.75
CA VAL B 2523 46.39 -16.13 7.61
C VAL B 2523 46.09 -16.53 9.06
N LYS B 2524 44.83 -16.39 9.47
CA LYS B 2524 44.42 -16.77 10.81
C LYS B 2524 44.45 -18.26 11.06
N GLN B 2525 44.39 -19.07 9.99
CA GLN B 2525 44.23 -20.51 10.16
C GLN B 2525 45.50 -21.17 10.72
N PHE B 2526 46.67 -20.77 10.21
CA PHE B 2526 47.91 -21.29 10.77
C PHE B 2526 48.19 -20.66 12.14
N GLU B 2527 47.70 -19.45 12.38
CA GLU B 2527 47.85 -18.83 13.69
C GLU B 2527 46.95 -19.50 14.72
N GLU B 2528 45.82 -20.07 14.27
CA GLU B 2528 44.98 -20.84 15.17
C GLU B 2528 45.54 -22.25 15.37
N SER B 2529 46.34 -22.74 14.41
CA SER B 2529 46.86 -24.11 14.48
C SER B 2529 47.88 -24.26 15.60
N ARG B 2530 48.93 -23.44 15.58
CA ARG B 2530 49.87 -23.46 16.69
C ARG B 2530 49.29 -22.78 17.92
N GLY B 2531 48.45 -21.76 17.72
CA GLY B 2531 47.70 -21.14 18.79
C GLY B 2531 48.31 -19.86 19.30
N ARG B 2532 47.83 -18.72 18.80
CA ARG B 2532 48.30 -17.39 19.21
C ARG B 2532 47.07 -16.48 19.25
N THR B 2533 46.45 -16.38 20.43
CA THR B 2533 45.32 -15.49 20.58
C THR B 2533 45.73 -14.02 20.62
N SER B 2534 47.00 -13.74 20.91
CA SER B 2534 47.50 -12.37 20.89
C SER B 2534 47.84 -11.89 19.48
N SER B 2535 47.80 -12.78 18.49
CA SER B 2535 48.05 -12.41 17.11
C SER B 2535 46.79 -11.93 16.39
N LYS B 2536 45.71 -11.69 17.12
CA LYS B 2536 44.49 -11.10 16.58
C LYS B 2536 44.27 -9.69 17.08
N THR B 2537 44.44 -9.46 18.39
CA THR B 2537 44.30 -8.10 18.92
C THR B 2537 45.49 -7.22 18.55
N ALA B 2538 46.66 -7.82 18.31
CA ALA B 2538 47.77 -7.06 17.75
C ALA B 2538 47.63 -6.84 16.26
N PHE B 2539 46.80 -7.64 15.59
CA PHE B 2539 46.58 -7.47 14.16
C PHE B 2539 45.64 -6.31 13.88
N TYR B 2540 44.63 -6.12 14.71
CA TYR B 2540 43.65 -5.06 14.46
C TYR B 2540 44.23 -3.68 14.69
N GLN B 2541 45.05 -3.52 15.75
CA GLN B 2541 45.65 -2.22 16.01
C GLN B 2541 46.72 -1.89 14.99
N ALA B 2542 47.45 -2.90 14.52
CA ALA B 2542 48.37 -2.70 13.41
C ALA B 2542 47.65 -2.39 12.13
N LEU B 2543 46.42 -2.89 11.98
CA LEU B 2543 45.56 -2.45 10.89
C LEU B 2543 45.02 -1.05 11.16
N GLN B 2544 44.74 -0.75 12.43
CA GLN B 2544 44.33 0.60 12.81
C GLN B 2544 45.49 1.57 12.72
N ASN B 2545 46.72 1.08 12.92
CA ASN B 2545 47.90 1.91 12.72
C ASN B 2545 48.04 2.32 11.26
N SER B 2546 47.71 1.42 10.34
CA SER B 2546 47.74 1.69 8.93
C SER B 2546 46.51 2.43 8.42
N LEU B 2547 45.52 2.66 9.29
CA LEU B 2547 44.24 3.21 8.86
C LEU B 2547 44.36 4.66 8.41
N GLY B 2548 45.34 5.39 8.95
CA GLY B 2548 45.57 6.75 8.51
C GLY B 2548 46.50 6.80 7.31
N GLY B 2549 47.48 7.70 7.35
CA GLY B 2549 48.45 7.80 6.28
C GLY B 2549 49.48 6.69 6.33
N GLU B 2550 50.39 6.72 5.35
CA GLU B 2550 51.48 5.75 5.32
C GLU B 2550 52.53 6.02 6.38
N ASP B 2551 52.62 7.25 6.86
CA ASP B 2551 53.52 7.62 7.95
C ASP B 2551 52.85 7.53 9.31
N SER B 2552 51.58 7.09 9.34
CA SER B 2552 50.74 6.99 10.54
C SER B 2552 50.67 8.32 11.29
N ASP B 2553 50.16 9.33 10.59
CA ASP B 2553 49.90 10.61 11.22
C ASP B 2553 48.72 10.48 12.18
N ALA B 2554 48.86 11.06 13.37
CA ALA B 2554 47.78 10.99 14.34
C ALA B 2554 46.65 11.95 14.00
N ARG B 2555 46.94 13.02 13.27
CA ARG B 2555 45.92 13.98 12.86
C ARG B 2555 44.90 13.40 11.90
N VAL B 2556 45.26 12.35 11.17
CA VAL B 2556 44.32 11.69 10.27
C VAL B 2556 43.79 10.42 10.92
N GLU B 2557 44.62 9.75 11.74
CA GLU B 2557 44.22 8.50 12.35
C GLU B 2557 43.18 8.74 13.45
N ALA B 2558 43.32 9.82 14.21
CA ALA B 2558 42.29 10.18 15.17
C ALA B 2558 41.09 10.80 14.48
N ALA B 2559 41.28 11.39 13.30
CA ALA B 2559 40.15 11.95 12.57
C ALA B 2559 39.29 10.85 11.97
N ALA B 2560 39.91 9.85 11.37
CA ALA B 2560 39.14 8.81 10.71
C ALA B 2560 38.58 7.79 11.69
N THR B 2561 39.20 7.61 12.86
CA THR B 2561 38.63 6.70 13.85
C THR B 2561 37.42 7.28 14.55
N TRP B 2562 37.18 8.59 14.43
CA TRP B 2562 35.89 9.13 14.82
C TRP B 2562 34.83 8.79 13.80
N TYR B 2563 35.15 8.96 12.51
CA TYR B 2563 34.15 8.91 11.45
C TYR B 2563 33.55 7.54 11.28
N TYR B 2564 34.33 6.49 11.51
CA TYR B 2564 33.79 5.15 11.51
C TYR B 2564 33.43 4.66 12.91
N SER B 2565 33.78 5.44 13.94
CA SER B 2565 33.34 5.29 15.32
C SER B 2565 33.69 3.91 15.90
N LEU B 2566 34.99 3.65 15.99
CA LEU B 2566 35.49 2.36 16.46
C LEU B 2566 36.29 2.47 17.74
N GLU B 2567 36.06 3.52 18.54
CA GLU B 2567 36.79 3.71 19.78
C GLU B 2567 36.18 2.93 20.94
N HIS B 2568 35.93 1.64 20.73
CA HIS B 2568 35.39 0.75 21.76
C HIS B 2568 36.16 -0.57 21.73
N SER B 2569 37.48 -0.50 21.74
CA SER B 2569 38.31 -1.69 21.85
C SER B 2569 38.55 -2.08 23.30
N THR B 2570 37.46 -2.21 24.07
CA THR B 2570 37.55 -2.39 25.51
C THR B 2570 37.01 -3.75 25.96
N ASP B 2571 35.76 -4.08 25.64
CA ASP B 2571 35.14 -5.29 26.16
C ASP B 2571 34.80 -6.32 25.08
N ASP B 2572 34.08 -5.94 24.04
CA ASP B 2572 33.68 -6.89 23.00
C ASP B 2572 34.39 -6.60 21.68
N TYR B 2573 34.46 -7.64 20.85
CA TYR B 2573 34.92 -7.51 19.48
C TYR B 2573 33.76 -7.62 18.50
N ALA B 2574 32.58 -7.16 18.91
CA ALA B 2574 31.44 -7.17 18.00
C ALA B 2574 31.46 -5.95 17.07
N SER B 2575 31.32 -4.76 17.64
CA SER B 2575 31.30 -3.55 16.84
C SER B 2575 32.69 -3.11 16.45
N PHE B 2576 33.70 -3.48 17.23
CA PHE B 2576 35.07 -3.06 16.94
C PHE B 2576 35.65 -3.83 15.76
N SER B 2577 35.27 -5.10 15.59
CA SER B 2577 35.79 -5.87 14.48
C SER B 2577 35.04 -5.59 13.20
N ARG B 2578 33.76 -5.25 13.28
CA ARG B 2578 32.99 -4.94 12.08
C ARG B 2578 33.34 -3.57 11.53
N ALA B 2579 33.29 -2.54 12.38
CA ALA B 2579 33.53 -1.16 11.92
C ALA B 2579 34.97 -0.91 11.51
N LEU B 2580 35.90 -1.78 11.93
CA LEU B 2580 37.24 -1.72 11.37
C LEU B 2580 37.25 -2.19 9.91
N GLU B 2581 36.44 -3.20 9.59
CA GLU B 2581 36.34 -3.67 8.22
C GLU B 2581 35.63 -2.65 7.32
N ASN B 2582 34.66 -1.92 7.89
CA ASN B 2582 34.07 -0.76 7.24
C ASN B 2582 35.12 0.28 6.84
N ALA B 2583 36.09 0.52 7.73
CA ALA B 2583 37.03 1.62 7.52
C ALA B 2583 38.11 1.26 6.51
N THR B 2584 38.64 0.03 6.57
CA THR B 2584 39.71 -0.35 5.66
C THR B 2584 39.19 -0.52 4.24
N ARG B 2585 37.98 -1.04 4.08
CA ARG B 2585 37.41 -1.27 2.77
C ARG B 2585 37.13 0.04 2.03
N ASP B 2586 36.80 1.10 2.75
CA ASP B 2586 36.58 2.39 2.14
C ASP B 2586 37.86 3.22 2.02
N TYR B 2587 39.03 2.61 2.17
CA TYR B 2587 40.27 3.29 1.84
C TYR B 2587 41.29 2.40 1.13
N PHE B 2588 41.25 1.09 1.31
CA PHE B 2588 42.11 0.19 0.57
C PHE B 2588 41.43 -0.42 -0.65
N ILE B 2589 40.10 -0.42 -0.69
CA ILE B 2589 39.38 -1.14 -1.74
C ILE B 2589 38.58 -0.17 -2.60
N ILE B 2590 37.63 0.54 -1.98
CA ILE B 2590 36.55 1.21 -2.72
C ILE B 2590 36.85 2.65 -3.09
N CYS B 2591 37.17 3.48 -2.10
CA CYS B 2591 37.57 4.85 -2.42
C CYS B 2591 38.82 5.00 -3.30
N PRO B 2592 39.78 4.06 -3.33
CA PRO B 2592 40.69 4.06 -4.47
C PRO B 2592 40.01 3.68 -5.78
N ILE B 2593 39.03 2.78 -5.76
CA ILE B 2593 38.50 2.26 -7.01
C ILE B 2593 37.62 3.30 -7.70
N ILE B 2594 37.12 4.29 -6.97
CA ILE B 2594 36.41 5.40 -7.58
C ILE B 2594 37.37 6.29 -8.36
N ASP B 2595 38.42 6.76 -7.70
CA ASP B 2595 39.40 7.61 -8.35
C ASP B 2595 40.28 6.83 -9.31
N MET B 2596 40.31 5.51 -9.20
CA MET B 2596 40.87 4.71 -10.27
C MET B 2596 40.01 4.81 -11.52
N ALA B 2597 38.68 4.79 -11.35
CA ALA B 2597 37.79 4.88 -12.50
C ALA B 2597 37.66 6.32 -13.00
N SER B 2598 37.48 7.27 -12.08
CA SER B 2598 37.12 8.63 -12.48
C SER B 2598 38.29 9.37 -13.13
N ALA B 2599 39.51 9.13 -12.69
CA ALA B 2599 40.66 9.69 -13.37
C ALA B 2599 40.93 8.98 -14.69
N TRP B 2600 40.55 7.70 -14.78
CA TRP B 2600 40.67 6.98 -16.02
C TRP B 2600 39.60 7.40 -17.02
N ALA B 2601 38.43 7.80 -16.53
CA ALA B 2601 37.33 8.16 -17.42
C ALA B 2601 37.46 9.58 -17.95
N LYS B 2602 38.09 10.48 -17.19
CA LYS B 2602 38.35 11.83 -17.69
C LYS B 2602 39.45 11.87 -18.72
N ARG B 2603 40.21 10.78 -18.88
CA ARG B 2603 41.12 10.66 -20.01
C ARG B 2603 40.38 10.61 -21.33
N ALA B 2604 39.15 10.07 -21.32
CA ALA B 2604 38.25 9.97 -22.48
C ALA B 2604 38.87 9.18 -23.63
N ARG B 2605 39.67 8.18 -23.29
CA ARG B 2605 40.29 7.32 -24.29
C ARG B 2605 39.53 6.03 -24.53
N GLY B 2606 38.72 5.59 -23.57
CA GLY B 2606 37.92 4.40 -23.75
C GLY B 2606 36.71 4.45 -22.85
N ASN B 2607 35.80 3.51 -23.10
CA ASN B 2607 34.62 3.37 -22.26
C ASN B 2607 35.01 2.83 -20.90
N VAL B 2608 34.37 3.36 -19.86
CA VAL B 2608 34.67 2.99 -18.48
C VAL B 2608 33.38 2.48 -17.85
N PHE B 2609 33.46 1.31 -17.22
CA PHE B 2609 32.30 0.69 -16.60
C PHE B 2609 32.67 0.29 -15.18
N MET B 2610 31.67 0.28 -14.31
CA MET B 2610 31.92 -0.02 -12.91
C MET B 2610 30.80 -0.89 -12.36
N TYR B 2611 31.15 -1.91 -11.60
CA TYR B 2611 30.17 -2.68 -10.86
C TYR B 2611 30.42 -2.54 -9.36
N HIS B 2612 29.54 -3.15 -8.57
CA HIS B 2612 29.73 -3.27 -7.13
C HIS B 2612 28.88 -4.42 -6.64
N ALA B 2613 29.52 -5.43 -6.07
CA ALA B 2613 28.74 -6.55 -5.55
C ALA B 2613 28.18 -6.22 -4.18
N PRO B 2614 26.99 -6.72 -3.86
CA PRO B 2614 26.42 -6.53 -2.53
C PRO B 2614 27.01 -7.54 -1.55
N GLU B 2615 26.62 -7.40 -0.28
CA GLU B 2615 26.99 -8.39 0.72
C GLU B 2615 26.12 -9.62 0.55
N ASN B 2616 26.74 -10.74 0.25
CA ASN B 2616 26.04 -12.01 0.07
C ASN B 2616 26.43 -12.91 1.24
N TYR B 2617 25.47 -13.14 2.15
CA TYR B 2617 25.80 -13.75 3.44
C TYR B 2617 26.12 -15.23 3.30
N GLY B 2618 25.47 -15.93 2.37
CA GLY B 2618 25.56 -17.37 2.34
C GLY B 2618 26.85 -17.88 1.72
N HIS B 2619 27.16 -19.13 2.08
CA HIS B 2619 28.31 -19.94 1.64
C HIS B 2619 29.63 -19.15 1.66
N GLY B 2620 30.02 -18.81 2.89
CA GLY B 2620 31.30 -18.20 3.14
C GLY B 2620 32.44 -19.19 3.31
N SER B 2621 32.33 -20.33 2.63
CA SER B 2621 33.33 -21.40 2.67
C SER B 2621 34.17 -21.45 1.40
N LEU B 2622 34.30 -20.33 0.70
CA LEU B 2622 34.97 -20.30 -0.60
C LEU B 2622 36.07 -19.25 -0.57
N GLU B 2623 37.20 -19.55 -1.23
CA GLU B 2623 38.26 -18.56 -1.32
C GLU B 2623 37.89 -17.44 -2.27
N LEU B 2624 37.00 -17.70 -3.24
CA LEU B 2624 36.49 -16.66 -4.09
C LEU B 2624 35.35 -15.93 -3.39
N LEU B 2625 35.04 -14.73 -3.87
CA LEU B 2625 34.04 -13.88 -3.21
C LEU B 2625 32.91 -13.60 -4.19
N ALA B 2626 31.99 -12.73 -3.77
CA ALA B 2626 30.63 -12.67 -4.32
C ALA B 2626 30.54 -12.08 -5.72
N ASP B 2627 31.62 -11.62 -6.33
CA ASP B 2627 31.56 -11.08 -7.68
C ASP B 2627 32.25 -11.94 -8.73
N VAL B 2628 33.30 -12.65 -8.36
CA VAL B 2628 33.99 -13.51 -9.32
C VAL B 2628 33.20 -14.78 -9.54
N GLN B 2629 32.54 -15.28 -8.49
CA GLN B 2629 31.79 -16.53 -8.60
C GLN B 2629 30.53 -16.34 -9.43
N PHE B 2630 29.97 -15.14 -9.47
CA PHE B 2630 28.86 -14.85 -10.38
C PHE B 2630 29.35 -14.68 -11.80
N ALA B 2631 30.65 -14.48 -11.99
CA ALA B 2631 31.22 -14.12 -13.28
C ALA B 2631 31.91 -15.27 -13.98
N LEU B 2632 32.76 -16.01 -13.29
CA LEU B 2632 33.49 -17.10 -13.92
C LEU B 2632 32.81 -18.44 -13.71
N GLY B 2633 31.50 -18.48 -13.97
CA GLY B 2633 30.73 -19.71 -14.09
C GLY B 2633 30.66 -20.63 -12.89
N LEU B 2634 30.91 -20.12 -11.68
CA LEU B 2634 30.94 -20.99 -10.51
C LEU B 2634 29.62 -21.68 -10.10
N PRO B 2635 28.41 -21.15 -10.32
CA PRO B 2635 27.23 -21.96 -9.97
C PRO B 2635 26.96 -23.13 -10.89
N PHE B 2636 27.69 -23.27 -11.99
CA PHE B 2636 27.49 -24.38 -12.91
C PHE B 2636 28.53 -25.47 -12.76
N TYR B 2637 29.50 -25.32 -11.84
CA TYR B 2637 30.60 -26.26 -11.72
C TYR B 2637 30.12 -27.66 -11.33
N PRO B 2638 30.80 -28.72 -11.77
CA PRO B 2638 30.41 -30.07 -11.32
C PRO B 2638 30.68 -30.30 -9.84
N ALA B 2639 31.65 -29.60 -9.27
CA ALA B 2639 31.88 -29.71 -7.83
C ALA B 2639 30.78 -28.99 -7.05
N TYR B 2640 30.34 -27.84 -7.54
CA TYR B 2640 29.30 -27.07 -6.86
C TYR B 2640 27.92 -27.35 -7.44
N GLU B 2641 27.55 -28.63 -7.49
CA GLU B 2641 26.27 -29.06 -8.02
C GLU B 2641 25.23 -29.06 -6.91
N GLY B 2642 24.16 -28.29 -7.08
CA GLY B 2642 23.09 -28.24 -6.11
C GLY B 2642 23.28 -27.25 -4.99
N GLN B 2643 24.49 -26.73 -4.79
CA GLN B 2643 24.76 -25.80 -3.70
C GLN B 2643 24.26 -24.39 -3.98
N PHE B 2644 23.76 -24.13 -5.19
CA PHE B 2644 23.21 -22.84 -5.56
C PHE B 2644 21.74 -23.01 -5.95
N SER B 2645 21.00 -21.91 -5.88
CA SER B 2645 19.58 -21.93 -6.20
C SER B 2645 19.39 -21.89 -7.71
N LEU B 2646 18.16 -21.72 -8.16
CA LEU B 2646 17.88 -21.41 -9.56
C LEU B 2646 17.71 -19.93 -9.79
N GLU B 2647 18.10 -19.10 -8.83
CA GLU B 2647 18.08 -17.66 -8.96
C GLU B 2647 19.46 -17.04 -8.87
N GLU B 2648 20.33 -17.55 -7.98
CA GLU B 2648 21.74 -17.17 -8.03
C GLU B 2648 22.40 -17.74 -9.27
N LYS B 2649 21.96 -18.91 -9.72
CA LYS B 2649 22.49 -19.50 -10.95
C LYS B 2649 22.04 -18.73 -12.17
N SER B 2650 20.75 -18.36 -12.22
CA SER B 2650 20.24 -17.60 -13.35
C SER B 2650 20.72 -16.15 -13.33
N LEU B 2651 21.05 -15.62 -12.14
CA LEU B 2651 21.78 -14.35 -12.08
C LEU B 2651 23.16 -14.50 -12.69
N SER B 2652 23.84 -15.59 -12.39
CA SER B 2652 25.21 -15.80 -12.83
C SER B 2652 25.31 -16.30 -14.25
N LEU B 2653 24.28 -16.13 -15.07
CA LEU B 2653 24.39 -16.25 -16.51
C LEU B 2653 24.30 -14.91 -17.21
N LYS B 2654 23.52 -13.97 -16.67
CA LYS B 2654 23.50 -12.59 -17.14
C LYS B 2654 24.73 -11.81 -16.69
N ILE B 2655 25.48 -12.32 -15.71
CA ILE B 2655 26.76 -11.72 -15.35
C ILE B 2655 27.85 -12.24 -16.27
N MET B 2656 27.76 -13.51 -16.66
CA MET B 2656 28.68 -14.05 -17.66
C MET B 2656 28.47 -13.38 -19.01
N GLN B 2657 27.22 -13.02 -19.33
CA GLN B 2657 26.95 -12.25 -20.55
C GLN B 2657 27.47 -10.82 -20.45
N TYR B 2658 27.60 -10.29 -19.23
CA TYR B 2658 28.18 -8.96 -19.06
C TYR B 2658 29.66 -8.97 -19.38
N PHE B 2659 30.40 -9.93 -18.83
CA PHE B 2659 31.85 -9.93 -19.07
C PHE B 2659 32.17 -10.41 -20.47
N SER B 2660 31.32 -11.27 -21.04
CA SER B 2660 31.57 -11.77 -22.38
C SER B 2660 31.44 -10.67 -23.41
N HIS B 2661 30.39 -9.86 -23.31
CA HIS B 2661 30.20 -8.75 -24.23
C HIS B 2661 31.22 -7.64 -24.01
N PHE B 2662 31.89 -7.62 -22.86
CA PHE B 2662 32.98 -6.69 -22.64
C PHE B 2662 34.28 -7.19 -23.26
N ILE B 2663 34.61 -8.46 -23.04
CA ILE B 2663 35.85 -9.00 -23.59
C ILE B 2663 35.75 -9.15 -25.11
N ARG B 2664 34.53 -9.29 -25.65
CA ARG B 2664 34.36 -9.29 -27.10
C ARG B 2664 34.38 -7.88 -27.68
N SER B 2665 33.75 -6.90 -27.02
CA SER B 2665 33.55 -5.61 -27.67
C SER B 2665 33.81 -4.39 -26.80
N GLY B 2666 34.28 -4.55 -25.57
CA GLY B 2666 34.56 -3.37 -24.75
C GLY B 2666 33.33 -2.66 -24.22
N ASN B 2667 32.17 -3.31 -24.23
CA ASN B 2667 30.91 -2.73 -23.80
C ASN B 2667 29.95 -3.84 -23.41
N PRO B 2668 29.52 -3.93 -22.14
CA PRO B 2668 28.64 -5.05 -21.73
C PRO B 2668 27.18 -4.87 -22.12
N ASN B 2669 26.93 -4.44 -23.35
CA ASN B 2669 25.60 -4.41 -23.91
C ASN B 2669 25.57 -4.89 -25.35
N TYR B 2670 26.72 -5.03 -25.99
CA TYR B 2670 26.78 -5.31 -27.42
C TYR B 2670 27.82 -6.40 -27.65
N PRO B 2671 27.44 -7.55 -28.21
CA PRO B 2671 28.42 -8.63 -28.40
C PRO B 2671 29.44 -8.34 -29.48
N TYR B 2672 29.20 -7.35 -30.34
CA TYR B 2672 30.14 -6.94 -31.36
C TYR B 2672 30.37 -5.45 -31.24
N GLU B 2673 31.41 -4.97 -31.94
CA GLU B 2673 31.72 -3.55 -32.00
C GLU B 2673 31.11 -2.88 -33.23
N PHE B 2674 30.23 -3.58 -33.94
CA PHE B 2674 29.64 -3.06 -35.16
C PHE B 2674 28.15 -3.32 -35.27
N SER B 2675 27.52 -3.96 -34.28
CA SER B 2675 26.08 -4.16 -34.26
C SER B 2675 25.53 -3.53 -32.99
N ARG B 2676 24.55 -2.64 -33.15
CA ARG B 2676 24.02 -1.90 -32.01
C ARG B 2676 22.51 -2.08 -31.86
N LYS B 2677 22.04 -3.32 -31.96
CA LYS B 2677 20.65 -3.60 -31.62
C LYS B 2677 20.46 -3.52 -30.11
N VAL B 2678 19.21 -3.48 -29.68
CA VAL B 2678 18.90 -3.26 -28.26
C VAL B 2678 19.23 -4.51 -27.45
N PRO B 2679 19.94 -4.38 -26.33
CA PRO B 2679 20.26 -5.57 -25.52
C PRO B 2679 19.06 -6.07 -24.72
N THR B 2680 18.46 -7.17 -25.18
CA THR B 2680 17.27 -7.75 -24.56
C THR B 2680 17.60 -8.96 -23.69
N PHE B 2681 18.58 -8.85 -22.82
CA PHE B 2681 18.90 -9.96 -21.94
C PHE B 2681 18.87 -9.53 -20.48
N ALA B 2682 19.24 -8.28 -20.22
CA ALA B 2682 19.26 -7.76 -18.87
C ALA B 2682 19.07 -6.24 -18.95
N THR B 2683 19.38 -5.55 -17.88
CA THR B 2683 19.26 -4.10 -17.91
C THR B 2683 20.43 -3.50 -18.66
N PRO B 2684 20.20 -2.45 -19.46
CA PRO B 2684 21.30 -1.81 -20.19
C PRO B 2684 22.24 -1.07 -19.24
N TRP B 2685 23.49 -1.50 -19.23
CA TRP B 2685 24.57 -0.92 -18.43
C TRP B 2685 24.88 0.50 -18.94
N PRO B 2686 24.83 1.53 -18.09
CA PRO B 2686 25.34 2.83 -18.52
C PRO B 2686 26.78 3.05 -18.12
N ASP B 2687 27.50 3.77 -18.98
CA ASP B 2687 28.93 3.93 -18.76
C ASP B 2687 29.20 4.96 -17.67
N PHE B 2688 30.38 4.85 -17.06
CA PHE B 2688 30.78 5.69 -15.93
C PHE B 2688 31.08 7.09 -16.44
N VAL B 2689 30.11 7.98 -16.32
CA VAL B 2689 30.30 9.38 -16.71
C VAL B 2689 30.99 10.14 -15.58
N PRO B 2690 32.22 10.61 -15.79
CA PRO B 2690 33.02 11.21 -14.70
C PRO B 2690 32.63 12.65 -14.41
N ARG B 2691 31.44 12.83 -13.86
CA ARG B 2691 30.89 14.16 -13.68
C ARG B 2691 29.85 14.11 -12.59
N ALA B 2692 29.62 15.26 -11.96
CA ALA B 2692 28.49 15.40 -11.05
C ALA B 2692 27.18 15.18 -11.79
N GLY B 2693 26.23 14.53 -11.12
CA GLY B 2693 25.03 14.06 -11.78
C GLY B 2693 25.21 12.75 -12.51
N GLY B 2694 26.38 12.13 -12.41
CA GLY B 2694 26.62 10.86 -13.04
C GLY B 2694 27.30 9.85 -12.14
N GLU B 2695 28.44 9.31 -12.61
CA GLU B 2695 29.25 8.30 -11.91
C GLU B 2695 28.42 7.05 -11.59
N ASN B 2696 27.86 6.47 -12.64
CA ASN B 2696 26.93 5.35 -12.53
C ASN B 2696 27.68 4.03 -12.36
N TYR B 2697 26.99 3.04 -11.80
CA TYR B 2697 27.55 1.70 -11.67
C TYR B 2697 26.42 0.67 -11.65
N LYS B 2698 26.78 -0.59 -11.45
CA LYS B 2698 25.84 -1.69 -11.51
C LYS B 2698 25.94 -2.51 -10.23
N GLU B 2699 24.79 -2.80 -9.64
CA GLU B 2699 24.72 -3.57 -8.41
C GLU B 2699 24.32 -5.00 -8.73
N PHE B 2700 25.18 -5.95 -8.39
CA PHE B 2700 24.97 -7.35 -8.77
C PHE B 2700 23.97 -8.03 -7.83
N SER B 2701 22.72 -7.64 -7.96
CA SER B 2701 21.62 -8.27 -7.23
C SER B 2701 20.67 -8.91 -8.24
N GLU B 2702 19.52 -9.36 -7.72
CA GLU B 2702 18.61 -10.21 -8.49
C GLU B 2702 18.00 -9.48 -9.68
N LEU B 2703 17.79 -8.18 -9.57
CA LEU B 2703 17.21 -7.39 -10.66
C LEU B 2703 18.25 -6.69 -11.51
N LEU B 2704 19.51 -6.65 -11.05
CA LEU B 2704 20.64 -5.90 -11.61
C LEU B 2704 20.30 -4.43 -11.85
N PRO B 2705 20.09 -3.64 -10.82
CA PRO B 2705 19.64 -2.26 -11.03
C PRO B 2705 20.81 -1.31 -11.29
N ASN B 2706 20.47 -0.14 -11.79
CA ASN B 2706 21.44 0.93 -12.00
C ASN B 2706 21.41 1.86 -10.79
N ARG B 2707 22.44 1.80 -9.97
CA ARG B 2707 22.61 2.77 -8.90
C ARG B 2707 23.34 3.98 -9.47
N GLN B 2708 23.68 4.94 -8.61
CA GLN B 2708 24.33 6.16 -9.08
C GLN B 2708 25.12 6.76 -7.92
N GLY B 2709 26.44 6.53 -7.94
CA GLY B 2709 27.31 7.08 -6.92
C GLY B 2709 27.57 6.09 -5.80
N LEU B 2710 28.76 5.50 -5.77
CA LEU B 2710 29.12 4.55 -4.73
C LEU B 2710 29.97 5.24 -3.68
N LYS B 2711 29.49 5.22 -2.43
CA LYS B 2711 30.20 5.72 -1.25
C LYS B 2711 30.59 7.19 -1.40
N LYS B 2712 29.70 7.98 -2.04
CA LYS B 2712 30.01 9.37 -2.35
C LYS B 2712 30.15 10.21 -1.09
N ALA B 2713 29.50 9.81 0.00
CA ALA B 2713 29.81 10.36 1.30
C ALA B 2713 31.23 10.00 1.73
N ASP B 2714 31.57 8.71 1.67
CA ASP B 2714 32.83 8.26 2.24
C ASP B 2714 34.00 8.44 1.29
N CYS B 2715 33.77 8.45 -0.01
CA CYS B 2715 34.82 8.77 -0.95
C CYS B 2715 34.92 10.27 -1.23
N SER B 2716 34.15 11.08 -0.49
CA SER B 2716 34.50 12.47 -0.29
C SER B 2716 35.24 12.67 1.02
N PHE B 2717 35.19 11.70 1.93
CA PHE B 2717 35.93 11.79 3.18
C PHE B 2717 37.42 11.57 2.96
N TRP B 2718 37.79 10.41 2.42
CA TRP B 2718 39.20 10.09 2.23
C TRP B 2718 39.83 10.87 1.09
N SER B 2719 39.03 11.44 0.18
CA SER B 2719 39.56 12.08 -1.00
C SER B 2719 39.53 13.60 -0.97
N LYS B 2720 38.64 14.21 -0.20
CA LYS B 2720 38.55 15.66 -0.13
C LYS B 2720 38.84 16.23 1.25
N TYR B 2721 38.47 15.54 2.32
CA TYR B 2721 38.79 16.03 3.66
C TYR B 2721 40.24 15.81 4.00
N ILE B 2722 40.67 14.54 3.98
CA ILE B 2722 42.02 14.16 4.36
C ILE B 2722 43.07 14.72 3.40
N SER B 2723 42.73 14.85 2.11
CA SER B 2723 43.64 15.46 1.15
C SER B 2723 43.87 16.95 1.40
N SER B 2724 43.07 17.59 2.25
CA SER B 2724 43.41 18.89 2.79
C SER B 2724 44.05 18.81 4.17
N LEU B 2725 43.82 17.72 4.91
CA LEU B 2725 44.44 17.56 6.22
C LEU B 2725 45.87 17.05 6.10
N LYS B 2726 46.14 16.20 5.10
CA LYS B 2726 47.48 15.65 4.95
C LYS B 2726 48.47 16.70 4.45
N THR B 2727 48.04 17.54 3.50
CA THR B 2727 48.91 18.59 3.00
C THR B 2727 48.92 19.82 3.89
N SER B 2728 48.01 19.91 4.86
CA SER B 2728 47.94 21.07 5.75
C SER B 2728 47.38 20.68 7.11
C1 NAG C . 2.09 3.44 78.03
C2 NAG C . 3.43 3.29 77.31
C3 NAG C . 4.25 2.16 77.94
C4 NAG C . 4.39 2.35 79.45
C5 NAG C . 3.00 2.53 80.08
C6 NAG C . 3.06 2.87 81.54
C7 NAG C . 3.92 3.65 74.94
C8 NAG C . 3.63 3.20 73.55
N2 NAG C . 3.24 3.03 75.90
O3 NAG C . 5.54 2.10 77.33
O4 NAG C . 5.04 1.21 80.00
O5 NAG C . 2.32 3.61 79.42
O6 NAG C . 3.71 4.12 81.76
O7 NAG C . 4.71 4.55 75.18
C1 NAG C . 6.26 1.52 80.57
C2 NAG C . 6.69 0.34 81.43
C3 NAG C . 8.01 0.67 82.14
C4 NAG C . 9.08 1.11 81.13
C5 NAG C . 8.52 2.23 80.25
C6 NAG C . 9.47 2.63 79.14
C7 NAG C . 4.79 -0.98 82.24
C8 NAG C . 3.81 -1.20 83.36
N2 NAG C . 5.67 0.01 82.41
O3 NAG C . 8.44 -0.49 82.85
O4 NAG C . 10.22 1.59 81.82
O5 NAG C . 7.30 1.82 79.62
O6 NAG C . 8.93 3.67 78.34
O7 NAG C . 4.78 -1.67 81.22
C1 BMA C . 11.29 0.72 81.75
C2 BMA C . 12.58 1.50 81.55
C3 BMA C . 13.79 0.57 81.56
C4 BMA C . 13.79 -0.30 82.82
C5 BMA C . 12.45 -1.03 82.95
C6 BMA C . 12.33 -1.81 84.23
O2 BMA C . 12.71 2.48 82.57
O3 BMA C . 14.99 1.32 81.49
O4 BMA C . 14.83 -1.26 82.74
O5 BMA C . 11.38 -0.07 82.95
O6 BMA C . 11.11 -2.52 84.30
C1 NAG D . 38.15 13.45 -66.84
C2 NAG D . 38.52 14.33 -65.65
C3 NAG D . 38.54 15.80 -66.05
C4 NAG D . 39.41 16.04 -67.28
C5 NAG D . 38.99 15.10 -68.40
C6 NAG D . 39.91 15.16 -69.61
C7 NAG D . 38.01 13.94 -63.29
C8 NAG D . 36.91 13.82 -62.27
N2 NAG D . 37.61 14.11 -64.55
O3 NAG D . 38.99 16.60 -64.96
O4 NAG D . 39.29 17.40 -67.68
O5 NAG D . 39.02 13.74 -67.94
O6 NAG D . 41.22 14.74 -69.26
O7 NAG D . 39.19 13.88 -62.99
C1 NAG D . 40.47 18.10 -67.57
C2 NAG D . 40.33 19.40 -68.37
C3 NAG D . 41.64 20.18 -68.34
C4 NAG D . 42.12 20.39 -66.90
C5 NAG D . 42.16 19.05 -66.16
C6 NAG D . 42.49 19.19 -64.70
C7 NAG D . 38.66 19.22 -70.15
C8 NAG D . 38.43 18.93 -71.61
N2 NAG D . 39.92 19.12 -69.74
O3 NAG D . 41.44 21.44 -68.99
O4 NAG D . 43.43 20.93 -66.91
O5 NAG D . 40.87 18.40 -66.24
O6 NAG D . 42.51 17.93 -64.04
O7 NAG D . 37.73 19.52 -69.40
C1 BMA D . 43.45 22.27 -66.54
C2 BMA D . 44.66 22.54 -65.64
C3 BMA D . 44.74 24.01 -65.29
C4 BMA D . 44.73 24.87 -66.54
C5 BMA D . 43.51 24.52 -67.39
C6 BMA D . 43.48 25.24 -68.72
O2 BMA D . 45.85 22.11 -66.28
O3 BMA D . 45.95 24.26 -64.55
O4 BMA D . 44.67 26.25 -66.20
O5 BMA D . 43.52 23.11 -67.69
O6 BMA D . 42.30 24.94 -69.46
C1 NAG E . -36.72 -11.20 -2.70
C2 NAG E . -37.22 -11.27 -1.25
C3 NAG E . -38.38 -12.27 -1.14
C4 NAG E . -39.47 -11.93 -2.14
C5 NAG E . -38.89 -11.83 -3.55
C6 NAG E . -39.89 -11.36 -4.58
C7 NAG E . -35.35 -12.67 -0.30
C8 NAG E . -34.26 -12.67 0.75
N2 NAG E . -36.14 -11.58 -0.31
O3 NAG E . -38.90 -12.23 0.19
O4 NAG E . -40.47 -12.94 -2.12
O5 NAG E . -37.81 -10.86 -3.56
O6 NAG E . -39.30 -11.25 -5.86
O7 NAG E . -35.48 -13.62 -1.07
C1 NAG F . -50.14 23.74 47.00
C2 NAG F . -51.36 24.46 47.60
C3 NAG F . -51.20 25.97 47.47
C4 NAG F . -49.87 26.43 48.05
C5 NAG F . -48.72 25.64 47.43
C6 NAG F . -47.38 25.94 48.05
C7 NAG F . -53.03 24.07 45.75
C8 NAG F . -54.40 23.51 45.48
N2 NAG F . -52.62 23.99 47.05
O3 NAG F . -52.27 26.62 48.13
O4 NAG F . -49.66 27.81 47.78
O5 NAG F . -48.95 24.22 47.62
O6 NAG F . -46.35 25.14 47.50
O7 NAG F . -52.34 24.54 44.85
C1 NAG G . -32.15 -17.19 47.51
C2 NAG G . -33.21 -17.52 48.56
C3 NAG G . -34.30 -16.44 48.58
C4 NAG G . -33.67 -15.05 48.76
C5 NAG G . -32.61 -14.83 47.68
C6 NAG G . -31.88 -13.52 47.86
C7 NAG G . -34.17 -19.66 49.30
C8 NAG G . -34.74 -20.97 48.86
N2 NAG G . -33.79 -18.82 48.32
O3 NAG G . -35.21 -16.70 49.65
O4 NAG G . -34.69 -14.06 48.64
O5 NAG G . -31.63 -15.88 47.74
O6 NAG G . -31.21 -13.48 49.11
O7 NAG G . -34.06 -19.37 50.49
C1 NAG H . -41.34 -24.19 33.01
C2 NAG H . -42.30 -23.03 32.74
C3 NAG H . -43.75 -23.47 32.94
C4 NAG H . -44.07 -24.71 32.13
C5 NAG H . -43.08 -25.81 32.49
C6 NAG H . -43.26 -27.07 31.67
C7 NAG H . -42.01 -21.71 34.86
C8 NAG H . -41.70 -20.33 35.37
N2 NAG H . -41.98 -21.84 33.51
O3 NAG H . -44.63 -22.41 32.56
O4 NAG H . -45.40 -25.15 32.38
O5 NAG H . -41.74 -25.35 32.26
O6 NAG H . -43.09 -26.79 30.29
O7 NAG H . -42.26 -22.64 35.63
C1 NAG I . -70.61 10.04 76.20
C2 NAG I . -71.97 10.75 76.27
C3 NAG I . -72.57 10.85 74.87
C4 NAG I . -71.58 11.51 73.92
C5 NAG I . -70.23 10.80 73.96
C6 NAG I . -69.16 11.50 73.14
C7 NAG I . -73.08 10.46 78.43
C8 NAG I . -74.09 9.67 79.21
N2 NAG I . -72.88 10.07 77.17
O3 NAG I . -73.77 11.59 74.91
O4 NAG I . -72.09 11.47 72.59
O5 NAG I . -69.75 10.74 75.31
O6 NAG I . -67.93 10.81 73.21
O7 NAG I . -72.47 11.41 78.93
C1 NAG J . 14.38 54.03 47.53
C2 NAG J . 15.68 54.82 47.42
C3 NAG J . 16.85 54.00 47.96
C4 NAG J . 16.55 53.54 49.39
C5 NAG J . 15.22 52.79 49.42
C6 NAG J . 14.80 52.39 50.81
C7 NAG J . 16.37 56.41 45.68
C8 NAG J . 16.54 56.65 44.21
N2 NAG J . 15.93 55.21 46.03
O3 NAG J . 18.03 54.79 47.94
O4 NAG J . 17.59 52.68 49.84
O5 NAG J . 14.19 53.63 48.90
O6 NAG J . 15.79 51.60 51.45
O7 NAG J . 16.61 57.28 46.51
C1 NAG K . -0.26 29.73 50.22
C2 NAG K . -1.34 29.19 51.14
C3 NAG K . -1.14 29.71 52.56
C4 NAG K . 0.26 29.36 53.06
C5 NAG K . 1.30 29.89 52.07
C6 NAG K . 2.71 29.47 52.43
C7 NAG K . -3.50 28.64 50.12
C8 NAG K . -4.89 29.14 49.84
N2 NAG K . -2.67 29.53 50.65
O3 NAG K . -2.12 29.14 53.43
O4 NAG K . 0.49 29.96 54.34
O5 NAG K . 1.02 29.40 50.74
O6 NAG K . 3.01 29.74 53.78
O7 NAG K . -3.16 27.48 49.88
C1 NAG L . 20.13 21.93 6.21
C2 NAG L . 20.51 21.33 4.85
C3 NAG L . 19.33 20.56 4.24
C4 NAG L . 18.78 19.55 5.23
C5 NAG L . 18.37 20.28 6.50
C6 NAG L . 17.84 19.36 7.56
C7 NAG L . 21.89 22.21 3.01
C8 NAG L . 22.10 23.36 2.09
N2 NAG L . 20.94 22.37 3.94
O3 NAG L . 19.75 19.90 3.05
O4 NAG L . 17.62 18.94 4.68
O5 NAG L . 19.54 20.93 7.03
O6 NAG L . 16.67 18.67 7.13
O7 NAG L . 22.53 21.17 2.93
C1 NAG M . -32.33 19.54 62.30
C2 NAG M . -32.19 20.45 63.53
C3 NAG M . -33.28 21.52 63.52
C4 NAG M . -33.29 22.29 62.21
C5 NAG M . -33.44 21.29 61.06
C6 NAG M . -33.35 21.96 59.71
C7 NAG M . -31.31 19.78 65.72
C8 NAG M . -31.52 18.92 66.93
N2 NAG M . -32.23 19.69 64.77
O3 NAG M . -33.04 22.41 64.61
O4 NAG M . -34.38 23.20 62.18
O5 NAG M . -32.36 20.34 61.11
O6 NAG M . -32.08 22.54 59.49
O7 NAG M . -30.34 20.52 65.61
C1 NAG N . -33.95 23.03 83.29
C2 NAG N . -34.35 24.14 84.26
C3 NAG N . -34.91 25.34 83.49
C4 NAG N . -33.95 25.78 82.41
C5 NAG N . -33.60 24.61 81.50
C6 NAG N . -32.55 24.95 80.48
C7 NAG N . -34.95 23.31 86.48
C8 NAG N . -36.05 22.82 87.38
N2 NAG N . -35.30 23.66 85.25
O3 NAG N . -35.18 26.40 84.40
O4 NAG N . -34.54 26.82 81.64
O5 NAG N . -33.06 23.54 82.30
O6 NAG N . -32.27 23.85 79.63
O7 NAG N . -33.78 23.37 86.87
C1 NAG O . -39.20 -15.19 80.09
C2 NAG O . -39.60 -16.42 79.28
C3 NAG O . -38.82 -17.65 79.75
C4 NAG O . -37.32 -17.37 79.77
C5 NAG O . -37.02 -16.11 80.57
C6 NAG O . -35.57 -15.69 80.50
C7 NAG O . -41.73 -17.22 78.38
C8 NAG O . -43.19 -17.46 78.68
N2 NAG O . -41.02 -16.66 79.36
O3 NAG O . -39.08 -18.75 78.90
O4 NAG O . -36.63 -18.47 80.35
O5 NAG O . -37.79 -15.02 80.03
O6 NAG O . -35.13 -15.50 79.16
O7 NAG O . -41.23 -17.53 77.31
C1 NAG P . 33.18 35.73 -63.11
C2 NAG P . 33.99 34.70 -63.88
C3 NAG P . 35.39 35.23 -64.11
C4 NAG P . 35.30 36.51 -64.94
C5 NAG P . 34.41 37.53 -64.22
C6 NAG P . 34.11 38.73 -65.08
C7 NAG P . 34.17 32.25 -63.85
C8 NAG P . 33.90 31.01 -63.06
N2 NAG P . 34.02 33.41 -63.20
O3 NAG P . 36.22 34.29 -64.79
O4 NAG P . 36.59 37.08 -65.12
O5 NAG P . 33.14 36.96 -63.86
O6 NAG P . 35.25 39.17 -65.83
O7 NAG P . 34.50 32.21 -65.04
C1 NAG Q . -5.81 26.96 -67.79
C2 NAG Q . -5.65 25.72 -68.67
C3 NAG Q . -4.30 25.73 -69.38
C4 NAG Q . -4.08 27.05 -70.12
C5 NAG Q . -4.28 28.22 -69.16
C6 NAG Q . -4.20 29.56 -69.84
C7 NAG Q . -6.98 23.86 -67.77
C8 NAG Q . -6.97 22.62 -66.91
N2 NAG Q . -5.82 24.50 -67.89
O3 NAG Q . -4.22 24.64 -70.28
O4 NAG Q . -2.77 27.10 -70.65
O5 NAG Q . -5.59 28.13 -68.57
O6 NAG Q . -4.29 30.63 -68.91
O7 NAG Q . -8.00 24.25 -68.31
C1 NAG R . 36.57 38.70 -33.57
C2 NAG R . 37.53 38.75 -34.76
C3 NAG R . 38.62 37.67 -34.65
C4 NAG R . 39.33 37.79 -33.31
C5 NAG R . 38.30 37.70 -32.18
C6 NAG R . 38.92 37.88 -30.83
C7 NAG R . 37.12 39.30 -37.13
C8 NAG R . 36.25 39.00 -38.32
N2 NAG R . 36.83 38.61 -36.03
O3 NAG R . 39.53 37.79 -35.73
O4 NAG R . 40.28 36.73 -33.18
O5 NAG R . 37.31 38.74 -32.35
O6 NAG R . 39.57 39.15 -30.75
O7 NAG R . 38.01 40.15 -37.16
C1 NAG S . -18.17 18.42 -76.42
C2 NAG S . -18.74 19.51 -77.32
C3 NAG S . -18.45 20.90 -76.74
C4 NAG S . -18.91 20.99 -75.29
C5 NAG S . -18.33 19.84 -74.48
C6 NAG S . -18.83 19.80 -73.06
C7 NAG S . -17.02 19.53 -79.16
C8 NAG S . -16.87 19.51 -80.65
N2 NAG S . -18.29 19.40 -78.70
O3 NAG S . -19.11 21.90 -77.53
O4 NAG S . -18.51 22.23 -74.73
O5 NAG S . -18.68 18.58 -75.10
O6 NAG S . -18.41 20.94 -72.34
O7 NAG S . -16.04 19.66 -78.41
C1 NAG T . -30.58 -17.07 -16.01
C2 NAG T . -30.28 -17.07 -17.52
C3 NAG T . -31.59 -17.11 -18.32
C4 NAG T . -32.45 -18.28 -17.86
C5 NAG T . -32.65 -18.22 -16.35
C6 NAG T . -33.41 -19.42 -15.81
C7 NAG T . -29.68 -14.63 -17.79
C8 NAG T . -28.57 -13.72 -18.22
N2 NAG T . -29.42 -15.96 -17.92
O3 NAG T . -31.28 -17.24 -19.70
O4 NAG T . -33.72 -18.22 -18.51
O5 NAG T . -31.38 -18.19 -15.69
O6 NAG T . -33.55 -19.34 -14.39
O7 NAG T . -30.74 -14.19 -17.34
C1 NAG U . 6.88 -41.90 -59.04
C2 NAG U . 6.91 -43.12 -59.96
C3 NAG U . 7.96 -44.14 -59.48
C4 NAG U . 9.32 -43.46 -59.32
C5 NAG U . 9.19 -42.24 -58.41
C6 NAG U . 10.48 -41.44 -58.31
C7 NAG U . 4.84 -44.31 -59.15
C8 NAG U . 3.53 -44.88 -59.62
N2 NAG U . 5.60 -43.75 -60.12
O3 NAG U . 8.05 -45.20 -60.42
O4 NAG U . 10.25 -44.37 -58.74
O5 NAG U . 8.20 -41.34 -58.94
O6 NAG U . 10.30 -40.28 -57.52
O7 NAG U . 5.17 -44.36 -57.97
C1 NAG V . -9.59 -0.35 -59.12
C2 NAG V . -9.97 -0.63 -60.58
C3 NAG V . -9.89 -2.12 -60.88
C4 NAG V . -8.53 -2.67 -60.49
C5 NAG V . -8.21 -2.32 -59.04
C6 NAG V . -6.82 -2.73 -58.62
C7 NAG V . -11.65 0.41 -62.05
C8 NAG V . -13.08 0.88 -62.16
N2 NAG V . -11.31 -0.12 -60.87
O3 NAG V . -10.14 -2.35 -62.25
O4 NAG V . -8.52 -4.09 -60.65
O5 NAG V . -8.30 -0.90 -58.85
O6 NAG V . -5.84 -2.08 -59.42
O7 NAG V . -10.87 0.50 -62.98
C1 NAG W . -26.18 -4.17 -51.79
C2 NAG W . -26.11 -5.70 -51.76
C3 NAG W . -27.17 -6.32 -52.67
C4 NAG W . -28.55 -5.80 -52.33
C5 NAG W . -28.53 -4.27 -52.41
C6 NAG W . -29.85 -3.65 -52.00
C7 NAG W . -24.09 -6.06 -53.25
C8 NAG W . -22.77 -6.75 -53.31
N2 NAG W . -24.78 -6.20 -52.08
O3 NAG W . -27.14 -7.74 -52.53
O4 NAG W . -29.53 -6.32 -53.23
O5 NAG W . -27.53 -3.75 -51.53
O6 NAG W . -30.18 -3.98 -50.66
O7 NAG W . -24.53 -5.42 -54.20
C1 NAG X . -1.53 -40.34 -96.26
C2 NAG X . -1.82 -41.74 -96.78
C3 NAG X . -2.73 -42.48 -95.81
C4 NAG X . -2.12 -42.47 -94.40
C5 NAG X . -1.78 -41.05 -93.98
C6 NAG X . -1.04 -40.99 -92.67
C7 NAG X . -1.72 -41.88 -99.24
C8 NAG X . -2.51 -41.85 -100.51
N2 NAG X . -2.42 -41.70 -98.11
O3 NAG X . -2.94 -43.82 -96.24
O4 NAG X . -3.05 -43.03 -93.48
O5 NAG X . -0.93 -40.43 -94.96
O6 NAG X . -0.73 -39.65 -92.30
O7 NAG X . -0.50 -42.06 -99.22
C1 NAG Y . 65.83 -20.35 -25.23
C2 NAG Y . 67.08 -20.06 -24.40
C3 NAG Y . 67.47 -18.60 -24.51
C4 NAG Y . 67.62 -18.19 -25.98
C5 NAG Y . 66.34 -18.54 -26.74
C6 NAG Y . 66.45 -18.29 -28.23
C7 NAG Y . 67.79 -21.07 -22.27
C8 NAG Y . 67.40 -21.40 -20.86
N2 NAG Y . 66.87 -20.43 -23.00
O3 NAG Y . 68.70 -18.37 -23.83
O4 NAG Y . 67.87 -16.80 -26.08
O5 NAG Y . 66.05 -19.94 -26.58
O6 NAG Y . 66.78 -16.93 -28.49
O7 NAG Y . 68.89 -21.39 -22.74
C1 NAG Z . 42.03 -12.19 -38.61
C2 NAG Z . 41.42 -12.36 -40.00
C3 NAG Z . 42.52 -12.33 -41.06
C4 NAG Z . 43.34 -11.06 -40.93
C5 NAG Z . 43.88 -10.92 -39.50
C6 NAG Z . 44.59 -9.61 -39.27
C7 NAG Z . 39.32 -13.60 -40.15
C8 NAG Z . 38.70 -14.94 -40.43
N2 NAG Z . 40.65 -13.58 -40.10
O3 NAG Z . 41.96 -12.41 -42.36
O4 NAG Z . 44.45 -11.09 -41.84
O5 NAG Z . 42.80 -10.99 -38.56
O6 NAG Z . 45.56 -9.35 -40.28
O7 NAG Z . 38.65 -12.58 -40.02
C1 NAG AA . 29.42 -1.11 7.57
C2 NAG AA . 28.64 -0.69 8.81
C3 NAG AA . 27.15 -1.04 8.68
C4 NAG AA . 26.57 -0.51 7.38
C5 NAG AA . 27.40 -1.06 6.23
C6 NAG AA . 26.93 -0.56 4.88
C7 NAG AA . 29.23 -0.74 11.19
C8 NAG AA . 29.72 -1.60 12.33
N2 NAG AA . 29.19 -1.32 10.00
O3 NAG AA . 26.43 -0.51 9.79
O4 NAG AA . 25.23 -0.94 7.24
O5 NAG AA . 28.76 -0.64 6.39
O6 NAG AA . 25.58 -0.92 4.62
O7 NAG AA . 28.89 0.43 11.37
C1 NAG BA . 21.47 -24.11 -65.33
C2 NAG BA . 22.70 -24.44 -66.17
C3 NAG BA . 22.78 -25.94 -66.44
C4 NAG BA . 22.69 -26.74 -65.15
C5 NAG BA . 21.43 -26.34 -64.39
C6 NAG BA . 21.33 -27.02 -63.05
C7 NAG BA . 23.75 -22.96 -67.82
C8 NAG BA . 23.58 -22.26 -69.13
N2 NAG BA . 22.71 -23.69 -67.41
O3 NAG BA . 24.00 -26.22 -67.13
O4 NAG BA . 22.64 -28.14 -65.44
O5 NAG BA . 21.45 -24.93 -64.15
O6 NAG BA . 22.39 -26.62 -62.18
O7 NAG BA . 24.77 -22.86 -67.15
C1 NAG CA . 32.15 -23.80 -83.79
C2 NAG CA . 33.09 -24.68 -84.61
C3 NAG CA . 33.21 -26.06 -83.97
C4 NAG CA . 33.61 -25.93 -82.51
C5 NAG CA . 32.63 -25.02 -81.77
C6 NAG CA . 33.03 -24.76 -80.34
C7 NAG CA . 33.16 -24.07 -86.98
C8 NAG CA . 32.57 -24.29 -88.35
N2 NAG CA . 32.64 -24.79 -85.99
O3 NAG CA . 34.17 -26.83 -84.69
O4 NAG CA . 33.61 -27.22 -81.90
O5 NAG CA . 32.59 -23.75 -82.43
O6 NAG CA . 32.07 -23.94 -79.68
O7 NAG CA . 34.07 -23.26 -86.79
C1 NAG DA . 2.00 -0.44 -90.43
C2 NAG DA . 0.57 0.03 -90.12
C3 NAG DA . 0.43 1.52 -90.43
C4 NAG DA . 1.51 2.33 -89.72
C5 NAG DA . 2.89 1.77 -90.06
C6 NAG DA . 4.01 2.43 -89.28
C7 NAG DA . -1.63 -0.99 -90.44
C8 NAG DA . -2.52 -1.73 -91.39
N2 NAG DA . -0.39 -0.74 -90.88
O3 NAG DA . -0.85 1.97 -89.99
O4 NAG DA . 1.46 3.69 -90.13
O5 NAG DA . 2.94 0.38 -89.73
O6 NAG DA . 3.81 2.34 -87.88
O7 NAG DA . -2.01 -0.63 -89.34
C1 NAG EA . 15.68 -15.21 76.69
C2 NAG EA . 15.13 -14.06 77.54
C3 NAG EA . 16.22 -13.55 78.47
C4 NAG EA . 16.66 -14.68 79.38
C5 NAG EA . 17.12 -15.88 78.56
C6 NAG EA . 17.37 -17.10 79.40
C7 NAG EA . 13.61 -12.18 77.14
C8 NAG EA . 12.97 -11.32 76.09
N2 NAG EA . 14.58 -12.99 76.72
O3 NAG EA . 15.77 -12.44 79.25
O4 NAG EA . 17.72 -14.26 80.22
O5 NAG EA . 16.15 -16.25 77.56
O6 NAG EA . 18.00 -16.79 80.63
O7 NAG EA . 13.25 -12.15 78.32
C1 NAG FA . -15.49 -35.89 61.87
C2 NAG FA . -16.61 -35.06 62.48
C3 NAG FA . -16.11 -34.29 63.70
C4 NAG FA . -15.43 -35.23 64.69
C5 NAG FA . -14.34 -36.03 63.98
C6 NAG FA . -13.69 -37.07 64.87
C7 NAG FA . -18.25 -34.44 60.75
C8 NAG FA . -18.69 -33.39 59.78
N2 NAG FA . -17.18 -34.15 61.50
O3 NAG FA . -17.20 -33.63 64.33
O4 NAG FA . -14.85 -34.49 65.75
O5 NAG FA . -14.92 -36.73 62.87
O6 NAG FA . -12.62 -37.73 64.21
O7 NAG FA . -18.84 -35.52 60.85
C1 NAG GA . 32.79 -9.57 52.86
C2 NAG GA . 32.87 -9.18 54.35
C3 NAG GA . 32.84 -7.66 54.52
C4 NAG GA . 33.94 -7.01 53.68
C5 NAG GA . 33.76 -7.43 52.22
C6 NAG GA . 34.86 -6.90 51.34
C7 NAG GA . 31.94 -10.30 56.33
C8 NAG GA . 30.69 -10.88 56.94
N2 NAG GA . 31.80 -9.77 55.10
O3 NAG GA . 32.99 -7.33 55.89
O4 NAG GA . 33.86 -5.59 53.80
O5 NAG GA . 33.80 -8.86 52.13
O6 NAG GA . 36.13 -7.35 51.80
O7 NAG GA . 33.03 -10.31 56.92
C1 NAG HA . -32.40 -39.65 62.35
C2 NAG HA . -32.40 -40.97 63.10
C3 NAG HA . -31.04 -41.67 62.99
C4 NAG HA . -30.61 -41.77 61.52
C5 NAG HA . -30.67 -40.41 60.85
C6 NAG HA . -30.37 -40.45 59.38
C7 NAG HA . -32.17 -40.18 65.48
C8 NAG HA . -32.77 -40.34 66.84
N2 NAG HA . -32.81 -40.85 64.49
O3 NAG HA . -31.11 -42.98 63.56
O4 NAG HA . -29.29 -42.29 61.43
O5 NAG HA . -31.99 -39.85 61.00
O6 NAG HA . -29.04 -40.85 59.14
O7 NAG HA . -31.18 -39.48 65.29
#